data_5W5R
#
_entry.id   5W5R
#
_cell.length_a   93.400
_cell.length_b   140.993
_cell.length_c   228.209
_cell.angle_alpha   72.000
_cell.angle_beta   78.180
_cell.angle_gamma   90.010
#
_symmetry.space_group_name_H-M   'P 1'
#
loop_
_entity.id
_entity.type
_entity.pdbx_description
1 polymer 'Glucose-1-phosphate adenylyltransferase'
2 non-polymer 'SULFATE ION'
3 non-polymer 'PYRUVIC ACID'
4 water water
#
_entity_poly.entity_id   1
_entity_poly.type   'polypeptide(L)'
_entity_poly.pdbx_seq_one_letter_code
;AAAVQPLARDAMAYVLAGGRGSRLKELTDRRAKPAVYFGGKARIIDFALSNALNSGIRRIGVATQYKAHSLIRHLQRGWD
FFRPERNESFDILAASQRVSETQWYEGTADAVYQNIDIIEPYAPEYMVILAGDHIYKMDYEYMLQQHVDSGADVTIGCLE
VPRMEATGFGVMHVNEKDEIIDFIEKPADPPGIPGNEGFALASMGIYVFHTKFLMEALRRDAADPTSSRDFGKDIIPYIV
EHGKAVAHRFADSCVRSDFEHEPYWRDVGTIDAYWQANIDLTDVVPDLDIYDKSWPIWTYAEITPPAKFVHDDEDRRGSA
VSSVVSGDCIISGAALNRSLLFTGVRANSYSRLENAVVLPSVKIGRHAQLSNVVIDHGVVIPEGLIVGEDPELDAKRFRR
TESGICLITQSMIDKLDL
;
_entity_poly.pdbx_strand_id   A,B,C,D,E,H,I,J,K,L,N,O,P,Q,R,F,G,M,T,U
#
loop_
_chem_comp.id
_chem_comp.type
_chem_comp.name
_chem_comp.formula
PYR non-polymer 'PYRUVIC ACID' 'C3 H4 O3'
SO4 non-polymer 'SULFATE ION' 'O4 S -2'
#
# COMPACT_ATOMS: atom_id res chain seq x y z
N ALA A 1 22.99 34.46 98.97
CA ALA A 1 24.13 33.62 99.34
C ALA A 1 24.99 34.29 100.38
N ALA A 2 26.30 34.17 100.20
CA ALA A 2 27.32 34.84 101.01
C ALA A 2 28.66 34.50 100.40
N ALA A 3 28.67 34.44 99.07
CA ALA A 3 29.70 33.74 98.31
C ALA A 3 29.69 32.27 98.70
N VAL A 4 28.50 31.80 99.09
CA VAL A 4 28.34 30.43 99.57
C VAL A 4 27.56 29.57 98.58
N GLN A 5 26.32 29.97 98.29
CA GLN A 5 25.47 29.22 97.38
C GLN A 5 26.04 29.17 95.98
N PRO A 6 26.09 27.97 95.38
CA PRO A 6 26.56 27.80 94.00
C PRO A 6 25.58 28.44 93.03
N LEU A 7 26.10 29.03 91.96
CA LEU A 7 25.28 29.79 91.02
C LEU A 7 24.36 28.88 90.20
N ALA A 8 24.69 27.60 90.15
CA ALA A 8 23.92 26.65 89.35
C ALA A 8 22.51 26.45 89.90
N ARG A 9 22.32 26.75 91.17
CA ARG A 9 21.00 26.66 91.79
C ARG A 9 20.01 27.61 91.13
N ASP A 10 20.51 28.74 90.65
CA ASP A 10 19.67 29.76 90.03
C ASP A 10 19.92 29.86 88.54
N ALA A 11 20.28 28.76 87.91
CA ALA A 11 20.56 28.76 86.48
C ALA A 11 19.62 27.83 85.72
N MET A 12 19.33 28.19 84.48
CA MET A 12 18.60 27.31 83.59
C MET A 12 19.39 27.11 82.31
N ALA A 13 19.76 25.87 82.03
CA ALA A 13 20.45 25.56 80.79
C ALA A 13 19.43 25.46 79.67
N TYR A 14 19.69 26.16 78.57
CA TYR A 14 18.80 26.12 77.41
C TYR A 14 19.54 25.55 76.20
N VAL A 15 19.21 24.33 75.83
CA VAL A 15 19.95 23.61 74.80
C VAL A 15 19.33 23.78 73.41
N LEU A 16 20.13 24.28 72.47
CA LEU A 16 19.70 24.42 71.08
C LEU A 16 19.96 23.13 70.31
N ALA A 17 18.91 22.36 70.05
CA ALA A 17 19.06 21.06 69.42
C ALA A 17 18.29 20.97 68.10
N GLY A 18 18.23 22.08 67.38
CA GLY A 18 17.53 22.11 66.10
C GLY A 18 18.45 21.91 64.91
N GLY A 19 19.74 21.78 65.18
CA GLY A 19 20.75 21.63 64.15
C GLY A 19 20.48 20.50 63.17
N ARG A 20 20.58 20.80 61.89
CA ARG A 20 20.31 19.83 60.83
C ARG A 20 21.43 18.82 60.69
N GLY A 21 22.67 19.30 60.80
CA GLY A 21 23.84 18.49 60.56
C GLY A 21 23.88 18.08 59.11
N SER A 22 23.91 19.10 58.23
CA SER A 22 23.78 18.89 56.80
C SER A 22 24.89 18.05 56.19
N ARG A 23 26.14 18.38 56.53
CA ARG A 23 27.30 17.69 55.96
C ARG A 23 27.36 16.22 56.36
N LEU A 24 26.57 15.85 57.37
CA LEU A 24 26.48 14.46 57.79
C LEU A 24 25.61 13.65 56.83
N LYS A 25 24.95 14.35 55.91
CA LYS A 25 24.20 13.74 54.81
C LYS A 25 23.12 12.76 55.27
N GLU A 26 23.13 11.55 54.70
CA GLU A 26 22.07 10.57 54.94
C GLU A 26 21.95 10.15 56.40
N LEU A 27 22.99 10.45 57.18
CA LEU A 27 22.99 10.15 58.61
C LEU A 27 21.91 10.98 59.32
N THR A 28 21.66 12.17 58.78
CA THR A 28 20.66 13.08 59.36
C THR A 28 19.48 13.31 58.41
N ASP A 29 19.18 12.30 57.60
CA ASP A 29 18.04 12.39 56.68
C ASP A 29 16.71 12.32 57.42
N ARG A 30 16.64 11.48 58.45
CA ARG A 30 15.41 11.33 59.20
C ARG A 30 15.65 11.46 60.70
N ARG A 31 16.68 12.23 61.06
CA ARG A 31 16.95 12.55 62.45
C ARG A 31 17.82 13.80 62.54
N ALA A 32 17.65 14.56 63.62
CA ALA A 32 18.46 15.75 63.84
C ALA A 32 19.85 15.34 64.31
N LYS A 33 20.83 16.22 64.12
CA LYS A 33 22.20 15.91 64.53
C LYS A 33 22.35 15.60 66.03
N PRO A 34 21.68 16.36 66.92
CA PRO A 34 21.80 15.97 68.32
C PRO A 34 21.26 14.57 68.64
N ALA A 35 20.48 14.00 67.72
CA ALA A 35 19.94 12.65 67.91
C ALA A 35 20.85 11.58 67.30
N VAL A 36 21.94 12.02 66.68
CA VAL A 36 22.91 11.10 66.10
C VAL A 36 23.64 10.33 67.20
N TYR A 37 23.69 9.01 67.05
CA TYR A 37 24.33 8.12 68.02
C TYR A 37 25.82 8.41 68.17
N PHE A 38 26.36 8.10 69.34
CA PHE A 38 27.79 8.22 69.58
C PHE A 38 28.27 7.39 70.76
N GLY A 39 29.45 6.79 70.63
CA GLY A 39 30.11 6.14 71.75
C GLY A 39 29.74 4.70 71.95
N GLY A 40 28.68 4.25 71.30
CA GLY A 40 28.23 2.88 71.44
C GLY A 40 26.93 2.76 72.22
N LYS A 41 26.58 3.77 73.01
CA LYS A 41 25.38 3.71 73.84
C LYS A 41 24.55 4.98 73.84
N ALA A 42 25.20 6.14 73.72
CA ALA A 42 24.50 7.41 73.87
C ALA A 42 24.27 8.12 72.54
N ARG A 43 23.61 9.28 72.61
CA ARG A 43 23.47 10.16 71.46
C ARG A 43 24.20 11.45 71.77
N ILE A 44 24.44 12.25 70.73
CA ILE A 44 25.23 13.47 70.88
C ILE A 44 24.68 14.44 71.93
N ILE A 45 23.36 14.59 71.95
CA ILE A 45 22.73 15.57 72.84
C ILE A 45 22.95 15.23 74.32
N ASP A 46 23.26 13.97 74.61
CA ASP A 46 23.39 13.51 75.99
C ASP A 46 24.58 14.13 76.72
N PHE A 47 25.50 14.72 75.98
CA PHE A 47 26.69 15.30 76.60
C PHE A 47 26.42 16.68 77.19
N ALA A 48 25.78 17.55 76.40
CA ALA A 48 25.41 18.87 76.91
C ALA A 48 24.40 18.75 78.06
N LEU A 49 23.54 17.74 77.97
CA LEU A 49 22.53 17.50 78.99
C LEU A 49 23.13 16.96 80.28
N SER A 50 24.11 16.08 80.16
CA SER A 50 24.81 15.52 81.31
C SER A 50 25.71 16.57 81.95
N ASN A 51 26.30 17.42 81.12
CA ASN A 51 27.10 18.53 81.63
C ASN A 51 26.27 19.44 82.52
N ALA A 52 25.07 19.78 82.05
CA ALA A 52 24.14 20.60 82.83
C ALA A 52 23.79 19.95 84.15
N LEU A 53 23.48 18.65 84.09
CA LEU A 53 23.10 17.89 85.27
C LEU A 53 24.23 17.80 86.29
N ASN A 54 25.40 17.38 85.83
CA ASN A 54 26.56 17.23 86.70
C ASN A 54 27.05 18.57 87.26
N SER A 55 26.74 19.66 86.55
CA SER A 55 27.16 21.00 86.97
C SER A 55 26.22 21.59 88.01
N GLY A 56 25.13 20.89 88.30
CA GLY A 56 24.21 21.32 89.33
C GLY A 56 23.03 22.13 88.81
N ILE A 57 22.91 22.24 87.49
CA ILE A 57 21.76 22.91 86.90
C ILE A 57 20.60 21.93 86.88
N ARG A 58 19.48 22.31 87.50
CA ARG A 58 18.34 21.42 87.63
C ARG A 58 17.16 21.84 86.77
N ARG A 59 17.31 22.93 86.03
CA ARG A 59 16.27 23.35 85.10
C ARG A 59 16.80 23.32 83.68
N ILE A 60 16.15 22.51 82.84
CA ILE A 60 16.62 22.25 81.49
C ILE A 60 15.52 22.43 80.44
N GLY A 61 15.82 23.19 79.39
CA GLY A 61 14.92 23.34 78.26
C GLY A 61 15.62 22.97 76.98
N VAL A 62 14.98 22.17 76.14
CA VAL A 62 15.57 21.74 74.88
C VAL A 62 14.72 22.17 73.68
N ALA A 63 15.29 23.01 72.83
CA ALA A 63 14.60 23.50 71.65
C ALA A 63 14.88 22.60 70.44
N THR A 64 13.83 22.04 69.86
CA THR A 64 13.97 21.17 68.70
C THR A 64 13.32 21.80 67.46
N GLN A 65 13.54 21.19 66.30
CA GLN A 65 12.92 21.65 65.05
C GLN A 65 13.00 20.60 63.94
N TYR A 66 14.13 20.55 63.25
CA TYR A 66 14.32 19.63 62.13
C TYR A 66 14.10 18.17 62.52
N LYS A 67 13.20 17.50 61.80
CA LYS A 67 12.71 16.14 62.07
C LYS A 67 13.14 15.58 63.42
N ALA A 68 12.50 16.08 64.47
CA ALA A 68 12.93 15.80 65.83
C ALA A 68 12.12 14.71 66.51
N HIS A 69 11.42 13.89 65.72
CA HIS A 69 10.60 12.83 66.31
C HIS A 69 11.42 11.88 67.16
N SER A 70 12.55 11.44 66.62
CA SER A 70 13.42 10.51 67.32
C SER A 70 14.12 11.21 68.48
N LEU A 71 14.47 12.47 68.28
CA LEU A 71 15.12 13.27 69.31
C LEU A 71 14.20 13.47 70.49
N ILE A 72 12.96 13.87 70.21
CA ILE A 72 11.97 14.10 71.25
C ILE A 72 11.66 12.80 71.99
N ARG A 73 11.60 11.70 71.25
CA ARG A 73 11.32 10.38 71.84
C ARG A 73 12.47 9.93 72.74
N HIS A 74 13.70 10.28 72.36
CA HIS A 74 14.87 9.98 73.17
C HIS A 74 14.85 10.73 74.50
N LEU A 75 14.57 12.03 74.43
CA LEU A 75 14.49 12.87 75.63
C LEU A 75 13.34 12.43 76.52
N GLN A 76 12.21 12.10 75.89
CA GLN A 76 11.02 11.60 76.55
C GLN A 76 11.34 10.39 77.42
N ARG A 77 12.07 9.45 76.84
CA ARG A 77 12.36 8.17 77.46
C ARG A 77 13.56 8.22 78.40
N GLY A 78 14.58 8.97 78.02
CA GLY A 78 15.84 8.97 78.74
C GLY A 78 15.96 10.03 79.83
N TRP A 79 15.37 11.19 79.58
CA TRP A 79 15.50 12.31 80.51
C TRP A 79 14.15 12.61 81.16
N ASP A 80 13.69 11.65 81.96
CA ASP A 80 12.34 11.63 82.50
C ASP A 80 12.31 11.65 84.02
N PHE A 81 13.45 11.93 84.65
CA PHE A 81 13.57 11.80 86.10
C PHE A 81 13.55 13.12 86.85
N PHE A 82 13.19 14.20 86.16
CA PHE A 82 13.05 15.50 86.81
C PHE A 82 11.65 15.66 87.40
N ARG A 83 11.56 16.17 88.63
CA ARG A 83 10.27 16.43 89.25
C ARG A 83 10.13 17.89 89.64
N PRO A 84 9.11 18.57 89.08
CA PRO A 84 8.86 19.99 89.32
C PRO A 84 8.73 20.36 90.80
N GLU A 85 8.15 19.48 91.60
CA GLU A 85 7.96 19.79 93.02
C GLU A 85 9.28 19.71 93.79
N ARG A 86 10.33 19.23 93.13
CA ARG A 86 11.67 19.27 93.71
C ARG A 86 12.49 20.41 93.08
N ASN A 87 11.77 21.36 92.48
CA ASN A 87 12.38 22.50 91.78
C ASN A 87 13.33 22.09 90.66
N GLU A 88 12.98 20.98 90.01
CA GLU A 88 13.70 20.53 88.83
C GLU A 88 12.74 20.56 87.65
N SER A 89 13.26 20.87 86.47
CA SER A 89 12.39 20.89 85.29
C SER A 89 13.12 20.47 84.04
N PHE A 90 12.41 19.74 83.18
CA PHE A 90 12.93 19.35 81.88
C PHE A 90 11.86 19.62 80.83
N ASP A 91 12.07 20.64 80.01
CA ASP A 91 11.08 21.04 79.02
C ASP A 91 11.56 20.75 77.60
N ILE A 92 10.75 19.99 76.85
CA ILE A 92 11.01 19.74 75.45
C ILE A 92 10.23 20.75 74.60
N LEU A 93 10.95 21.68 73.99
CA LEU A 93 10.34 22.80 73.30
C LEU A 93 10.40 22.65 71.79
N ALA A 94 9.42 21.94 71.24
CA ALA A 94 9.34 21.70 69.80
C ALA A 94 8.77 22.90 69.07
N ALA A 95 9.20 23.09 67.83
CA ALA A 95 8.83 24.26 67.04
C ALA A 95 7.33 24.29 66.74
N SER A 96 6.69 25.38 67.16
CA SER A 96 5.28 25.64 66.91
C SER A 96 4.93 27.02 67.45
N GLN A 97 5.77 27.50 68.36
CA GLN A 97 5.60 28.82 68.96
C GLN A 97 6.46 29.85 68.23
N GLU A 101 1.35 29.25 66.59
CA GLU A 101 1.92 30.01 65.49
C GLU A 101 1.86 29.25 64.17
N THR A 102 2.88 28.42 63.92
CA THR A 102 2.91 27.62 62.72
C THR A 102 4.26 27.02 62.35
N GLN A 103 5.02 27.78 61.57
CA GLN A 103 6.21 27.28 60.86
C GLN A 103 7.33 26.78 61.79
N TRP A 104 8.32 27.64 62.06
CA TRP A 104 9.52 27.24 62.79
C TRP A 104 9.85 28.19 63.93
N TYR A 105 11.09 28.10 64.38
CA TYR A 105 11.78 29.24 64.96
C TYR A 105 12.58 29.82 63.82
N GLU A 106 12.63 31.14 63.70
CA GLU A 106 13.33 31.76 62.58
C GLU A 106 14.85 31.61 62.69
N GLY A 107 15.30 30.98 63.77
CA GLY A 107 16.70 30.75 63.99
C GLY A 107 16.99 30.26 65.40
N THR A 108 18.11 30.71 65.93
CA THR A 108 18.58 30.28 67.24
C THR A 108 18.06 31.19 68.35
N ALA A 109 18.03 32.50 68.08
CA ALA A 109 17.56 33.46 69.07
C ALA A 109 16.05 33.38 69.24
N ASP A 110 15.35 33.16 68.13
CA ASP A 110 13.91 33.03 68.15
C ASP A 110 13.48 31.85 69.01
N ALA A 111 14.34 30.84 69.08
CA ALA A 111 14.08 29.62 69.84
C ALA A 111 13.91 29.90 71.33
N VAL A 112 14.54 30.96 71.82
CA VAL A 112 14.35 31.37 73.20
C VAL A 112 13.22 32.39 73.30
N TYR A 113 13.13 33.26 72.29
CA TYR A 113 12.10 34.29 72.26
C TYR A 113 10.70 33.70 72.25
N GLN A 114 10.51 32.63 71.48
CA GLN A 114 9.18 32.03 71.37
C GLN A 114 8.77 31.32 72.67
N ASN A 115 9.75 31.04 73.52
CA ASN A 115 9.49 30.31 74.75
C ASN A 115 9.80 31.10 76.01
N ILE A 116 9.65 32.42 75.93
CA ILE A 116 9.79 33.28 77.10
C ILE A 116 8.73 32.93 78.14
N ASP A 117 7.57 32.50 77.66
CA ASP A 117 6.44 32.18 78.53
C ASP A 117 6.66 30.92 79.36
N ILE A 118 7.66 30.12 78.98
CA ILE A 118 7.98 28.91 79.71
C ILE A 118 9.15 29.16 80.67
N ILE A 119 10.04 30.04 80.24
CA ILE A 119 11.22 30.39 81.03
C ILE A 119 10.88 31.21 82.27
N GLU A 120 10.11 32.27 82.08
CA GLU A 120 9.87 33.26 83.13
C GLU A 120 9.13 32.79 84.40
N PRO A 121 8.16 31.87 84.27
CA PRO A 121 7.57 31.36 85.51
C PRO A 121 8.60 30.70 86.44
N TYR A 122 9.67 30.15 85.87
CA TYR A 122 10.78 29.62 86.68
C TYR A 122 11.58 30.76 87.28
N ALA A 123 11.67 31.86 86.53
CA ALA A 123 12.44 33.03 86.89
C ALA A 123 13.87 32.71 87.34
N PRO A 124 14.65 32.05 86.47
CA PRO A 124 16.04 31.80 86.86
C PRO A 124 16.85 33.07 86.80
N GLU A 125 17.89 33.19 87.60
CA GLU A 125 18.72 34.39 87.56
C GLU A 125 19.67 34.36 86.37
N TYR A 126 20.09 33.17 85.98
CA TYR A 126 21.04 33.02 84.90
C TYR A 126 20.57 32.05 83.83
N MET A 127 20.92 32.35 82.58
CA MET A 127 20.62 31.47 81.45
C MET A 127 21.91 30.96 80.84
N VAL A 128 22.03 29.64 80.74
CA VAL A 128 23.19 29.02 80.11
C VAL A 128 22.76 28.42 78.77
N ILE A 129 22.99 29.17 77.69
CA ILE A 129 22.58 28.73 76.37
C ILE A 129 23.58 27.71 75.82
N LEU A 130 23.08 26.55 75.45
CA LEU A 130 23.95 25.45 75.05
C LEU A 130 23.67 24.94 73.64
N ALA A 131 24.74 24.63 72.91
CA ALA A 131 24.63 23.94 71.63
C ALA A 131 24.59 22.44 71.90
N GLY A 132 23.59 21.77 71.33
CA GLY A 132 23.36 20.37 71.63
C GLY A 132 23.91 19.38 70.62
N ASP A 133 24.82 19.84 69.77
CA ASP A 133 25.37 18.98 68.73
C ASP A 133 26.87 18.80 68.86
N HIS A 134 27.40 19.00 70.07
CA HIS A 134 28.82 18.84 70.31
C HIS A 134 29.11 17.77 71.36
N ILE A 135 30.29 17.17 71.27
CA ILE A 135 30.73 16.20 72.26
C ILE A 135 31.84 16.79 73.12
N TYR A 136 31.55 17.00 74.40
CA TYR A 136 32.51 17.60 75.32
C TYR A 136 32.04 17.43 76.76
N LYS A 137 32.96 17.65 77.70
CA LYS A 137 32.62 17.59 79.13
C LYS A 137 33.08 18.87 79.82
N MET A 138 32.18 19.52 80.53
CA MET A 138 32.43 20.86 81.04
C MET A 138 31.62 21.16 82.30
N ASP A 139 32.26 21.82 83.26
CA ASP A 139 31.60 22.25 84.50
C ASP A 139 31.17 23.71 84.37
N TYR A 140 29.88 23.93 84.17
CA TYR A 140 29.37 25.27 83.85
C TYR A 140 29.39 26.23 85.04
N GLU A 141 29.63 25.71 86.23
CA GLU A 141 29.70 26.55 87.43
C GLU A 141 30.84 27.56 87.31
N TYR A 142 31.96 27.12 86.73
CA TYR A 142 33.10 27.99 86.49
C TYR A 142 32.71 29.20 85.65
N MET A 143 31.98 28.94 84.57
CA MET A 143 31.58 29.98 83.64
C MET A 143 30.56 30.93 84.26
N LEU A 144 29.74 30.40 85.16
CA LEU A 144 28.76 31.21 85.90
C LEU A 144 29.47 32.12 86.90
N GLN A 145 30.49 31.59 87.57
CA GLN A 145 31.26 32.37 88.52
C GLN A 145 31.98 33.53 87.85
N GLN A 146 32.63 33.25 86.72
CA GLN A 146 33.34 34.28 85.97
C GLN A 146 32.38 35.35 85.48
N HIS A 147 31.22 34.92 84.98
CA HIS A 147 30.24 35.85 84.43
C HIS A 147 29.79 36.90 85.44
N VAL A 148 29.51 36.47 86.66
CA VAL A 148 29.02 37.39 87.68
C VAL A 148 30.17 38.18 88.30
N ASP A 149 31.38 37.63 88.27
CA ASP A 149 32.53 38.30 88.86
C ASP A 149 33.15 39.32 87.90
N SER A 150 32.96 39.11 86.60
CA SER A 150 33.52 40.01 85.61
C SER A 150 32.60 41.21 85.39
N GLY A 151 31.31 40.98 85.53
CA GLY A 151 30.31 42.03 85.32
C GLY A 151 29.86 42.09 83.87
N ALA A 152 30.13 41.02 83.12
CA ALA A 152 29.87 41.01 81.69
C ALA A 152 28.39 40.89 81.34
N ASP A 153 28.05 41.35 80.14
CA ASP A 153 26.68 41.20 79.64
C ASP A 153 26.48 39.83 79.03
N VAL A 154 27.57 39.25 78.55
CA VAL A 154 27.56 37.86 78.07
C VAL A 154 28.95 37.25 78.21
N THR A 155 28.98 36.01 78.73
CA THR A 155 30.21 35.25 78.76
C THR A 155 30.13 34.16 77.69
N ILE A 156 31.21 33.97 76.96
CA ILE A 156 31.21 33.06 75.83
C ILE A 156 32.29 31.99 75.96
N GLY A 157 31.89 30.73 75.84
CA GLY A 157 32.82 29.63 75.92
C GLY A 157 33.68 29.58 74.68
N CYS A 158 34.99 29.55 74.85
CA CYS A 158 35.90 29.57 73.71
C CYS A 158 36.96 28.47 73.76
N LEU A 159 37.20 27.85 72.62
CA LEU A 159 38.31 26.91 72.49
C LEU A 159 39.57 27.66 72.09
N GLU A 160 40.71 27.24 72.62
CA GLU A 160 41.98 27.79 72.20
C GLU A 160 42.63 26.84 71.19
N VAL A 161 42.47 27.17 69.92
CA VAL A 161 42.92 26.30 68.84
C VAL A 161 43.98 27.00 68.00
N PRO A 162 44.78 26.24 67.24
CA PRO A 162 45.70 26.86 66.29
C PRO A 162 44.96 27.81 65.35
N ARG A 163 45.56 28.97 65.08
CA ARG A 163 44.93 30.02 64.28
C ARG A 163 44.50 29.52 62.90
N MET A 164 45.26 28.58 62.35
CA MET A 164 44.94 27.96 61.07
C MET A 164 43.61 27.22 61.11
N GLU A 165 43.39 26.49 62.21
CA GLU A 165 42.21 25.66 62.34
CA GLU A 165 42.22 25.65 62.39
C GLU A 165 40.96 26.47 62.65
N ALA A 166 41.15 27.67 63.19
CA ALA A 166 40.04 28.53 63.59
C ALA A 166 39.26 29.11 62.42
N THR A 167 39.70 28.85 61.20
CA THR A 167 39.08 29.43 60.01
C THR A 167 37.70 28.83 59.73
N GLY A 168 37.38 27.73 60.41
CA GLY A 168 36.07 27.12 60.30
C GLY A 168 35.18 27.45 61.48
N PHE A 169 35.67 28.33 62.35
CA PHE A 169 34.97 28.69 63.56
C PHE A 169 34.51 30.15 63.54
N GLY A 170 33.49 30.46 64.34
CA GLY A 170 33.17 31.85 64.64
C GLY A 170 34.21 32.35 65.61
N VAL A 171 34.94 33.39 65.22
CA VAL A 171 36.15 33.77 65.96
C VAL A 171 36.00 35.05 66.77
N MET A 172 36.41 34.98 68.04
CA MET A 172 36.40 36.12 68.93
C MET A 172 37.75 36.80 69.01
N HIS A 173 37.76 38.12 68.79
CA HIS A 173 38.96 38.93 68.97
C HIS A 173 38.90 39.58 70.35
N VAL A 174 39.93 39.35 71.15
CA VAL A 174 39.94 39.88 72.52
C VAL A 174 41.14 40.78 72.78
N ASN A 175 41.07 41.55 73.87
CA ASN A 175 42.24 42.24 74.39
C ASN A 175 43.04 41.26 75.23
N GLU A 176 43.68 41.72 76.31
CA GLU A 176 44.46 40.81 77.12
C GLU A 176 43.62 40.30 78.28
N LYS A 177 42.62 41.08 78.67
CA LYS A 177 41.71 40.66 79.73
C LYS A 177 40.49 39.94 79.16
N ASP A 178 40.69 39.30 78.01
CA ASP A 178 39.71 38.43 77.37
C ASP A 178 38.35 39.09 77.16
N GLU A 179 38.38 40.40 76.91
CA GLU A 179 37.17 41.13 76.55
C GLU A 179 37.04 41.17 75.04
N ILE A 180 36.00 40.54 74.52
CA ILE A 180 35.81 40.44 73.08
C ILE A 180 35.52 41.80 72.45
N ILE A 181 36.33 42.17 71.47
CA ILE A 181 36.21 43.47 70.82
C ILE A 181 35.70 43.33 69.39
N ASP A 182 35.72 42.10 68.86
CA ASP A 182 35.19 41.83 67.54
C ASP A 182 34.88 40.35 67.39
N PHE A 183 33.96 40.03 66.48
CA PHE A 183 33.61 38.66 66.17
C PHE A 183 33.54 38.46 64.66
N ILE A 184 34.34 37.53 64.15
CA ILE A 184 34.34 37.25 62.72
C ILE A 184 33.93 35.82 62.45
N GLU A 185 32.93 35.63 61.58
CA GLU A 185 32.47 34.30 61.20
C GLU A 185 33.35 33.72 60.10
N LYS A 186 33.99 32.61 60.40
CA LYS A 186 34.90 31.94 59.47
C LYS A 186 35.92 32.88 58.83
N PRO A 187 36.75 33.55 59.65
CA PRO A 187 37.76 34.45 59.08
C PRO A 187 38.86 33.67 58.38
N ALA A 188 39.28 34.15 57.21
CA ALA A 188 40.31 33.48 56.44
C ALA A 188 41.65 33.59 57.17
N ASP A 189 41.85 34.72 57.86
CA ASP A 189 43.06 34.93 58.65
C ASP A 189 42.66 35.39 60.06
N PRO A 190 42.35 34.43 60.93
CA PRO A 190 41.83 34.72 62.27
C PRO A 190 42.77 35.55 63.12
N PRO A 191 42.22 36.42 63.99
CA PRO A 191 43.03 37.21 64.92
C PRO A 191 43.56 36.37 66.06
N GLY A 192 44.73 36.73 66.60
CA GLY A 192 45.39 35.94 67.62
C GLY A 192 45.34 36.50 69.02
N ILE A 193 45.55 35.63 70.00
CA ILE A 193 45.55 36.01 71.41
C ILE A 193 46.76 36.87 71.78
N PRO A 194 46.52 37.99 72.46
CA PRO A 194 47.63 38.79 72.99
C PRO A 194 48.48 37.99 73.97
N GLY A 195 49.79 37.91 73.71
CA GLY A 195 50.69 37.13 74.53
C GLY A 195 51.18 35.91 73.78
N ASN A 196 50.34 35.42 72.88
CA ASN A 196 50.74 34.33 72.00
C ASN A 196 49.87 34.31 70.75
N GLU A 197 50.48 34.62 69.61
CA GLU A 197 49.80 34.49 68.33
C GLU A 197 49.90 33.03 67.90
N GLY A 198 49.17 32.66 66.86
CA GLY A 198 49.20 31.28 66.41
C GLY A 198 48.01 30.50 66.94
N PHE A 199 47.45 30.96 68.04
CA PHE A 199 46.18 30.42 68.53
C PHE A 199 45.13 31.52 68.57
N ALA A 200 43.92 31.18 68.14
CA ALA A 200 42.78 32.08 68.23
C ALA A 200 41.76 31.51 69.22
N LEU A 201 40.77 32.31 69.60
CA LEU A 201 39.72 31.83 70.50
C LEU A 201 38.46 31.45 69.73
N ALA A 202 38.15 30.16 69.72
CA ALA A 202 37.02 29.65 68.95
C ALA A 202 35.77 29.49 69.79
N SER A 203 34.72 30.23 69.42
CA SER A 203 33.46 30.18 70.17
C SER A 203 32.83 28.79 70.08
N MET A 204 32.50 28.24 71.24
CA MET A 204 31.90 26.92 71.34
C MET A 204 30.39 27.02 71.13
N GLY A 205 29.89 28.24 71.05
CA GLY A 205 28.47 28.47 70.96
C GLY A 205 27.82 28.34 72.31
N ILE A 206 28.62 28.56 73.36
CA ILE A 206 28.12 28.50 74.73
C ILE A 206 28.08 29.90 75.33
N TYR A 207 26.88 30.35 75.68
CA TYR A 207 26.70 31.70 76.18
C TYR A 207 26.01 31.72 77.54
N VAL A 208 26.52 32.55 78.45
CA VAL A 208 25.90 32.74 79.75
C VAL A 208 25.40 34.19 79.90
N PHE A 209 24.12 34.32 80.22
CA PHE A 209 23.51 35.64 80.41
C PHE A 209 22.89 35.78 81.79
N HIS A 210 22.65 37.03 82.20
CA HIS A 210 21.64 37.30 83.21
C HIS A 210 20.31 37.21 82.49
N THR A 211 19.35 36.53 83.10
CA THR A 211 18.10 36.24 82.41
C THR A 211 17.37 37.52 82.00
N LYS A 212 17.42 38.53 82.86
CA LYS A 212 16.76 39.81 82.57
C LYS A 212 17.34 40.48 81.34
N PHE A 213 18.67 40.49 81.23
CA PHE A 213 19.35 41.06 80.07
C PHE A 213 19.04 40.27 78.81
N LEU A 214 18.99 38.95 78.94
CA LEU A 214 18.73 38.08 77.80
C LEU A 214 17.32 38.27 77.23
N MET A 215 16.33 38.33 78.12
CA MET A 215 14.94 38.47 77.71
C MET A 215 14.71 39.76 76.92
N GLU A 216 15.38 40.83 77.34
CA GLU A 216 15.25 42.12 76.65
C GLU A 216 16.07 42.14 75.36
N ALA A 217 17.22 41.46 75.38
CA ALA A 217 18.11 41.43 74.23
C ALA A 217 17.52 40.64 73.07
N LEU A 218 16.55 39.80 73.37
CA LEU A 218 15.97 38.92 72.35
C LEU A 218 14.69 39.47 71.76
N ARG A 219 13.96 40.27 72.53
CA ARG A 219 12.78 40.95 72.01
C ARG A 219 13.20 42.13 71.16
N ARG A 220 14.42 42.61 71.38
CA ARG A 220 15.01 43.61 70.50
C ARG A 220 15.36 42.96 69.17
N ASP A 221 15.85 41.72 69.22
CA ASP A 221 16.22 40.99 68.01
C ASP A 221 15.00 40.62 67.19
N ALA A 222 13.89 40.31 67.86
CA ALA A 222 12.65 40.01 67.18
C ALA A 222 12.04 41.26 66.57
N ALA A 223 12.48 42.42 67.05
CA ALA A 223 11.99 43.70 66.56
C ALA A 223 12.87 44.26 65.46
N ASP A 224 13.73 43.39 64.91
CA ASP A 224 14.63 43.79 63.84
C ASP A 224 14.45 42.88 62.63
N PRO A 225 14.02 43.46 61.50
CA PRO A 225 13.84 42.71 60.25
C PRO A 225 15.15 42.33 59.57
N THR A 226 16.22 43.06 59.87
CA THR A 226 17.52 42.76 59.29
C THR A 226 18.14 41.53 59.95
N SER A 227 17.65 41.19 61.14
CA SER A 227 18.22 40.11 61.93
C SER A 227 17.89 38.72 61.39
N SER A 228 18.89 37.85 61.37
CA SER A 228 18.70 36.46 60.97
C SER A 228 18.25 35.60 62.15
N ARG A 229 17.97 36.28 63.27
CA ARG A 229 17.44 35.65 64.48
C ARG A 229 18.36 34.56 65.01
N ASP A 230 19.65 34.89 65.10
CA ASP A 230 20.66 33.95 65.58
C ASP A 230 21.43 34.53 66.76
N PHE A 231 21.78 33.68 67.72
CA PHE A 231 22.64 34.11 68.82
C PHE A 231 24.02 34.48 68.31
N GLY A 232 24.56 33.63 67.42
CA GLY A 232 25.90 33.81 66.93
C GLY A 232 26.09 34.97 65.95
N LYS A 233 25.09 35.20 65.11
CA LYS A 233 25.23 36.21 64.06
C LYS A 233 24.58 37.54 64.40
N ASP A 234 23.62 37.52 65.32
CA ASP A 234 22.86 38.73 65.63
C ASP A 234 23.04 39.18 67.08
N ILE A 235 22.71 38.31 68.01
CA ILE A 235 22.77 38.66 69.43
C ILE A 235 24.19 39.00 69.88
N ILE A 236 25.09 38.03 69.77
CA ILE A 236 26.47 38.19 70.24
C ILE A 236 27.23 39.34 69.55
N PRO A 237 27.23 39.40 68.20
CA PRO A 237 27.98 40.51 67.59
C PRO A 237 27.45 41.89 67.96
N TYR A 238 26.16 41.96 68.29
CA TYR A 238 25.57 43.22 68.71
C TYR A 238 26.05 43.61 70.10
N ILE A 239 26.37 42.61 70.92
CA ILE A 239 26.74 42.85 72.31
C ILE A 239 28.23 43.20 72.45
N VAL A 240 29.06 42.68 71.55
CA VAL A 240 30.48 43.01 71.58
C VAL A 240 30.71 44.50 71.32
N GLU A 241 29.68 45.17 70.79
CA GLU A 241 29.76 46.58 70.48
C GLU A 241 29.10 47.47 71.53
N HIS A 242 27.81 47.21 71.79
CA HIS A 242 27.03 48.08 72.65
C HIS A 242 27.28 47.81 74.13
N GLY A 243 27.61 46.56 74.45
CA GLY A 243 27.79 46.16 75.84
C GLY A 243 29.11 45.48 76.14
N LYS A 244 29.07 44.54 77.08
CA LYS A 244 30.29 43.89 77.56
C LYS A 244 30.28 42.39 77.31
N ALA A 245 31.15 41.94 76.41
CA ALA A 245 31.32 40.52 76.13
C ALA A 245 32.67 40.06 76.64
N VAL A 246 32.69 38.95 77.37
CA VAL A 246 33.93 38.40 77.89
C VAL A 246 34.10 36.95 77.44
N ALA A 247 35.34 36.52 77.28
CA ALA A 247 35.62 35.16 76.85
C ALA A 247 35.91 34.25 78.03
N HIS A 248 35.34 33.05 78.00
CA HIS A 248 35.69 32.01 78.95
C HIS A 248 36.36 30.86 78.20
N ARG A 249 37.52 30.44 78.68
CA ARG A 249 38.28 29.40 78.00
C ARG A 249 37.95 28.01 78.51
N PHE A 250 37.67 27.11 77.57
CA PHE A 250 37.28 25.74 77.84
C PHE A 250 38.27 25.03 78.77
N ALA A 251 39.55 25.33 78.62
CA ALA A 251 40.58 24.70 79.44
C ALA A 251 40.43 25.03 80.92
N ASP A 252 39.69 26.09 81.23
CA ASP A 252 39.48 26.48 82.63
C ASP A 252 38.35 25.70 83.29
N SER A 253 37.43 25.17 82.50
CA SER A 253 36.24 24.51 83.04
C SER A 253 36.03 23.10 82.49
N CYS A 254 36.87 22.69 81.56
CA CYS A 254 36.76 21.35 80.99
C CYS A 254 37.00 20.28 82.04
N VAL A 255 36.18 19.25 82.00
CA VAL A 255 36.30 18.15 82.94
C VAL A 255 37.13 17.04 82.30
N ARG A 256 38.42 17.02 82.61
CA ARG A 256 39.29 16.00 82.02
C ARG A 256 39.56 14.88 83.01
N SER A 257 39.39 13.65 82.55
CA SER A 257 39.70 12.47 83.33
C SER A 257 41.21 12.37 83.54
N ASP A 258 41.64 11.48 84.42
CA ASP A 258 43.06 11.23 84.62
C ASP A 258 43.66 10.57 83.40
N PHE A 259 42.79 10.04 82.53
CA PHE A 259 43.23 9.35 81.34
C PHE A 259 42.89 10.14 80.07
N GLU A 260 42.81 11.47 80.21
CA GLU A 260 42.61 12.36 79.07
C GLU A 260 43.72 13.42 79.03
N HIS A 261 44.56 13.37 78.02
CA HIS A 261 45.76 14.22 77.96
C HIS A 261 45.47 15.64 77.49
N GLU A 262 44.28 15.86 76.93
CA GLU A 262 43.91 17.17 76.41
C GLU A 262 42.45 17.48 76.72
N PRO A 263 42.07 18.76 76.65
CA PRO A 263 40.64 19.11 76.69
C PRO A 263 39.93 18.55 75.45
N TYR A 264 38.87 17.77 75.67
CA TYR A 264 38.19 17.09 74.59
C TYR A 264 36.96 17.85 74.11
N TRP A 265 36.91 18.12 72.80
CA TRP A 265 35.76 18.76 72.17
C TRP A 265 35.72 18.36 70.70
N ARG A 266 34.59 17.79 70.27
CA ARG A 266 34.41 17.38 68.89
C ARG A 266 33.12 17.93 68.32
N ASP A 267 33.18 18.37 67.07
CA ASP A 267 32.03 18.93 66.38
C ASP A 267 31.29 17.86 65.59
N VAL A 268 32.00 16.78 65.26
CA VAL A 268 31.53 15.70 64.36
C VAL A 268 30.56 16.18 63.28
N GLY A 269 30.97 17.19 62.52
CA GLY A 269 30.12 17.80 61.52
C GLY A 269 30.17 17.11 60.16
N THR A 270 31.25 16.41 59.89
CA THR A 270 31.37 15.66 58.64
C THR A 270 31.34 14.15 58.92
N ILE A 271 31.18 13.37 57.87
CA ILE A 271 31.18 11.91 58.00
C ILE A 271 32.54 11.39 58.46
N ASP A 272 33.61 11.99 57.95
CA ASP A 272 34.96 11.59 58.32
C ASP A 272 35.23 11.79 59.81
N ALA A 273 34.85 12.95 60.33
CA ALA A 273 35.09 13.28 61.74
C ALA A 273 34.17 12.48 62.66
N TYR A 274 32.99 12.13 62.18
CA TYR A 274 32.08 11.32 62.96
C TYR A 274 32.60 9.90 63.06
N TRP A 275 33.11 9.39 61.94
CA TRP A 275 33.71 8.07 61.92
C TRP A 275 34.98 8.06 62.77
N GLN A 276 35.77 9.12 62.64
CA GLN A 276 37.04 9.23 63.36
C GLN A 276 36.85 9.28 64.87
N ALA A 277 35.90 10.09 65.31
CA ALA A 277 35.66 10.28 66.75
C ALA A 277 35.21 8.98 67.43
N ASN A 278 34.41 8.19 66.73
CA ASN A 278 33.92 6.93 67.28
C ASN A 278 34.99 5.83 67.31
N ILE A 279 35.72 5.70 66.20
CA ILE A 279 36.74 4.67 66.08
C ILE A 279 37.88 4.88 67.06
N ASP A 280 38.23 6.14 67.31
CA ASP A 280 39.27 6.48 68.27
C ASP A 280 38.99 5.90 69.66
N LEU A 281 37.72 5.62 69.95
CA LEU A 281 37.35 5.03 71.22
C LEU A 281 37.85 3.59 71.34
N THR A 282 38.27 3.01 70.23
CA THR A 282 38.80 1.65 70.25
C THR A 282 40.28 1.63 70.59
N ASP A 283 40.87 2.83 70.74
CA ASP A 283 42.29 2.95 71.07
C ASP A 283 42.61 2.35 72.43
N VAL A 284 43.90 2.08 72.64
CA VAL A 284 44.37 1.64 73.94
C VAL A 284 44.11 2.74 74.96
N VAL A 285 44.59 3.94 74.64
CA VAL A 285 44.32 5.11 75.48
C VAL A 285 43.53 6.15 74.66
N PRO A 286 42.21 6.10 74.77
CA PRO A 286 41.32 7.03 74.04
C PRO A 286 41.46 8.47 74.52
N ASP A 287 41.29 9.42 73.61
CA ASP A 287 41.26 10.83 73.96
C ASP A 287 40.11 11.12 74.90
N LEU A 288 38.98 10.49 74.63
CA LEU A 288 37.80 10.62 75.48
C LEU A 288 37.66 9.41 76.38
N ASP A 289 37.61 9.65 77.69
CA ASP A 289 37.46 8.57 78.66
C ASP A 289 35.98 8.34 78.98
N ILE A 290 35.42 7.27 78.42
CA ILE A 290 34.03 6.93 78.64
C ILE A 290 33.84 6.11 79.90
N TYR A 291 34.95 5.85 80.59
CA TYR A 291 34.91 5.07 81.82
C TYR A 291 35.15 5.97 83.05
N ASP A 292 34.96 7.28 82.86
CA ASP A 292 35.15 8.25 83.92
C ASP A 292 33.86 8.45 84.72
N LYS A 293 33.81 7.86 85.91
CA LYS A 293 32.60 7.88 86.72
C LYS A 293 32.41 9.19 87.48
N SER A 294 33.43 10.06 87.45
CA SER A 294 33.37 11.32 88.17
C SER A 294 32.47 12.33 87.47
N TRP A 295 32.39 12.22 86.14
CA TRP A 295 31.54 13.08 85.35
C TRP A 295 30.79 12.24 84.32
N PRO A 296 29.80 11.46 84.78
CA PRO A 296 29.15 10.43 83.96
C PRO A 296 28.19 11.00 82.92
N ILE A 297 28.02 10.27 81.83
CA ILE A 297 27.10 10.65 80.77
C ILE A 297 25.83 9.79 80.82
N TRP A 298 24.72 10.40 81.23
CA TRP A 298 23.45 9.69 81.27
C TRP A 298 22.83 9.65 79.88
N THR A 299 22.06 8.59 79.61
CA THR A 299 21.40 8.44 78.33
C THR A 299 20.19 7.54 78.48
N TYR A 300 19.47 7.29 77.38
CA TYR A 300 18.41 6.30 77.42
C TYR A 300 19.00 4.91 77.18
N ALA A 301 18.76 4.00 78.10
CA ALA A 301 19.28 2.65 78.01
C ALA A 301 18.27 1.64 78.53
N GLU A 302 18.14 0.53 77.83
CA GLU A 302 17.28 -0.56 78.27
C GLU A 302 18.13 -1.70 78.81
N ILE A 303 17.53 -2.52 79.67
CA ILE A 303 18.19 -3.73 80.12
C ILE A 303 18.32 -4.68 78.94
N THR A 304 19.55 -5.01 78.58
CA THR A 304 19.83 -5.89 77.45
C THR A 304 20.59 -7.12 77.93
N PRO A 305 20.54 -8.21 77.14
CA PRO A 305 21.43 -9.34 77.38
C PRO A 305 22.88 -8.96 77.08
N PRO A 306 23.85 -9.74 77.59
CA PRO A 306 25.27 -9.43 77.36
C PRO A 306 25.69 -9.66 75.91
N ALA A 307 26.90 -9.22 75.56
CA ALA A 307 27.47 -9.51 74.25
C ALA A 307 27.90 -10.97 74.19
N LYS A 308 27.69 -11.61 73.05
CA LYS A 308 27.98 -13.03 72.91
C LYS A 308 28.90 -13.28 71.73
N PHE A 309 29.83 -14.20 71.91
CA PHE A 309 30.75 -14.57 70.85
C PHE A 309 30.73 -16.07 70.64
N VAL A 310 30.46 -16.52 69.42
CA VAL A 310 30.52 -17.96 69.13
C VAL A 310 31.31 -18.33 67.83
N HIS A 311 31.31 -19.64 67.61
CA HIS A 311 32.31 -20.62 67.17
C HIS A 311 33.75 -20.10 67.02
N ASP A 312 34.67 -21.02 66.72
CA ASP A 312 36.12 -20.86 66.78
C ASP A 312 36.77 -22.10 66.16
N ASP A 313 37.10 -22.04 64.87
CA ASP A 313 37.64 -23.22 64.19
C ASP A 313 38.41 -22.86 62.93
N GLU A 314 38.66 -23.89 62.12
CA GLU A 314 39.23 -23.83 60.78
C GLU A 314 39.11 -22.50 60.02
N ASP A 315 37.91 -21.94 60.02
CA ASP A 315 37.55 -20.90 59.06
C ASP A 315 36.84 -19.70 59.69
N ARG A 316 36.14 -19.95 60.79
CA ARG A 316 35.35 -18.90 61.41
C ARG A 316 35.54 -18.83 62.92
N ARG A 317 35.64 -17.60 63.42
CA ARG A 317 35.78 -17.35 64.84
C ARG A 317 35.11 -16.04 65.22
N GLY A 318 34.02 -16.13 65.97
CA GLY A 318 33.35 -14.95 66.45
C GLY A 318 34.17 -14.30 67.54
N SER A 319 34.85 -13.21 67.20
CA SER A 319 35.75 -12.55 68.14
C SER A 319 35.97 -11.09 67.77
N ALA A 320 36.08 -10.25 68.80
CA ALA A 320 36.35 -8.84 68.59
C ALA A 320 37.76 -8.51 69.08
N VAL A 321 38.51 -7.81 68.23
CA VAL A 321 39.87 -7.40 68.60
C VAL A 321 40.00 -5.90 68.37
N SER A 322 40.61 -5.22 69.33
CA SER A 322 40.74 -3.76 69.30
C SER A 322 39.41 -3.09 69.01
N SER A 323 38.35 -3.62 69.61
CA SER A 323 36.99 -3.15 69.35
C SER A 323 36.20 -2.87 70.62
N VAL A 324 35.09 -2.16 70.46
CA VAL A 324 34.16 -1.88 71.55
C VAL A 324 32.78 -2.43 71.20
N VAL A 325 32.26 -3.29 72.07
CA VAL A 325 31.03 -4.03 71.77
C VAL A 325 29.93 -3.80 72.81
N SER A 326 28.77 -3.34 72.36
CA SER A 326 27.66 -3.05 73.26
C SER A 326 26.82 -4.29 73.57
N GLY A 327 25.78 -4.11 74.37
CA GLY A 327 24.92 -5.22 74.77
C GLY A 327 24.03 -5.71 73.65
N ASP A 328 23.41 -6.87 73.87
CA ASP A 328 22.50 -7.49 72.89
C ASP A 328 23.18 -7.71 71.53
N CYS A 329 24.52 -7.78 71.55
CA CYS A 329 25.26 -8.09 70.33
C CYS A 329 25.60 -9.58 70.30
N ILE A 330 25.36 -10.21 69.16
CA ILE A 330 25.74 -11.60 68.98
C ILE A 330 26.72 -11.69 67.83
N ILE A 331 27.99 -11.95 68.17
CA ILE A 331 29.06 -12.05 67.20
C ILE A 331 29.31 -13.51 66.88
N SER A 332 28.57 -14.03 65.90
CA SER A 332 28.59 -15.44 65.58
C SER A 332 29.47 -15.74 64.37
N GLY A 333 30.68 -16.20 64.62
CA GLY A 333 31.62 -16.52 63.55
C GLY A 333 32.09 -15.29 62.82
N ALA A 334 31.97 -14.13 63.47
CA ALA A 334 32.32 -12.87 62.86
C ALA A 334 33.63 -12.30 63.40
N ALA A 335 34.51 -11.89 62.50
CA ALA A 335 35.78 -11.29 62.88
C ALA A 335 35.68 -9.77 62.91
N LEU A 336 35.78 -9.20 64.09
CA LEU A 336 35.76 -7.75 64.25
C LEU A 336 37.14 -7.22 64.55
N ASN A 337 37.48 -6.07 63.99
CA ASN A 337 38.79 -5.48 64.21
C ASN A 337 38.74 -3.96 64.07
N ARG A 338 39.15 -3.27 65.12
CA ARG A 338 39.06 -1.82 65.20
C ARG A 338 37.67 -1.32 64.83
N SER A 339 36.65 -1.91 65.44
CA SER A 339 35.27 -1.54 65.16
C SER A 339 34.54 -1.09 66.43
N LEU A 340 33.53 -0.25 66.25
CA LEU A 340 32.69 0.18 67.36
C LEU A 340 31.24 -0.26 67.09
N LEU A 341 30.72 -1.15 67.93
CA LEU A 341 29.39 -1.70 67.73
C LEU A 341 28.39 -1.23 68.76
N PHE A 342 27.28 -0.66 68.30
CA PHE A 342 26.20 -0.24 69.19
C PHE A 342 25.33 -1.43 69.57
N THR A 343 24.27 -1.16 70.33
CA THR A 343 23.42 -2.22 70.87
C THR A 343 22.66 -2.99 69.80
N GLY A 344 22.61 -4.31 69.93
CA GLY A 344 21.73 -5.13 69.11
C GLY A 344 22.26 -5.54 67.76
N VAL A 345 23.56 -5.41 67.55
CA VAL A 345 24.17 -5.79 66.27
C VAL A 345 24.29 -7.32 66.15
N ARG A 346 23.90 -7.85 64.99
CA ARG A 346 24.03 -9.27 64.69
C ARG A 346 24.98 -9.49 63.53
N ALA A 347 26.20 -9.92 63.82
CA ALA A 347 27.18 -10.18 62.77
C ALA A 347 27.31 -11.69 62.56
N ASN A 348 27.07 -12.14 61.33
CA ASN A 348 27.01 -13.57 61.05
C ASN A 348 28.29 -14.17 60.50
N SER A 349 28.30 -15.49 60.36
CA SER A 349 29.51 -16.26 60.05
C SER A 349 30.22 -15.82 58.78
N TYR A 350 31.55 -15.91 58.81
CA TYR A 350 32.41 -15.62 57.66
C TYR A 350 32.40 -14.14 57.27
N SER A 351 31.67 -13.33 58.02
CA SER A 351 31.70 -11.89 57.82
C SER A 351 32.90 -11.29 58.54
N ARG A 352 33.38 -10.15 58.03
CA ARG A 352 34.50 -9.47 58.65
C ARG A 352 34.27 -7.96 58.69
N LEU A 353 34.50 -7.36 59.85
CA LEU A 353 34.40 -5.92 59.98
C LEU A 353 35.75 -5.33 60.33
N GLU A 354 36.09 -4.21 59.69
CA GLU A 354 37.32 -3.50 59.99
C GLU A 354 37.12 -2.00 59.85
N ASN A 355 37.55 -1.25 60.86
CA ASN A 355 37.36 0.20 60.89
C ASN A 355 35.90 0.56 60.70
N ALA A 356 35.02 -0.16 61.40
CA ALA A 356 33.59 -0.03 61.18
C ALA A 356 32.86 0.54 62.39
N VAL A 357 32.17 1.67 62.18
CA VAL A 357 31.24 2.20 63.16
C VAL A 357 29.85 1.65 62.84
N VAL A 358 29.35 0.79 63.71
CA VAL A 358 28.12 0.04 63.45
C VAL A 358 26.99 0.44 64.39
N LEU A 359 26.05 1.21 63.87
CA LEU A 359 24.96 1.77 64.67
C LEU A 359 23.98 0.67 65.12
N PRO A 360 23.03 0.99 66.04
CA PRO A 360 22.27 -0.10 66.64
C PRO A 360 21.46 -0.97 65.67
N SER A 361 21.21 -2.20 66.08
CA SER A 361 20.28 -3.11 65.41
C SER A 361 20.69 -3.50 63.99
N VAL A 362 21.94 -3.25 63.63
CA VAL A 362 22.45 -3.61 62.32
C VAL A 362 22.67 -5.12 62.22
N LYS A 363 22.32 -5.71 61.08
CA LYS A 363 22.61 -7.12 60.84
C LYS A 363 23.60 -7.29 59.70
N ILE A 364 24.70 -7.98 59.99
CA ILE A 364 25.71 -8.27 58.99
C ILE A 364 25.59 -9.71 58.51
N GLY A 365 25.16 -9.87 57.26
CA GLY A 365 24.95 -11.20 56.70
C GLY A 365 26.26 -11.95 56.50
N ARG A 366 26.15 -13.27 56.37
CA ARG A 366 27.32 -14.13 56.19
C ARG A 366 28.25 -13.68 55.06
N HIS A 367 29.55 -13.95 55.22
CA HIS A 367 30.57 -13.72 54.21
C HIS A 367 30.76 -12.26 53.79
N ALA A 368 30.04 -11.34 54.43
CA ALA A 368 30.18 -9.92 54.10
C ALA A 368 31.50 -9.37 54.62
N GLN A 369 32.15 -8.48 53.86
CA GLN A 369 33.42 -7.91 54.30
C GLN A 369 33.42 -6.40 54.12
N LEU A 370 33.32 -5.68 55.23
CA LEU A 370 33.20 -4.23 55.19
C LEU A 370 34.39 -3.57 55.88
N SER A 371 34.99 -2.58 55.22
CA SER A 371 36.13 -1.87 55.76
C SER A 371 35.97 -0.36 55.61
N ASN A 372 36.33 0.38 56.66
CA ASN A 372 36.21 1.84 56.68
C ASN A 372 34.80 2.31 56.40
N VAL A 373 33.83 1.86 57.20
CA VAL A 373 32.43 2.18 56.95
C VAL A 373 31.71 2.74 58.18
N VAL A 374 30.64 3.49 57.91
CA VAL A 374 29.67 3.86 58.93
C VAL A 374 28.33 3.28 58.52
N ILE A 375 27.81 2.34 59.30
CA ILE A 375 26.56 1.68 58.98
C ILE A 375 25.41 2.29 59.77
N ASP A 376 24.40 2.79 59.06
CA ASP A 376 23.25 3.45 59.67
C ASP A 376 22.44 2.47 60.54
N HIS A 377 21.63 3.04 61.44
CA HIS A 377 20.81 2.26 62.36
C HIS A 377 19.90 1.25 61.65
N GLY A 378 19.96 0.00 62.07
CA GLY A 378 19.05 -1.03 61.62
C GLY A 378 19.27 -1.57 60.22
N VAL A 379 20.29 -1.03 59.53
CA VAL A 379 20.62 -1.47 58.18
C VAL A 379 20.93 -2.96 58.11
N VAL A 380 20.28 -3.66 57.18
CA VAL A 380 20.57 -5.08 56.98
C VAL A 380 21.52 -5.26 55.81
N ILE A 381 22.77 -5.63 56.13
CA ILE A 381 23.79 -5.85 55.11
C ILE A 381 23.64 -7.22 54.46
N PRO A 382 23.45 -7.25 53.13
CA PRO A 382 23.27 -8.49 52.38
C PRO A 382 24.47 -9.42 52.50
N GLU A 383 24.21 -10.72 52.50
CA GLU A 383 25.26 -11.72 52.59
C GLU A 383 26.23 -11.62 51.42
N GLY A 384 27.51 -11.52 51.72
CA GLY A 384 28.54 -11.49 50.70
C GLY A 384 28.95 -10.11 50.24
N LEU A 385 28.22 -9.09 50.69
CA LEU A 385 28.51 -7.71 50.31
C LEU A 385 29.91 -7.30 50.73
N ILE A 386 30.72 -6.87 49.77
CA ILE A 386 32.07 -6.39 50.03
C ILE A 386 32.14 -4.88 49.90
N VAL A 387 32.58 -4.20 50.95
CA VAL A 387 32.81 -2.76 50.89
C VAL A 387 34.22 -2.46 51.38
N GLY A 388 34.93 -1.60 50.65
CA GLY A 388 36.28 -1.24 51.02
C GLY A 388 37.33 -1.87 50.13
N GLU A 389 36.89 -2.71 49.21
CA GLU A 389 37.80 -3.35 48.26
C GLU A 389 38.03 -2.47 47.03
N ASP A 390 36.94 -1.94 46.49
CA ASP A 390 36.97 -1.20 45.24
C ASP A 390 36.36 0.19 45.41
N PRO A 391 37.21 1.23 45.46
CA PRO A 391 36.79 2.62 45.68
C PRO A 391 35.76 3.14 44.69
N GLU A 392 36.00 2.94 43.40
CA GLU A 392 35.08 3.42 42.36
C GLU A 392 33.71 2.76 42.48
N LEU A 393 33.69 1.46 42.74
CA LEU A 393 32.44 0.74 42.94
C LEU A 393 31.75 1.19 44.22
N ASP A 394 32.55 1.39 45.28
CA ASP A 394 32.02 1.84 46.56
C ASP A 394 31.42 3.23 46.44
N ALA A 395 32.10 4.10 45.69
CA ALA A 395 31.66 5.47 45.50
C ALA A 395 30.31 5.54 44.78
N LYS A 396 30.18 4.78 43.70
CA LYS A 396 28.95 4.78 42.92
C LYS A 396 27.79 4.16 43.68
N ARG A 397 28.11 3.22 44.56
CA ARG A 397 27.09 2.44 45.27
C ARG A 397 26.68 3.08 46.60
N PHE A 398 27.62 3.72 47.29
CA PHE A 398 27.34 4.32 48.59
C PHE A 398 27.85 5.74 48.72
N ARG A 399 27.57 6.35 49.86
CA ARG A 399 28.13 7.65 50.20
C ARG A 399 29.56 7.47 50.68
N ARG A 400 30.52 7.68 49.77
CA ARG A 400 31.93 7.52 50.10
C ARG A 400 32.60 8.87 50.21
N THR A 401 33.44 9.05 51.23
CA THR A 401 34.14 10.31 51.44
C THR A 401 35.43 10.34 50.64
N GLU A 402 36.06 11.51 50.60
CA GLU A 402 37.34 11.66 49.91
C GLU A 402 38.44 10.91 50.66
N SER A 403 38.20 10.63 51.93
CA SER A 403 39.16 9.90 52.75
C SER A 403 39.00 8.39 52.57
N GLY A 404 37.89 7.98 51.97
CA GLY A 404 37.66 6.57 51.69
C GLY A 404 36.76 5.89 52.70
N ILE A 405 35.83 6.65 53.26
CA ILE A 405 34.88 6.10 54.23
C ILE A 405 33.49 6.05 53.63
N CYS A 406 32.87 4.87 53.69
CA CYS A 406 31.53 4.69 53.15
C CYS A 406 30.43 4.73 54.21
N LEU A 407 29.50 5.66 54.07
CA LEU A 407 28.29 5.67 54.87
C LEU A 407 27.26 4.78 54.19
N ILE A 408 26.67 3.86 54.95
CA ILE A 408 25.74 2.89 54.38
C ILE A 408 24.36 2.96 55.01
N THR A 409 23.36 3.33 54.22
CA THR A 409 21.98 3.37 54.67
C THR A 409 21.17 2.28 53.99
N GLN A 410 20.00 1.97 54.54
CA GLN A 410 19.17 0.91 54.00
C GLN A 410 18.65 1.27 52.61
N SER A 411 18.43 2.57 52.39
CA SER A 411 17.99 3.07 51.10
C SER A 411 18.98 2.68 50.01
N MET A 412 20.26 2.87 50.28
CA MET A 412 21.33 2.50 49.36
C MET A 412 21.33 0.99 49.09
N ILE A 413 21.23 0.21 50.15
CA ILE A 413 21.29 -1.25 50.07
C ILE A 413 20.22 -1.86 49.19
N ASP A 414 18.98 -1.40 49.33
CA ASP A 414 17.86 -2.02 48.65
C ASP A 414 17.85 -1.78 47.14
N LYS A 415 18.33 -0.62 46.70
CA LYS A 415 18.34 -0.33 45.27
C LYS A 415 19.64 -0.82 44.63
N LEU A 416 20.01 -2.06 44.96
CA LEU A 416 21.24 -2.63 44.45
C LEU A 416 21.02 -3.80 43.50
N ASP A 417 21.81 -3.78 42.44
CA ASP A 417 21.78 -4.77 41.38
C ASP A 417 22.35 -6.10 41.84
N LEU A 418 23.42 -6.50 41.15
CA LEU A 418 24.26 -7.60 41.57
C LEU A 418 24.74 -7.40 43.00
N VAL B 4 45.79 -18.84 9.82
CA VAL B 4 45.49 -19.51 11.07
C VAL B 4 44.11 -20.17 11.00
N GLN B 5 44.08 -21.49 11.17
CA GLN B 5 42.82 -22.24 11.12
C GLN B 5 42.38 -22.64 12.54
N PRO B 6 41.05 -22.81 12.76
CA PRO B 6 40.51 -23.11 14.09
C PRO B 6 41.18 -24.29 14.77
N LEU B 7 41.34 -24.20 16.08
CA LEU B 7 42.03 -25.21 16.86
C LEU B 7 41.15 -26.45 17.06
N ALA B 8 39.85 -26.25 16.89
CA ALA B 8 38.87 -27.33 17.07
C ALA B 8 39.05 -28.44 16.04
N ARG B 9 39.71 -28.12 14.92
CA ARG B 9 40.01 -29.12 13.89
C ARG B 9 40.97 -30.18 14.41
N ASP B 10 41.81 -29.80 15.36
CA ASP B 10 42.78 -30.73 15.93
C ASP B 10 42.51 -31.03 17.40
N ALA B 11 41.24 -31.01 17.78
CA ALA B 11 40.87 -31.29 19.17
C ALA B 11 39.95 -32.49 19.26
N MET B 12 40.00 -33.17 20.40
CA MET B 12 39.09 -34.27 20.69
C MET B 12 38.34 -33.98 21.98
N ALA B 13 37.02 -33.90 21.90
CA ALA B 13 36.19 -33.72 23.08
C ALA B 13 36.06 -35.05 23.82
N TYR B 14 36.45 -35.06 25.09
CA TYR B 14 36.38 -36.27 25.89
C TYR B 14 35.38 -36.05 27.03
N VAL B 15 34.23 -36.71 26.92
CA VAL B 15 33.14 -36.50 27.86
C VAL B 15 33.12 -37.57 28.95
N LEU B 16 33.16 -37.11 30.20
CA LEU B 16 33.06 -38.01 31.35
C LEU B 16 31.59 -38.16 31.76
N ALA B 17 31.02 -39.33 31.49
CA ALA B 17 29.61 -39.54 31.72
C ALA B 17 29.35 -40.70 32.68
N GLY B 18 30.19 -40.82 33.70
CA GLY B 18 30.01 -41.84 34.71
C GLY B 18 29.30 -41.29 35.94
N GLY B 19 28.85 -40.05 35.84
CA GLY B 19 28.18 -39.35 36.93
C GLY B 19 27.04 -40.14 37.56
N ARG B 20 27.10 -40.30 38.87
CA ARG B 20 26.11 -41.09 39.59
C ARG B 20 24.78 -40.37 39.76
N GLY B 21 24.83 -39.08 40.11
CA GLY B 21 23.63 -38.34 40.43
C GLY B 21 23.03 -38.92 41.70
N SER B 22 23.84 -38.94 42.76
CA SER B 22 23.47 -39.59 44.01
C SER B 22 22.30 -38.89 44.71
N ARG B 23 22.35 -37.57 44.77
CA ARG B 23 21.32 -36.80 45.46
C ARG B 23 20.01 -36.74 44.66
N LEU B 24 20.02 -37.31 43.47
CA LEU B 24 18.82 -37.40 42.64
C LEU B 24 18.02 -38.65 43.01
N LYS B 25 18.59 -39.46 43.90
CA LYS B 25 17.92 -40.64 44.44
C LYS B 25 17.35 -41.56 43.37
N GLU B 26 16.06 -41.86 43.48
CA GLU B 26 15.41 -42.84 42.61
C GLU B 26 15.38 -42.44 41.14
N LEU B 27 15.68 -41.17 40.87
CA LEU B 27 15.73 -40.69 39.49
C LEU B 27 16.86 -41.36 38.73
N THR B 28 17.96 -41.64 39.44
CA THR B 28 19.13 -42.25 38.84
C THR B 28 19.40 -43.66 39.38
N ASP B 29 18.35 -44.33 39.85
CA ASP B 29 18.51 -45.67 40.39
C ASP B 29 18.92 -46.67 39.31
N ARG B 30 18.44 -46.45 38.09
CA ARG B 30 18.79 -47.33 36.97
C ARG B 30 19.13 -46.56 35.70
N ARG B 31 19.77 -45.42 35.89
CA ARG B 31 20.32 -44.62 34.80
C ARG B 31 21.36 -43.68 35.37
N ALA B 32 22.40 -43.39 34.58
CA ALA B 32 23.39 -42.42 35.01
C ALA B 32 22.81 -41.03 34.93
N LYS B 33 23.39 -40.08 35.66
CA LYS B 33 22.92 -38.70 35.63
C LYS B 33 22.95 -38.06 34.23
N PRO B 34 24.01 -38.33 33.43
CA PRO B 34 23.96 -37.79 32.06
C PRO B 34 22.76 -38.28 31.24
N ALA B 35 22.16 -39.39 31.62
CA ALA B 35 21.05 -39.96 30.87
C ALA B 35 19.69 -39.45 31.35
N VAL B 36 19.71 -38.58 32.35
CA VAL B 36 18.47 -38.01 32.87
C VAL B 36 17.88 -37.00 31.89
N TYR B 37 16.58 -37.11 31.65
CA TYR B 37 15.88 -36.24 30.73
C TYR B 37 15.85 -34.79 31.20
N PHE B 38 15.82 -33.85 30.24
CA PHE B 38 15.73 -32.44 30.56
C PHE B 38 15.20 -31.59 29.41
N GLY B 39 14.29 -30.68 29.74
CA GLY B 39 13.87 -29.66 28.80
C GLY B 39 12.77 -30.07 27.84
N GLY B 40 12.21 -31.25 28.05
CA GLY B 40 11.08 -31.69 27.25
C GLY B 40 11.44 -32.72 26.18
N LYS B 41 12.66 -32.63 25.67
CA LYS B 41 13.06 -33.52 24.59
C LYS B 41 14.41 -34.21 24.80
N ALA B 42 15.38 -33.46 25.32
CA ALA B 42 16.76 -33.95 25.38
C ALA B 42 17.12 -34.60 26.70
N ARG B 43 18.32 -35.14 26.75
CA ARG B 43 18.92 -35.64 27.98
C ARG B 43 20.04 -34.69 28.39
N ILE B 44 20.52 -34.82 29.62
CA ILE B 44 21.55 -33.92 30.14
C ILE B 44 22.83 -33.97 29.30
N ILE B 45 23.26 -35.17 28.92
CA ILE B 45 24.52 -35.34 28.20
C ILE B 45 24.52 -34.66 26.82
N ASP B 46 23.33 -34.41 26.27
CA ASP B 46 23.21 -33.84 24.93
C ASP B 46 23.78 -32.44 24.81
N PHE B 47 23.84 -31.74 25.94
CA PHE B 47 24.31 -30.36 25.92
C PHE B 47 25.82 -30.28 25.72
N ALA B 48 26.58 -31.10 26.43
CA ALA B 48 28.04 -31.12 26.29
C ALA B 48 28.46 -31.60 24.90
N LEU B 49 27.76 -32.58 24.38
CA LEU B 49 28.02 -33.11 23.05
C LEU B 49 27.71 -32.07 21.96
N SER B 50 26.61 -31.35 22.14
CA SER B 50 26.20 -30.32 21.19
C SER B 50 27.15 -29.12 21.23
N ASN B 51 27.67 -28.81 22.41
CA ASN B 51 28.68 -27.76 22.54
C ASN B 51 29.91 -28.11 21.74
N ALA B 52 30.36 -29.35 21.88
CA ALA B 52 31.53 -29.84 21.15
C ALA B 52 31.27 -29.79 19.64
N LEU B 53 30.08 -30.26 19.25
CA LEU B 53 29.66 -30.26 17.85
C LEU B 53 29.64 -28.85 17.27
N ASN B 54 28.91 -27.95 17.92
CA ASN B 54 28.79 -26.58 17.44
C ASN B 54 30.09 -25.78 17.51
N SER B 55 31.03 -26.25 18.32
CA SER B 55 32.34 -25.60 18.44
C SER B 55 33.28 -26.02 17.31
N GLY B 56 32.89 -27.06 16.58
CA GLY B 56 33.70 -27.53 15.46
C GLY B 56 34.57 -28.71 15.81
N ILE B 57 34.42 -29.24 17.02
CA ILE B 57 35.16 -30.43 17.41
C ILE B 57 34.53 -31.63 16.70
N ARG B 58 35.34 -32.35 15.95
CA ARG B 58 34.84 -33.43 15.10
C ARG B 58 35.14 -34.81 15.68
N ARG B 59 35.92 -34.86 16.74
CA ARG B 59 36.20 -36.13 17.41
C ARG B 59 35.66 -36.10 18.84
N ILE B 60 34.77 -37.03 19.15
CA ILE B 60 34.16 -37.07 20.47
C ILE B 60 34.25 -38.48 21.07
N GLY B 61 34.69 -38.55 22.33
CA GLY B 61 34.70 -39.80 23.07
C GLY B 61 33.85 -39.66 24.33
N VAL B 62 33.06 -40.69 24.62
CA VAL B 62 32.21 -40.66 25.80
C VAL B 62 32.52 -41.81 26.75
N ALA B 63 33.12 -41.49 27.89
CA ALA B 63 33.44 -42.49 28.88
C ALA B 63 32.27 -42.71 29.83
N THR B 64 31.76 -43.94 29.85
CA THR B 64 30.67 -44.30 30.75
C THR B 64 31.12 -45.34 31.76
N GLN B 65 30.31 -45.56 32.80
CA GLN B 65 30.64 -46.55 33.81
C GLN B 65 29.38 -47.21 34.37
N TYR B 66 28.79 -46.59 35.37
CA TYR B 66 27.66 -47.20 36.09
C TYR B 66 26.31 -46.89 35.47
N LYS B 67 25.46 -47.91 35.42
CA LYS B 67 24.08 -47.80 34.92
C LYS B 67 24.02 -47.15 33.55
N ALA B 68 24.85 -47.64 32.62
CA ALA B 68 25.06 -46.96 31.36
C ALA B 68 24.19 -47.44 30.20
N HIS B 69 23.33 -48.43 30.44
CA HIS B 69 22.56 -49.01 29.33
C HIS B 69 21.74 -47.97 28.59
N SER B 70 20.88 -47.26 29.30
CA SER B 70 20.00 -46.28 28.67
C SER B 70 20.83 -45.14 28.09
N LEU B 71 21.95 -44.84 28.73
CA LEU B 71 22.85 -43.79 28.26
C LEU B 71 23.51 -44.20 26.95
N ILE B 72 24.10 -45.39 26.92
CA ILE B 72 24.76 -45.88 25.73
C ILE B 72 23.76 -46.08 24.58
N ARG B 73 22.58 -46.58 24.92
CA ARG B 73 21.51 -46.75 23.94
C ARG B 73 21.09 -45.41 23.34
N HIS B 74 21.08 -44.36 24.16
CA HIS B 74 20.79 -43.02 23.71
C HIS B 74 21.83 -42.52 22.71
N LEU B 75 23.10 -42.73 23.04
CA LEU B 75 24.22 -42.31 22.20
C LEU B 75 24.26 -43.06 20.88
N GLN B 76 24.00 -44.36 20.93
CA GLN B 76 23.97 -45.19 19.74
C GLN B 76 22.89 -44.72 18.77
N ARG B 77 21.71 -44.44 19.30
CA ARG B 77 20.57 -44.05 18.48
C ARG B 77 20.63 -42.57 18.09
N GLY B 78 20.97 -41.72 19.04
CA GLY B 78 20.93 -40.27 18.84
C GLY B 78 22.14 -39.67 18.15
N TRP B 79 23.33 -40.08 18.58
CA TRP B 79 24.57 -39.52 18.05
C TRP B 79 25.25 -40.50 17.11
N ASP B 80 24.62 -40.72 15.96
CA ASP B 80 24.96 -41.80 15.05
C ASP B 80 25.42 -41.32 13.68
N PHE B 81 25.71 -40.02 13.56
CA PHE B 81 25.92 -39.42 12.24
C PHE B 81 27.38 -39.09 11.92
N PHE B 82 28.30 -39.54 12.77
CA PHE B 82 29.72 -39.30 12.53
C PHE B 82 30.32 -40.38 11.63
N ARG B 83 30.96 -39.96 10.55
CA ARG B 83 31.60 -40.91 9.62
C ARG B 83 33.11 -40.77 9.66
N PRO B 84 33.80 -41.83 10.10
CA PRO B 84 35.26 -41.88 10.20
C PRO B 84 36.01 -41.40 8.96
N GLU B 85 35.46 -41.64 7.77
CA GLU B 85 36.16 -41.26 6.55
C GLU B 85 36.07 -39.77 6.29
N ARG B 86 35.19 -39.07 7.01
CA ARG B 86 35.11 -37.62 6.93
C ARG B 86 35.86 -36.96 8.08
N ASN B 87 36.82 -37.68 8.64
CA ASN B 87 37.61 -37.25 9.79
C ASN B 87 36.78 -36.92 11.02
N GLU B 88 35.62 -37.55 11.11
CA GLU B 88 34.77 -37.43 12.27
C GLU B 88 34.83 -38.74 13.06
N SER B 89 34.55 -38.69 14.35
CA SER B 89 34.51 -39.91 15.13
C SER B 89 33.72 -39.71 16.41
N PHE B 90 32.91 -40.70 16.75
CA PHE B 90 32.15 -40.72 17.98
C PHE B 90 32.36 -42.05 18.67
N ASP B 91 33.18 -42.07 19.71
CA ASP B 91 33.50 -43.29 20.42
C ASP B 91 32.79 -43.37 21.77
N ILE B 92 32.03 -44.45 21.96
CA ILE B 92 31.42 -44.74 23.25
C ILE B 92 32.36 -45.65 24.04
N LEU B 93 32.96 -45.11 25.09
CA LEU B 93 33.99 -45.81 25.84
C LEU B 93 33.47 -46.30 27.20
N ALA B 94 32.83 -47.45 27.20
CA ALA B 94 32.26 -48.03 28.41
C ALA B 94 33.35 -48.59 29.31
N ALA B 95 33.14 -48.49 30.62
CA ALA B 95 34.12 -48.98 31.59
C ALA B 95 34.27 -50.48 31.52
N SER B 96 33.15 -51.17 31.27
CA SER B 96 33.14 -52.62 31.17
C SER B 96 34.06 -53.16 30.09
N GLN B 97 34.36 -52.31 29.11
CA GLN B 97 34.96 -52.73 27.84
C GLN B 97 34.02 -53.73 27.19
N ARG B 98 32.75 -53.63 27.56
CA ARG B 98 31.66 -54.52 27.15
C ARG B 98 31.81 -55.94 27.69
N VAL B 99 33.05 -56.45 27.71
CA VAL B 99 33.33 -57.79 28.19
C VAL B 99 34.82 -58.07 28.33
N SER B 100 35.52 -57.27 29.13
CA SER B 100 36.94 -57.48 29.36
C SER B 100 37.31 -57.18 30.81
N GLU B 101 38.53 -57.55 31.19
CA GLU B 101 39.02 -57.35 32.54
C GLU B 101 39.05 -55.88 32.92
N THR B 102 39.21 -55.60 34.21
CA THR B 102 39.12 -54.24 34.72
C THR B 102 37.68 -53.93 35.07
N GLN B 103 36.87 -53.67 34.03
CA GLN B 103 35.42 -53.49 34.17
C GLN B 103 35.01 -52.30 35.05
N TRP B 104 35.97 -51.70 35.73
CA TRP B 104 35.75 -50.48 36.49
C TRP B 104 36.84 -49.47 36.15
N TYR B 105 36.44 -48.23 35.89
CA TYR B 105 37.40 -47.14 35.84
C TYR B 105 37.77 -46.77 37.26
N GLU B 106 39.05 -46.89 37.60
CA GLU B 106 39.51 -46.59 38.95
C GLU B 106 39.16 -45.15 39.35
N GLY B 107 39.09 -44.28 38.36
CA GLY B 107 38.71 -42.90 38.58
C GLY B 107 38.48 -42.17 37.28
N THR B 108 38.23 -40.87 37.38
CA THR B 108 38.05 -40.04 36.20
C THR B 108 39.34 -39.99 35.39
N ALA B 109 40.47 -40.11 36.10
CA ALA B 109 41.77 -40.20 35.46
C ALA B 109 41.89 -41.49 34.67
N ASP B 110 41.52 -42.60 35.30
CA ASP B 110 41.65 -43.92 34.68
C ASP B 110 40.76 -44.08 33.45
N ALA B 111 39.74 -43.22 33.34
CA ALA B 111 38.85 -43.24 32.19
C ALA B 111 39.60 -42.92 30.91
N VAL B 112 40.55 -41.99 31.00
CA VAL B 112 41.38 -41.61 29.86
C VAL B 112 42.52 -42.61 29.65
N TYR B 113 43.00 -43.21 30.74
CA TYR B 113 44.13 -44.13 30.67
C TYR B 113 43.81 -45.39 29.89
N GLN B 114 42.73 -46.07 30.27
CA GLN B 114 42.36 -47.32 29.64
C GLN B 114 41.93 -47.16 28.19
N ASN B 115 41.85 -45.92 27.72
CA ASN B 115 41.43 -45.64 26.36
C ASN B 115 42.47 -44.85 25.56
N ILE B 116 43.73 -44.91 25.98
CA ILE B 116 44.82 -44.29 25.24
C ILE B 116 44.98 -44.96 23.88
N ASP B 117 44.70 -46.26 23.83
CA ASP B 117 44.82 -47.03 22.60
C ASP B 117 43.83 -46.55 21.53
N ILE B 118 42.83 -45.77 21.96
CA ILE B 118 41.84 -45.22 21.05
C ILE B 118 42.18 -43.79 20.65
N ILE B 119 42.72 -43.04 21.61
CA ILE B 119 42.98 -41.61 21.44
C ILE B 119 44.16 -41.30 20.53
N GLU B 120 45.33 -41.87 20.84
CA GLU B 120 46.56 -41.54 20.13
C GLU B 120 46.61 -41.92 18.64
N PRO B 121 45.89 -42.97 18.22
CA PRO B 121 45.78 -43.16 16.76
C PRO B 121 45.14 -41.98 16.03
N TYR B 122 44.17 -41.32 16.66
CA TYR B 122 43.56 -40.13 16.08
C TYR B 122 44.55 -38.98 16.07
N ALA B 123 45.45 -39.00 17.05
CA ALA B 123 46.48 -37.98 17.23
C ALA B 123 45.96 -36.54 17.20
N PRO B 124 45.03 -36.20 18.12
CA PRO B 124 44.63 -34.78 18.16
C PRO B 124 45.69 -33.96 18.88
N GLU B 125 45.83 -32.69 18.52
CA GLU B 125 46.81 -31.83 19.16
C GLU B 125 46.33 -31.40 20.55
N TYR B 126 45.02 -31.33 20.71
CA TYR B 126 44.43 -30.90 21.98
C TYR B 126 43.39 -31.88 22.49
N MET B 127 43.16 -31.86 23.80
CA MET B 127 42.13 -32.66 24.43
C MET B 127 41.21 -31.75 25.24
N VAL B 128 39.90 -31.84 24.96
CA VAL B 128 38.92 -31.09 25.73
C VAL B 128 38.15 -32.04 26.65
N ILE B 129 38.51 -32.03 27.92
CA ILE B 129 37.85 -32.89 28.92
C ILE B 129 36.61 -32.19 29.46
N LEU B 130 35.46 -32.87 29.36
CA LEU B 130 34.19 -32.29 29.74
C LEU B 130 33.43 -33.13 30.75
N ALA B 131 32.64 -32.48 31.58
CA ALA B 131 31.68 -33.16 32.44
C ALA B 131 30.36 -33.30 31.70
N GLY B 132 29.85 -34.52 31.59
CA GLY B 132 28.63 -34.76 30.84
C GLY B 132 27.36 -34.70 31.66
N ASP B 133 27.42 -34.07 32.82
CA ASP B 133 26.25 -34.03 33.70
C ASP B 133 25.81 -32.60 34.04
N HIS B 134 26.20 -31.65 33.20
CA HIS B 134 25.82 -30.25 33.39
C HIS B 134 25.01 -29.73 32.20
N ILE B 135 24.18 -28.73 32.46
CA ILE B 135 23.39 -28.08 31.40
C ILE B 135 23.91 -26.68 31.14
N TYR B 136 24.57 -26.49 30.02
CA TYR B 136 25.17 -25.21 29.67
C TYR B 136 25.52 -25.15 28.19
N LYS B 137 25.73 -23.95 27.68
CA LYS B 137 26.17 -23.76 26.30
C LYS B 137 27.50 -23.00 26.32
N MET B 138 28.45 -23.45 25.51
CA MET B 138 29.81 -22.92 25.57
C MET B 138 30.61 -23.22 24.31
N ASP B 139 31.21 -22.18 23.75
CA ASP B 139 32.05 -22.30 22.55
C ASP B 139 33.49 -22.62 22.96
N TYR B 140 33.91 -23.87 22.78
CA TYR B 140 35.21 -24.32 23.27
C TYR B 140 36.40 -23.77 22.48
N GLU B 141 36.12 -23.07 21.39
CA GLU B 141 37.19 -22.47 20.58
C GLU B 141 37.96 -21.44 21.40
N TYR B 142 37.27 -20.82 22.36
CA TYR B 142 37.87 -19.81 23.22
C TYR B 142 38.87 -20.41 24.20
N MET B 143 38.48 -21.48 24.87
CA MET B 143 39.37 -22.16 25.82
C MET B 143 40.62 -22.68 25.13
N LEU B 144 40.43 -23.24 23.94
CA LEU B 144 41.54 -23.78 23.15
C LEU B 144 42.56 -22.71 22.82
N GLN B 145 42.09 -21.60 22.26
CA GLN B 145 42.99 -20.51 21.88
C GLN B 145 43.70 -19.89 23.09
N GLN B 146 42.97 -19.76 24.20
CA GLN B 146 43.56 -19.25 25.43
C GLN B 146 44.64 -20.21 25.93
N HIS B 147 44.35 -21.51 25.82
CA HIS B 147 45.31 -22.53 26.23
C HIS B 147 46.58 -22.45 25.40
N VAL B 148 46.42 -22.28 24.08
CA VAL B 148 47.55 -22.19 23.17
C VAL B 148 48.38 -20.93 23.44
N ASP B 149 47.69 -19.80 23.61
CA ASP B 149 48.36 -18.51 23.77
C ASP B 149 49.13 -18.38 25.08
N SER B 150 48.65 -19.04 26.13
CA SER B 150 49.21 -18.85 27.46
C SER B 150 50.33 -19.83 27.81
N GLY B 151 50.46 -20.89 27.01
CA GLY B 151 51.47 -21.90 27.25
C GLY B 151 51.20 -22.74 28.48
N ALA B 152 49.97 -22.65 28.99
CA ALA B 152 49.58 -23.39 30.19
C ALA B 152 49.64 -24.89 29.97
N ASP B 153 49.83 -25.63 31.05
CA ASP B 153 49.80 -27.09 30.99
C ASP B 153 48.34 -27.57 31.00
N VAL B 154 47.48 -26.80 31.66
CA VAL B 154 46.06 -27.06 31.67
C VAL B 154 45.26 -25.77 31.81
N THR B 155 44.25 -25.61 30.96
CA THR B 155 43.31 -24.50 31.08
C THR B 155 42.00 -25.00 31.66
N ILE B 156 41.63 -24.48 32.82
CA ILE B 156 40.46 -24.96 33.53
C ILE B 156 39.30 -23.99 33.42
N GLY B 157 38.11 -24.51 33.10
CA GLY B 157 36.92 -23.69 33.01
C GLY B 157 36.30 -23.45 34.36
N CYS B 158 35.98 -22.19 34.65
CA CYS B 158 35.46 -21.82 35.95
C CYS B 158 34.29 -20.85 35.87
N LEU B 159 33.37 -20.97 36.83
CA LEU B 159 32.25 -20.06 36.95
C LEU B 159 32.57 -18.92 37.91
N GLU B 160 32.22 -17.71 37.51
CA GLU B 160 32.34 -16.55 38.40
C GLU B 160 31.12 -16.53 39.31
N VAL B 161 31.32 -16.95 40.55
CA VAL B 161 30.23 -17.24 41.47
C VAL B 161 30.42 -16.52 42.81
N PRO B 162 29.35 -15.93 43.36
CA PRO B 162 29.40 -15.32 44.70
C PRO B 162 29.92 -16.31 45.74
N ARG B 163 30.76 -15.83 46.65
CA ARG B 163 31.53 -16.72 47.52
C ARG B 163 30.67 -17.61 48.42
N MET B 164 29.43 -17.20 48.70
CA MET B 164 28.56 -18.06 49.48
C MET B 164 28.15 -19.30 48.68
N GLU B 165 27.87 -19.13 47.39
CA GLU B 165 27.46 -20.24 46.54
C GLU B 165 28.65 -21.15 46.21
N ALA B 166 29.85 -20.58 46.24
CA ALA B 166 31.05 -21.34 45.89
C ALA B 166 31.43 -22.39 46.94
N THR B 167 30.66 -22.44 48.03
CA THR B 167 30.98 -23.34 49.13
C THR B 167 30.64 -24.79 48.82
N GLY B 168 29.99 -25.02 47.68
CA GLY B 168 29.65 -26.37 47.25
C GLY B 168 30.43 -26.76 46.01
N PHE B 169 31.37 -25.91 45.63
CA PHE B 169 32.16 -26.13 44.41
C PHE B 169 33.63 -26.36 44.72
N GLY B 170 34.34 -26.96 43.75
CA GLY B 170 35.78 -26.98 43.80
C GLY B 170 36.26 -25.59 43.39
N VAL B 171 36.90 -24.89 44.33
CA VAL B 171 37.26 -23.49 44.11
C VAL B 171 38.73 -23.33 43.77
N MET B 172 39.01 -22.51 42.76
CA MET B 172 40.38 -22.25 42.33
C MET B 172 40.84 -20.85 42.77
N HIS B 173 41.96 -20.80 43.48
CA HIS B 173 42.59 -19.52 43.84
C HIS B 173 43.54 -19.09 42.71
N VAL B 174 43.53 -17.80 42.38
CA VAL B 174 44.21 -17.28 41.21
C VAL B 174 44.97 -15.98 41.52
N ASN B 175 45.80 -15.55 40.57
CA ASN B 175 46.55 -14.28 40.68
C ASN B 175 45.75 -13.14 40.05
N GLU B 176 46.42 -12.20 39.40
CA GLU B 176 45.76 -11.03 38.82
C GLU B 176 45.65 -11.14 37.30
N LYS B 177 45.82 -12.36 36.80
CA LYS B 177 45.42 -12.74 35.45
C LYS B 177 45.24 -14.26 35.48
N ASP B 178 44.45 -14.69 36.46
CA ASP B 178 43.84 -16.01 36.48
C ASP B 178 44.78 -17.22 36.45
N GLU B 179 46.00 -17.08 36.96
CA GLU B 179 46.87 -18.23 37.15
C GLU B 179 46.54 -18.93 38.47
N ILE B 180 46.22 -20.23 38.40
CA ILE B 180 45.75 -20.95 39.58
C ILE B 180 46.87 -21.36 40.53
N ILE B 181 46.76 -20.90 41.78
CA ILE B 181 47.76 -21.21 42.81
C ILE B 181 47.24 -22.29 43.76
N ASP B 182 45.93 -22.32 43.95
CA ASP B 182 45.33 -23.29 44.86
C ASP B 182 43.97 -23.78 44.40
N PHE B 183 43.75 -25.07 44.58
CA PHE B 183 42.44 -25.68 44.41
C PHE B 183 41.94 -26.18 45.74
N ILE B 184 40.76 -25.72 46.16
CA ILE B 184 40.22 -26.11 47.45
C ILE B 184 38.91 -26.86 47.26
N GLU B 185 38.84 -28.05 47.84
CA GLU B 185 37.65 -28.89 47.73
C GLU B 185 36.57 -28.47 48.72
N LYS B 186 35.57 -27.76 48.21
CA LYS B 186 34.46 -27.23 49.00
C LYS B 186 34.91 -26.45 50.24
N PRO B 187 35.56 -25.30 50.05
CA PRO B 187 35.94 -24.48 51.19
C PRO B 187 34.72 -23.85 51.84
N ALA B 188 34.73 -23.71 53.16
CA ALA B 188 33.59 -23.12 53.85
C ALA B 188 33.67 -21.59 53.78
N ASP B 189 34.89 -21.08 53.58
CA ASP B 189 35.08 -19.68 53.23
C ASP B 189 36.07 -19.59 52.07
N PRO B 190 35.54 -19.54 50.84
CA PRO B 190 36.36 -19.62 49.62
C PRO B 190 37.19 -18.37 49.36
N PRO B 191 38.40 -18.56 48.81
CA PRO B 191 39.29 -17.45 48.51
C PRO B 191 38.89 -16.69 47.24
N GLY B 192 38.56 -15.42 47.38
CA GLY B 192 38.09 -14.62 46.28
C GLY B 192 39.13 -14.35 45.20
N ILE B 193 38.70 -13.61 44.18
CA ILE B 193 39.55 -13.28 43.04
C ILE B 193 40.31 -11.97 43.25
N PRO B 194 41.63 -12.00 43.06
CA PRO B 194 42.42 -10.76 43.02
C PRO B 194 41.89 -9.81 41.96
N GLY B 195 41.24 -8.74 42.41
CA GLY B 195 40.56 -7.83 41.53
C GLY B 195 39.18 -7.56 42.08
N ASN B 196 38.22 -8.42 41.73
CA ASN B 196 36.90 -8.36 42.34
C ASN B 196 36.68 -9.58 43.24
N GLU B 197 36.36 -9.32 44.50
CA GLU B 197 36.08 -10.41 45.42
C GLU B 197 34.63 -10.23 45.85
N GLY B 198 34.08 -11.20 46.57
CA GLY B 198 32.65 -11.34 46.71
C GLY B 198 32.32 -12.47 45.76
N PHE B 199 33.31 -12.78 44.93
CA PHE B 199 33.22 -13.84 43.93
C PHE B 199 34.37 -14.81 44.05
N ALA B 200 34.10 -16.07 43.72
CA ALA B 200 35.12 -17.08 43.65
C ALA B 200 34.98 -17.83 42.34
N LEU B 201 36.06 -18.42 41.88
CA LEU B 201 35.99 -19.23 40.68
C LEU B 201 35.71 -20.67 40.98
N ALA B 202 34.57 -21.12 40.49
CA ALA B 202 34.11 -22.48 40.73
C ALA B 202 34.42 -23.37 39.52
N SER B 203 35.17 -24.44 39.75
CA SER B 203 35.57 -25.33 38.67
C SER B 203 34.39 -26.04 38.05
N MET B 204 34.34 -26.03 36.72
CA MET B 204 33.24 -26.65 35.98
C MET B 204 33.55 -28.10 35.63
N GLY B 205 34.78 -28.52 35.89
CA GLY B 205 35.20 -29.85 35.51
C GLY B 205 35.53 -29.90 34.03
N ILE B 206 35.87 -28.74 33.47
CA ILE B 206 36.24 -28.63 32.06
C ILE B 206 37.73 -28.32 31.94
N TYR B 207 38.49 -29.27 31.40
CA TYR B 207 39.93 -29.13 31.30
C TYR B 207 40.42 -29.21 29.86
N VAL B 208 41.33 -28.32 29.48
CA VAL B 208 41.95 -28.36 28.17
C VAL B 208 43.45 -28.64 28.30
N PHE B 209 43.91 -29.69 27.61
CA PHE B 209 45.31 -30.07 27.62
C PHE B 209 45.88 -30.07 26.22
N HIS B 210 47.20 -30.08 26.13
CA HIS B 210 47.87 -30.61 24.95
C HIS B 210 47.83 -32.12 25.11
N THR B 211 47.42 -32.83 24.07
CA THR B 211 47.24 -34.28 24.14
C THR B 211 48.51 -34.98 24.60
N LYS B 212 49.65 -34.48 24.12
CA LYS B 212 50.96 -35.00 24.50
C LYS B 212 51.14 -34.95 26.02
N PHE B 213 50.95 -33.76 26.58
CA PHE B 213 51.11 -33.53 28.01
C PHE B 213 50.13 -34.33 28.86
N LEU B 214 48.91 -34.48 28.36
CA LEU B 214 47.89 -35.21 29.11
C LEU B 214 48.23 -36.69 29.22
N MET B 215 48.77 -37.26 28.15
CA MET B 215 49.13 -38.68 28.16
C MET B 215 50.28 -38.93 29.12
N GLU B 216 51.17 -37.95 29.26
CA GLU B 216 52.27 -38.03 30.22
C GLU B 216 51.73 -38.06 31.65
N ALA B 217 51.07 -36.98 32.04
CA ALA B 217 50.54 -36.82 33.39
C ALA B 217 49.62 -37.96 33.79
N LEU B 218 49.01 -38.60 32.79
CA LEU B 218 48.04 -39.66 33.02
C LEU B 218 48.73 -41.00 33.30
N ARG B 219 49.79 -41.28 32.57
CA ARG B 219 50.59 -42.48 32.83
C ARG B 219 51.31 -42.32 34.16
N ARG B 220 51.70 -41.08 34.46
CA ARG B 220 52.30 -40.74 35.73
C ARG B 220 51.32 -41.00 36.87
N ASP B 221 50.08 -40.61 36.67
CA ASP B 221 49.01 -40.86 37.62
C ASP B 221 48.81 -42.36 37.77
N ALA B 222 48.95 -43.07 36.66
CA ALA B 222 48.82 -44.52 36.66
C ALA B 222 49.92 -45.16 37.48
N ALA B 223 51.15 -44.66 37.30
CA ALA B 223 52.29 -45.18 38.03
C ALA B 223 52.18 -44.86 39.52
N ASP B 224 51.64 -43.68 39.82
CA ASP B 224 51.48 -43.23 41.20
C ASP B 224 50.63 -44.21 42.01
N PRO B 225 51.27 -44.93 42.93
CA PRO B 225 50.56 -45.96 43.70
C PRO B 225 49.93 -45.40 44.97
N THR B 226 50.61 -45.62 46.09
CA THR B 226 50.18 -45.17 47.41
C THR B 226 49.69 -43.70 47.49
N SER B 227 48.62 -43.34 46.78
CA SER B 227 48.05 -41.99 46.91
C SER B 227 46.67 -41.73 46.26
N SER B 228 46.56 -41.88 44.94
CA SER B 228 45.41 -41.29 44.26
C SER B 228 45.10 -41.81 42.85
N ARG B 229 44.05 -41.24 42.21
CA ARG B 229 43.59 -41.70 40.90
C ARG B 229 42.45 -40.90 40.19
N ASP B 230 42.38 -39.58 40.37
CA ASP B 230 41.28 -38.80 39.78
C ASP B 230 41.75 -37.53 39.05
N PHE B 231 40.87 -36.95 38.22
CA PHE B 231 41.21 -35.71 37.52
C PHE B 231 41.17 -34.50 38.44
N GLY B 232 40.09 -34.35 39.18
CA GLY B 232 39.88 -33.18 40.02
C GLY B 232 40.68 -33.21 41.31
N LYS B 233 40.85 -34.40 41.88
CA LYS B 233 41.54 -34.54 43.15
C LYS B 233 43.06 -34.63 42.98
N ASP B 234 43.51 -35.05 41.80
CA ASP B 234 44.90 -35.48 41.65
C ASP B 234 45.67 -34.83 40.51
N ILE B 235 45.30 -35.13 39.28
CA ILE B 235 46.00 -34.61 38.11
C ILE B 235 46.04 -33.09 38.12
N ILE B 236 44.88 -32.47 38.33
CA ILE B 236 44.77 -31.02 38.33
C ILE B 236 45.53 -30.35 39.48
N PRO B 237 45.34 -30.79 40.74
CA PRO B 237 46.11 -30.13 41.79
C PRO B 237 47.62 -30.36 41.66
N TYR B 238 48.01 -31.48 41.05
CA TYR B 238 49.42 -31.77 40.79
C TYR B 238 50.06 -30.70 39.93
N ILE B 239 49.33 -30.31 38.88
CA ILE B 239 49.83 -29.37 37.88
C ILE B 239 49.83 -27.92 38.39
N VAL B 240 48.89 -27.62 39.29
CA VAL B 240 48.70 -26.27 39.82
C VAL B 240 49.99 -25.66 40.39
N GLU B 241 50.78 -26.45 41.10
CA GLU B 241 52.00 -25.95 41.73
C GLU B 241 53.28 -26.59 41.18
N HIS B 242 53.16 -27.24 40.03
CA HIS B 242 54.34 -27.76 39.33
C HIS B 242 54.52 -27.06 38.00
N GLY B 243 53.41 -26.90 37.28
CA GLY B 243 53.41 -26.19 36.03
C GLY B 243 52.48 -24.99 36.07
N LYS B 244 51.82 -24.72 34.95
CA LYS B 244 50.91 -23.60 34.86
C LYS B 244 49.47 -24.07 34.70
N ALA B 245 48.64 -23.79 35.70
CA ALA B 245 47.20 -24.01 35.61
C ALA B 245 46.51 -22.65 35.58
N VAL B 246 45.78 -22.38 34.50
CA VAL B 246 45.17 -21.07 34.32
C VAL B 246 43.65 -21.18 34.20
N ALA B 247 42.95 -20.18 34.69
CA ALA B 247 41.50 -20.17 34.67
C ALA B 247 40.93 -19.54 33.41
N HIS B 248 39.87 -20.14 32.89
CA HIS B 248 39.09 -19.54 31.82
C HIS B 248 37.70 -19.21 32.35
N ARG B 249 37.27 -17.97 32.15
CA ARG B 249 35.96 -17.54 32.62
C ARG B 249 34.86 -18.09 31.73
N PHE B 250 33.84 -18.66 32.35
CA PHE B 250 32.69 -19.18 31.61
C PHE B 250 32.01 -18.08 30.81
N ALA B 251 31.99 -16.88 31.37
CA ALA B 251 31.34 -15.73 30.74
C ALA B 251 32.05 -15.32 29.45
N ASP B 252 33.31 -15.70 29.31
CA ASP B 252 34.09 -15.35 28.13
C ASP B 252 33.70 -16.19 26.91
N SER B 253 33.16 -17.38 27.16
CA SER B 253 32.88 -18.32 26.08
C SER B 253 31.46 -18.89 26.13
N CYS B 254 30.66 -18.41 27.08
CA CYS B 254 29.27 -18.84 27.15
C CYS B 254 28.51 -18.35 25.92
N VAL B 255 27.70 -19.23 25.34
CA VAL B 255 26.89 -18.86 24.20
C VAL B 255 25.49 -18.46 24.67
N ARG B 256 25.25 -17.16 24.79
CA ARG B 256 23.96 -16.68 25.27
C ARG B 256 23.09 -16.16 24.14
N SER B 257 21.82 -16.56 24.15
CA SER B 257 20.82 -15.97 23.27
C SER B 257 20.57 -14.53 23.70
N ASP B 258 20.00 -13.73 22.81
CA ASP B 258 19.63 -12.36 23.15
C ASP B 258 18.48 -12.37 24.16
N PHE B 259 17.87 -13.53 24.32
CA PHE B 259 16.77 -13.70 25.27
C PHE B 259 17.24 -14.42 26.54
N GLU B 260 18.56 -14.43 26.74
CA GLU B 260 19.14 -14.96 27.97
C GLU B 260 19.86 -13.84 28.71
N HIS B 261 19.37 -13.52 29.91
CA HIS B 261 19.83 -12.32 30.62
C HIS B 261 21.14 -12.55 31.39
N GLU B 262 21.58 -13.80 31.47
CA GLU B 262 22.85 -14.12 32.13
C GLU B 262 23.34 -15.51 31.68
N PRO B 263 24.66 -15.75 31.80
CA PRO B 263 25.24 -17.06 31.46
C PRO B 263 24.55 -18.21 32.19
N TYR B 264 24.05 -19.18 31.43
CA TYR B 264 23.25 -20.26 31.99
C TYR B 264 24.08 -21.52 32.24
N TRP B 265 24.16 -21.91 33.51
CA TRP B 265 24.83 -23.15 33.89
C TRP B 265 24.06 -23.79 35.03
N ARG B 266 23.68 -25.05 34.86
CA ARG B 266 22.95 -25.79 35.89
C ARG B 266 23.60 -27.14 36.16
N ASP B 267 23.66 -27.51 37.44
CA ASP B 267 24.21 -28.79 37.86
C ASP B 267 23.10 -29.80 38.09
N VAL B 268 21.88 -29.30 38.28
CA VAL B 268 20.70 -30.09 38.68
C VAL B 268 21.06 -31.27 39.59
N GLY B 269 21.83 -30.99 40.64
CA GLY B 269 22.37 -32.02 41.50
C GLY B 269 21.38 -32.65 42.46
N THR B 270 20.33 -31.91 42.81
CA THR B 270 19.30 -32.42 43.71
C THR B 270 17.95 -32.50 43.02
N ILE B 271 16.98 -33.10 43.70
CA ILE B 271 15.62 -33.20 43.18
C ILE B 271 14.97 -31.82 43.12
N ASP B 272 15.28 -30.98 44.10
CA ASP B 272 14.79 -29.61 44.11
C ASP B 272 15.35 -28.81 42.93
N ALA B 273 16.65 -28.96 42.69
CA ALA B 273 17.31 -28.22 41.61
C ALA B 273 16.86 -28.72 40.24
N TYR B 274 16.67 -30.02 40.12
CA TYR B 274 16.21 -30.62 38.87
C TYR B 274 14.81 -30.14 38.51
N TRP B 275 13.91 -30.17 39.49
CA TRP B 275 12.55 -29.72 39.29
C TRP B 275 12.51 -28.26 38.89
N GLN B 276 13.30 -27.43 39.57
CA GLN B 276 13.29 -26.00 39.34
C GLN B 276 13.79 -25.65 37.94
N ALA B 277 14.85 -26.31 37.51
CA ALA B 277 15.46 -26.03 36.21
C ALA B 277 14.48 -26.31 35.07
N ASN B 278 13.75 -27.41 35.18
CA ASN B 278 12.74 -27.76 34.17
C ASN B 278 11.54 -26.83 34.21
N ILE B 279 11.03 -26.58 35.41
CA ILE B 279 9.81 -25.79 35.58
C ILE B 279 10.06 -24.32 35.23
N ASP B 280 11.32 -23.90 35.30
CA ASP B 280 11.69 -22.54 34.92
C ASP B 280 11.51 -22.30 33.43
N LEU B 281 11.48 -23.38 32.67
CA LEU B 281 11.27 -23.28 31.22
C LEU B 281 9.84 -22.88 30.89
N THR B 282 8.96 -22.94 31.88
CA THR B 282 7.56 -22.58 31.68
C THR B 282 7.34 -21.08 31.91
N ASP B 283 8.41 -20.35 32.19
CA ASP B 283 8.32 -18.91 32.38
C ASP B 283 8.01 -18.20 31.05
N VAL B 284 7.45 -16.99 31.15
CA VAL B 284 7.26 -16.16 29.96
C VAL B 284 8.62 -15.78 29.38
N VAL B 285 9.57 -15.49 30.27
CA VAL B 285 10.95 -15.22 29.88
C VAL B 285 11.89 -16.17 30.63
N PRO B 286 12.13 -17.36 30.06
CA PRO B 286 12.98 -18.37 30.71
C PRO B 286 14.46 -18.00 30.70
N ASP B 287 15.18 -18.45 31.72
CA ASP B 287 16.61 -18.22 31.81
C ASP B 287 17.35 -18.93 30.68
N LEU B 288 16.86 -20.10 30.30
CA LEU B 288 17.40 -20.85 29.17
C LEU B 288 16.47 -20.75 27.98
N ASP B 289 16.98 -20.22 26.87
CA ASP B 289 16.20 -20.09 25.65
C ASP B 289 16.34 -21.34 24.78
N ILE B 290 15.38 -22.24 24.89
CA ILE B 290 15.41 -23.49 24.14
C ILE B 290 14.93 -23.31 22.71
N TYR B 291 14.38 -22.14 22.41
CA TYR B 291 13.86 -21.85 21.07
C TYR B 291 14.88 -21.13 20.20
N ASP B 292 16.12 -21.10 20.68
CA ASP B 292 17.22 -20.48 19.94
C ASP B 292 17.75 -21.44 18.90
N LYS B 293 18.21 -20.91 17.77
CA LYS B 293 18.66 -21.74 16.65
C LYS B 293 20.14 -21.51 16.28
N SER B 294 20.79 -20.58 16.97
CA SER B 294 22.18 -20.25 16.68
C SER B 294 23.16 -21.22 17.35
N TRP B 295 22.68 -21.88 18.40
CA TRP B 295 23.46 -22.89 19.11
C TRP B 295 22.54 -24.03 19.51
N PRO B 296 22.12 -24.85 18.52
CA PRO B 296 21.09 -25.87 18.73
C PRO B 296 21.56 -27.09 19.52
N ILE B 297 20.66 -27.67 20.31
CA ILE B 297 20.96 -28.89 21.03
C ILE B 297 20.40 -30.10 20.30
N TRP B 298 21.29 -30.92 19.77
CA TRP B 298 20.90 -32.16 19.11
C TRP B 298 20.64 -33.24 20.15
N THR B 299 19.75 -34.18 19.83
CA THR B 299 19.41 -35.26 20.73
C THR B 299 18.78 -36.41 19.93
N TYR B 300 18.37 -37.47 20.62
CA TYR B 300 17.60 -38.50 19.96
C TYR B 300 16.13 -38.11 19.93
N ALA B 301 15.59 -38.01 18.73
CA ALA B 301 14.18 -37.67 18.55
C ALA B 301 13.56 -38.53 17.47
N GLU B 302 12.32 -38.95 17.69
CA GLU B 302 11.58 -39.71 16.71
C GLU B 302 10.45 -38.85 16.16
N ILE B 303 9.97 -39.19 14.97
CA ILE B 303 8.79 -38.57 14.43
C ILE B 303 7.60 -38.94 15.31
N THR B 304 6.94 -37.92 15.86
CA THR B 304 5.79 -38.16 16.73
C THR B 304 4.58 -37.39 16.21
N PRO B 305 3.38 -37.82 16.59
CA PRO B 305 2.22 -36.97 16.32
C PRO B 305 2.29 -35.69 17.16
N PRO B 306 1.61 -34.63 16.72
CA PRO B 306 1.54 -33.37 17.48
C PRO B 306 0.74 -33.53 18.77
N ALA B 307 0.85 -32.55 19.67
CA ALA B 307 0.10 -32.58 20.92
C ALA B 307 -1.39 -32.39 20.68
N LYS B 308 -2.21 -33.08 21.47
CA LYS B 308 -3.65 -33.04 21.30
C LYS B 308 -4.35 -32.77 22.61
N PHE B 309 -5.22 -31.77 22.61
CA PHE B 309 -5.99 -31.40 23.79
C PHE B 309 -7.48 -31.68 23.54
N VAL B 310 -8.10 -32.44 24.44
CA VAL B 310 -9.44 -32.96 24.21
C VAL B 310 -10.43 -32.49 25.28
N HIS B 311 -11.69 -32.34 24.87
CA HIS B 311 -12.84 -32.06 25.74
C HIS B 311 -12.95 -30.60 26.16
N ASP B 312 -14.19 -30.12 26.19
CA ASP B 312 -14.50 -28.74 26.54
C ASP B 312 -15.94 -28.65 27.02
N ASP B 313 -16.17 -28.89 28.31
CA ASP B 313 -17.51 -28.83 28.86
C ASP B 313 -17.53 -28.37 30.32
N GLU B 314 -18.60 -28.76 31.01
CA GLU B 314 -18.88 -28.30 32.36
C GLU B 314 -17.85 -28.76 33.38
N ASP B 315 -17.44 -30.02 33.29
CA ASP B 315 -16.61 -30.63 34.33
C ASP B 315 -15.24 -31.06 33.85
N ARG B 316 -14.97 -30.94 32.54
CA ARG B 316 -13.65 -31.28 32.03
C ARG B 316 -13.26 -30.50 30.78
N ARG B 317 -12.06 -29.95 30.81
CA ARG B 317 -11.48 -29.30 29.65
C ARG B 317 -9.98 -29.61 29.58
N GLY B 318 -9.57 -30.29 28.51
CA GLY B 318 -8.16 -30.58 28.32
C GLY B 318 -7.44 -29.37 27.75
N SER B 319 -6.61 -28.74 28.56
CA SER B 319 -5.86 -27.58 28.14
C SER B 319 -4.65 -27.33 29.03
N ALA B 320 -3.61 -26.73 28.45
CA ALA B 320 -2.39 -26.43 29.19
C ALA B 320 -2.14 -24.94 29.24
N VAL B 321 -1.99 -24.42 30.45
CA VAL B 321 -1.73 -22.99 30.65
C VAL B 321 -0.38 -22.82 31.34
N SER B 322 0.39 -21.82 30.90
CA SER B 322 1.74 -21.58 31.40
C SER B 322 2.55 -22.87 31.43
N SER B 323 2.47 -23.63 30.33
CA SER B 323 3.06 -24.96 30.30
C SER B 323 3.83 -25.26 29.02
N VAL B 324 4.68 -26.27 29.09
CA VAL B 324 5.45 -26.76 27.95
C VAL B 324 5.06 -28.21 27.67
N VAL B 325 4.64 -28.51 26.46
CA VAL B 325 4.12 -29.83 26.12
C VAL B 325 4.75 -30.40 24.83
N SER B 326 5.22 -31.64 24.91
CA SER B 326 5.89 -32.28 23.78
C SER B 326 4.93 -33.03 22.86
N GLY B 327 5.51 -33.69 21.85
CA GLY B 327 4.73 -34.45 20.89
C GLY B 327 4.21 -35.74 21.50
N ASP B 328 3.25 -36.35 20.81
CA ASP B 328 2.65 -37.62 21.25
C ASP B 328 1.97 -37.47 22.61
N CYS B 329 1.65 -36.24 22.99
CA CYS B 329 0.90 -35.98 24.22
C CYS B 329 -0.58 -35.81 23.94
N ILE B 330 -1.41 -36.54 24.68
CA ILE B 330 -2.85 -36.36 24.58
C ILE B 330 -3.40 -35.88 25.92
N ILE B 331 -3.84 -34.63 25.94
CA ILE B 331 -4.39 -34.03 27.15
C ILE B 331 -5.91 -34.10 27.08
N SER B 332 -6.45 -35.22 27.52
CA SER B 332 -7.87 -35.50 27.37
C SER B 332 -8.62 -35.14 28.65
N GLY B 333 -9.31 -33.99 28.64
CA GLY B 333 -10.10 -33.56 29.77
C GLY B 333 -9.28 -33.24 31.01
N ALA B 334 -7.98 -33.08 30.83
CA ALA B 334 -7.07 -32.81 31.95
C ALA B 334 -6.63 -31.35 31.99
N ALA B 335 -6.55 -30.79 33.18
CA ALA B 335 -6.14 -29.41 33.37
C ALA B 335 -4.68 -29.32 33.76
N LEU B 336 -3.88 -28.66 32.93
CA LEU B 336 -2.45 -28.49 33.20
C LEU B 336 -2.10 -27.02 33.43
N ASN B 337 -1.38 -26.76 34.53
CA ASN B 337 -0.87 -25.42 34.80
C ASN B 337 0.55 -25.46 35.33
N ARG B 338 1.41 -24.60 34.79
CA ARG B 338 2.83 -24.53 35.15
C ARG B 338 3.47 -25.91 35.21
N SER B 339 3.28 -26.68 34.13
CA SER B 339 3.84 -28.02 34.04
C SER B 339 4.65 -28.21 32.77
N LEU B 340 5.62 -29.11 32.83
CA LEU B 340 6.42 -29.44 31.66
C LEU B 340 6.25 -30.92 31.32
N LEU B 341 5.69 -31.20 30.16
CA LEU B 341 5.42 -32.58 29.76
C LEU B 341 6.35 -33.05 28.66
N PHE B 342 7.10 -34.12 28.95
CA PHE B 342 7.97 -34.75 27.96
C PHE B 342 7.14 -35.52 26.94
N THR B 343 7.81 -36.21 26.03
CA THR B 343 7.16 -36.88 24.92
CA THR B 343 7.16 -36.88 24.92
C THR B 343 6.28 -38.04 25.37
N GLY B 344 5.07 -38.12 24.79
CA GLY B 344 4.21 -39.28 24.98
C GLY B 344 3.39 -39.39 26.26
N VAL B 345 3.07 -38.26 26.89
CA VAL B 345 2.29 -38.28 28.12
C VAL B 345 0.79 -38.34 27.82
N ARG B 346 0.07 -39.19 28.56
CA ARG B 346 -1.37 -39.26 28.46
CA ARG B 346 -1.37 -39.28 28.46
C ARG B 346 -2.02 -38.77 29.75
N ALA B 347 -2.77 -37.68 29.64
CA ALA B 347 -3.46 -37.12 30.80
C ALA B 347 -4.96 -37.21 30.58
N ASN B 348 -5.63 -38.02 31.39
CA ASN B 348 -7.03 -38.34 31.16
C ASN B 348 -8.00 -37.50 31.98
N SER B 349 -9.30 -37.62 31.64
CA SER B 349 -10.33 -36.70 32.11
C SER B 349 -10.35 -36.47 33.61
N TYR B 350 -10.65 -35.23 33.99
CA TYR B 350 -10.82 -34.82 35.39
C TYR B 350 -9.54 -34.86 36.19
N SER B 351 -8.41 -35.13 35.53
CA SER B 351 -7.12 -35.08 36.21
C SER B 351 -6.58 -33.65 36.19
N ARG B 352 -5.66 -33.37 37.11
CA ARG B 352 -5.09 -32.03 37.21
C ARG B 352 -3.60 -32.11 37.51
N LEU B 353 -2.81 -31.33 36.77
CA LEU B 353 -1.38 -31.23 37.03
C LEU B 353 -0.98 -29.78 37.28
N GLU B 354 -0.27 -29.54 38.37
CA GLU B 354 0.27 -28.21 38.65
C GLU B 354 1.70 -28.32 39.17
N ASN B 355 2.57 -27.45 38.67
CA ASN B 355 3.99 -27.46 39.02
C ASN B 355 4.58 -28.86 38.83
N ALA B 356 4.23 -29.49 37.72
CA ALA B 356 4.62 -30.88 37.47
C ALA B 356 5.65 -31.01 36.36
N VAL B 357 6.73 -31.74 36.66
CA VAL B 357 7.68 -32.16 35.63
C VAL B 357 7.38 -33.61 35.30
N VAL B 358 6.92 -33.85 34.08
CA VAL B 358 6.41 -35.16 33.72
C VAL B 358 7.24 -35.81 32.61
N LEU B 359 8.07 -36.76 33.00
CA LEU B 359 9.01 -37.43 32.10
C LEU B 359 8.27 -38.27 31.03
N PRO B 360 9.00 -38.78 30.00
CA PRO B 360 8.29 -39.41 28.88
C PRO B 360 7.37 -40.59 29.22
N SER B 361 6.33 -40.74 28.40
CA SER B 361 5.43 -41.90 28.42
C SER B 361 4.73 -42.14 29.75
N VAL B 362 4.41 -41.06 30.46
CA VAL B 362 3.68 -41.14 31.71
C VAL B 362 2.17 -41.12 31.44
N LYS B 363 1.43 -41.92 32.21
CA LYS B 363 -0.02 -41.91 32.14
C LYS B 363 -0.64 -41.38 33.43
N ILE B 364 -1.51 -40.39 33.29
CA ILE B 364 -2.23 -39.84 34.44
C ILE B 364 -3.68 -40.30 34.41
N GLY B 365 -4.05 -41.14 35.37
CA GLY B 365 -5.40 -41.69 35.42
C GLY B 365 -6.42 -40.62 35.73
N ARG B 366 -7.68 -40.90 35.40
CA ARG B 366 -8.77 -39.97 35.67
C ARG B 366 -8.82 -39.54 37.13
N HIS B 367 -9.21 -38.28 37.34
CA HIS B 367 -9.46 -37.71 38.67
C HIS B 367 -8.21 -37.56 39.55
N ALA B 368 -7.05 -37.90 39.02
CA ALA B 368 -5.81 -37.73 39.76
C ALA B 368 -5.47 -36.25 39.87
N GLN B 369 -4.93 -35.84 41.00
CA GLN B 369 -4.51 -34.46 41.19
C GLN B 369 -3.11 -34.42 41.78
N LEU B 370 -2.14 -34.00 40.96
CA LEU B 370 -0.75 -33.96 41.39
C LEU B 370 -0.21 -32.54 41.36
N SER B 371 0.34 -32.09 42.49
CA SER B 371 0.93 -30.76 42.56
C SER B 371 2.36 -30.82 43.09
N ASN B 372 3.25 -30.06 42.45
CA ASN B 372 4.67 -30.05 42.79
C ASN B 372 5.28 -31.45 42.78
N VAL B 373 5.41 -32.02 41.58
CA VAL B 373 5.91 -33.38 41.44
C VAL B 373 6.92 -33.52 40.31
N VAL B 374 7.79 -34.52 40.45
CA VAL B 374 8.59 -35.02 39.36
C VAL B 374 8.17 -36.46 39.12
N ILE B 375 7.56 -36.72 37.97
CA ILE B 375 7.09 -38.06 37.65
C ILE B 375 8.08 -38.77 36.74
N ASP B 376 8.64 -39.87 37.26
CA ASP B 376 9.65 -40.63 36.52
C ASP B 376 9.04 -41.18 35.23
N HIS B 377 9.89 -41.51 34.26
CA HIS B 377 9.40 -41.96 32.97
C HIS B 377 8.81 -43.36 32.96
N GLY B 378 7.65 -43.50 32.33
CA GLY B 378 6.94 -44.77 32.27
C GLY B 378 5.84 -44.89 33.32
N VAL B 379 5.92 -44.05 34.35
CA VAL B 379 5.03 -44.14 35.51
C VAL B 379 3.55 -44.04 35.17
N VAL B 380 2.78 -45.01 35.66
CA VAL B 380 1.32 -44.99 35.50
C VAL B 380 0.67 -44.54 36.80
N ILE B 381 0.18 -43.30 36.81
CA ILE B 381 -0.51 -42.76 37.96
C ILE B 381 -1.91 -43.35 38.04
N PRO B 382 -2.22 -44.06 39.14
CA PRO B 382 -3.54 -44.65 39.32
C PRO B 382 -4.61 -43.58 39.40
N GLU B 383 -5.83 -43.92 38.99
CA GLU B 383 -6.93 -42.97 39.01
C GLU B 383 -7.22 -42.48 40.43
N GLY B 384 -7.46 -41.19 40.56
CA GLY B 384 -7.87 -40.61 41.83
C GLY B 384 -6.74 -40.22 42.77
N LEU B 385 -5.52 -40.57 42.40
CA LEU B 385 -4.36 -40.29 43.26
C LEU B 385 -4.20 -38.80 43.53
N ILE B 386 -4.04 -38.45 44.80
CA ILE B 386 -3.86 -37.06 45.21
C ILE B 386 -2.48 -36.83 45.81
N VAL B 387 -1.71 -35.93 45.20
CA VAL B 387 -0.40 -35.57 45.72
C VAL B 387 -0.30 -34.06 45.86
N GLY B 388 0.20 -33.59 47.00
CA GLY B 388 0.40 -32.17 47.21
C GLY B 388 -0.56 -31.55 48.21
N GLU B 389 -1.44 -32.37 48.78
CA GLU B 389 -2.39 -31.88 49.77
C GLU B 389 -1.92 -32.13 51.20
N ASP B 390 -1.44 -33.35 51.46
CA ASP B 390 -0.96 -33.71 52.78
C ASP B 390 0.48 -34.19 52.73
N PRO B 391 1.42 -33.34 53.21
CA PRO B 391 2.86 -33.58 53.18
C PRO B 391 3.31 -34.92 53.78
N GLU B 392 2.80 -35.27 54.96
CA GLU B 392 3.29 -36.46 55.65
C GLU B 392 2.73 -37.76 55.06
N LEU B 393 1.57 -37.67 54.42
CA LEU B 393 1.10 -38.77 53.59
C LEU B 393 1.94 -38.78 52.32
N ASP B 394 2.30 -37.59 51.83
CA ASP B 394 3.18 -37.47 50.68
C ASP B 394 4.57 -37.98 50.98
N ALA B 395 5.12 -37.61 52.14
CA ALA B 395 6.46 -38.07 52.51
C ALA B 395 6.49 -39.58 52.73
N LYS B 396 5.36 -40.16 53.14
CA LYS B 396 5.33 -41.59 53.48
C LYS B 396 5.20 -42.51 52.27
N ARG B 397 4.50 -42.04 51.23
CA ARG B 397 4.31 -42.82 50.00
C ARG B 397 5.47 -42.63 49.01
N PHE B 398 5.95 -41.39 48.89
CA PHE B 398 6.94 -41.04 47.89
C PHE B 398 8.17 -40.37 48.47
N ARG B 399 9.11 -40.05 47.57
CA ARG B 399 10.29 -39.27 47.90
C ARG B 399 9.94 -37.80 47.90
N ARG B 400 9.78 -37.23 49.09
CA ARG B 400 9.37 -35.84 49.21
C ARG B 400 10.52 -34.96 49.68
N THR B 401 10.84 -33.94 48.90
CA THR B 401 11.89 -33.00 49.27
C THR B 401 11.39 -32.10 50.40
N GLU B 402 12.33 -31.46 51.10
CA GLU B 402 11.98 -30.59 52.22
C GLU B 402 11.24 -29.33 51.73
N SER B 403 11.34 -29.06 50.43
CA SER B 403 10.66 -27.90 49.86
C SER B 403 9.26 -28.27 49.39
N GLY B 404 8.91 -29.55 49.50
CA GLY B 404 7.55 -29.99 49.21
C GLY B 404 7.34 -30.62 47.84
N ILE B 405 8.43 -31.06 47.21
CA ILE B 405 8.34 -31.68 45.91
C ILE B 405 8.47 -33.20 46.03
N CYS B 406 7.50 -33.92 45.46
CA CYS B 406 7.52 -35.38 45.47
C CYS B 406 8.06 -35.96 44.17
N LEU B 407 9.07 -36.81 44.28
CA LEU B 407 9.52 -37.62 43.17
C LEU B 407 8.73 -38.93 43.15
N ILE B 408 8.05 -39.19 42.06
CA ILE B 408 7.17 -40.35 41.97
C ILE B 408 7.67 -41.40 40.98
N THR B 409 7.99 -42.59 41.49
CA THR B 409 8.43 -43.69 40.65
CA THR B 409 8.43 -43.69 40.66
C THR B 409 7.40 -44.81 40.66
N GLN B 410 7.52 -45.74 39.71
CA GLN B 410 6.58 -46.84 39.61
C GLN B 410 6.72 -47.80 40.80
N SER B 411 7.94 -47.92 41.33
CA SER B 411 8.17 -48.76 42.49
C SER B 411 7.36 -48.27 43.67
N MET B 412 7.29 -46.95 43.83
CA MET B 412 6.49 -46.34 44.88
C MET B 412 5.00 -46.58 44.65
N ILE B 413 4.57 -46.41 43.40
CA ILE B 413 3.17 -46.61 43.03
C ILE B 413 2.75 -48.06 43.27
N ASP B 414 3.65 -48.99 43.00
CA ASP B 414 3.38 -50.41 43.19
C ASP B 414 3.26 -50.78 44.67
N LYS B 415 3.85 -49.96 45.54
CA LYS B 415 3.80 -50.21 46.98
C LYS B 415 2.46 -49.79 47.59
N LEU B 416 1.67 -49.05 46.82
CA LEU B 416 0.49 -48.41 47.37
C LEU B 416 -0.77 -49.29 47.44
N ASP B 417 -1.19 -49.55 48.69
CA ASP B 417 -2.54 -50.00 48.96
C ASP B 417 -3.36 -48.74 49.21
N LEU B 418 -2.76 -47.83 49.99
CA LEU B 418 -3.26 -46.47 50.16
C LEU B 418 -2.12 -45.60 50.65
N VAL C 4 23.99 17.98 -58.31
CA VAL C 4 22.80 18.54 -58.92
C VAL C 4 21.63 17.55 -58.80
N GLN C 5 21.93 16.27 -58.96
CA GLN C 5 20.92 15.23 -58.79
C GLN C 5 20.41 15.18 -57.36
N PRO C 6 19.10 14.97 -57.19
CA PRO C 6 18.56 14.80 -55.83
C PRO C 6 19.10 13.52 -55.19
N LEU C 7 19.23 13.52 -53.87
CA LEU C 7 19.80 12.38 -53.16
C LEU C 7 18.80 11.22 -53.06
N ALA C 8 17.52 11.54 -53.27
CA ALA C 8 16.47 10.53 -53.17
C ALA C 8 16.64 9.43 -54.22
N ARG C 9 17.29 9.77 -55.33
CA ARG C 9 17.60 8.79 -56.37
C ARG C 9 18.43 7.65 -55.83
N ASP C 10 19.25 7.94 -54.83
CA ASP C 10 20.19 6.97 -54.27
C ASP C 10 19.78 6.52 -52.88
N ALA C 11 18.52 6.75 -52.53
CA ALA C 11 18.04 6.41 -51.19
C ALA C 11 17.08 5.23 -51.22
N MET C 12 17.10 4.46 -50.13
CA MET C 12 16.11 3.41 -49.93
C MET C 12 15.36 3.66 -48.63
N ALA C 13 14.04 3.66 -48.69
CA ALA C 13 13.22 3.84 -47.51
C ALA C 13 12.95 2.48 -46.86
N TYR C 14 13.31 2.37 -45.58
CA TYR C 14 13.06 1.13 -44.84
C TYR C 14 12.02 1.36 -43.76
N VAL C 15 10.82 0.85 -43.98
CA VAL C 15 9.70 1.11 -43.08
C VAL C 15 9.49 0.00 -42.07
N LEU C 16 9.59 0.36 -40.79
CA LEU C 16 9.35 -0.58 -39.70
C LEU C 16 7.86 -0.65 -39.41
N ALA C 17 7.22 -1.72 -39.86
CA ALA C 17 5.78 -1.86 -39.72
C ALA C 17 5.43 -3.01 -38.79
N GLY C 18 6.24 -3.19 -37.74
CA GLY C 18 6.04 -4.28 -36.81
C GLY C 18 5.32 -3.90 -35.53
N GLY C 19 4.95 -2.63 -35.42
CA GLY C 19 4.28 -2.11 -34.24
C GLY C 19 3.05 -2.90 -33.84
N ARG C 20 2.95 -3.22 -32.56
CA ARG C 20 1.81 -3.96 -32.03
C ARG C 20 0.59 -3.07 -31.85
N GLY C 21 0.82 -1.84 -31.43
CA GLY C 21 -0.27 -0.93 -31.12
C GLY C 21 -1.08 -1.47 -29.96
N SER C 22 -0.37 -1.86 -28.91
CA SER C 22 -0.98 -2.56 -27.77
C SER C 22 -2.07 -1.75 -27.09
N ARG C 23 -1.87 -0.43 -27.01
CA ARG C 23 -2.81 0.43 -26.30
C ARG C 23 -4.09 0.66 -27.09
N LEU C 24 -4.11 0.18 -28.35
CA LEU C 24 -5.31 0.27 -29.16
C LEU C 24 -6.20 -0.94 -28.91
N LYS C 25 -5.69 -1.86 -28.10
CA LYS C 25 -6.46 -3.02 -27.61
C LYS C 25 -7.03 -3.87 -28.72
N GLU C 26 -8.35 -4.12 -28.66
CA GLU C 26 -9.02 -5.01 -29.60
C GLU C 26 -8.92 -4.53 -31.04
N LEU C 27 -8.61 -3.26 -31.22
CA LEU C 27 -8.42 -2.71 -32.56
C LEU C 27 -7.26 -3.41 -33.26
N THR C 28 -6.25 -3.78 -32.48
CA THR C 28 -5.05 -4.41 -33.01
C THR C 28 -4.84 -5.82 -32.48
N ASP C 29 -5.92 -6.56 -32.29
CA ASP C 29 -5.80 -7.94 -31.81
C ASP C 29 -5.63 -8.94 -32.95
N ARG C 30 -6.06 -8.55 -34.14
CA ARG C 30 -5.86 -9.39 -35.32
C ARG C 30 -5.30 -8.59 -36.49
N ARG C 31 -4.64 -7.47 -36.18
CA ARG C 31 -3.95 -6.69 -37.18
C ARG C 31 -2.84 -5.85 -36.52
N ALA C 32 -1.79 -5.57 -37.28
CA ALA C 32 -0.74 -4.70 -36.79
C ALA C 32 -1.21 -3.25 -36.81
N LYS C 33 -0.57 -2.39 -36.03
CA LYS C 33 -0.96 -0.98 -35.98
C LYS C 33 -0.85 -0.27 -37.34
N PRO C 34 0.21 -0.53 -38.12
CA PRO C 34 0.22 0.11 -39.45
C PRO C 34 -0.94 -0.32 -40.35
N ALA C 35 -1.59 -1.44 -40.05
CA ALA C 35 -2.69 -1.92 -40.87
C ALA C 35 -4.02 -1.26 -40.48
N VAL C 36 -4.00 -0.48 -39.40
CA VAL C 36 -5.21 0.15 -38.90
C VAL C 36 -5.71 1.24 -39.87
N TYR C 37 -6.99 1.20 -40.18
CA TYR C 37 -7.62 2.14 -41.10
C TYR C 37 -7.59 3.56 -40.57
N PHE C 38 -7.47 4.54 -41.48
CA PHE C 38 -7.50 5.93 -41.08
C PHE C 38 -7.99 6.85 -42.20
N GLY C 39 -8.77 7.86 -41.82
CA GLY C 39 -9.12 8.93 -42.73
C GLY C 39 -10.28 8.64 -43.67
N GLY C 40 -10.74 7.39 -43.66
CA GLY C 40 -11.86 7.01 -44.49
C GLY C 40 -11.51 5.98 -45.56
N LYS C 41 -10.29 6.04 -46.07
CA LYS C 41 -9.92 5.16 -47.18
C LYS C 41 -8.56 4.49 -47.02
N ALA C 42 -7.65 5.13 -46.30
CA ALA C 42 -6.28 4.63 -46.21
C ALA C 42 -6.03 3.81 -44.94
N ARG C 43 -4.81 3.28 -44.83
CA ARG C 43 -4.31 2.72 -43.58
C ARG C 43 -3.15 3.60 -43.12
N ILE C 44 -2.76 3.48 -41.86
CA ILE C 44 -1.73 4.34 -41.29
C ILE C 44 -0.39 4.25 -42.05
N ILE C 45 -0.04 3.05 -42.50
CA ILE C 45 1.24 2.83 -43.18
C ILE C 45 1.32 3.56 -44.52
N ASP C 46 0.17 3.94 -45.06
CA ASP C 46 0.11 4.61 -46.36
C ASP C 46 0.78 5.97 -46.37
N PHE C 47 0.86 6.59 -45.20
CA PHE C 47 1.45 7.93 -45.08
C PHE C 47 2.96 7.89 -45.25
N ALA C 48 3.63 7.02 -44.51
CA ALA C 48 5.08 6.85 -44.63
C ALA C 48 5.46 6.46 -46.07
N LEU C 49 4.74 5.49 -46.61
CA LEU C 49 5.01 5.00 -47.95
C LEU C 49 4.81 6.07 -49.01
N SER C 50 3.74 6.85 -48.87
CA SER C 50 3.46 7.93 -49.83
C SER C 50 4.44 9.08 -49.65
N ASN C 51 4.90 9.29 -48.43
CA ASN C 51 5.98 10.24 -48.17
C ASN C 51 7.24 9.85 -48.94
N ALA C 52 7.58 8.58 -48.87
CA ALA C 52 8.75 8.07 -49.61
C ALA C 52 8.56 8.28 -51.10
N LEU C 53 7.40 7.89 -51.60
CA LEU C 53 7.07 8.01 -53.02
C LEU C 53 7.13 9.46 -53.50
N ASN C 54 6.46 10.36 -52.78
CA ASN C 54 6.42 11.76 -53.19
C ASN C 54 7.76 12.47 -53.00
N SER C 55 8.63 11.90 -52.17
CA SER C 55 9.96 12.48 -51.94
C SER C 55 10.94 12.12 -53.05
N GLY C 56 10.57 11.13 -53.86
CA GLY C 56 11.41 10.72 -54.97
C GLY C 56 12.18 9.43 -54.71
N ILE C 57 11.88 8.80 -53.58
CA ILE C 57 12.53 7.54 -53.22
C ILE C 57 11.87 6.38 -53.95
N ARG C 58 12.65 5.65 -54.75
CA ARG C 58 12.10 4.60 -55.61
C ARG C 58 12.32 3.19 -55.07
N ARG C 59 13.05 3.06 -53.98
CA ARG C 59 13.23 1.75 -53.36
C ARG C 59 12.70 1.75 -51.94
N ILE C 60 11.75 0.85 -51.67
CA ILE C 60 11.10 0.76 -50.38
C ILE C 60 11.10 -0.68 -49.85
N GLY C 61 11.54 -0.84 -48.61
CA GLY C 61 11.45 -2.12 -47.93
C GLY C 61 10.56 -1.97 -46.71
N VAL C 62 9.67 -2.94 -46.50
CA VAL C 62 8.75 -2.88 -45.37
C VAL C 62 8.88 -4.13 -44.50
N ALA C 63 9.40 -3.93 -43.28
CA ALA C 63 9.56 -5.02 -42.33
C ALA C 63 8.28 -5.24 -41.52
N THR C 64 7.74 -6.44 -41.56
CA THR C 64 6.55 -6.79 -40.80
C THR C 64 6.84 -7.93 -39.83
N GLN C 65 5.92 -8.18 -38.91
CA GLN C 65 6.10 -9.26 -37.94
C GLN C 65 4.77 -9.73 -37.36
N TYR C 66 4.26 -9.04 -36.34
CA TYR C 66 3.09 -9.53 -35.63
C TYR C 66 1.78 -9.23 -36.36
N LYS C 67 0.95 -10.27 -36.52
CA LYS C 67 -0.40 -10.17 -37.08
C LYS C 67 -0.42 -9.42 -38.42
N ALA C 68 0.39 -9.87 -39.36
CA ALA C 68 0.68 -9.07 -40.55
C ALA C 68 0.02 -9.53 -41.84
N HIS C 69 -0.92 -10.48 -41.76
CA HIS C 69 -1.59 -10.97 -42.97
C HIS C 69 -2.34 -9.85 -43.69
N SER C 70 -3.13 -9.08 -42.93
CA SER C 70 -3.90 -7.99 -43.51
C SER C 70 -3.00 -6.86 -44.00
N LEU C 71 -1.91 -6.64 -43.28
CA LEU C 71 -0.92 -5.62 -43.66
C LEU C 71 -0.22 -6.01 -44.95
N ILE C 72 0.20 -7.26 -45.04
CA ILE C 72 0.90 -7.76 -46.23
C ILE C 72 -0.05 -7.79 -47.42
N ARG C 73 -1.29 -8.21 -47.18
CA ARG C 73 -2.31 -8.27 -48.22
C ARG C 73 -2.61 -6.88 -48.77
N HIS C 74 -2.62 -5.89 -47.87
CA HIS C 74 -2.80 -4.48 -48.26
C HIS C 74 -1.63 -3.99 -49.11
N LEU C 75 -0.42 -4.30 -48.68
CA LEU C 75 0.78 -3.89 -49.40
C LEU C 75 0.87 -4.57 -50.76
N GLN C 76 0.51 -5.85 -50.80
CA GLN C 76 0.49 -6.61 -52.06
C GLN C 76 -0.45 -5.99 -53.08
N ARG C 77 -1.65 -5.64 -52.61
CA ARG C 77 -2.69 -5.13 -53.49
C ARG C 77 -2.54 -3.64 -53.80
N GLY C 78 -2.20 -2.85 -52.79
CA GLY C 78 -2.12 -1.41 -52.95
C GLY C 78 -0.83 -0.90 -53.55
N TRP C 79 0.29 -1.44 -53.09
CA TRP C 79 1.61 -0.95 -53.49
C TRP C 79 2.28 -1.91 -54.47
N ASP C 80 1.67 -2.02 -55.64
CA ASP C 80 2.01 -3.04 -56.63
C ASP C 80 2.51 -2.49 -57.96
N PHE C 81 2.95 -1.23 -57.97
CA PHE C 81 3.25 -0.56 -59.23
C PHE C 81 4.73 -0.22 -59.41
N PHE C 82 5.59 -0.81 -58.58
CA PHE C 82 7.03 -0.60 -58.71
C PHE C 82 7.64 -1.65 -59.64
N ARG C 83 8.41 -1.20 -60.62
CA ARG C 83 9.03 -2.12 -61.57
C ARG C 83 10.54 -2.04 -61.50
N PRO C 84 11.19 -3.17 -61.16
CA PRO C 84 12.65 -3.29 -61.03
C PRO C 84 13.43 -2.79 -62.24
N GLU C 85 12.93 -3.01 -63.44
CA GLU C 85 13.65 -2.58 -64.64
C GLU C 85 13.56 -1.05 -64.83
N ARG C 86 12.72 -0.40 -64.03
CA ARG C 86 12.68 1.06 -64.03
C ARG C 86 13.42 1.63 -62.82
N ASN C 87 14.27 0.81 -62.22
CA ASN C 87 15.02 1.15 -61.01
C ASN C 87 14.13 1.45 -59.81
N GLU C 88 13.03 0.71 -59.70
CA GLU C 88 12.14 0.84 -58.57
C GLU C 88 12.00 -0.51 -57.89
N SER C 89 11.70 -0.52 -56.60
CA SER C 89 11.49 -1.78 -55.91
C SER C 89 10.65 -1.59 -54.66
N PHE C 90 9.80 -2.57 -54.39
CA PHE C 90 9.00 -2.57 -53.17
C PHE C 90 9.09 -3.95 -52.55
N ASP C 91 9.93 -4.07 -51.52
CA ASP C 91 10.13 -5.36 -50.87
C ASP C 91 9.33 -5.48 -49.59
N ILE C 92 8.50 -6.51 -49.52
CA ILE C 92 7.77 -6.84 -48.30
C ILE C 92 8.52 -7.94 -47.57
N LEU C 93 9.01 -7.63 -46.37
CA LEU C 93 9.92 -8.53 -45.68
C LEU C 93 9.39 -8.95 -44.31
N ALA C 94 8.82 -10.16 -44.25
CA ALA C 94 8.16 -10.65 -43.05
C ALA C 94 8.95 -11.75 -42.35
N ALA C 95 9.38 -11.48 -41.12
CA ALA C 95 10.08 -12.44 -40.27
C ALA C 95 11.30 -13.07 -40.95
N SER C 96 11.04 -14.03 -41.84
CA SER C 96 12.10 -14.71 -42.55
C SER C 96 11.51 -15.86 -43.35
N GLN C 97 11.13 -15.56 -44.60
CA GLN C 97 10.41 -16.50 -45.42
C GLN C 97 9.05 -15.92 -45.76
N ARG C 98 8.96 -14.59 -45.65
CA ARG C 98 7.75 -13.82 -45.95
C ARG C 98 6.48 -14.38 -45.30
N VAL C 99 6.64 -15.04 -44.16
CA VAL C 99 5.51 -15.60 -43.42
C VAL C 99 5.80 -15.69 -41.94
N SER C 100 5.15 -16.63 -41.26
CA SER C 100 5.27 -16.76 -39.82
C SER C 100 5.73 -18.16 -39.41
N GLU C 101 7.04 -18.32 -39.27
CA GLU C 101 7.59 -19.58 -38.80
C GLU C 101 8.43 -19.30 -37.57
N THR C 102 9.64 -19.84 -37.56
CA THR C 102 10.59 -19.45 -36.55
C THR C 102 11.22 -18.08 -36.89
N GLN C 103 12.05 -17.63 -35.96
CA GLN C 103 13.13 -16.66 -35.95
C GLN C 103 12.37 -15.33 -36.16
N TRP C 104 11.68 -14.88 -35.13
CA TRP C 104 11.07 -13.58 -35.24
C TRP C 104 12.19 -12.55 -35.26
N TYR C 105 11.87 -11.34 -35.66
CA TYR C 105 12.82 -10.24 -35.52
C TYR C 105 13.02 -9.95 -34.04
N GLU C 106 14.26 -9.86 -33.61
CA GLU C 106 14.57 -9.62 -32.21
C GLU C 106 14.41 -8.15 -31.84
N GLY C 107 14.05 -7.34 -32.82
CA GLY C 107 13.84 -5.91 -32.62
C GLY C 107 13.83 -5.18 -33.96
N THR C 108 13.84 -3.85 -33.90
CA THR C 108 13.82 -3.04 -35.11
C THR C 108 15.17 -3.08 -35.84
N ALA C 109 16.25 -3.21 -35.08
CA ALA C 109 17.58 -3.31 -35.66
C ALA C 109 17.73 -4.66 -36.36
N ASP C 110 17.24 -5.71 -35.71
CA ASP C 110 17.30 -7.06 -36.26
C ASP C 110 16.46 -7.18 -37.52
N ALA C 111 15.41 -6.37 -37.60
CA ALA C 111 14.55 -6.34 -38.77
C ALA C 111 15.32 -5.88 -40.01
N VAL C 112 16.37 -5.09 -39.79
CA VAL C 112 17.23 -4.63 -40.86
C VAL C 112 18.41 -5.58 -41.05
N TYR C 113 18.85 -6.21 -39.97
CA TYR C 113 19.98 -7.12 -40.03
C TYR C 113 19.66 -8.40 -40.80
N GLN C 114 18.48 -8.96 -40.57
CA GLN C 114 18.10 -10.22 -41.22
C GLN C 114 17.88 -10.07 -42.72
N ASN C 115 17.68 -8.83 -43.16
CA ASN C 115 17.39 -8.58 -44.58
C ASN C 115 18.50 -7.79 -45.25
N ILE C 116 19.72 -8.00 -44.77
CA ILE C 116 20.92 -7.40 -45.37
C ILE C 116 21.09 -7.88 -46.82
N ASP C 117 20.82 -9.16 -47.05
CA ASP C 117 21.00 -9.75 -48.38
C ASP C 117 19.89 -9.36 -49.34
N ILE C 118 18.94 -8.57 -48.86
CA ILE C 118 17.89 -8.00 -49.71
C ILE C 118 18.30 -6.58 -50.12
N ILE C 119 18.99 -5.92 -49.20
CA ILE C 119 19.40 -4.53 -49.39
C ILE C 119 20.68 -4.40 -50.22
N GLU C 120 21.67 -5.25 -49.93
CA GLU C 120 23.00 -5.08 -50.52
C GLU C 120 23.07 -5.12 -52.07
N PRO C 121 22.24 -5.94 -52.74
CA PRO C 121 22.29 -5.88 -54.21
C PRO C 121 21.85 -4.53 -54.81
N TYR C 122 21.04 -3.78 -54.07
CA TYR C 122 20.54 -2.49 -54.56
C TYR C 122 21.59 -1.40 -54.54
N ALA C 123 22.50 -1.49 -53.57
CA ALA C 123 23.55 -0.49 -53.35
C ALA C 123 23.05 0.96 -53.25
N PRO C 124 22.04 1.22 -52.39
CA PRO C 124 21.73 2.64 -52.21
C PRO C 124 22.77 3.32 -51.33
N GLU C 125 22.98 4.62 -51.53
CA GLU C 125 23.93 5.35 -50.72
C GLU C 125 23.37 5.61 -49.33
N TYR C 126 22.05 5.81 -49.26
CA TYR C 126 21.41 6.25 -48.03
C TYR C 126 20.24 5.36 -47.64
N MET C 127 20.05 5.20 -46.34
CA MET C 127 18.92 4.47 -45.80
C MET C 127 18.06 5.40 -44.96
N VAL C 128 16.77 5.47 -45.29
CA VAL C 128 15.83 6.23 -44.50
C VAL C 128 14.95 5.29 -43.70
N ILE C 129 15.27 5.12 -42.42
CA ILE C 129 14.50 4.26 -41.53
C ILE C 129 13.25 4.98 -41.06
N LEU C 130 12.10 4.34 -41.22
CA LEU C 130 10.83 4.99 -40.96
C LEU C 130 9.93 4.16 -40.07
N ALA C 131 9.23 4.84 -39.17
CA ALA C 131 8.16 4.22 -38.41
C ALA C 131 6.89 4.22 -39.25
N GLY C 132 6.28 3.06 -39.41
CA GLY C 132 5.09 2.94 -40.25
C GLY C 132 3.79 3.05 -39.50
N ASP C 133 3.84 3.62 -38.30
CA ASP C 133 2.65 3.69 -37.45
C ASP C 133 2.26 5.12 -37.09
N HIS C 134 2.77 6.09 -37.85
CA HIS C 134 2.44 7.49 -37.60
C HIS C 134 1.75 8.13 -38.81
N ILE C 135 0.97 9.17 -38.54
CA ILE C 135 0.30 9.92 -39.60
C ILE C 135 0.91 11.31 -39.76
N TYR C 136 1.51 11.56 -40.93
CA TYR C 136 2.20 12.82 -41.19
C TYR C 136 2.59 12.93 -42.65
N LYS C 137 2.98 14.13 -43.08
CA LYS C 137 3.48 14.36 -44.43
C LYS C 137 4.83 15.05 -44.38
N MET C 138 5.82 14.46 -45.05
CA MET C 138 7.20 14.90 -44.91
C MET C 138 8.04 14.64 -46.17
N ASP C 139 8.76 15.66 -46.61
CA ASP C 139 9.66 15.56 -47.76
C ASP C 139 11.04 15.12 -47.29
N TYR C 140 11.39 13.85 -47.49
CA TYR C 140 12.63 13.28 -46.97
C TYR C 140 13.88 13.82 -47.65
N GLU C 141 13.71 14.55 -48.75
CA GLU C 141 14.84 15.11 -49.48
C GLU C 141 15.62 16.09 -48.61
N TYR C 142 14.90 16.88 -47.83
CA TYR C 142 15.50 17.84 -46.92
C TYR C 142 16.37 17.15 -45.88
N MET C 143 15.86 16.04 -45.34
CA MET C 143 16.58 15.30 -44.32
C MET C 143 17.83 14.63 -44.89
N LEU C 144 17.75 14.20 -46.14
CA LEU C 144 18.88 13.58 -46.83
C LEU C 144 20.01 14.58 -47.05
N GLN C 145 19.66 15.76 -47.54
CA GLN C 145 20.66 16.79 -47.84
C GLN C 145 21.31 17.34 -46.56
N GLN C 146 20.52 17.43 -45.50
CA GLN C 146 21.08 17.82 -44.20
C GLN C 146 22.09 16.77 -43.75
N HIS C 147 21.73 15.51 -43.94
CA HIS C 147 22.55 14.39 -43.48
C HIS C 147 23.92 14.34 -44.15
N VAL C 148 23.96 14.55 -45.46
CA VAL C 148 25.22 14.45 -46.19
C VAL C 148 26.05 15.73 -46.05
N ASP C 149 25.38 16.85 -45.74
CA ASP C 149 26.08 18.12 -45.60
C ASP C 149 26.65 18.29 -44.19
N SER C 150 25.99 17.72 -43.20
CA SER C 150 26.44 17.83 -41.82
C SER C 150 27.61 16.92 -41.53
N GLY C 151 27.64 15.77 -42.19
CA GLY C 151 28.69 14.79 -41.96
C GLY C 151 28.30 13.85 -40.83
N ALA C 152 27.03 13.87 -40.47
CA ALA C 152 26.52 13.07 -39.35
C ALA C 152 26.58 11.58 -39.64
N ASP C 153 26.71 10.78 -38.58
CA ASP C 153 26.61 9.34 -38.68
C ASP C 153 25.14 8.93 -38.77
N VAL C 154 24.30 9.61 -37.98
CA VAL C 154 22.86 9.46 -38.09
C VAL C 154 22.18 10.81 -37.93
N THR C 155 21.20 11.07 -38.78
CA THR C 155 20.35 12.24 -38.65
C THR C 155 18.96 11.78 -38.22
N ILE C 156 18.44 12.40 -37.16
CA ILE C 156 17.19 11.95 -36.58
C ILE C 156 16.10 12.99 -36.75
N GLY C 157 14.90 12.54 -37.12
CA GLY C 157 13.77 13.44 -37.28
C GLY C 157 13.13 13.74 -35.94
N CYS C 158 12.92 15.02 -35.66
CA CYS C 158 12.41 15.42 -34.35
C CYS C 158 11.30 16.46 -34.42
N LEU C 159 10.33 16.33 -33.54
CA LEU C 159 9.25 17.31 -33.40
C LEU C 159 9.62 18.39 -32.40
N GLU C 160 9.17 19.61 -32.65
CA GLU C 160 9.22 20.66 -31.64
C GLU C 160 7.94 20.66 -30.84
N VAL C 161 8.01 20.19 -29.61
CA VAL C 161 6.84 20.13 -28.74
C VAL C 161 7.06 20.94 -27.47
N PRO C 162 5.98 21.48 -26.89
CA PRO C 162 6.09 22.15 -25.60
C PRO C 162 6.65 21.19 -24.56
N ARG C 163 7.47 21.68 -23.64
CA ARG C 163 8.20 20.81 -22.73
C ARG C 163 7.30 19.88 -21.91
N MET C 164 6.09 20.31 -21.61
CA MET C 164 5.19 19.48 -20.84
C MET C 164 4.68 18.30 -21.67
N GLU C 165 4.55 18.52 -22.97
CA GLU C 165 4.13 17.47 -23.90
C GLU C 165 5.23 16.44 -24.11
N ALA C 166 6.47 16.88 -24.00
CA ALA C 166 7.63 16.03 -24.29
C ALA C 166 7.89 14.97 -23.23
N THR C 167 7.10 14.97 -22.16
CA THR C 167 7.31 14.03 -21.06
C THR C 167 6.92 12.60 -21.44
N GLY C 168 6.19 12.45 -22.54
CA GLY C 168 5.75 11.14 -22.99
C GLY C 168 6.54 10.65 -24.18
N PHE C 169 7.58 11.40 -24.54
CA PHE C 169 8.39 11.08 -25.71
C PHE C 169 9.81 10.66 -25.36
N GLY C 170 10.49 10.06 -26.34
CA GLY C 170 11.92 9.88 -26.27
C GLY C 170 12.54 11.19 -26.72
N VAL C 171 13.15 11.91 -25.80
CA VAL C 171 13.56 13.29 -26.06
C VAL C 171 15.03 13.43 -26.36
N MET C 172 15.34 14.18 -27.42
CA MET C 172 16.72 14.43 -27.80
C MET C 172 17.25 15.71 -27.16
N HIS C 173 18.32 15.56 -26.38
CA HIS C 173 18.95 16.71 -25.77
C HIS C 173 20.09 17.19 -26.69
N VAL C 174 20.03 18.48 -27.03
CA VAL C 174 20.67 19.02 -28.21
C VAL C 174 21.45 20.31 -27.88
N ASN C 175 22.55 20.56 -28.57
CA ASN C 175 23.29 21.81 -28.36
C ASN C 175 22.92 22.91 -29.36
N GLU C 176 23.78 23.92 -29.47
CA GLU C 176 23.49 25.08 -30.30
C GLU C 176 23.50 24.79 -31.79
N LYS C 177 24.12 23.68 -32.17
CA LYS C 177 24.23 23.32 -33.58
C LYS C 177 23.29 22.19 -33.95
N ASP C 178 22.26 21.99 -33.13
CA ASP C 178 21.30 20.91 -33.29
C ASP C 178 21.98 19.55 -33.23
N GLU C 179 23.19 19.50 -32.69
CA GLU C 179 23.89 18.25 -32.48
C GLU C 179 23.40 17.58 -31.19
N ILE C 180 23.03 16.30 -31.30
CA ILE C 180 22.46 15.51 -30.19
C ILE C 180 23.52 15.06 -29.23
N ILE C 181 23.38 15.45 -27.96
CA ILE C 181 24.38 15.14 -26.95
C ILE C 181 23.85 14.17 -25.91
N ASP C 182 22.54 13.92 -25.92
CA ASP C 182 21.94 12.94 -25.02
C ASP C 182 20.52 12.55 -25.45
N PHE C 183 20.11 11.34 -25.12
CA PHE C 183 18.75 10.87 -25.40
C PHE C 183 18.08 10.36 -24.14
N ILE C 184 17.01 11.01 -23.74
CA ILE C 184 16.28 10.61 -22.55
C ILE C 184 14.88 10.09 -22.89
N GLU C 185 14.58 8.87 -22.46
CA GLU C 185 13.26 8.31 -22.67
C GLU C 185 12.29 8.76 -21.58
N LYS C 186 11.27 9.52 -21.98
CA LYS C 186 10.24 10.03 -21.08
C LYS C 186 10.78 10.78 -19.87
N PRO C 187 11.50 11.89 -20.10
CA PRO C 187 12.01 12.68 -18.97
C PRO C 187 10.88 13.39 -18.22
N ALA C 188 11.00 13.47 -16.90
CA ALA C 188 10.02 14.20 -16.09
C ALA C 188 10.15 15.69 -16.36
N ASP C 189 11.39 16.13 -16.54
CA ASP C 189 11.68 17.51 -16.89
C ASP C 189 12.51 17.52 -18.17
N PRO C 190 11.81 17.46 -19.33
CA PRO C 190 12.45 17.38 -20.64
C PRO C 190 13.44 18.51 -20.90
N PRO C 191 14.68 18.18 -21.28
CA PRO C 191 15.69 19.19 -21.61
C PRO C 191 15.23 20.09 -22.75
N GLY C 192 15.46 21.38 -22.62
CA GLY C 192 14.97 22.34 -23.60
C GLY C 192 15.94 22.68 -24.69
N ILE C 193 15.43 23.22 -25.79
CA ILE C 193 16.27 23.67 -26.90
C ILE C 193 17.01 24.95 -26.51
N PRO C 194 18.34 24.96 -26.71
CA PRO C 194 19.16 26.13 -26.40
C PRO C 194 18.64 27.41 -27.05
N GLY C 195 18.30 28.39 -26.24
CA GLY C 195 17.78 29.65 -26.74
C GLY C 195 16.29 29.57 -27.03
N ASN C 196 15.72 28.39 -26.82
CA ASN C 196 14.29 28.19 -27.02
C ASN C 196 13.76 27.17 -26.02
N GLU C 197 14.01 27.42 -24.74
CA GLU C 197 13.45 26.59 -23.69
C GLU C 197 11.92 26.69 -23.76
N GLY C 198 11.23 25.71 -23.20
CA GLY C 198 9.79 25.66 -23.35
C GLY C 198 9.42 24.75 -24.51
N PHE C 199 10.43 24.42 -25.33
CA PHE C 199 10.29 23.45 -26.39
C PHE C 199 11.37 22.38 -26.28
N ALA C 200 10.97 21.12 -26.40
CA ALA C 200 11.93 20.02 -26.43
C ALA C 200 11.80 19.26 -27.75
N LEU C 201 12.87 18.58 -28.15
CA LEU C 201 12.84 17.81 -29.39
C LEU C 201 12.50 16.35 -29.13
N ALA C 202 11.36 15.93 -29.66
CA ALA C 202 10.90 14.56 -29.50
C ALA C 202 11.23 13.72 -30.74
N SER C 203 11.85 12.57 -30.53
CA SER C 203 12.21 11.69 -31.63
C SER C 203 10.99 11.23 -32.42
N MET C 204 11.10 11.26 -33.73
CA MET C 204 10.02 10.82 -34.61
C MET C 204 10.15 9.35 -34.99
N GLY C 205 11.31 8.76 -34.69
CA GLY C 205 11.58 7.40 -35.10
C GLY C 205 12.04 7.36 -36.54
N ILE C 206 12.43 8.52 -37.06
CA ILE C 206 12.97 8.63 -38.41
C ILE C 206 14.48 8.82 -38.34
N TYR C 207 15.22 7.87 -38.91
CA TYR C 207 16.67 7.93 -38.90
C TYR C 207 17.23 7.80 -40.31
N VAL C 208 18.17 8.68 -40.66
CA VAL C 208 18.84 8.61 -41.96
C VAL C 208 20.30 8.23 -41.80
N PHE C 209 20.73 7.19 -42.52
CA PHE C 209 22.12 6.74 -42.48
C PHE C 209 22.72 6.72 -43.88
N HIS C 210 24.04 6.72 -43.95
CA HIS C 210 24.71 6.17 -45.13
C HIS C 210 24.56 4.66 -44.99
N THR C 211 24.37 3.97 -46.11
CA THR C 211 24.12 2.54 -46.06
C THR C 211 25.33 1.79 -45.52
N LYS C 212 26.51 2.27 -45.87
CA LYS C 212 27.76 1.67 -45.40
C LYS C 212 27.83 1.69 -43.88
N PHE C 213 27.47 2.82 -43.30
CA PHE C 213 27.64 3.04 -41.87
C PHE C 213 26.60 2.20 -41.12
N LEU C 214 25.39 2.14 -41.66
CA LEU C 214 24.29 1.42 -41.03
C LEU C 214 24.53 -0.08 -41.00
N MET C 215 25.11 -0.61 -42.08
CA MET C 215 25.37 -2.04 -42.17
C MET C 215 26.41 -2.47 -41.15
N GLU C 216 27.40 -1.62 -40.91
CA GLU C 216 28.40 -1.90 -39.89
C GLU C 216 27.78 -1.86 -38.49
N ALA C 217 26.80 -0.97 -38.32
CA ALA C 217 26.22 -0.72 -37.01
C ALA C 217 25.36 -1.88 -36.51
N LEU C 218 24.46 -2.36 -37.34
CA LEU C 218 23.54 -3.42 -36.92
C LEU C 218 24.22 -4.77 -36.86
N ARG C 219 25.32 -4.93 -37.60
CA ARG C 219 26.12 -6.13 -37.52
C ARG C 219 26.77 -6.22 -36.15
N ARG C 220 27.32 -5.09 -35.70
CA ARG C 220 27.90 -5.01 -34.37
C ARG C 220 26.82 -5.27 -33.32
N ASP C 221 25.64 -4.72 -33.55
CA ASP C 221 24.52 -4.91 -32.65
C ASP C 221 24.07 -6.37 -32.67
N ALA C 222 24.22 -7.01 -33.82
CA ALA C 222 23.90 -8.43 -33.93
C ALA C 222 24.98 -9.28 -33.25
N ALA C 223 26.16 -8.68 -33.07
CA ALA C 223 27.28 -9.38 -32.46
C ALA C 223 27.28 -9.20 -30.94
N ASP C 224 26.68 -8.13 -30.47
CA ASP C 224 26.54 -7.89 -29.03
C ASP C 224 25.35 -8.67 -28.47
N PRO C 225 25.62 -9.69 -27.64
CA PRO C 225 24.57 -10.57 -27.12
C PRO C 225 23.67 -9.88 -26.10
N THR C 226 24.13 -8.76 -25.57
CA THR C 226 23.41 -8.07 -24.50
C THR C 226 22.46 -7.00 -25.07
N SER C 227 22.47 -6.83 -26.39
CA SER C 227 21.62 -5.85 -27.03
C SER C 227 20.18 -6.33 -27.14
N SER C 228 19.23 -5.41 -27.04
CA SER C 228 17.83 -5.73 -27.24
C SER C 228 17.45 -5.54 -28.71
N ARG C 229 18.48 -5.31 -29.53
CA ARG C 229 18.34 -5.27 -30.99
C ARG C 229 17.37 -4.20 -31.48
N ASP C 230 17.41 -3.03 -30.86
CA ASP C 230 16.50 -1.94 -31.25
C ASP C 230 17.25 -0.67 -31.66
N PHE C 231 16.68 0.04 -32.62
CA PHE C 231 17.23 1.33 -33.02
C PHE C 231 17.16 2.33 -31.88
N GLY C 232 16.01 2.36 -31.21
CA GLY C 232 15.76 3.32 -30.15
C GLY C 232 16.49 3.00 -28.86
N LYS C 233 16.47 1.75 -28.44
CA LYS C 233 17.07 1.36 -27.17
C LYS C 233 18.56 1.09 -27.26
N ASP C 234 19.04 0.68 -28.43
CA ASP C 234 20.43 0.24 -28.54
C ASP C 234 21.28 1.02 -29.54
N ILE C 235 20.88 1.02 -30.82
CA ILE C 235 21.73 1.58 -31.86
C ILE C 235 21.90 3.10 -31.75
N ILE C 236 20.79 3.82 -31.65
CA ILE C 236 20.85 5.29 -31.61
C ILE C 236 21.54 5.84 -30.35
N PRO C 237 21.24 5.30 -29.16
CA PRO C 237 21.98 5.80 -27.99
C PRO C 237 23.48 5.58 -28.10
N TYR C 238 23.90 4.52 -28.77
CA TYR C 238 25.32 4.26 -28.99
C TYR C 238 25.95 5.39 -29.81
N ILE C 239 25.33 5.72 -30.94
CA ILE C 239 25.85 6.74 -31.83
C ILE C 239 25.91 8.10 -31.15
N VAL C 240 24.90 8.42 -30.36
CA VAL C 240 24.87 9.65 -29.58
C VAL C 240 26.09 9.75 -28.68
N GLU C 241 26.42 8.63 -28.05
CA GLU C 241 27.50 8.59 -27.08
C GLU C 241 28.88 8.48 -27.71
N HIS C 242 29.03 7.54 -28.65
CA HIS C 242 30.35 7.21 -29.20
C HIS C 242 30.60 7.75 -30.62
N GLY C 243 29.56 8.27 -31.26
CA GLY C 243 29.68 8.80 -32.60
C GLY C 243 29.15 10.22 -32.72
N LYS C 244 28.45 10.50 -33.80
CA LYS C 244 27.86 11.81 -34.01
C LYS C 244 26.42 11.69 -34.49
N ALA C 245 25.49 12.22 -33.70
CA ALA C 245 24.07 12.21 -34.06
C ALA C 245 23.54 13.63 -34.12
N VAL C 246 22.80 13.95 -35.18
CA VAL C 246 22.26 15.30 -35.36
C VAL C 246 20.74 15.25 -35.53
N ALA C 247 20.05 16.24 -34.96
CA ALA C 247 18.60 16.31 -35.03
C ALA C 247 18.12 17.05 -36.28
N HIS C 248 17.01 16.58 -36.83
CA HIS C 248 16.34 17.27 -37.94
C HIS C 248 14.95 17.72 -37.51
N ARG C 249 14.65 19.00 -37.71
CA ARG C 249 13.37 19.56 -37.30
C ARG C 249 12.25 19.20 -38.28
N PHE C 250 11.16 18.65 -37.75
CA PHE C 250 10.00 18.30 -38.58
C PHE C 250 9.45 19.50 -39.33
N ALA C 251 9.47 20.66 -38.67
CA ALA C 251 8.95 21.88 -39.25
C ALA C 251 9.69 22.28 -40.53
N ASP C 252 10.93 21.82 -40.65
CA ASP C 252 11.74 22.13 -41.82
C ASP C 252 11.34 21.30 -43.03
N SER C 253 10.88 20.07 -42.79
CA SER C 253 10.59 19.13 -43.85
C SER C 253 9.10 18.96 -44.13
N CYS C 254 8.29 19.18 -43.10
CA CYS C 254 6.87 18.89 -43.14
C CYS C 254 6.17 19.55 -44.34
N VAL C 255 5.28 18.80 -44.98
CA VAL C 255 4.53 19.29 -46.13
C VAL C 255 3.12 19.67 -45.71
N ARG C 256 2.93 20.94 -45.33
CA ARG C 256 1.60 21.36 -44.90
C ARG C 256 0.88 22.10 -46.01
N SER C 257 -0.39 21.78 -46.19
CA SER C 257 -1.24 22.43 -47.17
C SER C 257 -1.48 23.88 -46.77
N ASP C 258 -2.05 24.66 -47.68
CA ASP C 258 -2.46 26.03 -47.35
C ASP C 258 -3.55 26.03 -46.28
N PHE C 259 -4.27 24.91 -46.17
CA PHE C 259 -5.37 24.80 -45.23
C PHE C 259 -4.93 23.99 -44.03
N GLU C 260 -3.62 24.03 -43.79
CA GLU C 260 -3.06 23.40 -42.58
C GLU C 260 -2.26 24.38 -41.72
N HIS C 261 -2.59 24.35 -40.43
CA HIS C 261 -2.67 25.51 -39.56
C HIS C 261 -1.38 25.45 -38.81
N GLU C 262 -0.77 24.26 -38.84
CA GLU C 262 0.51 23.90 -38.23
C GLU C 262 0.99 22.55 -38.79
N PRO C 263 2.27 22.18 -38.60
CA PRO C 263 2.79 20.84 -38.94
C PRO C 263 1.99 19.71 -38.28
N TYR C 264 1.43 18.84 -39.11
CA TYR C 264 0.57 17.76 -38.63
C TYR C 264 1.34 16.47 -38.40
N TRP C 265 1.27 15.95 -37.18
CA TRP C 265 1.84 14.66 -36.84
C TRP C 265 0.99 14.02 -35.74
N ARG C 266 0.56 12.78 -35.97
CA ARG C 266 -0.23 12.06 -34.97
C ARG C 266 0.32 10.66 -34.77
N ASP C 267 0.37 10.25 -33.51
CA ASP C 267 0.86 8.93 -33.12
C ASP C 267 -0.30 7.92 -33.06
N VAL C 268 -1.52 8.45 -32.91
CA VAL C 268 -2.75 7.68 -32.63
C VAL C 268 -2.49 6.41 -31.82
N GLY C 269 -1.83 6.59 -30.67
CA GLY C 269 -1.41 5.47 -29.84
C GLY C 269 -2.52 4.86 -29.00
N THR C 270 -3.44 5.70 -28.54
CA THR C 270 -4.54 5.24 -27.70
C THR C 270 -5.86 5.30 -28.46
N ILE C 271 -6.89 4.70 -27.90
CA ILE C 271 -8.20 4.67 -28.53
C ILE C 271 -8.79 6.08 -28.58
N ASP C 272 -8.48 6.87 -27.56
CA ASP C 272 -8.89 8.28 -27.54
C ASP C 272 -8.22 9.08 -28.65
N ALA C 273 -6.90 8.93 -28.77
CA ALA C 273 -6.13 9.66 -29.76
C ALA C 273 -6.48 9.21 -31.18
N TYR C 274 -6.79 7.93 -31.33
CA TYR C 274 -7.23 7.39 -32.61
C TYR C 274 -8.59 7.97 -32.99
N TRP C 275 -9.53 7.91 -32.05
CA TRP C 275 -10.87 8.45 -32.27
C TRP C 275 -10.81 9.94 -32.57
N GLN C 276 -9.99 10.67 -31.81
CA GLN C 276 -9.89 12.12 -31.96
C GLN C 276 -9.35 12.52 -33.33
N ALA C 277 -8.33 11.82 -33.79
CA ALA C 277 -7.70 12.14 -35.07
C ALA C 277 -8.66 11.95 -36.23
N ASN C 278 -9.47 10.90 -36.17
CA ASN C 278 -10.43 10.61 -37.22
C ASN C 278 -11.63 11.54 -37.19
N ILE C 279 -12.13 11.83 -36.00
CA ILE C 279 -13.31 12.66 -35.85
C ILE C 279 -13.01 14.13 -36.17
N ASP C 280 -11.74 14.52 -36.06
CA ASP C 280 -11.34 15.89 -36.36
C ASP C 280 -11.37 16.17 -37.86
N LEU C 281 -11.47 15.11 -38.66
CA LEU C 281 -11.57 15.25 -40.10
C LEU C 281 -12.95 15.74 -40.51
N THR C 282 -13.89 15.74 -39.56
CA THR C 282 -15.25 16.19 -39.82
C THR C 282 -15.41 17.68 -39.52
N ASP C 283 -14.33 18.32 -39.08
CA ASP C 283 -14.35 19.76 -38.81
C ASP C 283 -14.57 20.58 -40.08
N VAL C 284 -15.04 21.81 -39.91
CA VAL C 284 -15.16 22.74 -41.03
C VAL C 284 -13.78 23.02 -41.60
N VAL C 285 -12.83 23.25 -40.70
CA VAL C 285 -11.43 23.40 -41.08
C VAL C 285 -10.57 22.40 -40.32
N PRO C 286 -10.35 21.21 -40.93
CA PRO C 286 -9.56 20.14 -40.30
C PRO C 286 -8.07 20.46 -40.22
N ASP C 287 -7.42 19.95 -39.17
CA ASP C 287 -5.98 20.09 -39.01
C ASP C 287 -5.25 19.42 -40.16
N LEU C 288 -5.82 18.31 -40.63
CA LEU C 288 -5.26 17.61 -41.79
C LEU C 288 -6.13 17.87 -43.01
N ASP C 289 -5.52 18.39 -44.07
CA ASP C 289 -6.24 18.62 -45.32
C ASP C 289 -6.14 17.39 -46.22
N ILE C 290 -7.17 16.55 -46.19
CA ILE C 290 -7.17 15.32 -46.96
C ILE C 290 -7.61 15.58 -48.40
N TYR C 291 -7.86 16.84 -48.74
CA TYR C 291 -8.22 17.23 -50.09
C TYR C 291 -7.05 17.92 -50.78
N ASP C 292 -5.87 17.77 -50.20
CA ASP C 292 -4.64 18.27 -50.79
C ASP C 292 -4.25 17.41 -51.98
N LYS C 293 -3.91 18.04 -53.09
CA LYS C 293 -3.54 17.33 -54.30
C LYS C 293 -2.04 17.41 -54.59
N SER C 294 -1.35 18.28 -53.87
CA SER C 294 0.08 18.50 -54.10
C SER C 294 0.93 17.41 -53.45
N TRP C 295 0.44 16.84 -52.36
CA TRP C 295 1.16 15.75 -51.69
C TRP C 295 0.18 14.61 -51.38
N PRO C 296 -0.21 13.87 -52.43
CA PRO C 296 -1.28 12.87 -52.31
C PRO C 296 -0.85 11.60 -51.60
N ILE C 297 -1.77 11.02 -50.83
CA ILE C 297 -1.54 9.77 -50.14
C ILE C 297 -2.15 8.62 -50.93
N TRP C 298 -1.31 7.75 -51.47
CA TRP C 298 -1.78 6.57 -52.21
C TRP C 298 -2.21 5.48 -51.23
N THR C 299 -3.18 4.67 -51.64
CA THR C 299 -3.64 3.56 -50.83
C THR C 299 -4.23 2.49 -51.72
N TYR C 300 -4.70 1.40 -51.12
CA TYR C 300 -5.45 0.41 -51.89
C TYR C 300 -6.91 0.81 -51.93
N ALA C 301 -7.40 1.09 -53.13
CA ALA C 301 -8.80 1.46 -53.31
C ALA C 301 -9.40 0.71 -54.48
N GLU C 302 -10.64 0.29 -54.33
CA GLU C 302 -11.38 -0.36 -55.41
C GLU C 302 -12.42 0.58 -55.97
N ILE C 303 -12.86 0.32 -57.19
CA ILE C 303 -14.00 1.02 -57.74
C ILE C 303 -15.22 0.65 -56.92
N THR C 304 -15.81 1.65 -56.27
CA THR C 304 -17.00 1.43 -55.46
C THR C 304 -18.14 2.27 -56.00
N PRO C 305 -19.39 1.85 -55.73
CA PRO C 305 -20.51 2.74 -56.01
C PRO C 305 -20.48 3.97 -55.10
N PRO C 306 -21.10 5.07 -55.53
CA PRO C 306 -21.16 6.30 -54.73
C PRO C 306 -21.99 6.12 -53.46
N ALA C 307 -21.93 7.09 -52.55
CA ALA C 307 -22.72 7.04 -51.33
C ALA C 307 -24.20 7.29 -51.62
N LYS C 308 -25.08 6.63 -50.88
CA LYS C 308 -26.50 6.75 -51.13
C LYS C 308 -27.28 7.07 -49.85
N PHE C 309 -28.15 8.08 -49.96
CA PHE C 309 -28.99 8.50 -48.86
C PHE C 309 -30.44 8.35 -49.28
N VAL C 310 -31.26 7.74 -48.43
CA VAL C 310 -32.63 7.41 -48.83
C VAL C 310 -33.59 7.59 -47.67
N HIS C 311 -34.89 7.58 -47.95
CA HIS C 311 -35.96 7.83 -46.97
C HIS C 311 -35.98 9.27 -46.48
N ASP C 312 -37.16 9.88 -46.54
CA ASP C 312 -37.34 11.26 -46.12
C ASP C 312 -38.79 11.50 -45.72
N ASP C 313 -39.19 10.97 -44.57
CA ASP C 313 -40.56 11.15 -44.11
C ASP C 313 -40.66 11.47 -42.63
N GLU C 314 -41.88 11.36 -42.10
CA GLU C 314 -42.21 11.74 -40.73
C GLU C 314 -41.36 11.03 -39.68
N ASP C 315 -40.93 9.81 -40.00
CA ASP C 315 -40.30 8.95 -39.01
C ASP C 315 -38.81 8.73 -39.26
N ARG C 316 -38.40 8.78 -40.51
CA ARG C 316 -37.01 8.49 -40.85
C ARG C 316 -36.48 9.34 -41.99
N ARG C 317 -35.23 9.79 -41.84
CA ARG C 317 -34.53 10.50 -42.90
C ARG C 317 -33.07 10.09 -42.94
N GLY C 318 -32.65 9.53 -44.07
CA GLY C 318 -31.25 9.21 -44.27
C GLY C 318 -30.49 10.45 -44.69
N SER C 319 -29.56 10.88 -43.83
CA SER C 319 -28.77 12.06 -44.11
C SER C 319 -27.53 12.11 -43.22
N ALA C 320 -26.49 12.77 -43.70
CA ALA C 320 -25.26 12.95 -42.95
C ALA C 320 -24.99 14.43 -42.73
N VAL C 321 -24.71 14.79 -41.49
CA VAL C 321 -24.46 16.18 -41.12
C VAL C 321 -23.10 16.27 -40.43
N SER C 322 -22.29 17.27 -40.80
CA SER C 322 -20.97 17.46 -40.22
C SER C 322 -20.19 16.15 -40.24
N SER C 323 -20.29 15.42 -41.35
CA SER C 323 -19.76 14.06 -41.40
C SER C 323 -18.94 13.80 -42.66
N VAL C 324 -18.25 12.66 -42.65
CA VAL C 324 -17.46 12.21 -43.78
C VAL C 324 -17.89 10.79 -44.15
N VAL C 325 -18.32 10.61 -45.40
CA VAL C 325 -18.89 9.34 -45.84
C VAL C 325 -18.19 8.82 -47.10
N SER C 326 -17.69 7.59 -47.04
CA SER C 326 -16.98 7.01 -48.16
C SER C 326 -17.91 6.29 -49.13
N GLY C 327 -17.33 5.63 -50.14
CA GLY C 327 -18.10 4.97 -51.17
C GLY C 327 -18.76 3.69 -50.70
N ASP C 328 -19.69 3.18 -51.50
CA ASP C 328 -20.41 1.94 -51.22
C ASP C 328 -21.17 2.02 -49.89
N CYS C 329 -21.42 3.24 -49.42
CA CYS C 329 -22.18 3.43 -48.20
C CYS C 329 -23.64 3.69 -48.53
N ILE C 330 -24.54 2.99 -47.86
CA ILE C 330 -25.97 3.24 -47.99
C ILE C 330 -26.54 3.66 -46.65
N ILE C 331 -26.90 4.93 -46.55
CA ILE C 331 -27.48 5.48 -45.34
C ILE C 331 -29.00 5.47 -45.49
N SER C 332 -29.64 4.41 -45.01
CA SER C 332 -31.05 4.21 -45.26
C SER C 332 -31.90 5.19 -44.47
N GLY C 333 -32.56 4.75 -43.42
CA GLY C 333 -33.34 5.69 -42.62
C GLY C 333 -32.53 6.22 -41.45
N ALA C 334 -31.22 6.28 -41.63
CA ALA C 334 -30.31 6.59 -40.54
C ALA C 334 -29.86 8.05 -40.53
N ALA C 335 -29.73 8.60 -39.32
CA ALA C 335 -29.28 9.98 -39.16
C ALA C 335 -27.87 9.99 -38.59
N LEU C 336 -26.93 10.54 -39.35
CA LEU C 336 -25.54 10.62 -38.92
C LEU C 336 -25.13 12.05 -38.67
N ASN C 337 -24.37 12.28 -37.60
CA ASN C 337 -23.75 13.58 -37.40
C ASN C 337 -22.41 13.47 -36.66
N ARG C 338 -21.48 14.32 -37.05
CA ARG C 338 -20.10 14.29 -36.60
C ARG C 338 -19.55 12.86 -36.61
N SER C 339 -19.71 12.18 -37.74
CA SER C 339 -19.27 10.80 -37.87
C SER C 339 -18.39 10.60 -39.11
N LEU C 340 -17.47 9.65 -39.02
CA LEU C 340 -16.61 9.29 -40.14
C LEU C 340 -16.90 7.85 -40.55
N LEU C 341 -17.37 7.68 -41.78
CA LEU C 341 -17.71 6.35 -42.28
C LEU C 341 -16.76 5.87 -43.36
N PHE C 342 -16.11 4.74 -43.12
CA PHE C 342 -15.25 4.12 -44.11
C PHE C 342 -16.11 3.41 -45.16
N THR C 343 -15.46 2.73 -46.10
CA THR C 343 -16.15 2.16 -47.24
C THR C 343 -17.10 1.02 -46.88
N GLY C 344 -18.28 1.01 -47.51
CA GLY C 344 -19.17 -0.13 -47.46
C GLY C 344 -20.07 -0.26 -46.25
N VAL C 345 -20.27 0.84 -45.53
CA VAL C 345 -21.12 0.81 -44.33
C VAL C 345 -22.60 0.83 -44.69
N ARG C 346 -23.38 0.00 -44.01
CA ARG C 346 -24.83 0.00 -44.17
C ARG C 346 -25.49 0.47 -42.88
N ALA C 347 -26.10 1.66 -42.92
CA ALA C 347 -26.84 2.17 -41.78
C ALA C 347 -28.32 2.16 -42.12
N ASN C 348 -29.12 1.47 -41.30
CA ASN C 348 -30.51 1.21 -41.66
C ASN C 348 -31.52 2.01 -40.85
N SER C 349 -32.79 1.88 -41.22
CA SER C 349 -33.85 2.79 -40.77
C SER C 349 -33.94 2.99 -39.27
N TYR C 350 -34.23 4.24 -38.89
CA TYR C 350 -34.48 4.64 -37.50
C TYR C 350 -33.24 4.53 -36.61
N SER C 351 -32.09 4.27 -37.21
CA SER C 351 -30.84 4.25 -36.46
C SER C 351 -30.17 5.62 -36.45
N ARG C 352 -29.26 5.82 -35.50
CA ARG C 352 -28.58 7.10 -35.34
C ARG C 352 -27.10 6.90 -34.99
N LEU C 353 -26.25 7.72 -35.60
CA LEU C 353 -24.83 7.74 -35.26
C LEU C 353 -24.38 9.14 -34.87
N GLU C 354 -23.69 9.26 -33.75
CA GLU C 354 -23.14 10.52 -33.28
C GLU C 354 -21.71 10.30 -32.81
N ASN C 355 -20.80 11.20 -33.21
CA ASN C 355 -19.40 11.12 -32.82
C ASN C 355 -18.81 9.72 -33.04
N ALA C 356 -19.02 9.18 -34.23
CA ALA C 356 -18.67 7.79 -34.50
C ALA C 356 -17.62 7.64 -35.59
N VAL C 357 -16.58 6.86 -35.27
CA VAL C 357 -15.62 6.41 -36.28
C VAL C 357 -16.01 5.00 -36.70
N VAL C 358 -16.49 4.85 -37.93
CA VAL C 358 -17.06 3.60 -38.38
C VAL C 358 -16.21 2.94 -39.47
N LEU C 359 -15.49 1.88 -39.09
CA LEU C 359 -14.57 1.18 -39.98
C LEU C 359 -15.34 0.45 -41.11
N PRO C 360 -14.62 -0.05 -42.14
CA PRO C 360 -15.33 -0.58 -43.31
C PRO C 360 -16.31 -1.74 -43.09
N SER C 361 -17.33 -1.79 -43.94
CA SER C 361 -18.27 -2.92 -44.03
C SER C 361 -19.09 -3.15 -42.76
N VAL C 362 -19.23 -2.10 -41.95
CA VAL C 362 -20.04 -2.18 -40.74
C VAL C 362 -21.52 -2.08 -41.09
N LYS C 363 -22.35 -2.87 -40.41
CA LYS C 363 -23.79 -2.78 -40.57
C LYS C 363 -24.43 -2.26 -39.29
N ILE C 364 -25.28 -1.23 -39.44
CA ILE C 364 -25.99 -0.65 -38.30
C ILE C 364 -27.45 -1.06 -38.34
N GLY C 365 -27.86 -1.89 -37.38
CA GLY C 365 -29.22 -2.38 -37.34
C GLY C 365 -30.24 -1.28 -37.09
N ARG C 366 -31.49 -1.56 -37.45
CA ARG C 366 -32.59 -0.62 -37.21
C ARG C 366 -32.72 -0.23 -35.74
N HIS C 367 -33.10 1.02 -35.51
CA HIS C 367 -33.39 1.55 -34.18
C HIS C 367 -32.18 1.63 -33.25
N ALA C 368 -31.00 1.30 -33.76
CA ALA C 368 -29.80 1.39 -32.95
C ALA C 368 -29.36 2.85 -32.81
N GLN C 369 -28.80 3.20 -31.65
CA GLN C 369 -28.31 4.55 -31.42
C GLN C 369 -26.95 4.50 -30.75
N LEU C 370 -25.92 4.96 -31.47
CA LEU C 370 -24.55 4.86 -30.98
C LEU C 370 -23.89 6.24 -30.90
N SER C 371 -23.30 6.55 -29.76
CA SER C 371 -22.61 7.82 -29.57
C SER C 371 -21.23 7.64 -28.97
N ASN C 372 -20.27 8.42 -29.47
CA ASN C 372 -18.88 8.36 -29.02
C ASN C 372 -18.29 6.96 -29.12
N VAL C 373 -18.24 6.43 -30.34
CA VAL C 373 -17.80 5.06 -30.55
C VAL C 373 -16.78 4.90 -31.68
N VAL C 374 -15.99 3.84 -31.57
CA VAL C 374 -15.20 3.33 -32.69
C VAL C 374 -15.70 1.92 -32.97
N ILE C 375 -16.25 1.71 -34.16
CA ILE C 375 -16.78 0.41 -34.53
C ILE C 375 -15.80 -0.30 -35.46
N ASP C 376 -15.33 -1.48 -35.04
CA ASP C 376 -14.33 -2.23 -35.78
C ASP C 376 -14.82 -2.68 -37.15
N HIS C 377 -13.88 -3.06 -38.02
CA HIS C 377 -14.16 -3.55 -39.36
C HIS C 377 -15.18 -4.70 -39.40
N GLY C 378 -16.22 -4.53 -40.21
CA GLY C 378 -17.16 -5.60 -40.50
C GLY C 378 -18.18 -5.93 -39.41
N VAL C 379 -18.18 -5.16 -38.33
CA VAL C 379 -19.09 -5.40 -37.21
C VAL C 379 -20.56 -5.23 -37.62
N VAL C 380 -21.40 -6.16 -37.20
CA VAL C 380 -22.84 -6.09 -37.48
C VAL C 380 -23.61 -5.69 -36.23
N ILE C 381 -23.91 -4.39 -36.11
CA ILE C 381 -24.63 -3.88 -34.94
C ILE C 381 -26.05 -4.39 -34.90
N PRO C 382 -26.42 -5.04 -33.79
CA PRO C 382 -27.78 -5.60 -33.68
C PRO C 382 -28.84 -4.51 -33.62
N GLU C 383 -30.04 -4.83 -34.09
CA GLU C 383 -31.15 -3.90 -34.07
C GLU C 383 -31.49 -3.45 -32.66
N GLY C 384 -31.55 -2.14 -32.45
CA GLY C 384 -31.99 -1.58 -31.19
C GLY C 384 -30.91 -1.37 -30.13
N LEU C 385 -29.66 -1.65 -30.48
CA LEU C 385 -28.55 -1.48 -29.54
C LEU C 385 -28.29 -0.01 -29.24
N ILE C 386 -28.12 0.30 -27.95
CA ILE C 386 -27.85 1.66 -27.51
C ILE C 386 -26.48 1.75 -26.86
N VAL C 387 -25.65 2.67 -27.34
CA VAL C 387 -24.36 2.93 -26.73
C VAL C 387 -24.19 4.43 -26.50
N GLY C 388 -23.63 4.79 -25.35
CA GLY C 388 -23.38 6.18 -25.02
C GLY C 388 -24.43 6.78 -24.11
N GLU C 389 -25.38 5.95 -23.69
CA GLU C 389 -26.46 6.40 -22.81
C GLU C 389 -26.22 5.95 -21.37
N ASP C 390 -25.67 4.75 -21.23
CA ASP C 390 -25.40 4.16 -19.92
C ASP C 390 -23.94 3.78 -19.81
N PRO C 391 -23.13 4.65 -19.18
CA PRO C 391 -21.69 4.44 -19.04
C PRO C 391 -21.33 3.11 -18.39
N GLU C 392 -21.98 2.80 -17.28
CA GLU C 392 -21.75 1.56 -16.54
C GLU C 392 -21.98 0.36 -17.46
N LEU C 393 -23.11 0.37 -18.14
CA LEU C 393 -23.51 -0.70 -19.03
C LEU C 393 -22.58 -0.81 -20.23
N ASP C 394 -22.21 0.33 -20.80
CA ASP C 394 -21.31 0.36 -21.95
C ASP C 394 -19.93 -0.17 -21.57
N ALA C 395 -19.49 0.17 -20.36
CA ALA C 395 -18.21 -0.28 -19.85
C ALA C 395 -18.21 -1.80 -19.65
N LYS C 396 -19.36 -2.32 -19.24
CA LYS C 396 -19.50 -3.75 -19.04
C LYS C 396 -19.49 -4.50 -20.37
N ARG C 397 -20.19 -3.94 -21.35
CA ARG C 397 -20.31 -4.58 -22.66
C ARG C 397 -19.07 -4.41 -23.53
N PHE C 398 -18.55 -3.19 -23.59
CA PHE C 398 -17.47 -2.86 -24.52
C PHE C 398 -16.24 -2.28 -23.82
N ARG C 399 -15.26 -1.88 -24.62
CA ARG C 399 -14.06 -1.25 -24.09
C ARG C 399 -14.26 0.25 -23.94
N ARG C 400 -14.60 0.69 -22.73
CA ARG C 400 -14.92 2.10 -22.53
C ARG C 400 -13.69 2.86 -22.07
N THR C 401 -13.30 3.85 -22.85
CA THR C 401 -12.11 4.63 -22.53
C THR C 401 -12.39 5.53 -21.35
N GLU C 402 -11.35 6.23 -20.93
CA GLU C 402 -11.40 7.12 -19.78
C GLU C 402 -12.35 8.29 -20.04
N SER C 403 -12.53 8.65 -21.31
CA SER C 403 -13.31 9.82 -21.67
C SER C 403 -14.64 9.48 -22.34
N GLY C 404 -15.03 8.21 -22.29
CA GLY C 404 -16.34 7.81 -22.76
C GLY C 404 -16.45 7.29 -24.19
N ILE C 405 -15.33 6.95 -24.80
CA ILE C 405 -15.33 6.41 -26.16
C ILE C 405 -15.44 4.88 -26.16
N CYS C 406 -16.40 4.35 -26.92
CA CYS C 406 -16.58 2.90 -27.01
C CYS C 406 -15.97 2.23 -28.22
N LEU C 407 -15.05 1.30 -27.95
CA LEU C 407 -14.52 0.42 -28.98
C LEU C 407 -15.40 -0.81 -29.05
N ILE C 408 -16.03 -1.03 -30.21
CA ILE C 408 -16.99 -2.11 -30.35
C ILE C 408 -16.55 -3.15 -31.38
N THR C 409 -16.15 -4.33 -30.90
CA THR C 409 -15.74 -5.42 -31.76
CA THR C 409 -15.78 -5.40 -31.80
C THR C 409 -16.88 -6.44 -31.86
N GLN C 410 -16.84 -7.29 -32.88
CA GLN C 410 -17.86 -8.31 -33.06
C GLN C 410 -17.83 -9.30 -31.90
N SER C 411 -16.62 -9.56 -31.39
CA SER C 411 -16.43 -10.49 -30.28
C SER C 411 -17.08 -10.00 -29.00
N MET C 412 -17.32 -8.69 -28.92
CA MET C 412 -18.03 -8.11 -27.79
C MET C 412 -19.53 -8.22 -27.98
N ILE C 413 -19.96 -8.16 -29.23
CA ILE C 413 -21.37 -8.19 -29.58
C ILE C 413 -21.96 -9.61 -29.50
N ASP C 414 -21.14 -10.61 -29.82
CA ASP C 414 -21.59 -12.00 -29.77
C ASP C 414 -21.93 -12.44 -28.34
N LYS C 415 -21.35 -11.76 -27.37
CA LYS C 415 -21.59 -12.05 -25.96
C LYS C 415 -22.88 -11.41 -25.43
N LEU C 416 -23.57 -10.67 -26.30
CA LEU C 416 -24.69 -9.85 -25.84
C LEU C 416 -26.01 -10.61 -25.69
N ASP C 417 -26.47 -10.67 -24.45
CA ASP C 417 -27.85 -11.00 -24.14
C ASP C 417 -28.35 -9.86 -23.26
N LEU C 418 -27.40 -9.03 -22.83
CA LEU C 418 -27.68 -7.80 -22.10
C LEU C 418 -26.45 -6.91 -22.12
N VAL D 4 -2.79 -63.27 1.84
CA VAL D 4 -2.36 -63.38 3.22
C VAL D 4 -1.10 -62.55 3.49
N GLN D 5 -1.07 -61.90 4.65
CA GLN D 5 0.10 -61.12 5.07
C GLN D 5 1.29 -62.02 5.34
N PRO D 6 2.50 -61.54 5.04
CA PRO D 6 3.72 -62.29 5.36
C PRO D 6 3.90 -62.43 6.87
N LEU D 7 4.39 -63.58 7.31
CA LEU D 7 4.53 -63.84 8.73
C LEU D 7 5.69 -63.05 9.34
N ALA D 8 6.68 -62.74 8.51
CA ALA D 8 7.88 -62.03 8.96
C ALA D 8 7.55 -60.63 9.48
N ARG D 9 6.42 -60.08 9.03
CA ARG D 9 5.93 -58.79 9.54
C ARG D 9 5.74 -58.82 11.05
N ASP D 10 5.35 -59.98 11.57
CA ASP D 10 5.04 -60.11 12.98
C ASP D 10 6.07 -60.95 13.72
N ALA D 11 7.27 -61.03 13.14
CA ALA D 11 8.34 -61.82 13.73
C ALA D 11 9.48 -60.94 14.23
N MET D 12 10.23 -61.48 15.20
CA MET D 12 11.42 -60.82 15.71
C MET D 12 12.59 -61.79 15.66
N ALA D 13 13.66 -61.42 14.96
CA ALA D 13 14.85 -62.24 14.90
C ALA D 13 15.70 -61.99 16.14
N TYR D 14 16.01 -63.06 16.86
CA TYR D 14 16.83 -62.97 18.06
C TYR D 14 18.14 -63.71 17.84
N VAL D 15 19.22 -62.95 17.67
CA VAL D 15 20.49 -63.54 17.30
C VAL D 15 21.41 -63.76 18.50
N LEU D 16 21.86 -65.01 18.67
CA LEU D 16 22.78 -65.37 19.73
C LEU D 16 24.24 -65.18 19.28
N ALA D 17 24.88 -64.13 19.77
CA ALA D 17 26.21 -63.77 19.32
C ALA D 17 27.26 -63.83 20.42
N GLY D 18 27.06 -64.74 21.38
CA GLY D 18 27.95 -64.86 22.51
C GLY D 18 29.02 -65.92 22.35
N GLY D 19 29.08 -66.54 21.17
CA GLY D 19 30.06 -67.58 20.89
C GLY D 19 31.50 -67.10 21.04
N ARG D 20 32.32 -67.88 21.73
CA ARG D 20 33.69 -67.46 22.00
C ARG D 20 34.68 -67.97 20.96
N GLY D 21 34.27 -68.99 20.21
CA GLY D 21 35.13 -69.57 19.18
C GLY D 21 36.47 -70.00 19.73
N SER D 22 36.45 -70.93 20.68
CA SER D 22 37.66 -71.36 21.37
C SER D 22 38.68 -72.02 20.45
N ARG D 23 38.21 -72.84 19.51
CA ARG D 23 39.10 -73.52 18.58
C ARG D 23 39.77 -72.57 17.59
N LEU D 24 39.23 -71.36 17.46
CA LEU D 24 39.83 -70.35 16.60
C LEU D 24 41.05 -69.72 17.27
N LYS D 25 41.27 -70.11 18.53
CA LYS D 25 42.45 -69.70 19.28
C LYS D 25 42.65 -68.19 19.32
N GLU D 26 43.81 -67.74 18.85
CA GLU D 26 44.20 -66.34 18.96
C GLU D 26 43.36 -65.43 18.09
N LEU D 27 42.67 -66.00 17.11
CA LEU D 27 41.81 -65.23 16.22
C LEU D 27 40.65 -64.62 17.00
N THR D 28 40.30 -65.25 18.12
CA THR D 28 39.21 -64.76 18.97
C THR D 28 39.68 -64.43 20.38
N ASP D 29 40.94 -64.05 20.53
CA ASP D 29 41.46 -63.69 21.84
C ASP D 29 40.85 -62.38 22.35
N ARG D 30 40.65 -61.43 21.45
CA ARG D 30 40.15 -60.11 21.82
C ARG D 30 38.89 -59.74 21.03
N ARG D 31 38.21 -60.76 20.50
CA ARG D 31 36.96 -60.55 19.79
C ARG D 31 36.11 -61.82 19.82
N ALA D 32 34.80 -61.65 19.73
CA ALA D 32 33.89 -62.79 19.68
C ALA D 32 33.90 -63.40 18.28
N LYS D 33 33.51 -64.67 18.18
CA LYS D 33 33.44 -65.33 16.88
C LYS D 33 32.52 -64.64 15.86
N PRO D 34 31.34 -64.14 16.30
CA PRO D 34 30.52 -63.42 15.32
C PRO D 34 31.19 -62.17 14.75
N ALA D 35 32.16 -61.61 15.48
CA ALA D 35 32.86 -60.42 15.04
C ALA D 35 34.06 -60.74 14.15
N VAL D 36 34.29 -62.03 13.92
CA VAL D 36 35.41 -62.46 13.07
C VAL D 36 35.11 -62.11 11.62
N TYR D 37 36.11 -61.55 10.95
CA TYR D 37 35.98 -61.13 9.56
C TYR D 37 35.79 -62.31 8.61
N PHE D 38 35.04 -62.07 7.54
CA PHE D 38 34.85 -63.08 6.49
C PHE D 38 34.51 -62.48 5.13
N GLY D 39 35.12 -63.03 4.09
CA GLY D 39 34.72 -62.72 2.73
C GLY D 39 35.45 -61.57 2.06
N GLY D 40 36.14 -60.77 2.85
CA GLY D 40 36.86 -59.63 2.31
C GLY D 40 36.42 -58.30 2.88
N LYS D 41 35.17 -58.23 3.34
CA LYS D 41 34.64 -56.98 3.86
C LYS D 41 33.77 -57.17 5.10
N ALA D 42 33.02 -58.27 5.14
CA ALA D 42 32.01 -58.45 6.18
C ALA D 42 32.53 -59.19 7.42
N ARG D 43 31.64 -59.39 8.37
CA ARG D 43 31.90 -60.25 9.52
C ARG D 43 30.86 -61.37 9.53
N ILE D 44 31.10 -62.41 10.31
CA ILE D 44 30.22 -63.58 10.32
C ILE D 44 28.80 -63.23 10.75
N ILE D 45 28.67 -62.34 11.73
CA ILE D 45 27.38 -61.92 12.26
C ILE D 45 26.48 -61.30 11.20
N ASP D 46 27.08 -60.75 10.15
CA ASP D 46 26.34 -60.04 9.10
C ASP D 46 25.43 -60.94 8.29
N PHE D 47 25.76 -62.24 8.24
CA PHE D 47 24.98 -63.16 7.43
C PHE D 47 23.61 -63.45 8.06
N ALA D 48 23.59 -63.81 9.33
CA ALA D 48 22.33 -64.03 10.04
C ALA D 48 21.48 -62.76 10.03
N LEU D 49 22.12 -61.61 10.21
CA LEU D 49 21.42 -60.34 10.24
C LEU D 49 20.84 -59.97 8.88
N SER D 50 21.61 -60.22 7.82
CA SER D 50 21.16 -59.92 6.47
C SER D 50 20.03 -60.87 6.06
N ASN D 51 20.11 -62.11 6.53
CA ASN D 51 19.04 -63.08 6.31
C ASN D 51 17.73 -62.59 6.92
N ALA D 52 17.81 -62.08 8.14
CA ALA D 52 16.64 -61.54 8.84
C ALA D 52 16.05 -60.37 8.05
N LEU D 53 16.92 -59.43 7.68
CA LEU D 53 16.53 -58.27 6.91
C LEU D 53 15.89 -58.65 5.59
N ASN D 54 16.57 -59.47 4.80
CA ASN D 54 16.08 -59.87 3.49
C ASN D 54 14.81 -60.72 3.57
N SER D 55 14.59 -61.36 4.71
CA SER D 55 13.39 -62.18 4.90
C SER D 55 12.19 -61.32 5.25
N GLY D 56 12.45 -60.04 5.50
CA GLY D 56 11.40 -59.10 5.84
C GLY D 56 11.16 -58.96 7.33
N ILE D 57 12.08 -59.48 8.13
CA ILE D 57 11.98 -59.37 9.57
C ILE D 57 12.49 -58.00 10.01
N ARG D 58 11.63 -57.23 10.67
CA ARG D 58 11.89 -55.84 10.98
C ARG D 58 12.58 -55.62 12.32
N ARG D 59 12.28 -56.47 13.28
CA ARG D 59 12.84 -56.32 14.61
C ARG D 59 13.93 -57.35 14.83
N ILE D 60 15.11 -56.87 15.24
CA ILE D 60 16.24 -57.74 15.49
C ILE D 60 16.83 -57.47 16.87
N GLY D 61 17.10 -58.54 17.62
CA GLY D 61 17.79 -58.43 18.88
C GLY D 61 19.10 -59.21 18.81
N VAL D 62 20.17 -58.63 19.33
CA VAL D 62 21.47 -59.29 19.32
C VAL D 62 22.05 -59.40 20.72
N ALA D 63 22.07 -60.62 21.25
CA ALA D 63 22.63 -60.86 22.57
C ALA D 63 24.13 -61.13 22.48
N THR D 64 24.91 -60.34 23.22
CA THR D 64 26.35 -60.50 23.24
C THR D 64 26.82 -60.87 24.63
N GLN D 65 27.94 -61.58 24.72
CA GLN D 65 28.46 -62.02 26.02
C GLN D 65 29.91 -61.57 26.23
N TYR D 66 30.88 -62.40 25.85
CA TYR D 66 32.28 -62.13 26.13
C TYR D 66 33.00 -61.50 24.93
N LYS D 67 34.07 -60.78 25.22
CA LYS D 67 34.92 -60.11 24.22
C LYS D 67 34.10 -59.43 23.13
N ALA D 68 33.16 -58.58 23.55
CA ALA D 68 32.12 -58.10 22.64
C ALA D 68 32.25 -56.64 22.21
N HIS D 69 33.30 -55.96 22.66
CA HIS D 69 33.46 -54.53 22.33
C HIS D 69 33.45 -54.29 20.82
N SER D 70 34.25 -55.06 20.10
CA SER D 70 34.38 -54.88 18.66
C SER D 70 33.10 -55.29 17.94
N LEU D 71 32.42 -56.29 18.48
CA LEU D 71 31.16 -56.75 17.91
C LEU D 71 30.09 -55.70 18.09
N ILE D 72 29.98 -55.19 19.31
CA ILE D 72 29.02 -54.13 19.62
C ILE D 72 29.30 -52.89 18.79
N ARG D 73 30.57 -52.54 18.66
CA ARG D 73 30.96 -51.38 17.86
C ARG D 73 30.56 -51.58 16.39
N HIS D 74 30.80 -52.77 15.87
CA HIS D 74 30.41 -53.12 14.51
C HIS D 74 28.91 -52.96 14.30
N LEU D 75 28.13 -53.46 15.24
CA LEU D 75 26.67 -53.35 15.20
C LEU D 75 26.21 -51.90 15.23
N GLN D 76 26.85 -51.08 16.05
CA GLN D 76 26.50 -49.66 16.18
C GLN D 76 26.68 -48.87 14.90
N ARG D 77 27.78 -49.12 14.18
CA ARG D 77 28.11 -48.35 13.00
CA ARG D 77 28.11 -48.35 13.00
C ARG D 77 27.57 -48.98 11.72
N GLY D 78 27.41 -50.30 11.73
CA GLY D 78 26.94 -51.00 10.54
C GLY D 78 25.43 -51.16 10.46
N TRP D 79 24.80 -51.51 11.57
CA TRP D 79 23.36 -51.80 11.58
C TRP D 79 22.60 -50.69 12.30
N ASP D 80 22.70 -49.48 11.75
CA ASP D 80 22.23 -48.28 12.42
C ASP D 80 21.06 -47.60 11.72
N PHE D 81 20.46 -48.27 10.74
CA PHE D 81 19.45 -47.64 9.89
C PHE D 81 18.01 -47.99 10.27
N PHE D 82 17.83 -48.73 11.36
CA PHE D 82 16.48 -49.06 11.83
C PHE D 82 15.86 -47.91 12.61
N ARG D 83 14.62 -47.56 12.27
CA ARG D 83 13.91 -46.50 12.98
C ARG D 83 12.62 -47.03 13.62
N PRO D 84 12.53 -46.94 14.95
CA PRO D 84 11.40 -47.45 15.73
C PRO D 84 10.04 -46.92 15.31
N GLU D 85 9.99 -45.72 14.76
CA GLU D 85 8.71 -45.13 14.35
C GLU D 85 8.24 -45.72 13.02
N ARG D 86 9.10 -46.49 12.36
CA ARG D 86 8.69 -47.22 11.16
C ARG D 86 8.45 -48.70 11.46
N ASN D 87 8.14 -48.98 12.73
CA ASN D 87 7.88 -50.34 13.20
C ASN D 87 9.04 -51.30 12.95
N GLU D 88 10.26 -50.83 13.21
CA GLU D 88 11.43 -51.66 13.08
C GLU D 88 12.44 -51.28 14.15
N SER D 89 13.14 -52.27 14.68
CA SER D 89 14.07 -52.02 15.77
C SER D 89 15.32 -52.86 15.63
N PHE D 90 16.39 -52.41 16.26
CA PHE D 90 17.63 -53.17 16.34
C PHE D 90 18.20 -52.98 17.74
N ASP D 91 18.08 -54.02 18.57
CA ASP D 91 18.51 -53.94 19.95
C ASP D 91 19.80 -54.72 20.19
N ILE D 92 20.79 -54.03 20.74
CA ILE D 92 22.04 -54.66 21.15
C ILE D 92 21.94 -55.00 22.63
N LEU D 93 21.80 -56.29 22.92
CA LEU D 93 21.56 -56.75 24.28
C LEU D 93 22.82 -57.31 24.94
N ALA D 94 23.71 -56.42 25.36
CA ALA D 94 24.99 -56.81 25.95
C ALA D 94 24.80 -57.46 27.32
N ALA D 95 25.64 -58.47 27.59
CA ALA D 95 25.57 -59.19 28.85
C ALA D 95 26.03 -58.33 30.02
N SER D 96 26.87 -57.35 29.72
CA SER D 96 27.37 -56.42 30.74
C SER D 96 26.22 -55.56 31.28
N GLN D 97 25.15 -55.48 30.50
CA GLN D 97 24.05 -54.61 30.83
C GLN D 97 24.32 -53.23 30.27
N ARG D 98 25.37 -53.14 29.46
CA ARG D 98 25.80 -51.89 28.83
C ARG D 98 25.95 -50.75 29.84
N THR D 102 22.35 -61.06 36.80
CA THR D 102 23.42 -60.10 37.04
C THR D 102 24.62 -60.77 37.71
N GLN D 103 25.73 -60.88 36.98
CA GLN D 103 25.78 -60.42 35.60
C GLN D 103 26.14 -61.56 34.66
N TRP D 104 26.18 -61.25 33.36
CA TRP D 104 26.46 -62.20 32.29
C TRP D 104 25.42 -63.31 32.17
N TYR D 105 25.04 -63.61 30.94
CA TYR D 105 24.06 -64.66 30.67
C TYR D 105 24.62 -66.01 31.10
N GLU D 106 23.83 -66.75 31.86
CA GLU D 106 24.23 -68.08 32.31
C GLU D 106 23.95 -69.14 31.24
N GLY D 107 23.52 -68.67 30.07
CA GLY D 107 23.24 -69.55 28.96
C GLY D 107 22.49 -68.84 27.86
N THR D 108 22.16 -69.56 26.79
CA THR D 108 21.47 -68.98 25.65
C THR D 108 19.97 -68.79 25.93
N ALA D 109 19.43 -69.61 26.81
CA ALA D 109 18.04 -69.44 27.23
C ALA D 109 17.94 -68.29 28.20
N ASP D 110 18.99 -68.07 28.97
CA ASP D 110 19.05 -66.95 29.89
C ASP D 110 19.20 -65.65 29.12
N ALA D 111 19.73 -65.75 27.90
CA ALA D 111 19.92 -64.57 27.04
C ALA D 111 18.59 -63.96 26.67
N VAL D 112 17.61 -64.80 26.37
CA VAL D 112 16.28 -64.32 26.00
C VAL D 112 15.45 -64.04 27.26
N TYR D 113 15.61 -64.87 28.28
CA TYR D 113 14.86 -64.70 29.53
C TYR D 113 15.18 -63.37 30.21
N GLN D 114 16.45 -62.98 30.22
CA GLN D 114 16.85 -61.74 30.86
C GLN D 114 16.37 -60.51 30.10
N ASN D 115 15.87 -60.71 28.89
CA ASN D 115 15.45 -59.58 28.05
C ASN D 115 14.00 -59.70 27.59
N ILE D 116 13.15 -60.28 28.41
CA ILE D 116 11.73 -60.35 28.10
C ILE D 116 11.11 -58.97 28.15
N ASP D 117 11.66 -58.09 28.99
CA ASP D 117 11.13 -56.75 29.14
C ASP D 117 11.45 -55.87 27.94
N ILE D 118 12.24 -56.40 27.00
CA ILE D 118 12.51 -55.72 25.74
C ILE D 118 11.62 -56.30 24.64
N ILE D 119 11.48 -57.62 24.64
CA ILE D 119 10.68 -58.32 23.65
C ILE D 119 9.19 -58.01 23.81
N GLU D 120 8.72 -58.07 25.06
CA GLU D 120 7.29 -57.94 25.36
C GLU D 120 6.63 -56.66 24.85
N PRO D 121 7.26 -55.48 25.03
CA PRO D 121 6.63 -54.28 24.48
C PRO D 121 6.42 -54.33 22.97
N TYR D 122 7.32 -55.00 22.26
CA TYR D 122 7.21 -55.15 20.82
C TYR D 122 6.04 -56.05 20.45
N ALA D 123 5.74 -56.97 21.35
CA ALA D 123 4.69 -57.97 21.16
C ALA D 123 4.74 -58.66 19.79
N PRO D 124 5.88 -59.27 19.43
CA PRO D 124 5.90 -59.99 18.17
C PRO D 124 5.12 -61.30 18.27
N GLU D 125 4.54 -61.76 17.17
CA GLU D 125 3.77 -62.99 17.19
C GLU D 125 4.69 -64.21 17.18
N TYR D 126 5.84 -64.08 16.51
CA TYR D 126 6.79 -65.17 16.37
C TYR D 126 8.20 -64.77 16.77
N MET D 127 8.96 -65.72 17.30
CA MET D 127 10.37 -65.51 17.58
C MET D 127 11.21 -66.40 16.68
N VAL D 128 12.19 -65.81 16.00
CA VAL D 128 13.15 -66.56 15.20
C VAL D 128 14.51 -66.50 15.87
N ILE D 129 14.83 -67.54 16.64
CA ILE D 129 16.10 -67.59 17.34
C ILE D 129 17.19 -68.05 16.37
N LEU D 130 18.24 -67.25 16.24
CA LEU D 130 19.31 -67.51 15.29
C LEU D 130 20.67 -67.53 16.01
N ALA D 131 21.58 -68.40 15.56
CA ALA D 131 22.97 -68.35 15.97
C ALA D 131 23.73 -67.41 15.01
N GLY D 132 24.52 -66.50 15.53
CA GLY D 132 25.21 -65.52 14.69
C GLY D 132 26.66 -65.86 14.39
N ASP D 133 27.00 -67.14 14.45
CA ASP D 133 28.36 -67.55 14.17
C ASP D 133 28.45 -68.51 12.98
N HIS D 134 27.43 -68.51 12.13
CA HIS D 134 27.49 -69.34 10.93
C HIS D 134 27.30 -68.53 9.65
N ILE D 135 27.93 -69.01 8.58
CA ILE D 135 27.85 -68.38 7.27
C ILE D 135 26.91 -69.13 6.35
N TYR D 136 25.75 -68.54 6.10
CA TYR D 136 24.71 -69.16 5.29
C TYR D 136 23.71 -68.12 4.83
N LYS D 137 22.94 -68.46 3.80
CA LYS D 137 21.84 -67.61 3.36
C LYS D 137 20.53 -68.39 3.45
N MET D 138 19.49 -67.75 3.97
CA MET D 138 18.26 -68.46 4.28
C MET D 138 17.04 -67.54 4.37
N ASP D 139 15.96 -67.95 3.71
CA ASP D 139 14.70 -67.22 3.71
C ASP D 139 13.81 -67.71 4.85
N TYR D 140 13.71 -66.94 5.92
CA TYR D 140 13.04 -67.39 7.13
C TYR D 140 11.51 -67.44 7.04
N GLU D 141 10.95 -66.94 5.95
CA GLU D 141 9.50 -66.97 5.77
C GLU D 141 9.01 -68.41 5.60
N TYR D 142 9.80 -69.24 4.94
CA TYR D 142 9.51 -70.66 4.79
C TYR D 142 9.32 -71.34 6.14
N MET D 143 10.34 -71.20 6.99
CA MET D 143 10.32 -71.79 8.31
C MET D 143 9.15 -71.28 9.14
N LEU D 144 8.84 -69.99 9.00
CA LEU D 144 7.69 -69.39 9.67
C LEU D 144 6.41 -70.01 9.14
N GLN D 145 6.31 -70.11 7.82
CA GLN D 145 5.12 -70.66 7.18
C GLN D 145 4.91 -72.11 7.58
N GLN D 146 6.00 -72.86 7.72
CA GLN D 146 5.91 -74.25 8.14
C GLN D 146 5.48 -74.35 9.60
N HIS D 147 6.01 -73.48 10.43
CA HIS D 147 5.76 -73.53 11.87
C HIS D 147 4.29 -73.33 12.20
N VAL D 148 3.65 -72.38 11.52
CA VAL D 148 2.25 -72.08 11.80
C VAL D 148 1.32 -73.07 11.11
N ASP D 149 1.83 -73.77 10.11
CA ASP D 149 1.03 -74.77 9.39
C ASP D 149 1.13 -76.14 10.05
N SER D 150 2.09 -76.29 10.95
CA SER D 150 2.37 -77.59 11.58
C SER D 150 1.81 -77.71 12.99
N GLY D 151 1.55 -76.58 13.63
CA GLY D 151 1.03 -76.59 14.99
C GLY D 151 2.10 -76.97 15.99
N ALA D 152 3.35 -76.88 15.58
CA ALA D 152 4.47 -77.26 16.43
C ALA D 152 4.68 -76.29 17.57
N ASP D 153 5.36 -76.75 18.61
CA ASP D 153 5.74 -75.86 19.71
C ASP D 153 7.09 -75.23 19.43
N VAL D 154 7.88 -75.90 18.59
CA VAL D 154 9.13 -75.35 18.09
C VAL D 154 9.49 -75.99 16.75
N THR D 155 9.89 -75.15 15.80
CA THR D 155 10.40 -75.64 14.53
C THR D 155 11.91 -75.44 14.50
N ILE D 156 12.64 -76.47 14.08
CA ILE D 156 14.09 -76.44 14.15
C ILE D 156 14.70 -76.62 12.77
N GLY D 157 15.60 -75.71 12.40
CA GLY D 157 16.28 -75.78 11.12
C GLY D 157 17.36 -76.85 11.15
N CYS D 158 17.41 -77.67 10.11
CA CYS D 158 18.35 -78.79 10.07
C CYS D 158 19.03 -78.97 8.71
N LEU D 159 20.32 -79.28 8.75
CA LEU D 159 21.07 -79.68 7.56
C LEU D 159 20.94 -81.18 7.32
N GLU D 160 20.87 -81.57 6.06
CA GLU D 160 20.92 -82.99 5.71
C GLU D 160 22.36 -83.37 5.37
N VAL D 161 23.05 -84.00 6.32
CA VAL D 161 24.44 -84.37 6.13
C VAL D 161 24.63 -85.89 6.24
N PRO D 162 25.62 -86.43 5.52
CA PRO D 162 25.97 -87.86 5.63
C PRO D 162 26.19 -88.26 7.09
N ARG D 163 25.72 -89.45 7.46
CA ARG D 163 25.78 -89.90 8.85
C ARG D 163 27.21 -89.91 9.39
N MET D 164 28.17 -90.19 8.53
CA MET D 164 29.58 -90.13 8.90
C MET D 164 29.95 -88.72 9.39
N GLU D 165 29.30 -87.71 8.82
CA GLU D 165 29.58 -86.31 9.18
C GLU D 165 28.70 -85.82 10.34
N ALA D 166 27.50 -86.37 10.44
CA ALA D 166 26.53 -85.93 11.45
C ALA D 166 26.97 -86.26 12.88
N THR D 167 28.07 -86.99 13.02
CA THR D 167 28.57 -87.41 14.32
C THR D 167 29.10 -86.23 15.14
N GLY D 168 29.44 -85.14 14.46
CA GLY D 168 30.02 -83.99 15.13
C GLY D 168 29.03 -82.85 15.35
N PHE D 169 27.76 -83.11 15.09
CA PHE D 169 26.72 -82.08 15.22
C PHE D 169 25.75 -82.36 16.34
N GLY D 170 24.62 -81.66 16.31
CA GLY D 170 23.48 -81.97 17.15
C GLY D 170 22.42 -82.56 16.24
N VAL D 171 22.21 -83.87 16.33
CA VAL D 171 21.30 -84.54 15.41
C VAL D 171 19.88 -84.70 15.97
N MET D 172 18.90 -84.41 15.13
CA MET D 172 17.50 -84.65 15.45
C MET D 172 17.04 -85.97 14.87
N HIS D 173 16.45 -86.81 15.71
CA HIS D 173 15.86 -88.06 15.25
C HIS D 173 14.40 -87.80 14.89
N VAL D 174 14.04 -88.03 13.63
CA VAL D 174 12.68 -87.75 13.18
C VAL D 174 11.95 -88.97 12.65
N ASN D 175 10.63 -88.88 12.59
CA ASN D 175 9.80 -89.91 11.95
C ASN D 175 9.54 -89.54 10.50
N GLU D 176 8.50 -90.13 9.91
CA GLU D 176 8.22 -89.90 8.48
C GLU D 176 7.50 -88.58 8.26
N LYS D 177 7.00 -87.97 9.33
CA LYS D 177 6.34 -86.67 9.24
C LYS D 177 7.31 -85.54 9.54
N ASP D 178 8.60 -85.87 9.59
CA ASP D 178 9.64 -84.95 10.00
C ASP D 178 9.36 -84.36 11.38
N GLU D 179 8.79 -85.17 12.26
CA GLU D 179 8.58 -84.78 13.65
C GLU D 179 9.73 -85.32 14.50
N ILE D 180 10.31 -84.45 15.33
CA ILE D 180 11.45 -84.84 16.15
C ILE D 180 11.02 -85.67 17.36
N ILE D 181 11.50 -86.91 17.41
CA ILE D 181 11.14 -87.81 18.50
C ILE D 181 12.21 -87.87 19.58
N ASP D 182 13.42 -87.43 19.25
CA ASP D 182 14.53 -87.43 20.18
C ASP D 182 15.70 -86.59 19.64
N PHE D 183 16.59 -86.16 20.53
CA PHE D 183 17.76 -85.38 20.13
C PHE D 183 19.02 -85.91 20.82
N ILE D 184 20.10 -86.09 20.05
CA ILE D 184 21.36 -86.60 20.59
C ILE D 184 22.52 -85.67 20.26
N GLU D 185 23.31 -85.32 21.28
CA GLU D 185 24.49 -84.48 21.08
C GLU D 185 25.72 -85.32 20.75
N LYS D 186 26.20 -85.19 19.52
CA LYS D 186 27.40 -85.89 19.05
C LYS D 186 27.29 -87.40 19.14
N PRO D 187 26.36 -88.01 18.36
CA PRO D 187 26.16 -89.45 18.42
C PRO D 187 27.25 -90.21 17.69
N ALA D 188 27.73 -91.29 18.29
CA ALA D 188 28.72 -92.14 17.65
C ALA D 188 28.10 -92.77 16.40
N ASP D 189 26.81 -93.05 16.49
CA ASP D 189 26.04 -93.56 15.36
C ASP D 189 24.74 -92.78 15.23
N PRO D 190 24.76 -91.69 14.44
CA PRO D 190 23.61 -90.80 14.28
C PRO D 190 22.42 -91.46 13.59
N PRO D 191 21.21 -91.26 14.14
CA PRO D 191 19.98 -91.82 13.57
C PRO D 191 19.67 -91.24 12.19
N GLY D 192 19.54 -92.11 11.20
CA GLY D 192 19.31 -91.69 9.83
C GLY D 192 17.86 -91.32 9.57
N ILE D 193 17.65 -90.56 8.49
CA ILE D 193 16.31 -90.18 8.06
C ILE D 193 15.55 -91.43 7.60
N PRO D 194 14.30 -91.58 8.06
CA PRO D 194 13.48 -92.72 7.62
C PRO D 194 13.28 -92.73 6.10
N GLY D 195 13.71 -93.79 5.43
CA GLY D 195 13.59 -93.84 3.98
C GLY D 195 14.80 -93.23 3.32
N ASN D 196 15.72 -92.73 4.15
CA ASN D 196 16.94 -92.08 3.68
C ASN D 196 18.09 -92.22 4.68
N GLU D 197 18.40 -93.45 5.08
CA GLU D 197 19.54 -93.67 5.95
C GLU D 197 20.78 -93.25 5.20
N GLY D 198 21.86 -92.98 5.91
CA GLY D 198 23.05 -92.47 5.25
C GLY D 198 23.05 -90.95 5.25
N PHE D 199 21.92 -90.37 5.64
CA PHE D 199 21.81 -88.94 5.86
C PHE D 199 21.05 -88.67 7.15
N ALA D 200 21.59 -87.78 7.97
CA ALA D 200 20.96 -87.44 9.24
C ALA D 200 20.63 -85.97 9.29
N LEU D 201 19.81 -85.57 10.27
CA LEU D 201 19.42 -84.17 10.43
C LEU D 201 20.30 -83.48 11.46
N ALA D 202 21.18 -82.62 10.99
CA ALA D 202 22.05 -81.85 11.86
C ALA D 202 21.42 -80.51 12.21
N SER D 203 21.19 -80.27 13.49
CA SER D 203 20.60 -79.03 13.95
C SER D 203 21.53 -77.86 13.69
N MET D 204 21.02 -76.83 13.03
CA MET D 204 21.83 -75.65 12.74
C MET D 204 21.47 -74.48 13.65
N GLY D 205 20.97 -74.79 14.85
CA GLY D 205 20.75 -73.81 15.89
C GLY D 205 19.78 -72.71 15.52
N ILE D 206 18.83 -73.02 14.65
CA ILE D 206 17.79 -72.08 14.27
C ILE D 206 16.44 -72.57 14.78
N TYR D 207 15.79 -71.76 15.61
CA TYR D 207 14.54 -72.19 16.24
C TYR D 207 13.43 -71.16 16.04
N VAL D 208 12.27 -71.63 15.60
CA VAL D 208 11.11 -70.77 15.49
C VAL D 208 10.08 -71.12 16.57
N PHE D 209 9.60 -70.10 17.27
CA PHE D 209 8.58 -70.28 18.31
C PHE D 209 7.39 -69.36 18.09
N HIS D 210 6.29 -69.65 18.78
CA HIS D 210 5.32 -68.63 19.09
C HIS D 210 5.87 -67.90 20.30
N THR D 211 5.88 -66.57 20.26
CA THR D 211 6.49 -65.79 21.33
C THR D 211 5.84 -66.09 22.67
N LYS D 212 4.53 -66.33 22.64
CA LYS D 212 3.79 -66.66 23.86
C LYS D 212 4.31 -67.97 24.48
N PHE D 213 4.47 -68.99 23.65
CA PHE D 213 5.00 -70.28 24.10
C PHE D 213 6.43 -70.14 24.61
N LEU D 214 7.25 -69.43 23.84
CA LEU D 214 8.68 -69.28 24.15
C LEU D 214 8.91 -68.62 25.51
N MET D 215 8.11 -67.61 25.82
CA MET D 215 8.25 -66.90 27.09
C MET D 215 8.00 -67.84 28.26
N GLU D 216 6.93 -68.62 28.21
CA GLU D 216 6.64 -69.63 29.22
C GLU D 216 7.79 -70.60 29.38
N ALA D 217 8.25 -71.11 28.24
CA ALA D 217 9.31 -72.12 28.20
C ALA D 217 10.60 -71.63 28.84
N LEU D 218 10.75 -70.31 28.93
CA LEU D 218 11.94 -69.70 29.50
C LEU D 218 11.75 -69.33 30.97
N ARG D 219 10.52 -69.01 31.34
CA ARG D 219 10.19 -68.80 32.74
C ARG D 219 10.39 -70.12 33.47
N ARG D 220 9.97 -71.20 32.83
CA ARG D 220 10.08 -72.54 33.38
C ARG D 220 11.54 -72.95 33.51
N ASP D 221 12.32 -72.65 32.48
CA ASP D 221 13.74 -73.00 32.45
C ASP D 221 14.53 -72.23 33.50
N ALA D 222 14.13 -70.98 33.75
CA ALA D 222 14.82 -70.13 34.71
C ALA D 222 14.50 -70.55 36.14
N ALA D 223 13.32 -71.12 36.33
CA ALA D 223 12.88 -71.58 37.64
C ALA D 223 13.31 -73.01 37.90
N ASP D 224 14.44 -73.39 37.30
CA ASP D 224 14.95 -74.75 37.40
C ASP D 224 16.46 -74.75 37.60
N PRO D 225 16.91 -75.06 38.83
CA PRO D 225 18.34 -75.11 39.18
C PRO D 225 19.08 -76.20 38.41
N THR D 226 18.35 -77.16 37.87
CA THR D 226 18.94 -78.26 37.11
C THR D 226 19.49 -77.78 35.76
N SER D 227 18.71 -76.95 35.09
CA SER D 227 19.01 -76.50 33.73
C SER D 227 20.37 -75.86 33.56
N SER D 228 20.95 -76.02 32.37
CA SER D 228 22.16 -75.32 31.98
C SER D 228 21.79 -74.02 31.29
N ARG D 229 20.49 -73.74 31.25
CA ARG D 229 19.93 -72.51 30.69
C ARG D 229 20.28 -72.33 29.21
N ASP D 230 20.18 -73.39 28.43
CA ASP D 230 20.52 -73.33 27.02
C ASP D 230 19.42 -73.91 26.13
N PHE D 231 19.27 -73.33 24.94
CA PHE D 231 18.31 -73.82 23.96
C PHE D 231 18.65 -75.25 23.54
N GLY D 232 19.90 -75.47 23.19
CA GLY D 232 20.35 -76.76 22.69
C GLY D 232 20.29 -77.87 23.72
N LYS D 233 20.81 -77.61 24.92
CA LYS D 233 20.88 -78.62 25.97
C LYS D 233 19.56 -78.80 26.70
N ASP D 234 18.88 -77.70 27.00
CA ASP D 234 17.73 -77.74 27.91
C ASP D 234 16.39 -77.53 27.22
N ILE D 235 16.13 -76.30 26.77
CA ILE D 235 14.83 -75.93 26.20
C ILE D 235 14.32 -76.90 25.14
N ILE D 236 15.12 -77.12 24.11
CA ILE D 236 14.70 -77.93 22.98
C ILE D 236 14.43 -79.39 23.32
N PRO D 237 15.36 -80.08 24.02
CA PRO D 237 15.06 -81.49 24.32
C PRO D 237 13.80 -81.69 25.17
N TYR D 238 13.42 -80.69 25.95
CA TYR D 238 12.25 -80.84 26.82
C TYR D 238 10.97 -80.72 26.00
N ILE D 239 11.09 -80.12 24.81
CA ILE D 239 9.96 -79.96 23.92
C ILE D 239 9.83 -81.14 22.96
N VAL D 240 10.95 -81.70 22.53
CA VAL D 240 10.91 -82.85 21.62
C VAL D 240 10.26 -84.05 22.31
N GLU D 241 10.26 -84.04 23.63
CA GLU D 241 9.66 -85.11 24.40
C GLU D 241 8.25 -84.76 24.88
N HIS D 242 8.15 -83.71 25.68
CA HIS D 242 6.90 -83.35 26.32
C HIS D 242 5.95 -82.57 25.40
N GLY D 243 6.47 -82.07 24.29
CA GLY D 243 5.67 -81.29 23.36
C GLY D 243 5.82 -81.74 21.92
N LYS D 244 5.77 -80.78 20.99
CA LYS D 244 5.85 -81.11 19.58
C LYS D 244 6.97 -80.33 18.88
N ALA D 245 8.08 -81.01 18.60
CA ALA D 245 9.18 -80.39 17.87
C ALA D 245 9.23 -80.94 16.45
N VAL D 246 9.34 -80.05 15.47
CA VAL D 246 9.33 -80.42 14.06
C VAL D 246 10.58 -79.89 13.36
N ALA D 247 11.16 -80.71 12.47
CA ALA D 247 12.39 -80.33 11.78
C ALA D 247 12.11 -79.60 10.47
N HIS D 248 12.85 -78.51 10.24
CA HIS D 248 12.78 -77.81 8.96
C HIS D 248 14.07 -78.01 8.18
N ARG D 249 13.95 -78.43 6.93
CA ARG D 249 15.11 -78.74 6.11
C ARG D 249 15.70 -77.50 5.45
N PHE D 250 17.02 -77.37 5.53
CA PHE D 250 17.73 -76.20 5.02
C PHE D 250 17.55 -76.01 3.51
N ALA D 251 17.53 -77.10 2.75
CA ALA D 251 17.40 -77.00 1.29
C ALA D 251 16.08 -76.38 0.86
N ASP D 252 15.08 -76.46 1.74
CA ASP D 252 13.76 -75.94 1.42
C ASP D 252 13.75 -74.41 1.41
N SER D 253 14.59 -73.81 2.24
CA SER D 253 14.57 -72.36 2.41
C SER D 253 15.90 -71.70 2.06
N CYS D 254 16.93 -72.50 1.83
CA CYS D 254 18.25 -71.97 1.49
C CYS D 254 18.20 -71.11 0.24
N VAL D 255 18.70 -69.89 0.35
CA VAL D 255 18.78 -68.98 -0.79
C VAL D 255 20.00 -69.33 -1.61
N ARG D 256 19.76 -69.91 -2.78
CA ARG D 256 20.82 -70.47 -3.60
C ARG D 256 20.90 -69.78 -4.95
N SER D 257 21.95 -68.98 -5.15
CA SER D 257 22.18 -68.30 -6.41
C SER D 257 22.35 -69.29 -7.56
N ASP D 258 22.20 -68.82 -8.79
CA ASP D 258 22.35 -69.66 -9.96
C ASP D 258 23.77 -70.21 -10.07
N PHE D 259 24.71 -69.52 -9.41
CA PHE D 259 26.12 -69.87 -9.49
C PHE D 259 26.61 -70.62 -8.26
N GLU D 260 25.68 -71.27 -7.56
CA GLU D 260 26.02 -72.07 -6.39
C GLU D 260 25.68 -73.54 -6.64
N HIS D 261 26.54 -74.46 -6.20
CA HIS D 261 26.42 -75.86 -6.58
C HIS D 261 25.68 -76.74 -5.56
N GLU D 262 25.42 -76.19 -4.37
CA GLU D 262 24.66 -76.89 -3.34
C GLU D 262 24.28 -75.87 -2.25
N PRO D 263 23.40 -76.25 -1.30
CA PRO D 263 23.16 -75.33 -0.18
C PRO D 263 24.43 -75.04 0.63
N TYR D 264 24.73 -73.76 0.80
CA TYR D 264 25.95 -73.34 1.47
C TYR D 264 25.73 -73.09 2.95
N TRP D 265 26.47 -73.81 3.79
CA TRP D 265 26.48 -73.57 5.23
C TRP D 265 27.86 -73.88 5.79
N ARG D 266 28.43 -72.92 6.51
CA ARG D 266 29.74 -73.12 7.12
C ARG D 266 29.75 -72.71 8.60
N ASP D 267 30.43 -73.49 9.41
CA ASP D 267 30.56 -73.23 10.84
C ASP D 267 31.86 -72.48 11.14
N VAL D 268 32.81 -72.57 10.22
CA VAL D 268 34.19 -72.09 10.37
C VAL D 268 34.70 -72.14 11.81
N GLY D 269 34.57 -73.30 12.45
CA GLY D 269 34.90 -73.46 13.84
C GLY D 269 36.37 -73.63 14.15
N THR D 270 37.14 -74.04 13.14
CA THR D 270 38.58 -74.26 13.32
C THR D 270 39.39 -73.33 12.41
N ILE D 271 40.68 -73.19 12.71
CA ILE D 271 41.57 -72.36 11.92
C ILE D 271 41.63 -72.87 10.48
N ASP D 272 41.61 -74.19 10.35
CA ASP D 272 41.61 -74.83 9.05
C ASP D 272 40.34 -74.51 8.26
N ALA D 273 39.19 -74.69 8.90
CA ALA D 273 37.90 -74.46 8.27
C ALA D 273 37.71 -72.99 7.89
N TYR D 274 38.19 -72.10 8.74
CA TYR D 274 38.12 -70.67 8.47
C TYR D 274 38.94 -70.29 7.26
N TRP D 275 40.18 -70.77 7.22
CA TRP D 275 41.08 -70.51 6.10
C TRP D 275 40.50 -71.01 4.80
N GLN D 276 39.97 -72.24 4.83
CA GLN D 276 39.44 -72.88 3.63
C GLN D 276 38.24 -72.11 3.08
N ALA D 277 37.31 -71.75 3.95
CA ALA D 277 36.10 -71.05 3.55
C ALA D 277 36.41 -69.71 2.87
N ASN D 278 37.43 -69.03 3.35
CA ASN D 278 37.86 -67.77 2.76
C ASN D 278 38.62 -67.95 1.45
N ILE D 279 39.57 -68.88 1.44
CA ILE D 279 40.39 -69.14 0.26
C ILE D 279 39.54 -69.68 -0.90
N ASP D 280 38.49 -70.43 -0.58
CA ASP D 280 37.60 -70.98 -1.60
C ASP D 280 36.91 -69.89 -2.42
N LEU D 281 36.87 -68.67 -1.88
CA LEU D 281 36.26 -67.54 -2.58
C LEU D 281 37.14 -67.06 -3.74
N THR D 282 38.36 -67.56 -3.80
CA THR D 282 39.29 -67.20 -4.87
C THR D 282 39.11 -68.11 -6.08
N ASP D 283 38.26 -69.13 -5.96
CA ASP D 283 38.01 -70.07 -7.04
C ASP D 283 37.33 -69.42 -8.23
N VAL D 284 37.43 -70.05 -9.40
CA VAL D 284 36.73 -69.59 -10.58
C VAL D 284 35.23 -69.60 -10.33
N VAL D 285 34.75 -70.73 -9.82
CA VAL D 285 33.35 -70.88 -9.45
C VAL D 285 33.28 -71.22 -7.97
N PRO D 286 33.14 -70.20 -7.13
CA PRO D 286 33.05 -70.39 -5.68
C PRO D 286 31.74 -71.04 -5.26
N ASP D 287 31.77 -71.81 -4.18
CA ASP D 287 30.55 -72.39 -3.64
C ASP D 287 29.65 -71.28 -3.09
N LEU D 288 30.28 -70.24 -2.55
CA LEU D 288 29.55 -69.07 -2.05
C LEU D 288 29.63 -67.92 -3.04
N ASP D 289 28.49 -67.57 -3.62
CA ASP D 289 28.44 -66.46 -4.57
C ASP D 289 28.27 -65.13 -3.84
N ILE D 290 29.36 -64.37 -3.75
CA ILE D 290 29.35 -63.09 -3.03
C ILE D 290 28.97 -61.94 -3.96
N TYR D 291 28.66 -62.26 -5.22
CA TYR D 291 28.25 -61.25 -6.19
C TYR D 291 26.76 -61.32 -6.47
N ASP D 292 26.03 -62.04 -5.61
CA ASP D 292 24.61 -62.25 -5.79
C ASP D 292 23.80 -61.08 -5.22
N LYS D 293 23.16 -60.32 -6.11
CA LYS D 293 22.45 -59.11 -5.72
C LYS D 293 21.01 -59.39 -5.27
N SER D 294 20.53 -60.61 -5.49
CA SER D 294 19.17 -60.96 -5.13
C SER D 294 19.02 -61.14 -3.62
N TRP D 295 20.12 -61.50 -2.97
CA TRP D 295 20.12 -61.71 -1.52
C TRP D 295 21.40 -61.15 -0.91
N PRO D 296 21.51 -59.82 -0.86
CA PRO D 296 22.77 -59.15 -0.51
C PRO D 296 23.11 -59.23 0.97
N ILE D 297 24.39 -59.31 1.30
CA ILE D 297 24.84 -59.22 2.67
C ILE D 297 25.25 -57.79 2.99
N TRP D 298 24.58 -57.20 3.97
CA TRP D 298 24.91 -55.86 4.42
C TRP D 298 25.98 -55.96 5.50
N THR D 299 26.83 -54.93 5.60
CA THR D 299 27.88 -54.91 6.59
C THR D 299 28.31 -53.47 6.86
N TYR D 300 29.31 -53.29 7.70
CA TYR D 300 29.89 -51.96 7.86
C TYR D 300 31.00 -51.74 6.85
N ALA D 301 30.81 -50.74 5.99
CA ALA D 301 31.84 -50.37 5.04
C ALA D 301 32.02 -48.86 5.05
N GLU D 302 33.27 -48.43 4.94
CA GLU D 302 33.57 -47.02 4.73
C GLU D 302 33.95 -46.82 3.28
N ILE D 303 33.88 -45.58 2.81
CA ILE D 303 34.34 -45.28 1.47
C ILE D 303 35.85 -45.31 1.49
N THR D 304 36.43 -46.10 0.60
CA THR D 304 37.88 -46.26 0.52
C THR D 304 38.36 -45.98 -0.88
N PRO D 305 39.66 -45.72 -1.05
CA PRO D 305 40.24 -45.68 -2.39
C PRO D 305 40.21 -47.07 -3.02
N PRO D 306 40.37 -47.17 -4.34
CA PRO D 306 40.40 -48.48 -4.98
C PRO D 306 41.68 -49.25 -4.67
N ALA D 307 41.78 -50.49 -5.14
CA ALA D 307 43.01 -51.25 -5.00
C ALA D 307 44.02 -50.79 -6.05
N LYS D 308 45.29 -50.77 -5.67
CA LYS D 308 46.33 -50.24 -6.55
C LYS D 308 47.50 -51.22 -6.69
N PHE D 309 47.97 -51.39 -7.91
CA PHE D 309 49.08 -52.30 -8.19
C PHE D 309 50.19 -51.52 -8.90
N VAL D 310 51.40 -51.56 -8.35
CA VAL D 310 52.51 -50.83 -8.96
C VAL D 310 53.80 -51.65 -9.05
N HIS D 311 54.73 -51.13 -9.84
CA HIS D 311 56.03 -51.74 -10.15
C HIS D 311 55.88 -52.92 -11.12
N ASP D 312 56.74 -52.92 -12.14
CA ASP D 312 56.69 -53.93 -13.19
C ASP D 312 58.03 -54.03 -13.91
N ASP D 313 59.06 -54.45 -13.17
CA ASP D 313 60.39 -54.60 -13.77
C ASP D 313 60.91 -56.03 -13.61
N GLU D 314 62.21 -56.20 -13.79
CA GLU D 314 62.81 -57.54 -13.82
C GLU D 314 62.90 -58.19 -12.45
N ASP D 315 62.71 -57.40 -11.39
CA ASP D 315 62.88 -57.92 -10.03
C ASP D 315 61.59 -57.87 -9.22
N ARG D 316 60.66 -57.01 -9.62
CA ARG D 316 59.43 -56.84 -8.85
C ARG D 316 58.22 -56.48 -9.70
N ARG D 317 57.10 -57.10 -9.40
CA ARG D 317 55.85 -56.82 -10.08
C ARG D 317 54.69 -56.93 -9.11
N GLY D 318 54.05 -55.80 -8.82
CA GLY D 318 52.86 -55.80 -8.00
C GLY D 318 51.67 -56.33 -8.78
N SER D 319 51.20 -57.52 -8.44
CA SER D 319 50.09 -58.13 -9.16
C SER D 319 49.40 -59.20 -8.33
N ALA D 320 48.14 -59.43 -8.63
CA ALA D 320 47.39 -60.50 -7.98
C ALA D 320 46.74 -61.41 -9.02
N VAL D 321 47.01 -62.71 -8.90
CA VAL D 321 46.36 -63.70 -9.75
C VAL D 321 45.57 -64.67 -8.87
N SER D 322 44.45 -65.15 -9.37
CA SER D 322 43.57 -66.06 -8.64
C SER D 322 43.32 -65.57 -7.22
N SER D 323 43.09 -64.27 -7.08
CA SER D 323 42.97 -63.65 -5.77
C SER D 323 41.76 -62.71 -5.67
N VAL D 324 41.43 -62.33 -4.45
CA VAL D 324 40.38 -61.35 -4.18
C VAL D 324 40.97 -60.22 -3.35
N VAL D 325 40.90 -58.99 -3.86
CA VAL D 325 41.47 -57.85 -3.17
CA VAL D 325 41.49 -57.83 -3.20
C VAL D 325 40.44 -56.75 -2.92
N SER D 326 40.46 -56.19 -1.71
CA SER D 326 39.51 -55.16 -1.32
C SER D 326 40.04 -53.74 -1.52
N GLY D 327 39.25 -52.76 -1.12
CA GLY D 327 39.63 -51.36 -1.27
C GLY D 327 40.75 -50.97 -0.34
N ASP D 328 41.34 -49.81 -0.62
CA ASP D 328 42.42 -49.26 0.20
C ASP D 328 43.61 -50.23 0.29
N CYS D 329 43.77 -51.08 -0.72
CA CYS D 329 44.91 -51.97 -0.76
C CYS D 329 45.93 -51.47 -1.78
N ILE D 330 47.19 -51.47 -1.38
CA ILE D 330 48.27 -51.09 -2.29
C ILE D 330 49.24 -52.25 -2.41
N ILE D 331 49.28 -52.85 -3.60
CA ILE D 331 50.16 -53.97 -3.87
C ILE D 331 51.36 -53.46 -4.64
N SER D 332 52.42 -53.12 -3.91
CA SER D 332 53.57 -52.44 -4.46
C SER D 332 54.75 -53.38 -4.66
N GLY D 333 54.92 -53.89 -5.87
CA GLY D 333 56.02 -54.79 -6.17
C GLY D 333 55.87 -56.14 -5.48
N ALA D 334 54.65 -56.44 -5.06
CA ALA D 334 54.35 -57.68 -4.36
C ALA D 334 53.56 -58.64 -5.24
N ALA D 335 53.85 -59.93 -5.13
CA ALA D 335 53.18 -60.93 -5.95
C ALA D 335 52.17 -61.72 -5.13
N LEU D 336 50.90 -61.59 -5.48
CA LEU D 336 49.84 -62.32 -4.79
C LEU D 336 49.33 -63.47 -5.64
N ASN D 337 49.11 -64.62 -5.00
CA ASN D 337 48.50 -65.77 -5.66
C ASN D 337 47.61 -66.53 -4.70
N ARG D 338 46.41 -66.88 -5.16
CA ARG D 338 45.41 -67.59 -4.38
C ARG D 338 45.25 -67.02 -2.96
N SER D 339 45.10 -65.71 -2.88
CA SER D 339 45.00 -65.03 -1.58
C SER D 339 43.78 -64.13 -1.51
N LEU D 340 43.28 -63.91 -0.29
CA LEU D 340 42.15 -63.02 -0.08
C LEU D 340 42.56 -61.88 0.84
N LEU D 341 42.49 -60.66 0.32
CA LEU D 341 42.90 -59.50 1.10
C LEU D 341 41.70 -58.65 1.51
N PHE D 342 41.60 -58.35 2.80
CA PHE D 342 40.60 -57.43 3.31
C PHE D 342 41.07 -55.99 3.09
N THR D 343 40.21 -55.03 3.45
CA THR D 343 40.50 -53.61 3.23
C THR D 343 41.76 -53.14 3.96
N GLY D 344 42.56 -52.31 3.29
CA GLY D 344 43.63 -51.58 3.95
C GLY D 344 44.99 -52.26 4.01
N VAL D 345 45.15 -53.36 3.26
CA VAL D 345 46.40 -54.10 3.27
C VAL D 345 47.49 -53.38 2.47
N ARG D 346 48.70 -53.37 3.02
CA ARG D 346 49.86 -52.84 2.30
C ARG D 346 50.90 -53.93 2.07
N ALA D 347 51.12 -54.29 0.81
CA ALA D 347 52.13 -55.29 0.47
C ALA D 347 53.25 -54.63 -0.30
N ASN D 348 54.48 -54.75 0.22
CA ASN D 348 55.61 -54.00 -0.32
C ASN D 348 56.54 -54.81 -1.22
N SER D 349 57.50 -54.11 -1.83
CA SER D 349 58.32 -54.66 -2.90
C SER D 349 59.04 -55.97 -2.54
N TYR D 350 59.09 -56.86 -3.53
CA TYR D 350 59.80 -58.14 -3.45
C TYR D 350 59.16 -59.14 -2.49
N SER D 351 57.99 -58.79 -1.95
CA SER D 351 57.28 -59.73 -1.08
C SER D 351 56.38 -60.65 -1.90
N ARG D 352 55.94 -61.75 -1.29
CA ARG D 352 55.13 -62.74 -1.98
C ARG D 352 54.11 -63.38 -1.04
N LEU D 353 52.85 -63.39 -1.47
CA LEU D 353 51.77 -64.04 -0.71
C LEU D 353 51.12 -65.14 -1.54
N GLU D 354 51.10 -66.35 -1.00
CA GLU D 354 50.36 -67.45 -1.61
C GLU D 354 49.50 -68.16 -0.57
N ASN D 355 48.27 -68.50 -0.94
CA ASN D 355 47.33 -69.16 -0.04
C ASN D 355 47.15 -68.41 1.27
N ALA D 356 47.00 -67.09 1.18
CA ALA D 356 46.97 -66.25 2.37
C ALA D 356 45.61 -65.57 2.56
N VAL D 357 45.10 -65.66 3.78
CA VAL D 357 43.92 -64.88 4.18
C VAL D 357 44.39 -63.70 5.00
N VAL D 358 44.32 -62.52 4.41
CA VAL D 358 44.91 -61.32 5.00
C VAL D 358 43.82 -60.37 5.52
N LEU D 359 43.73 -60.26 6.84
CA LEU D 359 42.70 -59.45 7.50
C LEU D 359 43.03 -57.96 7.37
N PRO D 360 42.08 -57.06 7.72
CA PRO D 360 42.29 -55.65 7.36
C PRO D 360 43.53 -54.97 7.95
N SER D 361 44.06 -54.02 7.19
CA SER D 361 45.12 -53.11 7.63
C SER D 361 46.44 -53.81 7.93
N VAL D 362 46.67 -54.97 7.32
CA VAL D 362 47.92 -55.69 7.49
C VAL D 362 49.01 -55.11 6.61
N LYS D 363 50.22 -55.04 7.13
CA LYS D 363 51.36 -54.58 6.35
C LYS D 363 52.33 -55.73 6.08
N ILE D 364 52.68 -55.92 4.81
CA ILE D 364 53.65 -56.94 4.43
C ILE D 364 54.96 -56.28 4.05
N GLY D 365 55.98 -56.44 4.88
CA GLY D 365 57.27 -55.82 4.65
C GLY D 365 58.00 -56.36 3.43
N ARG D 366 58.94 -55.59 2.91
CA ARG D 366 59.73 -56.00 1.76
C ARG D 366 60.37 -57.38 1.95
N HIS D 367 60.44 -58.14 0.85
CA HIS D 367 61.13 -59.43 0.79
C HIS D 367 60.48 -60.54 1.62
N ALA D 368 59.43 -60.22 2.36
CA ALA D 368 58.73 -61.24 3.14
C ALA D 368 58.00 -62.20 2.22
N GLN D 369 58.03 -63.50 2.54
CA GLN D 369 57.35 -64.49 1.72
C GLN D 369 56.50 -65.41 2.57
N LEU D 370 55.18 -65.32 2.40
CA LEU D 370 54.24 -66.01 3.26
C LEU D 370 53.33 -66.96 2.47
N SER D 371 53.27 -68.22 2.92
CA SER D 371 52.42 -69.21 2.28
C SER D 371 51.57 -69.98 3.29
N ASN D 372 50.31 -70.22 2.94
CA ASN D 372 49.36 -70.93 3.79
C ASN D 372 49.21 -70.30 5.17
N VAL D 373 48.82 -69.03 5.20
CA VAL D 373 48.69 -68.32 6.46
C VAL D 373 47.33 -67.67 6.64
N VAL D 374 47.02 -67.33 7.89
CA VAL D 374 45.92 -66.44 8.23
C VAL D 374 46.53 -65.33 9.07
N ILE D 375 46.56 -64.12 8.52
CA ILE D 375 47.18 -62.99 9.19
C ILE D 375 46.15 -62.14 9.90
N ASP D 376 46.30 -61.98 11.20
CA ASP D 376 45.34 -61.25 12.02
C ASP D 376 45.25 -59.77 11.64
N HIS D 377 44.15 -59.14 12.01
CA HIS D 377 43.88 -57.73 11.75
C HIS D 377 45.04 -56.82 12.19
N GLY D 378 45.54 -56.03 11.25
CA GLY D 378 46.50 -54.99 11.55
C GLY D 378 47.94 -55.42 11.82
N VAL D 379 48.20 -56.71 11.68
CA VAL D 379 49.55 -57.23 11.90
C VAL D 379 50.56 -56.61 10.94
N VAL D 380 51.71 -56.21 11.47
CA VAL D 380 52.80 -55.70 10.66
C VAL D 380 53.87 -56.76 10.46
N ILE D 381 53.92 -57.33 9.26
CA ILE D 381 54.90 -58.38 8.94
C ILE D 381 56.28 -57.77 8.71
N PRO D 382 57.29 -58.23 9.46
CA PRO D 382 58.65 -57.73 9.33
C PRO D 382 59.22 -58.00 7.94
N GLU D 383 60.14 -57.16 7.49
CA GLU D 383 60.80 -57.37 6.22
C GLU D 383 61.53 -58.71 6.22
N GLY D 384 61.38 -59.45 5.13
CA GLY D 384 62.14 -60.68 4.93
C GLY D 384 61.61 -61.92 5.65
N LEU D 385 60.53 -61.78 6.40
CA LEU D 385 59.96 -62.92 7.11
C LEU D 385 59.54 -64.00 6.15
N ILE D 386 59.94 -65.24 6.44
CA ILE D 386 59.54 -66.38 5.62
C ILE D 386 58.67 -67.33 6.42
N VAL D 387 57.44 -67.54 5.94
CA VAL D 387 56.53 -68.50 6.58
C VAL D 387 56.02 -69.47 5.53
N GLY D 388 55.89 -70.74 5.91
CA GLY D 388 55.39 -71.76 5.02
C GLY D 388 56.50 -72.65 4.46
N GLU D 389 57.75 -72.30 4.76
CA GLU D 389 58.89 -73.03 4.24
C GLU D 389 59.40 -74.07 5.23
N ASP D 390 59.57 -73.65 6.47
CA ASP D 390 60.13 -74.50 7.52
C ASP D 390 59.05 -74.85 8.55
N PRO D 391 58.43 -76.04 8.39
CA PRO D 391 57.28 -76.47 9.22
C PRO D 391 57.54 -76.43 10.72
N GLU D 392 58.72 -76.88 11.14
CA GLU D 392 59.05 -76.93 12.57
C GLU D 392 59.38 -75.54 13.10
N LEU D 393 59.97 -74.69 12.26
CA LEU D 393 60.29 -73.33 12.65
C LEU D 393 59.01 -72.51 12.79
N ASP D 394 58.11 -72.68 11.84
CA ASP D 394 56.85 -71.95 11.84
C ASP D 394 56.00 -72.29 13.06
N ALA D 395 56.01 -73.56 13.46
CA ALA D 395 55.24 -74.00 14.61
C ALA D 395 55.75 -73.37 15.90
N LYS D 396 57.07 -73.22 15.99
CA LYS D 396 57.69 -72.61 17.17
C LYS D 396 57.41 -71.12 17.26
N ARG D 397 57.10 -70.51 16.12
CA ARG D 397 56.85 -69.07 16.07
C ARG D 397 55.36 -68.72 16.11
N PHE D 398 54.55 -69.51 15.41
CA PHE D 398 53.14 -69.19 15.25
C PHE D 398 52.23 -70.35 15.60
N ARG D 399 50.93 -70.09 15.54
CA ARG D 399 49.92 -71.13 15.66
C ARG D 399 49.80 -71.85 14.33
N ARG D 400 50.29 -73.08 14.27
CA ARG D 400 50.30 -73.84 13.03
C ARG D 400 49.45 -75.09 13.13
N THR D 401 48.43 -75.19 12.28
CA THR D 401 47.58 -76.37 12.24
C THR D 401 48.35 -77.57 11.72
N GLU D 402 47.81 -78.77 11.97
CA GLU D 402 48.45 -80.00 11.51
C GLU D 402 48.42 -80.09 9.99
N SER D 403 47.52 -79.33 9.38
CA SER D 403 47.44 -79.27 7.92
C SER D 403 48.44 -78.25 7.36
N GLY D 404 49.04 -77.47 8.26
CA GLY D 404 50.13 -76.58 7.87
C GLY D 404 49.76 -75.13 7.66
N ILE D 405 48.64 -74.71 8.24
CA ILE D 405 48.20 -73.32 8.13
C ILE D 405 48.65 -72.54 9.35
N CYS D 406 49.36 -71.44 9.11
CA CYS D 406 49.86 -70.61 10.21
C CYS D 406 48.96 -69.40 10.49
N LEU D 407 48.37 -69.36 11.69
CA LEU D 407 47.72 -68.15 12.17
C LEU D 407 48.78 -67.23 12.74
N ILE D 408 48.82 -65.99 12.25
CA ILE D 408 49.83 -65.03 12.67
C ILE D 408 49.21 -63.81 13.33
N THR D 409 49.58 -63.58 14.58
CA THR D 409 49.10 -62.42 15.33
C THR D 409 50.28 -61.51 15.66
N GLN D 410 49.99 -60.28 16.07
CA GLN D 410 51.05 -59.33 16.40
C GLN D 410 51.83 -59.75 17.63
N SER D 411 51.16 -60.49 18.52
CA SER D 411 51.79 -61.00 19.73
C SER D 411 52.88 -62.01 19.41
N MET D 412 52.69 -62.76 18.32
CA MET D 412 53.68 -63.75 17.89
C MET D 412 54.88 -63.09 17.23
N ILE D 413 54.59 -62.16 16.32
CA ILE D 413 55.61 -61.41 15.59
C ILE D 413 56.58 -60.70 16.55
N ASP D 414 56.03 -60.07 17.57
CA ASP D 414 56.83 -59.32 18.54
C ASP D 414 57.80 -60.20 19.31
N LYS D 415 57.52 -61.50 19.38
CA LYS D 415 58.33 -62.44 20.14
C LYS D 415 59.48 -63.03 19.36
N LEU D 416 59.80 -62.45 18.21
CA LEU D 416 60.73 -63.09 17.29
C LEU D 416 62.20 -62.81 17.64
N ASP D 417 63.06 -63.78 17.30
CA ASP D 417 64.36 -63.97 17.93
C ASP D 417 65.50 -63.21 17.29
N LEU D 418 66.66 -63.87 17.28
CA LEU D 418 67.81 -63.49 16.48
C LEU D 418 68.16 -64.64 15.53
N VAL E 4 -6.85 -19.15 76.34
CA VAL E 4 -6.48 -19.34 77.73
C VAL E 4 -5.66 -18.15 78.25
N GLN E 5 -4.86 -17.55 77.36
CA GLN E 5 -4.14 -16.33 77.69
C GLN E 5 -5.00 -15.13 77.33
N PRO E 6 -4.97 -14.09 78.16
CA PRO E 6 -5.75 -12.89 77.86
C PRO E 6 -5.35 -12.27 76.54
N LEU E 7 -6.33 -11.81 75.77
CA LEU E 7 -6.08 -11.21 74.47
C LEU E 7 -5.44 -9.83 74.62
N ALA E 8 -5.54 -9.27 75.82
CA ALA E 8 -4.98 -7.96 76.10
C ALA E 8 -3.46 -7.97 75.97
N ARG E 9 -2.85 -9.13 76.21
CA ARG E 9 -1.42 -9.30 76.01
C ARG E 9 -1.03 -9.00 74.57
N ASP E 10 -1.94 -9.31 73.66
CA ASP E 10 -1.68 -9.18 72.23
C ASP E 10 -2.41 -8.00 71.61
N ALA E 11 -2.79 -7.03 72.43
CA ALA E 11 -3.52 -5.87 71.93
C ALA E 11 -2.70 -4.59 72.02
N MET E 12 -3.00 -3.66 71.14
CA MET E 12 -2.44 -2.31 71.22
C MET E 12 -3.56 -1.28 71.19
N ALA E 13 -3.64 -0.46 72.22
CA ALA E 13 -4.65 0.60 72.27
C ALA E 13 -4.18 1.81 71.48
N TYR E 14 -5.00 2.25 70.53
CA TYR E 14 -4.67 3.44 69.76
C TYR E 14 -5.69 4.53 70.05
N VAL E 15 -5.26 5.55 70.79
CA VAL E 15 -6.16 6.60 71.24
C VAL E 15 -6.10 7.84 70.35
N LEU E 16 -7.24 8.20 69.77
CA LEU E 16 -7.35 9.39 68.95
C LEU E 16 -7.58 10.61 69.84
N ALA E 17 -6.60 11.49 69.90
CA ALA E 17 -6.67 12.63 70.81
C ALA E 17 -6.46 13.95 70.07
N GLY E 18 -6.94 14.03 68.84
CA GLY E 18 -6.85 15.25 68.06
C GLY E 18 -8.14 16.04 68.09
N GLY E 19 -9.14 15.50 68.80
CA GLY E 19 -10.43 16.14 68.95
C GLY E 19 -10.32 17.57 69.43
N ARG E 20 -10.99 18.48 68.73
CA ARG E 20 -10.87 19.91 69.02
C ARG E 20 -11.79 20.36 70.15
N GLY E 21 -13.02 19.86 70.15
CA GLY E 21 -14.00 20.26 71.16
C GLY E 21 -14.41 21.71 70.95
N SER E 22 -14.86 22.01 69.73
CA SER E 22 -15.20 23.38 69.33
C SER E 22 -16.26 23.99 70.23
N ARG E 23 -17.25 23.20 70.60
CA ARG E 23 -18.40 23.70 71.36
C ARG E 23 -18.04 24.02 72.80
N LEU E 24 -16.83 23.65 73.21
CA LEU E 24 -16.33 24.04 74.53
C LEU E 24 -15.76 25.45 74.47
N LYS E 25 -15.68 25.98 73.26
CA LYS E 25 -15.30 27.38 73.02
C LYS E 25 -13.93 27.73 73.57
N GLU E 26 -13.87 28.79 74.36
CA GLU E 26 -12.60 29.31 74.86
C GLU E 26 -11.85 28.30 75.73
N LEU E 27 -12.58 27.32 76.25
CA LEU E 27 -12.01 26.28 77.09
C LEU E 27 -10.97 25.47 76.31
N THR E 28 -11.15 25.38 75.00
CA THR E 28 -10.22 24.62 74.16
C THR E 28 -9.55 25.48 73.10
N ASP E 29 -9.40 26.76 73.37
CA ASP E 29 -8.74 27.67 72.43
C ASP E 29 -7.22 27.52 72.48
N ARG E 30 -6.72 26.98 73.58
CA ARG E 30 -5.29 26.81 73.77
C ARG E 30 -4.93 25.39 74.16
N ARG E 31 -5.90 24.49 74.08
CA ARG E 31 -5.68 23.09 74.39
C ARG E 31 -6.64 22.21 73.62
N ALA E 32 -6.31 20.93 73.47
CA ALA E 32 -7.21 19.97 72.84
C ALA E 32 -8.20 19.45 73.88
N LYS E 33 -9.34 18.94 73.43
CA LYS E 33 -10.37 18.45 74.35
C LYS E 33 -9.88 17.32 75.27
N PRO E 34 -9.08 16.36 74.77
CA PRO E 34 -8.55 15.38 75.71
C PRO E 34 -7.68 15.98 76.83
N ALA E 35 -7.17 17.18 76.63
CA ALA E 35 -6.32 17.81 77.63
C ALA E 35 -7.12 18.62 78.66
N VAL E 36 -8.44 18.67 78.48
CA VAL E 36 -9.30 19.42 79.38
C VAL E 36 -9.39 18.74 80.75
N TYR E 37 -9.22 19.54 81.81
CA TYR E 37 -9.26 19.06 83.18
C TYR E 37 -10.63 18.52 83.58
N PHE E 38 -10.65 17.46 84.39
CA PHE E 38 -11.91 16.88 84.85
C PHE E 38 -11.76 16.21 86.20
N GLY E 39 -12.80 16.33 87.04
CA GLY E 39 -12.88 15.57 88.26
C GLY E 39 -12.18 16.19 89.46
N GLY E 40 -11.23 17.09 89.19
CA GLY E 40 -10.49 17.72 90.26
C GLY E 40 -8.98 17.55 90.13
N LYS E 41 -8.54 16.45 89.51
CA LYS E 41 -7.10 16.19 89.39
C LYS E 41 -6.68 15.67 88.03
N ALA E 42 -7.57 14.95 87.34
CA ALA E 42 -7.19 14.30 86.08
C ALA E 42 -7.51 15.15 84.85
N ARG E 43 -7.16 14.63 83.69
CA ARG E 43 -7.62 15.17 82.42
C ARG E 43 -8.50 14.12 81.76
N ILE E 44 -9.26 14.53 80.74
CA ILE E 44 -10.19 13.63 80.08
C ILE E 44 -9.50 12.41 79.45
N ILE E 45 -8.30 12.62 78.91
CA ILE E 45 -7.54 11.56 78.26
C ILE E 45 -7.17 10.41 79.21
N ASP E 46 -7.12 10.72 80.51
CA ASP E 46 -6.67 9.76 81.51
C ASP E 46 -7.62 8.59 81.71
N PHE E 47 -8.87 8.75 81.28
CA PHE E 47 -9.85 7.69 81.46
C PHE E 47 -9.68 6.57 80.44
N ALA E 48 -9.53 6.93 79.17
CA ALA E 48 -9.27 5.93 78.13
C ALA E 48 -7.94 5.22 78.39
N LEU E 49 -6.93 5.98 78.78
CA LEU E 49 -5.61 5.43 79.04
C LEU E 49 -5.62 4.49 80.25
N SER E 50 -6.35 4.86 81.30
CA SER E 50 -6.44 4.02 82.49
C SER E 50 -7.26 2.77 82.24
N ASN E 51 -8.26 2.89 81.36
CA ASN E 51 -9.02 1.73 80.92
C ASN E 51 -8.12 0.69 80.26
N ALA E 52 -7.26 1.16 79.37
CA ALA E 52 -6.32 0.28 78.68
C ALA E 52 -5.38 -0.40 79.68
N LEU E 53 -4.79 0.41 80.55
CA LEU E 53 -3.90 -0.08 81.59
C LEU E 53 -4.55 -1.14 82.47
N ASN E 54 -5.72 -0.83 82.99
CA ASN E 54 -6.44 -1.75 83.87
C ASN E 54 -6.99 -2.99 83.15
N SER E 55 -7.13 -2.91 81.83
CA SER E 55 -7.65 -4.02 81.05
C SER E 55 -6.54 -5.00 80.68
N GLY E 56 -5.30 -4.56 80.84
CA GLY E 56 -4.15 -5.42 80.58
C GLY E 56 -3.41 -5.11 79.29
N ILE E 57 -3.79 -4.01 78.65
CA ILE E 57 -3.15 -3.63 77.39
C ILE E 57 -1.86 -2.87 77.67
N ARG E 58 -0.74 -3.45 77.25
CA ARG E 58 0.58 -2.94 77.60
C ARG E 58 1.17 -1.99 76.55
N ARG E 59 0.55 -1.96 75.38
CA ARG E 59 1.01 -1.06 74.32
C ARG E 59 -0.05 -0.01 73.99
N ILE E 60 0.32 1.25 74.11
CA ILE E 60 -0.60 2.35 73.87
C ILE E 60 0.01 3.40 72.94
N GLY E 61 -0.74 3.78 71.92
CA GLY E 61 -0.37 4.88 71.04
C GLY E 61 -1.38 6.00 71.16
N VAL E 62 -0.91 7.24 71.12
CA VAL E 62 -1.80 8.39 71.22
C VAL E 62 -1.54 9.38 70.10
N ALA E 63 -2.50 9.51 69.19
CA ALA E 63 -2.39 10.46 68.08
C ALA E 63 -2.87 11.84 68.49
N THR E 64 -2.02 12.85 68.31
CA THR E 64 -2.36 14.21 68.66
C THR E 64 -2.38 15.10 67.41
N GLN E 65 -3.04 16.24 67.52
CA GLN E 65 -3.21 17.14 66.37
C GLN E 65 -3.35 18.58 66.81
N TYR E 66 -4.58 18.96 67.18
CA TYR E 66 -4.89 20.34 67.53
C TYR E 66 -4.28 20.75 68.87
N LYS E 67 -3.55 21.87 68.86
CA LYS E 67 -2.87 22.46 70.03
C LYS E 67 -2.50 21.45 71.10
N ALA E 68 -1.56 20.58 70.76
CA ALA E 68 -1.24 19.42 71.60
C ALA E 68 -0.13 19.68 72.61
N HIS E 69 0.44 20.89 72.60
CA HIS E 69 1.53 21.25 73.50
C HIS E 69 1.27 20.86 74.97
N SER E 70 0.08 21.16 75.46
CA SER E 70 -0.27 20.85 76.85
C SER E 70 -0.64 19.38 77.01
N LEU E 71 -1.28 18.83 75.98
CA LEU E 71 -1.67 17.42 75.99
C LEU E 71 -0.45 16.53 75.95
N ILE E 72 0.48 16.84 75.05
CA ILE E 72 1.71 16.06 74.91
C ILE E 72 2.51 16.12 76.19
N ARG E 73 2.67 17.33 76.71
CA ARG E 73 3.42 17.52 77.94
C ARG E 73 2.83 16.72 79.11
N HIS E 74 1.51 16.72 79.21
CA HIS E 74 0.81 15.94 80.22
C HIS E 74 1.11 14.46 80.09
N LEU E 75 1.13 13.97 78.84
CA LEU E 75 1.38 12.57 78.58
C LEU E 75 2.82 12.14 78.88
N GLN E 76 3.78 13.00 78.55
CA GLN E 76 5.19 12.72 78.81
C GLN E 76 5.49 12.59 80.29
N ARG E 77 4.83 13.41 81.10
CA ARG E 77 5.11 13.48 82.52
C ARG E 77 4.22 12.58 83.36
N GLY E 78 2.99 12.33 82.88
CA GLY E 78 2.05 11.51 83.63
C GLY E 78 2.11 10.05 83.27
N TRP E 79 2.30 9.75 82.00
CA TRP E 79 2.28 8.38 81.52
C TRP E 79 3.68 7.95 81.07
N ASP E 80 4.59 7.95 82.03
CA ASP E 80 6.02 7.80 81.77
C ASP E 80 6.63 6.52 82.34
N PHE E 81 5.79 5.55 82.69
CA PHE E 81 6.25 4.38 83.43
C PHE E 81 6.24 3.09 82.62
N PHE E 82 6.11 3.21 81.30
CA PHE E 82 6.17 2.04 80.44
C PHE E 82 7.61 1.75 80.01
N ARG E 83 8.00 0.48 80.06
CA ARG E 83 9.35 0.09 79.67
C ARG E 83 9.33 -0.99 78.60
N PRO E 84 9.94 -0.70 77.44
CA PRO E 84 9.98 -1.59 76.27
C PRO E 84 10.53 -3.00 76.56
N GLU E 85 11.53 -3.10 77.44
CA GLU E 85 12.11 -4.40 77.75
C GLU E 85 11.16 -5.25 78.60
N ARG E 86 10.11 -4.64 79.13
CA ARG E 86 9.06 -5.39 79.83
C ARG E 86 7.84 -5.57 78.93
N ASN E 87 8.04 -5.40 77.63
CA ASN E 87 6.98 -5.43 76.63
C ASN E 87 5.90 -4.38 76.82
N GLU E 88 6.29 -3.21 77.30
CA GLU E 88 5.37 -2.10 77.44
C GLU E 88 5.80 -0.99 76.51
N SER E 89 4.84 -0.21 76.04
CA SER E 89 5.18 0.94 75.20
C SER E 89 4.11 2.00 75.28
N PHE E 90 4.54 3.26 75.25
CA PHE E 90 3.62 4.38 75.22
C PHE E 90 4.13 5.39 74.21
N ASP E 91 3.56 5.34 73.01
CA ASP E 91 4.01 6.19 71.92
C ASP E 91 3.13 7.42 71.74
N ILE E 92 3.76 8.59 71.80
CA ILE E 92 3.08 9.84 71.55
C ILE E 92 3.32 10.26 70.10
N LEU E 93 2.24 10.26 69.32
CA LEU E 93 2.35 10.43 67.87
C LEU E 93 1.79 11.77 67.40
N ALA E 94 2.64 12.79 67.43
CA ALA E 94 2.20 14.13 67.03
C ALA E 94 2.38 14.36 65.53
N ALA E 95 1.42 15.06 64.94
CA ALA E 95 1.43 15.32 63.51
C ALA E 95 2.25 16.56 63.18
N THR E 102 4.86 16.38 55.92
CA THR E 102 3.80 15.54 56.47
C THR E 102 2.70 16.38 57.11
N GLN E 103 3.06 17.14 58.14
CA GLN E 103 2.18 18.13 58.74
C GLN E 103 0.89 17.54 59.32
N TRP E 104 -0.23 17.96 58.75
CA TRP E 104 -1.58 17.66 59.25
C TRP E 104 -2.03 16.23 58.99
N TYR E 105 -2.64 15.59 59.98
CA TYR E 105 -3.37 14.35 59.73
C TYR E 105 -4.66 14.70 58.99
N GLU E 106 -4.96 13.97 57.92
CA GLU E 106 -6.14 14.28 57.11
C GLU E 106 -7.42 13.72 57.74
N GLY E 107 -7.27 12.99 58.83
CA GLY E 107 -8.41 12.42 59.53
C GLY E 107 -7.98 11.40 60.56
N THR E 108 -8.96 10.79 61.23
CA THR E 108 -8.68 9.80 62.27
C THR E 108 -8.09 8.52 61.68
N ALA E 109 -8.45 8.22 60.44
CA ALA E 109 -7.85 7.07 59.76
C ALA E 109 -6.41 7.40 59.39
N ASP E 110 -6.20 8.60 58.84
CA ASP E 110 -4.88 9.05 58.45
C ASP E 110 -3.92 9.05 59.65
N ALA E 111 -4.47 9.33 60.82
CA ALA E 111 -3.71 9.31 62.07
C ALA E 111 -3.12 7.93 62.33
N VAL E 112 -3.83 6.89 61.89
CA VAL E 112 -3.34 5.52 62.02
C VAL E 112 -2.49 5.16 60.80
N TYR E 113 -2.74 5.82 59.68
CA TYR E 113 -2.00 5.53 58.45
C TYR E 113 -0.55 5.98 58.51
N GLN E 114 -0.33 7.22 58.95
CA GLN E 114 1.01 7.79 58.97
C GLN E 114 1.92 7.14 60.00
N ASN E 115 1.34 6.35 60.90
CA ASN E 115 2.12 5.72 61.97
C ASN E 115 2.12 4.21 61.89
N ILE E 116 1.92 3.66 60.69
CA ILE E 116 1.96 2.22 60.49
C ILE E 116 3.33 1.65 60.84
N ASP E 117 4.39 2.40 60.50
CA ASP E 117 5.75 1.95 60.74
C ASP E 117 6.11 2.00 62.23
N ILE E 118 5.19 2.50 63.04
CA ILE E 118 5.35 2.49 64.50
C ILE E 118 4.63 1.27 65.08
N ILE E 119 3.54 0.86 64.43
CA ILE E 119 2.73 -0.26 64.88
C ILE E 119 3.33 -1.61 64.49
N GLU E 120 3.71 -1.73 63.22
CA GLU E 120 4.18 -3.01 62.67
C GLU E 120 5.36 -3.66 63.41
N PRO E 121 6.34 -2.86 63.87
CA PRO E 121 7.40 -3.49 64.68
C PRO E 121 6.89 -4.19 65.94
N TYR E 122 5.80 -3.67 66.52
CA TYR E 122 5.19 -4.28 67.69
C TYR E 122 4.49 -5.58 67.34
N ALA E 123 3.97 -5.62 66.12
CA ALA E 123 3.18 -6.74 65.62
C ALA E 123 2.09 -7.21 66.59
N PRO E 124 1.17 -6.31 66.98
CA PRO E 124 0.08 -6.76 67.84
C PRO E 124 -0.97 -7.51 67.03
N GLU E 125 -1.68 -8.43 67.67
CA GLU E 125 -2.73 -9.17 66.97
C GLU E 125 -3.98 -8.32 66.78
N TYR E 126 -4.21 -7.42 67.73
CA TYR E 126 -5.43 -6.61 67.74
C TYR E 126 -5.13 -5.13 67.94
N MET E 127 -5.99 -4.28 67.40
CA MET E 127 -5.91 -2.84 67.64
C MET E 127 -7.21 -2.40 68.30
N VAL E 128 -7.09 -1.73 69.43
CA VAL E 128 -8.26 -1.14 70.08
C VAL E 128 -8.24 0.36 69.85
N ILE E 129 -9.09 0.83 68.95
CA ILE E 129 -9.16 2.24 68.63
C ILE E 129 -10.09 2.94 69.61
N LEU E 130 -9.61 4.01 70.22
CA LEU E 130 -10.33 4.68 71.29
C LEU E 130 -10.49 6.17 71.05
N ALA E 131 -11.64 6.70 71.44
CA ALA E 131 -11.83 8.14 71.53
C ALA E 131 -11.25 8.61 72.84
N GLY E 132 -10.39 9.63 72.79
CA GLY E 132 -9.73 10.12 73.98
C GLY E 132 -10.40 11.33 74.62
N ASP E 133 -11.67 11.55 74.28
CA ASP E 133 -12.37 12.74 74.76
C ASP E 133 -13.67 12.43 75.51
N HIS E 134 -13.80 11.19 75.99
CA HIS E 134 -14.96 10.78 76.77
C HIS E 134 -14.55 10.33 78.17
N ILE E 135 -15.47 10.46 79.13
CA ILE E 135 -15.25 10.02 80.50
C ILE E 135 -16.02 8.74 80.81
N TYR E 136 -15.31 7.63 80.99
CA TYR E 136 -15.95 6.33 81.22
C TYR E 136 -14.95 5.29 81.70
N LYS E 137 -15.48 4.17 82.22
CA LYS E 137 -14.64 3.06 82.69
C LYS E 137 -15.10 1.76 82.05
N MET E 138 -14.19 1.07 81.36
CA MET E 138 -14.55 -0.07 80.54
C MET E 138 -13.42 -1.10 80.43
N ASP E 139 -13.77 -2.37 80.62
CA ASP E 139 -12.82 -3.48 80.50
C ASP E 139 -12.76 -3.98 79.06
N TYR E 140 -11.71 -3.61 78.34
CA TYR E 140 -11.61 -3.90 76.91
C TYR E 140 -11.38 -5.38 76.59
N GLU E 141 -11.14 -6.19 77.62
CA GLU E 141 -10.94 -7.62 77.42
C GLU E 141 -12.23 -8.27 76.91
N TYR E 142 -13.36 -7.70 77.29
CA TYR E 142 -14.66 -8.18 76.85
C TYR E 142 -14.89 -7.96 75.36
N MET E 143 -14.50 -6.78 74.88
CA MET E 143 -14.60 -6.46 73.45
C MET E 143 -13.72 -7.37 72.61
N LEU E 144 -12.48 -7.54 73.04
CA LEU E 144 -11.50 -8.35 72.31
C LEU E 144 -11.98 -9.77 72.10
N GLN E 145 -12.51 -10.39 73.16
CA GLN E 145 -12.95 -11.76 73.08
C GLN E 145 -14.22 -11.88 72.22
N GLN E 146 -15.12 -10.92 72.37
CA GLN E 146 -16.31 -10.90 71.51
C GLN E 146 -15.91 -10.72 70.06
N HIS E 147 -14.91 -9.89 69.81
CA HIS E 147 -14.43 -9.64 68.46
C HIS E 147 -13.83 -10.90 67.83
N VAL E 148 -13.08 -11.66 68.63
CA VAL E 148 -12.45 -12.86 68.14
C VAL E 148 -13.45 -14.00 67.98
N ASP E 149 -14.35 -14.13 68.95
CA ASP E 149 -15.34 -15.20 68.93
C ASP E 149 -16.40 -15.01 67.84
N SER E 150 -16.68 -13.76 67.48
CA SER E 150 -17.72 -13.47 66.50
C SER E 150 -17.22 -13.62 65.06
N GLY E 151 -15.93 -13.40 64.86
CA GLY E 151 -15.36 -13.47 63.53
C GLY E 151 -15.56 -12.19 62.75
N ALA E 152 -15.88 -11.11 63.47
CA ALA E 152 -16.19 -9.83 62.85
C ALA E 152 -14.95 -9.14 62.26
N ASP E 153 -15.18 -8.31 61.24
CA ASP E 153 -14.13 -7.48 60.68
C ASP E 153 -13.87 -6.29 61.61
N VAL E 154 -14.95 -5.76 62.18
CA VAL E 154 -14.86 -4.72 63.20
C VAL E 154 -15.92 -4.91 64.27
N THR E 155 -15.54 -4.72 65.53
CA THR E 155 -16.47 -4.70 66.64
C THR E 155 -16.53 -3.28 67.17
N ILE E 156 -17.74 -2.76 67.34
CA ILE E 156 -17.91 -1.36 67.68
C ILE E 156 -18.59 -1.19 69.04
N GLY E 157 -17.99 -0.37 69.90
CA GLY E 157 -18.56 -0.10 71.20
C GLY E 157 -19.77 0.80 71.10
N CYS E 158 -20.87 0.38 71.73
CA CYS E 158 -22.14 1.10 71.57
C CYS E 158 -22.88 1.31 72.88
N LEU E 159 -23.44 2.50 73.04
CA LEU E 159 -24.27 2.81 74.20
C LEU E 159 -25.72 2.38 73.97
N GLU E 160 -26.35 1.89 75.02
CA GLU E 160 -27.77 1.57 74.98
C GLU E 160 -28.57 2.75 75.51
N VAL E 161 -28.99 3.62 74.59
CA VAL E 161 -29.68 4.86 74.97
C VAL E 161 -31.13 4.86 74.48
N PRO E 162 -32.03 5.50 75.25
CA PRO E 162 -33.44 5.54 74.86
C PRO E 162 -33.68 6.27 73.55
N ARG E 163 -34.58 5.75 72.73
CA ARG E 163 -34.89 6.33 71.43
C ARG E 163 -35.46 7.73 71.54
N MET E 164 -34.56 8.71 71.63
CA MET E 164 -34.87 10.14 71.60
C MET E 164 -33.59 10.91 71.86
N GLU E 165 -32.80 10.40 72.80
CA GLU E 165 -31.50 10.97 73.10
C GLU E 165 -30.48 10.48 72.07
N ALA E 166 -30.87 9.46 71.32
CA ALA E 166 -30.02 8.87 70.30
C ALA E 166 -30.07 9.66 69.00
N THR E 167 -30.84 10.74 68.98
CA THR E 167 -30.98 11.55 67.77
C THR E 167 -29.75 12.44 67.55
N GLY E 168 -28.93 12.57 68.59
CA GLY E 168 -27.73 13.38 68.52
C GLY E 168 -26.48 12.53 68.36
N PHE E 169 -26.68 11.24 68.16
CA PHE E 169 -25.57 10.29 68.04
C PHE E 169 -25.47 9.70 66.63
N GLY E 170 -24.34 9.06 66.36
CA GLY E 170 -24.22 8.18 65.21
C GLY E 170 -24.78 6.84 65.62
N VAL E 171 -25.93 6.48 65.06
CA VAL E 171 -26.68 5.32 65.53
C VAL E 171 -26.45 4.08 64.67
N MET E 172 -26.15 2.97 65.34
CA MET E 172 -25.96 1.69 64.67
C MET E 172 -27.28 0.93 64.58
N HIS E 173 -27.69 0.64 63.35
CA HIS E 173 -28.88 -0.18 63.11
C HIS E 173 -28.48 -1.65 63.19
N VAL E 174 -29.13 -2.39 64.08
CA VAL E 174 -28.67 -3.73 64.46
C VAL E 174 -29.78 -4.77 64.34
N ASN E 175 -29.42 -5.99 63.96
CA ASN E 175 -30.40 -7.09 63.89
C ASN E 175 -30.38 -7.97 65.14
N GLU E 176 -31.04 -9.13 65.08
CA GLU E 176 -31.23 -9.95 66.26
C GLU E 176 -29.93 -10.53 66.82
N LYS E 177 -28.89 -10.57 66.01
CA LYS E 177 -27.60 -11.12 66.44
C LYS E 177 -26.59 -10.02 66.72
N ASP E 178 -27.10 -8.81 66.91
CA ASP E 178 -26.29 -7.61 67.15
C ASP E 178 -25.31 -7.34 66.00
N GLU E 179 -25.63 -7.85 64.82
CA GLU E 179 -24.86 -7.54 63.63
C GLU E 179 -25.33 -6.20 63.09
N ILE E 180 -24.39 -5.30 62.82
CA ILE E 180 -24.74 -3.96 62.37
C ILE E 180 -25.06 -3.97 60.88
N ILE E 181 -26.30 -3.59 60.55
CA ILE E 181 -26.78 -3.65 59.18
C ILE E 181 -26.79 -2.27 58.53
N ASP E 182 -26.68 -1.23 59.36
CA ASP E 182 -26.63 0.14 58.85
C ASP E 182 -26.09 1.11 59.90
N PHE E 183 -25.61 2.26 59.44
CA PHE E 183 -25.14 3.31 60.33
C PHE E 183 -25.70 4.66 59.87
N ILE E 184 -26.40 5.35 60.76
CA ILE E 184 -27.01 6.63 60.41
C ILE E 184 -26.54 7.73 61.35
N GLU E 185 -26.02 8.81 60.76
CA GLU E 185 -25.58 9.96 61.54
C GLU E 185 -26.74 10.87 61.93
N LYS E 186 -27.01 10.94 63.23
CA LYS E 186 -28.05 11.79 63.79
C LYS E 186 -29.42 11.61 63.12
N PRO E 187 -30.01 10.43 63.27
CA PRO E 187 -31.33 10.19 62.66
C PRO E 187 -32.44 10.91 63.42
N ALA E 188 -33.45 11.39 62.70
CA ALA E 188 -34.59 12.07 63.33
C ALA E 188 -35.41 11.07 64.12
N ASP E 189 -35.48 9.85 63.61
CA ASP E 189 -36.14 8.75 64.29
C ASP E 189 -35.20 7.56 64.33
N PRO E 190 -34.38 7.47 65.39
CA PRO E 190 -33.35 6.44 65.56
C PRO E 190 -33.89 5.02 65.48
N PRO E 191 -33.25 4.17 64.65
CA PRO E 191 -33.59 2.76 64.55
C PRO E 191 -33.53 2.08 65.92
N GLY E 192 -34.53 1.26 66.22
CA GLY E 192 -34.61 0.62 67.53
C GLY E 192 -33.99 -0.75 67.57
N ILE E 193 -33.70 -1.22 68.77
CA ILE E 193 -33.18 -2.57 68.95
C ILE E 193 -34.30 -3.58 68.78
N PRO E 194 -34.07 -4.62 67.97
CA PRO E 194 -35.09 -5.67 67.79
C PRO E 194 -35.47 -6.31 69.12
N GLY E 195 -36.76 -6.27 69.44
CA GLY E 195 -37.25 -6.82 70.69
C GLY E 195 -37.06 -5.88 71.84
N ASN E 196 -36.43 -4.74 71.56
CA ASN E 196 -36.22 -3.71 72.57
C ASN E 196 -36.27 -2.33 71.92
N GLU E 197 -37.34 -2.06 71.17
CA GLU E 197 -37.56 -0.76 70.58
C GLU E 197 -37.64 0.27 71.69
N GLY E 198 -37.41 1.54 71.36
CA GLY E 198 -37.33 2.56 72.38
C GLY E 198 -35.92 2.69 72.93
N PHE E 199 -35.05 1.78 72.49
CA PHE E 199 -33.62 1.88 72.76
C PHE E 199 -32.85 1.74 71.46
N ALA E 200 -31.88 2.64 71.26
CA ALA E 200 -31.02 2.57 70.09
C ALA E 200 -29.56 2.41 70.51
N LEU E 201 -28.73 1.89 69.61
CA LEU E 201 -27.32 1.75 69.89
C LEU E 201 -26.54 2.93 69.31
N ALA E 202 -25.94 3.72 70.20
CA ALA E 202 -25.14 4.87 69.80
C ALA E 202 -23.66 4.53 69.85
N SER E 203 -22.94 4.85 68.77
CA SER E 203 -21.52 4.54 68.68
C SER E 203 -20.71 5.30 69.71
N MET E 204 -19.71 4.64 70.28
CA MET E 204 -18.86 5.25 71.31
C MET E 204 -17.57 5.79 70.73
N GLY E 205 -17.29 5.47 69.47
CA GLY E 205 -16.02 5.84 68.86
C GLY E 205 -14.94 4.85 69.22
N ILE E 206 -15.37 3.68 69.70
CA ILE E 206 -14.47 2.60 70.07
C ILE E 206 -14.56 1.46 69.07
N TYR E 207 -13.44 1.13 68.43
CA TYR E 207 -13.43 0.08 67.42
C TYR E 207 -12.31 -0.93 67.66
N VAL E 208 -12.64 -2.22 67.58
CA VAL E 208 -11.64 -3.28 67.71
C VAL E 208 -11.45 -4.03 66.39
N PHE E 209 -10.19 -4.15 65.97
CA PHE E 209 -9.85 -4.83 64.72
C PHE E 209 -8.83 -5.94 64.95
N HIS E 210 -8.65 -6.80 63.96
CA HIS E 210 -7.40 -7.55 63.81
C HIS E 210 -6.43 -6.60 63.11
N THR E 211 -5.17 -6.62 63.51
CA THR E 211 -4.21 -5.63 63.02
C THR E 211 -4.00 -5.76 61.51
N LYS E 212 -3.94 -7.01 61.04
CA LYS E 212 -3.76 -7.26 59.63
C LYS E 212 -4.88 -6.62 58.82
N PHE E 213 -6.12 -6.86 59.24
CA PHE E 213 -7.28 -6.31 58.55
C PHE E 213 -7.31 -4.78 58.61
N LEU E 214 -6.99 -4.22 59.76
CA LEU E 214 -7.02 -2.76 59.93
C LEU E 214 -6.02 -2.07 59.02
N MET E 215 -4.84 -2.67 58.86
CA MET E 215 -3.79 -2.10 58.03
C MET E 215 -4.20 -2.06 56.56
N GLU E 216 -4.93 -3.07 56.11
CA GLU E 216 -5.42 -3.13 54.74
C GLU E 216 -6.48 -2.08 54.48
N ALA E 217 -7.49 -2.06 55.35
CA ALA E 217 -8.58 -1.08 55.26
C ALA E 217 -8.03 0.33 55.35
N LEU E 218 -6.99 0.47 56.16
CA LEU E 218 -6.29 1.73 56.34
C LEU E 218 -5.63 2.22 55.06
N ARG E 219 -4.87 1.32 54.44
CA ARG E 219 -4.15 1.63 53.22
C ARG E 219 -5.10 1.79 52.05
N ARG E 220 -6.19 1.03 52.05
CA ARG E 220 -7.22 1.15 51.04
C ARG E 220 -7.83 2.54 51.06
N ASP E 221 -8.06 3.05 52.26
CA ASP E 221 -8.64 4.38 52.45
C ASP E 221 -7.66 5.45 52.04
N ALA E 222 -6.38 5.19 52.25
CA ALA E 222 -5.33 6.11 51.84
C ALA E 222 -5.21 6.10 50.32
N ALA E 223 -5.73 5.04 49.70
CA ALA E 223 -5.73 4.91 48.26
C ALA E 223 -6.94 5.57 47.63
N ASP E 224 -7.89 5.98 48.47
CA ASP E 224 -9.11 6.65 48.00
C ASP E 224 -8.94 8.17 48.12
N PRO E 225 -8.80 8.86 46.97
CA PRO E 225 -8.60 10.31 46.95
C PRO E 225 -9.86 11.06 47.40
N THR E 226 -11.00 10.40 47.34
CA THR E 226 -12.27 11.03 47.67
C THR E 226 -12.68 10.78 49.11
N SER E 227 -11.89 9.98 49.82
CA SER E 227 -12.15 9.68 51.22
C SER E 227 -11.88 10.88 52.10
N SER E 228 -12.65 11.03 53.17
CA SER E 228 -12.41 12.07 54.15
C SER E 228 -11.47 11.56 55.23
N ARG E 229 -10.95 10.34 55.01
CA ARG E 229 -9.93 9.73 55.87
C ARG E 229 -10.38 9.58 57.31
N ASP E 230 -11.64 9.23 57.52
CA ASP E 230 -12.17 9.06 58.87
C ASP E 230 -12.64 7.64 59.12
N PHE E 231 -12.53 7.19 60.37
CA PHE E 231 -13.11 5.92 60.79
C PHE E 231 -14.63 6.02 60.69
N GLY E 232 -15.18 7.14 61.12
CA GLY E 232 -16.62 7.34 61.17
C GLY E 232 -17.28 7.60 59.85
N LYS E 233 -16.67 8.45 59.03
CA LYS E 233 -17.28 8.82 57.76
C LYS E 233 -16.99 7.78 56.68
N ASP E 234 -15.81 7.17 56.74
CA ASP E 234 -15.34 6.35 55.63
C ASP E 234 -15.10 4.88 55.99
N ILE E 235 -14.22 4.62 56.95
CA ILE E 235 -13.82 3.26 57.28
C ILE E 235 -14.98 2.39 57.75
N ILE E 236 -15.65 2.81 58.81
CA ILE E 236 -16.74 2.01 59.40
C ILE E 236 -17.96 1.85 58.47
N PRO E 237 -18.42 2.93 57.81
CA PRO E 237 -19.55 2.70 56.88
C PRO E 237 -19.23 1.68 55.78
N TYR E 238 -18.01 1.72 55.26
CA TYR E 238 -17.59 0.76 54.25
C TYR E 238 -17.73 -0.67 54.74
N ILE E 239 -17.15 -0.94 55.92
CA ILE E 239 -17.18 -2.28 56.50
C ILE E 239 -18.61 -2.73 56.81
N VAL E 240 -19.44 -1.79 57.27
CA VAL E 240 -20.85 -2.05 57.52
C VAL E 240 -21.51 -2.58 56.25
N GLU E 241 -21.15 -1.99 55.12
CA GLU E 241 -21.74 -2.36 53.83
C GLU E 241 -21.19 -3.67 53.28
N HIS E 242 -19.88 -3.69 53.02
CA HIS E 242 -19.28 -4.79 52.27
C HIS E 242 -18.64 -5.86 53.16
N GLY E 243 -18.53 -5.59 54.45
CA GLY E 243 -17.91 -6.54 55.36
C GLY E 243 -18.84 -6.99 56.47
N LYS E 244 -18.26 -7.35 57.61
CA LYS E 244 -19.05 -7.78 58.77
C LYS E 244 -18.74 -6.92 59.99
N ALA E 245 -19.71 -6.12 60.41
CA ALA E 245 -19.58 -5.29 61.60
C ALA E 245 -20.59 -5.71 62.65
N VAL E 246 -20.12 -5.88 63.89
CA VAL E 246 -21.00 -6.21 64.99
C VAL E 246 -20.88 -5.18 66.11
N ALA E 247 -21.91 -5.09 66.94
CA ALA E 247 -21.94 -4.12 68.02
C ALA E 247 -21.61 -4.76 69.37
N HIS E 248 -20.90 -4.01 70.21
CA HIS E 248 -20.65 -4.42 71.58
C HIS E 248 -21.35 -3.48 72.56
N ARG E 249 -22.14 -4.04 73.46
CA ARG E 249 -22.89 -3.23 74.42
C ARG E 249 -22.00 -2.72 75.53
N PHE E 250 -22.05 -1.42 75.79
CA PHE E 250 -21.28 -0.80 76.86
C PHE E 250 -21.62 -1.41 78.22
N ALA E 251 -22.89 -1.70 78.42
CA ALA E 251 -23.37 -2.25 79.69
C ALA E 251 -22.71 -3.59 80.02
N ASP E 252 -22.26 -4.32 79.00
CA ASP E 252 -21.64 -5.62 79.21
C ASP E 252 -20.24 -5.49 79.82
N SER E 253 -19.48 -4.49 79.39
CA SER E 253 -18.08 -4.39 79.79
C SER E 253 -17.77 -3.16 80.66
N CYS E 254 -18.76 -2.30 80.87
CA CYS E 254 -18.60 -1.16 81.75
C CYS E 254 -18.18 -1.59 83.14
N VAL E 255 -17.19 -0.91 83.70
CA VAL E 255 -16.76 -1.22 85.06
C VAL E 255 -17.52 -0.32 86.03
N ARG E 256 -18.53 -0.89 86.67
CA ARG E 256 -19.37 -0.13 87.58
C ARG E 256 -18.95 -0.34 89.03
N SER E 257 -18.92 0.76 89.78
CA SER E 257 -18.72 0.70 91.21
C SER E 257 -20.01 0.25 91.88
N ASP E 258 -19.90 -0.26 93.10
CA ASP E 258 -21.09 -0.61 93.88
C ASP E 258 -21.89 0.63 94.20
N PHE E 259 -21.22 1.78 94.19
CA PHE E 259 -21.85 3.06 94.49
C PHE E 259 -22.19 3.82 93.21
N GLU E 260 -22.27 3.10 92.09
CA GLU E 260 -22.70 3.67 90.83
C GLU E 260 -23.98 3.01 90.37
N HIS E 261 -25.03 3.81 90.20
CA HIS E 261 -26.37 3.27 89.95
C HIS E 261 -26.63 2.91 88.49
N GLU E 262 -25.68 3.23 87.61
CA GLU E 262 -25.80 2.91 86.20
C GLU E 262 -24.46 3.08 85.50
N PRO E 263 -24.30 2.45 84.33
CA PRO E 263 -23.11 2.67 83.51
C PRO E 263 -22.87 4.16 83.22
N TYR E 264 -21.69 4.65 83.58
CA TYR E 264 -21.36 6.05 83.44
C TYR E 264 -20.56 6.34 82.17
N TRP E 265 -21.09 7.21 81.32
CA TRP E 265 -20.40 7.66 80.13
C TRP E 265 -20.77 9.10 79.85
N ARG E 266 -19.78 9.95 79.67
CA ARG E 266 -20.03 11.36 79.40
C ARG E 266 -19.18 11.86 78.24
N ASP E 267 -19.82 12.64 77.37
CA ASP E 267 -19.17 13.23 76.22
C ASP E 267 -18.60 14.61 76.57
N VAL E 268 -19.17 15.21 77.61
CA VAL E 268 -18.94 16.61 78.00
C VAL E 268 -18.65 17.51 76.79
N GLY E 269 -19.56 17.50 75.83
CA GLY E 269 -19.36 18.18 74.57
C GLY E 269 -19.63 19.66 74.61
N THR E 270 -20.49 20.10 75.52
CA THR E 270 -20.82 21.51 75.66
C THR E 270 -20.37 22.04 77.01
N ILE E 271 -20.41 23.36 77.17
CA ILE E 271 -20.02 23.99 78.42
C ILE E 271 -21.00 23.61 79.53
N ASP E 272 -22.27 23.46 79.16
CA ASP E 272 -23.27 22.98 80.10
C ASP E 272 -22.98 21.54 80.53
N ALA E 273 -22.74 20.68 79.55
CA ALA E 273 -22.47 19.27 79.81
C ALA E 273 -21.18 19.08 80.61
N TYR E 274 -20.19 19.93 80.34
CA TYR E 274 -18.93 19.90 81.07
C TYR E 274 -19.13 20.34 82.51
N TRP E 275 -19.82 21.47 82.67
CA TRP E 275 -20.13 22.01 83.99
C TRP E 275 -20.92 21.01 84.82
N GLN E 276 -21.92 20.40 84.18
CA GLN E 276 -22.82 19.48 84.87
C GLN E 276 -22.09 18.27 85.41
N ALA E 277 -21.23 17.68 84.60
CA ALA E 277 -20.52 16.45 84.97
C ALA E 277 -19.58 16.67 86.14
N ASN E 278 -18.95 17.84 86.20
CA ASN E 278 -18.04 18.16 87.29
C ASN E 278 -18.76 18.50 88.59
N ILE E 279 -19.82 19.29 88.49
CA ILE E 279 -20.59 19.69 89.67
C ILE E 279 -21.32 18.49 90.30
N ASP E 280 -21.73 17.55 89.46
CA ASP E 280 -22.42 16.36 89.95
C ASP E 280 -21.54 15.51 90.86
N LEU E 281 -20.23 15.77 90.83
CA LEU E 281 -19.28 15.08 91.70
C LEU E 281 -19.38 15.59 93.14
N THR E 282 -20.09 16.70 93.33
CA THR E 282 -20.29 17.27 94.65
C THR E 282 -21.52 16.70 95.33
N ASP E 283 -22.25 15.84 94.62
CA ASP E 283 -23.43 15.16 95.17
C ASP E 283 -23.06 14.27 96.34
N VAL E 284 -24.03 14.00 97.21
CA VAL E 284 -23.85 13.05 98.30
C VAL E 284 -23.58 11.67 97.73
N VAL E 285 -24.36 11.29 96.71
CA VAL E 285 -24.14 10.05 95.98
C VAL E 285 -23.96 10.34 94.50
N PRO E 286 -22.72 10.60 94.07
CA PRO E 286 -22.43 10.94 92.67
C PRO E 286 -22.62 9.77 91.72
N ASP E 287 -22.93 10.06 90.46
CA ASP E 287 -23.05 9.04 89.42
C ASP E 287 -21.70 8.37 89.18
N LEU E 288 -20.64 9.16 89.26
CA LEU E 288 -19.29 8.63 89.11
C LEU E 288 -18.63 8.48 90.48
N ASP E 289 -18.23 7.26 90.81
CA ASP E 289 -17.53 7.00 92.05
C ASP E 289 -16.02 7.15 91.85
N ILE E 290 -15.50 8.32 92.21
CA ILE E 290 -14.09 8.61 92.03
C ILE E 290 -13.28 8.14 93.24
N TYR E 291 -13.90 7.34 94.10
CA TYR E 291 -13.23 6.76 95.26
C TYR E 291 -13.15 5.25 95.13
N ASP E 292 -13.34 4.74 93.92
CA ASP E 292 -13.28 3.31 93.65
C ASP E 292 -11.83 2.88 93.38
N LYS E 293 -11.28 2.10 94.31
CA LYS E 293 -9.90 1.65 94.22
C LYS E 293 -9.74 0.44 93.30
N SER E 294 -10.85 -0.17 92.90
CA SER E 294 -10.80 -1.38 92.10
C SER E 294 -10.49 -1.10 90.62
N TRP E 295 -10.86 0.08 90.15
CA TRP E 295 -10.57 0.49 88.78
C TRP E 295 -10.05 1.92 88.76
N PRO E 296 -8.81 2.12 89.21
CA PRO E 296 -8.27 3.46 89.45
C PRO E 296 -7.93 4.22 88.17
N ILE E 297 -8.06 5.53 88.22
CA ILE E 297 -7.70 6.39 87.11
C ILE E 297 -6.35 7.06 87.39
N TRP E 298 -5.34 6.71 86.61
CA TRP E 298 -4.03 7.31 86.74
C TRP E 298 -3.97 8.64 86.00
N THR E 299 -3.15 9.56 86.50
CA THR E 299 -2.98 10.85 85.87
C THR E 299 -1.63 11.43 86.27
N TYR E 300 -1.31 12.62 85.76
CA TYR E 300 -0.13 13.32 86.25
C TYR E 300 -0.48 14.08 87.52
N ALA E 301 0.17 13.69 88.62
CA ALA E 301 -0.04 14.35 89.89
C ALA E 301 1.31 14.67 90.55
N GLU E 302 1.36 15.80 91.21
CA GLU E 302 2.56 16.18 91.96
C GLU E 302 2.26 16.18 93.45
N ILE E 303 3.31 16.10 94.26
CA ILE E 303 3.16 16.23 95.69
C ILE E 303 2.77 17.67 96.01
N THR E 304 1.61 17.83 96.63
CA THR E 304 1.10 19.15 96.96
C THR E 304 0.84 19.25 98.46
N PRO E 305 0.79 20.48 98.99
CA PRO E 305 0.36 20.64 100.39
C PRO E 305 -1.13 20.31 100.52
N PRO E 306 -1.60 20.04 101.75
CA PRO E 306 -3.02 19.79 101.97
C PRO E 306 -3.87 21.02 101.70
N ALA E 307 -5.18 20.86 101.68
CA ALA E 307 -6.08 22.01 101.58
C ALA E 307 -6.12 22.73 102.92
N LYS E 308 -6.23 24.06 102.87
CA LYS E 308 -6.21 24.86 104.09
C LYS E 308 -7.40 25.80 104.15
N PHE E 309 -8.09 25.80 105.28
CA PHE E 309 -9.23 26.69 105.49
C PHE E 309 -8.90 27.59 106.66
N VAL E 310 -9.04 28.90 106.46
CA VAL E 310 -8.54 29.86 107.39
C VAL E 310 -9.61 30.92 107.61
N HIS E 311 -9.59 31.54 108.80
CA HIS E 311 -10.48 32.66 109.16
C HIS E 311 -11.88 32.19 109.58
N ASP E 312 -12.32 32.69 110.74
CA ASP E 312 -13.54 32.21 111.37
C ASP E 312 -14.17 33.29 112.25
N ASP E 313 -14.31 34.50 111.71
CA ASP E 313 -14.88 35.59 112.50
C ASP E 313 -16.29 35.96 112.03
N GLU E 314 -16.84 37.02 112.61
CA GLU E 314 -18.22 37.43 112.35
C GLU E 314 -18.42 37.98 110.94
N ASP E 315 -17.34 38.21 110.21
CA ASP E 315 -17.43 38.79 108.88
C ASP E 315 -16.91 37.87 107.78
N ARG E 316 -15.97 36.98 108.12
CA ARG E 316 -15.41 36.08 107.12
C ARG E 316 -15.10 34.69 107.67
N ARG E 317 -15.39 33.68 106.86
CA ARG E 317 -15.15 32.29 107.22
C ARG E 317 -14.72 31.48 106.02
N GLY E 318 -13.50 30.95 106.08
CA GLY E 318 -13.03 30.05 105.04
C GLY E 318 -13.55 28.65 105.29
N SER E 319 -14.44 28.19 104.41
CA SER E 319 -15.03 26.88 104.57
C SER E 319 -15.67 26.40 103.26
N ALA E 320 -15.69 25.09 103.09
CA ALA E 320 -16.34 24.48 101.93
C ALA E 320 -17.55 23.68 102.38
N VAL E 321 -18.62 23.76 101.60
CA VAL E 321 -19.86 23.07 101.90
C VAL E 321 -20.39 22.43 100.62
N SER E 322 -20.73 21.14 100.71
CA SER E 322 -21.20 20.37 99.55
C SER E 322 -20.24 20.54 98.38
N SER E 323 -18.95 20.50 98.69
CA SER E 323 -17.92 20.84 97.71
C SER E 323 -16.81 19.79 97.64
N VAL E 324 -16.00 19.92 96.60
CA VAL E 324 -14.83 19.08 96.39
C VAL E 324 -13.58 19.95 96.22
N VAL E 325 -12.61 19.80 97.11
CA VAL E 325 -11.43 20.65 97.14
C VAL E 325 -10.13 19.87 97.02
N SER E 326 -9.29 20.25 96.07
CA SER E 326 -8.03 19.55 95.84
C SER E 326 -6.89 20.13 96.68
N GLY E 327 -5.69 19.60 96.46
CA GLY E 327 -4.52 20.02 97.21
C GLY E 327 -4.01 21.39 96.80
N ASP E 328 -3.11 21.94 97.62
CA ASP E 328 -2.51 23.25 97.37
C ASP E 328 -3.57 24.35 97.29
N CYS E 329 -4.74 24.09 97.87
CA CYS E 329 -5.81 25.08 97.90
C CYS E 329 -5.85 25.77 99.26
N ILE E 330 -5.82 27.10 99.23
CA ILE E 330 -6.00 27.88 100.45
C ILE E 330 -7.27 28.68 100.36
N ILE E 331 -8.25 28.31 101.19
CA ILE E 331 -9.53 29.00 101.23
C ILE E 331 -9.52 29.98 102.41
N SER E 332 -9.09 31.20 102.13
CA SER E 332 -8.86 32.19 103.18
C SER E 332 -10.04 33.14 103.31
N GLY E 333 -10.94 32.85 104.26
CA GLY E 333 -12.07 33.72 104.52
C GLY E 333 -13.11 33.70 103.42
N ALA E 334 -13.02 32.70 102.56
CA ALA E 334 -13.95 32.54 101.44
C ALA E 334 -14.99 31.46 101.72
N ALA E 335 -16.22 31.72 101.31
CA ALA E 335 -17.31 30.77 101.51
C ALA E 335 -17.62 30.03 100.22
N LEU E 336 -17.42 28.71 100.24
CA LEU E 336 -17.62 27.88 99.05
C LEU E 336 -18.84 26.97 99.23
N ASN E 337 -19.68 26.92 98.21
CA ASN E 337 -20.82 26.02 98.21
C ASN E 337 -21.03 25.36 96.86
N ARG E 338 -21.31 24.06 96.88
CA ARG E 338 -21.50 23.25 95.68
C ARG E 338 -20.47 23.59 94.60
N SER E 339 -19.20 23.54 94.96
CA SER E 339 -18.13 23.91 94.05
C SER E 339 -17.06 22.82 93.94
N LEU E 340 -16.47 22.71 92.75
CA LEU E 340 -15.38 21.77 92.51
C LEU E 340 -14.09 22.53 92.25
N LEU E 341 -13.13 22.41 93.16
CA LEU E 341 -11.87 23.12 93.03
C LEU E 341 -10.72 22.20 92.65
N PHE E 342 -10.07 22.51 91.53
CA PHE E 342 -8.87 21.78 91.12
C PHE E 342 -7.68 22.26 91.93
N THR E 343 -6.51 21.69 91.64
CA THR E 343 -5.31 21.95 92.45
C THR E 343 -4.84 23.40 92.40
N GLY E 344 -4.42 23.92 93.55
CA GLY E 344 -3.70 25.18 93.61
C GLY E 344 -4.54 26.45 93.65
N VAL E 345 -5.83 26.32 93.94
CA VAL E 345 -6.72 27.48 93.91
C VAL E 345 -6.54 28.34 95.16
N ARG E 346 -6.55 29.66 94.97
CA ARG E 346 -6.48 30.60 96.09
C ARG E 346 -7.74 31.43 96.15
N ALA E 347 -8.56 31.20 97.18
CA ALA E 347 -9.77 31.99 97.40
C ALA E 347 -9.55 32.91 98.59
N ASN E 348 -9.74 34.21 98.40
CA ASN E 348 -9.41 35.18 99.44
C ASN E 348 -10.61 35.78 100.15
N SER E 349 -10.35 36.54 101.21
CA SER E 349 -11.38 36.97 102.16
C SER E 349 -12.59 37.64 101.54
N TYR E 350 -13.75 37.37 102.13
CA TYR E 350 -15.02 37.97 101.75
C TYR E 350 -15.48 37.58 100.35
N SER E 351 -14.79 36.62 99.74
CA SER E 351 -15.22 36.11 98.44
C SER E 351 -16.16 34.91 98.62
N ARG E 352 -16.97 34.64 97.60
CA ARG E 352 -17.94 33.55 97.65
C ARG E 352 -18.03 32.83 96.32
N LEU E 353 -18.05 31.50 96.37
CA LEU E 353 -18.25 30.68 95.19
C LEU E 353 -19.45 29.76 95.35
N GLU E 354 -20.28 29.69 94.30
CA GLU E 354 -21.43 28.79 94.29
C GLU E 354 -21.60 28.19 92.90
N ASN E 355 -21.88 26.89 92.86
CA ASN E 355 -22.02 26.15 91.60
C ASN E 355 -20.86 26.43 90.66
N ALA E 356 -19.65 26.39 91.20
CA ALA E 356 -18.46 26.82 90.46
C ALA E 356 -17.50 25.67 90.17
N VAL E 357 -17.17 25.49 88.89
CA VAL E 357 -16.09 24.60 88.48
C VAL E 357 -14.82 25.44 88.30
N VAL E 358 -13.86 25.27 89.21
CA VAL E 358 -12.68 26.12 89.25
C VAL E 358 -11.42 25.32 88.89
N LEU E 359 -10.88 25.62 87.71
CA LEU E 359 -9.74 24.88 87.17
C LEU E 359 -8.44 25.29 87.89
N PRO E 360 -7.32 24.57 87.66
CA PRO E 360 -6.14 24.79 88.51
C PRO E 360 -5.55 26.22 88.51
N SER E 361 -4.93 26.57 89.63
CA SER E 361 -4.15 27.79 89.77
C SER E 361 -4.97 29.08 89.64
N VAL E 362 -6.27 28.99 89.89
CA VAL E 362 -7.13 30.16 89.85
C VAL E 362 -7.01 30.95 91.16
N LYS E 363 -6.99 32.27 91.06
CA LYS E 363 -7.00 33.12 92.24
C LYS E 363 -8.29 33.96 92.28
N ILE E 364 -9.00 33.89 93.40
CA ILE E 364 -10.23 34.66 93.60
C ILE E 364 -9.96 35.85 94.51
N GLY E 365 -10.07 37.06 93.95
CA GLY E 365 -9.83 38.27 94.70
C GLY E 365 -10.88 38.52 95.77
N ARG E 366 -10.52 39.35 96.76
CA ARG E 366 -11.43 39.68 97.85
C ARG E 366 -12.77 40.21 97.38
N HIS E 367 -13.81 39.91 98.15
CA HIS E 367 -15.16 40.42 97.94
C HIS E 367 -15.83 39.96 96.64
N ALA E 368 -15.16 39.09 95.90
CA ALA E 368 -15.73 38.59 94.65
C ALA E 368 -16.82 37.55 94.93
N GLN E 369 -17.88 37.58 94.13
CA GLN E 369 -18.96 36.62 94.25
C GLN E 369 -19.28 36.00 92.90
N LEU E 370 -19.01 34.72 92.75
CA LEU E 370 -19.19 34.04 91.49
C LEU E 370 -20.18 32.87 91.63
N SER E 371 -21.16 32.82 90.74
CA SER E 371 -22.16 31.75 90.77
C SER E 371 -22.39 31.17 89.38
N ASN E 372 -22.55 29.85 89.32
CA ASN E 372 -22.78 29.12 88.08
C ASN E 372 -21.71 29.42 87.03
N VAL E 373 -20.46 29.10 87.36
CA VAL E 373 -19.34 29.45 86.50
C VAL E 373 -18.39 28.30 86.23
N VAL E 374 -17.67 28.40 85.12
CA VAL E 374 -16.51 27.58 84.86
C VAL E 374 -15.32 28.51 84.69
N ILE E 375 -14.40 28.49 85.64
CA ILE E 375 -13.23 29.36 85.60
C ILE E 375 -12.04 28.62 85.00
N ASP E 376 -11.47 29.18 83.94
CA ASP E 376 -10.37 28.54 83.21
C ASP E 376 -9.10 28.51 84.05
N HIS E 377 -8.13 27.72 83.62
CA HIS E 377 -6.87 27.54 84.33
C HIS E 377 -6.09 28.84 84.52
N GLY E 378 -5.70 29.12 85.77
CA GLY E 378 -4.80 30.22 86.07
C GLY E 378 -5.39 31.61 86.11
N VAL E 379 -6.70 31.71 85.94
CA VAL E 379 -7.37 33.01 85.92
C VAL E 379 -7.30 33.71 87.28
N VAL E 380 -6.96 35.00 87.27
CA VAL E 380 -7.02 35.80 88.48
C VAL E 380 -8.29 36.66 88.46
N ILE E 381 -9.26 36.28 89.29
CA ILE E 381 -10.51 37.00 89.41
C ILE E 381 -10.29 38.33 90.14
N PRO E 382 -10.73 39.44 89.51
CA PRO E 382 -10.57 40.76 90.12
C PRO E 382 -11.34 40.88 91.43
N GLU E 383 -10.77 41.60 92.38
CA GLU E 383 -11.43 41.87 93.65
C GLU E 383 -12.77 42.54 93.42
N GLY E 384 -13.82 41.99 94.03
CA GLY E 384 -15.15 42.58 93.99
C GLY E 384 -15.99 42.21 92.78
N LEU E 385 -15.45 41.41 91.88
CA LEU E 385 -16.17 41.01 90.67
C LEU E 385 -17.40 40.16 91.03
N ILE E 386 -18.53 40.48 90.41
CA ILE E 386 -19.76 39.74 90.61
C ILE E 386 -20.19 39.05 89.31
N VAL E 387 -20.46 37.75 89.39
CA VAL E 387 -20.98 37.01 88.25
C VAL E 387 -22.19 36.19 88.70
N GLY E 388 -23.20 36.11 87.85
CA GLY E 388 -24.39 35.32 88.14
C GLY E 388 -25.54 36.18 88.65
N GLU E 389 -25.28 37.47 88.82
CA GLU E 389 -26.27 38.41 89.35
C GLU E 389 -27.00 39.14 88.25
N ASP E 390 -26.28 39.42 87.17
CA ASP E 390 -26.80 40.23 86.07
C ASP E 390 -26.56 39.49 84.75
N PRO E 391 -27.60 38.81 84.23
CA PRO E 391 -27.45 37.95 83.04
C PRO E 391 -27.00 38.72 81.82
N GLU E 392 -27.60 39.88 81.55
CA GLU E 392 -27.23 40.69 80.40
C GLU E 392 -25.78 41.11 80.50
N LEU E 393 -25.38 41.54 81.70
CA LEU E 393 -24.02 42.02 81.94
C LEU E 393 -23.00 40.88 81.92
N ASP E 394 -23.40 39.72 82.43
CA ASP E 394 -22.54 38.54 82.43
C ASP E 394 -22.31 38.04 81.00
N ALA E 395 -23.38 38.05 80.21
CA ALA E 395 -23.30 37.62 78.82
C ALA E 395 -22.46 38.60 78.00
N LYS E 396 -22.44 39.86 78.42
CA LYS E 396 -21.62 40.87 77.76
C LYS E 396 -20.14 40.59 77.98
N ARG E 397 -19.78 40.36 79.24
CA ARG E 397 -18.38 40.19 79.62
C ARG E 397 -17.83 38.81 79.26
N PHE E 398 -18.64 37.77 79.44
CA PHE E 398 -18.14 36.41 79.33
C PHE E 398 -18.91 35.54 78.35
N ARG E 399 -18.51 34.28 78.27
CA ARG E 399 -19.21 33.27 77.49
C ARG E 399 -20.30 32.63 78.34
N ARG E 400 -21.54 33.00 78.09
CA ARG E 400 -22.64 32.58 78.94
C ARG E 400 -23.63 31.69 78.19
N THR E 401 -23.84 30.48 78.69
CA THR E 401 -24.71 29.53 78.04
C THR E 401 -26.18 29.93 78.16
N GLU E 402 -27.04 29.26 77.42
CA GLU E 402 -28.47 29.54 77.46
C GLU E 402 -29.08 29.19 78.81
N SER E 403 -28.41 28.30 79.54
CA SER E 403 -28.92 27.85 80.84
C SER E 403 -28.30 28.64 81.98
N GLY E 404 -27.36 29.53 81.68
CA GLY E 404 -26.85 30.46 82.66
C GLY E 404 -25.48 30.18 83.26
N ILE E 405 -24.73 29.27 82.65
CA ILE E 405 -23.36 29.01 83.11
C ILE E 405 -22.37 29.88 82.35
N CYS E 406 -21.53 30.59 83.08
CA CYS E 406 -20.53 31.47 82.45
C CYS E 406 -19.15 30.83 82.41
N LEU E 407 -18.57 30.79 81.22
CA LEU E 407 -17.18 30.40 81.06
C LEU E 407 -16.29 31.64 81.15
N ILE E 408 -15.33 31.61 82.07
CA ILE E 408 -14.51 32.78 82.33
C ILE E 408 -13.02 32.53 82.06
N THR E 409 -12.46 33.30 81.13
CA THR E 409 -11.04 33.20 80.82
CA THR E 409 -11.04 33.21 80.82
C THR E 409 -10.33 34.51 81.15
N GLN E 410 -8.99 34.47 81.17
CA GLN E 410 -8.20 35.66 81.49
C GLN E 410 -8.36 36.74 80.44
N SER E 411 -8.51 36.32 79.18
CA SER E 411 -8.68 37.25 78.08
C SER E 411 -9.95 38.07 78.24
N MET E 412 -11.00 37.42 78.75
CA MET E 412 -12.25 38.11 79.05
C MET E 412 -12.06 39.08 80.21
N ILE E 413 -11.32 38.66 81.22
CA ILE E 413 -11.04 39.48 82.39
C ILE E 413 -10.22 40.72 82.01
N ASP E 414 -9.30 40.55 81.07
CA ASP E 414 -8.45 41.66 80.62
C ASP E 414 -9.27 42.70 79.85
N LYS E 415 -10.43 42.30 79.35
CA LYS E 415 -11.33 43.22 78.66
C LYS E 415 -12.05 44.13 79.64
N LEU E 416 -12.04 43.76 80.91
CA LEU E 416 -12.75 44.52 81.93
C LEU E 416 -12.03 45.82 82.30
N ASP E 417 -12.64 46.56 83.23
CA ASP E 417 -12.05 47.80 83.74
C ASP E 417 -12.45 47.99 85.19
N LEU E 418 -13.63 47.49 85.54
CA LEU E 418 -14.13 47.48 86.91
C LEU E 418 -14.16 48.88 87.51
N VAL F 4 -25.45 -23.90 -70.34
CA VAL F 4 -25.09 -22.74 -71.16
C VAL F 4 -23.94 -21.95 -70.53
N GLN F 5 -24.09 -21.61 -69.25
CA GLN F 5 -23.07 -20.89 -68.51
C GLN F 5 -21.95 -21.83 -68.08
N PRO F 6 -20.70 -21.50 -68.43
CA PRO F 6 -19.55 -22.34 -68.09
C PRO F 6 -19.38 -22.49 -66.58
N LEU F 7 -18.91 -23.65 -66.14
CA LEU F 7 -18.81 -23.94 -64.71
C LEU F 7 -17.63 -23.22 -64.06
N ALA F 8 -16.68 -22.79 -64.87
CA ALA F 8 -15.49 -22.12 -64.37
C ALA F 8 -15.84 -20.76 -63.77
N ARG F 9 -16.99 -20.21 -64.14
CA ARG F 9 -17.42 -18.90 -63.65
C ARG F 9 -17.57 -18.87 -62.13
N ASP F 10 -18.05 -19.96 -61.55
CA ASP F 10 -18.17 -20.04 -60.10
C ASP F 10 -17.36 -21.19 -59.53
N ALA F 11 -16.13 -21.32 -60.01
CA ALA F 11 -15.17 -22.27 -59.46
C ALA F 11 -13.99 -21.52 -58.86
N MET F 12 -13.35 -22.11 -57.87
CA MET F 12 -12.15 -21.53 -57.27
C MET F 12 -11.01 -22.53 -57.27
N ALA F 13 -9.92 -22.17 -57.94
CA ALA F 13 -8.74 -23.02 -57.97
C ALA F 13 -7.92 -22.81 -56.71
N TYR F 14 -7.68 -23.90 -55.99
CA TYR F 14 -6.87 -23.85 -54.78
C TYR F 14 -5.57 -24.62 -55.00
N VAL F 15 -4.47 -23.90 -55.16
CA VAL F 15 -3.21 -24.51 -55.53
C VAL F 15 -2.35 -24.86 -54.31
N LEU F 16 -1.94 -26.11 -54.23
CA LEU F 16 -1.09 -26.58 -53.15
C LEU F 16 0.37 -26.44 -53.54
N ALA F 17 1.03 -25.42 -53.02
CA ALA F 17 2.40 -25.11 -53.42
C ALA F 17 3.35 -25.19 -52.23
N GLY F 18 3.10 -26.15 -51.35
CA GLY F 18 3.96 -26.37 -50.21
C GLY F 18 5.05 -27.39 -50.50
N GLY F 19 5.01 -27.99 -51.68
CA GLY F 19 5.96 -29.02 -52.05
C GLY F 19 7.42 -28.69 -51.77
N ARG F 20 8.07 -29.52 -50.96
CA ARG F 20 9.47 -29.30 -50.62
C ARG F 20 10.38 -29.74 -51.76
N GLY F 21 9.97 -30.77 -52.49
CA GLY F 21 10.79 -31.33 -53.54
C GLY F 21 12.08 -31.88 -52.95
N SER F 22 11.94 -32.92 -52.14
CA SER F 22 13.06 -33.46 -51.37
C SER F 22 14.18 -34.01 -52.25
N ARG F 23 13.83 -34.83 -53.22
CA ARG F 23 14.81 -35.48 -54.08
C ARG F 23 15.51 -34.50 -55.02
N LEU F 24 15.09 -33.24 -55.00
CA LEU F 24 15.73 -32.20 -55.80
C LEU F 24 16.94 -31.63 -55.06
N LYS F 25 17.07 -32.00 -53.78
CA LYS F 25 18.24 -31.66 -52.97
C LYS F 25 18.54 -30.17 -52.91
N GLU F 26 19.79 -29.80 -53.21
CA GLU F 26 20.27 -28.42 -53.03
C GLU F 26 19.50 -27.41 -53.88
N LEU F 27 18.77 -27.90 -54.88
CA LEU F 27 17.96 -27.05 -55.73
C LEU F 27 16.82 -26.42 -54.94
N THR F 28 16.33 -27.14 -53.94
CA THR F 28 15.25 -26.66 -53.09
C THR F 28 15.68 -26.46 -51.65
N ASP F 29 16.94 -26.09 -51.44
CA ASP F 29 17.44 -25.82 -50.10
C ASP F 29 16.94 -24.48 -49.58
N ARG F 30 16.66 -23.56 -50.49
CA ARG F 30 16.21 -22.22 -50.10
C ARG F 30 15.01 -21.75 -50.93
N ARG F 31 14.20 -22.71 -51.39
CA ARG F 31 12.97 -22.41 -52.10
C ARG F 31 12.12 -23.66 -52.25
N ALA F 32 10.80 -23.48 -52.30
CA ALA F 32 9.89 -24.60 -52.50
C ALA F 32 9.95 -25.10 -53.93
N LYS F 33 9.52 -26.34 -54.15
CA LYS F 33 9.55 -26.93 -55.48
C LYS F 33 8.75 -26.15 -56.53
N PRO F 34 7.53 -25.67 -56.19
CA PRO F 34 6.84 -24.84 -57.19
C PRO F 34 7.59 -23.58 -57.59
N ALA F 35 8.56 -23.16 -56.79
CA ALA F 35 9.33 -21.96 -57.08
C ALA F 35 10.54 -22.26 -57.97
N VAL F 36 10.76 -23.54 -58.24
CA VAL F 36 11.89 -23.96 -59.08
C VAL F 36 11.65 -23.52 -60.54
N TYR F 37 12.70 -22.97 -61.15
CA TYR F 37 12.64 -22.48 -62.51
C TYR F 37 12.41 -23.58 -63.54
N PHE F 38 11.79 -23.23 -64.66
CA PHE F 38 11.60 -24.17 -65.76
C PHE F 38 11.35 -23.49 -67.09
N GLY F 39 11.91 -24.07 -68.16
CA GLY F 39 11.58 -23.65 -69.51
C GLY F 39 12.38 -22.49 -70.05
N GLY F 40 13.09 -21.78 -69.17
CA GLY F 40 13.89 -20.65 -69.58
C GLY F 40 13.40 -19.31 -69.04
N LYS F 41 12.11 -19.22 -68.73
CA LYS F 41 11.56 -17.96 -68.23
C LYS F 41 10.58 -18.12 -67.07
N ALA F 42 9.99 -19.31 -66.94
CA ALA F 42 8.93 -19.51 -65.96
C ALA F 42 9.37 -20.33 -64.76
N ARG F 43 8.47 -20.46 -63.79
CA ARG F 43 8.66 -21.35 -62.66
C ARG F 43 7.59 -22.43 -62.74
N ILE F 44 7.79 -23.53 -62.02
CA ILE F 44 6.87 -24.67 -62.09
C ILE F 44 5.43 -24.28 -61.73
N ILE F 45 5.29 -23.41 -60.74
CA ILE F 45 3.98 -22.99 -60.25
C ILE F 45 3.14 -22.30 -61.33
N ASP F 46 3.79 -21.70 -62.32
CA ASP F 46 3.11 -20.92 -63.35
C ASP F 46 2.20 -21.76 -64.24
N PHE F 47 2.43 -23.07 -64.26
CA PHE F 47 1.65 -23.93 -65.14
C PHE F 47 0.26 -24.22 -64.59
N ALA F 48 0.18 -24.59 -63.31
CA ALA F 48 -1.13 -24.81 -62.69
C ALA F 48 -1.96 -23.51 -62.69
N LEU F 49 -1.28 -22.39 -62.48
CA LEU F 49 -1.95 -21.09 -62.41
C LEU F 49 -2.46 -20.65 -63.78
N SER F 50 -1.66 -20.87 -64.81
CA SER F 50 -2.05 -20.51 -66.17
C SER F 50 -3.18 -21.42 -66.64
N ASN F 51 -3.14 -22.68 -66.21
CA ASN F 51 -4.21 -23.62 -66.49
C ASN F 51 -5.54 -23.12 -65.94
N ALA F 52 -5.51 -22.67 -64.69
CA ALA F 52 -6.70 -22.11 -64.05
C ALA F 52 -7.19 -20.88 -64.80
N LEU F 53 -6.26 -19.99 -65.12
CA LEU F 53 -6.56 -18.76 -65.83
C LEU F 53 -7.19 -19.04 -67.19
N ASN F 54 -6.50 -19.83 -68.01
CA ASN F 54 -6.96 -20.14 -69.35
C ASN F 54 -8.26 -20.95 -69.37
N SER F 55 -8.54 -21.65 -68.26
CA SER F 55 -9.75 -22.46 -68.16
C SER F 55 -10.97 -21.60 -67.82
N GLY F 56 -10.72 -20.41 -67.29
CA GLY F 56 -11.79 -19.51 -66.96
C GLY F 56 -12.06 -19.39 -65.47
N ILE F 57 -11.11 -19.86 -64.67
CA ILE F 57 -11.23 -19.73 -63.22
C ILE F 57 -10.57 -18.42 -62.81
N ARG F 58 -11.37 -17.48 -62.34
CA ARG F 58 -10.87 -16.14 -62.02
C ARG F 58 -10.66 -15.93 -60.52
N ARG F 59 -10.86 -16.99 -59.73
CA ARG F 59 -10.53 -16.94 -58.32
C ARG F 59 -9.51 -18.02 -57.98
N ILE F 60 -8.34 -17.58 -57.54
CA ILE F 60 -7.24 -18.49 -57.25
C ILE F 60 -6.69 -18.30 -55.84
N GLY F 61 -6.49 -19.41 -55.14
CA GLY F 61 -5.81 -19.38 -53.85
C GLY F 61 -4.57 -20.24 -53.89
N VAL F 62 -3.47 -19.73 -53.34
CA VAL F 62 -2.22 -20.49 -53.32
C VAL F 62 -1.74 -20.71 -51.89
N ALA F 63 -1.75 -21.98 -51.46
CA ALA F 63 -1.27 -22.34 -50.13
C ALA F 63 0.24 -22.60 -50.15
N THR F 64 0.97 -21.83 -49.35
CA THR F 64 2.42 -22.01 -49.25
C THR F 64 2.82 -22.49 -47.85
N GLN F 65 4.08 -22.90 -47.71
CA GLN F 65 4.58 -23.36 -46.42
C GLN F 65 6.10 -23.24 -46.34
N TYR F 66 6.79 -24.26 -46.80
CA TYR F 66 8.23 -24.37 -46.61
C TYR F 66 9.00 -23.45 -47.55
N LYS F 67 9.95 -22.69 -46.97
CA LYS F 67 10.89 -21.86 -47.71
C LYS F 67 10.20 -21.00 -48.77
N ALA F 68 9.04 -20.46 -48.43
CA ALA F 68 8.14 -19.85 -49.40
C ALA F 68 8.47 -18.39 -49.73
N HIS F 69 9.62 -17.90 -49.29
CA HIS F 69 9.98 -16.49 -49.50
C HIS F 69 9.99 -16.11 -50.98
N SER F 70 10.78 -16.83 -51.78
CA SER F 70 10.91 -16.51 -53.20
C SER F 70 9.63 -16.82 -53.96
N LEU F 71 8.91 -17.83 -53.50
CA LEU F 71 7.66 -18.23 -54.12
C LEU F 71 6.60 -17.15 -53.96
N ILE F 72 6.46 -16.64 -52.74
CA ILE F 72 5.50 -15.59 -52.44
C ILE F 72 5.80 -14.32 -53.22
N ARG F 73 7.08 -13.97 -53.31
CA ARG F 73 7.49 -12.77 -54.05
C ARG F 73 7.20 -12.93 -55.55
N HIS F 74 7.43 -14.13 -56.07
CA HIS F 74 7.12 -14.43 -57.46
C HIS F 74 5.62 -14.22 -57.75
N LEU F 75 4.77 -14.71 -56.85
CA LEU F 75 3.33 -14.58 -57.00
C LEU F 75 2.87 -13.12 -56.87
N GLN F 76 3.47 -12.40 -55.94
CA GLN F 76 3.17 -10.98 -55.75
C GLN F 76 3.58 -10.16 -56.98
N ARG F 77 4.71 -10.53 -57.57
CA ARG F 77 5.27 -9.79 -58.69
C ARG F 77 4.66 -10.16 -60.03
N GLY F 78 4.37 -11.45 -60.21
CA GLY F 78 3.92 -11.94 -61.50
C GLY F 78 2.42 -12.10 -61.64
N TRP F 79 1.75 -12.42 -60.54
CA TRP F 79 0.32 -12.67 -60.57
C TRP F 79 -0.43 -11.58 -59.80
N ASP F 80 -0.33 -10.37 -60.33
CA ASP F 80 -0.77 -9.15 -59.64
C ASP F 80 -1.85 -8.39 -60.40
N PHE F 81 -2.50 -9.05 -61.36
CA PHE F 81 -3.42 -8.35 -62.25
C PHE F 81 -4.90 -8.69 -62.00
N PHE F 82 -5.17 -9.41 -60.92
CA PHE F 82 -6.55 -9.71 -60.54
C PHE F 82 -7.14 -8.52 -59.76
N ARG F 83 -8.39 -8.17 -60.06
CA ARG F 83 -9.08 -7.12 -59.31
C ARG F 83 -10.40 -7.64 -58.77
N PRO F 84 -10.56 -7.60 -57.44
CA PRO F 84 -11.75 -8.10 -56.73
C PRO F 84 -13.06 -7.48 -57.23
N GLU F 85 -13.04 -6.23 -57.65
CA GLU F 85 -14.28 -5.59 -58.10
C GLU F 85 -14.71 -6.12 -59.46
N ARG F 86 -13.85 -6.90 -60.10
CA ARG F 86 -14.21 -7.59 -61.34
C ARG F 86 -14.49 -9.06 -61.06
N ASN F 87 -14.71 -9.39 -59.78
CA ASN F 87 -14.94 -10.76 -59.31
C ASN F 87 -13.78 -11.69 -59.59
N GLU F 88 -12.58 -11.12 -59.68
CA GLU F 88 -11.36 -11.89 -59.78
C GLU F 88 -10.60 -11.78 -58.48
N SER F 89 -10.03 -12.87 -57.99
CA SER F 89 -9.26 -12.80 -56.77
C SER F 89 -8.03 -13.70 -56.82
N PHE F 90 -6.94 -13.22 -56.21
CA PHE F 90 -5.74 -14.02 -56.06
C PHE F 90 -5.25 -13.89 -54.63
N ASP F 91 -5.39 -14.97 -53.86
CA ASP F 91 -5.00 -14.96 -52.45
C ASP F 91 -3.77 -15.82 -52.20
N ILE F 92 -2.74 -15.23 -51.63
CA ILE F 92 -1.54 -15.96 -51.22
C ILE F 92 -1.68 -16.36 -49.76
N LEU F 93 -1.76 -17.66 -49.51
CA LEU F 93 -2.07 -18.17 -48.18
C LEU F 93 -0.87 -18.86 -47.54
N ALA F 94 -0.22 -18.17 -46.61
CA ALA F 94 0.99 -18.67 -45.97
C ALA F 94 0.82 -18.86 -44.47
N ALA F 95 1.73 -19.65 -43.89
CA ALA F 95 1.83 -19.85 -42.44
C ALA F 95 0.50 -20.22 -41.79
N THR F 102 -2.28 -20.51 -38.47
CA THR F 102 -2.22 -20.27 -37.02
C THR F 102 -0.88 -20.70 -36.45
N GLN F 103 -0.16 -21.53 -37.20
CA GLN F 103 1.18 -21.96 -36.81
C GLN F 103 1.94 -22.56 -38.01
N TRP F 104 1.51 -23.74 -38.43
CA TRP F 104 2.11 -24.51 -39.52
C TRP F 104 1.00 -25.39 -40.08
N TYR F 105 0.92 -25.56 -41.39
CA TYR F 105 -0.08 -26.46 -41.95
C TYR F 105 0.24 -27.90 -41.58
N GLU F 106 -0.69 -28.58 -40.92
CA GLU F 106 -0.49 -29.96 -40.50
C GLU F 106 -0.25 -30.86 -41.71
N GLY F 107 -0.94 -30.55 -42.78
CA GLY F 107 -0.80 -31.27 -44.03
C GLY F 107 -1.34 -30.43 -45.17
N THR F 108 -1.89 -31.09 -46.18
CA THR F 108 -2.40 -30.41 -47.36
C THR F 108 -3.91 -30.19 -47.23
N ALA F 109 -4.59 -31.11 -46.56
CA ALA F 109 -5.99 -30.93 -46.22
C ALA F 109 -6.13 -29.84 -45.17
N ASP F 110 -5.09 -29.69 -44.35
CA ASP F 110 -5.05 -28.64 -43.35
C ASP F 110 -4.88 -27.27 -44.02
N ALA F 111 -4.26 -27.27 -45.20
CA ALA F 111 -4.03 -26.03 -45.94
C ALA F 111 -5.33 -25.37 -46.37
N VAL F 112 -6.37 -26.17 -46.56
CA VAL F 112 -7.67 -25.64 -46.95
C VAL F 112 -8.53 -25.34 -45.72
N TYR F 113 -8.48 -26.25 -44.74
CA TYR F 113 -9.23 -26.10 -43.50
C TYR F 113 -8.95 -24.77 -42.80
N GLN F 114 -7.67 -24.41 -42.75
CA GLN F 114 -7.24 -23.21 -42.06
C GLN F 114 -7.72 -21.93 -42.74
N ASN F 115 -8.01 -22.03 -44.04
CA ASN F 115 -8.40 -20.86 -44.82
C ASN F 115 -9.85 -20.90 -45.29
N ILE F 116 -10.70 -21.62 -44.56
CA ILE F 116 -12.12 -21.68 -44.87
C ILE F 116 -12.73 -20.28 -44.81
N ASP F 117 -12.23 -19.46 -43.88
CA ASP F 117 -12.75 -18.11 -43.69
C ASP F 117 -12.35 -17.15 -44.80
N ILE F 118 -11.43 -17.57 -45.65
CA ILE F 118 -11.05 -16.78 -46.83
C ILE F 118 -11.87 -17.25 -48.04
N ILE F 119 -12.14 -18.55 -48.09
CA ILE F 119 -12.94 -19.12 -49.16
C ILE F 119 -14.43 -18.77 -49.02
N GLU F 120 -14.91 -18.75 -47.78
CA GLU F 120 -16.34 -18.55 -47.49
C GLU F 120 -16.97 -17.27 -48.06
N PRO F 121 -16.28 -16.10 -47.93
CA PRO F 121 -16.88 -14.90 -48.53
C PRO F 121 -17.12 -15.01 -50.03
N TYR F 122 -16.21 -15.66 -50.73
CA TYR F 122 -16.33 -15.83 -52.19
C TYR F 122 -17.51 -16.73 -52.55
N ALA F 123 -17.75 -17.73 -51.72
CA ALA F 123 -18.83 -18.70 -51.92
C ALA F 123 -18.87 -19.30 -53.33
N PRO F 124 -17.78 -19.96 -53.75
CA PRO F 124 -17.80 -20.57 -55.09
C PRO F 124 -18.62 -21.86 -55.09
N GLU F 125 -19.17 -22.24 -56.24
CA GLU F 125 -19.93 -23.47 -56.34
C GLU F 125 -19.01 -24.68 -56.27
N TYR F 126 -17.83 -24.57 -56.90
CA TYR F 126 -16.93 -25.70 -57.02
C TYR F 126 -15.51 -25.33 -56.60
N MET F 127 -14.82 -26.29 -55.99
CA MET F 127 -13.42 -26.14 -55.62
C MET F 127 -12.58 -27.05 -56.50
N VAL F 128 -11.61 -26.46 -57.20
CA VAL F 128 -10.67 -27.23 -58.01
C VAL F 128 -9.32 -27.27 -57.30
N ILE F 129 -9.05 -28.38 -56.62
CA ILE F 129 -7.81 -28.53 -55.86
C ILE F 129 -6.68 -29.01 -56.76
N LEU F 130 -5.57 -28.27 -56.75
CA LEU F 130 -4.49 -28.51 -57.70
C LEU F 130 -3.14 -28.69 -57.03
N ALA F 131 -2.30 -29.53 -57.63
CA ALA F 131 -0.91 -29.65 -57.23
C ALA F 131 -0.10 -28.59 -57.96
N GLY F 132 0.72 -27.84 -57.23
CA GLY F 132 1.46 -26.74 -57.82
C GLY F 132 2.89 -27.07 -58.20
N ASP F 133 3.23 -28.35 -58.22
CA ASP F 133 4.61 -28.75 -58.48
C ASP F 133 4.77 -29.63 -59.72
N HIS F 134 3.79 -29.58 -60.61
CA HIS F 134 3.84 -30.35 -61.85
C HIS F 134 3.81 -29.45 -63.07
N ILE F 135 4.39 -29.93 -64.17
CA ILE F 135 4.38 -29.21 -65.43
C ILE F 135 3.44 -29.90 -66.41
N TYR F 136 2.33 -29.23 -66.72
CA TYR F 136 1.29 -29.81 -67.55
C TYR F 136 0.28 -28.75 -67.98
N LYS F 137 -0.44 -29.02 -69.08
CA LYS F 137 -1.46 -28.10 -69.56
C LYS F 137 -2.81 -28.81 -69.68
N MET F 138 -3.83 -28.20 -69.08
CA MET F 138 -5.12 -28.87 -68.90
C MET F 138 -6.28 -27.90 -68.83
N ASP F 139 -7.38 -28.22 -69.51
CA ASP F 139 -8.59 -27.42 -69.47
C ASP F 139 -9.53 -27.97 -68.40
N TYR F 140 -9.58 -27.27 -67.25
CA TYR F 140 -10.32 -27.75 -66.09
C TYR F 140 -11.83 -27.73 -66.26
N GLU F 141 -12.32 -27.07 -67.31
CA GLU F 141 -13.75 -27.03 -67.55
C GLU F 141 -14.29 -28.44 -67.81
N TYR F 142 -13.57 -29.22 -68.61
CA TYR F 142 -13.92 -30.60 -68.88
C TYR F 142 -14.13 -31.40 -67.61
N MET F 143 -13.20 -31.25 -66.67
CA MET F 143 -13.25 -31.96 -65.40
C MET F 143 -14.41 -31.47 -64.52
N LEU F 144 -14.71 -30.18 -64.62
CA LEU F 144 -15.85 -29.61 -63.91
C LEU F 144 -17.16 -30.13 -64.48
N GLN F 145 -17.23 -30.21 -65.81
CA GLN F 145 -18.40 -30.71 -66.51
C GLN F 145 -18.73 -32.14 -66.08
N GLN F 146 -17.71 -32.98 -66.05
CA GLN F 146 -17.88 -34.37 -65.64
C GLN F 146 -18.32 -34.45 -64.18
N HIS F 147 -17.77 -33.58 -63.34
CA HIS F 147 -18.04 -33.65 -61.91
C HIS F 147 -19.47 -33.28 -61.54
N VAL F 148 -20.16 -32.55 -62.39
CA VAL F 148 -21.54 -32.18 -62.11
C VAL F 148 -22.52 -33.10 -62.84
N ASP F 149 -22.02 -33.85 -63.82
CA ASP F 149 -22.87 -34.72 -64.62
C ASP F 149 -22.91 -36.15 -64.07
N SER F 150 -21.80 -36.61 -63.50
CA SER F 150 -21.73 -37.96 -62.94
C SER F 150 -22.43 -38.03 -61.60
N GLY F 151 -22.35 -36.94 -60.83
CA GLY F 151 -22.94 -36.88 -59.50
C GLY F 151 -21.94 -37.22 -58.40
N ALA F 152 -20.66 -37.14 -58.72
CA ALA F 152 -19.61 -37.58 -57.82
C ALA F 152 -19.48 -36.70 -56.58
N ASP F 153 -18.89 -37.26 -55.54
CA ASP F 153 -18.53 -36.49 -54.35
C ASP F 153 -17.15 -35.89 -54.58
N VAL F 154 -16.34 -36.58 -55.37
CA VAL F 154 -15.05 -36.04 -55.80
C VAL F 154 -14.66 -36.62 -57.17
N THR F 155 -14.21 -35.74 -58.06
CA THR F 155 -13.64 -36.18 -59.32
C THR F 155 -12.12 -36.03 -59.22
N ILE F 156 -11.39 -37.02 -59.70
CA ILE F 156 -9.94 -37.04 -59.54
C ILE F 156 -9.23 -37.13 -60.89
N GLY F 157 -8.25 -36.25 -61.10
CA GLY F 157 -7.48 -36.24 -62.32
C GLY F 157 -6.50 -37.39 -62.35
N CYS F 158 -6.57 -38.20 -63.40
CA CYS F 158 -5.78 -39.42 -63.50
C CYS F 158 -5.00 -39.53 -64.80
N LEU F 159 -3.72 -39.88 -64.68
CA LEU F 159 -2.91 -40.21 -65.85
C LEU F 159 -3.08 -41.68 -66.20
N GLU F 160 -3.01 -42.01 -67.48
CA GLU F 160 -3.04 -43.40 -67.91
C GLU F 160 -1.62 -43.83 -68.29
N VAL F 161 -1.00 -44.60 -67.41
CA VAL F 161 0.39 -44.99 -67.58
C VAL F 161 0.54 -46.50 -67.52
N PRO F 162 1.64 -47.04 -68.10
CA PRO F 162 1.92 -48.46 -67.95
C PRO F 162 1.96 -48.87 -66.48
N ARG F 163 1.37 -50.01 -66.14
CA ARG F 163 1.28 -50.47 -64.75
C ARG F 163 2.65 -50.53 -64.09
N MET F 164 3.67 -50.88 -64.88
CA MET F 164 5.04 -50.90 -64.42
C MET F 164 5.45 -49.57 -63.78
N GLU F 165 5.11 -48.48 -64.45
CA GLU F 165 5.57 -47.15 -64.07
C GLU F 165 4.61 -46.46 -63.10
N ALA F 166 3.53 -47.15 -62.74
CA ALA F 166 2.54 -46.59 -61.82
C ALA F 166 2.91 -46.88 -60.38
N THR F 167 4.00 -47.60 -60.18
CA THR F 167 4.43 -48.03 -58.85
C THR F 167 4.97 -46.87 -58.01
N GLY F 168 5.22 -45.74 -58.67
CA GLY F 168 5.74 -44.57 -57.98
C GLY F 168 4.67 -43.53 -57.69
N PHE F 169 3.44 -43.84 -58.06
CA PHE F 169 2.34 -42.89 -57.95
C PHE F 169 1.33 -43.27 -56.88
N GLY F 170 0.19 -42.58 -56.87
CA GLY F 170 -0.97 -42.94 -56.08
C GLY F 170 -2.01 -43.55 -57.01
N VAL F 171 -2.14 -44.87 -56.99
CA VAL F 171 -2.96 -45.55 -58.00
C VAL F 171 -4.44 -45.64 -57.64
N MET F 172 -5.29 -45.33 -58.61
CA MET F 172 -6.72 -45.49 -58.48
C MET F 172 -7.19 -46.80 -59.11
N HIS F 173 -8.00 -47.56 -58.39
CA HIS F 173 -8.58 -48.79 -58.89
C HIS F 173 -10.05 -48.55 -59.24
N VAL F 174 -10.42 -48.75 -60.50
CA VAL F 174 -11.77 -48.42 -60.96
C VAL F 174 -12.53 -49.63 -61.46
N ASN F 175 -13.80 -49.42 -61.79
CA ASN F 175 -14.56 -50.40 -62.57
C ASN F 175 -14.62 -49.95 -64.02
N GLU F 176 -15.52 -50.52 -64.81
CA GLU F 176 -15.56 -50.18 -66.24
C GLU F 176 -16.36 -48.91 -66.50
N LYS F 177 -16.70 -48.19 -65.44
CA LYS F 177 -17.33 -46.88 -65.57
C LYS F 177 -16.50 -45.82 -64.86
N ASP F 178 -15.23 -46.14 -64.64
CA ASP F 178 -14.28 -45.25 -63.98
C ASP F 178 -14.75 -44.78 -62.60
N GLU F 179 -15.34 -45.71 -61.84
CA GLU F 179 -15.70 -45.44 -60.46
C GLU F 179 -14.64 -46.05 -59.54
N ILE F 180 -13.83 -45.20 -58.95
CA ILE F 180 -12.72 -45.64 -58.09
C ILE F 180 -13.23 -46.48 -56.91
N ILE F 181 -12.72 -47.69 -56.81
CA ILE F 181 -13.15 -48.62 -55.77
C ILE F 181 -12.09 -48.77 -54.68
N ASP F 182 -10.88 -48.29 -54.95
CA ASP F 182 -9.81 -48.31 -53.96
C ASP F 182 -8.68 -47.36 -54.32
N PHE F 183 -7.96 -46.87 -53.32
CA PHE F 183 -6.77 -46.08 -53.54
C PHE F 183 -5.58 -46.69 -52.82
N ILE F 184 -4.56 -47.12 -53.57
CA ILE F 184 -3.31 -47.60 -52.96
C ILE F 184 -2.12 -46.69 -53.26
N GLU F 185 -1.38 -46.31 -52.23
CA GLU F 185 -0.17 -45.48 -52.39
C GLU F 185 1.08 -46.30 -52.74
N LYS F 186 1.55 -46.14 -53.96
CA LYS F 186 2.75 -46.83 -54.47
C LYS F 186 2.73 -48.35 -54.33
N PRO F 187 1.72 -49.02 -54.91
CA PRO F 187 1.74 -50.48 -54.86
C PRO F 187 2.81 -51.04 -55.78
N ALA F 188 3.45 -52.14 -55.38
CA ALA F 188 4.47 -52.74 -56.21
C ALA F 188 3.85 -53.42 -57.42
N ASP F 189 2.58 -53.78 -57.30
CA ASP F 189 1.83 -54.36 -58.41
C ASP F 189 0.47 -53.66 -58.53
N PRO F 190 0.45 -52.51 -59.22
CA PRO F 190 -0.76 -51.67 -59.33
C PRO F 190 -1.89 -52.37 -60.06
N PRO F 191 -3.14 -52.10 -59.66
CA PRO F 191 -4.28 -52.66 -60.38
C PRO F 191 -4.41 -52.04 -61.76
N GLY F 192 -4.87 -52.82 -62.73
CA GLY F 192 -5.03 -52.31 -64.09
C GLY F 192 -6.47 -51.92 -64.38
N ILE F 193 -6.64 -51.00 -65.33
CA ILE F 193 -7.96 -50.60 -65.79
C ILE F 193 -8.72 -51.82 -66.29
N PRO F 194 -9.77 -52.24 -65.56
CA PRO F 194 -10.56 -53.47 -65.74
C PRO F 194 -10.60 -53.97 -67.18
N GLY F 195 -10.18 -55.22 -67.37
CA GLY F 195 -9.98 -55.74 -68.71
C GLY F 195 -8.66 -55.26 -69.27
N ASN F 196 -8.65 -54.02 -69.73
CA ASN F 196 -7.44 -53.40 -70.28
C ASN F 196 -6.35 -53.23 -69.24
N GLU F 197 -5.73 -54.34 -68.84
CA GLU F 197 -4.61 -54.27 -67.90
C GLU F 197 -3.35 -53.92 -68.67
N GLY F 198 -2.27 -53.65 -67.95
CA GLY F 198 -1.06 -53.15 -68.58
C GLY F 198 -0.94 -51.66 -68.42
N PHE F 199 -2.09 -51.00 -68.20
CA PHE F 199 -2.12 -49.59 -67.86
C PHE F 199 -2.91 -49.37 -66.58
N ALA F 200 -2.45 -48.45 -65.75
CA ALA F 200 -3.14 -48.09 -64.52
C ALA F 200 -3.46 -46.59 -64.50
N LEU F 201 -4.42 -46.20 -63.69
CA LEU F 201 -4.80 -44.80 -63.58
C LEU F 201 -4.05 -44.11 -62.46
N ALA F 202 -3.16 -43.20 -62.85
CA ALA F 202 -2.30 -42.51 -61.90
C ALA F 202 -2.85 -41.15 -61.49
N SER F 203 -3.14 -41.00 -60.20
CA SER F 203 -3.70 -39.76 -59.68
C SER F 203 -2.74 -38.57 -59.85
N MET F 204 -3.28 -37.45 -60.32
CA MET F 204 -2.49 -36.25 -60.55
C MET F 204 -2.45 -35.33 -59.34
N GLY F 205 -3.23 -35.67 -58.31
CA GLY F 205 -3.35 -34.81 -57.15
C GLY F 205 -4.25 -33.64 -57.49
N ILE F 206 -5.13 -33.86 -58.46
CA ILE F 206 -6.10 -32.86 -58.90
C ILE F 206 -7.50 -33.31 -58.54
N TYR F 207 -8.14 -32.58 -57.62
CA TYR F 207 -9.45 -32.98 -57.12
C TYR F 207 -10.50 -31.89 -57.32
N VAL F 208 -11.66 -32.27 -57.83
CA VAL F 208 -12.77 -31.33 -58.00
C VAL F 208 -13.92 -31.67 -57.05
N PHE F 209 -14.32 -30.70 -56.24
CA PHE F 209 -15.41 -30.87 -55.29
C PHE F 209 -16.55 -29.90 -55.51
N HIS F 210 -17.70 -30.19 -54.91
CA HIS F 210 -18.67 -29.15 -54.59
C HIS F 210 -18.13 -28.49 -53.33
N THR F 211 -18.13 -27.17 -53.29
CA THR F 211 -17.47 -26.44 -52.20
C THR F 211 -18.05 -26.78 -50.83
N LYS F 212 -19.37 -26.92 -50.75
CA LYS F 212 -20.01 -27.24 -49.48
C LYS F 212 -19.57 -28.62 -48.98
N PHE F 213 -19.52 -29.58 -49.90
CA PHE F 213 -19.09 -30.93 -49.55
C PHE F 213 -17.66 -30.95 -49.04
N LEU F 214 -16.79 -30.17 -49.67
CA LEU F 214 -15.38 -30.14 -49.31
C LEU F 214 -15.17 -29.57 -47.90
N MET F 215 -15.92 -28.52 -47.57
CA MET F 215 -15.79 -27.87 -46.27
C MET F 215 -16.03 -28.87 -45.14
N GLU F 216 -17.20 -29.50 -45.16
CA GLU F 216 -17.56 -30.49 -44.15
C GLU F 216 -16.65 -31.71 -44.19
N ALA F 217 -16.13 -32.03 -45.37
CA ALA F 217 -15.22 -33.15 -45.53
C ALA F 217 -13.90 -32.88 -44.80
N LEU F 218 -13.53 -31.60 -44.72
CA LEU F 218 -12.29 -31.21 -44.06
C LEU F 218 -12.55 -30.75 -42.63
N ARG F 219 -13.81 -30.52 -42.31
CA ARG F 219 -14.22 -30.32 -40.92
C ARG F 219 -14.09 -31.65 -40.19
N ARG F 220 -14.46 -32.72 -40.88
CA ARG F 220 -14.35 -34.08 -40.36
C ARG F 220 -12.90 -34.49 -40.14
N ASP F 221 -12.05 -34.15 -41.12
CA ASP F 221 -10.65 -34.54 -41.09
C ASP F 221 -9.90 -33.86 -39.95
N ALA F 222 -10.27 -32.62 -39.65
CA ALA F 222 -9.63 -31.87 -38.57
C ALA F 222 -10.01 -32.46 -37.21
N ALA F 223 -11.11 -33.19 -37.17
CA ALA F 223 -11.59 -33.79 -35.93
C ALA F 223 -11.13 -35.24 -35.80
N ASP F 224 -10.17 -35.63 -36.63
CA ASP F 224 -9.63 -36.99 -36.60
C ASP F 224 -8.13 -36.94 -36.29
N PRO F 225 -7.75 -37.40 -35.08
CA PRO F 225 -6.35 -37.39 -34.65
C PRO F 225 -5.52 -38.47 -35.34
N THR F 226 -6.20 -39.46 -35.93
CA THR F 226 -5.52 -40.51 -36.69
C THR F 226 -5.20 -40.06 -38.10
N SER F 227 -5.74 -38.89 -38.47
CA SER F 227 -5.55 -38.35 -39.81
C SER F 227 -4.20 -37.67 -39.97
N SER F 228 -3.56 -37.87 -41.12
CA SER F 228 -2.31 -37.19 -41.44
C SER F 228 -2.59 -35.86 -42.13
N ARG F 229 -3.87 -35.49 -42.16
CA ARG F 229 -4.33 -34.22 -42.71
C ARG F 229 -3.90 -34.05 -44.17
N ASP F 230 -4.00 -35.12 -44.94
CA ASP F 230 -3.63 -35.12 -46.35
C ASP F 230 -4.86 -35.30 -47.24
N PHE F 231 -4.86 -34.66 -48.41
CA PHE F 231 -5.91 -34.91 -49.39
C PHE F 231 -5.77 -36.32 -49.95
N GLY F 232 -4.54 -36.71 -50.26
CA GLY F 232 -4.28 -37.97 -50.92
C GLY F 232 -4.43 -39.20 -50.03
N LYS F 233 -3.99 -39.09 -48.78
CA LYS F 233 -3.96 -40.25 -47.89
C LYS F 233 -5.08 -40.25 -46.85
N ASP F 234 -5.86 -39.17 -46.79
CA ASP F 234 -6.95 -39.09 -45.82
C ASP F 234 -8.29 -38.78 -46.47
N ILE F 235 -8.42 -37.57 -47.02
CA ILE F 235 -9.69 -37.12 -47.60
C ILE F 235 -10.22 -38.08 -48.66
N ILE F 236 -9.45 -38.26 -49.73
CA ILE F 236 -9.87 -39.08 -50.86
C ILE F 236 -10.17 -40.55 -50.49
N PRO F 237 -9.23 -41.27 -49.84
CA PRO F 237 -9.50 -42.69 -49.60
C PRO F 237 -10.74 -42.94 -48.74
N TYR F 238 -11.12 -41.97 -47.92
CA TYR F 238 -12.32 -42.10 -47.09
C TYR F 238 -13.57 -41.90 -47.94
N ILE F 239 -13.53 -40.91 -48.84
CA ILE F 239 -14.64 -40.72 -49.77
C ILE F 239 -14.74 -41.93 -50.69
N VAL F 240 -13.58 -42.54 -50.97
CA VAL F 240 -13.50 -43.68 -51.87
C VAL F 240 -14.46 -44.81 -51.46
N GLU F 241 -14.57 -45.06 -50.16
CA GLU F 241 -15.43 -46.14 -49.68
C GLU F 241 -16.74 -45.63 -49.08
N HIS F 242 -16.74 -44.41 -48.56
CA HIS F 242 -17.94 -43.86 -47.94
C HIS F 242 -18.85 -43.18 -48.96
N GLY F 243 -18.25 -42.65 -50.02
CA GLY F 243 -19.01 -41.92 -51.02
C GLY F 243 -18.70 -42.30 -52.46
N LYS F 244 -18.88 -41.33 -53.35
CA LYS F 244 -18.75 -41.58 -54.79
C LYS F 244 -17.58 -40.84 -55.40
N ALA F 245 -16.51 -41.58 -55.71
CA ALA F 245 -15.34 -41.02 -56.37
C ALA F 245 -15.33 -41.42 -57.85
N VAL F 246 -15.07 -40.47 -58.73
CA VAL F 246 -15.05 -40.73 -60.16
C VAL F 246 -13.76 -40.25 -60.79
N ALA F 247 -13.17 -41.06 -61.67
CA ALA F 247 -11.90 -40.73 -62.28
C ALA F 247 -12.07 -39.93 -63.57
N HIS F 248 -11.27 -38.88 -63.70
CA HIS F 248 -11.20 -38.12 -64.94
C HIS F 248 -9.83 -38.33 -65.58
N ARG F 249 -9.80 -38.66 -66.86
CA ARG F 249 -8.55 -38.98 -67.52
C ARG F 249 -7.94 -37.77 -68.24
N PHE F 250 -6.65 -37.57 -68.01
CA PHE F 250 -5.89 -36.46 -68.57
C PHE F 250 -6.06 -36.32 -70.08
N ALA F 251 -6.14 -37.45 -70.76
CA ALA F 251 -6.28 -37.46 -72.21
C ALA F 251 -7.55 -36.76 -72.68
N ASP F 252 -8.54 -36.68 -71.80
CA ASP F 252 -9.81 -36.04 -72.13
C ASP F 252 -9.73 -34.53 -72.10
N SER F 253 -8.89 -33.98 -71.22
CA SER F 253 -8.87 -32.54 -70.99
C SER F 253 -7.51 -31.88 -71.22
N CYS F 254 -6.49 -32.70 -71.54
CA CYS F 254 -5.16 -32.14 -71.80
C CYS F 254 -5.18 -31.23 -73.02
N VAL F 255 -4.70 -30.01 -72.84
CA VAL F 255 -4.56 -29.08 -73.96
C VAL F 255 -3.26 -29.37 -74.67
N ARG F 256 -3.37 -30.06 -75.81
CA ARG F 256 -2.20 -30.54 -76.53
C ARG F 256 -2.01 -29.80 -77.84
N SER F 257 -0.83 -29.20 -78.00
CA SER F 257 -0.50 -28.46 -79.21
C SER F 257 -0.50 -29.36 -80.43
N ASP F 258 -0.60 -28.77 -81.61
CA ASP F 258 -0.45 -29.51 -82.86
C ASP F 258 0.96 -30.05 -82.97
N PHE F 259 1.86 -29.46 -82.19
CA PHE F 259 3.28 -29.81 -82.20
C PHE F 259 3.67 -30.60 -80.95
N GLU F 260 2.67 -31.19 -80.30
CA GLU F 260 2.90 -32.10 -79.19
C GLU F 260 2.29 -33.45 -79.52
N HIS F 261 3.11 -34.50 -79.48
CA HIS F 261 2.69 -35.80 -80.00
C HIS F 261 1.85 -36.62 -79.02
N GLU F 262 1.79 -36.18 -77.76
CA GLU F 262 1.01 -36.88 -76.75
C GLU F 262 0.74 -35.95 -75.56
N PRO F 263 -0.20 -36.33 -74.68
CA PRO F 263 -0.38 -35.58 -73.44
C PRO F 263 0.93 -35.42 -72.65
N TYR F 264 1.23 -34.19 -72.25
CA TYR F 264 2.47 -33.89 -71.54
C TYR F 264 2.23 -33.64 -70.06
N TRP F 265 2.95 -34.39 -69.23
CA TRP F 265 2.88 -34.20 -67.78
C TRP F 265 4.21 -34.65 -67.18
N ARG F 266 4.83 -33.77 -66.39
CA ARG F 266 6.10 -34.08 -65.76
C ARG F 266 6.07 -33.75 -64.28
N ASP F 267 6.69 -34.62 -63.49
CA ASP F 267 6.75 -34.46 -62.04
C ASP F 267 8.02 -33.74 -61.63
N VAL F 268 9.03 -33.78 -62.51
CA VAL F 268 10.41 -33.35 -62.23
C VAL F 268 10.82 -33.49 -60.76
N GLY F 269 10.57 -34.67 -60.20
CA GLY F 269 10.84 -34.94 -58.80
C GLY F 269 12.32 -35.14 -58.47
N THR F 270 13.06 -35.71 -59.42
CA THR F 270 14.49 -35.93 -59.23
C THR F 270 15.31 -34.96 -60.07
N ILE F 271 16.58 -34.82 -59.73
CA ILE F 271 17.51 -33.98 -60.48
C ILE F 271 17.63 -34.47 -61.93
N ASP F 272 17.56 -35.79 -62.09
CA ASP F 272 17.58 -36.40 -63.42
C ASP F 272 16.39 -35.95 -64.25
N ALA F 273 15.20 -36.08 -63.67
CA ALA F 273 13.97 -35.71 -64.36
C ALA F 273 13.93 -34.23 -64.68
N TYR F 274 14.42 -33.42 -63.75
CA TYR F 274 14.44 -31.97 -63.92
C TYR F 274 15.40 -31.56 -65.03
N TRP F 275 16.58 -32.17 -65.04
CA TRP F 275 17.56 -31.90 -66.10
C TRP F 275 17.01 -32.35 -67.45
N GLN F 276 16.40 -33.53 -67.46
CA GLN F 276 15.91 -34.14 -68.69
C GLN F 276 14.77 -33.33 -69.31
N ALA F 277 13.83 -32.88 -68.47
CA ALA F 277 12.67 -32.13 -68.93
C ALA F 277 13.06 -30.79 -69.54
N ASN F 278 14.09 -30.17 -68.99
CA ASN F 278 14.56 -28.87 -69.49
C ASN F 278 15.37 -28.99 -70.78
N ILE F 279 16.26 -29.97 -70.84
CA ILE F 279 17.11 -30.19 -72.01
C ILE F 279 16.28 -30.67 -73.20
N ASP F 280 15.25 -31.46 -72.93
CA ASP F 280 14.34 -31.94 -73.97
C ASP F 280 13.72 -30.78 -74.77
N LEU F 281 13.72 -29.60 -74.19
CA LEU F 281 13.19 -28.41 -74.85
C LEU F 281 14.12 -27.92 -75.96
N THR F 282 15.33 -28.47 -76.01
CA THR F 282 16.29 -28.08 -77.03
C THR F 282 16.14 -28.96 -78.27
N ASP F 283 15.23 -29.93 -78.21
CA ASP F 283 14.95 -30.79 -79.35
C ASP F 283 14.41 -29.99 -80.53
N VAL F 284 14.53 -30.56 -81.72
CA VAL F 284 13.93 -29.97 -82.92
C VAL F 284 12.41 -30.01 -82.77
N VAL F 285 11.89 -31.15 -82.34
CA VAL F 285 10.47 -31.29 -82.04
C VAL F 285 10.30 -31.67 -80.58
N PRO F 286 10.21 -30.66 -79.70
CA PRO F 286 10.05 -30.87 -78.27
C PRO F 286 8.70 -31.47 -77.90
N ASP F 287 8.69 -32.33 -76.88
CA ASP F 287 7.45 -32.89 -76.35
C ASP F 287 6.53 -31.80 -75.83
N LEU F 288 7.14 -30.76 -75.25
CA LEU F 288 6.39 -29.63 -74.75
C LEU F 288 6.54 -28.44 -75.70
N ASP F 289 5.44 -28.01 -76.28
CA ASP F 289 5.44 -26.87 -77.18
C ASP F 289 5.26 -25.57 -76.40
N ILE F 290 6.35 -24.83 -76.22
CA ILE F 290 6.31 -23.57 -75.47
C ILE F 290 5.92 -22.41 -76.38
N TYR F 291 5.78 -22.70 -77.67
CA TYR F 291 5.43 -21.67 -78.63
C TYR F 291 3.95 -21.73 -78.99
N ASP F 292 3.16 -22.32 -78.10
CA ASP F 292 1.72 -22.44 -78.30
C ASP F 292 0.99 -21.24 -77.67
N LYS F 293 0.41 -20.41 -78.53
CA LYS F 293 -0.28 -19.20 -78.10
C LYS F 293 -1.72 -19.46 -77.71
N SER F 294 -2.22 -20.64 -78.07
CA SER F 294 -3.60 -21.00 -77.78
C SER F 294 -3.79 -21.28 -76.31
N TRP F 295 -2.73 -21.74 -75.65
CA TRP F 295 -2.76 -22.01 -74.23
C TRP F 295 -1.48 -21.50 -73.58
N PRO F 296 -1.36 -20.17 -73.46
CA PRO F 296 -0.11 -19.54 -73.04
C PRO F 296 0.18 -19.70 -71.54
N ILE F 297 1.47 -19.71 -71.21
CA ILE F 297 1.89 -19.75 -69.82
C ILE F 297 2.33 -18.36 -69.38
N TRP F 298 1.60 -17.78 -68.44
CA TRP F 298 1.97 -16.49 -67.89
C TRP F 298 2.98 -16.68 -66.76
N THR F 299 3.86 -15.70 -66.57
CA THR F 299 4.84 -15.75 -65.51
C THR F 299 5.32 -14.35 -65.16
N TYR F 300 6.26 -14.25 -64.21
CA TYR F 300 6.90 -12.97 -63.96
C TYR F 300 8.05 -12.75 -64.94
N ALA F 301 8.01 -11.64 -65.65
CA ALA F 301 9.03 -11.33 -66.63
C ALA F 301 9.29 -9.83 -66.67
N GLU F 302 10.57 -9.46 -66.69
CA GLU F 302 10.95 -8.06 -66.81
C GLU F 302 11.39 -7.76 -68.23
N ILE F 303 11.34 -6.49 -68.61
CA ILE F 303 11.90 -6.08 -69.89
C ILE F 303 13.41 -6.22 -69.81
N THR F 304 13.96 -7.07 -70.67
CA THR F 304 15.41 -7.29 -70.70
C THR F 304 15.94 -6.96 -72.08
N PRO F 305 17.25 -6.70 -72.19
CA PRO F 305 17.88 -6.63 -73.51
C PRO F 305 17.89 -8.00 -74.19
N PRO F 306 18.12 -8.04 -75.50
CA PRO F 306 18.14 -9.31 -76.23
C PRO F 306 19.37 -10.16 -75.91
N ALA F 307 19.38 -11.40 -76.39
CA ALA F 307 20.55 -12.25 -76.27
C ALA F 307 21.63 -11.78 -77.23
N LYS F 308 22.89 -11.91 -76.82
CA LYS F 308 23.99 -11.34 -77.58
C LYS F 308 25.11 -12.36 -77.73
N PHE F 309 25.65 -12.45 -78.94
CA PHE F 309 26.69 -13.43 -79.25
C PHE F 309 27.89 -12.75 -79.84
N VAL F 310 29.09 -13.06 -79.36
CA VAL F 310 30.24 -12.29 -79.79
C VAL F 310 31.59 -13.02 -79.77
N HIS F 311 32.47 -12.56 -80.65
CA HIS F 311 33.71 -13.16 -81.10
C HIS F 311 33.48 -14.37 -82.00
N ASP F 312 34.43 -14.58 -82.90
CA ASP F 312 34.38 -15.64 -83.90
C ASP F 312 35.79 -15.90 -84.46
N ASP F 313 36.54 -16.77 -83.80
CA ASP F 313 37.88 -17.14 -84.25
C ASP F 313 38.05 -18.65 -84.31
N GLU F 314 39.21 -19.10 -84.79
CA GLU F 314 39.57 -20.51 -84.73
C GLU F 314 40.09 -20.84 -83.34
N ASP F 315 39.90 -19.90 -82.41
CA ASP F 315 40.24 -20.10 -81.01
C ASP F 315 39.01 -19.86 -80.13
N ARG F 316 38.13 -18.96 -80.55
CA ARG F 316 36.91 -18.70 -79.80
C ARG F 316 35.77 -18.19 -80.68
N ARG F 317 34.55 -18.63 -80.36
CA ARG F 317 33.37 -18.23 -81.11
C ARG F 317 32.14 -18.29 -80.22
N GLY F 318 31.58 -17.12 -79.89
CA GLY F 318 30.36 -17.04 -79.14
C GLY F 318 29.16 -17.41 -80.00
N SER F 319 28.60 -18.58 -79.77
CA SER F 319 27.48 -19.05 -80.56
C SER F 319 26.75 -20.19 -79.85
N ALA F 320 25.44 -20.26 -80.04
CA ALA F 320 24.66 -21.34 -79.47
C ALA F 320 24.23 -22.31 -80.56
N VAL F 321 24.35 -23.60 -80.27
CA VAL F 321 23.95 -24.64 -81.20
C VAL F 321 23.01 -25.61 -80.50
N SER F 322 21.87 -25.89 -81.14
CA SER F 322 20.87 -26.80 -80.59
C SER F 322 20.52 -26.42 -79.16
N SER F 323 20.43 -25.12 -78.92
CA SER F 323 20.22 -24.59 -77.58
C SER F 323 19.10 -23.57 -77.52
N VAL F 324 18.65 -23.28 -76.31
CA VAL F 324 17.65 -22.26 -76.08
C VAL F 324 18.22 -21.17 -75.18
N VAL F 325 18.13 -19.91 -75.63
CA VAL F 325 18.80 -18.81 -74.95
C VAL F 325 17.84 -17.67 -74.62
N SER F 326 17.78 -17.31 -73.33
CA SER F 326 16.86 -16.28 -72.86
C SER F 326 17.45 -14.87 -72.99
N GLY F 327 16.68 -13.88 -72.55
CA GLY F 327 17.10 -12.50 -72.64
C GLY F 327 18.20 -12.16 -71.65
N ASP F 328 18.84 -11.01 -71.87
CA ASP F 328 19.92 -10.54 -71.00
C ASP F 328 21.07 -11.53 -70.91
N CYS F 329 21.21 -12.38 -71.93
CA CYS F 329 22.33 -13.31 -72.02
C CYS F 329 23.40 -12.77 -72.95
N ILE F 330 24.65 -12.77 -72.49
CA ILE F 330 25.76 -12.38 -73.36
C ILE F 330 26.72 -13.55 -73.52
N ILE F 331 26.72 -14.13 -74.72
CA ILE F 331 27.56 -15.28 -75.03
C ILE F 331 28.83 -14.82 -75.74
N SER F 332 29.86 -14.51 -74.96
CA SER F 332 31.08 -13.93 -75.48
C SER F 332 32.18 -14.96 -75.63
N GLY F 333 32.41 -15.43 -76.85
CA GLY F 333 33.44 -16.41 -77.12
C GLY F 333 33.17 -17.76 -76.50
N ALA F 334 31.89 -18.03 -76.23
CA ALA F 334 31.49 -19.28 -75.58
C ALA F 334 30.66 -20.15 -76.55
N ALA F 335 30.90 -21.46 -76.52
CA ALA F 335 30.10 -22.38 -77.32
C ALA F 335 29.10 -23.12 -76.45
N LEU F 336 27.83 -22.97 -76.79
CA LEU F 336 26.79 -23.73 -76.12
C LEU F 336 26.27 -24.79 -77.06
N ASN F 337 26.10 -26.00 -76.55
CA ASN F 337 25.50 -27.07 -77.33
C ASN F 337 24.56 -27.89 -76.47
N ARG F 338 23.33 -28.07 -76.95
CA ARG F 338 22.29 -28.78 -76.22
C ARG F 338 22.16 -28.24 -74.79
N SER F 339 22.00 -26.93 -74.68
CA SER F 339 21.90 -26.28 -73.39
C SER F 339 20.72 -25.31 -73.32
N LEU F 340 20.21 -25.10 -72.12
CA LEU F 340 19.10 -24.17 -71.90
C LEU F 340 19.54 -23.08 -70.94
N LEU F 341 19.58 -21.84 -71.43
CA LEU F 341 20.00 -20.72 -70.58
C LEU F 341 18.81 -19.86 -70.18
N PHE F 342 18.69 -19.59 -68.90
CA PHE F 342 17.69 -18.66 -68.38
C PHE F 342 18.20 -17.24 -68.51
N THR F 343 17.40 -16.27 -68.05
CA THR F 343 17.75 -14.86 -68.18
C THR F 343 19.05 -14.50 -67.44
N GLY F 344 19.83 -13.60 -68.02
CA GLY F 344 20.94 -12.99 -67.32
C GLY F 344 22.25 -13.76 -67.25
N VAL F 345 22.34 -14.84 -68.03
CA VAL F 345 23.54 -15.66 -68.04
C VAL F 345 24.70 -14.95 -68.75
N ARG F 346 25.88 -14.97 -68.13
CA ARG F 346 27.08 -14.38 -68.71
C ARG F 346 28.16 -15.43 -68.92
N ALA F 347 28.29 -15.92 -70.16
CA ALA F 347 29.32 -16.91 -70.48
C ALA F 347 30.47 -16.26 -71.25
N ASN F 348 31.69 -16.47 -70.76
CA ASN F 348 32.85 -15.76 -71.30
C ASN F 348 33.77 -16.64 -72.15
N SER F 349 34.82 -16.00 -72.69
CA SER F 349 35.67 -16.60 -73.71
C SER F 349 36.27 -17.95 -73.36
N TYR F 350 36.36 -18.82 -74.36
CA TYR F 350 36.99 -20.12 -74.27
C TYR F 350 36.26 -21.07 -73.31
N SER F 351 35.14 -20.63 -72.78
CA SER F 351 34.30 -21.49 -71.97
C SER F 351 33.35 -22.27 -72.85
N ARG F 352 33.05 -23.51 -72.47
CA ARG F 352 32.15 -24.35 -73.25
C ARG F 352 31.03 -24.92 -72.38
N LEU F 353 29.86 -25.07 -72.97
CA LEU F 353 28.69 -25.57 -72.26
C LEU F 353 27.97 -26.65 -73.08
N GLU F 354 27.82 -27.83 -72.50
CA GLU F 354 27.17 -28.94 -73.19
C GLU F 354 26.26 -29.72 -72.24
N ASN F 355 25.05 -30.05 -72.72
CA ASN F 355 24.04 -30.71 -71.90
C ASN F 355 23.80 -30.00 -70.57
N ALA F 356 23.66 -28.68 -70.64
CA ALA F 356 23.62 -27.86 -69.44
C ALA F 356 22.31 -27.10 -69.26
N VAL F 357 21.69 -27.28 -68.10
CA VAL F 357 20.59 -26.43 -67.69
C VAL F 357 21.12 -25.33 -66.79
N VAL F 358 21.06 -24.09 -67.27
CA VAL F 358 21.71 -22.97 -66.59
C VAL F 358 20.68 -21.93 -66.11
N LEU F 359 20.49 -21.89 -64.80
CA LEU F 359 19.46 -21.06 -64.18
C LEU F 359 19.85 -19.56 -64.23
N PRO F 360 18.94 -18.65 -63.87
CA PRO F 360 19.23 -17.23 -64.14
C PRO F 360 20.48 -16.63 -63.50
N SER F 361 21.04 -15.62 -64.16
CA SER F 361 22.11 -14.78 -63.62
C SER F 361 23.42 -15.51 -63.35
N VAL F 362 23.58 -16.70 -63.93
CA VAL F 362 24.80 -17.48 -63.78
C VAL F 362 25.95 -16.88 -64.59
N LYS F 363 27.15 -16.84 -64.01
CA LYS F 363 28.32 -16.43 -64.77
C LYS F 363 29.26 -17.61 -65.00
N ILE F 364 29.64 -17.83 -66.26
CA ILE F 364 30.62 -18.85 -66.60
C ILE F 364 31.96 -18.20 -66.94
N GLY F 365 32.97 -18.44 -66.12
CA GLY F 365 34.27 -17.82 -66.30
C GLY F 365 35.01 -18.38 -67.51
N ARG F 366 36.05 -17.66 -67.93
CA ARG F 366 36.86 -18.07 -69.08
C ARG F 366 37.39 -19.49 -68.97
N HIS F 367 37.49 -20.17 -70.11
CA HIS F 367 38.07 -21.50 -70.22
C HIS F 367 37.36 -22.58 -69.42
N ALA F 368 36.24 -22.25 -68.79
CA ALA F 368 35.47 -23.25 -68.05
C ALA F 368 34.84 -24.25 -69.02
N GLN F 369 34.71 -25.50 -68.60
CA GLN F 369 34.19 -26.54 -69.47
C GLN F 369 33.22 -27.44 -68.71
N LEU F 370 31.93 -27.27 -68.97
CA LEU F 370 30.90 -27.96 -68.20
C LEU F 370 30.01 -28.83 -69.07
N SER F 371 29.87 -30.10 -68.70
CA SER F 371 29.03 -31.04 -69.43
C SER F 371 28.11 -31.80 -68.48
N ASN F 372 26.86 -32.01 -68.91
CA ASN F 372 25.84 -32.70 -68.13
C ASN F 372 25.66 -32.09 -66.74
N VAL F 373 25.29 -30.82 -66.70
CA VAL F 373 25.16 -30.12 -65.44
C VAL F 373 23.85 -29.35 -65.30
N VAL F 374 23.46 -29.12 -64.05
CA VAL F 374 22.44 -28.14 -63.72
C VAL F 374 23.10 -27.09 -62.84
N ILE F 375 23.10 -25.85 -63.29
CA ILE F 375 23.73 -24.78 -62.52
C ILE F 375 22.68 -23.93 -61.81
N ASP F 376 22.83 -23.79 -60.50
CA ASP F 376 21.86 -23.07 -59.68
C ASP F 376 21.86 -21.57 -59.98
N HIS F 377 20.76 -20.91 -59.63
CA HIS F 377 20.59 -19.48 -59.85
C HIS F 377 21.74 -18.66 -59.26
N GLY F 378 22.34 -17.80 -60.08
CA GLY F 378 23.31 -16.84 -59.60
C GLY F 378 24.71 -17.37 -59.35
N VAL F 379 24.89 -18.68 -59.50
CA VAL F 379 26.19 -19.31 -59.32
C VAL F 379 27.26 -18.67 -60.20
N VAL F 380 28.44 -18.45 -59.63
CA VAL F 380 29.58 -17.96 -60.41
C VAL F 380 30.60 -19.09 -60.62
N ILE F 381 30.66 -19.63 -61.84
CA ILE F 381 31.61 -20.69 -62.16
C ILE F 381 33.02 -20.12 -62.35
N PRO F 382 33.97 -20.62 -61.57
CA PRO F 382 35.37 -20.17 -61.65
C PRO F 382 35.97 -20.42 -63.01
N GLU F 383 36.92 -19.58 -63.42
CA GLU F 383 37.60 -19.74 -64.68
C GLU F 383 38.40 -21.04 -64.72
N GLY F 384 38.20 -21.84 -65.77
CA GLY F 384 38.96 -23.05 -65.96
C GLY F 384 38.36 -24.29 -65.31
N LEU F 385 37.22 -24.13 -64.64
CA LEU F 385 36.57 -25.27 -63.99
C LEU F 385 36.11 -26.29 -65.02
N ILE F 386 36.45 -27.55 -64.77
CA ILE F 386 36.04 -28.65 -65.64
C ILE F 386 35.06 -29.57 -64.92
N VAL F 387 33.84 -29.63 -65.42
CA VAL F 387 32.85 -30.57 -64.91
C VAL F 387 32.38 -31.48 -66.03
N GLY F 388 32.36 -32.78 -65.78
CA GLY F 388 31.89 -33.73 -66.78
C GLY F 388 33.01 -34.57 -67.38
N GLU F 389 34.25 -34.30 -66.96
CA GLU F 389 35.38 -35.08 -67.43
C GLU F 389 35.64 -36.30 -66.55
N ASP F 390 35.79 -36.07 -65.25
CA ASP F 390 36.08 -37.15 -64.31
C ASP F 390 34.93 -37.42 -63.34
N PRO F 391 34.21 -38.54 -63.52
CA PRO F 391 33.11 -38.98 -62.66
C PRO F 391 33.42 -38.91 -61.16
N GLU F 392 34.57 -39.45 -60.75
CA GLU F 392 34.91 -39.50 -59.34
C GLU F 392 35.20 -38.12 -58.74
N LEU F 393 35.93 -37.28 -59.49
CA LEU F 393 36.20 -35.91 -59.03
C LEU F 393 34.92 -35.10 -59.00
N ASP F 394 34.06 -35.30 -60.00
CA ASP F 394 32.77 -34.62 -60.05
C ASP F 394 31.90 -35.06 -58.87
N ALA F 395 31.90 -36.36 -58.60
CA ALA F 395 31.08 -36.91 -57.52
C ALA F 395 31.50 -36.34 -56.16
N LYS F 396 32.80 -36.24 -55.92
CA LYS F 396 33.31 -35.76 -54.65
C LYS F 396 33.56 -34.27 -54.66
N ARG F 397 32.73 -33.53 -55.39
CA ARG F 397 32.83 -32.07 -55.46
C ARG F 397 31.46 -31.44 -55.52
N PHE F 398 30.56 -32.06 -56.27
CA PHE F 398 29.20 -31.54 -56.44
C PHE F 398 28.16 -32.62 -56.18
N ARG F 399 26.89 -32.27 -56.32
CA ARG F 399 25.82 -33.25 -56.28
C ARG F 399 25.72 -33.95 -57.63
N ARG F 400 26.30 -35.13 -57.73
CA ARG F 400 26.29 -35.88 -58.98
C ARG F 400 25.33 -37.06 -58.90
N THR F 401 24.56 -37.27 -59.96
CA THR F 401 23.59 -38.35 -59.97
C THR F 401 24.18 -39.63 -60.54
N GLU F 402 23.45 -40.74 -60.38
CA GLU F 402 23.87 -42.02 -60.94
C GLU F 402 23.99 -41.93 -62.45
N SER F 403 23.07 -41.20 -63.07
CA SER F 403 23.08 -41.02 -64.51
C SER F 403 24.22 -40.10 -64.96
N GLY F 404 24.84 -39.41 -64.00
CA GLY F 404 26.03 -38.64 -64.27
C GLY F 404 25.82 -37.15 -64.46
N ILE F 405 24.80 -36.61 -63.82
CA ILE F 405 24.50 -35.18 -63.93
C ILE F 405 24.88 -34.44 -62.66
N CYS F 406 25.66 -33.39 -62.80
CA CYS F 406 26.10 -32.60 -61.64
C CYS F 406 25.21 -31.39 -61.38
N LEU F 407 24.61 -31.36 -60.19
CA LEU F 407 23.94 -30.16 -59.70
C LEU F 407 25.00 -29.28 -59.04
N ILE F 408 25.11 -28.04 -59.50
CA ILE F 408 26.13 -27.13 -59.00
C ILE F 408 25.54 -25.92 -58.29
N THR F 409 25.90 -25.76 -57.03
CA THR F 409 25.45 -24.61 -56.25
C THR F 409 26.64 -23.76 -55.82
N GLN F 410 26.38 -22.56 -55.34
CA GLN F 410 27.42 -21.63 -54.98
C GLN F 410 28.20 -22.10 -53.75
N SER F 411 27.50 -22.78 -52.84
CA SER F 411 28.12 -23.30 -51.62
C SER F 411 29.12 -24.40 -51.94
N MET F 412 28.88 -25.09 -53.06
CA MET F 412 29.79 -26.14 -53.52
C MET F 412 31.06 -25.53 -54.08
N ILE F 413 30.88 -24.46 -54.86
CA ILE F 413 31.99 -23.78 -55.53
C ILE F 413 32.97 -23.18 -54.52
N ASP F 414 32.44 -22.60 -53.46
CA ASP F 414 33.27 -21.97 -52.44
C ASP F 414 34.22 -22.94 -51.76
N LYS F 415 33.81 -24.21 -51.66
CA LYS F 415 34.63 -25.25 -51.04
C LYS F 415 35.87 -25.59 -51.85
N LEU F 416 35.84 -25.27 -53.14
CA LEU F 416 36.84 -25.77 -54.08
C LEU F 416 38.19 -25.05 -53.99
N ASP F 417 38.57 -24.43 -55.11
CA ASP F 417 39.89 -23.83 -55.36
C ASP F 417 41.09 -24.44 -54.61
N LEU F 418 42.12 -23.63 -54.40
CA LEU F 418 43.35 -24.10 -53.77
C LEU F 418 43.18 -24.18 -52.25
N VAL G 4 -18.60 -28.40 -75.24
CA VAL G 4 -18.16 -28.24 -73.86
C VAL G 4 -17.52 -26.87 -73.64
N GLN G 5 -16.63 -26.48 -74.55
CA GLN G 5 -15.91 -25.21 -74.42
C GLN G 5 -16.82 -24.02 -74.69
N PRO G 6 -16.79 -23.01 -73.80
CA PRO G 6 -17.56 -21.78 -73.94
C PRO G 6 -17.28 -21.10 -75.28
N LEU G 7 -18.33 -20.60 -75.93
CA LEU G 7 -18.19 -20.00 -77.24
C LEU G 7 -17.54 -18.62 -77.14
N ALA G 8 -17.59 -18.02 -75.97
CA ALA G 8 -17.01 -16.70 -75.73
C ALA G 8 -15.50 -16.71 -75.94
N ARG G 9 -14.87 -17.85 -75.68
CA ARG G 9 -13.44 -18.01 -75.91
C ARG G 9 -13.06 -17.74 -77.36
N ASP G 10 -13.99 -18.03 -78.27
CA ASP G 10 -13.74 -17.87 -79.69
C ASP G 10 -14.53 -16.71 -80.29
N ALA G 11 -14.84 -15.72 -79.46
CA ALA G 11 -15.62 -14.58 -79.90
C ALA G 11 -14.89 -13.26 -79.71
N MET G 12 -15.14 -12.32 -80.62
CA MET G 12 -14.64 -10.96 -80.50
C MET G 12 -15.81 -10.00 -80.41
N ALA G 13 -15.80 -9.12 -79.42
CA ALA G 13 -16.84 -8.11 -79.29
C ALA G 13 -16.44 -6.87 -80.06
N TYR G 14 -17.32 -6.39 -80.93
CA TYR G 14 -17.06 -5.21 -81.73
C TYR G 14 -18.06 -4.11 -81.39
N VAL G 15 -17.61 -3.13 -80.62
CA VAL G 15 -18.51 -2.10 -80.12
C VAL G 15 -18.53 -0.88 -81.04
N LEU G 16 -19.72 -0.55 -81.54
CA LEU G 16 -19.91 0.63 -82.37
C LEU G 16 -20.13 1.86 -81.50
N ALA G 17 -19.10 2.67 -81.35
CA ALA G 17 -19.12 3.78 -80.42
C ALA G 17 -19.03 5.12 -81.13
N GLY G 18 -19.49 5.16 -82.37
CA GLY G 18 -19.46 6.38 -83.15
C GLY G 18 -20.77 7.16 -83.09
N GLY G 19 -21.66 6.76 -82.20
CA GLY G 19 -22.95 7.42 -82.06
C GLY G 19 -22.82 8.90 -81.73
N ARG G 20 -23.58 9.72 -82.45
CA ARG G 20 -23.51 11.17 -82.26
C ARG G 20 -24.34 11.62 -81.07
N GLY G 21 -25.55 11.06 -80.94
CA GLY G 21 -26.45 11.45 -79.88
C GLY G 21 -26.90 12.89 -80.05
N SER G 22 -27.46 13.19 -81.22
CA SER G 22 -27.81 14.56 -81.57
C SER G 22 -28.96 15.11 -80.73
N ARG G 23 -29.85 14.24 -80.28
CA ARG G 23 -31.00 14.67 -79.49
C ARG G 23 -30.63 14.96 -78.03
N LEU G 24 -29.36 14.77 -77.70
CA LEU G 24 -28.85 15.14 -76.38
C LEU G 24 -28.29 16.56 -76.43
N LYS G 25 -28.19 17.09 -77.65
CA LYS G 25 -27.81 18.49 -77.89
C LYS G 25 -26.41 18.81 -77.36
N GLU G 26 -26.32 19.84 -76.53
CA GLU G 26 -25.02 20.34 -76.06
C GLU G 26 -24.29 19.35 -75.17
N LEU G 27 -25.02 18.36 -74.65
CA LEU G 27 -24.41 17.31 -73.83
C LEU G 27 -23.38 16.53 -74.66
N THR G 28 -23.59 16.49 -75.97
CA THR G 28 -22.69 15.79 -76.87
C THR G 28 -22.04 16.72 -77.89
N ASP G 29 -21.92 17.99 -77.53
CA ASP G 29 -21.30 18.97 -78.43
C ASP G 29 -19.80 18.72 -78.62
N ARG G 30 -19.15 18.17 -77.59
CA ARG G 30 -17.71 17.92 -77.65
C ARG G 30 -17.35 16.49 -77.25
N ARG G 31 -18.37 15.65 -77.07
CA ARG G 31 -18.15 14.25 -76.72
C ARG G 31 -19.16 13.36 -77.43
N ALA G 32 -18.76 12.13 -77.73
CA ALA G 32 -19.67 11.17 -78.33
C ALA G 32 -20.64 10.65 -77.27
N LYS G 33 -21.83 10.22 -77.69
CA LYS G 33 -22.82 9.70 -76.76
C LYS G 33 -22.29 8.56 -75.87
N PRO G 34 -21.49 7.62 -76.42
CA PRO G 34 -20.93 6.61 -75.51
C PRO G 34 -20.01 7.21 -74.44
N ALA G 35 -19.58 8.44 -74.62
CA ALA G 35 -18.67 9.09 -73.67
C ALA G 35 -19.42 9.95 -72.64
N VAL G 36 -20.74 9.93 -72.71
CA VAL G 36 -21.58 10.71 -71.80
C VAL G 36 -21.68 10.02 -70.44
N TYR G 37 -21.51 10.78 -69.36
CA TYR G 37 -21.50 10.21 -68.02
C TYR G 37 -22.84 9.62 -67.59
N PHE G 38 -22.79 8.54 -66.79
CA PHE G 38 -23.99 7.94 -66.26
C PHE G 38 -23.77 7.21 -64.93
N GLY G 39 -24.71 7.37 -64.01
CA GLY G 39 -24.74 6.56 -62.81
C GLY G 39 -24.03 7.14 -61.61
N GLY G 40 -23.14 8.09 -61.85
CA GLY G 40 -22.38 8.69 -60.76
C GLY G 40 -20.87 8.53 -60.91
N LYS G 41 -20.43 7.50 -61.61
CA LYS G 41 -19.01 7.24 -61.77
C LYS G 41 -18.64 6.69 -63.15
N ALA G 42 -19.60 6.08 -63.83
CA ALA G 42 -19.31 5.39 -65.07
C ALA G 42 -19.64 6.21 -66.32
N ARG G 43 -19.30 5.65 -67.47
CA ARG G 43 -19.68 6.20 -68.75
C ARG G 43 -20.56 5.18 -69.48
N ILE G 44 -21.39 5.65 -70.41
CA ILE G 44 -22.35 4.77 -71.10
C ILE G 44 -21.68 3.58 -71.77
N ILE G 45 -20.54 3.83 -72.42
CA ILE G 45 -19.77 2.81 -73.11
C ILE G 45 -19.39 1.63 -72.18
N ASP G 46 -19.31 1.91 -70.88
CA ASP G 46 -18.81 0.94 -69.92
C ASP G 46 -19.74 -0.26 -69.70
N PHE G 47 -21.00 -0.11 -70.08
CA PHE G 47 -21.97 -1.18 -69.88
C PHE G 47 -21.80 -2.27 -70.93
N ALA G 48 -21.81 -1.91 -72.21
CA ALA G 48 -21.52 -2.87 -73.27
C ALA G 48 -20.16 -3.51 -73.06
N LEU G 49 -19.20 -2.71 -72.61
CA LEU G 49 -17.85 -3.20 -72.40
C LEU G 49 -17.80 -4.20 -71.23
N SER G 50 -18.46 -3.87 -70.13
CA SER G 50 -18.45 -4.76 -68.98
C SER G 50 -19.28 -6.02 -69.25
N ASN G 51 -20.30 -5.90 -70.10
CA ASN G 51 -21.08 -7.06 -70.51
C ASN G 51 -20.20 -8.08 -71.22
N ALA G 52 -19.35 -7.62 -72.13
CA ALA G 52 -18.47 -8.49 -72.88
C ALA G 52 -17.43 -9.15 -71.96
N LEU G 53 -16.88 -8.35 -71.07
CA LEU G 53 -15.88 -8.84 -70.11
C LEU G 53 -16.45 -9.91 -69.19
N ASN G 54 -17.62 -9.63 -68.62
CA ASN G 54 -18.27 -10.57 -67.72
C ASN G 54 -18.83 -11.80 -68.44
N SER G 55 -19.05 -11.67 -69.75
CA SER G 55 -19.53 -12.79 -70.56
C SER G 55 -18.39 -13.72 -70.95
N GLY G 56 -17.17 -13.27 -70.69
CA GLY G 56 -15.99 -14.06 -70.97
C GLY G 56 -15.35 -13.77 -72.31
N ILE G 57 -15.81 -12.71 -72.98
CA ILE G 57 -15.26 -12.37 -74.28
C ILE G 57 -13.89 -11.70 -74.14
N ARG G 58 -12.90 -12.28 -74.82
CA ARG G 58 -11.51 -11.95 -74.60
C ARG G 58 -11.00 -10.82 -75.50
N ARG G 59 -11.60 -10.71 -76.69
CA ARG G 59 -11.18 -9.73 -77.65
C ARG G 59 -12.24 -8.66 -77.83
N ILE G 60 -11.85 -7.40 -77.68
CA ILE G 60 -12.79 -6.30 -77.81
C ILE G 60 -12.25 -5.23 -78.74
N GLY G 61 -13.06 -4.84 -79.72
CA GLY G 61 -12.73 -3.73 -80.59
C GLY G 61 -13.76 -2.63 -80.41
N VAL G 62 -13.28 -1.39 -80.34
CA VAL G 62 -14.17 -0.24 -80.18
C VAL G 62 -13.97 0.74 -81.33
N ALA G 63 -14.98 0.88 -82.18
CA ALA G 63 -14.92 1.79 -83.32
C ALA G 63 -15.47 3.17 -82.95
N THR G 64 -14.66 4.20 -83.15
CA THR G 64 -15.05 5.56 -82.81
C THR G 64 -15.00 6.46 -84.04
N GLN G 65 -15.59 7.65 -83.95
CA GLN G 65 -15.63 8.57 -85.08
C GLN G 65 -15.80 10.04 -84.67
N TYR G 66 -17.03 10.44 -84.35
CA TYR G 66 -17.34 11.84 -84.04
C TYR G 66 -16.98 12.21 -82.61
N LYS G 67 -16.20 13.30 -82.48
CA LYS G 67 -15.81 13.86 -81.18
C LYS G 67 -15.36 12.80 -80.19
N ALA G 68 -14.41 11.97 -80.62
CA ALA G 68 -14.04 10.78 -79.86
C ALA G 68 -12.86 11.01 -78.91
N HIS G 69 -12.38 12.24 -78.83
CA HIS G 69 -11.20 12.55 -78.03
C HIS G 69 -11.35 12.12 -76.57
N SER G 70 -12.47 12.48 -75.96
CA SER G 70 -12.70 12.13 -74.56
C SER G 70 -13.06 10.66 -74.42
N LEU G 71 -13.65 10.09 -75.47
CA LEU G 71 -13.99 8.68 -75.47
C LEU G 71 -12.73 7.82 -75.53
N ILE G 72 -11.84 8.16 -76.45
CA ILE G 72 -10.60 7.42 -76.64
C ILE G 72 -9.73 7.51 -75.37
N ARG G 73 -9.65 8.68 -74.77
CA ARG G 73 -8.85 8.87 -73.56
C ARG G 73 -9.41 8.03 -72.41
N HIS G 74 -10.72 7.99 -72.29
CA HIS G 74 -11.39 7.16 -71.29
C HIS G 74 -11.06 5.68 -71.48
N LEU G 75 -11.12 5.23 -72.72
CA LEU G 75 -10.80 3.84 -73.06
C LEU G 75 -9.32 3.52 -72.77
N GLN G 76 -8.46 4.45 -73.16
CA GLN G 76 -7.02 4.32 -72.92
C GLN G 76 -6.71 4.08 -71.44
N ARG G 77 -7.38 4.83 -70.58
CA ARG G 77 -7.02 4.85 -69.16
C ARG G 77 -7.86 3.91 -68.31
N GLY G 78 -9.08 3.62 -68.75
CA GLY G 78 -9.97 2.76 -67.99
C GLY G 78 -9.91 1.30 -68.39
N TRP G 79 -9.72 1.05 -69.67
CA TRP G 79 -9.74 -0.32 -70.20
C TRP G 79 -8.35 -0.72 -70.69
N ASP G 80 -7.40 -0.69 -69.75
CA ASP G 80 -5.98 -0.76 -70.05
C ASP G 80 -5.32 -2.04 -69.57
N PHE G 81 -6.13 -3.00 -69.14
CA PHE G 81 -5.63 -4.17 -68.43
C PHE G 81 -5.58 -5.45 -69.26
N PHE G 82 -5.81 -5.32 -70.56
CA PHE G 82 -5.72 -6.47 -71.45
C PHE G 82 -4.28 -6.72 -71.89
N ARG G 83 -3.86 -7.98 -71.87
CA ARG G 83 -2.53 -8.34 -72.36
C ARG G 83 -2.62 -9.44 -73.41
N PRO G 84 -2.11 -9.16 -74.61
CA PRO G 84 -2.15 -10.07 -75.77
C PRO G 84 -1.52 -11.42 -75.53
N GLU G 85 -0.51 -11.49 -74.68
CA GLU G 85 0.16 -12.76 -74.45
C GLU G 85 -0.71 -13.70 -73.60
N ARG G 86 -1.77 -13.16 -73.02
CA ARG G 86 -2.76 -13.98 -72.33
C ARG G 86 -4.00 -14.18 -73.22
N ASN G 87 -3.80 -14.00 -74.52
CA ASN G 87 -4.85 -14.10 -75.53
C ASN G 87 -6.00 -13.12 -75.32
N GLU G 88 -5.67 -11.96 -74.77
CA GLU G 88 -6.63 -10.89 -74.60
C GLU G 88 -6.30 -9.77 -75.58
N SER G 89 -7.26 -8.90 -75.86
CA SER G 89 -6.98 -7.72 -76.68
C SER G 89 -8.07 -6.68 -76.54
N PHE G 90 -7.66 -5.42 -76.49
CA PHE G 90 -8.59 -4.30 -76.51
C PHE G 90 -8.09 -3.29 -77.52
N ASP G 91 -8.67 -3.32 -78.71
CA ASP G 91 -8.25 -2.41 -79.78
C ASP G 91 -9.17 -1.21 -79.88
N ILE G 92 -8.58 -0.03 -79.92
CA ILE G 92 -9.33 1.20 -80.15
C ILE G 92 -9.18 1.59 -81.60
N LEU G 93 -10.26 1.47 -82.36
CA LEU G 93 -10.25 1.71 -83.79
C LEU G 93 -10.87 3.07 -84.10
N ALA G 94 -10.04 4.10 -84.19
CA ALA G 94 -10.52 5.47 -84.27
C ALA G 94 -10.44 6.03 -85.68
N ALA G 95 -11.36 6.95 -85.98
CA ALA G 95 -11.41 7.77 -87.19
C ALA G 95 -10.67 7.20 -88.40
N THR G 102 -9.29 7.39 -96.76
CA THR G 102 -10.59 7.74 -96.19
C THR G 102 -10.41 8.40 -94.82
N GLN G 103 -11.36 9.26 -94.46
CA GLN G 103 -11.34 9.91 -93.15
C GLN G 103 -12.41 9.33 -92.25
N TRP G 104 -13.65 9.78 -92.42
CA TRP G 104 -14.77 9.27 -91.64
C TRP G 104 -15.21 7.90 -92.14
N TYR G 105 -15.65 7.05 -91.22
CA TYR G 105 -16.31 5.80 -91.59
C TYR G 105 -17.57 6.14 -92.38
N GLU G 106 -17.71 5.53 -93.55
CA GLU G 106 -18.86 5.81 -94.41
C GLU G 106 -20.12 5.19 -93.83
N GLY G 107 -19.96 4.30 -92.87
CA GLY G 107 -21.09 3.68 -92.20
C GLY G 107 -20.67 2.85 -91.01
N THR G 108 -21.66 2.22 -90.37
CA THR G 108 -21.38 1.38 -89.22
C THR G 108 -20.91 0.00 -89.66
N ALA G 109 -21.20 -0.33 -90.92
CA ALA G 109 -20.69 -1.55 -91.53
C ALA G 109 -19.28 -1.32 -92.06
N ASP G 110 -19.05 -0.11 -92.57
CA ASP G 110 -17.72 0.29 -93.03
C ASP G 110 -16.77 0.36 -91.84
N ALA G 111 -17.33 0.58 -90.66
CA ALA G 111 -16.54 0.61 -89.43
C ALA G 111 -15.85 -0.73 -89.19
N VAL G 112 -16.52 -1.81 -89.56
CA VAL G 112 -15.91 -3.13 -89.48
C VAL G 112 -15.04 -3.39 -90.70
N TYR G 113 -15.58 -3.09 -91.88
CA TYR G 113 -14.89 -3.36 -93.14
C TYR G 113 -13.50 -2.74 -93.20
N GLN G 114 -13.36 -1.54 -92.63
CA GLN G 114 -12.09 -0.84 -92.66
C GLN G 114 -11.07 -1.44 -91.70
N ASN G 115 -11.53 -2.31 -90.80
CA ASN G 115 -10.64 -2.90 -89.80
C ASN G 115 -10.59 -4.42 -89.85
N ILE G 116 -10.86 -4.98 -91.03
CA ILE G 116 -10.73 -6.41 -91.24
C ILE G 116 -9.30 -6.85 -90.97
N ASP G 117 -8.35 -6.01 -91.34
CA ASP G 117 -6.93 -6.29 -91.15
C ASP G 117 -6.55 -6.39 -89.68
N ILE G 118 -7.43 -5.91 -88.81
CA ILE G 118 -7.21 -5.99 -87.37
C ILE G 118 -7.91 -7.23 -86.79
N ILE G 119 -9.03 -7.59 -87.40
CA ILE G 119 -9.86 -8.69 -86.93
C ILE G 119 -9.33 -10.07 -87.34
N GLU G 120 -9.04 -10.23 -88.62
CA GLU G 120 -8.66 -11.54 -89.16
C GLU G 120 -7.37 -12.15 -88.59
N PRO G 121 -6.34 -11.32 -88.30
CA PRO G 121 -5.19 -11.90 -87.58
C PRO G 121 -5.54 -12.55 -86.26
N TYR G 122 -6.63 -12.10 -85.63
CA TYR G 122 -7.12 -12.72 -84.40
C TYR G 122 -7.83 -14.03 -84.71
N ALA G 123 -8.38 -14.10 -85.92
CA ALA G 123 -9.19 -15.24 -86.36
C ALA G 123 -10.22 -15.71 -85.35
N PRO G 124 -11.10 -14.80 -84.89
CA PRO G 124 -12.13 -15.29 -83.96
C PRO G 124 -13.18 -16.09 -84.71
N GLU G 125 -13.84 -17.03 -84.02
CA GLU G 125 -14.86 -17.85 -84.65
C GLU G 125 -16.18 -17.08 -84.78
N TYR G 126 -16.42 -16.18 -83.84
CA TYR G 126 -17.68 -15.45 -83.79
C TYR G 126 -17.46 -13.96 -83.61
N MET G 127 -18.37 -13.16 -84.18
CA MET G 127 -18.34 -11.72 -84.02
C MET G 127 -19.59 -11.25 -83.28
N VAL G 128 -19.40 -10.57 -82.17
CA VAL G 128 -20.51 -9.97 -81.45
C VAL G 128 -20.50 -8.47 -81.70
N ILE G 129 -21.44 -8.00 -82.50
CA ILE G 129 -21.55 -6.57 -82.81
C ILE G 129 -22.44 -5.90 -81.77
N LEU G 130 -21.91 -4.86 -81.13
CA LEU G 130 -22.61 -4.20 -80.03
C LEU G 130 -22.78 -2.70 -80.27
N ALA G 131 -23.94 -2.18 -79.86
CA ALA G 131 -24.16 -0.74 -79.84
C ALA G 131 -23.58 -0.18 -78.54
N GLY G 132 -22.72 0.83 -78.66
CA GLY G 132 -22.02 1.35 -77.49
C GLY G 132 -22.72 2.46 -76.73
N ASP G 133 -23.97 2.74 -77.06
CA ASP G 133 -24.66 3.89 -76.48
C ASP G 133 -25.93 3.53 -75.69
N HIS G 134 -26.02 2.30 -75.20
CA HIS G 134 -27.16 1.89 -74.39
C HIS G 134 -26.72 1.39 -73.02
N ILE G 135 -27.59 1.54 -72.02
CA ILE G 135 -27.31 1.08 -70.67
C ILE G 135 -28.09 -0.20 -70.37
N TYR G 136 -27.38 -1.32 -70.28
CA TYR G 136 -28.02 -2.61 -70.03
C TYR G 136 -27.02 -3.64 -69.57
N LYS G 137 -27.51 -4.76 -69.10
CA LYS G 137 -26.64 -5.86 -68.68
C LYS G 137 -27.11 -7.16 -69.32
N MET G 138 -26.16 -7.92 -69.85
CA MET G 138 -26.49 -9.05 -70.71
C MET G 138 -25.34 -10.05 -70.83
N ASP G 139 -25.67 -11.33 -70.73
CA ASP G 139 -24.72 -12.42 -70.89
C ASP G 139 -24.73 -12.90 -72.33
N TYR G 140 -23.68 -12.56 -73.08
CA TYR G 140 -23.64 -12.83 -74.51
C TYR G 140 -23.43 -14.31 -74.86
N GLU G 141 -23.18 -15.13 -73.85
CA GLU G 141 -23.00 -16.57 -74.06
C GLU G 141 -24.29 -17.22 -74.54
N TYR G 142 -25.41 -16.73 -74.03
CA TYR G 142 -26.73 -17.21 -74.43
C TYR G 142 -26.97 -16.97 -75.91
N MET G 143 -26.58 -15.80 -76.37
CA MET G 143 -26.78 -15.41 -77.77
C MET G 143 -25.87 -16.20 -78.70
N LEU G 144 -24.64 -16.45 -78.26
CA LEU G 144 -23.68 -17.22 -79.03
C LEU G 144 -24.18 -18.64 -79.22
N GLN G 145 -24.65 -19.24 -78.12
CA GLN G 145 -25.17 -20.60 -78.14
C GLN G 145 -26.34 -20.73 -79.12
N GLN G 146 -27.29 -19.81 -79.02
CA GLN G 146 -28.45 -19.82 -79.89
C GLN G 146 -28.06 -19.66 -81.36
N HIS G 147 -27.03 -18.87 -81.61
CA HIS G 147 -26.60 -18.62 -82.98
C HIS G 147 -26.06 -19.87 -83.66
N VAL G 148 -25.31 -20.68 -82.92
CA VAL G 148 -24.74 -21.89 -83.50
C VAL G 148 -25.71 -23.07 -83.41
N ASP G 149 -26.62 -23.02 -82.44
CA ASP G 149 -27.63 -24.07 -82.30
C ASP G 149 -28.68 -23.95 -83.40
N SER G 150 -28.95 -22.72 -83.83
CA SER G 150 -29.99 -22.47 -84.82
C SER G 150 -29.47 -22.55 -86.24
N GLY G 151 -28.18 -22.32 -86.40
CA GLY G 151 -27.56 -22.31 -87.73
C GLY G 151 -27.86 -21.02 -88.48
N ALA G 152 -28.32 -20.01 -87.74
CA ALA G 152 -28.70 -18.73 -88.32
C ALA G 152 -27.51 -18.02 -88.97
N ASP G 153 -27.79 -17.23 -90.01
CA ASP G 153 -26.78 -16.41 -90.64
C ASP G 153 -26.46 -15.20 -89.76
N VAL G 154 -27.48 -14.68 -89.10
CA VAL G 154 -27.30 -13.63 -88.10
C VAL G 154 -28.35 -13.78 -87.00
N THR G 155 -27.90 -13.69 -85.75
CA THR G 155 -28.81 -13.69 -84.62
C THR G 155 -28.89 -12.28 -84.07
N ILE G 156 -30.11 -11.78 -83.88
CA ILE G 156 -30.31 -10.39 -83.48
C ILE G 156 -31.00 -10.29 -82.13
N GLY G 157 -30.39 -9.55 -81.21
CA GLY G 157 -30.96 -9.35 -79.89
C GLY G 157 -32.14 -8.38 -79.95
N CYS G 158 -33.20 -8.71 -79.23
CA CYS G 158 -34.45 -7.96 -79.35
C CYS G 158 -35.13 -7.71 -78.01
N LEU G 159 -35.79 -6.55 -77.90
CA LEU G 159 -36.61 -6.24 -76.73
C LEU G 159 -38.07 -6.62 -76.97
N GLU G 160 -38.71 -7.18 -75.95
CA GLU G 160 -40.15 -7.41 -75.98
C GLU G 160 -40.87 -6.15 -75.51
N VAL G 161 -41.31 -5.33 -76.45
CA VAL G 161 -41.96 -4.07 -76.10
C VAL G 161 -43.41 -4.03 -76.57
N PRO G 162 -44.30 -3.45 -75.74
CA PRO G 162 -45.70 -3.25 -76.12
C PRO G 162 -45.79 -2.46 -77.41
N ARG G 163 -46.74 -2.81 -78.27
CA ARG G 163 -46.74 -2.36 -79.67
C ARG G 163 -46.82 -0.85 -79.84
N MET G 164 -47.48 -0.16 -78.92
CA MET G 164 -47.55 1.30 -78.97
C MET G 164 -46.15 1.90 -78.79
N GLU G 165 -45.35 1.27 -77.95
CA GLU G 165 -43.99 1.72 -77.69
C GLU G 165 -43.02 1.28 -78.79
N ALA G 166 -43.41 0.24 -79.53
CA ALA G 166 -42.55 -0.32 -80.56
C ALA G 166 -42.51 0.54 -81.82
N THR G 167 -43.36 1.57 -81.85
CA THR G 167 -43.47 2.42 -83.04
C THR G 167 -42.22 3.27 -83.26
N GLY G 168 -41.41 3.44 -82.21
CA GLY G 168 -40.22 4.25 -82.30
C GLY G 168 -38.95 3.44 -82.53
N PHE G 169 -39.12 2.14 -82.69
CA PHE G 169 -37.98 1.23 -82.85
C PHE G 169 -37.90 0.63 -84.25
N GLY G 170 -36.77 -0.01 -84.53
CA GLY G 170 -36.67 -0.92 -85.66
C GLY G 170 -37.27 -2.22 -85.19
N VAL G 171 -38.27 -2.72 -85.89
CA VAL G 171 -39.03 -3.87 -85.41
C VAL G 171 -38.80 -5.10 -86.27
N MET G 172 -38.58 -6.23 -85.60
CA MET G 172 -38.40 -7.51 -86.27
C MET G 172 -39.71 -8.27 -86.33
N HIS G 173 -40.11 -8.66 -87.54
CA HIS G 173 -41.32 -9.45 -87.73
C HIS G 173 -40.97 -10.92 -87.75
N VAL G 174 -41.38 -11.65 -86.72
CA VAL G 174 -40.98 -13.04 -86.57
C VAL G 174 -42.14 -14.02 -86.74
N ASN G 175 -41.79 -15.26 -87.06
CA ASN G 175 -42.75 -16.35 -87.03
C ASN G 175 -42.70 -17.06 -85.68
N GLU G 176 -43.38 -18.19 -85.58
CA GLU G 176 -43.44 -18.94 -84.33
C GLU G 176 -42.08 -19.57 -83.99
N LYS G 177 -41.16 -19.53 -84.95
CA LYS G 177 -39.79 -20.03 -84.74
C LYS G 177 -38.83 -18.91 -84.37
N ASP G 178 -39.36 -17.70 -84.20
CA ASP G 178 -38.55 -16.50 -83.96
C ASP G 178 -37.60 -16.21 -85.11
N GLU G 179 -37.96 -16.71 -86.30
CA GLU G 179 -37.21 -16.40 -87.51
C GLU G 179 -37.71 -15.10 -88.09
N ILE G 180 -36.80 -14.25 -88.56
CA ILE G 180 -37.16 -12.92 -89.04
C ILE G 180 -37.43 -12.91 -90.54
N ILE G 181 -38.68 -12.60 -90.90
CA ILE G 181 -39.07 -12.54 -92.31
C ILE G 181 -39.15 -11.12 -92.85
N ASP G 182 -39.08 -10.14 -91.95
CA ASP G 182 -39.14 -8.74 -92.37
C ASP G 182 -38.65 -7.80 -91.28
N PHE G 183 -37.95 -6.75 -91.69
CA PHE G 183 -37.54 -5.70 -90.78
C PHE G 183 -38.18 -4.38 -91.19
N ILE G 184 -38.84 -3.74 -90.23
CA ILE G 184 -39.56 -2.49 -90.50
C ILE G 184 -39.08 -1.37 -89.59
N GLU G 185 -38.57 -0.29 -90.17
CA GLU G 185 -38.06 0.83 -89.40
C GLU G 185 -39.19 1.76 -88.96
N LYS G 186 -39.41 1.83 -87.64
CA LYS G 186 -40.44 2.70 -87.04
C LYS G 186 -41.85 2.46 -87.58
N PRO G 187 -42.49 1.35 -87.17
CA PRO G 187 -43.81 1.00 -87.72
C PRO G 187 -44.97 1.75 -87.08
N ALA G 188 -45.84 2.32 -87.92
CA ALA G 188 -47.11 2.89 -87.47
C ALA G 188 -47.91 1.84 -86.72
N ASP G 189 -47.94 0.64 -87.28
CA ASP G 189 -48.53 -0.51 -86.62
C ASP G 189 -47.51 -1.65 -86.63
N PRO G 190 -46.79 -1.83 -85.51
CA PRO G 190 -45.74 -2.87 -85.38
C PRO G 190 -46.29 -4.28 -85.45
N PRO G 191 -45.66 -5.15 -86.25
CA PRO G 191 -46.02 -6.57 -86.30
C PRO G 191 -45.87 -7.19 -84.92
N GLY G 192 -46.87 -7.96 -84.50
CA GLY G 192 -46.86 -8.56 -83.19
C GLY G 192 -46.22 -9.94 -83.17
N ILE G 193 -45.81 -10.37 -81.99
CA ILE G 193 -45.28 -11.71 -81.81
C ILE G 193 -46.43 -12.72 -81.92
N PRO G 194 -46.25 -13.75 -82.77
CA PRO G 194 -47.27 -14.81 -82.90
C PRO G 194 -47.64 -15.42 -81.56
N GLY G 195 -48.89 -15.28 -81.16
CA GLY G 195 -49.36 -15.82 -79.90
C GLY G 195 -49.17 -14.84 -78.75
N ASN G 196 -48.38 -13.79 -79.00
CA ASN G 196 -48.18 -12.72 -78.05
C ASN G 196 -48.31 -11.38 -78.76
N GLU G 197 -49.47 -11.17 -79.38
CA GLU G 197 -49.70 -10.06 -80.28
C GLU G 197 -49.67 -8.71 -79.57
N GLY G 198 -49.64 -8.73 -78.24
CA GLY G 198 -49.61 -7.50 -77.46
C GLY G 198 -48.22 -6.90 -77.33
N PHE G 199 -47.20 -7.66 -77.71
CA PHE G 199 -45.83 -7.19 -77.66
C PHE G 199 -45.15 -7.36 -79.01
N ALA G 200 -44.21 -6.48 -79.30
CA ALA G 200 -43.43 -6.58 -80.53
C ALA G 200 -41.95 -6.71 -80.18
N LEU G 201 -41.15 -7.16 -81.15
CA LEU G 201 -39.71 -7.28 -80.95
C LEU G 201 -38.97 -6.08 -81.50
N ALA G 202 -38.28 -5.37 -80.61
CA ALA G 202 -37.50 -4.19 -80.99
C ALA G 202 -36.02 -4.52 -81.03
N SER G 203 -35.39 -4.25 -82.17
CA SER G 203 -33.95 -4.50 -82.35
C SER G 203 -33.12 -3.68 -81.37
N MET G 204 -32.13 -4.33 -80.77
CA MET G 204 -31.26 -3.68 -79.78
C MET G 204 -29.98 -3.15 -80.40
N GLY G 205 -29.75 -3.49 -81.67
CA GLY G 205 -28.52 -3.13 -82.33
C GLY G 205 -27.41 -4.06 -81.95
N ILE G 206 -27.78 -5.27 -81.53
CA ILE G 206 -26.83 -6.32 -81.17
C ILE G 206 -26.91 -7.47 -82.16
N TYR G 207 -25.79 -7.77 -82.81
CA TYR G 207 -25.78 -8.79 -83.86
C TYR G 207 -24.72 -9.84 -83.61
N VAL G 208 -25.02 -11.08 -83.96
CA VAL G 208 -24.02 -12.12 -83.83
C VAL G 208 -23.83 -12.85 -85.15
N PHE G 209 -22.58 -12.93 -85.58
CA PHE G 209 -22.25 -13.70 -86.74
C PHE G 209 -21.13 -14.68 -86.42
N HIS G 210 -20.98 -15.63 -87.31
CA HIS G 210 -19.72 -16.24 -87.67
C HIS G 210 -18.79 -15.31 -88.46
N THR G 211 -17.53 -15.22 -88.02
CA THR G 211 -16.59 -14.17 -88.50
C THR G 211 -16.44 -14.32 -90.00
N LYS G 212 -16.33 -15.56 -90.46
CA LYS G 212 -16.19 -15.86 -91.88
C LYS G 212 -17.31 -15.24 -92.71
N PHE G 213 -18.55 -15.43 -92.26
CA PHE G 213 -19.72 -14.91 -92.97
C PHE G 213 -19.75 -13.39 -92.97
N LEU G 214 -19.47 -12.78 -91.83
CA LEU G 214 -19.52 -11.33 -91.68
C LEU G 214 -18.47 -10.63 -92.54
N MET G 215 -17.30 -11.26 -92.67
CA MET G 215 -16.26 -10.70 -93.51
C MET G 215 -16.68 -10.70 -94.98
N GLU G 216 -17.42 -11.73 -95.36
CA GLU G 216 -17.95 -11.84 -96.73
C GLU G 216 -19.05 -10.80 -96.96
N ALA G 217 -19.94 -10.67 -95.99
CA ALA G 217 -21.10 -9.79 -96.08
C ALA G 217 -20.70 -8.33 -96.20
N LEU G 218 -19.60 -7.96 -95.58
CA LEU G 218 -19.16 -6.56 -95.55
C LEU G 218 -18.30 -6.20 -96.75
N ARG G 219 -17.66 -7.21 -97.33
CA ARG G 219 -16.90 -7.02 -98.55
C ARG G 219 -17.87 -6.84 -99.73
N ARG G 220 -18.92 -7.65 -99.73
CA ARG G 220 -19.98 -7.55 -100.75
C ARG G 220 -20.79 -6.27 -100.59
N ASP G 221 -20.73 -5.68 -99.39
CA ASP G 221 -21.42 -4.43 -99.11
C ASP G 221 -20.55 -3.25 -99.47
N ALA G 222 -19.23 -3.45 -99.37
CA ALA G 222 -18.27 -2.43 -99.76
C ALA G 222 -18.21 -2.33 -101.28
N ALA G 223 -18.38 -3.48 -101.94
CA ALA G 223 -18.39 -3.54 -103.39
C ALA G 223 -19.79 -3.24 -103.92
N ASP G 224 -20.42 -2.23 -103.34
CA ASP G 224 -21.78 -1.85 -103.69
C ASP G 224 -21.94 -0.34 -103.55
N PRO G 225 -22.05 0.36 -104.69
CA PRO G 225 -22.17 1.82 -104.73
C PRO G 225 -23.48 2.32 -104.14
N THR G 226 -24.46 1.43 -104.04
CA THR G 226 -25.78 1.78 -103.55
C THR G 226 -25.85 1.89 -102.02
N SER G 227 -25.20 0.95 -101.35
CA SER G 227 -25.29 0.80 -99.90
C SER G 227 -25.06 2.09 -99.11
N SER G 228 -25.83 2.25 -98.03
CA SER G 228 -25.59 3.33 -97.06
C SER G 228 -24.59 2.83 -96.03
N ARG G 229 -24.16 1.59 -96.22
CA ARG G 229 -23.08 0.97 -95.45
C ARG G 229 -23.39 0.87 -93.96
N ASP G 230 -24.62 0.56 -93.64
CA ASP G 230 -25.03 0.36 -92.25
C ASP G 230 -25.52 -1.06 -92.01
N PHE G 231 -25.39 -1.55 -90.78
CA PHE G 231 -25.92 -2.85 -90.42
C PHE G 231 -27.43 -2.85 -90.50
N GLY G 232 -28.05 -1.92 -89.79
CA GLY G 232 -29.50 -1.85 -89.69
C GLY G 232 -30.22 -1.54 -90.98
N LYS G 233 -29.57 -0.78 -91.85
CA LYS G 233 -30.21 -0.37 -93.10
C LYS G 233 -29.79 -1.22 -94.28
N ASP G 234 -28.56 -1.73 -94.26
CA ASP G 234 -28.02 -2.42 -95.43
C ASP G 234 -27.70 -3.89 -95.17
N ILE G 235 -26.86 -4.16 -94.18
CA ILE G 235 -26.39 -5.52 -93.92
C ILE G 235 -27.52 -6.45 -93.47
N ILE G 236 -28.21 -6.05 -92.40
CA ILE G 236 -29.26 -6.90 -91.82
C ILE G 236 -30.46 -7.09 -92.76
N PRO G 237 -31.00 -6.01 -93.37
CA PRO G 237 -32.15 -6.24 -94.26
C PRO G 237 -31.85 -7.21 -95.40
N TYR G 238 -30.64 -7.17 -95.94
CA TYR G 238 -30.24 -8.08 -97.01
C TYR G 238 -30.32 -9.54 -96.55
N ILE G 239 -29.87 -9.79 -95.33
CA ILE G 239 -29.85 -11.14 -94.79
C ILE G 239 -31.27 -11.60 -94.42
N VAL G 240 -32.08 -10.68 -93.94
CA VAL G 240 -33.48 -10.98 -93.59
C VAL G 240 -34.19 -11.56 -94.81
N GLU G 241 -33.82 -11.09 -96.00
CA GLU G 241 -34.39 -11.60 -97.23
C GLU G 241 -33.73 -12.90 -97.69
N HIS G 242 -32.46 -12.81 -98.10
CA HIS G 242 -31.79 -13.91 -98.79
C HIS G 242 -31.16 -14.93 -97.86
N GLY G 243 -30.97 -14.57 -96.59
CA GLY G 243 -30.34 -15.47 -95.63
C GLY G 243 -31.29 -15.88 -94.52
N LYS G 244 -30.72 -16.37 -93.43
CA LYS G 244 -31.53 -16.76 -92.28
C LYS G 244 -31.26 -15.84 -91.10
N ALA G 245 -32.25 -15.03 -90.73
CA ALA G 245 -32.14 -14.15 -89.58
C ALA G 245 -33.06 -14.61 -88.46
N VAL G 246 -32.51 -14.76 -87.26
CA VAL G 246 -33.28 -15.24 -86.12
C VAL G 246 -33.21 -14.23 -84.98
N ALA G 247 -34.30 -14.07 -84.24
CA ALA G 247 -34.33 -13.14 -83.11
C ALA G 247 -33.94 -13.82 -81.81
N HIS G 248 -33.29 -13.06 -80.93
CA HIS G 248 -32.95 -13.53 -79.59
C HIS G 248 -33.58 -12.60 -78.55
N ARG G 249 -34.31 -13.18 -77.61
CA ARG G 249 -35.00 -12.39 -76.59
C ARG G 249 -34.04 -11.87 -75.54
N PHE G 250 -34.12 -10.58 -75.25
CA PHE G 250 -33.28 -9.96 -74.24
C PHE G 250 -33.58 -10.52 -72.85
N ALA G 251 -34.86 -10.84 -72.61
CA ALA G 251 -35.27 -11.40 -71.33
C ALA G 251 -34.59 -12.73 -71.05
N ASP G 252 -34.18 -13.43 -72.10
CA ASP G 252 -33.53 -14.73 -71.95
C ASP G 252 -32.10 -14.62 -71.45
N SER G 253 -31.44 -13.49 -71.72
CA SER G 253 -30.03 -13.36 -71.38
C SER G 253 -29.70 -12.16 -70.51
N CYS G 254 -30.70 -11.31 -70.27
CA CYS G 254 -30.51 -10.15 -69.39
C CYS G 254 -30.10 -10.59 -67.99
N VAL G 255 -29.03 -9.98 -67.48
CA VAL G 255 -28.56 -10.29 -66.14
C VAL G 255 -29.32 -9.43 -65.13
N ARG G 256 -30.28 -10.03 -64.45
CA ARG G 256 -31.14 -9.30 -63.55
C ARG G 256 -30.74 -9.48 -62.09
N SER G 257 -30.63 -8.37 -61.38
CA SER G 257 -30.48 -8.39 -59.94
C SER G 257 -31.80 -8.85 -59.31
N ASP G 258 -31.73 -9.36 -58.09
CA ASP G 258 -32.94 -9.74 -57.35
C ASP G 258 -33.69 -8.47 -56.95
N PHE G 259 -33.03 -7.32 -57.11
CA PHE G 259 -33.59 -6.03 -56.78
C PHE G 259 -34.02 -5.30 -58.04
N GLU G 260 -34.14 -6.04 -59.14
CA GLU G 260 -34.69 -5.49 -60.37
C GLU G 260 -35.92 -6.28 -60.80
N HIS G 261 -36.95 -5.54 -61.21
CA HIS G 261 -38.29 -6.10 -61.43
C HIS G 261 -38.59 -6.49 -62.87
N GLU G 262 -37.81 -5.93 -63.79
CA GLU G 262 -37.89 -6.29 -65.19
C GLU G 262 -36.49 -6.20 -65.78
N PRO G 263 -36.29 -6.75 -66.99
CA PRO G 263 -35.02 -6.48 -67.67
C PRO G 263 -34.78 -4.98 -67.90
N TYR G 264 -33.60 -4.51 -67.53
CA TYR G 264 -33.27 -3.08 -67.63
C TYR G 264 -32.54 -2.76 -68.93
N TRP G 265 -33.09 -1.82 -69.68
CA TRP G 265 -32.44 -1.35 -70.91
C TRP G 265 -32.85 0.09 -71.17
N ARG G 266 -31.87 0.98 -71.26
CA ARG G 266 -32.14 2.38 -71.51
C ARG G 266 -31.35 2.90 -72.70
N ASP G 267 -32.02 3.69 -73.53
CA ASP G 267 -31.43 4.27 -74.72
C ASP G 267 -30.87 5.65 -74.43
N VAL G 268 -31.35 6.26 -73.34
CA VAL G 268 -31.10 7.65 -72.96
C VAL G 268 -30.83 8.55 -74.17
N GLY G 269 -31.81 8.60 -75.08
CA GLY G 269 -31.66 9.30 -76.34
C GLY G 269 -32.02 10.78 -76.29
N THR G 270 -32.80 11.16 -75.28
CA THR G 270 -33.18 12.56 -75.11
C THR G 270 -32.70 13.09 -73.76
N ILE G 271 -32.84 14.39 -73.56
CA ILE G 271 -32.41 15.02 -72.30
C ILE G 271 -33.34 14.59 -71.17
N ASP G 272 -34.63 14.46 -71.46
CA ASP G 272 -35.59 13.93 -70.49
C ASP G 272 -35.23 12.51 -70.09
N ALA G 273 -34.95 11.67 -71.08
CA ALA G 273 -34.62 10.27 -70.84
C ALA G 273 -33.33 10.13 -70.05
N TYR G 274 -32.34 10.94 -70.39
CA TYR G 274 -31.06 10.95 -69.69
C TYR G 274 -31.23 11.37 -68.24
N TRP G 275 -31.97 12.45 -68.04
CA TRP G 275 -32.25 12.95 -66.70
C TRP G 275 -33.00 11.93 -65.86
N GLN G 276 -34.06 11.37 -66.44
CA GLN G 276 -34.91 10.41 -65.74
C GLN G 276 -34.13 9.17 -65.31
N ALA G 277 -33.30 8.65 -66.20
CA ALA G 277 -32.53 7.45 -65.93
C ALA G 277 -31.56 7.64 -64.76
N ASN G 278 -30.90 8.79 -64.71
CA ASN G 278 -29.98 9.09 -63.62
C ASN G 278 -30.71 9.36 -62.31
N ILE G 279 -31.78 10.16 -62.39
CA ILE G 279 -32.55 10.53 -61.20
C ILE G 279 -33.19 9.31 -60.55
N ASP G 280 -33.63 8.36 -61.36
CA ASP G 280 -34.27 7.14 -60.85
C ASP G 280 -33.35 6.33 -59.94
N LEU G 281 -32.04 6.56 -60.04
CA LEU G 281 -31.08 5.87 -59.18
C LEU G 281 -31.14 6.39 -57.74
N THR G 282 -31.84 7.49 -57.52
CA THR G 282 -32.02 8.04 -56.18
C THR G 282 -33.21 7.39 -55.46
N ASP G 283 -33.94 6.56 -56.18
CA ASP G 283 -35.10 5.86 -55.61
C ASP G 283 -34.73 4.97 -54.43
N VAL G 284 -35.73 4.66 -53.62
CA VAL G 284 -35.59 3.66 -52.57
C VAL G 284 -35.28 2.31 -53.23
N VAL G 285 -36.08 1.97 -54.24
CA VAL G 285 -35.87 0.75 -55.02
C VAL G 285 -35.67 1.09 -56.49
N PRO G 286 -34.43 1.41 -56.89
CA PRO G 286 -34.13 1.79 -58.27
C PRO G 286 -34.34 0.65 -59.25
N ASP G 287 -34.67 0.99 -60.49
CA ASP G 287 -34.83 -0.01 -61.54
C ASP G 287 -33.48 -0.65 -61.87
N LEU G 288 -32.42 0.14 -61.77
CA LEU G 288 -31.06 -0.37 -61.97
C LEU G 288 -30.38 -0.59 -60.63
N ASP G 289 -29.78 -1.76 -60.46
CA ASP G 289 -29.07 -2.07 -59.23
C ASP G 289 -27.57 -1.87 -59.41
N ILE G 290 -27.08 -0.70 -58.99
CA ILE G 290 -25.67 -0.37 -59.14
C ILE G 290 -24.85 -0.85 -57.96
N TYR G 291 -25.51 -1.48 -56.99
CA TYR G 291 -24.81 -2.04 -55.83
C TYR G 291 -24.68 -3.55 -55.98
N ASP G 292 -24.91 -4.03 -57.19
CA ASP G 292 -24.79 -5.45 -57.50
C ASP G 292 -23.34 -5.83 -57.79
N LYS G 293 -22.92 -6.99 -57.27
CA LYS G 293 -21.54 -7.43 -57.40
C LYS G 293 -21.40 -8.62 -58.35
N SER G 294 -22.51 -9.25 -58.69
CA SER G 294 -22.49 -10.44 -59.52
C SER G 294 -22.17 -10.11 -60.98
N TRP G 295 -22.56 -8.91 -61.41
CA TRP G 295 -22.31 -8.47 -62.77
C TRP G 295 -21.82 -7.03 -62.74
N PRO G 296 -20.57 -6.82 -62.29
CA PRO G 296 -20.05 -5.47 -62.03
C PRO G 296 -19.75 -4.68 -63.30
N ILE G 297 -19.84 -3.36 -63.20
CA ILE G 297 -19.50 -2.47 -64.30
C ILE G 297 -18.14 -1.82 -64.05
N TRP G 298 -17.15 -2.18 -64.85
CA TRP G 298 -15.82 -1.58 -64.74
C TRP G 298 -15.81 -0.24 -65.45
N THR G 299 -15.01 0.70 -64.94
CA THR G 299 -14.89 2.01 -65.53
C THR G 299 -13.55 2.62 -65.16
N TYR G 300 -13.29 3.84 -65.62
CA TYR G 300 -12.11 4.57 -65.15
C TYR G 300 -12.43 5.29 -63.86
N ALA G 301 -11.67 4.98 -62.82
CA ALA G 301 -11.83 5.65 -61.54
C ALA G 301 -10.47 5.98 -60.94
N GLU G 302 -10.40 7.10 -60.24
CA GLU G 302 -9.20 7.46 -59.50
C GLU G 302 -9.49 7.36 -58.01
N ILE G 303 -8.45 7.14 -57.22
CA ILE G 303 -8.58 7.22 -55.78
C ILE G 303 -8.97 8.64 -55.42
N THR G 304 -10.09 8.79 -54.71
CA THR G 304 -10.59 10.09 -54.32
C THR G 304 -10.78 10.15 -52.82
N PRO G 305 -10.83 11.35 -52.25
CA PRO G 305 -11.25 11.50 -50.85
C PRO G 305 -12.74 11.20 -50.70
N PRO G 306 -13.20 10.93 -49.47
CA PRO G 306 -14.62 10.64 -49.24
C PRO G 306 -15.50 11.86 -49.47
N ALA G 307 -16.82 11.67 -49.46
CA ALA G 307 -17.74 12.79 -49.52
C ALA G 307 -17.74 13.51 -48.18
N LYS G 308 -17.88 14.82 -48.21
CA LYS G 308 -17.83 15.61 -46.97
C LYS G 308 -19.04 16.53 -46.87
N PHE G 309 -19.68 16.51 -45.70
CA PHE G 309 -20.83 17.35 -45.43
C PHE G 309 -20.52 18.24 -44.26
N VAL G 310 -20.69 19.55 -44.42
CA VAL G 310 -20.27 20.47 -43.35
C VAL G 310 -21.25 21.64 -43.20
N HIS G 311 -21.20 22.26 -42.01
CA HIS G 311 -22.08 23.33 -41.56
C HIS G 311 -23.43 22.81 -41.09
N ASP G 312 -23.83 23.25 -39.90
CA ASP G 312 -25.08 22.83 -39.29
C ASP G 312 -25.57 23.91 -38.33
N ASP G 313 -25.94 25.06 -38.88
CA ASP G 313 -26.51 26.14 -38.07
C ASP G 313 -27.94 26.45 -38.52
N GLU G 314 -28.52 27.51 -37.98
CA GLU G 314 -29.92 27.82 -38.22
C GLU G 314 -30.18 28.50 -39.56
N ASP G 315 -29.12 28.67 -40.34
CA ASP G 315 -29.25 29.30 -41.66
C ASP G 315 -28.69 28.42 -42.77
N ARG G 316 -27.77 27.53 -42.42
CA ARG G 316 -27.17 26.64 -43.41
C ARG G 316 -26.85 25.27 -42.83
N ARG G 317 -27.07 24.25 -43.65
CA ARG G 317 -26.74 22.88 -43.26
C ARG G 317 -26.35 22.09 -44.49
N GLY G 318 -25.14 21.55 -44.48
CA GLY G 318 -24.69 20.70 -45.56
C GLY G 318 -25.14 19.27 -45.33
N SER G 319 -26.01 18.78 -46.21
CA SER G 319 -26.51 17.42 -46.10
C SER G 319 -27.19 16.98 -47.40
N ALA G 320 -27.26 15.67 -47.61
CA ALA G 320 -27.94 15.12 -48.77
C ALA G 320 -29.11 14.26 -48.33
N VAL G 321 -30.24 14.43 -49.00
CA VAL G 321 -31.45 13.67 -48.72
C VAL G 321 -31.97 13.06 -50.01
N SER G 322 -32.32 11.77 -49.96
CA SER G 322 -32.81 11.04 -51.14
C SER G 322 -31.89 11.26 -52.32
N SER G 323 -30.59 11.18 -52.08
CA SER G 323 -29.61 11.54 -53.09
C SER G 323 -28.47 10.53 -53.19
N VAL G 324 -27.71 10.66 -54.27
CA VAL G 324 -26.54 9.83 -54.51
C VAL G 324 -25.31 10.73 -54.68
N VAL G 325 -24.32 10.56 -53.82
CA VAL G 325 -23.15 11.44 -53.82
C VAL G 325 -21.83 10.65 -53.95
N SER G 326 -20.98 11.09 -54.86
CA SER G 326 -19.71 10.41 -55.12
C SER G 326 -18.55 11.00 -54.32
N GLY G 327 -17.34 10.47 -54.56
CA GLY G 327 -16.16 10.90 -53.85
C GLY G 327 -15.70 12.28 -54.27
N ASP G 328 -14.85 12.89 -53.45
CA ASP G 328 -14.30 14.22 -53.69
C ASP G 328 -15.40 15.28 -53.80
N CYS G 329 -16.57 14.97 -53.25
CA CYS G 329 -17.64 15.95 -53.18
C CYS G 329 -17.63 16.61 -51.81
N ILE G 330 -17.62 17.93 -51.79
CA ILE G 330 -17.73 18.66 -50.54
C ILE G 330 -19.02 19.45 -50.54
N ILE G 331 -19.93 19.07 -49.66
CA ILE G 331 -21.24 19.70 -49.56
C ILE G 331 -21.22 20.64 -48.36
N SER G 332 -20.93 21.90 -48.65
CA SER G 332 -20.67 22.89 -47.60
C SER G 332 -21.84 23.83 -47.43
N GLY G 333 -22.65 23.58 -46.39
CA GLY G 333 -23.80 24.42 -46.10
C GLY G 333 -24.86 24.38 -47.19
N ALA G 334 -24.79 23.35 -48.02
CA ALA G 334 -25.69 23.20 -49.16
C ALA G 334 -26.73 22.11 -48.93
N ALA G 335 -27.94 22.33 -49.42
CA ALA G 335 -29.03 21.39 -49.23
C ALA G 335 -29.36 20.65 -50.52
N LEU G 336 -29.06 19.36 -50.54
CA LEU G 336 -29.32 18.53 -51.72
C LEU G 336 -30.53 17.62 -51.48
N ASN G 337 -31.42 17.54 -52.47
CA ASN G 337 -32.56 16.64 -52.40
C ASN G 337 -32.87 16.04 -53.77
N ARG G 338 -33.05 14.73 -53.80
CA ARG G 338 -33.30 13.97 -55.03
C ARG G 338 -32.29 14.33 -56.12
N SER G 339 -31.02 14.31 -55.76
CA SER G 339 -29.96 14.70 -56.69
C SER G 339 -28.90 13.61 -56.83
N LEU G 340 -28.24 13.58 -57.98
CA LEU G 340 -27.15 12.64 -58.21
C LEU G 340 -25.87 13.39 -58.56
N LEU G 341 -24.89 13.31 -57.67
CA LEU G 341 -23.63 14.03 -57.85
C LEU G 341 -22.51 13.10 -58.28
N PHE G 342 -21.86 13.44 -59.39
CA PHE G 342 -20.66 12.74 -59.82
C PHE G 342 -19.46 13.24 -59.00
N THR G 343 -18.28 12.69 -59.28
CA THR G 343 -17.06 12.99 -58.53
CA THR G 343 -17.09 13.01 -58.49
C THR G 343 -16.66 14.47 -58.63
N GLY G 344 -16.15 15.02 -57.54
CA GLY G 344 -15.55 16.35 -57.54
C GLY G 344 -16.47 17.54 -57.45
N VAL G 345 -17.74 17.33 -57.18
CA VAL G 345 -18.68 18.44 -57.09
C VAL G 345 -18.50 19.23 -55.80
N ARG G 346 -18.41 20.55 -55.93
CA ARG G 346 -18.37 21.45 -54.78
C ARG G 346 -19.67 22.24 -54.70
N ALA G 347 -20.41 22.06 -53.62
CA ALA G 347 -21.63 22.83 -53.39
C ALA G 347 -21.44 23.72 -52.18
N ASN G 348 -21.68 25.02 -52.34
CA ASN G 348 -21.35 25.98 -51.30
C ASN G 348 -22.55 26.52 -50.52
N SER G 349 -22.25 27.23 -49.44
CA SER G 349 -23.24 27.64 -48.43
C SER G 349 -24.49 28.32 -49.01
N TYR G 350 -25.63 27.99 -48.40
CA TYR G 350 -26.93 28.58 -48.73
C TYR G 350 -27.41 28.21 -50.12
N SER G 351 -26.69 27.33 -50.81
CA SER G 351 -27.14 26.83 -52.10
C SER G 351 -28.08 25.66 -51.91
N ARG G 352 -28.91 25.40 -52.92
CA ARG G 352 -29.85 24.29 -52.88
C ARG G 352 -29.97 23.59 -54.24
N LEU G 353 -29.93 22.27 -54.20
CA LEU G 353 -30.13 21.46 -55.39
C LEU G 353 -31.31 20.51 -55.19
N GLU G 354 -32.23 20.52 -56.15
CA GLU G 354 -33.36 19.59 -56.14
C GLU G 354 -33.57 19.01 -57.54
N ASN G 355 -33.79 17.70 -57.60
CA ASN G 355 -33.97 17.01 -58.88
C ASN G 355 -32.84 17.29 -59.86
N ALA G 356 -31.60 17.20 -59.38
CA ALA G 356 -30.46 17.59 -60.21
C ALA G 356 -29.51 16.43 -60.51
N VAL G 357 -29.15 16.30 -61.77
CA VAL G 357 -28.06 15.42 -62.17
C VAL G 357 -26.82 16.28 -62.40
N VAL G 358 -25.84 16.14 -61.50
CA VAL G 358 -24.69 17.02 -61.50
C VAL G 358 -23.41 16.30 -61.91
N LEU G 359 -22.96 16.55 -63.13
CA LEU G 359 -21.83 15.86 -63.73
C LEU G 359 -20.52 16.25 -63.02
N PRO G 360 -19.40 15.55 -63.31
CA PRO G 360 -18.22 15.78 -62.45
C PRO G 360 -17.64 17.20 -62.46
N SER G 361 -17.00 17.56 -61.35
CA SER G 361 -16.23 18.79 -61.21
C SER G 361 -17.06 20.07 -61.29
N VAL G 362 -18.38 19.94 -61.11
CA VAL G 362 -19.25 21.11 -61.07
C VAL G 362 -19.09 21.85 -59.75
N LYS G 363 -19.06 23.19 -59.80
CA LYS G 363 -19.08 23.98 -58.57
C LYS G 363 -20.37 24.79 -58.48
N ILE G 364 -21.04 24.70 -57.32
CA ILE G 364 -22.27 25.45 -57.08
C ILE G 364 -22.00 26.62 -56.14
N GLY G 365 -22.18 27.84 -56.66
CA GLY G 365 -21.90 29.03 -55.88
C GLY G 365 -22.92 29.27 -54.77
N ARG G 366 -22.49 30.00 -53.74
CA ARG G 366 -23.36 30.37 -52.64
C ARG G 366 -24.71 30.94 -53.10
N HIS G 367 -25.76 30.58 -52.37
CA HIS G 367 -27.10 31.12 -52.55
C HIS G 367 -27.81 30.68 -53.83
N ALA G 368 -27.14 29.88 -54.66
CA ALA G 368 -27.75 29.39 -55.89
C ALA G 368 -28.83 28.36 -55.58
N GLN G 369 -29.90 28.35 -56.36
CA GLN G 369 -30.97 27.37 -56.17
C GLN G 369 -31.39 26.76 -57.50
N LEU G 370 -31.07 25.49 -57.70
CA LEU G 370 -31.31 24.82 -58.98
C LEU G 370 -32.28 23.64 -58.84
N SER G 371 -33.29 23.60 -59.70
CA SER G 371 -34.28 22.54 -59.68
C SER G 371 -34.51 21.96 -61.08
N ASN G 372 -34.66 20.63 -61.15
CA ASN G 372 -34.91 19.93 -62.40
C ASN G 372 -33.89 20.24 -63.49
N VAL G 373 -32.63 19.95 -63.20
CA VAL G 373 -31.56 20.30 -64.13
C VAL G 373 -30.61 19.15 -64.41
N VAL G 374 -29.96 19.24 -65.57
CA VAL G 374 -28.75 18.47 -65.84
C VAL G 374 -27.63 19.47 -66.01
N ILE G 375 -26.61 19.38 -65.16
CA ILE G 375 -25.49 20.31 -65.24
C ILE G 375 -24.28 19.64 -65.86
N ASP G 376 -23.78 20.20 -66.95
CA ASP G 376 -22.65 19.64 -67.69
C ASP G 376 -21.37 19.61 -66.84
N HIS G 377 -20.41 18.79 -67.26
CA HIS G 377 -19.14 18.61 -66.56
C HIS G 377 -18.35 19.90 -66.42
N GLY G 378 -17.86 20.17 -65.21
CA GLY G 378 -16.95 21.27 -64.97
C GLY G 378 -17.59 22.64 -64.89
N VAL G 379 -18.91 22.71 -65.06
CA VAL G 379 -19.62 23.99 -65.05
C VAL G 379 -19.53 24.65 -63.68
N VAL G 380 -19.18 25.93 -63.68
CA VAL G 380 -19.18 26.73 -62.46
C VAL G 380 -20.45 27.55 -62.38
N ILE G 381 -21.33 27.18 -61.45
CA ILE G 381 -22.61 27.87 -61.28
C ILE G 381 -22.40 29.16 -60.51
N PRO G 382 -22.78 30.30 -61.10
CA PRO G 382 -22.60 31.61 -60.45
C PRO G 382 -23.39 31.71 -59.15
N GLU G 383 -22.85 32.44 -58.19
CA GLU G 383 -23.54 32.67 -56.92
C GLU G 383 -24.91 33.30 -57.15
N GLY G 384 -25.91 32.75 -56.47
CA GLY G 384 -27.25 33.33 -56.49
C GLY G 384 -28.11 32.99 -57.69
N LEU G 385 -27.57 32.19 -58.61
CA LEU G 385 -28.33 31.80 -59.80
C LEU G 385 -29.54 30.96 -59.42
N ILE G 386 -30.68 31.26 -60.04
CA ILE G 386 -31.90 30.52 -59.80
C ILE G 386 -32.36 29.85 -61.09
N VAL G 387 -32.66 28.55 -60.98
CA VAL G 387 -33.19 27.77 -62.10
C VAL G 387 -34.29 26.87 -61.55
N GLY G 388 -35.38 26.74 -62.32
CA GLY G 388 -36.51 25.91 -61.96
C GLY G 388 -37.68 26.73 -61.44
N GLU G 389 -37.51 28.05 -61.43
CA GLU G 389 -38.49 28.95 -60.85
C GLU G 389 -39.27 29.72 -61.92
N ASP G 390 -38.57 30.18 -62.96
CA ASP G 390 -39.18 30.97 -64.03
C ASP G 390 -38.95 30.33 -65.39
N PRO G 391 -39.93 29.56 -65.88
CA PRO G 391 -39.83 28.78 -67.13
C PRO G 391 -39.37 29.60 -68.32
N GLU G 392 -39.95 30.79 -68.49
CA GLU G 392 -39.63 31.64 -69.63
C GLU G 392 -38.22 32.22 -69.49
N LEU G 393 -37.79 32.44 -68.25
CA LEU G 393 -36.42 32.90 -67.99
C LEU G 393 -35.42 31.77 -68.24
N ASP G 394 -35.79 30.54 -67.84
CA ASP G 394 -34.91 29.38 -67.95
C ASP G 394 -34.68 28.95 -69.39
N ALA G 395 -35.74 28.95 -70.18
CA ALA G 395 -35.67 28.50 -71.56
C ALA G 395 -34.82 29.46 -72.38
N LYS G 396 -34.80 30.72 -71.96
CA LYS G 396 -34.00 31.74 -72.64
C LYS G 396 -32.51 31.53 -72.39
N ARG G 397 -32.15 31.29 -71.12
CA ARG G 397 -30.77 31.16 -70.71
C ARG G 397 -30.14 29.82 -71.13
N PHE G 398 -30.92 28.75 -71.03
CA PHE G 398 -30.37 27.40 -71.20
C PHE G 398 -31.16 26.56 -72.19
N ARG G 399 -30.81 25.28 -72.25
CA ARG G 399 -31.58 24.29 -73.02
C ARG G 399 -32.67 23.71 -72.13
N ARG G 400 -33.92 24.02 -72.44
CA ARG G 400 -35.03 23.60 -71.59
C ARG G 400 -36.02 22.73 -72.34
N THR G 401 -36.27 21.53 -71.81
CA THR G 401 -37.21 20.60 -72.43
C THR G 401 -38.64 21.01 -72.13
N GLU G 402 -39.59 20.46 -72.89
CA GLU G 402 -41.00 20.78 -72.68
C GLU G 402 -41.47 20.29 -71.32
N SER G 403 -40.83 19.23 -70.83
CA SER G 403 -41.16 18.68 -69.52
C SER G 403 -40.56 19.52 -68.40
N GLY G 404 -39.59 20.35 -68.74
CA GLY G 404 -39.06 21.31 -67.79
C GLY G 404 -37.67 21.04 -67.25
N ILE G 405 -36.94 20.13 -67.88
CA ILE G 405 -35.56 19.88 -67.51
C ILE G 405 -34.62 20.87 -68.22
N CYS G 406 -33.77 21.52 -67.45
CA CYS G 406 -32.80 22.43 -68.04
C CYS G 406 -31.41 21.80 -68.12
N LEU G 407 -30.86 21.76 -69.33
CA LEU G 407 -29.47 21.38 -69.54
C LEU G 407 -28.62 22.63 -69.47
N ILE G 408 -27.69 22.67 -68.51
CA ILE G 408 -26.86 23.85 -68.31
C ILE G 408 -25.40 23.57 -68.66
N THR G 409 -24.83 24.35 -69.56
CA THR G 409 -23.44 24.22 -69.93
C THR G 409 -22.68 25.51 -69.63
N GLN G 410 -21.36 25.44 -69.68
CA GLN G 410 -20.53 26.61 -69.34
C GLN G 410 -20.73 27.73 -70.34
N SER G 411 -20.85 27.38 -71.62
CA SER G 411 -21.04 28.36 -72.68
C SER G 411 -22.39 29.05 -72.55
N MET G 412 -23.34 28.41 -71.88
CA MET G 412 -24.60 29.06 -71.58
C MET G 412 -24.43 30.00 -70.40
N ILE G 413 -23.56 29.62 -69.47
CA ILE G 413 -23.37 30.36 -68.24
C ILE G 413 -22.64 31.68 -68.45
N ASP G 414 -21.50 31.65 -69.13
CA ASP G 414 -20.71 32.88 -69.28
C ASP G 414 -21.29 33.79 -70.36
N LYS G 415 -22.49 33.46 -70.84
CA LYS G 415 -23.23 34.33 -71.74
C LYS G 415 -24.33 35.03 -70.96
N LEU G 416 -24.25 34.91 -69.64
CA LEU G 416 -25.24 35.51 -68.75
C LEU G 416 -24.82 36.86 -68.21
N ASP G 417 -25.81 37.74 -68.09
CA ASP G 417 -25.70 38.96 -67.30
C ASP G 417 -27.03 39.03 -66.55
N LEU G 418 -27.99 38.28 -67.08
CA LEU G 418 -29.28 38.02 -66.45
C LEU G 418 -29.99 36.95 -67.27
N VAL H 4 -58.30 62.95 -57.96
CA VAL H 4 -57.85 63.98 -58.89
C VAL H 4 -56.59 64.68 -58.36
N GLN H 5 -56.67 65.18 -57.13
CA GLN H 5 -55.54 65.87 -56.52
C GLN H 5 -54.37 64.93 -56.29
N PRO H 6 -53.16 65.35 -56.68
CA PRO H 6 -51.95 64.60 -56.34
C PRO H 6 -51.72 64.61 -54.84
N LEU H 7 -51.17 63.51 -54.31
CA LEU H 7 -51.02 63.37 -52.87
C LEU H 7 -49.86 64.17 -52.31
N ALA H 8 -48.90 64.50 -53.18
CA ALA H 8 -47.72 65.24 -52.76
C ALA H 8 -48.08 66.64 -52.26
N ARG H 9 -49.24 67.14 -52.69
CA ARG H 9 -49.74 68.43 -52.20
C ARG H 9 -49.97 68.40 -50.70
N ASP H 10 -50.31 67.23 -50.17
CA ASP H 10 -50.65 67.08 -48.76
C ASP H 10 -49.53 66.41 -47.97
N ALA H 11 -48.35 66.32 -48.57
CA ALA H 11 -47.24 65.60 -47.94
C ALA H 11 -46.12 66.54 -47.50
N MET H 12 -45.37 66.08 -46.51
CA MET H 12 -44.19 66.79 -46.04
C MET H 12 -43.00 65.83 -46.03
N ALA H 13 -41.94 66.18 -46.75
CA ALA H 13 -40.74 65.37 -46.77
C ALA H 13 -39.88 65.70 -45.57
N TYR H 14 -39.52 64.68 -44.79
CA TYR H 14 -38.72 64.88 -43.60
C TYR H 14 -37.38 64.16 -43.75
N VAL H 15 -36.32 64.93 -43.97
CA VAL H 15 -35.03 64.35 -44.30
C VAL H 15 -34.12 64.18 -43.08
N LEU H 16 -33.75 62.94 -42.81
CA LEU H 16 -32.82 62.62 -41.72
C LEU H 16 -31.39 62.83 -42.20
N ALA H 17 -30.75 63.90 -41.72
CA ALA H 17 -29.46 64.31 -42.23
C ALA H 17 -28.40 64.36 -41.14
N GLY H 18 -28.57 63.52 -40.13
CA GLY H 18 -27.62 63.46 -39.03
C GLY H 18 -26.62 62.33 -39.18
N GLY H 19 -26.59 61.73 -40.36
CA GLY H 19 -25.67 60.64 -40.64
C GLY H 19 -24.22 61.08 -40.52
N ARG H 20 -23.43 60.27 -39.82
CA ARG H 20 -22.04 60.61 -39.56
C ARG H 20 -21.13 60.14 -40.69
N GLY H 21 -21.48 58.98 -41.27
CA GLY H 21 -20.64 58.38 -42.29
C GLY H 21 -19.31 57.98 -41.69
N SER H 22 -19.36 57.02 -40.77
CA SER H 22 -18.18 56.62 -40.00
C SER H 22 -17.06 56.10 -40.88
N ARG H 23 -17.42 55.30 -41.87
CA ARG H 23 -16.45 54.61 -42.68
C ARG H 23 -15.83 55.48 -43.75
N LEU H 24 -16.33 56.72 -43.88
CA LEU H 24 -15.74 57.67 -44.81
C LEU H 24 -14.54 58.34 -44.15
N LYS H 25 -14.36 58.05 -42.87
CA LYS H 25 -13.19 58.48 -42.10
C LYS H 25 -12.96 59.98 -42.15
N GLU H 26 -11.75 60.39 -42.52
CA GLU H 26 -11.36 61.80 -42.52
C GLU H 26 -12.25 62.67 -43.40
N LEU H 27 -12.92 62.06 -44.38
CA LEU H 27 -13.82 62.80 -45.26
C LEU H 27 -14.98 63.43 -44.49
N THR H 28 -15.34 62.81 -43.37
CA THR H 28 -16.44 63.31 -42.55
C THR H 28 -15.99 63.64 -41.14
N ASP H 29 -14.75 64.11 -41.01
CA ASP H 29 -14.23 64.54 -39.72
C ASP H 29 -14.85 65.88 -39.31
N ARG H 30 -15.03 66.76 -40.29
CA ARG H 30 -15.51 68.11 -40.02
C ARG H 30 -16.83 68.40 -40.74
N ARG H 31 -17.47 67.36 -41.23
CA ARG H 31 -18.76 67.50 -41.90
C ARG H 31 -19.60 66.23 -41.78
N ALA H 32 -20.91 66.38 -41.86
CA ALA H 32 -21.80 65.23 -41.88
C ALA H 32 -21.81 64.62 -43.28
N LYS H 33 -22.13 63.33 -43.36
CA LYS H 33 -22.17 62.64 -44.65
C LYS H 33 -23.11 63.29 -45.69
N PRO H 34 -24.29 63.80 -45.26
CA PRO H 34 -25.11 64.48 -46.27
C PRO H 34 -24.47 65.73 -46.85
N ALA H 35 -23.45 66.26 -46.19
CA ALA H 35 -22.78 67.47 -46.66
C ALA H 35 -21.60 67.15 -47.58
N VAL H 36 -21.31 65.86 -47.74
CA VAL H 36 -20.18 65.43 -48.56
C VAL H 36 -20.45 65.69 -50.04
N TYR H 37 -19.44 66.22 -50.73
CA TYR H 37 -19.54 66.57 -52.14
C TYR H 37 -19.71 65.36 -53.05
N PHE H 38 -20.55 65.50 -54.07
CA PHE H 38 -20.73 64.43 -55.06
C PHE H 38 -21.06 64.97 -56.44
N GLY H 39 -20.43 64.39 -57.47
CA GLY H 39 -20.83 64.65 -58.84
C GLY H 39 -20.10 65.79 -59.53
N GLY H 40 -19.38 66.59 -58.77
CA GLY H 40 -18.66 67.72 -59.35
C GLY H 40 -19.22 69.06 -58.93
N LYS H 41 -20.49 69.09 -58.53
CA LYS H 41 -21.13 70.34 -58.16
C LYS H 41 -21.98 70.24 -56.89
N ALA H 42 -22.68 69.12 -56.73
CA ALA H 42 -23.66 69.00 -55.66
C ALA H 42 -23.11 68.34 -54.39
N ARG H 43 -23.97 68.25 -53.39
CA ARG H 43 -23.70 67.46 -52.21
C ARG H 43 -24.74 66.34 -52.17
N ILE H 44 -24.46 65.30 -51.38
CA ILE H 44 -25.32 64.12 -51.32
C ILE H 44 -26.76 64.46 -50.92
N ILE H 45 -26.90 65.34 -49.93
CA ILE H 45 -28.21 65.75 -49.42
C ILE H 45 -29.13 66.31 -50.51
N ASP H 46 -28.54 66.88 -51.56
CA ASP H 46 -29.30 67.53 -52.62
C ASP H 46 -30.18 66.56 -53.39
N PHE H 47 -29.83 65.28 -53.39
CA PHE H 47 -30.59 64.29 -54.15
C PHE H 47 -31.95 64.02 -53.51
N ALA H 48 -31.97 63.72 -52.22
CA ALA H 48 -33.23 63.54 -51.51
C ALA H 48 -34.09 64.80 -51.58
N LEU H 49 -33.45 65.95 -51.39
CA LEU H 49 -34.15 67.23 -51.42
C LEU H 49 -34.74 67.53 -52.80
N SER H 50 -34.01 67.18 -53.85
CA SER H 50 -34.49 67.41 -55.21
C SER H 50 -35.59 66.42 -55.57
N ASN H 51 -35.49 65.20 -55.05
CA ASN H 51 -36.57 64.22 -55.24
C ASN H 51 -37.86 64.72 -54.63
N ALA H 52 -37.77 65.32 -53.45
CA ALA H 52 -38.93 65.89 -52.77
C ALA H 52 -39.54 67.02 -53.60
N LEU H 53 -38.67 67.92 -54.06
CA LEU H 53 -39.07 69.05 -54.87
C LEU H 53 -39.73 68.60 -56.18
N ASN H 54 -39.06 67.71 -56.90
CA ASN H 54 -39.54 67.24 -58.19
C ASN H 54 -40.81 66.38 -58.08
N SER H 55 -41.02 65.76 -56.92
CA SER H 55 -42.21 64.94 -56.71
C SER H 55 -43.41 65.79 -56.34
N GLY H 56 -43.18 67.06 -56.05
CA GLY H 56 -44.24 68.00 -55.75
C GLY H 56 -44.44 68.28 -54.26
N ILE H 57 -43.51 67.79 -53.44
CA ILE H 57 -43.61 68.00 -52.00
C ILE H 57 -43.15 69.41 -51.65
N ARG H 58 -44.08 70.22 -51.16
CA ARG H 58 -43.84 71.65 -50.97
C ARG H 58 -43.30 72.00 -49.58
N ARG H 59 -43.43 71.06 -48.64
CA ARG H 59 -42.91 71.29 -47.29
C ARG H 59 -41.81 70.29 -46.97
N ILE H 60 -40.62 70.83 -46.69
CA ILE H 60 -39.47 69.99 -46.39
C ILE H 60 -38.85 70.36 -45.04
N GLY H 61 -38.59 69.34 -44.23
CA GLY H 61 -37.87 69.51 -42.99
C GLY H 61 -36.57 68.72 -43.02
N VAL H 62 -35.49 69.34 -42.56
CA VAL H 62 -34.19 68.68 -42.54
C VAL H 62 -33.63 68.61 -41.12
N ALA H 63 -33.67 67.42 -40.54
CA ALA H 63 -33.16 67.22 -39.18
C ALA H 63 -31.66 66.98 -39.20
N THR H 64 -30.91 67.88 -38.58
CA THR H 64 -29.47 67.76 -38.52
C THR H 64 -29.02 67.45 -37.10
N GLN H 65 -27.74 67.11 -36.94
CA GLN H 65 -27.21 66.82 -35.62
C GLN H 65 -25.70 67.07 -35.59
N TYR H 66 -24.91 66.02 -35.78
CA TYR H 66 -23.46 66.13 -35.61
C TYR H 66 -22.75 66.78 -36.80
N LYS H 67 -21.71 67.56 -36.49
CA LYS H 67 -20.92 68.36 -37.44
C LYS H 67 -21.71 68.86 -38.66
N ALA H 68 -22.68 69.73 -38.40
CA ALA H 68 -23.65 70.12 -39.41
C ALA H 68 -23.57 71.60 -39.79
N HIS H 69 -22.48 72.27 -39.42
CA HIS H 69 -22.32 73.68 -39.76
C HIS H 69 -22.33 73.91 -41.27
N SER H 70 -21.49 73.16 -41.97
CA SER H 70 -21.37 73.32 -43.41
C SER H 70 -22.60 72.80 -44.13
N LEU H 71 -23.26 71.80 -43.53
CA LEU H 71 -24.51 71.30 -44.05
C LEU H 71 -25.59 72.36 -43.96
N ILE H 72 -25.72 72.95 -42.78
CA ILE H 72 -26.75 73.95 -42.53
C ILE H 72 -26.49 75.21 -43.37
N ARG H 73 -25.23 75.60 -43.51
CA ARG H 73 -24.89 76.74 -44.36
C ARG H 73 -25.28 76.46 -45.81
N HIS H 74 -24.99 75.25 -46.26
CA HIS H 74 -25.34 74.82 -47.61
C HIS H 74 -26.85 74.90 -47.85
N LEU H 75 -27.62 74.48 -46.85
CA LEU H 75 -29.07 74.55 -46.94
C LEU H 75 -29.55 76.00 -46.92
N GLN H 76 -28.87 76.82 -46.13
CA GLN H 76 -29.20 78.24 -46.02
C GLN H 76 -28.96 78.98 -47.34
N ARG H 77 -27.86 78.65 -48.01
CA ARG H 77 -27.49 79.32 -49.25
C ARG H 77 -28.22 78.76 -50.47
N GLY H 78 -28.31 77.44 -50.55
CA GLY H 78 -28.82 76.78 -51.75
C GLY H 78 -30.32 76.53 -51.79
N TRP H 79 -30.90 76.16 -50.65
CA TRP H 79 -32.31 75.84 -50.58
C TRP H 79 -33.08 76.96 -49.89
N ASP H 80 -33.10 78.12 -50.53
CA ASP H 80 -33.61 79.35 -49.92
C ASP H 80 -34.81 79.95 -50.65
N PHE H 81 -35.38 79.20 -51.59
CA PHE H 81 -36.39 79.78 -52.48
C PHE H 81 -37.83 79.38 -52.13
N PHE H 82 -38.01 78.79 -50.95
CA PHE H 82 -39.34 78.43 -50.49
C PHE H 82 -39.98 79.61 -49.76
N ARG H 83 -41.21 79.94 -50.11
CA ARG H 83 -41.91 81.05 -49.46
C ARG H 83 -43.21 80.59 -48.80
N PRO H 84 -43.27 80.68 -47.46
CA PRO H 84 -44.39 80.29 -46.60
C PRO H 84 -45.77 80.75 -47.09
N GLU H 85 -45.84 81.93 -47.69
CA GLU H 85 -47.13 82.45 -48.13
C GLU H 85 -47.61 81.77 -49.42
N ARG H 86 -46.74 80.98 -50.04
CA ARG H 86 -47.14 80.18 -51.20
C ARG H 86 -47.38 78.72 -50.81
N ASN H 87 -47.65 78.49 -49.52
CA ASN H 87 -47.84 77.15 -48.97
C ASN H 87 -46.62 76.26 -49.16
N GLU H 88 -45.44 76.87 -49.11
CA GLU H 88 -44.18 76.14 -49.15
C GLU H 88 -43.47 76.35 -47.83
N SER H 89 -42.54 75.45 -47.50
CA SER H 89 -41.71 75.64 -46.33
C SER H 89 -40.47 74.75 -46.41
N PHE H 90 -39.34 75.32 -46.02
CA PHE H 90 -38.10 74.57 -45.92
C PHE H 90 -37.52 74.84 -44.55
N ASP H 91 -37.63 73.86 -43.66
CA ASP H 91 -37.18 74.03 -42.29
C ASP H 91 -35.88 73.28 -42.01
N ILE H 92 -34.92 73.97 -41.41
CA ILE H 92 -33.70 73.34 -40.93
C ILE H 92 -33.86 73.09 -39.43
N LEU H 93 -33.87 71.82 -39.05
CA LEU H 93 -34.21 71.44 -37.69
C LEU H 93 -33.05 70.80 -36.94
N ALA H 94 -32.10 71.65 -36.58
CA ALA H 94 -30.96 71.23 -35.78
C ALA H 94 -31.40 70.88 -34.36
N ALA H 95 -30.69 69.95 -33.73
CA ALA H 95 -31.04 69.54 -32.37
C ALA H 95 -30.87 70.70 -31.38
N SER H 96 -31.91 70.97 -30.61
CA SER H 96 -33.17 70.23 -30.68
C SER H 96 -34.35 71.12 -31.06
N GLN H 97 -35.02 71.66 -30.05
CA GLN H 97 -36.28 72.35 -30.28
C GLN H 97 -36.55 73.47 -29.27
N ARG H 98 -35.91 73.39 -28.11
CA ARG H 98 -36.16 74.36 -27.05
C ARG H 98 -34.96 74.57 -26.13
N VAL H 99 -35.23 74.59 -24.83
CA VAL H 99 -34.20 74.84 -23.84
C VAL H 99 -34.04 73.67 -22.88
N SER H 100 -33.18 73.86 -21.87
CA SER H 100 -32.90 72.84 -20.85
C SER H 100 -32.40 71.53 -21.46
N GLU H 101 -32.76 70.42 -20.82
CA GLU H 101 -32.34 69.09 -21.25
C GLU H 101 -33.20 68.59 -22.41
N THR H 102 -32.64 67.80 -23.33
CA THR H 102 -31.25 67.35 -23.28
C THR H 102 -30.59 67.38 -24.66
N GLN H 103 -30.83 68.46 -25.39
CA GLN H 103 -30.15 68.73 -26.67
C GLN H 103 -30.30 67.64 -27.73
N TRP H 104 -29.24 66.85 -27.95
CA TRP H 104 -29.18 65.90 -29.06
C TRP H 104 -30.41 65.01 -29.24
N TYR H 105 -30.69 64.66 -30.49
CA TYR H 105 -31.71 63.66 -30.80
C TYR H 105 -31.25 62.28 -30.36
N GLU H 106 -32.11 61.55 -29.66
CA GLU H 106 -31.78 60.22 -29.17
C GLU H 106 -31.91 59.17 -30.27
N GLY H 107 -32.23 59.63 -31.48
CA GLY H 107 -32.35 58.72 -32.60
C GLY H 107 -33.16 59.33 -33.73
N THR H 108 -33.33 58.58 -34.81
CA THR H 108 -34.05 59.06 -35.98
C THR H 108 -35.53 59.27 -35.70
N ALA H 109 -36.09 58.48 -34.78
CA ALA H 109 -37.48 58.63 -34.40
C ALA H 109 -37.66 59.82 -33.46
N ASP H 110 -36.64 60.09 -32.66
CA ASP H 110 -36.66 61.24 -31.76
C ASP H 110 -36.45 62.51 -32.55
N ALA H 111 -35.79 62.39 -33.70
CA ALA H 111 -35.54 63.52 -34.59
C ALA H 111 -36.86 64.11 -35.08
N VAL H 112 -37.89 63.28 -35.15
CA VAL H 112 -39.20 63.74 -35.57
C VAL H 112 -40.06 64.08 -34.36
N TYR H 113 -39.90 63.32 -33.28
CA TYR H 113 -40.67 63.55 -32.06
C TYR H 113 -40.38 64.93 -31.45
N GLN H 114 -39.11 65.33 -31.48
CA GLN H 114 -38.71 66.61 -30.90
C GLN H 114 -39.29 67.78 -31.69
N ASN H 115 -39.62 67.52 -32.96
CA ASN H 115 -40.12 68.57 -33.84
C ASN H 115 -41.55 68.33 -34.28
N ILE H 116 -42.40 67.93 -33.33
CA ILE H 116 -43.82 67.76 -33.61
C ILE H 116 -44.51 69.11 -33.63
N ASP H 117 -43.97 70.06 -32.88
CA ASP H 117 -44.59 71.37 -32.73
C ASP H 117 -44.41 72.27 -33.96
N ILE H 118 -43.60 71.80 -34.91
CA ILE H 118 -43.41 72.54 -36.16
C ILE H 118 -44.12 71.82 -37.31
N ILE H 119 -44.26 70.51 -37.19
CA ILE H 119 -45.01 69.73 -38.16
C ILE H 119 -46.51 69.95 -38.02
N GLU H 120 -47.01 69.80 -36.79
CA GLU H 120 -48.44 69.92 -36.50
C GLU H 120 -49.12 71.19 -37.04
N PRO H 121 -48.48 72.37 -36.90
CA PRO H 121 -49.10 73.56 -37.50
C PRO H 121 -49.33 73.44 -39.00
N TYR H 122 -48.36 72.86 -39.71
CA TYR H 122 -48.48 72.64 -41.15
C TYR H 122 -49.64 71.70 -41.46
N ALA H 123 -49.86 70.75 -40.56
CA ALA H 123 -50.90 69.73 -40.68
C ALA H 123 -50.89 69.02 -42.03
N PRO H 124 -49.76 68.36 -42.37
CA PRO H 124 -49.76 67.57 -43.61
C PRO H 124 -50.52 66.28 -43.43
N GLU H 125 -51.12 65.75 -44.50
CA GLU H 125 -51.85 64.49 -44.40
C GLU H 125 -50.91 63.29 -44.41
N TYR H 126 -49.75 63.47 -45.03
CA TYR H 126 -48.77 62.38 -45.17
C TYR H 126 -47.37 62.84 -44.81
N MET H 127 -46.59 61.93 -44.22
CA MET H 127 -45.19 62.20 -43.94
C MET H 127 -44.31 61.26 -44.75
N VAL H 128 -43.30 61.82 -45.42
CA VAL H 128 -42.35 61.03 -46.19
C VAL H 128 -40.97 61.13 -45.55
N ILE H 129 -40.62 60.13 -44.72
CA ILE H 129 -39.35 60.14 -44.02
C ILE H 129 -38.24 59.68 -44.96
N LEU H 130 -37.18 60.48 -45.08
CA LEU H 130 -36.13 60.22 -46.05
C LEU H 130 -34.75 60.13 -45.43
N ALA H 131 -33.91 59.26 -45.97
CA ALA H 131 -32.50 59.24 -45.64
C ALA H 131 -31.77 60.27 -46.48
N GLY H 132 -30.99 61.14 -45.84
CA GLY H 132 -30.34 62.23 -46.54
C GLY H 132 -28.94 61.93 -47.05
N ASP H 133 -28.48 60.70 -46.85
CA ASP H 133 -27.11 60.34 -47.21
C ASP H 133 -27.04 59.33 -48.36
N HIS H 134 -28.02 59.37 -49.26
CA HIS H 134 -28.06 58.44 -50.38
C HIS H 134 -28.14 59.17 -51.72
N ILE H 135 -27.51 58.61 -52.74
CA ILE H 135 -27.60 59.14 -54.10
C ILE H 135 -28.60 58.33 -54.93
N TYR H 136 -29.71 58.94 -55.31
CA TYR H 136 -30.75 58.27 -56.10
C TYR H 136 -31.81 59.26 -56.57
N LYS H 137 -32.58 58.84 -57.57
CA LYS H 137 -33.73 59.62 -58.05
C LYS H 137 -35.00 58.82 -57.85
N MET H 138 -36.04 59.47 -57.33
CA MET H 138 -37.27 58.78 -57.01
C MET H 138 -38.47 59.72 -56.98
N ASP H 139 -39.55 59.31 -57.62
CA ASP H 139 -40.80 60.05 -57.63
C ASP H 139 -41.70 59.54 -56.52
N TYR H 140 -41.74 60.28 -55.41
CA TYR H 140 -42.44 59.83 -54.19
C TYR H 140 -43.96 59.78 -54.35
N GLU H 141 -44.47 60.30 -55.46
CA GLU H 141 -45.91 60.28 -55.71
C GLU H 141 -46.43 58.86 -55.83
N TYR H 142 -45.67 58.01 -56.52
CA TYR H 142 -46.00 56.59 -56.67
C TYR H 142 -46.14 55.90 -55.33
N MET H 143 -45.18 56.14 -54.45
CA MET H 143 -45.13 55.52 -53.14
C MET H 143 -46.25 56.04 -52.24
N LEU H 144 -46.61 57.31 -52.42
CA LEU H 144 -47.72 57.90 -51.69
C LEU H 144 -49.05 57.26 -52.07
N GLN H 145 -49.28 57.11 -53.37
CA GLN H 145 -50.52 56.53 -53.88
C GLN H 145 -50.66 55.06 -53.52
N GLN H 146 -49.59 54.31 -53.66
CA GLN H 146 -49.59 52.91 -53.22
C GLN H 146 -49.96 52.84 -51.75
N HIS H 147 -49.46 53.79 -50.98
CA HIS H 147 -49.68 53.82 -49.55
C HIS H 147 -51.14 54.06 -49.17
N VAL H 148 -51.81 54.97 -49.87
CA VAL H 148 -53.19 55.27 -49.54
C VAL H 148 -54.12 54.20 -50.09
N ASP H 149 -53.70 53.55 -51.18
CA ASP H 149 -54.50 52.49 -51.77
C ASP H 149 -54.43 51.22 -50.93
N SER H 150 -53.21 50.83 -50.56
CA SER H 150 -52.99 49.62 -49.80
C SER H 150 -53.59 49.70 -48.39
N GLY H 151 -53.72 50.92 -47.88
CA GLY H 151 -54.26 51.12 -46.55
C GLY H 151 -53.28 50.75 -45.47
N ALA H 152 -51.99 50.73 -45.81
CA ALA H 152 -50.95 50.34 -44.87
C ALA H 152 -50.73 51.38 -43.78
N ASP H 153 -50.09 50.95 -42.69
CA ASP H 153 -49.67 51.86 -41.63
C ASP H 153 -48.38 52.56 -42.04
N VAL H 154 -47.48 51.81 -42.65
CA VAL H 154 -46.26 52.36 -43.19
C VAL H 154 -45.91 51.67 -44.50
N THR H 155 -45.52 52.46 -45.49
CA THR H 155 -45.00 51.92 -46.74
C THR H 155 -43.49 52.10 -46.74
N ILE H 156 -42.77 51.02 -47.02
CA ILE H 156 -41.32 51.03 -46.92
C ILE H 156 -40.69 50.84 -48.30
N GLY H 157 -39.89 51.81 -48.71
CA GLY H 157 -39.23 51.73 -50.01
C GLY H 157 -38.11 50.72 -49.97
N CYS H 158 -38.06 49.85 -50.96
CA CYS H 158 -37.14 48.72 -50.94
C CYS H 158 -36.40 48.50 -52.24
N LEU H 159 -35.10 48.22 -52.15
CA LEU H 159 -34.31 47.82 -53.30
C LEU H 159 -34.46 46.33 -53.56
N GLU H 160 -34.49 45.95 -54.83
CA GLU H 160 -34.43 44.53 -55.19
C GLU H 160 -32.99 44.16 -55.52
N VAL H 161 -32.32 43.54 -54.57
CA VAL H 161 -30.92 43.17 -54.75
C VAL H 161 -30.76 41.66 -54.78
N PRO H 162 -29.76 41.17 -55.54
CA PRO H 162 -29.42 39.74 -55.48
C PRO H 162 -29.16 39.31 -54.04
N ARG H 163 -29.61 38.11 -53.68
CA ARG H 163 -29.64 37.68 -52.29
C ARG H 163 -28.28 37.74 -51.60
N MET H 164 -27.21 37.43 -52.32
CA MET H 164 -25.88 37.50 -51.74
C MET H 164 -25.50 38.92 -51.36
N GLU H 165 -25.97 39.89 -52.14
CA GLU H 165 -25.73 41.29 -51.83
C GLU H 165 -26.53 41.73 -50.62
N ALA H 166 -27.72 41.14 -50.47
CA ALA H 166 -28.67 41.56 -49.44
C ALA H 166 -28.19 41.28 -48.03
N THR H 167 -27.10 40.53 -47.90
CA THR H 167 -26.55 40.18 -46.59
C THR H 167 -26.05 41.41 -45.86
N GLY H 168 -25.83 42.50 -46.60
CA GLY H 168 -25.32 43.73 -46.01
C GLY H 168 -26.37 44.81 -45.89
N PHE H 169 -27.64 44.40 -45.87
CA PHE H 169 -28.76 45.34 -45.78
C PHE H 169 -29.72 45.00 -44.66
N GLY H 170 -30.65 45.92 -44.41
CA GLY H 170 -31.84 45.62 -43.63
C GLY H 170 -32.86 45.03 -44.58
N VAL H 171 -33.21 43.77 -44.39
CA VAL H 171 -34.04 43.05 -45.37
C VAL H 171 -35.47 42.84 -44.88
N MET H 172 -36.42 43.09 -45.77
CA MET H 172 -37.84 42.86 -45.48
C MET H 172 -38.29 41.54 -46.09
N HIS H 173 -38.98 40.74 -45.29
CA HIS H 173 -39.60 39.51 -45.78
C HIS H 173 -41.05 39.79 -46.14
N VAL H 174 -41.43 39.46 -47.38
CA VAL H 174 -42.78 39.78 -47.86
C VAL H 174 -43.53 38.53 -48.30
N ASN H 175 -44.85 38.66 -48.41
CA ASN H 175 -45.67 37.60 -48.99
C ASN H 175 -45.93 37.88 -50.46
N GLU H 176 -46.92 37.19 -51.04
CA GLU H 176 -47.25 37.36 -52.44
C GLU H 176 -47.74 38.77 -52.74
N LYS H 177 -48.20 39.46 -51.70
CA LYS H 177 -48.77 40.80 -51.86
C LYS H 177 -47.83 41.89 -51.35
N ASP H 178 -46.54 41.56 -51.27
CA ASP H 178 -45.50 42.49 -50.83
C ASP H 178 -45.75 43.07 -49.44
N GLU H 179 -46.59 42.39 -48.66
CA GLU H 179 -46.86 42.80 -47.30
C GLU H 179 -45.78 42.25 -46.37
N ILE H 180 -45.06 43.14 -45.72
CA ILE H 180 -43.88 42.76 -44.95
C ILE H 180 -44.25 41.95 -43.72
N ILE H 181 -43.72 40.73 -43.65
CA ILE H 181 -44.04 39.83 -42.55
C ILE H 181 -42.85 39.60 -41.62
N ASP H 182 -41.70 40.18 -41.99
CA ASP H 182 -40.52 40.15 -41.12
C ASP H 182 -39.45 41.15 -41.56
N PHE H 183 -38.73 41.70 -40.58
CA PHE H 183 -37.57 42.52 -40.86
C PHE H 183 -36.34 41.94 -40.16
N ILE H 184 -35.30 41.70 -40.93
CA ILE H 184 -34.06 41.14 -40.41
C ILE H 184 -32.88 42.05 -40.76
N GLU H 185 -31.99 42.28 -39.82
CA GLU H 185 -30.78 43.05 -40.08
C GLU H 185 -29.60 42.15 -40.40
N LYS H 186 -29.03 42.34 -41.59
CA LYS H 186 -27.85 41.59 -42.03
C LYS H 186 -28.02 40.07 -41.97
N PRO H 187 -28.98 39.53 -42.73
CA PRO H 187 -29.22 38.09 -42.65
C PRO H 187 -28.17 37.30 -43.41
N ALA H 188 -27.72 36.19 -42.82
CA ALA H 188 -26.73 35.33 -43.47
C ALA H 188 -27.30 34.78 -44.77
N ASP H 189 -28.54 34.30 -44.71
CA ASP H 189 -29.26 33.88 -45.90
C ASP H 189 -30.54 34.69 -46.03
N PRO H 190 -30.46 35.83 -46.73
CA PRO H 190 -31.60 36.74 -46.92
C PRO H 190 -32.82 36.05 -47.52
N PRO H 191 -33.98 36.18 -46.86
CA PRO H 191 -35.21 35.63 -47.39
C PRO H 191 -35.56 36.26 -48.74
N GLY H 192 -35.84 35.42 -49.74
CA GLY H 192 -36.08 35.91 -51.08
C GLY H 192 -37.51 36.31 -51.33
N ILE H 193 -37.75 36.92 -52.48
CA ILE H 193 -39.09 37.30 -52.90
C ILE H 193 -39.83 36.09 -53.46
N PRO H 194 -41.03 35.80 -52.93
CA PRO H 194 -41.81 34.66 -53.42
C PRO H 194 -42.06 34.73 -54.92
N GLY H 195 -41.57 33.73 -55.65
CA GLY H 195 -41.73 33.68 -57.09
C GLY H 195 -40.57 34.34 -57.80
N ASN H 196 -39.69 34.96 -57.02
CA ASN H 196 -38.52 35.64 -57.55
C ASN H 196 -37.34 35.46 -56.61
N GLU H 197 -37.06 34.21 -56.26
CA GLU H 197 -35.93 33.89 -55.40
C GLU H 197 -34.65 34.38 -56.05
N GLY H 198 -33.59 34.50 -55.27
CA GLY H 198 -32.35 35.05 -55.77
C GLY H 198 -32.34 36.55 -55.63
N PHE H 199 -33.47 37.11 -55.25
CA PHE H 199 -33.57 38.54 -54.98
C PHE H 199 -34.26 38.79 -53.64
N ALA H 200 -33.71 39.73 -52.88
CA ALA H 200 -34.31 40.13 -51.61
C ALA H 200 -34.68 41.61 -51.64
N LEU H 201 -35.58 42.01 -50.76
CA LEU H 201 -35.97 43.41 -50.64
C LEU H 201 -35.19 44.08 -49.53
N ALA H 202 -34.34 45.05 -49.92
CA ALA H 202 -33.52 45.76 -48.97
C ALA H 202 -34.07 47.15 -48.66
N SER H 203 -34.24 47.43 -47.37
CA SER H 203 -34.80 48.70 -46.91
C SER H 203 -33.93 49.89 -47.31
N MET H 204 -34.56 50.89 -47.91
CA MET H 204 -33.87 52.12 -48.31
C MET H 204 -33.89 53.16 -47.20
N GLY H 205 -34.67 52.88 -46.15
CA GLY H 205 -34.83 53.82 -45.07
C GLY H 205 -35.79 54.93 -45.45
N ILE H 206 -36.64 54.65 -46.43
CA ILE H 206 -37.69 55.58 -46.84
C ILE H 206 -39.04 55.08 -46.35
N TYR H 207 -39.70 55.90 -45.54
CA TYR H 207 -40.96 55.49 -44.91
C TYR H 207 -42.08 56.50 -45.12
N VAL H 208 -43.21 56.03 -45.63
CA VAL H 208 -44.39 56.88 -45.77
C VAL H 208 -45.42 56.56 -44.69
N PHE H 209 -45.89 57.59 -44.00
CA PHE H 209 -46.95 57.44 -43.00
C PHE H 209 -48.10 58.40 -43.25
N HIS H 210 -49.29 58.06 -42.78
CA HIS H 210 -50.29 59.09 -42.51
C HIS H 210 -49.76 59.85 -41.32
N THR H 211 -49.85 61.18 -41.34
CA THR H 211 -49.18 61.99 -40.33
C THR H 211 -49.68 61.73 -38.91
N LYS H 212 -50.99 61.60 -38.75
CA LYS H 212 -51.55 61.37 -37.42
C LYS H 212 -51.19 59.98 -36.89
N PHE H 213 -50.97 59.02 -37.78
CA PHE H 213 -50.47 57.71 -37.38
C PHE H 213 -49.04 57.85 -36.85
N LEU H 214 -48.20 58.52 -37.62
CA LEU H 214 -46.80 58.71 -37.26
C LEU H 214 -46.65 59.43 -35.93
N MET H 215 -47.42 60.50 -35.73
CA MET H 215 -47.35 61.26 -34.49
C MET H 215 -47.68 60.39 -33.29
N GLU H 216 -48.68 59.52 -33.46
CA GLU H 216 -49.01 58.53 -32.43
C GLU H 216 -47.86 57.56 -32.21
N ALA H 217 -47.25 57.14 -33.32
CA ALA H 217 -46.15 56.18 -33.28
C ALA H 217 -44.94 56.74 -32.56
N LEU H 218 -44.62 58.00 -32.80
CA LEU H 218 -43.47 58.65 -32.19
C LEU H 218 -43.67 58.89 -30.70
N ARG H 219 -44.91 59.27 -30.34
CA ARG H 219 -45.23 59.58 -28.96
C ARG H 219 -45.18 58.33 -28.10
N ARG H 220 -45.60 57.20 -28.67
CA ARG H 220 -45.49 55.92 -27.98
C ARG H 220 -44.02 55.56 -27.75
N ASP H 221 -43.20 55.79 -28.76
CA ASP H 221 -41.78 55.47 -28.71
C ASP H 221 -41.03 56.32 -27.70
N ALA H 222 -41.39 57.59 -27.60
CA ALA H 222 -40.77 58.50 -26.65
C ALA H 222 -41.17 58.11 -25.23
N ALA H 223 -42.39 57.59 -25.09
CA ALA H 223 -42.92 57.17 -23.81
C ALA H 223 -42.26 55.88 -23.33
N ASP H 224 -41.71 55.11 -24.27
CA ASP H 224 -41.07 53.84 -23.96
C ASP H 224 -39.61 54.03 -23.60
N PRO H 225 -39.27 53.84 -22.32
CA PRO H 225 -37.91 54.09 -21.80
C PRO H 225 -36.91 53.06 -22.28
N THR H 226 -37.39 51.98 -22.87
CA THR H 226 -36.51 50.90 -23.34
C THR H 226 -36.07 51.11 -24.78
N SER H 227 -36.86 51.85 -25.55
CA SER H 227 -36.58 52.05 -26.98
C SER H 227 -35.28 52.80 -27.22
N SER H 228 -34.66 52.51 -28.37
CA SER H 228 -33.45 53.22 -28.79
C SER H 228 -33.82 54.37 -29.72
N ARG H 229 -35.12 54.61 -29.86
CA ARG H 229 -35.65 55.78 -30.57
C ARG H 229 -35.26 55.87 -32.04
N ASP H 230 -35.26 54.74 -32.73
CA ASP H 230 -34.95 54.72 -34.16
C ASP H 230 -36.08 54.15 -34.99
N PHE H 231 -36.22 54.64 -36.22
CA PHE H 231 -37.22 54.10 -37.14
C PHE H 231 -36.90 52.65 -37.46
N GLY H 232 -35.66 52.40 -37.88
CA GLY H 232 -35.25 51.07 -38.33
C GLY H 232 -35.32 49.99 -37.27
N LYS H 233 -34.87 50.29 -36.06
CA LYS H 233 -34.77 49.28 -35.02
C LYS H 233 -35.97 49.24 -34.07
N ASP H 234 -36.68 50.35 -33.93
CA ASP H 234 -37.75 50.43 -32.95
C ASP H 234 -39.14 50.63 -33.58
N ILE H 235 -39.31 51.71 -34.34
CA ILE H 235 -40.62 52.04 -34.90
C ILE H 235 -41.10 50.99 -35.91
N ILE H 236 -40.29 50.75 -36.93
CA ILE H 236 -40.67 49.83 -38.01
C ILE H 236 -40.86 48.37 -37.58
N PRO H 237 -39.91 47.79 -36.81
CA PRO H 237 -40.13 46.39 -36.43
C PRO H 237 -41.41 46.21 -35.65
N TYR H 238 -41.75 47.21 -34.85
CA TYR H 238 -43.02 47.21 -34.12
C TYR H 238 -44.15 47.02 -35.15
N ILE H 239 -44.37 48.05 -35.97
CA ILE H 239 -45.45 48.07 -36.97
C ILE H 239 -45.51 46.79 -37.83
N VAL H 240 -44.34 46.27 -38.22
CA VAL H 240 -44.29 45.04 -39.01
C VAL H 240 -44.97 43.87 -38.29
N GLU H 241 -44.73 43.77 -36.99
CA GLU H 241 -45.32 42.71 -36.19
C GLU H 241 -46.77 42.99 -35.80
N HIS H 242 -47.07 44.21 -35.39
CA HIS H 242 -48.37 44.51 -34.83
C HIS H 242 -49.29 45.36 -35.71
N GLY H 243 -48.82 45.74 -36.88
CA GLY H 243 -49.64 46.53 -37.80
C GLY H 243 -49.60 46.05 -39.24
N LYS H 244 -49.69 46.97 -40.19
CA LYS H 244 -49.73 46.64 -41.60
C LYS H 244 -48.64 47.38 -42.39
N ALA H 245 -47.55 46.67 -42.71
CA ALA H 245 -46.44 47.29 -43.43
C ALA H 245 -46.27 46.67 -44.81
N VAL H 246 -46.28 47.50 -45.84
CA VAL H 246 -46.09 47.01 -47.20
C VAL H 246 -44.75 47.50 -47.76
N ALA H 247 -44.17 46.73 -48.68
CA ALA H 247 -42.94 47.14 -49.36
C ALA H 247 -43.28 47.80 -50.69
N HIS H 248 -42.64 48.94 -50.95
CA HIS H 248 -42.75 49.59 -52.25
C HIS H 248 -41.47 49.36 -53.03
N ARG H 249 -41.59 48.86 -54.26
CA ARG H 249 -40.44 48.57 -55.08
C ARG H 249 -39.83 49.85 -55.65
N PHE H 250 -38.53 50.05 -55.40
CA PHE H 250 -37.81 51.19 -55.94
C PHE H 250 -37.91 51.22 -57.47
N ALA H 251 -37.96 50.05 -58.08
CA ALA H 251 -38.04 49.94 -59.53
C ALA H 251 -39.29 50.62 -60.08
N ASP H 252 -40.37 50.60 -59.31
CA ASP H 252 -41.64 51.13 -59.79
C ASP H 252 -41.70 52.66 -59.80
N SER H 253 -40.88 53.29 -58.96
CA SER H 253 -40.91 54.75 -58.82
CA SER H 253 -40.93 54.75 -58.85
C SER H 253 -39.59 55.42 -59.16
N CYS H 254 -38.57 54.61 -59.43
CA CYS H 254 -37.26 55.15 -59.81
C CYS H 254 -37.37 55.99 -61.08
N VAL H 255 -36.83 57.19 -61.03
CA VAL H 255 -36.82 58.05 -62.21
C VAL H 255 -35.58 57.72 -63.04
N ARG H 256 -35.80 57.00 -64.13
CA ARG H 256 -34.71 56.45 -64.93
C ARG H 256 -34.52 57.20 -66.24
N SER H 257 -33.31 57.69 -66.47
CA SER H 257 -33.00 58.44 -67.67
C SER H 257 -33.02 57.57 -68.92
N ASP H 258 -32.92 58.22 -70.07
CA ASP H 258 -32.79 57.53 -71.34
C ASP H 258 -31.49 56.76 -71.39
N PHE H 259 -30.49 57.26 -70.68
CA PHE H 259 -29.15 56.71 -70.74
C PHE H 259 -28.72 56.04 -69.43
N GLU H 260 -29.69 55.47 -68.72
CA GLU H 260 -29.40 54.69 -67.51
C GLU H 260 -29.95 53.28 -67.68
N HIS H 261 -29.05 52.29 -67.74
CA HIS H 261 -29.44 50.92 -68.06
C HIS H 261 -30.17 50.22 -66.93
N GLU H 262 -30.13 50.80 -65.73
CA GLU H 262 -30.79 50.22 -64.58
C GLU H 262 -31.10 51.31 -63.55
N PRO H 263 -32.03 51.05 -62.63
CA PRO H 263 -32.26 51.98 -61.52
C PRO H 263 -30.99 52.26 -60.73
N TYR H 264 -30.67 53.53 -60.55
CA TYR H 264 -29.44 53.94 -59.89
C TYR H 264 -29.67 54.24 -58.42
N TRP H 265 -28.86 53.63 -57.56
CA TRP H 265 -28.90 53.91 -56.14
C TRP H 265 -27.53 53.60 -55.53
N ARG H 266 -26.99 54.56 -54.79
CA ARG H 266 -25.69 54.38 -54.13
C ARG H 266 -25.73 54.83 -52.68
N ASP H 267 -24.97 54.12 -51.86
CA ASP H 267 -24.89 54.38 -50.43
C ASP H 267 -23.63 55.19 -50.11
N VAL H 268 -22.66 55.12 -51.03
CA VAL H 268 -21.31 55.67 -50.88
C VAL H 268 -20.82 55.69 -49.42
N GLY H 269 -20.96 54.55 -48.75
CA GLY H 269 -20.67 54.45 -47.33
C GLY H 269 -19.20 54.24 -46.99
N THR H 270 -18.41 53.83 -47.98
CA THR H 270 -16.98 53.65 -47.76
C THR H 270 -16.18 54.53 -48.71
N ILE H 271 -14.89 54.71 -48.42
CA ILE H 271 -14.02 55.53 -49.26
C ILE H 271 -13.91 54.94 -50.67
N ASP H 272 -13.84 53.62 -50.77
CA ASP H 272 -13.81 52.95 -52.07
C ASP H 272 -15.09 53.22 -52.86
N ALA H 273 -16.23 53.01 -52.20
CA ALA H 273 -17.53 53.22 -52.83
C ALA H 273 -17.72 54.67 -53.25
N TYR H 274 -17.27 55.59 -52.40
CA TYR H 274 -17.35 57.01 -52.71
C TYR H 274 -16.50 57.37 -53.92
N TRP H 275 -15.27 56.87 -53.94
CA TRP H 275 -14.37 57.06 -55.06
C TRP H 275 -14.96 56.50 -56.35
N GLN H 276 -15.49 55.28 -56.25
CA GLN H 276 -16.04 54.57 -57.41
C GLN H 276 -17.22 55.30 -58.03
N ALA H 277 -18.16 55.72 -57.19
CA ALA H 277 -19.38 56.38 -57.65
C ALA H 277 -19.08 57.68 -58.39
N ASN H 278 -18.04 58.39 -57.95
CA ASN H 278 -17.64 59.64 -58.59
C ASN H 278 -16.84 59.41 -59.87
N ILE H 279 -15.88 58.49 -59.82
CA ILE H 279 -15.06 58.16 -60.98
C ILE H 279 -15.91 57.60 -62.12
N ASP H 280 -16.94 56.83 -61.77
CA ASP H 280 -17.83 56.24 -62.78
C ASP H 280 -18.53 57.29 -63.64
N LEU H 281 -18.61 58.52 -63.15
CA LEU H 281 -19.20 59.61 -63.91
C LEU H 281 -18.33 60.01 -65.10
N THR H 282 -17.09 59.53 -65.12
CA THR H 282 -16.18 59.84 -66.21
C THR H 282 -16.29 58.84 -67.36
N ASP H 283 -17.14 57.82 -67.18
CA ASP H 283 -17.36 56.83 -68.23
C ASP H 283 -18.02 57.44 -69.46
N VAL H 284 -17.86 56.79 -70.61
CA VAL H 284 -18.53 57.21 -71.82
C VAL H 284 -20.05 57.10 -71.63
N VAL H 285 -20.47 56.00 -71.00
CA VAL H 285 -21.86 55.79 -70.67
C VAL H 285 -22.00 55.56 -69.16
N PRO H 286 -22.15 56.65 -68.40
CA PRO H 286 -22.24 56.56 -66.92
C PRO H 286 -23.53 55.91 -66.46
N ASP H 287 -23.49 55.22 -65.31
CA ASP H 287 -24.67 54.64 -64.72
C ASP H 287 -25.64 55.73 -64.28
N LEU H 288 -25.10 56.87 -63.89
CA LEU H 288 -25.89 58.02 -63.51
C LEU H 288 -25.84 59.10 -64.57
N ASP H 289 -27.00 59.46 -65.11
CA ASP H 289 -27.08 60.48 -66.15
C ASP H 289 -27.23 61.86 -65.50
N ILE H 290 -26.11 62.56 -65.35
CA ILE H 290 -26.12 63.88 -64.72
C ILE H 290 -26.51 64.97 -65.70
N TYR H 291 -26.75 64.59 -66.95
CA TYR H 291 -27.10 65.54 -67.99
C TYR H 291 -28.59 65.49 -68.29
N ASP H 292 -29.30 64.65 -67.55
CA ASP H 292 -30.75 64.56 -67.65
C ASP H 292 -31.41 65.85 -67.17
N LYS H 293 -32.38 66.33 -67.93
CA LYS H 293 -33.07 67.57 -67.60
C LYS H 293 -34.51 67.33 -67.18
N SER H 294 -34.91 66.06 -67.11
CA SER H 294 -36.28 65.72 -66.76
C SER H 294 -36.46 65.56 -65.25
N TRP H 295 -35.36 65.34 -64.54
CA TRP H 295 -35.41 65.20 -63.09
C TRP H 295 -34.18 65.87 -62.48
N PRO H 296 -34.15 67.21 -62.52
CA PRO H 296 -32.94 67.96 -62.19
C PRO H 296 -32.59 67.97 -60.71
N ILE H 297 -31.29 67.97 -60.43
CA ILE H 297 -30.78 68.06 -59.07
C ILE H 297 -30.37 69.50 -58.78
N TRP H 298 -31.11 70.16 -57.91
CA TRP H 298 -30.78 71.52 -57.51
C TRP H 298 -29.73 71.49 -56.40
N THR H 299 -28.87 72.50 -56.37
CA THR H 299 -27.86 72.62 -55.33
C THR H 299 -27.48 74.08 -55.16
N TYR H 300 -26.47 74.34 -54.34
CA TYR H 300 -25.91 75.68 -54.28
C TYR H 300 -24.83 75.84 -55.33
N ALA H 301 -25.00 76.83 -56.20
CA ALA H 301 -24.01 77.12 -57.21
C ALA H 301 -23.78 78.62 -57.34
N GLU H 302 -22.54 78.99 -57.52
CA GLU H 302 -22.20 80.39 -57.77
C GLU H 302 -21.85 80.57 -59.24
N ILE H 303 -22.04 81.79 -59.74
CA ILE H 303 -21.54 82.11 -61.05
C ILE H 303 -20.02 82.06 -61.01
N THR H 304 -19.44 81.24 -61.88
CA THR H 304 -18.00 81.06 -61.90
C THR H 304 -17.48 81.28 -63.32
N PRO H 305 -16.17 81.53 -63.45
CA PRO H 305 -15.58 81.51 -64.80
C PRO H 305 -15.57 80.11 -65.37
N PRO H 306 -15.44 79.98 -66.70
CA PRO H 306 -15.40 78.63 -67.29
C PRO H 306 -14.08 77.93 -66.97
N ALA H 307 -13.99 76.64 -67.29
CA ALA H 307 -12.74 75.91 -67.13
C ALA H 307 -11.73 76.38 -68.17
N LYS H 308 -10.46 76.42 -67.78
CA LYS H 308 -9.41 76.92 -68.66
C LYS H 308 -8.25 75.94 -68.75
N PHE H 309 -7.73 75.77 -69.97
CA PHE H 309 -6.62 74.86 -70.21
C PHE H 309 -5.50 75.63 -70.91
N VAL H 310 -4.30 75.62 -70.33
CA VAL H 310 -3.18 76.35 -70.93
C VAL H 310 -1.90 75.54 -71.01
N HIS H 311 -1.00 76.01 -71.87
CA HIS H 311 0.30 75.41 -72.20
C HIS H 311 0.17 74.21 -73.14
N ASP H 312 0.98 74.25 -74.20
CA ASP H 312 1.05 73.18 -75.17
C ASP H 312 2.48 73.10 -75.70
N ASP H 313 3.41 72.75 -74.81
CA ASP H 313 4.82 72.67 -75.15
C ASP H 313 5.26 71.22 -75.34
N GLU H 314 6.57 71.01 -75.40
CA GLU H 314 7.13 69.67 -75.53
C GLU H 314 7.34 69.05 -74.15
N ASP H 315 7.09 69.83 -73.10
CA ASP H 315 7.30 69.37 -71.73
C ASP H 315 6.05 69.52 -70.89
N ARG H 316 5.10 70.34 -71.35
CA ARG H 316 3.85 70.53 -70.63
C ARG H 316 2.68 70.81 -71.55
N ARG H 317 1.58 70.10 -71.30
CA ARG H 317 0.33 70.35 -72.00
C ARG H 317 -0.84 70.21 -71.03
N GLY H 318 -1.51 71.32 -70.78
CA GLY H 318 -2.68 71.32 -69.92
C GLY H 318 -3.88 70.78 -70.68
N SER H 319 -4.37 69.62 -70.27
CA SER H 319 -5.47 68.97 -70.97
CA SER H 319 -5.49 68.98 -70.96
C SER H 319 -6.13 67.91 -70.10
N ALA H 320 -7.43 67.72 -70.30
CA ALA H 320 -8.18 66.71 -69.56
C ALA H 320 -8.77 65.68 -70.51
N VAL H 321 -8.48 64.41 -70.26
CA VAL H 321 -8.96 63.31 -71.08
C VAL H 321 -9.74 62.34 -70.20
N SER H 322 -10.88 61.85 -70.70
CA SER H 322 -11.77 60.96 -69.96
C SER H 322 -12.09 61.55 -68.59
N SER H 323 -12.25 62.87 -68.54
CA SER H 323 -12.38 63.55 -67.27
C SER H 323 -13.58 64.48 -67.25
N VAL H 324 -13.97 64.87 -66.03
CA VAL H 324 -15.06 65.81 -65.82
C VAL H 324 -14.54 67.00 -65.02
N VAL H 325 -14.71 68.21 -65.57
CA VAL H 325 -14.12 69.42 -65.00
C VAL H 325 -15.14 70.54 -64.81
N SER H 326 -15.23 71.07 -63.59
CA SER H 326 -16.18 72.14 -63.28
C SER H 326 -15.61 73.52 -63.59
N GLY H 327 -16.39 74.55 -63.26
CA GLY H 327 -16.00 75.92 -63.51
C GLY H 327 -14.92 76.39 -62.56
N ASP H 328 -14.33 77.54 -62.87
CA ASP H 328 -13.27 78.13 -62.05
C ASP H 328 -12.06 77.19 -61.90
N CYS H 329 -11.95 76.22 -62.80
CA CYS H 329 -10.80 75.33 -62.81
C CYS H 329 -9.79 75.80 -63.83
N ILE H 330 -8.53 75.90 -63.41
CA ILE H 330 -7.46 76.24 -64.33
C ILE H 330 -6.48 75.08 -64.40
N ILE H 331 -6.40 74.48 -65.58
CA ILE H 331 -5.51 73.33 -65.80
C ILE H 331 -4.28 73.83 -66.56
N SER H 332 -3.26 74.22 -65.81
CA SER H 332 -2.11 74.91 -66.39
C SER H 332 -0.91 74.00 -66.52
N GLY H 333 -0.70 73.46 -67.73
CA GLY H 333 0.42 72.58 -67.99
C GLY H 333 0.29 71.24 -67.29
N ALA H 334 -0.90 70.95 -66.80
CA ALA H 334 -1.16 69.72 -66.06
C ALA H 334 -1.95 68.72 -66.90
N ALA H 335 -1.57 67.45 -66.79
CA ALA H 335 -2.26 66.39 -67.53
C ALA H 335 -3.29 65.68 -66.65
N LEU H 336 -4.54 65.69 -67.08
CA LEU H 336 -5.60 65.01 -66.36
C LEU H 336 -6.10 63.79 -67.13
N ASN H 337 -6.30 62.70 -66.43
CA ASN H 337 -6.87 61.50 -67.03
C ASN H 337 -7.77 60.76 -66.06
N ARG H 338 -8.97 60.45 -66.52
CA ARG H 338 -9.97 59.74 -65.74
C ARG H 338 -10.15 60.35 -64.35
N SER H 339 -10.33 61.67 -64.32
CA SER H 339 -10.44 62.39 -63.07
C SER H 339 -11.72 63.20 -63.01
N LEU H 340 -12.19 63.48 -61.79
CA LEU H 340 -13.36 64.32 -61.57
C LEU H 340 -12.98 65.53 -60.72
N LEU H 341 -13.09 66.71 -61.30
CA LEU H 341 -12.71 67.94 -60.59
C LEU H 341 -13.92 68.78 -60.26
N PHE H 342 -14.05 69.15 -58.98
CA PHE H 342 -15.08 70.08 -58.55
C PHE H 342 -14.62 71.51 -58.83
N THR H 343 -15.45 72.48 -58.49
CA THR H 343 -15.17 73.88 -58.79
CA THR H 343 -15.15 73.88 -58.82
C THR H 343 -13.90 74.41 -58.12
N GLY H 344 -13.17 75.27 -58.82
CA GLY H 344 -12.06 76.00 -58.24
C GLY H 344 -10.71 75.33 -58.14
N VAL H 345 -10.55 74.19 -58.79
CA VAL H 345 -9.29 73.45 -58.71
C VAL H 345 -8.20 74.11 -59.58
N ARG H 346 -7.01 74.26 -59.00
CA ARG H 346 -5.86 74.76 -59.73
C ARG H 346 -4.80 73.69 -59.87
N ALA H 347 -4.59 73.23 -61.11
CA ALA H 347 -3.55 72.25 -61.38
C ALA H 347 -2.43 72.92 -62.15
N ASN H 348 -1.21 72.85 -61.61
CA ASN H 348 -0.09 73.60 -62.17
C ASN H 348 0.85 72.75 -63.03
N SER H 349 1.80 73.42 -63.68
CA SER H 349 2.61 72.83 -64.74
C SER H 349 3.35 71.56 -64.33
N TYR H 350 3.44 70.64 -65.29
CA TYR H 350 4.18 69.38 -65.15
C TYR H 350 3.56 68.42 -64.12
N SER H 351 2.44 68.81 -63.54
CA SER H 351 1.74 67.92 -62.61
C SER H 351 0.84 66.95 -63.37
N ARG H 352 0.48 65.84 -62.73
CA ARG H 352 -0.34 64.82 -63.37
C ARG H 352 -1.41 64.29 -62.43
N LEU H 353 -2.62 64.12 -62.95
CA LEU H 353 -3.71 63.49 -62.20
C LEU H 353 -4.29 62.31 -62.97
N GLU H 354 -4.40 61.17 -62.28
CA GLU H 354 -5.00 59.98 -62.87
C GLU H 354 -5.90 59.31 -61.83
N ASN H 355 -7.11 58.92 -62.25
CA ASN H 355 -8.07 58.28 -61.35
C ASN H 355 -8.30 59.09 -60.08
N ALA H 356 -8.49 60.39 -60.23
CA ALA H 356 -8.56 61.29 -59.08
C ALA H 356 -9.92 61.94 -58.90
N VAL H 357 -10.45 61.89 -57.69
CA VAL H 357 -11.62 62.67 -57.31
C VAL H 357 -11.13 63.90 -56.55
N VAL H 358 -11.29 65.07 -57.16
CA VAL H 358 -10.69 66.29 -56.63
C VAL H 358 -11.76 67.27 -56.16
N LEU H 359 -11.91 67.40 -54.84
CA LEU H 359 -12.95 68.22 -54.24
C LEU H 359 -12.66 69.73 -54.44
N PRO H 360 -13.63 70.61 -54.13
CA PRO H 360 -13.45 72.02 -54.48
C PRO H 360 -12.21 72.73 -53.93
N SER H 361 -11.69 73.67 -54.72
CA SER H 361 -10.64 74.60 -54.30
C SER H 361 -9.30 73.94 -54.00
N VAL H 362 -9.07 72.77 -54.57
CA VAL H 362 -7.81 72.07 -54.38
C VAL H 362 -6.73 72.64 -55.29
N LYS H 363 -5.52 72.77 -54.75
CA LYS H 363 -4.38 73.21 -55.54
C LYS H 363 -3.39 72.06 -55.73
N ILE H 364 -2.94 71.86 -56.97
CA ILE H 364 -1.93 70.85 -57.27
C ILE H 364 -0.63 71.54 -57.66
N GLY H 365 0.40 71.37 -56.84
CA GLY H 365 1.68 72.00 -57.08
C GLY H 365 2.38 71.44 -58.31
N ARG H 366 3.29 72.22 -58.88
CA ARG H 366 4.07 71.78 -60.03
C ARG H 366 4.76 70.45 -59.77
N HIS H 367 4.82 69.62 -60.81
CA HIS H 367 5.54 68.33 -60.80
C HIS H 367 4.90 67.24 -59.93
N ALA H 368 3.80 67.55 -59.26
CA ALA H 368 3.12 66.54 -58.45
C ALA H 368 2.49 65.49 -59.35
N GLN H 369 2.47 64.24 -58.90
CA GLN H 369 1.85 63.16 -59.67
C GLN H 369 1.00 62.27 -58.77
N LEU H 370 -0.32 62.32 -58.95
CA LEU H 370 -1.23 61.60 -58.08
C LEU H 370 -2.13 60.63 -58.84
N SER H 371 -2.20 59.39 -58.35
CA SER H 371 -3.05 58.37 -58.96
C SER H 371 -3.91 57.67 -57.91
N ASN H 372 -5.15 57.38 -58.27
CA ASN H 372 -6.10 56.68 -57.40
C ASN H 372 -6.29 57.38 -56.05
N VAL H 373 -6.74 58.62 -56.09
CA VAL H 373 -6.89 59.40 -54.87
C VAL H 373 -8.24 60.07 -54.72
N VAL H 374 -8.56 60.42 -53.48
CA VAL H 374 -9.64 61.34 -53.17
C VAL H 374 -9.03 62.51 -52.40
N ILE H 375 -9.03 63.69 -53.00
CA ILE H 375 -8.44 64.86 -52.36
C ILE H 375 -9.52 65.72 -51.73
N ASP H 376 -9.40 65.94 -50.42
CA ASP H 376 -10.40 66.68 -49.65
C ASP H 376 -10.52 68.14 -50.09
N HIS H 377 -11.57 68.80 -49.63
CA HIS H 377 -11.84 70.21 -49.92
C HIS H 377 -10.66 71.12 -49.56
N GLY H 378 -10.20 71.89 -50.53
CA GLY H 378 -9.23 72.95 -50.29
C GLY H 378 -7.79 72.52 -50.02
N VAL H 379 -7.50 71.24 -50.15
CA VAL H 379 -6.16 70.72 -49.90
C VAL H 379 -5.14 71.33 -50.87
N VAL H 380 -4.00 71.76 -50.33
CA VAL H 380 -2.90 72.22 -51.15
C VAL H 380 -1.82 71.15 -51.28
N ILE H 381 -1.73 70.55 -52.47
CA ILE H 381 -0.75 69.50 -52.71
C ILE H 381 0.62 70.09 -52.99
N PRO H 382 1.62 69.70 -52.18
CA PRO H 382 3.00 70.18 -52.35
C PRO H 382 3.57 69.84 -53.72
N GLU H 383 4.48 70.67 -54.21
CA GLU H 383 5.13 70.41 -55.49
C GLU H 383 5.93 69.11 -55.43
N GLY H 384 5.86 68.32 -56.48
CA GLY H 384 6.64 67.10 -56.59
C GLY H 384 6.15 65.91 -55.79
N LEU H 385 5.03 66.08 -55.08
CA LEU H 385 4.47 64.97 -54.31
C LEU H 385 4.04 63.84 -55.23
N ILE H 386 4.36 62.61 -54.85
CA ILE H 386 3.98 61.43 -55.63
C ILE H 386 3.08 60.51 -54.83
N VAL H 387 1.88 60.27 -55.36
CA VAL H 387 0.95 59.34 -54.73
C VAL H 387 0.50 58.27 -55.73
N GLY H 388 0.44 57.03 -55.28
CA GLY H 388 0.00 55.94 -56.13
C GLY H 388 1.14 55.14 -56.73
N GLU H 389 2.35 55.44 -56.29
CA GLU H 389 3.55 54.77 -56.79
C GLU H 389 4.13 53.81 -55.76
N ASP H 390 4.00 54.18 -54.49
CA ASP H 390 4.58 53.41 -53.40
C ASP H 390 3.51 53.10 -52.36
N PRO H 391 2.83 51.95 -52.51
CA PRO H 391 1.74 51.54 -51.62
C PRO H 391 2.14 51.56 -50.14
N GLU H 392 3.39 51.21 -49.86
CA GLU H 392 3.88 51.14 -48.50
C GLU H 392 4.04 52.55 -47.93
N LEU H 393 4.56 53.45 -48.76
CA LEU H 393 4.75 54.85 -48.38
C LEU H 393 3.41 55.58 -48.33
N ASP H 394 2.55 55.30 -49.30
CA ASP H 394 1.23 55.93 -49.39
C ASP H 394 0.37 55.61 -48.17
N ALA H 395 0.42 54.35 -47.73
CA ALA H 395 -0.34 53.92 -46.57
C ALA H 395 0.16 54.61 -45.30
N LYS H 396 1.46 54.87 -45.24
CA LYS H 396 2.05 55.55 -44.10
C LYS H 396 1.60 57.01 -44.05
N ARG H 397 1.71 57.68 -45.19
CA ARG H 397 1.40 59.10 -45.28
C ARG H 397 -0.09 59.41 -45.20
N PHE H 398 -0.91 58.60 -45.88
CA PHE H 398 -2.32 58.90 -46.02
C PHE H 398 -3.23 57.74 -45.64
N ARG H 399 -4.54 57.98 -45.68
CA ARG H 399 -5.52 56.92 -45.54
C ARG H 399 -5.63 56.14 -46.83
N ARG H 400 -5.08 54.93 -46.86
CA ARG H 400 -5.11 54.12 -48.08
C ARG H 400 -6.00 52.90 -47.91
N THR H 401 -6.93 52.73 -48.85
CA THR H 401 -7.87 51.63 -48.82
C THR H 401 -7.21 50.33 -49.27
N GLU H 402 -7.86 49.20 -49.00
CA GLU H 402 -7.35 47.90 -49.43
C GLU H 402 -7.16 47.87 -50.95
N SER H 403 -8.10 48.50 -51.66
CA SER H 403 -8.06 48.53 -53.11
C SER H 403 -6.96 49.48 -53.61
N GLY H 404 -6.49 50.36 -52.75
CA GLY H 404 -5.37 51.22 -53.09
C GLY H 404 -5.72 52.67 -53.34
N ILE H 405 -6.88 53.10 -52.86
CA ILE H 405 -7.30 54.48 -52.98
C ILE H 405 -6.81 55.30 -51.78
N CYS H 406 -6.13 56.41 -52.05
CA CYS H 406 -5.66 57.28 -50.97
C CYS H 406 -6.59 58.47 -50.76
N LEU H 407 -7.07 58.61 -49.53
CA LEU H 407 -7.77 59.81 -49.12
C LEU H 407 -6.77 60.80 -48.56
N ILE H 408 -6.66 61.96 -49.20
CA ILE H 408 -5.66 62.95 -48.80
C ILE H 408 -6.31 64.20 -48.21
N THR H 409 -6.00 64.48 -46.94
CA THR H 409 -6.48 65.70 -46.29
C THR H 409 -5.29 66.61 -45.99
N GLN H 410 -5.59 67.86 -45.66
CA GLN H 410 -4.53 68.84 -45.41
C GLN H 410 -3.72 68.47 -44.17
N SER H 411 -4.40 67.92 -43.17
CA SER H 411 -3.74 67.50 -41.94
C SER H 411 -2.68 66.44 -42.21
N MET H 412 -2.98 65.53 -43.12
CA MET H 412 -2.02 64.51 -43.53
C MET H 412 -0.83 65.13 -44.23
N ILE H 413 -1.11 66.14 -45.06
CA ILE H 413 -0.07 66.85 -45.80
C ILE H 413 0.84 67.62 -44.86
N ASP H 414 0.25 68.28 -43.87
CA ASP H 414 1.01 69.07 -42.90
C ASP H 414 1.98 68.23 -42.08
N LYS H 415 1.70 66.93 -41.99
CA LYS H 415 2.49 66.03 -41.16
C LYS H 415 3.72 65.48 -41.88
N LEU H 416 4.02 65.98 -43.07
CA LEU H 416 5.14 65.44 -43.83
C LEU H 416 6.11 66.51 -44.33
N ASP H 417 7.33 66.06 -44.61
CA ASP H 417 8.32 66.82 -45.36
C ASP H 417 9.26 65.81 -45.97
N LEU H 418 9.11 64.56 -45.51
CA LEU H 418 9.76 63.41 -46.12
C LEU H 418 8.82 62.20 -46.05
N VAL I 4 3.71 -68.38 -0.66
CA VAL I 4 5.02 -68.62 -0.06
C VAL I 4 5.62 -67.28 0.46
N GLN I 5 6.50 -66.64 -0.30
CA GLN I 5 6.98 -65.31 0.07
C GLN I 5 5.96 -64.28 -0.39
N PRO I 6 5.89 -63.14 0.31
CA PRO I 6 4.95 -62.08 -0.08
C PRO I 6 5.22 -61.56 -1.49
N LEU I 7 4.19 -61.08 -2.16
CA LEU I 7 4.33 -60.60 -3.53
C LEU I 7 4.94 -59.21 -3.60
N ALA I 8 4.93 -58.51 -2.47
CA ALA I 8 5.46 -57.15 -2.40
C ALA I 8 6.96 -57.11 -2.68
N ARG I 9 7.64 -58.24 -2.49
CA ARG I 9 9.07 -58.34 -2.79
C ARG I 9 9.36 -58.04 -4.26
N ASP I 10 8.53 -58.57 -5.15
CA ASP I 10 8.71 -58.34 -6.58
C ASP I 10 7.75 -57.27 -7.10
N ALA I 11 7.42 -56.31 -6.24
CA ALA I 11 6.54 -55.23 -6.63
C ALA I 11 7.25 -53.88 -6.56
N MET I 12 6.96 -53.02 -7.54
CA MET I 12 7.43 -51.64 -7.51
C MET I 12 6.24 -50.70 -7.48
N ALA I 13 6.22 -49.80 -6.52
CA ALA I 13 5.16 -48.81 -6.42
C ALA I 13 5.50 -47.61 -7.28
N TYR I 14 4.55 -47.22 -8.13
CA TYR I 14 4.74 -46.08 -9.02
C TYR I 14 3.69 -45.02 -8.73
N VAL I 15 4.07 -43.98 -8.01
CA VAL I 15 3.12 -42.98 -7.54
C VAL I 15 3.02 -41.80 -8.51
N LEU I 16 1.81 -41.54 -8.99
CA LEU I 16 1.55 -40.40 -9.85
C LEU I 16 1.38 -39.13 -9.02
N ALA I 17 2.42 -38.31 -8.97
CA ALA I 17 2.44 -37.14 -8.09
C ALA I 17 2.43 -35.84 -8.87
N GLY I 18 1.81 -35.86 -10.05
CA GLY I 18 1.75 -34.70 -10.90
C GLY I 18 0.43 -33.95 -10.82
N GLY I 19 -0.40 -34.32 -9.85
CA GLY I 19 -1.68 -33.68 -9.65
C GLY I 19 -1.54 -32.20 -9.32
N ARG I 20 -2.31 -31.36 -10.00
CA ARG I 20 -2.23 -29.92 -9.80
C ARG I 20 -3.11 -29.45 -8.65
N GLY I 21 -4.23 -30.15 -8.44
CA GLY I 21 -5.21 -29.76 -7.45
C GLY I 21 -5.67 -28.34 -7.72
N SER I 22 -6.28 -28.13 -8.88
CA SER I 22 -6.65 -26.80 -9.34
C SER I 22 -7.77 -26.18 -8.50
N ARG I 23 -8.63 -27.03 -7.96
CA ARG I 23 -9.74 -26.56 -7.12
C ARG I 23 -9.26 -26.13 -5.74
N LEU I 24 -8.00 -26.41 -5.43
CA LEU I 24 -7.39 -25.93 -4.20
C LEU I 24 -7.00 -24.46 -4.32
N LYS I 25 -7.06 -23.94 -5.55
CA LYS I 25 -6.75 -22.55 -5.85
C LYS I 25 -5.37 -22.12 -5.36
N GLU I 26 -5.34 -21.11 -4.49
CA GLU I 26 -4.08 -20.48 -4.09
C GLU I 26 -3.16 -21.37 -3.26
N LEU I 27 -3.73 -22.45 -2.71
CA LEU I 27 -2.94 -23.38 -1.92
C LEU I 27 -1.91 -24.11 -2.79
N THR I 28 -2.25 -24.32 -4.04
CA THR I 28 -1.36 -25.02 -4.97
C THR I 28 -0.84 -24.11 -6.06
N ASP I 29 -0.71 -22.82 -5.77
CA ASP I 29 -0.18 -21.86 -6.73
C ASP I 29 1.29 -22.14 -7.01
N ARG I 30 2.04 -22.48 -5.97
CA ARG I 30 3.46 -22.73 -6.10
C ARG I 30 3.86 -24.08 -5.52
N ARG I 31 2.91 -25.00 -5.49
CA ARG I 31 3.18 -26.37 -5.06
C ARG I 31 2.18 -27.33 -5.67
N ALA I 32 2.61 -28.57 -5.92
CA ALA I 32 1.71 -29.62 -6.38
C ALA I 32 0.85 -30.09 -5.22
N LYS I 33 -0.34 -30.59 -5.53
CA LYS I 33 -1.26 -31.08 -4.50
C LYS I 33 -0.63 -32.15 -3.57
N PRO I 34 0.17 -33.09 -4.12
CA PRO I 34 0.84 -34.03 -3.21
C PRO I 34 1.79 -33.38 -2.20
N ALA I 35 2.20 -32.13 -2.45
CA ALA I 35 3.11 -31.44 -1.55
C ALA I 35 2.35 -30.66 -0.49
N VAL I 36 1.04 -30.64 -0.60
CA VAL I 36 0.19 -29.90 0.34
C VAL I 36 0.25 -30.55 1.72
N TYR I 37 0.41 -29.71 2.74
CA TYR I 37 0.48 -30.16 4.12
C TYR I 37 -0.81 -30.80 4.59
N PHE I 38 -0.72 -31.81 5.47
CA PHE I 38 -1.89 -32.40 6.08
C PHE I 38 -1.60 -33.02 7.43
N GLY I 39 -2.46 -32.74 8.41
CA GLY I 39 -2.44 -33.45 9.68
C GLY I 39 -1.60 -32.85 10.77
N GLY I 40 -0.82 -31.83 10.44
CA GLY I 40 0.02 -31.18 11.44
C GLY I 40 1.51 -31.33 11.20
N LYS I 41 1.92 -32.44 10.59
CA LYS I 41 3.34 -32.69 10.39
C LYS I 41 3.69 -33.25 9.01
N ALA I 42 2.70 -33.79 8.32
CA ALA I 42 2.97 -34.50 7.06
C ALA I 42 2.45 -33.77 5.83
N ARG I 43 2.82 -34.29 4.65
CA ARG I 43 2.25 -33.84 3.38
C ARG I 43 1.40 -34.98 2.82
N ILE I 44 0.54 -34.66 1.86
CA ILE I 44 -0.40 -35.64 1.31
C ILE I 44 0.31 -36.84 0.68
N ILE I 45 1.45 -36.58 0.03
CA ILE I 45 2.23 -37.62 -0.65
C ILE I 45 2.69 -38.74 0.30
N ASP I 46 2.86 -38.39 1.58
CA ASP I 46 3.44 -39.32 2.55
C ASP I 46 2.57 -40.53 2.83
N PHE I 47 1.29 -40.45 2.49
CA PHE I 47 0.38 -41.55 2.80
C PHE I 47 0.51 -42.69 1.81
N ALA I 48 0.47 -42.38 0.51
CA ALA I 48 0.69 -43.41 -0.51
C ALA I 48 2.09 -44.01 -0.36
N LEU I 49 3.05 -43.17 0.02
CA LEU I 49 4.42 -43.62 0.22
C LEU I 49 4.55 -44.51 1.45
N SER I 50 3.93 -44.11 2.55
CA SER I 50 4.00 -44.91 3.77
C SER I 50 3.21 -46.20 3.59
N ASN I 51 2.17 -46.16 2.77
CA ASN I 51 1.41 -47.36 2.44
C ASN I 51 2.28 -48.37 1.71
N ALA I 52 3.04 -47.90 0.73
CA ALA I 52 3.94 -48.75 -0.04
C ALA I 52 5.01 -49.37 0.86
N LEU I 53 5.65 -48.51 1.66
CA LEU I 53 6.66 -48.93 2.62
C LEU I 53 6.12 -50.00 3.56
N ASN I 54 5.04 -49.68 4.27
CA ASN I 54 4.44 -50.60 5.23
C ASN I 54 3.94 -51.89 4.59
N SER I 55 3.68 -51.85 3.28
CA SER I 55 3.21 -53.04 2.58
C SER I 55 4.36 -53.89 2.08
N GLY I 56 5.59 -53.43 2.31
CA GLY I 56 6.77 -54.22 1.99
C GLY I 56 7.28 -54.00 0.58
N ILE I 57 6.71 -53.05 -0.14
CA ILE I 57 7.22 -52.69 -1.45
C ILE I 57 8.57 -51.99 -1.26
N ARG I 58 9.60 -52.53 -1.91
CA ARG I 58 10.96 -52.03 -1.72
C ARG I 58 11.37 -51.01 -2.77
N ARG I 59 10.74 -51.05 -3.94
CA ARG I 59 11.09 -50.11 -4.99
C ARG I 59 9.96 -49.12 -5.25
N ILE I 60 10.33 -47.85 -5.26
CA ILE I 60 9.37 -46.77 -5.37
C ILE I 60 9.88 -45.71 -6.35
N GLY I 61 9.01 -45.32 -7.28
CA GLY I 61 9.31 -44.23 -8.20
C GLY I 61 8.26 -43.16 -8.05
N VAL I 62 8.70 -41.90 -8.01
CA VAL I 62 7.77 -40.79 -7.86
C VAL I 62 7.80 -39.88 -9.08
N ALA I 63 6.73 -39.90 -9.87
CA ALA I 63 6.63 -39.08 -11.06
C ALA I 63 6.09 -37.69 -10.73
N THR I 64 6.92 -36.67 -10.88
CA THR I 64 6.51 -35.31 -10.62
C THR I 64 6.35 -34.54 -11.92
N GLN I 65 5.50 -33.51 -11.92
CA GLN I 65 5.23 -32.72 -13.10
C GLN I 65 5.30 -31.22 -12.82
N TYR I 66 4.13 -30.63 -12.56
CA TYR I 66 4.04 -29.18 -12.37
C TYR I 66 4.36 -28.74 -10.94
N LYS I 67 5.01 -27.58 -10.83
CA LYS I 67 5.29 -26.93 -9.55
C LYS I 67 5.85 -27.89 -8.50
N ALA I 68 6.85 -28.67 -8.90
CA ALA I 68 7.30 -29.81 -8.11
C ALA I 68 8.53 -29.54 -7.25
N HIS I 69 9.00 -28.29 -7.22
CA HIS I 69 10.22 -27.96 -6.46
C HIS I 69 10.08 -28.31 -4.98
N SER I 70 8.97 -27.91 -4.36
CA SER I 70 8.74 -28.21 -2.96
C SER I 70 8.54 -29.69 -2.73
N LEU I 71 7.88 -30.34 -3.68
CA LEU I 71 7.62 -31.77 -3.61
C LEU I 71 8.92 -32.56 -3.71
N ILE I 72 9.74 -32.23 -4.70
CA ILE I 72 11.02 -32.89 -4.92
C ILE I 72 11.91 -32.75 -3.68
N ARG I 73 11.96 -31.54 -3.13
CA ARG I 73 12.79 -31.27 -1.96
C ARG I 73 12.33 -32.05 -0.73
N HIS I 74 11.02 -32.17 -0.57
CA HIS I 74 10.43 -32.98 0.51
C HIS I 74 10.83 -34.45 0.38
N LEU I 75 10.85 -34.95 -0.85
CA LEU I 75 11.21 -36.33 -1.13
C LEU I 75 12.69 -36.58 -0.89
N GLN I 76 13.52 -35.60 -1.27
CA GLN I 76 14.96 -35.68 -1.09
C GLN I 76 15.36 -35.77 0.37
N ARG I 77 14.68 -34.99 1.21
CA ARG I 77 15.04 -34.85 2.60
C ARG I 77 14.37 -35.87 3.51
N GLY I 78 13.15 -36.27 3.15
CA GLY I 78 12.36 -37.14 4.00
C GLY I 78 12.44 -38.61 3.64
N TRP I 79 12.42 -38.90 2.34
CA TRP I 79 12.43 -40.28 1.87
C TRP I 79 13.80 -40.63 1.31
N ASP I 80 14.81 -40.55 2.17
CA ASP I 80 16.21 -40.61 1.79
C ASP I 80 16.94 -41.85 2.29
N PHE I 81 16.20 -42.77 2.88
CA PHE I 81 16.79 -43.87 3.63
C PHE I 81 16.84 -45.20 2.87
N PHE I 82 16.56 -45.16 1.57
CA PHE I 82 16.63 -46.35 0.73
C PHE I 82 18.05 -46.54 0.20
N ARG I 83 18.56 -47.76 0.30
CA ARG I 83 19.91 -48.07 -0.21
C ARG I 83 19.88 -49.17 -1.26
N PRO I 84 20.28 -48.84 -2.49
CA PRO I 84 20.27 -49.75 -3.63
C PRO I 84 20.94 -51.10 -3.38
N GLU I 85 21.99 -51.14 -2.57
CA GLU I 85 22.69 -52.41 -2.34
C GLU I 85 21.91 -53.31 -1.38
N ARG I 86 20.81 -52.81 -0.83
CA ARG I 86 19.92 -53.63 -0.01
C ARG I 86 18.66 -54.02 -0.79
N ASN I 87 18.76 -54.00 -2.12
CA ASN I 87 17.65 -54.35 -3.01
C ASN I 87 16.42 -53.48 -2.82
N GLU I 88 16.64 -52.18 -2.73
CA GLU I 88 15.54 -51.24 -2.61
C GLU I 88 15.94 -49.99 -3.37
N SER I 89 14.97 -49.12 -3.66
CA SER I 89 15.25 -47.93 -4.44
C SER I 89 14.14 -46.90 -4.31
N PHE I 90 14.53 -45.63 -4.27
CA PHE I 90 13.57 -44.53 -4.31
C PHE I 90 13.96 -43.55 -5.39
N ASP I 91 13.25 -43.59 -6.51
CA ASP I 91 13.56 -42.73 -7.65
C ASP I 91 12.58 -41.57 -7.79
N ILE I 92 13.12 -40.37 -7.89
CA ILE I 92 12.31 -39.18 -8.21
C ILE I 92 12.36 -38.92 -9.70
N LEU I 93 11.22 -39.08 -10.36
CA LEU I 93 11.15 -39.01 -11.81
C LEU I 93 10.53 -37.71 -12.29
N ALA I 94 11.30 -36.63 -12.21
CA ALA I 94 10.86 -35.33 -12.71
C ALA I 94 10.63 -35.40 -14.21
N ALA I 95 9.58 -34.72 -14.67
CA ALA I 95 9.15 -34.80 -16.07
C ALA I 95 10.24 -34.39 -17.05
N SER I 96 10.95 -35.39 -17.58
CA SER I 96 12.00 -35.18 -18.57
C SER I 96 12.49 -36.52 -19.13
N THR I 102 10.20 -32.54 -26.13
CA THR I 102 10.94 -32.68 -24.88
C THR I 102 10.59 -31.58 -23.88
N GLN I 103 9.87 -31.97 -22.83
CA GLN I 103 9.58 -31.06 -21.70
C GLN I 103 8.75 -31.75 -20.61
N TRP I 104 7.47 -31.97 -20.89
CA TRP I 104 6.52 -32.43 -19.88
C TRP I 104 5.91 -33.80 -20.22
N TYR I 105 5.31 -34.44 -19.23
CA TYR I 105 4.60 -35.69 -19.44
C TYR I 105 3.29 -35.43 -20.16
N GLU I 106 2.86 -36.37 -21.00
CA GLU I 106 1.63 -36.20 -21.77
C GLU I 106 0.42 -36.56 -20.94
N GLY I 107 0.65 -37.33 -19.88
CA GLY I 107 -0.41 -37.78 -19.00
C GLY I 107 0.13 -38.81 -18.03
N THR I 108 -0.76 -39.43 -17.26
CA THR I 108 -0.34 -40.40 -16.26
C THR I 108 0.28 -41.64 -16.89
N ALA I 109 -0.26 -42.06 -18.03
CA ALA I 109 0.25 -43.24 -18.74
C ALA I 109 1.58 -42.93 -19.41
N ASP I 110 1.80 -41.66 -19.74
CA ASP I 110 3.06 -41.24 -20.34
C ASP I 110 4.14 -41.11 -19.27
N ALA I 111 3.71 -40.80 -18.05
CA ALA I 111 4.62 -40.66 -16.91
C ALA I 111 5.36 -41.97 -16.63
N VAL I 112 4.72 -43.09 -16.98
CA VAL I 112 5.35 -44.40 -16.81
C VAL I 112 6.09 -44.80 -18.08
N TYR I 113 5.55 -44.41 -19.23
CA TYR I 113 6.13 -44.72 -20.53
C TYR I 113 7.53 -44.11 -20.69
N GLN I 114 7.67 -42.85 -20.29
CA GLN I 114 8.93 -42.13 -20.44
C GLN I 114 10.03 -42.66 -19.53
N ASN I 115 9.65 -43.49 -18.55
CA ASN I 115 10.62 -43.99 -17.58
C ASN I 115 10.72 -45.51 -17.57
N ILE I 116 10.45 -46.13 -18.72
CA ILE I 116 10.61 -47.57 -18.86
C ILE I 116 12.08 -47.95 -18.67
N ASP I 117 12.98 -47.02 -19.03
CA ASP I 117 14.41 -47.23 -18.86
C ASP I 117 14.83 -47.24 -17.39
N ILE I 118 13.94 -46.76 -16.53
CA ILE I 118 14.18 -46.77 -15.09
C ILE I 118 13.62 -48.04 -14.46
N ILE I 119 12.48 -48.48 -14.98
CA ILE I 119 11.76 -49.61 -14.40
C ILE I 119 12.36 -50.96 -14.80
N GLU I 120 12.66 -51.14 -16.08
CA GLU I 120 13.16 -52.41 -16.59
C GLU I 120 14.44 -52.94 -15.92
N PRO I 121 15.43 -52.07 -15.63
CA PRO I 121 16.62 -52.57 -14.93
C PRO I 121 16.29 -53.28 -13.61
N TYR I 122 15.29 -52.78 -12.90
CA TYR I 122 14.86 -53.40 -11.66
C TYR I 122 14.14 -54.72 -11.94
N ALA I 123 13.50 -54.78 -13.10
CA ALA I 123 12.69 -55.93 -13.51
C ALA I 123 11.75 -56.41 -12.40
N PRO I 124 10.87 -55.53 -11.90
CA PRO I 124 9.92 -56.02 -10.91
C PRO I 124 8.89 -56.92 -11.58
N GLU I 125 8.34 -57.88 -10.84
CA GLU I 125 7.32 -58.74 -11.41
C GLU I 125 5.99 -58.00 -11.52
N TYR I 126 5.74 -57.12 -10.55
CA TYR I 126 4.48 -56.40 -10.49
C TYR I 126 4.67 -54.89 -10.42
N MET I 127 3.70 -54.15 -10.97
CA MET I 127 3.67 -52.71 -10.86
C MET I 127 2.43 -52.27 -10.10
N VAL I 128 2.63 -51.52 -9.03
CA VAL I 128 1.51 -50.98 -8.26
C VAL I 128 1.42 -49.48 -8.49
N ILE I 129 0.50 -49.07 -9.36
CA ILE I 129 0.35 -47.66 -9.70
C ILE I 129 -0.54 -46.96 -8.69
N LEU I 130 -0.08 -45.82 -8.18
CA LEU I 130 -0.77 -45.13 -7.09
C LEU I 130 -0.98 -43.64 -7.38
N ALA I 131 -2.05 -43.08 -6.83
CA ALA I 131 -2.28 -41.64 -6.90
C ALA I 131 -1.64 -40.99 -5.69
N GLY I 132 -0.90 -39.91 -5.90
CA GLY I 132 -0.14 -39.33 -4.81
C GLY I 132 -0.80 -38.16 -4.11
N ASP I 133 -2.10 -37.98 -4.32
CA ASP I 133 -2.79 -36.82 -3.75
C ASP I 133 -4.01 -37.23 -2.94
N HIS I 134 -3.96 -38.43 -2.37
CA HIS I 134 -5.09 -38.97 -1.61
C HIS I 134 -4.65 -39.39 -0.22
N ILE I 135 -5.51 -39.13 0.77
CA ILE I 135 -5.22 -39.53 2.16
C ILE I 135 -5.94 -40.82 2.53
N TYR I 136 -5.20 -41.91 2.66
CA TYR I 136 -5.77 -43.21 2.99
C TYR I 136 -4.70 -44.16 3.48
N LYS I 137 -5.12 -45.28 4.07
CA LYS I 137 -4.21 -46.30 4.55
C LYS I 137 -4.61 -47.65 3.96
N MET I 138 -3.66 -48.33 3.32
CA MET I 138 -3.99 -49.52 2.54
C MET I 138 -2.84 -50.52 2.47
N ASP I 139 -3.15 -51.80 2.71
CA ASP I 139 -2.18 -52.88 2.61
C ASP I 139 -2.20 -53.46 1.19
N TYR I 140 -1.21 -53.09 0.38
CA TYR I 140 -1.20 -53.45 -1.04
C TYR I 140 -0.92 -54.92 -1.31
N GLU I 141 -0.60 -55.69 -0.27
CA GLU I 141 -0.33 -57.11 -0.43
C GLU I 141 -1.61 -57.86 -0.82
N TYR I 142 -2.75 -57.36 -0.34
CA TYR I 142 -4.04 -57.97 -0.66
C TYR I 142 -4.38 -57.80 -2.14
N MET I 143 -4.18 -56.59 -2.66
CA MET I 143 -4.40 -56.31 -4.07
C MET I 143 -3.51 -57.19 -4.96
N LEU I 144 -2.24 -57.29 -4.58
CA LEU I 144 -1.27 -58.09 -5.33
C LEU I 144 -1.69 -59.57 -5.37
N GLN I 145 -2.08 -60.09 -4.23
CA GLN I 145 -2.44 -61.49 -4.13
C GLN I 145 -3.77 -61.78 -4.82
N GLN I 146 -4.68 -60.81 -4.77
CA GLN I 146 -5.95 -60.94 -5.47
C GLN I 146 -5.72 -60.86 -6.98
N HIS I 147 -4.71 -60.09 -7.38
CA HIS I 147 -4.41 -59.89 -8.80
C HIS I 147 -3.90 -61.17 -9.45
N VAL I 148 -2.95 -61.84 -8.80
CA VAL I 148 -2.36 -63.05 -9.36
C VAL I 148 -3.31 -64.24 -9.27
N ASP I 149 -4.20 -64.22 -8.28
CA ASP I 149 -5.15 -65.31 -8.07
C ASP I 149 -6.26 -65.27 -9.11
N SER I 150 -6.72 -64.07 -9.44
CA SER I 150 -7.79 -63.90 -10.41
C SER I 150 -7.29 -64.09 -11.83
N GLY I 151 -6.00 -63.83 -12.03
CA GLY I 151 -5.40 -63.91 -13.36
C GLY I 151 -5.76 -62.73 -14.23
N ALA I 152 -6.13 -61.62 -13.59
CA ALA I 152 -6.60 -60.44 -14.31
C ALA I 152 -5.46 -59.69 -15.00
N ASP I 153 -5.81 -58.89 -16.00
CA ASP I 153 -4.85 -58.04 -16.69
C ASP I 153 -4.57 -56.78 -15.87
N VAL I 154 -5.62 -56.24 -15.26
CA VAL I 154 -5.45 -55.14 -14.33
C VAL I 154 -6.43 -55.27 -13.16
N THR I 155 -5.93 -55.06 -11.95
CA THR I 155 -6.76 -55.00 -10.76
C THR I 155 -6.85 -53.56 -10.31
N ILE I 156 -8.06 -53.09 -10.01
CA ILE I 156 -8.28 -51.70 -9.68
C ILE I 156 -8.93 -51.54 -8.32
N GLY I 157 -8.35 -50.69 -7.47
CA GLY I 157 -8.93 -50.39 -6.19
C GLY I 157 -10.17 -49.54 -6.35
N CYS I 158 -11.23 -49.89 -5.62
CA CYS I 158 -12.49 -49.15 -5.68
C CYS I 158 -13.11 -48.95 -4.31
N LEU I 159 -13.70 -47.78 -4.08
CA LEU I 159 -14.44 -47.49 -2.86
C LEU I 159 -15.90 -47.86 -3.04
N GLU I 160 -16.51 -48.42 -2.00
CA GLU I 160 -17.95 -48.63 -2.00
C GLU I 160 -18.62 -47.33 -1.58
N VAL I 161 -19.34 -46.74 -2.53
CA VAL I 161 -19.91 -45.41 -2.36
C VAL I 161 -21.38 -45.41 -2.79
N PRO I 162 -22.25 -44.72 -2.03
CA PRO I 162 -23.62 -44.48 -2.46
C PRO I 162 -23.67 -43.79 -3.83
N ARG I 163 -24.53 -44.28 -4.74
CA ARG I 163 -24.63 -43.81 -6.13
C ARG I 163 -24.69 -42.32 -6.29
N MET I 164 -25.35 -41.66 -5.34
CA MET I 164 -25.48 -40.22 -5.40
C MET I 164 -24.11 -39.55 -5.28
N GLU I 165 -23.24 -40.10 -4.44
CA GLU I 165 -21.92 -39.53 -4.22
C GLU I 165 -20.93 -39.97 -5.30
N ALA I 166 -21.25 -41.07 -5.97
CA ALA I 166 -20.36 -41.62 -6.99
C ALA I 166 -20.45 -40.86 -8.31
N THR I 167 -21.29 -39.83 -8.36
CA THR I 167 -21.51 -39.08 -9.57
C THR I 167 -20.31 -38.20 -9.92
N GLY I 168 -19.42 -38.01 -8.95
CA GLY I 168 -18.23 -37.20 -9.17
C GLY I 168 -16.99 -38.04 -9.40
N PHE I 169 -17.16 -39.36 -9.35
CA PHE I 169 -16.04 -40.28 -9.50
C PHE I 169 -16.06 -40.98 -10.85
N GLY I 170 -14.91 -41.54 -11.23
CA GLY I 170 -14.86 -42.49 -12.32
C GLY I 170 -15.41 -43.80 -11.80
N VAL I 171 -16.54 -44.23 -12.33
CA VAL I 171 -17.25 -45.35 -11.75
C VAL I 171 -17.06 -46.64 -12.57
N MET I 172 -16.84 -47.74 -11.85
CA MET I 172 -16.61 -49.04 -12.46
C MET I 172 -17.88 -49.90 -12.47
N HIS I 173 -18.36 -50.21 -13.66
CA HIS I 173 -19.52 -51.09 -13.83
C HIS I 173 -19.05 -52.54 -13.78
N VAL I 174 -19.53 -53.29 -12.79
CA VAL I 174 -19.09 -54.67 -12.61
C VAL I 174 -20.24 -55.67 -12.68
N ASN I 175 -19.90 -56.95 -12.78
CA ASN I 175 -20.88 -58.01 -12.69
C ASN I 175 -20.81 -58.69 -11.32
N GLU I 176 -21.41 -59.87 -11.20
CA GLU I 176 -21.47 -60.56 -9.91
C GLU I 176 -20.09 -61.02 -9.45
N LYS I 177 -19.15 -61.11 -10.39
CA LYS I 177 -17.81 -61.58 -10.08
C LYS I 177 -16.81 -60.43 -9.99
N ASP I 178 -17.34 -59.23 -9.76
CA ASP I 178 -16.54 -58.00 -9.66
C ASP I 178 -15.60 -57.78 -10.84
N GLU I 179 -15.93 -58.37 -11.98
CA GLU I 179 -15.23 -58.10 -13.22
C GLU I 179 -15.75 -56.78 -13.78
N ILE I 180 -14.85 -55.91 -14.23
CA ILE I 180 -15.27 -54.62 -14.75
C ILE I 180 -15.70 -54.71 -16.20
N ILE I 181 -16.99 -54.47 -16.44
CA ILE I 181 -17.55 -54.57 -17.78
C ILE I 181 -17.62 -53.20 -18.46
N ASP I 182 -17.56 -52.14 -17.67
CA ASP I 182 -17.62 -50.78 -18.20
C ASP I 182 -17.11 -49.75 -17.20
N PHE I 183 -16.50 -48.68 -17.72
CA PHE I 183 -16.04 -47.56 -16.90
C PHE I 183 -16.64 -46.26 -17.39
N ILE I 184 -17.25 -45.51 -16.48
CA ILE I 184 -17.86 -44.24 -16.86
C ILE I 184 -17.30 -43.08 -16.05
N GLU I 185 -16.82 -42.05 -16.75
CA GLU I 185 -16.28 -40.87 -16.09
C GLU I 185 -17.38 -39.94 -15.61
N LYS I 186 -17.53 -39.85 -14.29
CA LYS I 186 -18.57 -39.04 -13.65
C LYS I 186 -19.96 -39.29 -14.21
N PRO I 187 -20.51 -40.49 -13.98
CA PRO I 187 -21.86 -40.76 -14.49
C PRO I 187 -22.91 -39.97 -13.74
N ALA I 188 -23.84 -39.35 -14.47
CA ALA I 188 -24.97 -38.68 -13.84
C ALA I 188 -25.81 -39.70 -13.08
N ASP I 189 -25.93 -40.89 -13.65
CA ASP I 189 -26.61 -42.01 -13.01
C ASP I 189 -25.68 -43.21 -12.95
N PRO I 190 -24.88 -43.30 -11.86
CA PRO I 190 -23.89 -44.37 -11.70
C PRO I 190 -24.50 -45.77 -11.64
N PRO I 191 -23.91 -46.72 -12.39
CA PRO I 191 -24.30 -48.12 -12.33
C PRO I 191 -24.02 -48.71 -10.96
N GLY I 192 -25.05 -49.25 -10.32
CA GLY I 192 -24.89 -49.83 -9.00
C GLY I 192 -24.26 -51.21 -9.03
N ILE I 193 -23.97 -51.74 -7.85
CA ILE I 193 -23.41 -53.07 -7.72
C ILE I 193 -24.51 -54.11 -7.90
N PRO I 194 -24.26 -55.14 -8.73
CA PRO I 194 -25.21 -56.23 -8.92
C PRO I 194 -25.61 -56.90 -7.61
N GLY I 195 -26.91 -56.87 -7.29
CA GLY I 195 -27.40 -57.44 -6.06
C GLY I 195 -27.26 -56.46 -4.90
N ASN I 196 -26.82 -55.25 -5.23
CA ASN I 196 -26.66 -54.20 -4.24
C ASN I 196 -26.70 -52.82 -4.89
N GLU I 197 -27.81 -52.53 -5.57
CA GLU I 197 -28.03 -51.19 -6.10
C GLU I 197 -28.01 -50.23 -4.91
N GLY I 198 -27.81 -48.95 -5.18
CA GLY I 198 -27.66 -47.98 -4.11
C GLY I 198 -26.23 -47.88 -3.62
N PHE I 199 -25.38 -48.80 -4.06
CA PHE I 199 -23.94 -48.67 -3.84
C PHE I 199 -23.17 -48.91 -5.15
N ALA I 200 -22.28 -47.97 -5.46
CA ALA I 200 -21.49 -48.00 -6.69
C ALA I 200 -19.99 -48.13 -6.38
N LEU I 201 -19.21 -48.53 -7.38
CA LEU I 201 -17.76 -48.69 -7.20
C LEU I 201 -16.98 -47.53 -7.83
N ALA I 202 -16.46 -46.66 -6.98
CA ALA I 202 -15.70 -45.49 -7.41
C ALA I 202 -14.21 -45.80 -7.46
N SER I 203 -13.58 -45.52 -8.60
CA SER I 203 -12.16 -45.75 -8.75
C SER I 203 -11.33 -44.84 -7.83
N MET I 204 -10.38 -45.43 -7.10
CA MET I 204 -9.52 -44.64 -6.24
C MET I 204 -8.13 -44.48 -6.85
N GLY I 205 -8.03 -44.70 -8.16
CA GLY I 205 -6.81 -44.44 -8.90
C GLY I 205 -5.66 -45.36 -8.56
N ILE I 206 -5.99 -46.57 -8.15
CA ILE I 206 -4.98 -47.55 -7.78
C ILE I 206 -5.04 -48.77 -8.70
N TYR I 207 -3.95 -49.01 -9.44
CA TYR I 207 -3.92 -50.10 -10.40
C TYR I 207 -2.75 -51.06 -10.16
N VAL I 208 -3.02 -52.35 -10.24
CA VAL I 208 -1.97 -53.36 -10.14
C VAL I 208 -1.85 -54.13 -11.47
N PHE I 209 -0.64 -54.15 -12.02
CA PHE I 209 -0.37 -54.86 -13.27
C PHE I 209 0.69 -55.93 -13.09
N HIS I 210 0.83 -56.77 -14.11
CA HIS I 210 2.07 -57.48 -14.32
C HIS I 210 2.95 -56.55 -15.14
N THR I 211 4.20 -56.40 -14.74
CA THR I 211 5.07 -55.39 -15.32
C THR I 211 5.21 -55.54 -16.83
N LYS I 212 5.28 -56.77 -17.31
CA LYS I 212 5.43 -57.02 -18.74
C LYS I 212 4.20 -56.56 -19.52
N PHE I 213 3.03 -56.85 -18.98
CA PHE I 213 1.78 -56.41 -19.59
C PHE I 213 1.71 -54.90 -19.65
N LEU I 214 2.11 -54.24 -18.57
CA LEU I 214 2.04 -52.79 -18.47
C LEU I 214 2.97 -52.11 -19.47
N MET I 215 4.21 -52.58 -19.55
CA MET I 215 5.20 -51.97 -20.45
C MET I 215 4.77 -52.03 -21.90
N GLU I 216 3.99 -53.05 -22.26
CA GLU I 216 3.52 -53.20 -23.63
C GLU I 216 2.16 -52.53 -23.82
N ALA I 217 1.39 -52.42 -22.74
CA ALA I 217 0.12 -51.73 -22.77
C ALA I 217 0.35 -50.23 -22.89
N LEU I 218 1.48 -49.76 -22.39
CA LEU I 218 1.80 -48.35 -22.41
C LEU I 218 2.49 -47.95 -23.71
N ARG I 219 3.23 -48.87 -24.29
CA ARG I 219 3.88 -48.64 -25.57
C ARG I 219 2.83 -48.59 -26.68
N ARG I 220 1.78 -49.39 -26.54
CA ARG I 220 0.66 -49.34 -27.47
C ARG I 220 -0.04 -47.99 -27.38
N ASP I 221 -0.19 -47.51 -26.15
CA ASP I 221 -0.87 -46.25 -25.88
C ASP I 221 -0.08 -45.07 -26.43
N ALA I 222 1.24 -45.15 -26.37
CA ALA I 222 2.10 -44.08 -26.86
C ALA I 222 2.04 -43.95 -28.38
N ALA I 223 1.50 -44.98 -29.03
CA ALA I 223 1.41 -44.99 -30.49
C ALA I 223 -0.04 -44.79 -30.95
N ASP I 224 -0.92 -44.49 -30.01
CA ASP I 224 -2.33 -44.22 -30.33
C ASP I 224 -2.62 -42.73 -30.27
N PRO I 225 -2.87 -42.11 -31.43
CA PRO I 225 -3.13 -40.67 -31.55
C PRO I 225 -4.42 -40.24 -30.86
N THR I 226 -5.37 -41.16 -30.73
CA THR I 226 -6.66 -40.85 -30.11
C THR I 226 -6.58 -40.86 -28.59
N SER I 227 -5.41 -41.18 -28.06
CA SER I 227 -5.24 -41.35 -26.63
C SER I 227 -4.87 -40.05 -25.92
N SER I 228 -5.49 -39.81 -24.77
CA SER I 228 -5.15 -38.67 -23.92
C SER I 228 -3.99 -39.04 -23.00
N ARG I 229 -3.48 -40.25 -23.17
CA ARG I 229 -2.30 -40.74 -22.46
C ARG I 229 -2.51 -40.81 -20.95
N ASP I 230 -3.69 -41.30 -20.54
CA ASP I 230 -3.99 -41.42 -19.12
C ASP I 230 -4.41 -42.85 -18.77
N PHE I 231 -3.99 -43.32 -17.61
CA PHE I 231 -4.44 -44.61 -17.11
C PHE I 231 -5.96 -44.64 -17.03
N GLY I 232 -6.53 -43.56 -16.54
CA GLY I 232 -7.96 -43.48 -16.32
C GLY I 232 -8.80 -43.43 -17.58
N LYS I 233 -8.50 -42.47 -18.46
CA LYS I 233 -9.31 -42.27 -19.65
C LYS I 233 -9.00 -43.28 -20.74
N ASP I 234 -7.76 -43.75 -20.80
CA ASP I 234 -7.28 -44.51 -21.95
C ASP I 234 -6.85 -45.94 -21.65
N ILE I 235 -5.94 -46.11 -20.71
CA ILE I 235 -5.39 -47.43 -20.42
C ILE I 235 -6.44 -48.40 -19.88
N ILE I 236 -7.08 -48.01 -18.78
CA ILE I 236 -8.07 -48.86 -18.13
C ILE I 236 -9.27 -49.22 -19.01
N PRO I 237 -9.89 -48.24 -19.70
CA PRO I 237 -11.05 -48.62 -20.51
C PRO I 237 -10.71 -49.59 -21.65
N TYR I 238 -9.47 -49.56 -22.12
CA TYR I 238 -9.07 -50.45 -23.20
C TYR I 238 -9.01 -51.90 -22.70
N ILE I 239 -8.54 -52.08 -21.47
CA ILE I 239 -8.48 -53.40 -20.85
C ILE I 239 -9.87 -53.89 -20.47
N VAL I 240 -10.70 -52.95 -20.03
CA VAL I 240 -12.09 -53.23 -19.66
C VAL I 240 -12.81 -54.01 -20.77
N GLU I 241 -12.47 -53.70 -22.02
CA GLU I 241 -13.15 -54.31 -23.15
C GLU I 241 -12.37 -55.46 -23.78
N HIS I 242 -11.06 -55.30 -23.96
CA HIS I 242 -10.27 -56.33 -24.66
C HIS I 242 -9.76 -57.42 -23.72
N GLY I 243 -9.56 -57.09 -22.45
CA GLY I 243 -8.99 -58.03 -21.51
C GLY I 243 -9.82 -58.25 -20.26
N LYS I 244 -9.15 -58.64 -19.19
CA LYS I 244 -9.83 -58.87 -17.91
C LYS I 244 -9.48 -57.79 -16.91
N ALA I 245 -10.48 -56.99 -16.54
CA ALA I 245 -10.34 -56.00 -15.49
C ALA I 245 -11.22 -56.37 -14.31
N VAL I 246 -10.64 -56.44 -13.12
CA VAL I 246 -11.39 -56.85 -11.94
C VAL I 246 -11.27 -55.78 -10.85
N ALA I 247 -12.29 -55.67 -10.02
CA ALA I 247 -12.32 -54.64 -8.98
C ALA I 247 -11.86 -55.16 -7.62
N HIS I 248 -11.08 -54.34 -6.92
CA HIS I 248 -10.67 -54.65 -5.56
C HIS I 248 -11.38 -53.72 -4.58
N ARG I 249 -12.10 -54.29 -3.63
CA ARG I 249 -12.82 -53.49 -2.64
C ARG I 249 -11.86 -52.91 -1.62
N PHE I 250 -11.91 -51.59 -1.44
CA PHE I 250 -11.04 -50.88 -0.51
C PHE I 250 -11.22 -51.40 0.92
N ALA I 251 -12.44 -51.78 1.26
CA ALA I 251 -12.75 -52.26 2.61
C ALA I 251 -12.05 -53.58 2.93
N ASP I 252 -11.59 -54.28 1.90
CA ASP I 252 -10.93 -55.58 2.09
C ASP I 252 -9.48 -55.44 2.54
N SER I 253 -8.82 -54.35 2.14
CA SER I 253 -7.41 -54.18 2.45
C SER I 253 -7.10 -52.83 3.11
N CYS I 254 -8.14 -52.08 3.44
CA CYS I 254 -7.97 -50.83 4.18
C CYS I 254 -7.41 -51.13 5.57
N VAL I 255 -6.36 -50.41 5.95
CA VAL I 255 -5.74 -50.60 7.24
C VAL I 255 -6.46 -49.75 8.29
N ARG I 256 -7.21 -50.42 9.16
CA ARG I 256 -8.05 -49.72 10.13
C ARG I 256 -7.58 -49.92 11.57
N SER I 257 -7.35 -48.80 12.25
CA SER I 257 -6.95 -48.85 13.65
C SER I 257 -8.15 -49.22 14.53
N ASP I 258 -7.88 -49.51 15.79
CA ASP I 258 -8.92 -49.99 16.70
C ASP I 258 -10.04 -48.98 16.96
N PHE I 259 -9.73 -47.69 16.96
CA PHE I 259 -10.78 -46.68 17.07
C PHE I 259 -10.86 -45.85 15.78
N GLU I 260 -10.84 -46.56 14.65
CA GLU I 260 -11.31 -45.98 13.40
C GLU I 260 -12.64 -46.67 13.06
N HIS I 261 -13.65 -45.85 12.76
CA HIS I 261 -15.05 -46.28 12.76
C HIS I 261 -15.54 -46.73 11.36
N GLU I 262 -14.71 -46.51 10.34
CA GLU I 262 -15.01 -46.94 8.98
C GLU I 262 -13.74 -46.78 8.16
N PRO I 263 -13.70 -47.41 6.97
CA PRO I 263 -12.56 -47.19 6.06
C PRO I 263 -12.39 -45.72 5.67
N TYR I 264 -11.21 -45.17 5.95
CA TYR I 264 -10.94 -43.76 5.72
C TYR I 264 -10.26 -43.51 4.38
N TRP I 265 -10.85 -42.63 3.59
CA TRP I 265 -10.25 -42.20 2.33
C TRP I 265 -10.74 -40.79 2.00
N ARG I 266 -9.80 -39.88 1.78
CA ARG I 266 -10.15 -38.50 1.47
C ARG I 266 -9.41 -38.00 0.23
N ASP I 267 -10.16 -37.35 -0.66
CA ASP I 267 -9.60 -36.78 -1.87
C ASP I 267 -9.13 -35.35 -1.62
N VAL I 268 -9.67 -34.72 -0.58
CA VAL I 268 -9.49 -33.29 -0.25
C VAL I 268 -9.30 -32.42 -1.49
N GLY I 269 -10.19 -32.56 -2.46
CA GLY I 269 -10.07 -31.87 -3.73
C GLY I 269 -10.37 -30.39 -3.69
N THR I 270 -11.10 -29.93 -2.68
CA THR I 270 -11.47 -28.53 -2.58
C THR I 270 -11.07 -27.95 -1.22
N ILE I 271 -11.06 -26.61 -1.13
CA ILE I 271 -10.70 -25.93 0.12
C ILE I 271 -11.62 -26.34 1.26
N ASP I 272 -12.87 -26.62 0.92
CA ASP I 272 -13.84 -27.09 1.90
C ASP I 272 -13.44 -28.45 2.46
N ALA I 273 -13.14 -29.40 1.57
CA ALA I 273 -12.78 -30.75 1.96
C ALA I 273 -11.44 -30.79 2.68
N TYR I 274 -10.53 -29.92 2.27
CA TYR I 274 -9.20 -29.85 2.87
C TYR I 274 -9.29 -29.34 4.30
N TRP I 275 -10.02 -28.25 4.50
CA TRP I 275 -10.21 -27.68 5.82
C TRP I 275 -10.93 -28.67 6.73
N GLN I 276 -11.95 -29.33 6.21
CA GLN I 276 -12.76 -30.26 6.98
C GLN I 276 -11.99 -31.50 7.40
N ALA I 277 -11.16 -32.02 6.51
CA ALA I 277 -10.36 -33.21 6.81
C ALA I 277 -9.36 -32.94 7.94
N ASN I 278 -8.74 -31.77 7.90
CA ASN I 278 -7.80 -31.37 8.94
C ASN I 278 -8.48 -31.06 10.27
N ILE I 279 -9.63 -30.39 10.21
CA ILE I 279 -10.31 -29.96 11.42
C ILE I 279 -10.99 -31.15 12.12
N ASP I 280 -11.26 -32.22 11.36
CA ASP I 280 -11.84 -33.43 11.93
C ASP I 280 -10.87 -34.12 12.88
N LEU I 281 -9.58 -33.85 12.72
CA LEU I 281 -8.56 -34.44 13.56
C LEU I 281 -8.59 -33.88 14.98
N THR I 282 -9.34 -32.81 15.17
CA THR I 282 -9.47 -32.19 16.50
C THR I 282 -10.64 -32.77 17.29
N ASP I 283 -11.39 -33.68 16.66
CA ASP I 283 -12.49 -34.36 17.34
C ASP I 283 -12.02 -35.18 18.52
N VAL I 284 -12.94 -35.51 19.43
CA VAL I 284 -12.63 -36.37 20.56
C VAL I 284 -12.21 -37.73 20.05
N VAL I 285 -12.99 -38.28 19.12
CA VAL I 285 -12.62 -39.50 18.42
C VAL I 285 -12.73 -39.25 16.90
N PRO I 286 -11.60 -38.86 16.28
CA PRO I 286 -11.59 -38.50 14.86
C PRO I 286 -11.71 -39.71 13.94
N ASP I 287 -12.13 -39.47 12.71
CA ASP I 287 -12.26 -40.53 11.70
C ASP I 287 -10.90 -41.14 11.39
N LEU I 288 -9.87 -40.30 11.35
CA LEU I 288 -8.52 -40.76 11.09
C LEU I 288 -7.68 -40.81 12.36
N ASP I 289 -7.06 -41.96 12.61
CA ASP I 289 -6.22 -42.15 13.78
C ASP I 289 -4.76 -41.87 13.45
N ILE I 290 -4.24 -40.74 13.91
CA ILE I 290 -2.85 -40.37 13.66
C ILE I 290 -1.97 -40.81 14.83
N TYR I 291 -2.56 -41.51 15.79
CA TYR I 291 -1.81 -42.03 16.93
C TYR I 291 -1.65 -43.55 16.83
N ASP I 292 -1.97 -44.08 15.66
CA ASP I 292 -1.79 -45.50 15.37
C ASP I 292 -0.33 -45.78 15.07
N LYS I 293 0.20 -46.87 15.64
CA LYS I 293 1.59 -47.23 15.44
C LYS I 293 1.77 -48.50 14.62
N SER I 294 0.65 -49.18 14.35
CA SER I 294 0.68 -50.41 13.56
C SER I 294 0.88 -50.11 12.07
N TRP I 295 0.48 -48.92 11.65
CA TRP I 295 0.61 -48.51 10.26
C TRP I 295 1.06 -47.04 10.19
N PRO I 296 2.33 -46.79 10.56
CA PRO I 296 2.83 -45.43 10.75
C PRO I 296 3.06 -44.66 9.44
N ILE I 297 2.86 -43.35 9.50
CA ILE I 297 3.08 -42.47 8.37
C ILE I 297 4.41 -41.75 8.51
N TRP I 298 5.37 -42.09 7.66
CA TRP I 298 6.68 -41.45 7.69
C TRP I 298 6.64 -40.14 6.92
N THR I 299 7.43 -39.17 7.37
CA THR I 299 7.50 -37.88 6.68
C THR I 299 8.85 -37.23 6.94
N TYR I 300 9.04 -36.03 6.42
CA TYR I 300 10.21 -35.25 6.78
C TYR I 300 9.95 -34.47 8.06
N ALA I 301 10.82 -34.67 9.05
CA ALA I 301 10.68 -33.97 10.32
C ALA I 301 12.03 -33.59 10.88
N GLU I 302 12.11 -32.39 11.43
CA GLU I 302 13.31 -31.94 12.13
C GLU I 302 13.07 -32.01 13.63
N ILE I 303 14.15 -32.09 14.39
CA ILE I 303 14.06 -31.94 15.83
C ILE I 303 13.63 -30.51 16.12
N THR I 304 12.55 -30.37 16.88
CA THR I 304 12.02 -29.05 17.23
C THR I 304 11.82 -28.96 18.73
N PRO I 305 11.85 -27.73 19.28
CA PRO I 305 11.47 -27.54 20.68
C PRO I 305 9.99 -27.85 20.88
N PRO I 306 9.55 -28.05 22.13
CA PRO I 306 8.14 -28.38 22.37
C PRO I 306 7.19 -27.23 22.06
N ALA I 307 5.89 -27.47 22.18
CA ALA I 307 4.90 -26.40 22.12
C ALA I 307 4.89 -25.67 23.46
N LYS I 308 4.72 -24.35 23.41
CA LYS I 308 4.77 -23.55 24.63
C LYS I 308 3.53 -22.68 24.78
N PHE I 309 3.01 -22.60 26.00
CA PHE I 309 1.85 -21.78 26.31
C PHE I 309 2.19 -20.84 27.45
N VAL I 310 2.01 -19.54 27.24
CA VAL I 310 2.30 -18.57 28.30
C VAL I 310 1.20 -17.53 28.48
N HIS I 311 1.31 -16.80 29.58
CA HIS I 311 0.37 -15.74 29.99
C HIS I 311 -0.97 -16.28 30.46
N ASP I 312 -1.38 -15.80 31.63
CA ASP I 312 -2.59 -16.29 32.30
C ASP I 312 -3.17 -15.22 33.24
N ASP I 313 -3.63 -14.11 32.65
CA ASP I 313 -4.21 -13.03 33.45
C ASP I 313 -5.66 -12.79 33.06
N GLU I 314 -6.23 -11.70 33.56
CA GLU I 314 -7.64 -11.39 33.35
C GLU I 314 -7.94 -11.03 31.89
N ASP I 315 -6.91 -10.69 31.14
CA ASP I 315 -7.09 -10.18 29.78
C ASP I 315 -6.60 -11.14 28.70
N ARG I 316 -5.67 -12.02 29.05
CA ARG I 316 -5.09 -12.92 28.06
C ARG I 316 -4.65 -14.25 28.67
N ARG I 317 -4.89 -15.33 27.92
CA ARG I 317 -4.46 -16.65 28.35
C ARG I 317 -4.01 -17.47 27.15
N GLY I 318 -2.76 -17.91 27.18
CA GLY I 318 -2.24 -18.79 26.16
C GLY I 318 -2.67 -20.21 26.42
N SER I 319 -3.56 -20.73 25.59
CA SER I 319 -4.11 -22.07 25.78
C SER I 319 -4.75 -22.60 24.51
N ALA I 320 -4.82 -23.92 24.41
CA ALA I 320 -5.48 -24.57 23.28
C ALA I 320 -6.59 -25.49 23.77
N VAL I 321 -7.74 -25.42 23.13
CA VAL I 321 -8.89 -26.21 23.52
C VAL I 321 -9.49 -26.87 22.28
N SER I 322 -9.78 -28.16 22.37
CA SER I 322 -10.28 -28.93 21.23
C SER I 322 -9.37 -28.72 20.02
N SER I 323 -8.06 -28.70 20.28
CA SER I 323 -7.09 -28.36 19.25
C SER I 323 -5.91 -29.31 19.22
N VAL I 324 -5.17 -29.25 18.12
CA VAL I 324 -3.96 -30.03 17.93
C VAL I 324 -2.80 -29.08 17.66
N VAL I 325 -1.72 -29.19 18.43
CA VAL I 325 -0.60 -28.25 18.35
C VAL I 325 0.74 -28.98 18.15
N SER I 326 1.51 -28.55 17.17
CA SER I 326 2.80 -29.18 16.85
C SER I 326 3.96 -28.54 17.60
N GLY I 327 5.18 -29.04 17.34
CA GLY I 327 6.36 -28.53 17.99
C GLY I 327 6.77 -27.17 17.48
N ASP I 328 7.62 -26.48 18.24
CA ASP I 328 8.12 -25.15 17.91
C ASP I 328 6.99 -24.12 17.80
N CYS I 329 5.85 -24.44 18.39
CA CYS I 329 4.75 -23.49 18.47
C CYS I 329 4.79 -22.75 19.80
N ILE I 330 4.70 -21.43 19.74
CA ILE I 330 4.62 -20.62 20.96
C ILE I 330 3.29 -19.88 20.99
N ILE I 331 2.40 -20.34 21.87
CA ILE I 331 1.08 -19.76 22.02
C ILE I 331 1.10 -18.77 23.18
N SER I 332 1.34 -17.50 22.84
CA SER I 332 1.56 -16.47 23.84
C SER I 332 0.33 -15.58 24.00
N GLY I 333 -0.40 -15.75 25.09
CA GLY I 333 -1.58 -14.95 25.35
C GLY I 333 -2.66 -15.12 24.29
N ALA I 334 -2.53 -16.17 23.49
CA ALA I 334 -3.49 -16.45 22.43
C ALA I 334 -4.42 -17.58 22.83
N ALA I 335 -5.67 -17.50 22.39
CA ALA I 335 -6.64 -18.53 22.69
C ALA I 335 -7.02 -19.30 21.44
N LEU I 336 -6.76 -20.60 21.44
CA LEU I 336 -7.05 -21.47 20.31
C LEU I 336 -8.23 -22.37 20.62
N ASN I 337 -9.14 -22.50 19.67
CA ASN I 337 -10.27 -23.42 19.80
C ASN I 337 -10.58 -24.10 18.48
N ARG I 338 -10.71 -25.42 18.51
CA ARG I 338 -10.98 -26.22 17.33
C ARG I 338 -10.02 -25.88 16.18
N SER I 339 -8.74 -25.79 16.51
CA SER I 339 -7.72 -25.42 15.54
C SER I 339 -6.65 -26.50 15.39
N LEU I 340 -6.07 -26.57 14.20
CA LEU I 340 -4.95 -27.46 13.92
C LEU I 340 -3.72 -26.64 13.55
N LEU I 341 -2.68 -26.71 14.36
CA LEU I 341 -1.47 -25.93 14.13
C LEU I 341 -0.29 -26.80 13.71
N PHE I 342 0.31 -26.46 12.58
CA PHE I 342 1.51 -27.14 12.11
C PHE I 342 2.74 -26.56 12.81
N THR I 343 3.91 -27.10 12.48
CA THR I 343 5.15 -26.73 13.14
C THR I 343 5.49 -25.24 13.03
N GLY I 344 5.97 -24.66 14.12
CA GLY I 344 6.54 -23.33 14.10
C GLY I 344 5.58 -22.16 14.03
N VAL I 345 4.37 -22.35 14.51
CA VAL I 345 3.39 -21.26 14.56
C VAL I 345 3.62 -20.39 15.77
N ARG I 346 3.57 -19.07 15.58
CA ARG I 346 3.69 -18.12 16.67
C ARG I 346 2.44 -17.25 16.76
N ALA I 347 1.64 -17.48 17.79
CA ALA I 347 0.43 -16.68 18.02
C ALA I 347 0.65 -15.77 19.22
N ASN I 348 0.28 -14.50 19.09
CA ASN I 348 0.60 -13.52 20.11
C ASN I 348 -0.61 -13.04 20.90
N SER I 349 -0.35 -12.23 21.93
CA SER I 349 -1.34 -11.86 22.93
C SER I 349 -2.63 -11.25 22.38
N TYR I 350 -3.75 -11.68 22.97
CA TYR I 350 -5.10 -11.18 22.66
C TYR I 350 -5.60 -11.63 21.29
N SER I 351 -4.83 -12.46 20.61
CA SER I 351 -5.29 -13.02 19.35
C SER I 351 -6.16 -14.25 19.61
N ARG I 352 -7.09 -14.51 18.69
CA ARG I 352 -8.05 -15.59 18.86
C ARG I 352 -8.19 -16.42 17.58
N LEU I 353 -7.94 -17.72 17.67
CA LEU I 353 -8.14 -18.63 16.55
C LEU I 353 -9.26 -19.62 16.83
N GLU I 354 -10.22 -19.70 15.91
CA GLU I 354 -11.31 -20.65 16.02
C GLU I 354 -11.57 -21.33 14.68
N ASN I 355 -11.72 -22.64 14.68
CA ASN I 355 -11.90 -23.43 13.46
C ASN I 355 -10.82 -23.13 12.42
N ALA I 356 -9.57 -23.07 12.86
CA ALA I 356 -8.47 -22.64 11.99
C ALA I 356 -7.47 -23.75 11.68
N VAL I 357 -7.21 -23.96 10.39
CA VAL I 357 -6.11 -24.81 9.98
C VAL I 357 -4.90 -23.92 9.66
N VAL I 358 -3.86 -24.05 10.48
CA VAL I 358 -2.72 -23.15 10.43
C VAL I 358 -1.45 -23.86 9.97
N LEU I 359 -1.09 -23.67 8.70
CA LEU I 359 0.07 -24.31 8.08
C LEU I 359 1.38 -23.82 8.72
N PRO I 360 2.53 -24.48 8.44
CA PRO I 360 3.73 -24.16 9.22
C PRO I 360 4.23 -22.73 9.14
N SER I 361 4.90 -22.29 10.21
CA SER I 361 5.62 -21.01 10.27
C SER I 361 4.72 -19.79 10.10
N VAL I 362 3.43 -19.92 10.42
CA VAL I 362 2.53 -18.79 10.40
C VAL I 362 2.68 -17.96 11.67
N LYS I 363 2.66 -16.64 11.53
CA LYS I 363 2.71 -15.75 12.68
C LYS I 363 1.39 -15.01 12.84
N ILE I 364 0.77 -15.12 14.01
CA ILE I 364 -0.49 -14.43 14.28
C ILE I 364 -0.25 -13.21 15.17
N GLY I 365 -0.48 -12.03 14.62
CA GLY I 365 -0.24 -10.79 15.35
C GLY I 365 -1.26 -10.56 16.45
N ARG I 366 -0.90 -9.71 17.41
CA ARG I 366 -1.78 -9.38 18.52
C ARG I 366 -3.17 -8.93 18.08
N HIS I 367 -4.18 -9.26 18.89
CA HIS I 367 -5.54 -8.81 18.71
C HIS I 367 -6.22 -9.29 17.42
N ALA I 368 -5.55 -10.17 16.68
CA ALA I 368 -6.16 -10.72 15.46
C ALA I 368 -7.16 -11.80 15.83
N GLN I 369 -8.30 -11.81 15.16
CA GLN I 369 -9.33 -12.80 15.45
C GLN I 369 -9.79 -13.50 14.17
N LEU I 370 -9.25 -14.69 13.95
CA LEU I 370 -9.52 -15.44 12.72
C LEU I 370 -10.40 -16.65 13.00
N SER I 371 -11.47 -16.78 12.23
CA SER I 371 -12.43 -17.88 12.42
C SER I 371 -12.77 -18.56 11.10
N ASN I 372 -12.75 -19.89 11.13
CA ASN I 372 -13.02 -20.72 9.95
C ASN I 372 -12.09 -20.38 8.79
N VAL I 373 -10.81 -20.63 8.98
CA VAL I 373 -9.81 -20.26 7.98
C VAL I 373 -8.79 -21.34 7.70
N VAL I 374 -8.17 -21.25 6.53
CA VAL I 374 -6.97 -22.00 6.21
C VAL I 374 -5.88 -20.99 5.92
N ILE I 375 -4.86 -20.95 6.78
CA ILE I 375 -3.76 -20.00 6.62
C ILE I 375 -2.57 -20.69 5.94
N ASP I 376 -2.13 -20.11 4.82
CA ASP I 376 -1.06 -20.70 4.03
C ASP I 376 0.27 -20.67 4.78
N HIS I 377 1.22 -21.47 4.33
CA HIS I 377 2.55 -21.57 4.95
C HIS I 377 3.26 -20.22 5.03
N GLY I 378 3.75 -19.89 6.22
CA GLY I 378 4.62 -18.73 6.40
C GLY I 378 3.90 -17.39 6.45
N VAL I 379 2.59 -17.40 6.23
CA VAL I 379 1.80 -16.17 6.22
C VAL I 379 1.90 -15.41 7.53
N VAL I 380 2.19 -14.12 7.44
CA VAL I 380 2.20 -13.26 8.61
C VAL I 380 0.90 -12.49 8.72
N ILE I 381 0.05 -12.89 9.65
CA ILE I 381 -1.22 -12.21 9.88
C ILE I 381 -1.00 -10.92 10.67
N PRO I 382 -1.33 -9.77 10.06
CA PRO I 382 -1.11 -8.46 10.70
C PRO I 382 -1.93 -8.30 11.97
N GLU I 383 -1.40 -7.54 12.92
CA GLU I 383 -2.09 -7.26 14.18
C GLU I 383 -3.46 -6.65 13.97
N GLY I 384 -4.48 -7.23 14.61
CA GLY I 384 -5.82 -6.68 14.58
C GLY I 384 -6.73 -7.21 13.49
N LEU I 385 -6.18 -8.00 12.57
CA LEU I 385 -6.97 -8.53 11.45
C LEU I 385 -8.13 -9.40 11.95
N ILE I 386 -9.31 -9.16 11.38
CA ILE I 386 -10.49 -9.95 11.72
C ILE I 386 -10.99 -10.72 10.50
N VAL I 387 -11.17 -12.02 10.66
CA VAL I 387 -11.71 -12.86 9.59
C VAL I 387 -12.85 -13.72 10.11
N GLY I 388 -13.95 -13.77 9.38
CA GLY I 388 -15.07 -14.62 9.72
C GLY I 388 -16.26 -13.91 10.35
N GLU I 389 -16.16 -12.60 10.52
CA GLU I 389 -17.23 -11.83 11.14
C GLU I 389 -18.14 -11.16 10.10
N ASP I 390 -17.55 -10.67 9.02
CA ASP I 390 -18.30 -10.07 7.93
C ASP I 390 -17.95 -10.74 6.61
N PRO I 391 -18.84 -11.61 6.12
CA PRO I 391 -18.62 -12.41 4.91
C PRO I 391 -18.31 -11.57 3.67
N GLU I 392 -19.02 -10.45 3.47
CA GLU I 392 -18.77 -9.60 2.31
C GLU I 392 -17.33 -9.07 2.30
N LEU I 393 -16.87 -8.59 3.45
CA LEU I 393 -15.52 -8.06 3.56
C LEU I 393 -14.47 -9.14 3.37
N ASP I 394 -14.70 -10.29 4.01
CA ASP I 394 -13.77 -11.42 3.90
C ASP I 394 -13.66 -11.92 2.46
N ALA I 395 -14.78 -11.90 1.74
CA ALA I 395 -14.82 -12.38 0.37
C ALA I 395 -14.01 -11.48 -0.56
N LYS I 396 -14.05 -10.18 -0.32
CA LYS I 396 -13.32 -9.22 -1.13
C LYS I 396 -11.82 -9.30 -0.86
N ARG I 397 -11.48 -9.72 0.36
CA ARG I 397 -10.08 -9.76 0.78
C ARG I 397 -9.41 -11.08 0.42
N PHE I 398 -10.08 -12.18 0.71
CA PHE I 398 -9.46 -13.50 0.56
C PHE I 398 -10.29 -14.45 -0.28
N ARG I 399 -9.71 -15.59 -0.59
CA ARG I 399 -10.45 -16.68 -1.21
C ARG I 399 -11.44 -17.23 -0.20
N ARG I 400 -12.73 -16.93 -0.39
CA ARG I 400 -13.74 -17.38 0.55
C ARG I 400 -14.69 -18.38 -0.09
N THR I 401 -14.90 -19.49 0.59
CA THR I 401 -15.83 -20.50 0.11
C THR I 401 -17.26 -20.14 0.53
N GLU I 402 -18.24 -20.72 -0.17
CA GLU I 402 -19.64 -20.44 0.11
C GLU I 402 -20.06 -21.06 1.45
N SER I 403 -19.26 -22.01 1.93
CA SER I 403 -19.48 -22.59 3.24
C SER I 403 -18.94 -21.66 4.33
N GLY I 404 -18.14 -20.68 3.91
CA GLY I 404 -17.68 -19.66 4.82
C GLY I 404 -16.24 -19.82 5.29
N ILE I 405 -15.47 -20.60 4.54
CA ILE I 405 -14.06 -20.79 4.88
C ILE I 405 -13.17 -19.91 4.01
N CYS I 406 -12.28 -19.17 4.66
CA CYS I 406 -11.35 -18.31 3.94
C CYS I 406 -9.96 -18.91 3.83
N LEU I 407 -9.47 -19.03 2.61
CA LEU I 407 -8.07 -19.36 2.40
C LEU I 407 -7.26 -18.07 2.39
N ILE I 408 -6.25 -18.00 3.25
CA ILE I 408 -5.45 -16.79 3.39
C ILE I 408 -4.00 -17.00 3.00
N THR I 409 -3.57 -16.28 1.96
CA THR I 409 -2.18 -16.35 1.51
C THR I 409 -1.48 -15.03 1.81
N GLN I 410 -0.16 -15.01 1.65
CA GLN I 410 0.61 -13.81 1.95
C GLN I 410 0.33 -12.70 0.94
N SER I 411 0.09 -13.08 -0.30
CA SER I 411 -0.19 -12.12 -1.37
C SER I 411 -1.47 -11.34 -1.07
N MET I 412 -2.46 -12.02 -0.49
CA MET I 412 -3.70 -11.37 -0.11
C MET I 412 -3.47 -10.37 1.02
N ILE I 413 -2.66 -10.76 2.00
CA ILE I 413 -2.31 -9.89 3.10
C ILE I 413 -1.56 -8.65 2.62
N ASP I 414 -0.60 -8.87 1.73
CA ASP I 414 0.20 -7.79 1.16
C ASP I 414 -0.67 -6.77 0.41
N LYS I 415 -1.70 -7.26 -0.26
CA LYS I 415 -2.62 -6.40 -1.00
C LYS I 415 -3.27 -5.36 -0.10
N LEU I 416 -4.40 -5.74 0.49
CA LEU I 416 -5.16 -4.82 1.35
C LEU I 416 -4.77 -4.95 2.82
N ASP I 417 -4.41 -3.82 3.43
CA ASP I 417 -4.35 -3.78 4.89
C ASP I 417 -5.77 -3.45 5.36
N LEU I 418 -6.58 -2.94 4.43
CA LEU I 418 -8.01 -2.78 4.61
C LEU I 418 -8.70 -2.87 3.26
N VAL J 4 25.23 -108.95 73.29
CA VAL J 4 26.52 -109.47 72.85
C VAL J 4 27.64 -108.51 73.19
N GLN J 5 27.45 -107.25 72.81
CA GLN J 5 28.52 -106.27 72.74
C GLN J 5 27.95 -104.96 72.20
N PRO J 6 28.08 -103.86 72.96
CA PRO J 6 27.42 -102.60 72.59
C PRO J 6 27.69 -102.13 71.16
N LEU J 7 26.62 -101.75 70.48
CA LEU J 7 26.69 -101.32 69.10
C LEU J 7 27.28 -99.93 68.98
N ALA J 8 27.31 -99.21 70.11
CA ALA J 8 27.81 -97.84 70.13
C ALA J 8 29.30 -97.76 69.87
N ARG J 9 30.03 -98.84 70.12
CA ARG J 9 31.46 -98.86 69.84
C ARG J 9 31.74 -98.72 68.35
N ASP J 10 30.87 -99.27 67.51
CA ASP J 10 31.08 -99.26 66.07
C ASP J 10 30.20 -98.24 65.35
N ALA J 11 29.76 -97.22 66.08
CA ALA J 11 28.90 -96.20 65.51
C ALA J 11 29.62 -94.85 65.44
N MET J 12 29.15 -93.98 64.55
CA MET J 12 29.63 -92.60 64.52
C MET J 12 28.45 -91.66 64.55
N ALA J 13 28.46 -90.73 65.51
CA ALA J 13 27.42 -89.71 65.60
C ALA J 13 27.76 -88.56 64.65
N TYR J 14 26.84 -88.25 63.75
CA TYR J 14 27.03 -87.15 62.81
C TYR J 14 25.98 -86.06 63.06
N VAL J 15 26.42 -84.95 63.67
CA VAL J 15 25.50 -83.93 64.13
C VAL J 15 25.35 -82.79 63.13
N LEU J 16 24.12 -82.60 62.65
CA LEU J 16 23.82 -81.54 61.71
C LEU J 16 23.59 -80.22 62.45
N ALA J 17 24.57 -79.34 62.39
CA ALA J 17 24.49 -78.07 63.11
C ALA J 17 24.39 -76.89 62.16
N GLY J 18 23.70 -77.10 61.04
CA GLY J 18 23.53 -76.05 60.05
C GLY J 18 22.32 -75.15 60.33
N GLY J 19 21.54 -75.51 61.33
CA GLY J 19 20.32 -74.80 61.67
C GLY J 19 20.50 -73.31 61.89
N ARG J 20 19.70 -72.52 61.18
CA ARG J 20 19.80 -71.07 61.23
C ARG J 20 18.89 -70.48 62.29
N GLY J 21 17.73 -71.12 62.49
CA GLY J 21 16.75 -70.66 63.46
C GLY J 21 16.30 -69.25 63.14
N SER J 22 15.68 -69.07 61.98
CA SER J 22 15.30 -67.76 61.49
C SER J 22 14.20 -67.13 62.34
N ARG J 23 13.32 -67.96 62.87
CA ARG J 23 12.17 -67.49 63.61
C ARG J 23 12.55 -66.97 65.00
N LEU J 24 13.78 -67.28 65.41
CA LEU J 24 14.33 -66.72 66.65
C LEU J 24 14.84 -65.31 66.39
N LYS J 25 14.76 -64.89 65.13
CA LYS J 25 15.06 -63.53 64.71
C LYS J 25 16.45 -63.06 65.11
N GLU J 26 16.50 -62.03 65.95
CA GLU J 26 17.75 -61.38 66.31
C GLU J 26 18.65 -62.26 67.16
N LEU J 27 18.08 -63.27 67.81
CA LEU J 27 18.85 -64.22 68.62
C LEU J 27 19.92 -64.93 67.80
N THR J 28 19.62 -65.13 66.51
CA THR J 28 20.50 -65.88 65.62
C THR J 28 20.94 -65.07 64.41
N ASP J 29 21.10 -63.76 64.59
CA ASP J 29 21.57 -62.89 63.52
C ASP J 29 23.06 -63.08 63.28
N ARG J 30 23.78 -63.42 64.35
CA ARG J 30 25.23 -63.58 64.28
C ARG J 30 25.69 -64.92 64.85
N ARG J 31 24.77 -65.88 64.92
CA ARG J 31 25.10 -67.21 65.41
C ARG J 31 24.10 -68.24 64.92
N ALA J 32 24.52 -69.50 64.84
CA ALA J 32 23.64 -70.58 64.45
C ALA J 32 22.74 -70.98 65.61
N LYS J 33 21.61 -71.61 65.30
CA LYS J 33 20.69 -72.06 66.34
C LYS J 33 21.32 -73.03 67.36
N PRO J 34 22.14 -73.99 66.90
CA PRO J 34 22.78 -74.86 67.90
C PRO J 34 23.71 -74.13 68.86
N ALA J 35 24.09 -72.89 68.53
CA ALA J 35 25.00 -72.12 69.37
C ALA J 35 24.26 -71.25 70.36
N VAL J 36 22.93 -71.25 70.28
CA VAL J 36 22.11 -70.45 71.19
C VAL J 36 22.15 -71.03 72.61
N TYR J 37 22.32 -70.15 73.59
CA TYR J 37 22.44 -70.55 74.99
C TYR J 37 21.14 -71.15 75.54
N PHE J 38 21.27 -72.08 76.48
CA PHE J 38 20.10 -72.65 77.14
C PHE J 38 20.40 -73.19 78.54
N GLY J 39 19.48 -72.93 79.47
CA GLY J 39 19.51 -73.54 80.78
C GLY J 39 20.29 -72.79 81.84
N GLY J 40 21.11 -71.84 81.42
CA GLY J 40 21.92 -71.08 82.35
C GLY J 40 23.42 -71.32 82.18
N LYS J 41 23.78 -72.40 81.50
CA LYS J 41 25.19 -72.73 81.33
C LYS J 41 25.55 -73.27 79.94
N ALA J 42 24.63 -74.01 79.33
CA ALA J 42 24.95 -74.74 78.10
C ALA J 42 24.36 -74.10 76.84
N ARG J 43 24.80 -74.58 75.69
CA ARG J 43 24.20 -74.22 74.42
C ARG J 43 23.36 -75.40 73.95
N ILE J 44 22.46 -75.16 73.00
CA ILE J 44 21.54 -76.20 72.53
C ILE J 44 22.26 -77.42 71.96
N ILE J 45 23.35 -77.20 71.25
CA ILE J 45 24.08 -78.29 70.62
C ILE J 45 24.68 -79.26 71.65
N ASP J 46 24.83 -78.80 72.89
CA ASP J 46 25.46 -79.60 73.93
C ASP J 46 24.61 -80.79 74.40
N PHE J 47 23.36 -80.84 73.96
CA PHE J 47 22.49 -81.93 74.36
C PHE J 47 22.65 -83.13 73.44
N ALA J 48 22.63 -82.91 72.13
CA ALA J 48 22.84 -83.98 71.18
C ALA J 48 24.24 -84.58 71.30
N LEU J 49 25.20 -83.73 71.65
CA LEU J 49 26.59 -84.16 71.80
C LEU J 49 26.76 -84.99 73.08
N SER J 50 26.12 -84.57 74.16
CA SER J 50 26.18 -85.29 75.42
C SER J 50 25.42 -86.62 75.32
N ASN J 51 24.34 -86.61 74.55
CA ASN J 51 23.58 -87.84 74.31
C ASN J 51 24.45 -88.90 73.65
N ALA J 52 25.23 -88.49 72.65
CA ALA J 52 26.14 -89.39 71.97
C ALA J 52 27.26 -89.86 72.90
N LEU J 53 27.81 -88.91 73.65
CA LEU J 53 28.87 -89.21 74.60
C LEU J 53 28.41 -90.20 75.68
N ASN J 54 27.24 -89.94 76.25
CA ASN J 54 26.70 -90.82 77.30
C ASN J 54 26.21 -92.15 76.75
N SER J 55 25.93 -92.20 75.45
CA SER J 55 25.43 -93.42 74.82
C SER J 55 26.56 -94.38 74.47
N GLY J 56 27.80 -93.93 74.66
CA GLY J 56 28.96 -94.75 74.39
C GLY J 56 29.57 -94.49 73.02
N ILE J 57 28.94 -93.60 72.26
CA ILE J 57 29.44 -93.25 70.93
C ILE J 57 30.74 -92.46 71.06
N ARG J 58 31.78 -92.89 70.36
CA ARG J 58 33.13 -92.36 70.57
C ARG J 58 33.64 -91.47 69.43
N ARG J 59 33.06 -91.61 68.24
CA ARG J 59 33.42 -90.77 67.11
C ARG J 59 32.27 -89.82 66.80
N ILE J 60 32.55 -88.52 66.90
CA ILE J 60 31.53 -87.50 66.65
C ILE J 60 31.99 -86.53 65.57
N GLY J 61 31.10 -86.26 64.62
CA GLY J 61 31.35 -85.26 63.60
C GLY J 61 30.27 -84.20 63.63
N VAL J 62 30.66 -82.94 63.54
CA VAL J 62 29.71 -81.83 63.58
C VAL J 62 29.79 -80.98 62.32
N ALA J 63 28.72 -81.00 61.54
CA ALA J 63 28.67 -80.25 60.28
C ALA J 63 28.07 -78.85 60.48
N THR J 64 28.88 -77.83 60.25
CA THR J 64 28.45 -76.45 60.48
C THR J 64 28.34 -75.67 59.17
N GLN J 65 27.57 -74.58 59.20
CA GLN J 65 27.23 -73.86 57.97
C GLN J 65 27.31 -72.35 58.17
N TYR J 66 26.15 -71.68 58.09
CA TYR J 66 26.09 -70.23 58.21
C TYR J 66 26.28 -69.78 59.66
N LYS J 67 27.00 -68.67 59.83
CA LYS J 67 27.22 -68.06 61.14
C LYS J 67 27.66 -69.08 62.19
N ALA J 68 28.91 -69.54 62.09
CA ALA J 68 29.35 -70.67 62.91
C ALA J 68 30.58 -70.38 63.75
N HIS J 69 31.11 -69.15 63.69
CA HIS J 69 32.32 -68.83 64.44
C HIS J 69 32.12 -69.02 65.94
N SER J 70 30.95 -68.63 66.43
CA SER J 70 30.62 -68.81 67.84
C SER J 70 30.44 -70.29 68.15
N LEU J 71 29.85 -71.01 67.21
CA LEU J 71 29.59 -72.43 67.37
C LEU J 71 30.88 -73.25 67.28
N ILE J 72 31.70 -72.96 66.27
CA ILE J 72 32.96 -73.65 66.09
C ILE J 72 33.85 -73.43 67.31
N ARG J 73 34.00 -72.17 67.71
CA ARG J 73 34.80 -71.83 68.88
C ARG J 73 34.35 -72.57 70.13
N HIS J 74 33.04 -72.68 70.30
CA HIS J 74 32.47 -73.42 71.43
C HIS J 74 32.93 -74.88 71.42
N LEU J 75 33.02 -75.46 70.24
CA LEU J 75 33.37 -76.86 70.09
C LEU J 75 34.87 -77.11 70.29
N GLN J 76 35.69 -76.16 69.83
CA GLN J 76 37.14 -76.25 70.04
C GLN J 76 37.44 -76.25 71.53
N ARG J 77 36.81 -75.35 72.24
CA ARG J 77 37.14 -75.07 73.64
C ARG J 77 36.40 -75.98 74.60
N GLY J 78 35.19 -76.39 74.22
CA GLY J 78 34.36 -77.21 75.09
C GLY J 78 34.51 -78.70 74.87
N TRP J 79 34.48 -79.12 73.61
CA TRP J 79 34.57 -80.53 73.28
C TRP J 79 35.95 -80.87 72.75
N ASP J 80 36.94 -80.80 73.64
CA ASP J 80 38.34 -80.85 73.27
C ASP J 80 39.10 -82.01 73.93
N PHE J 81 38.37 -82.94 74.53
CA PHE J 81 39.00 -83.97 75.34
C PHE J 81 39.04 -85.35 74.66
N PHE J 82 38.72 -85.40 73.37
CA PHE J 82 38.78 -86.64 72.62
C PHE J 82 40.20 -86.87 72.09
N ARG J 83 40.70 -88.09 72.21
CA ARG J 83 42.04 -88.41 71.71
C ARG J 83 41.98 -89.55 70.69
N PRO J 84 42.47 -89.29 69.46
CA PRO J 84 42.45 -90.27 68.37
C PRO J 84 43.12 -91.60 68.71
N GLU J 85 44.19 -91.56 69.51
CA GLU J 85 44.92 -92.79 69.80
C GLU J 85 44.19 -93.65 70.83
N ARG J 86 43.09 -93.14 71.38
CA ARG J 86 42.21 -93.96 72.21
C ARG J 86 40.96 -94.34 71.43
N ASN J 87 41.07 -94.30 70.10
CA ASN J 87 39.97 -94.58 69.17
C ASN J 87 38.76 -93.69 69.42
N GLU J 88 39.03 -92.43 69.76
CA GLU J 88 38.00 -91.42 69.88
C GLU J 88 38.25 -90.37 68.82
N SER J 89 37.23 -89.62 68.44
CA SER J 89 37.42 -88.55 67.49
C SER J 89 36.28 -87.54 67.56
N PHE J 90 36.65 -86.26 67.53
CA PHE J 90 35.68 -85.19 67.47
C PHE J 90 36.07 -84.25 66.33
N ASP J 91 35.35 -84.33 65.22
CA ASP J 91 35.68 -83.53 64.04
C ASP J 91 34.69 -82.40 63.82
N ILE J 92 35.22 -81.20 63.59
CA ILE J 92 34.37 -80.05 63.27
C ILE J 92 34.40 -79.81 61.77
N LEU J 93 33.27 -80.12 61.12
CA LEU J 93 33.17 -80.17 59.67
C LEU J 93 32.50 -78.94 59.09
N ALA J 94 33.21 -77.82 59.13
CA ALA J 94 32.69 -76.56 58.58
C ALA J 94 32.69 -76.56 57.06
N ALA J 95 31.67 -75.95 56.47
CA ALA J 95 31.56 -75.87 55.02
C ALA J 95 32.59 -74.91 54.44
N SER J 96 33.01 -73.93 55.26
CA SER J 96 34.01 -72.96 54.85
C SER J 96 35.39 -73.35 55.37
N THR J 102 32.95 -76.29 46.15
CA THR J 102 33.38 -75.61 47.36
C THR J 102 32.20 -74.95 48.06
N GLN J 103 32.39 -73.69 48.44
CA GLN J 103 31.33 -72.83 48.97
C GLN J 103 30.63 -73.43 50.19
N TRP J 104 29.30 -73.50 50.13
CA TRP J 104 28.49 -73.99 51.24
C TRP J 104 28.04 -75.44 51.04
N TYR J 105 27.44 -76.01 52.08
CA TYR J 105 26.72 -77.27 51.96
C TYR J 105 25.38 -76.98 51.30
N GLU J 106 24.98 -77.81 50.34
CA GLU J 106 23.74 -77.56 49.61
C GLU J 106 22.61 -78.45 50.10
N GLY J 107 22.77 -79.03 51.27
CA GLY J 107 21.76 -79.89 51.83
C GLY J 107 22.19 -80.61 53.08
N THR J 108 21.25 -81.33 53.70
CA THR J 108 21.50 -82.04 54.93
C THR J 108 22.23 -83.34 54.64
N ALA J 109 21.97 -83.92 53.47
CA ALA J 109 22.68 -85.10 53.02
C ALA J 109 23.99 -84.70 52.36
N ASP J 110 24.07 -83.43 51.96
CA ASP J 110 25.27 -82.92 51.32
C ASP J 110 26.38 -82.70 52.36
N ALA J 111 25.97 -82.45 53.60
CA ALA J 111 26.91 -82.27 54.69
C ALA J 111 27.67 -83.57 54.97
N VAL J 112 27.08 -84.69 54.56
CA VAL J 112 27.67 -86.01 54.79
C VAL J 112 28.31 -86.51 53.49
N TYR J 113 27.81 -86.04 52.35
CA TYR J 113 28.42 -86.37 51.07
C TYR J 113 29.79 -85.70 50.97
N GLN J 114 29.90 -84.39 51.22
CA GLN J 114 31.26 -83.86 51.12
C GLN J 114 32.24 -84.45 52.12
N ASN J 115 31.73 -85.01 53.18
CA ASN J 115 32.60 -85.53 54.21
C ASN J 115 32.60 -87.03 54.27
N ILE J 116 32.82 -87.67 53.12
CA ILE J 116 32.94 -89.13 53.05
C ILE J 116 34.39 -89.52 53.32
N ASP J 117 35.32 -88.69 52.86
CA ASP J 117 36.74 -88.94 52.99
C ASP J 117 37.20 -89.00 54.44
N ILE J 118 36.40 -88.46 55.35
CA ILE J 118 36.73 -88.45 56.77
C ILE J 118 36.05 -89.61 57.50
N ILE J 119 34.84 -89.95 57.08
CA ILE J 119 34.04 -90.97 57.74
C ILE J 119 34.56 -92.39 57.47
N GLU J 120 34.98 -92.64 56.24
CA GLU J 120 35.39 -93.98 55.83
C GLU J 120 36.69 -94.53 56.45
N PRO J 121 37.71 -93.67 56.68
CA PRO J 121 38.89 -94.21 57.39
C PRO J 121 38.55 -94.79 58.75
N TYR J 122 37.62 -94.15 59.44
CA TYR J 122 37.11 -94.66 60.71
C TYR J 122 36.40 -95.98 60.49
N ALA J 123 35.71 -96.06 59.35
CA ALA J 123 34.92 -97.23 58.96
C ALA J 123 34.00 -97.74 60.07
N PRO J 124 33.10 -96.88 60.57
CA PRO J 124 32.19 -97.35 61.61
C PRO J 124 31.14 -98.27 61.00
N GLU J 125 30.59 -99.20 61.79
CA GLU J 125 29.57 -100.09 61.26
C GLU J 125 28.27 -99.33 61.08
N TYR J 126 28.04 -98.33 61.93
CA TYR J 126 26.78 -97.61 61.95
C TYR J 126 26.96 -96.10 61.89
N MET J 127 25.90 -95.40 61.51
CA MET J 127 25.89 -93.94 61.50
C MET J 127 24.66 -93.43 62.23
N VAL J 128 24.87 -92.57 63.22
CA VAL J 128 23.76 -91.96 63.94
C VAL J 128 23.65 -90.48 63.59
N ILE J 129 22.74 -90.16 62.68
CA ILE J 129 22.53 -88.79 62.24
C ILE J 129 21.63 -88.06 63.23
N LEU J 130 22.08 -86.89 63.69
CA LEU J 130 21.36 -86.16 64.72
C LEU J 130 21.09 -84.72 64.30
N ALA J 131 19.95 -84.19 64.75
CA ALA J 131 19.68 -82.77 64.64
C ALA J 131 20.28 -82.07 65.86
N GLY J 132 21.10 -81.05 65.62
CA GLY J 132 21.84 -80.40 66.69
C GLY J 132 21.17 -79.18 67.31
N ASP J 133 19.90 -78.97 66.99
CA ASP J 133 19.21 -77.78 67.50
C ASP J 133 17.98 -78.12 68.32
N HIS J 134 17.96 -79.32 68.89
CA HIS J 134 16.86 -79.74 69.75
C HIS J 134 17.36 -80.05 71.15
N ILE J 135 16.53 -79.77 72.15
CA ILE J 135 16.89 -80.06 73.54
C ILE J 135 16.18 -81.31 74.03
N TYR J 136 16.95 -82.36 74.28
CA TYR J 136 16.40 -83.63 74.73
C TYR J 136 17.49 -84.55 75.26
N LYS J 137 17.08 -85.61 75.96
CA LYS J 137 18.01 -86.61 76.48
C LYS J 137 17.61 -87.99 75.98
N MET J 138 18.56 -88.71 75.40
CA MET J 138 18.24 -89.95 74.70
C MET J 138 19.41 -90.93 74.66
N ASP J 139 19.09 -92.20 74.88
CA ASP J 139 20.08 -93.28 74.84
C ASP J 139 20.08 -93.96 73.47
N TYR J 140 21.05 -93.62 72.63
CA TYR J 140 21.06 -94.07 71.24
C TYR J 140 21.34 -95.55 71.06
N GLU J 141 21.70 -96.24 72.14
CA GLU J 141 21.98 -97.67 72.07
C GLU J 141 20.70 -98.43 71.69
N TYR J 142 19.56 -97.95 72.19
CA TYR J 142 18.27 -98.57 71.89
C TYR J 142 17.94 -98.47 70.40
N MET J 143 18.18 -97.29 69.81
CA MET J 143 17.93 -97.10 68.39
C MET J 143 18.80 -98.00 67.55
N LEU J 144 20.07 -98.12 67.93
CA LEU J 144 21.01 -98.99 67.24
C LEU J 144 20.58 -100.45 67.38
N GLN J 145 20.16 -100.80 68.59
CA GLN J 145 19.68 -102.16 68.87
C GLN J 145 18.49 -102.48 67.98
N GLN J 146 17.53 -101.56 67.94
CA GLN J 146 16.32 -101.74 67.16
C GLN J 146 16.63 -101.78 65.66
N HIS J 147 17.58 -100.95 65.23
CA HIS J 147 17.94 -100.87 63.82
C HIS J 147 18.52 -102.18 63.29
N VAL J 148 19.35 -102.82 64.09
CA VAL J 148 19.98 -104.07 63.69
C VAL J 148 18.97 -105.21 63.79
N ASP J 149 18.19 -105.21 64.86
CA ASP J 149 17.19 -106.25 65.10
C ASP J 149 16.08 -106.23 64.06
N SER J 150 15.60 -105.03 63.73
CA SER J 150 14.51 -104.89 62.77
C SER J 150 14.94 -105.26 61.35
N GLY J 151 16.22 -105.04 61.06
CA GLY J 151 16.74 -105.31 59.73
C GLY J 151 16.32 -104.22 58.75
N ALA J 152 16.02 -103.04 59.29
CA ALA J 152 15.59 -101.92 58.48
C ALA J 152 16.76 -101.28 57.74
N ASP J 153 16.47 -100.53 56.69
CA ASP J 153 17.50 -99.77 56.00
C ASP J 153 17.76 -98.48 56.76
N VAL J 154 16.72 -97.95 57.39
CA VAL J 154 16.82 -96.76 58.22
C VAL J 154 15.84 -96.82 59.39
N THR J 155 16.32 -96.51 60.58
CA THR J 155 15.44 -96.36 61.73
C THR J 155 15.38 -94.88 62.09
N ILE J 156 14.16 -94.40 62.34
CA ILE J 156 13.94 -92.97 62.55
C ILE J 156 13.34 -92.69 63.92
N GLY J 157 13.90 -91.70 64.62
CA GLY J 157 13.40 -91.31 65.91
C GLY J 157 12.10 -90.53 65.80
N CYS J 158 11.10 -90.93 66.55
CA CYS J 158 9.78 -90.33 66.47
C CYS J 158 9.23 -89.92 67.83
N LEU J 159 8.57 -88.76 67.86
CA LEU J 159 7.80 -88.35 69.04
C LEU J 159 6.37 -88.84 68.89
N GLU J 160 5.76 -89.26 69.99
CA GLU J 160 4.34 -89.58 69.97
C GLU J 160 3.56 -88.38 70.49
N VAL J 161 3.04 -87.58 69.56
CA VAL J 161 2.40 -86.32 69.91
C VAL J 161 0.92 -86.32 69.56
N PRO J 162 0.11 -85.52 70.29
CA PRO J 162 -1.29 -85.31 69.93
C PRO J 162 -1.41 -84.90 68.46
N ARG J 163 -2.33 -85.53 67.74
CA ARG J 163 -2.36 -85.47 66.28
C ARG J 163 -2.47 -84.05 65.69
N MET J 164 -3.04 -83.14 66.45
CA MET J 164 -3.15 -81.74 66.03
C MET J 164 -1.82 -81.00 66.17
N GLU J 165 -1.02 -81.41 67.15
CA GLU J 165 0.29 -80.82 67.38
C GLU J 165 1.30 -81.27 66.34
N ALA J 166 0.97 -82.36 65.63
CA ALA J 166 1.87 -82.93 64.63
C ALA J 166 1.84 -82.14 63.32
N THR J 167 1.15 -81.00 63.35
CA THR J 167 0.99 -80.16 62.17
C THR J 167 2.31 -79.58 61.69
N GLY J 168 3.12 -79.08 62.63
CA GLY J 168 4.36 -78.42 62.28
C GLY J 168 5.57 -79.32 62.20
N PHE J 169 5.33 -80.62 62.09
CA PHE J 169 6.41 -81.61 62.07
C PHE J 169 6.44 -82.41 60.78
N GLY J 170 7.51 -83.20 60.62
CA GLY J 170 7.54 -84.24 59.61
C GLY J 170 6.90 -85.47 60.22
N VAL J 171 5.90 -86.03 59.54
CA VAL J 171 5.06 -87.05 60.15
C VAL J 171 5.20 -88.41 59.46
N MET J 172 5.35 -89.46 60.28
CA MET J 172 5.48 -90.81 59.77
C MET J 172 4.17 -91.59 59.87
N HIS J 173 3.68 -92.05 58.73
CA HIS J 173 2.55 -92.96 58.71
C HIS J 173 3.06 -94.38 58.85
N VAL J 174 2.66 -95.06 59.92
CA VAL J 174 3.15 -96.41 60.18
C VAL J 174 2.03 -97.43 60.25
N ASN J 175 2.42 -98.70 60.31
CA ASN J 175 1.45 -99.79 60.45
C ASN J 175 1.43 -100.32 61.87
N GLU J 176 1.05 -101.59 62.00
CA GLU J 176 0.91 -102.22 63.31
C GLU J 176 2.24 -102.80 63.78
N LYS J 177 3.27 -102.64 62.95
CA LYS J 177 4.61 -103.09 63.30
C LYS J 177 5.57 -101.89 63.30
N ASP J 178 4.99 -100.69 63.35
CA ASP J 178 5.74 -99.43 63.34
C ASP J 178 6.64 -99.30 62.11
N GLU J 179 6.29 -100.00 61.03
CA GLU J 179 6.99 -99.85 59.77
C GLU J 179 6.46 -98.61 59.06
N ILE J 180 7.35 -97.78 58.55
CA ILE J 180 6.92 -96.56 57.86
C ILE J 180 6.45 -96.89 56.45
N ILE J 181 5.29 -96.35 56.09
CA ILE J 181 4.72 -96.59 54.77
C ILE J 181 4.51 -95.29 54.01
N ASP J 182 4.56 -94.17 54.71
CA ASP J 182 4.40 -92.85 54.11
C ASP J 182 5.01 -91.77 54.99
N PHE J 183 5.53 -90.73 54.34
CA PHE J 183 6.05 -89.56 55.06
C PHE J 183 5.46 -88.27 54.50
N ILE J 184 4.86 -87.47 55.37
CA ILE J 184 4.24 -86.22 54.95
C ILE J 184 4.89 -85.02 55.65
N GLU J 185 5.32 -84.05 54.86
CA GLU J 185 5.94 -82.83 55.40
C GLU J 185 4.89 -81.82 55.85
N LYS J 186 4.79 -81.63 57.16
CA LYS J 186 3.82 -80.71 57.77
C LYS J 186 2.40 -80.92 57.29
N PRO J 187 1.81 -82.08 57.59
CA PRO J 187 0.43 -82.33 57.14
C PRO J 187 -0.57 -81.45 57.88
N ALA J 188 -1.48 -80.84 57.13
CA ALA J 188 -2.53 -80.02 57.74
C ALA J 188 -3.45 -80.91 58.56
N ASP J 189 -3.60 -82.16 58.13
CA ASP J 189 -4.38 -83.15 58.87
C ASP J 189 -3.59 -84.46 58.96
N PRO J 190 -2.69 -84.54 59.96
CA PRO J 190 -1.76 -85.66 60.15
C PRO J 190 -2.43 -87.02 60.28
N PRO J 191 -1.81 -88.07 59.70
CA PRO J 191 -2.28 -89.43 59.91
C PRO J 191 -1.98 -89.93 61.32
N GLY J 192 -2.90 -90.69 61.90
CA GLY J 192 -2.75 -91.15 63.25
C GLY J 192 -2.09 -92.51 63.37
N ILE J 193 -1.76 -92.89 64.60
CA ILE J 193 -1.16 -94.18 64.89
C ILE J 193 -2.25 -95.24 65.02
N PRO J 194 -2.08 -96.39 64.36
CA PRO J 194 -3.07 -97.46 64.48
C PRO J 194 -3.21 -97.95 65.92
N GLY J 195 -4.41 -97.85 66.47
CA GLY J 195 -4.65 -98.22 67.86
C GLY J 195 -4.49 -97.03 68.78
N ASN J 196 -4.11 -95.90 68.19
CA ASN J 196 -3.88 -94.66 68.92
C ASN J 196 -4.01 -93.49 67.96
N GLU J 197 -5.12 -93.47 67.22
N GLU J 197 -5.11 -93.46 67.21
CA GLU J 197 -5.34 -92.52 66.14
CA GLU J 197 -5.27 -92.50 66.12
C GLU J 197 -5.41 -91.08 66.61
C GLU J 197 -5.41 -91.06 66.62
N GLY J 198 -5.51 -90.90 67.93
CA GLY J 198 -5.55 -89.56 68.51
C GLY J 198 -4.17 -88.95 68.56
N PHE J 199 -3.16 -89.76 68.25
CA PHE J 199 -1.77 -89.32 68.26
C PHE J 199 -1.06 -89.69 66.96
N ALA J 200 0.00 -88.97 66.66
CA ALA J 200 0.78 -89.22 65.45
C ALA J 200 2.28 -89.31 65.76
N LEU J 201 3.06 -89.76 64.78
CA LEU J 201 4.51 -89.87 64.94
C LEU J 201 5.24 -88.74 64.23
N ALA J 202 5.80 -87.83 65.02
CA ALA J 202 6.54 -86.68 64.49
C ALA J 202 8.03 -86.97 64.47
N SER J 203 8.70 -86.53 63.40
CA SER J 203 10.12 -86.81 63.21
C SER J 203 11.03 -85.94 64.06
N MET J 204 11.99 -86.57 64.73
CA MET J 204 12.98 -85.86 65.52
C MET J 204 14.19 -85.47 64.68
N GLY J 205 14.20 -85.92 63.43
CA GLY J 205 15.35 -85.68 62.56
C GLY J 205 16.53 -86.53 63.00
N ILE J 206 16.23 -87.66 63.63
CA ILE J 206 17.27 -88.59 64.09
C ILE J 206 17.20 -89.88 63.28
N TYR J 207 18.29 -90.21 62.58
CA TYR J 207 18.31 -91.37 61.71
C TYR J 207 19.49 -92.29 62.01
N VAL J 208 19.26 -93.59 61.92
CA VAL J 208 20.31 -94.58 62.08
C VAL J 208 20.48 -95.39 60.80
N PHE J 209 21.72 -95.48 60.33
CA PHE J 209 22.03 -96.22 59.10
C PHE J 209 23.16 -97.21 59.31
N HIS J 210 23.07 -98.37 58.66
CA HIS J 210 24.27 -99.15 58.38
C HIS J 210 25.12 -98.26 57.48
N THR J 211 26.37 -98.04 57.88
CA THR J 211 27.21 -97.01 57.27
C THR J 211 27.30 -97.11 55.74
N LYS J 212 27.57 -98.31 55.24
CA LYS J 212 27.77 -98.50 53.81
C LYS J 212 26.49 -98.20 53.02
N PHE J 213 25.36 -98.56 53.60
CA PHE J 213 24.07 -98.28 52.97
C PHE J 213 23.89 -96.78 52.83
N LEU J 214 24.21 -96.04 53.88
CA LEU J 214 24.11 -94.59 53.86
C LEU J 214 25.06 -94.00 52.83
N MET J 215 26.25 -94.57 52.75
CA MET J 215 27.24 -94.10 51.77
C MET J 215 26.73 -94.36 50.35
N GLU J 216 26.01 -95.46 50.18
CA GLU J 216 25.38 -95.78 48.90
C GLU J 216 24.20 -94.86 48.62
N ALA J 217 23.33 -94.71 49.62
CA ALA J 217 22.10 -93.94 49.47
C ALA J 217 22.38 -92.47 49.17
N LEU J 218 23.52 -92.00 49.66
CA LEU J 218 23.90 -90.60 49.54
C LEU J 218 24.78 -90.33 48.32
N ARG J 219 25.34 -91.40 47.75
CA ARG J 219 26.05 -91.29 46.48
C ARG J 219 25.04 -91.23 45.34
N ARG J 220 23.93 -91.93 45.51
CA ARG J 220 22.83 -91.89 44.57
C ARG J 220 22.14 -90.53 44.60
N ASP J 221 22.01 -89.98 45.81
CA ASP J 221 21.43 -88.66 46.01
C ASP J 221 22.32 -87.58 45.39
N ALA J 222 23.59 -87.91 45.19
CA ALA J 222 24.52 -86.99 44.55
C ALA J 222 24.29 -86.93 43.04
N ALA J 223 24.07 -88.10 42.44
CA ALA J 223 23.88 -88.20 41.00
C ALA J 223 22.43 -87.98 40.61
N ASP J 224 21.75 -87.09 41.32
CA ASP J 224 20.33 -86.88 41.11
C ASP J 224 20.03 -85.39 41.20
N PRO J 225 19.95 -84.74 40.02
CA PRO J 225 19.71 -83.30 39.95
C PRO J 225 18.39 -82.89 40.58
N THR J 226 17.46 -83.84 40.71
CA THR J 226 16.14 -83.52 41.24
C THR J 226 16.25 -83.20 42.74
N SER J 227 17.26 -83.77 43.38
CA SER J 227 17.34 -83.81 44.83
C SER J 227 17.54 -82.44 45.45
N SER J 228 16.84 -82.21 46.56
CA SER J 228 17.06 -81.02 47.36
C SER J 228 18.17 -81.30 48.38
N ARG J 229 18.70 -82.53 48.31
CA ARG J 229 19.86 -82.96 49.10
C ARG J 229 19.64 -82.95 50.61
N ASP J 230 18.40 -83.12 51.03
CA ASP J 230 18.10 -83.22 52.46
C ASP J 230 17.78 -84.66 52.85
N PHE J 231 17.92 -84.95 54.14
CA PHE J 231 17.57 -86.27 54.66
C PHE J 231 16.05 -86.43 54.71
N GLY J 232 15.36 -85.38 55.13
CA GLY J 232 13.92 -85.43 55.31
C GLY J 232 13.11 -85.41 54.03
N LYS J 233 13.56 -84.66 53.04
CA LYS J 233 12.81 -84.49 51.81
C LYS J 233 13.16 -85.50 50.72
N ASP J 234 14.40 -85.97 50.72
CA ASP J 234 14.89 -86.81 49.63
C ASP J 234 15.35 -88.20 50.08
N ILE J 235 16.29 -88.23 51.02
CA ILE J 235 16.85 -89.50 51.48
C ILE J 235 15.78 -90.41 52.08
N ILE J 236 15.14 -89.95 53.14
CA ILE J 236 14.15 -90.76 53.83
C ILE J 236 12.93 -91.14 52.98
N PRO J 237 12.29 -90.17 52.29
CA PRO J 237 11.12 -90.56 51.50
C PRO J 237 11.44 -91.60 50.42
N TYR J 238 12.65 -91.53 49.86
CA TYR J 238 13.11 -92.51 48.89
C TYR J 238 13.05 -93.91 49.50
N ILE J 239 13.64 -94.05 50.68
CA ILE J 239 13.81 -95.36 51.27
C ILE J 239 12.48 -95.85 51.86
N VAL J 240 11.57 -94.92 52.17
CA VAL J 240 10.24 -95.32 52.64
C VAL J 240 9.53 -96.10 51.55
N GLU J 241 9.74 -95.69 50.31
CA GLU J 241 9.17 -96.37 49.14
C GLU J 241 10.01 -97.58 48.73
N HIS J 242 11.24 -97.31 48.32
CA HIS J 242 12.10 -98.32 47.73
C HIS J 242 12.95 -99.08 48.75
N GLY J 243 12.52 -99.09 50.01
CA GLY J 243 13.26 -99.80 51.05
C GLY J 243 12.40 -100.10 52.27
N LYS J 244 13.05 -100.20 53.44
CA LYS J 244 12.35 -100.51 54.68
C LYS J 244 12.66 -99.50 55.80
N ALA J 245 11.76 -98.54 55.99
CA ALA J 245 11.90 -97.58 57.08
C ALA J 245 11.04 -98.01 58.27
N VAL J 246 11.62 -97.93 59.45
CA VAL J 246 10.91 -98.25 60.68
C VAL J 246 11.05 -97.12 61.68
N ALA J 247 9.97 -96.80 62.38
CA ALA J 247 9.99 -95.72 63.35
C ALA J 247 10.48 -96.22 64.70
N HIS J 248 11.18 -95.35 65.43
CA HIS J 248 11.59 -95.63 66.79
C HIS J 248 10.97 -94.62 67.75
N ARG J 249 10.28 -95.10 68.77
CA ARG J 249 9.60 -94.22 69.71
C ARG J 249 10.57 -93.60 70.70
N PHE J 250 10.46 -92.28 70.87
CA PHE J 250 11.32 -91.54 71.79
C PHE J 250 11.13 -92.00 73.23
N ALA J 251 9.90 -92.35 73.58
CA ALA J 251 9.58 -92.79 74.93
C ALA J 251 10.28 -94.09 75.28
N ASP J 252 10.69 -94.84 74.26
CA ASP J 252 11.38 -96.11 74.47
C ASP J 252 12.85 -95.92 74.86
N SER J 253 13.46 -94.85 74.38
CA SER J 253 14.88 -94.63 74.63
C SER J 253 15.16 -93.29 75.32
N CYS J 254 14.11 -92.60 75.73
CA CYS J 254 14.27 -91.34 76.46
C CYS J 254 14.88 -91.58 77.82
N VAL J 255 15.91 -90.80 78.14
CA VAL J 255 16.52 -90.87 79.46
C VAL J 255 15.76 -89.96 80.41
N ARG J 256 14.89 -90.55 81.21
CA ARG J 256 14.00 -89.78 82.07
C ARG J 256 14.46 -89.80 83.53
N SER J 257 14.62 -88.62 84.10
CA SER J 257 14.98 -88.49 85.51
C SER J 257 13.82 -88.95 86.40
N ASP J 258 14.13 -89.20 87.67
CA ASP J 258 13.11 -89.55 88.64
C ASP J 258 12.19 -88.35 88.86
N PHE J 259 12.72 -87.15 88.61
CA PHE J 259 11.99 -85.91 88.85
C PHE J 259 11.45 -85.32 87.54
N GLU J 260 11.34 -86.15 86.50
CA GLU J 260 10.75 -85.73 85.23
C GLU J 260 9.52 -86.59 84.93
N HIS J 261 8.39 -85.93 84.68
CA HIS J 261 7.12 -86.65 84.57
C HIS J 261 6.82 -87.20 83.19
N GLU J 262 7.50 -86.70 82.16
CA GLU J 262 7.25 -87.15 80.79
C GLU J 262 8.48 -86.94 79.91
N PRO J 263 8.55 -87.65 78.76
CA PRO J 263 9.63 -87.48 77.79
C PRO J 263 9.82 -86.03 77.34
N TYR J 264 10.94 -85.43 77.75
CA TYR J 264 11.22 -84.03 77.46
C TYR J 264 11.88 -83.86 76.09
N TRP J 265 11.32 -82.96 75.28
CA TRP J 265 11.88 -82.61 73.98
C TRP J 265 11.37 -81.22 73.58
N ARG J 266 12.30 -80.29 73.38
CA ARG J 266 11.94 -78.93 73.01
C ARG J 266 12.67 -78.47 71.75
N ASP J 267 11.91 -77.88 70.83
CA ASP J 267 12.46 -77.43 69.55
C ASP J 267 12.90 -75.97 69.65
N VAL J 268 12.39 -75.27 70.66
CA VAL J 268 12.61 -73.84 70.89
C VAL J 268 12.83 -73.02 69.62
N GLY J 269 11.98 -73.26 68.62
CA GLY J 269 12.11 -72.63 67.32
C GLY J 269 11.48 -71.26 67.21
N THR J 270 10.74 -70.86 68.23
CA THR J 270 10.13 -69.53 68.26
C THR J 270 10.62 -68.79 69.50
N ILE J 271 10.47 -67.47 69.50
CA ILE J 271 10.95 -66.66 70.62
C ILE J 271 10.17 -66.97 71.90
N ASP J 272 8.88 -67.25 71.75
CA ASP J 272 8.05 -67.68 72.88
C ASP J 272 8.52 -69.03 73.43
N ALA J 273 8.76 -69.98 72.53
CA ALA J 273 9.15 -71.32 72.91
C ALA J 273 10.50 -71.34 73.62
N TYR J 274 11.40 -70.48 73.17
CA TYR J 274 12.72 -70.36 73.78
C TYR J 274 12.61 -69.81 75.20
N TRP J 275 11.85 -68.72 75.34
CA TRP J 275 11.63 -68.11 76.64
C TRP J 275 10.87 -69.03 77.58
N GLN J 276 9.87 -69.74 77.04
CA GLN J 276 9.05 -70.64 77.85
C GLN J 276 9.88 -71.79 78.42
N ALA J 277 10.73 -72.37 77.57
CA ALA J 277 11.55 -73.51 77.98
C ALA J 277 12.52 -73.15 79.10
N ASN J 278 13.16 -72.00 78.98
CA ASN J 278 14.11 -71.53 79.99
C ASN J 278 13.44 -71.16 81.31
N ILE J 279 12.34 -70.42 81.22
CA ILE J 279 11.62 -69.97 82.42
C ILE J 279 11.01 -71.15 83.17
N ASP J 280 10.60 -72.18 82.42
CA ASP J 280 10.07 -73.40 83.03
C ASP J 280 11.05 -74.04 84.00
N LEU J 281 12.33 -73.73 83.85
CA LEU J 281 13.36 -74.29 84.71
C LEU J 281 13.36 -73.66 86.10
N THR J 282 12.61 -72.57 86.25
CA THR J 282 12.51 -71.89 87.55
C THR J 282 11.40 -72.49 88.41
N ASP J 283 10.64 -73.41 87.83
CA ASP J 283 9.53 -74.06 88.53
C ASP J 283 9.98 -74.82 89.76
N VAL J 284 9.02 -75.15 90.63
CA VAL J 284 9.30 -75.96 91.80
C VAL J 284 9.77 -77.36 91.38
N VAL J 285 9.00 -77.98 90.50
CA VAL J 285 9.40 -79.26 89.90
C VAL J 285 9.34 -79.14 88.37
N PRO J 286 10.49 -78.83 87.76
CA PRO J 286 10.61 -78.55 86.32
C PRO J 286 10.39 -79.77 85.43
N ASP J 287 9.98 -79.53 84.19
CA ASP J 287 9.86 -80.61 83.20
C ASP J 287 11.23 -81.20 82.87
N LEU J 288 12.26 -80.37 82.97
CA LEU J 288 13.63 -80.79 82.72
C LEU J 288 14.45 -80.80 84.01
N ASP J 289 15.06 -81.93 84.32
CA ASP J 289 15.90 -82.02 85.51
C ASP J 289 17.37 -81.80 85.15
N ILE J 290 17.84 -80.57 85.35
CA ILE J 290 19.23 -80.23 85.08
C ILE J 290 20.10 -80.48 86.32
N TYR J 291 19.56 -81.23 87.27
CA TYR J 291 20.31 -81.58 88.46
C TYR J 291 20.51 -83.09 88.58
N ASP J 292 20.11 -83.80 87.55
CA ASP J 292 20.30 -85.25 87.48
C ASP J 292 21.73 -85.58 87.06
N LYS J 293 22.37 -86.51 87.78
CA LYS J 293 23.77 -86.81 87.55
C LYS J 293 23.99 -88.06 86.69
N SER J 294 22.92 -88.80 86.42
CA SER J 294 23.05 -90.07 85.71
C SER J 294 23.17 -89.91 84.20
N TRP J 295 22.75 -88.76 83.69
CA TRP J 295 22.89 -88.46 82.27
C TRP J 295 23.30 -87.01 82.08
N PRO J 296 24.52 -86.68 82.50
CA PRO J 296 24.98 -85.29 82.61
C PRO J 296 25.20 -84.60 81.27
N ILE J 297 25.00 -83.29 81.25
CA ILE J 297 25.20 -82.50 80.04
C ILE J 297 26.54 -81.78 80.10
N TRP J 298 27.46 -82.17 79.23
CA TRP J 298 28.75 -81.52 79.17
C TRP J 298 28.67 -80.26 78.31
N THR J 299 29.45 -79.25 78.67
CA THR J 299 29.48 -78.01 77.93
C THR J 299 30.81 -77.29 78.16
N TYR J 300 30.98 -76.12 77.58
CA TYR J 300 32.15 -75.31 77.90
C TYR J 300 31.88 -74.45 79.12
N ALA J 301 32.68 -74.63 80.15
CA ALA J 301 32.54 -73.87 81.38
C ALA J 301 33.90 -73.41 81.87
N GLU J 302 33.92 -72.27 82.54
CA GLU J 302 35.15 -71.77 83.14
C GLU J 302 34.99 -71.73 84.65
N ILE J 303 36.11 -71.69 85.36
CA ILE J 303 36.06 -71.46 86.79
C ILE J 303 35.60 -70.03 87.04
N THR J 304 34.46 -69.90 87.71
CA THR J 304 33.88 -68.59 88.00
C THR J 304 33.70 -68.40 89.49
N PRO J 305 33.70 -67.14 89.96
CA PRO J 305 33.33 -66.88 91.34
C PRO J 305 31.86 -67.21 91.57
N PRO J 306 31.45 -67.45 92.82
CA PRO J 306 30.07 -67.79 93.14
C PRO J 306 29.11 -66.60 92.95
N ALA J 307 27.81 -66.87 92.99
CA ALA J 307 26.81 -65.81 92.89
C ALA J 307 26.76 -64.99 94.18
N LYS J 308 26.55 -63.69 94.04
CA LYS J 308 26.61 -62.78 95.18
C LYS J 308 25.36 -61.91 95.29
N PHE J 309 24.81 -61.82 96.50
CA PHE J 309 23.63 -61.00 96.74
C PHE J 309 23.96 -59.94 97.79
N VAL J 310 23.63 -58.69 97.48
CA VAL J 310 24.10 -57.54 98.25
C VAL J 310 22.96 -56.54 98.46
N HIS J 311 23.02 -55.77 99.56
CA HIS J 311 22.09 -54.69 99.88
C HIS J 311 20.76 -55.22 100.39
N ASP J 312 20.39 -54.81 101.59
CA ASP J 312 19.18 -55.29 102.24
C ASP J 312 18.57 -54.20 103.10
N ASP J 313 17.82 -53.30 102.47
CA ASP J 313 17.15 -52.22 103.19
C ASP J 313 15.68 -52.13 102.78
N GLU J 314 15.05 -51.03 103.19
CA GLU J 314 13.63 -50.83 102.98
C GLU J 314 13.29 -50.46 101.55
N ASP J 315 14.31 -50.26 100.71
CA ASP J 315 14.08 -49.80 99.35
C ASP J 315 14.76 -50.67 98.29
N ARG J 316 15.81 -51.40 98.67
CA ARG J 316 16.47 -52.30 97.73
C ARG J 316 16.93 -53.59 98.42
N ARG J 317 16.52 -54.72 97.85
CA ARG J 317 16.91 -56.01 98.38
C ARG J 317 17.50 -56.89 97.28
N GLY J 318 18.83 -56.98 97.25
CA GLY J 318 19.51 -57.84 96.32
C GLY J 318 19.22 -59.29 96.63
N SER J 319 18.26 -59.85 95.93
CA SER J 319 17.81 -61.21 96.20
C SER J 319 17.07 -61.80 95.01
N ALA J 320 17.01 -63.12 94.95
CA ALA J 320 16.33 -63.80 93.87
C ALA J 320 15.34 -64.83 94.43
N VAL J 321 14.09 -64.73 93.99
CA VAL J 321 13.07 -65.68 94.40
C VAL J 321 12.49 -66.38 93.17
N SER J 322 12.20 -67.66 93.32
CA SER J 322 11.76 -68.51 92.21
C SER J 322 12.73 -68.35 91.04
N SER J 323 14.03 -68.39 91.35
CA SER J 323 15.05 -68.07 90.37
C SER J 323 16.12 -69.12 90.17
N VAL J 324 16.78 -69.00 89.02
CA VAL J 324 17.94 -69.80 88.66
C VAL J 324 19.08 -68.84 88.34
N VAL J 325 20.15 -68.88 89.14
CA VAL J 325 21.26 -67.94 88.99
C VAL J 325 22.59 -68.65 88.85
N SER J 326 23.32 -68.35 87.78
CA SER J 326 24.61 -68.97 87.52
C SER J 326 25.73 -68.23 88.25
N GLY J 327 26.97 -68.67 88.01
CA GLY J 327 28.12 -68.08 88.67
C GLY J 327 28.55 -66.76 88.06
N ASP J 328 29.44 -66.07 88.76
CA ASP J 328 29.93 -64.75 88.33
C ASP J 328 28.77 -63.75 88.17
N CYS J 329 27.67 -64.01 88.86
CA CYS J 329 26.54 -63.10 88.88
C CYS J 329 26.54 -62.29 90.18
N ILE J 330 26.44 -60.97 90.06
CA ILE J 330 26.35 -60.12 91.24
C ILE J 330 25.02 -59.37 91.27
N ILE J 331 24.17 -59.75 92.22
CA ILE J 331 22.86 -59.13 92.37
C ILE J 331 22.91 -58.09 93.48
N SER J 332 23.21 -56.85 93.09
CA SER J 332 23.44 -55.78 94.05
C SER J 332 22.24 -54.84 94.13
N GLY J 333 21.41 -55.03 95.16
CA GLY J 333 20.22 -54.20 95.35
C GLY J 333 19.16 -54.46 94.31
N ALA J 334 19.28 -55.57 93.60
CA ALA J 334 18.35 -55.90 92.53
C ALA J 334 17.35 -56.99 92.95
N ALA J 335 16.11 -56.83 92.50
CA ALA J 335 15.06 -57.79 92.82
C ALA J 335 14.76 -58.69 91.64
N LEU J 336 15.00 -60.00 91.81
CA LEU J 336 14.73 -60.97 90.76
C LEU J 336 13.56 -61.87 91.13
N ASN J 337 12.75 -62.20 90.13
CA ASN J 337 11.60 -63.08 90.33
C ASN J 337 11.19 -63.77 89.04
N ARG J 338 11.04 -65.09 89.11
CA ARG J 338 10.73 -65.93 87.97
C ARG J 338 11.62 -65.64 86.75
N SER J 339 12.93 -65.55 87.01
CA SER J 339 13.91 -65.29 85.98
C SER J 339 15.03 -66.32 85.99
N LEU J 340 15.73 -66.46 84.86
CA LEU J 340 16.89 -67.34 84.77
C LEU J 340 18.08 -66.55 84.26
N LEU J 341 19.14 -66.51 85.07
CA LEU J 341 20.34 -65.75 84.70
C LEU J 341 21.50 -66.68 84.35
N PHE J 342 22.10 -66.45 83.18
CA PHE J 342 23.29 -67.16 82.78
C PHE J 342 24.52 -66.58 83.47
N THR J 343 25.70 -67.07 83.10
CA THR J 343 26.93 -66.68 83.77
C THR J 343 27.29 -65.21 83.51
N GLY J 344 27.70 -64.52 84.58
CA GLY J 344 28.30 -63.20 84.44
C GLY J 344 27.38 -62.01 84.39
N VAL J 345 26.19 -62.14 84.95
CA VAL J 345 25.23 -61.03 84.94
C VAL J 345 25.52 -60.06 86.09
N ARG J 346 25.46 -58.76 85.78
CA ARG J 346 25.57 -57.72 86.81
C ARG J 346 24.25 -56.96 86.90
N ALA J 347 23.51 -57.18 87.99
CA ALA J 347 22.27 -56.45 88.21
C ALA J 347 22.46 -55.44 89.34
N ASN J 348 22.11 -54.19 89.07
CA ASN J 348 22.41 -53.11 90.01
C ASN J 348 21.17 -52.59 90.74
N SER J 349 21.40 -51.71 91.71
CA SER J 349 20.38 -51.28 92.67
C SER J 349 19.06 -50.82 92.07
N TYR J 350 17.98 -51.15 92.77
CA TYR J 350 16.61 -50.73 92.44
C TYR J 350 16.11 -51.26 91.10
N SER J 351 16.92 -52.07 90.44
CA SER J 351 16.48 -52.74 89.22
C SER J 351 15.61 -53.93 89.58
N ARG J 352 14.75 -54.33 88.66
CA ARG J 352 13.84 -55.44 88.90
C ARG J 352 13.63 -56.26 87.64
N LEU J 353 13.86 -57.57 87.74
CA LEU J 353 13.62 -58.50 86.64
C LEU J 353 12.49 -59.46 86.98
N GLU J 354 11.57 -59.64 86.04
CA GLU J 354 10.51 -60.64 86.23
C GLU J 354 10.18 -61.30 84.90
N ASN J 355 10.04 -62.62 84.93
CA ASN J 355 9.83 -63.43 83.73
C ASN J 355 10.93 -63.21 82.71
N ALA J 356 12.15 -63.02 83.20
CA ALA J 356 13.28 -62.67 82.34
C ALA J 356 14.24 -63.83 82.08
N VAL J 357 14.62 -64.00 80.82
CA VAL J 357 15.73 -64.89 80.48
C VAL J 357 16.94 -64.03 80.15
N VAL J 358 17.96 -64.09 80.99
CA VAL J 358 19.09 -63.18 80.90
C VAL J 358 20.38 -63.89 80.48
N LEU J 359 20.72 -63.76 79.20
CA LEU J 359 21.87 -64.44 78.61
C LEU J 359 23.19 -63.93 79.23
N PRO J 360 24.33 -64.59 78.94
CA PRO J 360 25.55 -64.22 79.68
C PRO J 360 26.04 -62.79 79.49
N SER J 361 26.75 -62.30 80.51
CA SER J 361 27.47 -61.01 80.47
C SER J 361 26.55 -59.79 80.32
N VAL J 362 25.27 -59.96 80.66
CA VAL J 362 24.33 -58.85 80.60
C VAL J 362 24.44 -57.99 81.84
N LYS J 363 24.45 -56.66 81.66
CA LYS J 363 24.42 -55.75 82.78
C LYS J 363 23.10 -54.97 82.82
N ILE J 364 22.42 -55.04 83.96
CA ILE J 364 21.19 -54.29 84.17
C ILE J 364 21.47 -53.07 85.04
N GLY J 365 21.28 -51.89 84.47
CA GLY J 365 21.56 -50.65 85.19
C GLY J 365 20.56 -50.37 86.29
N ARG J 366 20.91 -49.43 87.17
CA ARG J 366 20.04 -49.02 88.26
C ARG J 366 18.64 -48.62 87.77
N HIS J 367 17.63 -48.93 88.59
CA HIS J 367 16.25 -48.53 88.37
C HIS J 367 15.59 -49.10 87.11
N ALA J 368 16.30 -49.97 86.40
CA ALA J 368 15.71 -50.62 85.23
C ALA J 368 14.68 -51.64 85.67
N GLN J 369 13.55 -51.69 84.96
CA GLN J 369 12.49 -52.63 85.32
C GLN J 369 12.01 -53.41 84.10
N LEU J 370 12.36 -54.68 84.03
CA LEU J 370 12.10 -55.48 82.85
C LEU J 370 11.19 -56.68 83.15
N SER J 371 10.16 -56.85 82.34
CA SER J 371 9.21 -57.95 82.50
C SER J 371 8.98 -58.70 81.20
N ASN J 372 8.91 -60.03 81.30
CA ASN J 372 8.70 -60.90 80.15
C ASN J 372 9.65 -60.60 78.99
N VAL J 373 10.94 -60.75 79.27
CA VAL J 373 11.97 -60.40 78.29
C VAL J 373 12.97 -61.52 78.06
N VAL J 374 13.59 -61.48 76.89
CA VAL J 374 14.79 -62.27 76.62
C VAL J 374 15.90 -61.30 76.28
N ILE J 375 16.93 -61.25 77.12
CA ILE J 375 18.03 -60.33 76.94
C ILE J 375 19.23 -61.02 76.31
N ASP J 376 19.65 -60.54 75.14
CA ASP J 376 20.73 -61.14 74.38
C ASP J 376 22.08 -61.06 75.12
N HIS J 377 23.05 -61.85 74.66
CA HIS J 377 24.35 -61.93 75.28
C HIS J 377 25.09 -60.60 75.28
N GLY J 378 25.56 -60.18 76.46
CA GLY J 378 26.40 -59.00 76.58
C GLY J 378 25.70 -57.66 76.56
N VAL J 379 24.38 -57.67 76.38
CA VAL J 379 23.58 -56.46 76.31
C VAL J 379 23.69 -55.60 77.57
N VAL J 380 23.96 -54.31 77.38
CA VAL J 380 23.99 -53.36 78.49
C VAL J 380 22.68 -52.59 78.56
N ILE J 381 21.86 -52.91 79.56
CA ILE J 381 20.56 -52.28 79.72
C ILE J 381 20.68 -50.92 80.39
N PRO J 382 20.18 -49.86 79.73
CA PRO J 382 20.24 -48.49 80.23
C PRO J 382 19.54 -48.33 81.58
N GLU J 383 20.06 -47.45 82.43
CA GLU J 383 19.44 -47.17 83.71
C GLU J 383 18.05 -46.57 83.51
N GLY J 384 17.08 -47.10 84.24
CA GLY J 384 15.72 -46.58 84.21
C GLY J 384 14.85 -47.15 83.11
N LEU J 385 15.42 -47.99 82.25
CA LEU J 385 14.68 -48.57 81.14
C LEU J 385 13.51 -49.42 81.62
N ILE J 386 12.33 -49.20 81.03
CA ILE J 386 11.14 -49.93 81.42
C ILE J 386 10.60 -50.77 80.26
N VAL J 387 10.73 -52.08 80.38
CA VAL J 387 10.18 -53.00 79.40
C VAL J 387 9.08 -53.85 80.05
N GLY J 388 8.04 -54.15 79.27
CA GLY J 388 6.95 -54.97 79.77
C GLY J 388 5.91 -54.16 80.52
N GLU J 389 5.67 -52.95 80.05
CA GLU J 389 4.70 -52.07 80.70
C GLU J 389 3.86 -51.30 79.67
N ASP J 390 4.46 -51.06 78.52
CA ASP J 390 3.78 -50.35 77.45
C ASP J 390 3.97 -51.11 76.13
N PRO J 391 3.00 -51.99 75.80
CA PRO J 391 3.03 -52.88 74.65
C PRO J 391 3.41 -52.20 73.34
N GLU J 392 2.60 -51.23 72.90
CA GLU J 392 2.84 -50.53 71.64
C GLU J 392 4.20 -49.85 71.65
N LEU J 393 4.61 -49.38 72.82
CA LEU J 393 5.92 -48.76 72.98
C LEU J 393 7.02 -49.82 72.97
N ASP J 394 6.79 -50.92 73.68
CA ASP J 394 7.74 -52.03 73.70
C ASP J 394 7.90 -52.64 72.32
N ALA J 395 6.78 -52.77 71.60
CA ALA J 395 6.78 -53.35 70.27
C ALA J 395 7.51 -52.44 69.29
N LYS J 396 7.50 -51.14 69.56
CA LYS J 396 8.18 -50.18 68.70
C LYS J 396 9.67 -50.15 69.01
N ARG J 397 10.03 -50.42 70.27
CA ARG J 397 11.43 -50.38 70.69
C ARG J 397 12.15 -51.70 70.43
N PHE J 398 11.45 -52.81 70.65
CA PHE J 398 12.09 -54.13 70.58
C PHE J 398 11.30 -55.12 69.73
N ARG J 399 11.82 -56.35 69.66
CA ARG J 399 11.12 -57.45 69.02
C ARG J 399 10.13 -58.07 70.00
N ARG J 400 8.84 -57.85 69.76
CA ARG J 400 7.81 -58.29 70.68
C ARG J 400 6.95 -59.39 70.05
N THR J 401 6.61 -60.41 70.84
CA THR J 401 5.75 -61.49 70.36
C THR J 401 4.30 -61.18 70.67
N GLU J 402 3.39 -61.95 70.08
CA GLU J 402 1.96 -61.78 70.31
C GLU J 402 1.62 -61.94 71.78
N SER J 403 2.28 -62.89 72.45
CA SER J 403 2.00 -63.19 73.84
C SER J 403 2.71 -62.24 74.79
N GLY J 404 3.46 -61.29 74.25
CA GLY J 404 4.02 -60.22 75.05
C GLY J 404 5.45 -60.38 75.52
N ILE J 405 6.23 -61.21 74.83
CA ILE J 405 7.64 -61.38 75.18
C ILE J 405 8.51 -60.44 74.36
N CYS J 406 9.43 -59.75 75.02
CA CYS J 406 10.34 -58.83 74.34
C CYS J 406 11.75 -59.39 74.24
N LEU J 407 12.25 -59.53 73.02
CA LEU J 407 13.66 -59.82 72.79
C LEU J 407 14.44 -58.52 72.73
N ILE J 408 15.49 -58.42 73.53
CA ILE J 408 16.29 -57.19 73.58
C ILE J 408 17.73 -57.42 73.14
N THR J 409 18.12 -56.79 72.04
CA THR J 409 19.51 -56.83 71.59
C THR J 409 20.15 -55.47 71.76
N GLN J 410 21.47 -55.41 71.59
CA GLN J 410 22.20 -54.16 71.72
C GLN J 410 21.83 -53.21 70.58
N SER J 411 21.57 -53.78 69.41
CA SER J 411 21.16 -52.99 68.25
C SER J 411 19.86 -52.24 68.51
N MET J 412 19.01 -52.82 69.35
CA MET J 412 17.74 -52.19 69.71
C MET J 412 17.96 -51.10 70.76
N ILE J 413 18.90 -51.32 71.66
CA ILE J 413 19.17 -50.39 72.75
C ILE J 413 19.86 -49.12 72.25
N ASP J 414 20.79 -49.29 71.31
CA ASP J 414 21.55 -48.15 70.77
C ASP J 414 20.67 -47.18 69.99
N LYS J 415 19.88 -47.71 69.05
CA LYS J 415 18.92 -46.91 68.30
C LYS J 415 18.02 -46.13 69.25
N LEU J 416 17.48 -46.85 70.22
CA LEU J 416 16.55 -46.33 71.20
C LEU J 416 17.12 -45.23 72.10
N ASP J 417 16.28 -44.26 72.42
CA ASP J 417 16.43 -43.48 73.64
C ASP J 417 15.02 -43.17 74.15
N LEU J 418 14.04 -43.31 73.24
CA LEU J 418 12.63 -43.35 73.61
C LEU J 418 11.89 -44.23 72.61
N VAL K 4 -70.02 39.09 -72.35
CA VAL K 4 -71.19 39.24 -73.21
C VAL K 4 -72.28 38.24 -72.85
N GLN K 5 -71.98 36.94 -72.96
CA GLN K 5 -73.00 35.94 -72.70
C GLN K 5 -73.32 35.83 -71.22
N PRO K 6 -74.61 35.61 -70.89
CA PRO K 6 -75.09 35.49 -69.50
C PRO K 6 -74.36 34.41 -68.72
N LEU K 7 -74.25 34.60 -67.41
CA LEU K 7 -73.54 33.66 -66.56
C LEU K 7 -74.39 32.42 -66.29
N ALA K 8 -75.70 32.55 -66.43
CA ALA K 8 -76.62 31.45 -66.16
C ALA K 8 -76.43 30.29 -67.14
N ARG K 9 -75.76 30.56 -68.26
CA ARG K 9 -75.47 29.52 -69.24
C ARG K 9 -74.56 28.43 -68.70
N ASP K 10 -73.67 28.80 -67.79
CA ASP K 10 -72.71 27.84 -67.25
C ASP K 10 -72.91 27.64 -65.75
N ALA K 11 -74.14 27.85 -65.28
CA ALA K 11 -74.45 27.64 -63.88
C ALA K 11 -75.38 26.45 -63.70
N MET K 12 -75.33 25.85 -62.52
CA MET K 12 -76.24 24.75 -62.20
C MET K 12 -77.05 25.11 -60.94
N ALA K 13 -78.35 24.91 -61.01
CA ALA K 13 -79.20 25.14 -59.84
C ALA K 13 -79.31 23.87 -59.02
N TYR K 14 -78.83 23.93 -57.78
CA TYR K 14 -78.90 22.79 -56.88
C TYR K 14 -79.91 23.07 -55.77
N VAL K 15 -81.07 22.44 -55.86
CA VAL K 15 -82.18 22.74 -54.96
C VAL K 15 -82.21 21.78 -53.77
N LEU K 16 -82.00 22.33 -52.57
CA LEU K 16 -82.08 21.55 -51.34
C LEU K 16 -83.52 21.36 -50.94
N ALA K 17 -84.07 20.17 -51.17
CA ALA K 17 -85.46 19.89 -50.87
C ALA K 17 -85.61 18.83 -49.79
N GLY K 18 -84.74 18.91 -48.77
CA GLY K 18 -84.79 17.97 -47.68
C GLY K 18 -85.53 18.51 -46.47
N GLY K 19 -86.09 19.71 -46.61
CA GLY K 19 -86.81 20.37 -45.53
C GLY K 19 -87.99 19.57 -45.02
N ARG K 20 -88.05 19.40 -43.70
CA ARG K 20 -89.09 18.59 -43.08
C ARG K 20 -90.37 19.38 -42.83
N GLY K 21 -90.21 20.64 -42.44
CA GLY K 21 -91.35 21.47 -42.08
C GLY K 21 -92.08 20.88 -40.90
N SER K 22 -91.39 20.80 -39.76
CA SER K 22 -91.91 20.13 -38.58
C SER K 22 -93.04 20.89 -37.90
N ARG K 23 -92.95 22.22 -37.91
CA ARG K 23 -93.96 23.06 -37.27
C ARG K 23 -95.26 23.10 -38.05
N LEU K 24 -95.25 22.57 -39.28
CA LEU K 24 -96.46 22.43 -40.07
C LEU K 24 -97.22 21.18 -39.64
N LYS K 25 -96.60 20.42 -38.76
CA LYS K 25 -97.23 19.27 -38.10
C LYS K 25 -97.76 18.22 -39.09
N GLU K 26 -99.06 18.00 -39.07
CA GLU K 26 -99.69 16.94 -39.86
C GLU K 26 -99.65 17.21 -41.36
N LEU K 27 -99.46 18.47 -41.73
CA LEU K 27 -99.36 18.86 -43.13
C LEU K 27 -98.22 18.13 -43.83
N THR K 28 -97.15 17.87 -43.08
CA THR K 28 -95.95 17.26 -43.63
C THR K 28 -95.61 15.92 -42.96
N ASP K 29 -96.63 15.20 -42.52
CA ASP K 29 -96.42 13.89 -41.90
C ASP K 29 -96.15 12.81 -42.94
N ARG K 30 -96.58 13.06 -44.17
CA ARG K 30 -96.40 12.10 -45.25
C ARG K 30 -95.73 12.73 -46.46
N ARG K 31 -95.32 13.98 -46.32
CA ARG K 31 -94.66 14.69 -47.41
C ARG K 31 -93.61 15.65 -46.88
N ALA K 32 -92.62 15.96 -47.71
CA ALA K 32 -91.63 16.97 -47.37
C ALA K 32 -92.24 18.35 -47.53
N LYS K 33 -91.66 19.35 -46.87
CA LYS K 33 -92.16 20.71 -46.98
C LYS K 33 -92.15 21.26 -48.42
N PRO K 34 -91.10 20.93 -49.21
CA PRO K 34 -91.17 21.38 -50.61
C PRO K 34 -92.34 20.77 -51.40
N ALA K 35 -92.98 19.75 -50.85
CA ALA K 35 -94.07 19.06 -51.54
C ALA K 35 -95.43 19.64 -51.18
N VAL K 36 -95.45 20.55 -50.21
CA VAL K 36 -96.70 21.17 -49.76
C VAL K 36 -97.28 22.09 -50.83
N TYR K 37 -98.59 21.98 -51.06
CA TYR K 37 -99.29 22.80 -52.04
C TYR K 37 -99.34 24.27 -51.65
N PHE K 38 -99.40 25.14 -52.65
CA PHE K 38 -99.52 26.58 -52.40
C PHE K 38 -100.09 27.35 -53.59
N GLY K 39 -100.99 28.28 -53.31
CA GLY K 39 -101.48 29.21 -54.32
C GLY K 39 -102.75 28.78 -55.03
N GLY K 40 -103.02 27.49 -55.05
CA GLY K 40 -104.22 26.98 -55.69
C GLY K 40 -103.95 26.04 -56.85
N LYS K 41 -102.69 25.91 -57.24
CA LYS K 41 -102.34 25.04 -58.36
C LYS K 41 -100.91 24.49 -58.26
N ALA K 42 -100.03 25.23 -57.59
CA ALA K 42 -98.61 24.87 -57.55
C ALA K 42 -98.20 24.27 -56.21
N ARG K 43 -96.96 23.79 -56.17
CA ARG K 43 -96.35 23.33 -54.92
C ARG K 43 -95.26 24.32 -54.55
N ILE K 44 -94.81 24.30 -53.30
CA ILE K 44 -93.81 25.26 -52.82
C ILE K 44 -92.51 25.20 -53.63
N ILE K 45 -92.05 24.00 -53.95
CA ILE K 45 -90.78 23.85 -54.66
C ILE K 45 -90.84 24.41 -56.09
N ASP K 46 -92.05 24.65 -56.59
CA ASP K 46 -92.24 25.15 -57.95
C ASP K 46 -91.76 26.58 -58.14
N PHE K 47 -91.47 27.27 -57.04
CA PHE K 47 -91.02 28.65 -57.13
C PHE K 47 -89.51 28.73 -57.33
N ALA K 48 -88.77 27.95 -56.54
CA ALA K 48 -87.31 27.91 -56.68
C ALA K 48 -86.91 27.33 -58.03
N LEU K 49 -87.70 26.38 -58.52
CA LEU K 49 -87.43 25.74 -59.81
C LEU K 49 -87.76 26.69 -60.96
N SER K 50 -88.85 27.43 -60.84
CA SER K 50 -89.23 28.39 -61.86
C SER K 50 -88.26 29.58 -61.89
N ASN K 51 -87.78 29.97 -60.73
CA ASN K 51 -86.78 31.04 -60.64
C ASN K 51 -85.52 30.67 -61.43
N ALA K 52 -85.07 29.44 -61.27
CA ALA K 52 -83.91 28.95 -62.01
C ALA K 52 -84.21 28.88 -63.51
N LEU K 53 -85.38 28.34 -63.84
CA LEU K 53 -85.82 28.23 -65.22
C LEU K 53 -85.88 29.60 -65.90
N ASN K 54 -86.57 30.53 -65.27
CA ASN K 54 -86.75 31.87 -65.85
C ASN K 54 -85.46 32.69 -65.87
N SER K 55 -84.52 32.36 -64.99
CA SER K 55 -83.26 33.08 -64.93
C SER K 55 -82.31 32.63 -66.03
N GLY K 56 -82.63 31.50 -66.66
CA GLY K 56 -81.84 31.00 -67.78
C GLY K 56 -80.96 29.81 -67.42
N ILE K 57 -81.03 29.39 -66.17
CA ILE K 57 -80.24 28.23 -65.72
C ILE K 57 -80.80 26.96 -66.34
N ARG K 58 -79.95 26.20 -67.02
CA ARG K 58 -80.39 25.05 -67.79
C ARG K 58 -80.24 23.72 -67.06
N ARG K 59 -79.33 23.67 -66.09
CA ARG K 59 -79.11 22.45 -65.34
C ARG K 59 -79.61 22.57 -63.91
N ILE K 60 -80.56 21.72 -63.54
CA ILE K 60 -81.15 21.74 -62.22
C ILE K 60 -80.99 20.39 -61.52
N GLY K 61 -80.53 20.42 -60.28
CA GLY K 61 -80.48 19.23 -59.46
C GLY K 61 -81.30 19.43 -58.20
N VAL K 62 -82.12 18.44 -57.86
CA VAL K 62 -82.95 18.51 -56.65
C VAL K 62 -82.65 17.36 -55.71
N ALA K 63 -82.03 17.67 -54.58
CA ALA K 63 -81.70 16.66 -53.58
C ALA K 63 -82.85 16.47 -52.58
N THR K 64 -83.36 15.24 -52.50
CA THR K 64 -84.49 14.93 -51.65
C THR K 64 -84.10 13.96 -50.53
N GLN K 65 -84.84 13.99 -49.43
CA GLN K 65 -84.49 13.18 -48.27
C GLN K 65 -85.70 12.39 -47.73
N TYR K 66 -86.45 12.99 -46.81
CA TYR K 66 -87.53 12.27 -46.13
C TYR K 66 -88.89 12.46 -46.79
N LYS K 67 -89.71 11.41 -46.75
CA LYS K 67 -91.08 11.42 -47.27
C LYS K 67 -91.17 12.00 -48.67
N ALA K 68 -90.20 11.66 -49.51
CA ALA K 68 -90.06 12.31 -50.81
C ALA K 68 -90.82 11.63 -51.93
N HIS K 69 -91.76 10.74 -51.60
CA HIS K 69 -92.56 10.08 -52.63
C HIS K 69 -93.29 11.11 -53.48
N SER K 70 -94.20 11.84 -52.85
CA SER K 70 -95.03 12.82 -53.56
C SER K 70 -94.18 13.91 -54.21
N LEU K 71 -93.10 14.30 -53.55
CA LEU K 71 -92.20 15.32 -54.09
C LEU K 71 -91.54 14.84 -55.38
N ILE K 72 -91.02 13.61 -55.36
CA ILE K 72 -90.33 13.05 -56.51
C ILE K 72 -91.30 12.80 -57.66
N ARG K 73 -92.46 12.24 -57.33
CA ARG K 73 -93.50 12.00 -58.34
C ARG K 73 -93.93 13.31 -58.99
N HIS K 74 -93.90 14.39 -58.20
CA HIS K 74 -94.19 15.72 -58.71
C HIS K 74 -93.15 16.17 -59.73
N LEU K 75 -91.88 15.99 -59.38
CA LEU K 75 -90.78 16.37 -60.25
C LEU K 75 -90.78 15.53 -61.53
N GLN K 76 -91.08 14.24 -61.39
CA GLN K 76 -91.17 13.35 -62.54
C GLN K 76 -92.22 13.83 -63.54
N ARG K 77 -93.40 14.15 -63.04
CA ARG K 77 -94.54 14.48 -63.90
C ARG K 77 -94.60 15.96 -64.30
N GLY K 78 -94.13 16.83 -63.42
CA GLY K 78 -94.21 18.26 -63.66
C GLY K 78 -93.01 18.86 -64.37
N TRP K 79 -91.82 18.40 -64.01
CA TRP K 79 -90.59 18.94 -64.55
C TRP K 79 -89.89 17.91 -65.44
N ASP K 80 -90.51 17.63 -66.57
CA ASP K 80 -90.15 16.50 -67.42
C ASP K 80 -89.74 16.90 -68.83
N PHE K 81 -89.52 18.20 -69.05
CA PHE K 81 -89.34 18.70 -70.40
C PHE K 81 -87.88 19.06 -70.73
N PHE K 82 -86.96 18.72 -69.83
CA PHE K 82 -85.54 18.98 -70.06
C PHE K 82 -84.91 17.86 -70.89
N ARG K 83 -84.19 18.23 -71.96
CA ARG K 83 -83.56 17.24 -72.81
C ARG K 83 -82.04 17.43 -72.85
N PRO K 84 -81.29 16.41 -72.41
CA PRO K 84 -79.83 16.47 -72.34
C PRO K 84 -79.16 16.87 -73.66
N GLU K 85 -79.80 16.56 -74.79
CA GLU K 85 -79.22 16.90 -76.09
C GLU K 85 -79.14 18.40 -76.28
N ARG K 86 -80.06 19.13 -75.63
CA ARG K 86 -80.10 20.58 -75.78
C ARG K 86 -79.34 21.28 -74.65
N ASN K 87 -78.35 20.57 -74.09
CA ASN K 87 -77.51 21.10 -73.02
C ASN K 87 -78.29 21.54 -71.78
N GLU K 88 -79.27 20.74 -71.40
CA GLU K 88 -80.06 21.02 -70.21
C GLU K 88 -80.33 19.70 -69.48
N SER K 89 -80.44 19.77 -68.17
CA SER K 89 -80.67 18.56 -67.39
C SER K 89 -81.53 18.84 -66.18
N PHE K 90 -82.31 17.85 -65.78
CA PHE K 90 -83.06 17.91 -64.55
C PHE K 90 -82.85 16.60 -63.80
N ASP K 91 -81.97 16.63 -62.80
CA ASP K 91 -81.66 15.44 -62.03
C ASP K 91 -82.39 15.43 -60.69
N ILE K 92 -83.07 14.32 -60.41
CA ILE K 92 -83.69 14.08 -59.11
C ILE K 92 -82.75 13.29 -58.23
N LEU K 93 -82.27 13.91 -57.16
CA LEU K 93 -81.20 13.33 -56.36
C LEU K 93 -81.67 12.81 -55.00
N ALA K 94 -82.44 11.73 -55.03
CA ALA K 94 -82.92 11.09 -53.80
C ALA K 94 -81.76 10.60 -52.95
N ALA K 95 -81.76 10.98 -51.67
CA ALA K 95 -80.64 10.76 -50.76
C ALA K 95 -80.14 9.32 -50.76
N SER K 96 -81.06 8.40 -50.93
CA SER K 96 -80.81 6.99 -50.69
C SER K 96 -79.94 6.33 -51.77
N GLN K 97 -79.46 7.13 -52.73
CA GLN K 97 -79.09 6.63 -54.05
C GLN K 97 -80.29 5.81 -54.51
N ARG K 98 -81.45 6.38 -54.23
CA ARG K 98 -82.71 5.70 -53.94
C ARG K 98 -82.61 4.29 -53.25
N VAL K 99 -81.63 3.45 -53.61
CA VAL K 99 -81.52 2.13 -52.96
C VAL K 99 -80.14 1.50 -52.79
N SER K 100 -79.18 2.21 -52.21
CA SER K 100 -77.91 1.56 -51.91
C SER K 100 -77.17 2.16 -50.71
N GLU K 101 -75.84 2.25 -50.84
CA GLU K 101 -74.94 2.52 -49.71
C GLU K 101 -75.22 3.82 -48.95
N THR K 102 -74.85 3.80 -47.66
CA THR K 102 -74.87 4.97 -46.77
C THR K 102 -76.16 5.80 -46.83
N GLN K 103 -77.04 5.57 -45.88
CA GLN K 103 -78.38 6.13 -45.92
C GLN K 103 -78.48 7.52 -45.28
N TRP K 104 -79.36 8.35 -45.85
CA TRP K 104 -79.61 9.72 -45.40
C TRP K 104 -78.43 10.65 -45.62
N TYR K 105 -78.67 11.77 -46.28
CA TYR K 105 -77.70 12.85 -46.34
C TYR K 105 -77.46 13.32 -44.92
N GLU K 106 -76.19 13.35 -44.50
CA GLU K 106 -75.86 13.69 -43.13
C GLU K 106 -76.02 15.18 -42.86
N GLY K 107 -76.55 15.90 -43.83
CA GLY K 107 -76.85 17.31 -43.71
C GLY K 107 -77.35 17.87 -45.02
N THR K 108 -76.75 18.96 -45.46
CA THR K 108 -77.20 19.63 -46.66
C THR K 108 -76.01 19.95 -47.58
N ALA K 109 -74.80 19.79 -47.04
CA ALA K 109 -73.59 19.88 -47.83
C ALA K 109 -73.24 18.50 -48.36
N ASP K 110 -73.56 17.48 -47.56
CA ASP K 110 -73.41 16.09 -47.96
C ASP K 110 -74.28 15.80 -49.19
N ALA K 111 -75.39 16.52 -49.27
CA ALA K 111 -76.29 16.44 -50.42
C ALA K 111 -75.58 16.86 -51.69
N VAL K 112 -74.62 17.78 -51.57
CA VAL K 112 -73.86 18.25 -52.72
C VAL K 112 -72.54 17.49 -52.85
N TYR K 113 -72.10 16.87 -51.75
CA TYR K 113 -70.86 16.09 -51.77
C TYR K 113 -71.08 14.69 -52.33
N GLN K 114 -72.18 14.05 -51.94
CA GLN K 114 -72.49 12.71 -52.40
C GLN K 114 -72.65 12.68 -53.92
N ASN K 115 -73.23 13.74 -54.46
CA ASN K 115 -73.56 13.78 -55.88
C ASN K 115 -72.55 14.59 -56.70
N ILE K 116 -71.29 14.55 -56.28
CA ILE K 116 -70.21 15.16 -57.03
C ILE K 116 -70.05 14.48 -58.39
N ASP K 117 -70.26 13.17 -58.41
CA ASP K 117 -70.09 12.37 -59.61
C ASP K 117 -71.09 12.75 -60.70
N ILE K 118 -72.17 13.39 -60.31
CA ILE K 118 -73.20 13.83 -61.25
C ILE K 118 -72.90 15.24 -61.75
N ILE K 119 -72.36 16.07 -60.86
CA ILE K 119 -72.12 17.48 -61.14
C ILE K 119 -70.88 17.72 -62.01
N GLU K 120 -69.84 16.91 -61.78
CA GLU K 120 -68.57 17.08 -62.49
C GLU K 120 -68.63 16.89 -64.01
N PRO K 121 -69.34 15.86 -64.51
CA PRO K 121 -69.44 15.71 -65.97
C PRO K 121 -70.04 16.94 -66.66
N TYR K 122 -71.05 17.52 -66.05
CA TYR K 122 -71.66 18.75 -66.57
C TYR K 122 -70.63 19.88 -66.58
N ALA K 123 -69.80 19.89 -65.54
CA ALA K 123 -68.76 20.92 -65.35
C ALA K 123 -69.29 22.35 -65.49
N PRO K 124 -70.27 22.73 -64.65
CA PRO K 124 -70.77 24.09 -64.73
C PRO K 124 -69.76 25.07 -64.14
N GLU K 125 -69.73 26.31 -64.63
CA GLU K 125 -68.78 27.29 -64.11
C GLU K 125 -69.23 27.79 -62.76
N TYR K 126 -70.55 27.80 -62.55
CA TYR K 126 -71.12 28.27 -61.30
C TYR K 126 -72.10 27.28 -60.69
N MET K 127 -72.34 27.44 -59.40
CA MET K 127 -73.35 26.66 -58.69
C MET K 127 -74.26 27.60 -57.91
N VAL K 128 -75.56 27.44 -58.09
CA VAL K 128 -76.53 28.23 -57.35
C VAL K 128 -77.32 27.34 -56.41
N ILE K 129 -76.95 27.37 -55.14
CA ILE K 129 -77.60 26.56 -54.12
C ILE K 129 -78.89 27.24 -53.66
N LEU K 130 -80.00 26.51 -53.72
CA LEU K 130 -81.29 27.08 -53.39
C LEU K 130 -82.00 26.31 -52.29
N ALA K 131 -82.73 27.03 -51.45
CA ALA K 131 -83.65 26.40 -50.52
C ALA K 131 -85.00 26.18 -51.22
N GLY K 132 -85.47 24.95 -51.23
CA GLY K 132 -86.66 24.61 -51.99
C GLY K 132 -87.98 24.73 -51.26
N ASP K 133 -87.96 25.29 -50.05
CA ASP K 133 -89.17 25.36 -49.25
C ASP K 133 -89.62 26.80 -48.95
N HIS K 134 -89.28 27.71 -49.85
CA HIS K 134 -89.70 29.11 -49.70
C HIS K 134 -90.47 29.58 -50.94
N ILE K 135 -91.38 30.53 -50.72
CA ILE K 135 -92.15 31.11 -51.82
C ILE K 135 -91.64 32.52 -52.14
N TYR K 136 -91.07 32.67 -53.34
CA TYR K 136 -90.48 33.93 -53.75
C TYR K 136 -90.11 33.91 -55.23
N LYS K 137 -89.92 35.09 -55.81
CA LYS K 137 -89.51 35.21 -57.21
C LYS K 137 -88.23 36.04 -57.30
N MET K 138 -87.23 35.50 -57.99
CA MET K 138 -85.90 36.10 -57.99
C MET K 138 -85.12 35.79 -59.27
N ASP K 139 -84.48 36.80 -59.83
CA ASP K 139 -83.64 36.64 -61.02
C ASP K 139 -82.20 36.38 -60.61
N TYR K 140 -81.77 35.13 -60.70
CA TYR K 140 -80.46 34.72 -60.20
C TYR K 140 -79.29 35.26 -61.01
N GLU K 141 -79.57 35.89 -62.14
CA GLU K 141 -78.52 36.45 -62.98
C GLU K 141 -77.82 37.60 -62.26
N TYR K 142 -78.59 38.38 -61.51
CA TYR K 142 -78.04 39.47 -60.71
C TYR K 142 -77.03 38.95 -59.69
N MET K 143 -77.40 37.87 -59.02
CA MET K 143 -76.58 37.29 -57.98
C MET K 143 -75.33 36.63 -58.54
N LEU K 144 -75.45 36.08 -59.75
CA LEU K 144 -74.30 35.51 -60.44
C LEU K 144 -73.34 36.61 -60.86
N GLN K 145 -73.88 37.72 -61.34
CA GLN K 145 -73.08 38.85 -61.79
C GLN K 145 -72.33 39.50 -60.63
N GLN K 146 -73.01 39.65 -59.51
CA GLN K 146 -72.39 40.25 -58.33
C GLN K 146 -71.28 39.35 -57.80
N HIS K 147 -71.49 38.04 -57.89
CA HIS K 147 -70.52 37.06 -57.42
C HIS K 147 -69.18 37.17 -58.15
N VAL K 148 -69.23 37.25 -59.48
CA VAL K 148 -68.00 37.31 -60.26
C VAL K 148 -67.37 38.71 -60.20
N ASP K 149 -68.20 39.73 -60.04
CA ASP K 149 -67.69 41.10 -59.93
C ASP K 149 -67.04 41.34 -58.59
N SER K 150 -67.58 40.70 -57.55
CA SER K 150 -67.04 40.82 -56.21
C SER K 150 -65.64 40.20 -56.10
N GLY K 151 -65.53 38.96 -56.58
CA GLY K 151 -64.31 38.20 -56.41
C GLY K 151 -64.43 37.37 -55.14
N ALA K 152 -65.64 37.35 -54.58
CA ALA K 152 -65.91 36.61 -53.35
C ALA K 152 -65.85 35.11 -53.58
N ASP K 153 -65.76 34.37 -52.48
CA ASP K 153 -65.73 32.92 -52.56
C ASP K 153 -67.14 32.36 -52.37
N VAL K 154 -68.02 33.19 -51.84
CA VAL K 154 -69.43 32.83 -51.73
C VAL K 154 -70.28 34.10 -51.65
N THR K 155 -71.34 34.15 -52.46
CA THR K 155 -72.30 35.23 -52.38
C THR K 155 -73.59 34.68 -51.79
N ILE K 156 -74.19 35.41 -50.87
CA ILE K 156 -75.31 34.89 -50.10
C ILE K 156 -76.50 35.84 -50.17
N GLY K 157 -77.68 35.29 -50.48
CA GLY K 157 -78.87 36.09 -50.64
C GLY K 157 -79.49 36.47 -49.31
N CYS K 158 -79.64 37.78 -49.11
CA CYS K 158 -80.16 38.29 -47.84
C CYS K 158 -81.46 39.06 -47.97
N LEU K 159 -82.31 38.94 -46.96
CA LEU K 159 -83.49 39.77 -46.85
C LEU K 159 -83.18 40.99 -45.98
N GLU K 160 -83.70 42.15 -46.37
CA GLU K 160 -83.63 43.32 -45.50
C GLU K 160 -84.88 43.36 -44.65
N VAL K 161 -84.74 42.98 -43.38
CA VAL K 161 -85.89 42.86 -42.51
C VAL K 161 -85.71 43.70 -41.25
N PRO K 162 -86.83 44.19 -40.67
CA PRO K 162 -86.78 44.87 -39.37
C PRO K 162 -86.04 44.02 -38.35
N ARG K 163 -85.26 44.65 -37.48
CA ARG K 163 -84.29 43.92 -36.69
C ARG K 163 -84.91 42.94 -35.69
N MET K 164 -86.06 43.29 -35.11
CA MET K 164 -86.73 42.38 -34.18
C MET K 164 -87.26 41.15 -34.90
N GLU K 165 -87.51 41.30 -36.19
CA GLU K 165 -88.00 40.20 -37.04
C GLU K 165 -86.89 39.19 -37.32
N ALA K 166 -85.65 39.66 -37.35
CA ALA K 166 -84.51 38.82 -37.72
C ALA K 166 -84.11 37.83 -36.63
N THR K 167 -84.93 37.67 -35.60
CA THR K 167 -84.57 36.83 -34.46
C THR K 167 -84.68 35.34 -34.76
N GLY K 168 -85.43 34.99 -35.81
CA GLY K 168 -85.65 33.59 -36.13
C GLY K 168 -84.91 33.13 -37.38
N PHE K 169 -83.99 33.97 -37.85
CA PHE K 169 -83.26 33.70 -39.08
C PHE K 169 -81.79 33.48 -38.85
N GLY K 170 -81.12 32.91 -39.85
CA GLY K 170 -79.68 33.00 -39.92
C GLY K 170 -79.36 34.44 -40.28
N VAL K 171 -78.61 35.12 -39.43
CA VAL K 171 -78.40 36.55 -39.61
C VAL K 171 -76.98 36.87 -40.02
N MET K 172 -76.85 37.74 -41.02
CA MET K 172 -75.55 38.15 -41.48
C MET K 172 -75.12 39.47 -40.85
N HIS K 173 -73.82 39.73 -40.87
CA HIS K 173 -73.22 40.83 -40.12
C HIS K 173 -72.18 41.50 -41.02
N VAL K 174 -72.57 42.59 -41.67
CA VAL K 174 -71.76 43.17 -42.74
C VAL K 174 -71.17 44.54 -42.42
N ASN K 175 -70.55 45.14 -43.43
CA ASN K 175 -69.94 46.46 -43.31
C ASN K 175 -70.51 47.45 -44.33
N GLU K 176 -69.77 48.51 -44.61
CA GLU K 176 -70.22 49.51 -45.58
C GLU K 176 -70.11 49.00 -47.01
N LYS K 177 -69.45 47.86 -47.18
CA LYS K 177 -69.28 47.26 -48.50
C LYS K 177 -70.13 46.01 -48.63
N ASP K 178 -71.06 45.83 -47.69
CA ASP K 178 -71.89 44.64 -47.60
C ASP K 178 -71.03 43.39 -47.47
N GLU K 179 -69.83 43.53 -46.91
CA GLU K 179 -68.94 42.40 -46.71
C GLU K 179 -69.20 41.72 -45.37
N ILE K 180 -69.54 40.44 -45.41
CA ILE K 180 -69.89 39.68 -44.22
C ILE K 180 -68.70 39.48 -43.29
N ILE K 181 -68.92 39.72 -42.00
CA ILE K 181 -67.87 39.58 -41.00
C ILE K 181 -68.21 38.47 -40.01
N ASP K 182 -69.51 38.22 -39.84
CA ASP K 182 -69.98 37.25 -38.86
C ASP K 182 -71.31 36.64 -39.26
N PHE K 183 -71.52 35.39 -38.89
CA PHE K 183 -72.81 34.75 -39.07
C PHE K 183 -73.31 34.14 -37.77
N ILE K 184 -74.49 34.57 -37.33
CA ILE K 184 -75.08 34.10 -36.09
C ILE K 184 -76.47 33.54 -36.34
N GLU K 185 -76.74 32.34 -35.83
CA GLU K 185 -78.04 31.71 -36.03
C GLU K 185 -79.05 32.17 -34.99
N LYS K 186 -80.09 32.85 -35.48
CA LYS K 186 -81.20 33.30 -34.64
C LYS K 186 -80.77 34.11 -33.42
N PRO K 187 -80.09 35.25 -33.63
CA PRO K 187 -79.73 36.08 -32.48
C PRO K 187 -80.94 36.84 -31.95
N ALA K 188 -81.11 36.85 -30.64
CA ALA K 188 -82.13 37.70 -30.02
C ALA K 188 -81.60 39.13 -29.96
N ASP K 189 -80.36 39.30 -30.41
CA ASP K 189 -79.67 40.58 -30.38
C ASP K 189 -79.02 40.93 -31.72
N PRO K 190 -79.78 40.83 -32.83
CA PRO K 190 -79.13 40.93 -34.14
C PRO K 190 -78.59 42.32 -34.45
N PRO K 191 -77.47 42.38 -35.19
CA PRO K 191 -76.92 43.63 -35.74
C PRO K 191 -77.79 44.11 -36.90
N GLY K 192 -77.47 45.25 -37.52
CA GLY K 192 -78.38 45.76 -38.52
C GLY K 192 -77.89 46.73 -39.60
N ILE K 193 -76.78 46.41 -40.26
CA ILE K 193 -76.31 47.13 -41.44
C ILE K 193 -76.02 48.62 -41.21
N PRO K 194 -74.75 49.03 -41.41
CA PRO K 194 -74.35 50.43 -41.18
C PRO K 194 -75.07 51.42 -42.11
N GLY K 195 -75.69 52.43 -41.52
CA GLY K 195 -76.43 53.43 -42.26
C GLY K 195 -77.92 53.16 -42.27
N ASN K 196 -78.30 51.97 -41.82
CA ASN K 196 -79.70 51.57 -41.77
C ASN K 196 -79.96 50.67 -40.56
N GLU K 197 -79.43 51.06 -39.40
CA GLU K 197 -79.68 50.32 -38.16
C GLU K 197 -81.18 50.22 -37.90
N GLY K 198 -81.62 49.08 -37.40
CA GLY K 198 -83.03 48.83 -37.20
C GLY K 198 -83.54 47.81 -38.20
N PHE K 199 -82.77 47.60 -39.26
CA PHE K 199 -83.03 46.55 -40.23
C PHE K 199 -81.84 45.61 -40.33
N ALA K 200 -82.08 44.31 -40.27
CA ALA K 200 -81.00 43.33 -40.33
C ALA K 200 -81.00 42.54 -41.63
N LEU K 201 -79.87 41.92 -41.94
CA LEU K 201 -79.76 41.07 -43.12
C LEU K 201 -79.95 39.61 -42.74
N ALA K 202 -81.12 39.07 -43.08
CA ALA K 202 -81.46 37.70 -42.76
C ALA K 202 -81.27 36.78 -43.97
N SER K 203 -80.86 35.54 -43.71
CA SER K 203 -80.49 34.64 -44.79
C SER K 203 -81.67 33.95 -45.48
N MET K 204 -81.60 33.86 -46.80
CA MET K 204 -82.59 33.18 -47.60
C MET K 204 -82.20 31.72 -47.83
N GLY K 205 -80.95 31.39 -47.52
CA GLY K 205 -80.44 30.06 -47.78
C GLY K 205 -80.04 29.91 -49.23
N ILE K 206 -79.79 31.03 -49.89
CA ILE K 206 -79.33 31.04 -51.27
C ILE K 206 -77.84 31.35 -51.33
N TYR K 207 -77.07 30.44 -51.91
CA TYR K 207 -75.62 30.60 -51.99
C TYR K 207 -75.15 30.45 -53.44
N VAL K 208 -74.13 31.23 -53.80
CA VAL K 208 -73.52 31.12 -55.12
C VAL K 208 -72.02 30.90 -55.00
N PHE K 209 -71.54 29.82 -55.60
CA PHE K 209 -70.12 29.49 -55.60
C PHE K 209 -69.57 29.35 -57.00
N HIS K 210 -68.27 29.61 -57.16
CA HIS K 210 -67.55 29.06 -58.29
C HIS K 210 -67.50 27.56 -58.04
N THR K 211 -67.80 26.77 -59.06
CA THR K 211 -67.99 25.33 -58.87
C THR K 211 -66.75 24.64 -58.30
N LYS K 212 -65.58 24.96 -58.83
CA LYS K 212 -64.35 24.29 -58.41
C LYS K 212 -63.75 24.92 -57.16
N PHE K 213 -64.53 25.76 -56.49
CA PHE K 213 -64.22 26.18 -55.13
C PHE K 213 -65.17 25.45 -54.18
N LEU K 214 -66.44 25.42 -54.56
CA LEU K 214 -67.44 24.69 -53.80
C LEU K 214 -67.08 23.22 -53.73
N MET K 215 -66.53 22.71 -54.82
CA MET K 215 -66.05 21.33 -54.81
C MET K 215 -64.99 21.20 -53.72
N GLU K 216 -63.95 22.02 -53.78
CA GLU K 216 -62.96 22.08 -52.71
C GLU K 216 -63.62 22.31 -51.35
N ALA K 217 -64.68 23.12 -51.34
CA ALA K 217 -65.37 23.48 -50.11
C ALA K 217 -66.02 22.27 -49.44
N LEU K 218 -66.79 21.50 -50.21
CA LEU K 218 -67.40 20.28 -49.68
C LEU K 218 -66.31 19.28 -49.32
N ARG K 219 -65.26 19.25 -50.13
CA ARG K 219 -64.22 18.25 -49.95
C ARG K 219 -63.46 18.44 -48.64
N ARG K 220 -63.34 19.68 -48.19
CA ARG K 220 -62.76 19.95 -46.87
C ARG K 220 -63.76 19.63 -45.76
N ASP K 221 -65.06 19.70 -46.11
CA ASP K 221 -66.13 19.55 -45.13
C ASP K 221 -66.35 18.11 -44.68
N ALA K 222 -66.17 17.14 -45.56
CA ALA K 222 -66.32 15.75 -45.13
C ALA K 222 -65.03 15.23 -44.51
N ALA K 223 -63.97 16.02 -44.63
CA ALA K 223 -62.70 15.69 -43.97
C ALA K 223 -62.64 16.33 -42.59
N ASP K 224 -63.79 16.76 -42.09
CA ASP K 224 -63.88 17.38 -40.77
C ASP K 224 -64.99 16.73 -39.96
N PRO K 225 -64.63 15.78 -39.09
CA PRO K 225 -65.62 14.97 -38.34
C PRO K 225 -66.48 15.78 -37.38
N THR K 226 -66.05 17.00 -37.03
CA THR K 226 -66.82 17.83 -36.11
C THR K 226 -67.88 18.65 -36.84
N SER K 227 -67.85 18.59 -38.17
CA SER K 227 -68.78 19.37 -38.99
C SER K 227 -70.19 18.80 -38.97
N SER K 228 -71.17 19.68 -38.93
CA SER K 228 -72.57 19.29 -39.03
C SER K 228 -72.96 19.01 -40.48
N ARG K 229 -71.99 19.20 -41.37
CA ARG K 229 -72.16 18.99 -42.80
C ARG K 229 -73.31 19.81 -43.37
N ASP K 230 -73.41 21.06 -42.95
CA ASP K 230 -74.43 21.96 -43.46
C ASP K 230 -73.79 23.21 -44.04
N PHE K 231 -74.50 23.86 -44.96
CA PHE K 231 -74.03 25.11 -45.54
C PHE K 231 -74.08 26.24 -44.51
N GLY K 232 -75.25 26.45 -43.94
CA GLY K 232 -75.46 27.53 -43.00
C GLY K 232 -74.59 27.47 -41.76
N LYS K 233 -74.47 26.28 -41.18
CA LYS K 233 -73.81 26.14 -39.88
C LYS K 233 -72.30 25.88 -39.99
N ASP K 234 -71.88 25.19 -41.05
CA ASP K 234 -70.47 24.81 -41.17
C ASP K 234 -69.76 25.54 -42.30
N ILE K 235 -70.19 25.31 -43.53
CA ILE K 235 -69.52 25.82 -44.71
C ILE K 235 -69.40 27.34 -44.69
N ILE K 236 -70.54 28.02 -44.70
CA ILE K 236 -70.56 29.48 -44.77
C ILE K 236 -69.77 30.16 -43.63
N PRO K 237 -69.96 29.75 -42.36
CA PRO K 237 -69.17 30.41 -41.31
C PRO K 237 -67.67 30.21 -41.48
N TYR K 238 -67.25 29.03 -41.93
CA TYR K 238 -65.86 28.77 -42.27
C TYR K 238 -65.41 29.82 -43.28
N ILE K 239 -66.16 29.95 -44.37
CA ILE K 239 -65.77 30.87 -45.43
C ILE K 239 -65.82 32.32 -44.94
N VAL K 240 -66.79 32.64 -44.08
CA VAL K 240 -66.95 34.00 -43.56
C VAL K 240 -65.68 34.50 -42.86
N GLU K 241 -65.01 33.59 -42.15
CA GLU K 241 -63.85 33.92 -41.33
C GLU K 241 -62.56 33.92 -42.15
N HIS K 242 -62.52 33.00 -43.08
CA HIS K 242 -61.32 32.34 -43.55
C HIS K 242 -61.18 32.60 -45.06
N GLY K 243 -62.16 33.33 -45.58
CA GLY K 243 -62.17 33.84 -46.94
C GLY K 243 -63.03 35.09 -47.08
N LYS K 244 -63.65 35.25 -48.25
CA LYS K 244 -64.38 36.47 -48.60
C LYS K 244 -65.83 36.19 -49.00
N ALA K 245 -66.75 36.48 -48.10
CA ALA K 245 -68.19 36.31 -48.36
C ALA K 245 -68.84 37.65 -48.62
N VAL K 246 -69.68 37.72 -49.65
CA VAL K 246 -70.42 38.94 -49.94
C VAL K 246 -71.92 38.70 -49.91
N ALA K 247 -72.65 39.58 -49.22
CA ALA K 247 -74.09 39.46 -49.09
C ALA K 247 -74.81 40.12 -50.27
N HIS K 248 -75.82 39.44 -50.79
CA HIS K 248 -76.62 39.97 -51.88
C HIS K 248 -78.04 40.29 -51.40
N ARG K 249 -78.50 41.50 -51.69
CA ARG K 249 -79.82 41.94 -51.27
C ARG K 249 -80.91 41.43 -52.19
N PHE K 250 -81.93 40.80 -51.60
CA PHE K 250 -83.05 40.26 -52.35
C PHE K 250 -83.77 41.35 -53.14
N ALA K 251 -83.79 42.56 -52.59
CA ALA K 251 -84.47 43.68 -53.24
C ALA K 251 -83.81 44.06 -54.55
N ASP K 252 -82.53 43.72 -54.69
CA ASP K 252 -81.79 44.03 -55.91
C ASP K 252 -82.12 43.10 -57.07
N SER K 253 -82.58 41.90 -56.77
CA SER K 253 -82.85 40.91 -57.81
C SER K 253 -84.25 40.34 -57.75
N CYS K 254 -85.08 40.87 -56.85
CA CYS K 254 -86.46 40.42 -56.73
C CYS K 254 -87.22 40.75 -57.99
N VAL K 255 -88.03 39.81 -58.46
CA VAL K 255 -88.86 40.03 -59.63
C VAL K 255 -90.27 40.41 -59.19
N ARG K 256 -90.52 41.72 -59.12
CA ARG K 256 -91.81 42.23 -58.70
C ARG K 256 -92.69 42.56 -59.90
N SER K 257 -93.96 42.19 -59.80
CA SER K 257 -94.96 42.78 -60.68
C SER K 257 -95.20 44.19 -60.14
N ASP K 258 -95.82 45.06 -60.94
CA ASP K 258 -96.13 46.38 -60.43
C ASP K 258 -97.48 46.34 -59.75
N PHE K 259 -98.08 45.15 -59.72
CA PHE K 259 -99.23 44.87 -58.87
C PHE K 259 -98.74 44.30 -57.54
N GLU K 260 -97.43 44.28 -57.36
CA GLU K 260 -96.80 43.86 -56.11
C GLU K 260 -96.05 45.03 -55.48
N HIS K 261 -96.39 45.36 -54.24
CA HIS K 261 -95.94 46.60 -53.61
C HIS K 261 -94.56 46.53 -52.97
N GLU K 262 -94.08 45.32 -52.69
CA GLU K 262 -92.77 45.14 -52.07
C GLU K 262 -92.22 43.75 -52.34
N PRO K 263 -90.90 43.56 -52.21
CA PRO K 263 -90.25 42.25 -52.34
C PRO K 263 -90.94 41.16 -51.51
N TYR K 264 -91.51 40.17 -52.21
CA TYR K 264 -92.27 39.10 -51.59
C TYR K 264 -91.38 37.90 -51.26
N TRP K 265 -91.53 37.37 -50.05
CA TRP K 265 -90.82 36.17 -49.62
C TRP K 265 -91.52 35.57 -48.41
N ARG K 266 -91.90 34.30 -48.50
CA ARG K 266 -92.60 33.64 -47.40
C ARG K 266 -91.95 32.30 -47.05
N ASP K 267 -91.78 32.06 -45.76
CA ASP K 267 -91.14 30.84 -45.27
C ASP K 267 -92.19 29.80 -44.89
N VAL K 268 -93.44 30.26 -44.75
CA VAL K 268 -94.61 29.46 -44.37
C VAL K 268 -94.32 28.23 -43.49
N GLY K 269 -93.54 28.44 -42.44
CA GLY K 269 -93.11 27.36 -41.56
C GLY K 269 -94.10 26.95 -40.49
N THR K 270 -94.94 27.89 -40.06
CA THR K 270 -95.99 27.58 -39.08
C THR K 270 -97.32 27.42 -39.79
N ILE K 271 -98.30 26.85 -39.10
CA ILE K 271 -99.60 26.64 -39.68
C ILE K 271 -100.31 27.98 -39.92
N ASP K 272 -100.03 28.94 -39.05
CA ASP K 272 -100.54 30.30 -39.22
C ASP K 272 -100.00 30.95 -40.48
N ALA K 273 -98.69 30.91 -40.63
CA ALA K 273 -98.02 31.53 -41.77
C ALA K 273 -98.49 30.93 -43.09
N TYR K 274 -98.62 29.61 -43.12
CA TYR K 274 -99.10 28.90 -44.30
C TYR K 274 -100.50 29.35 -44.65
N TRP K 275 -101.37 29.37 -43.64
CA TRP K 275 -102.76 29.77 -43.83
C TRP K 275 -102.86 31.25 -44.23
N GLN K 276 -102.03 32.08 -43.60
CA GLN K 276 -102.04 33.51 -43.86
C GLN K 276 -101.62 33.82 -45.30
N ALA K 277 -100.55 33.17 -45.74
CA ALA K 277 -100.02 33.41 -47.08
C ALA K 277 -101.03 33.03 -48.17
N ASN K 278 -101.70 31.89 -47.98
CA ASN K 278 -102.67 31.40 -48.96
C ASN K 278 -103.95 32.22 -49.00
N ILE K 279 -104.42 32.67 -47.83
CA ILE K 279 -105.67 33.42 -47.76
C ILE K 279 -105.45 34.87 -48.20
N ASP K 280 -104.20 35.33 -48.15
CA ASP K 280 -103.86 36.68 -48.62
C ASP K 280 -104.07 36.82 -50.12
N LEU K 281 -104.03 35.70 -50.82
CA LEU K 281 -104.20 35.69 -52.27
C LEU K 281 -105.65 35.98 -52.66
N THR K 282 -106.52 35.99 -51.66
CA THR K 282 -107.93 36.30 -51.88
C THR K 282 -108.18 37.81 -51.81
N ASP K 283 -107.15 38.56 -51.45
CA ASP K 283 -107.25 40.00 -51.32
C ASP K 283 -107.59 40.69 -52.63
N VAL K 284 -108.08 41.92 -52.53
CA VAL K 284 -108.37 42.74 -53.71
C VAL K 284 -107.06 43.08 -54.42
N VAL K 285 -106.05 43.46 -53.64
CA VAL K 285 -104.71 43.67 -54.18
C VAL K 285 -103.70 42.85 -53.36
N PRO K 286 -103.48 41.59 -53.79
CA PRO K 286 -102.61 40.63 -53.09
C PRO K 286 -101.13 41.02 -53.08
N ASP K 287 -100.44 40.65 -52.01
CA ASP K 287 -98.99 40.85 -51.91
C ASP K 287 -98.26 40.09 -53.01
N LEU K 288 -98.80 38.93 -53.37
CA LEU K 288 -98.22 38.11 -54.43
C LEU K 288 -99.13 38.12 -55.65
N ASP K 289 -98.56 38.54 -56.78
CA ASP K 289 -99.31 38.55 -58.04
C ASP K 289 -99.11 37.24 -58.79
N ILE K 290 -100.08 36.34 -58.65
CA ILE K 290 -100.01 35.05 -59.32
C ILE K 290 -100.58 35.16 -60.73
N TYR K 291 -100.85 36.39 -61.16
CA TYR K 291 -101.37 36.63 -62.50
C TYR K 291 -100.33 37.33 -63.38
N ASP K 292 -99.10 37.39 -62.88
CA ASP K 292 -97.98 37.95 -63.64
C ASP K 292 -97.54 36.97 -64.73
N LYS K 293 -97.33 37.48 -65.94
CA LYS K 293 -96.90 36.65 -67.05
C LYS K 293 -95.42 36.83 -67.38
N SER K 294 -94.79 37.83 -66.79
CA SER K 294 -93.39 38.12 -67.08
C SER K 294 -92.46 37.15 -66.34
N TRP K 295 -92.96 36.60 -65.23
CA TRP K 295 -92.18 35.66 -64.45
C TRP K 295 -93.06 34.51 -63.96
N PRO K 296 -93.49 33.65 -64.89
CA PRO K 296 -94.51 32.64 -64.63
C PRO K 296 -94.02 31.48 -63.78
N ILE K 297 -94.93 30.89 -63.01
CA ILE K 297 -94.61 29.74 -62.17
C ILE K 297 -95.04 28.45 -62.87
N TRP K 298 -94.06 27.63 -63.25
CA TRP K 298 -94.36 26.33 -63.86
C TRP K 298 -94.62 25.30 -62.77
N THR K 299 -95.51 24.36 -63.05
CA THR K 299 -95.86 23.32 -62.09
C THR K 299 -96.43 22.11 -62.82
N TYR K 300 -96.85 21.09 -62.07
CA TYR K 300 -97.58 19.98 -62.68
C TYR K 300 -99.07 20.31 -62.76
N ALA K 301 -99.61 20.25 -63.96
CA ALA K 301 -101.01 20.58 -64.18
C ALA K 301 -101.64 19.62 -65.17
N GLU K 302 -102.92 19.33 -64.97
CA GLU K 302 -103.66 18.51 -65.91
C GLU K 302 -104.81 19.31 -66.51
N ILE K 303 -105.30 18.86 -67.67
CA ILE K 303 -106.49 19.45 -68.25
C ILE K 303 -107.69 19.10 -67.39
N THR K 304 -108.28 20.10 -66.76
CA THR K 304 -109.43 19.90 -65.89
C THR K 304 -110.64 20.66 -66.43
N PRO K 305 -111.85 20.18 -66.09
CA PRO K 305 -113.04 20.98 -66.39
C PRO K 305 -113.04 22.27 -65.58
N PRO K 306 -113.78 23.28 -66.03
CA PRO K 306 -113.85 24.59 -65.34
C PRO K 306 -114.62 24.53 -64.02
N ALA K 307 -114.54 25.60 -63.23
CA ALA K 307 -115.24 25.68 -61.95
C ALA K 307 -116.75 25.86 -62.15
N LYS K 308 -117.53 25.21 -61.30
CA LYS K 308 -118.97 25.18 -61.48
C LYS K 308 -119.71 25.66 -60.24
N PHE K 309 -120.67 26.55 -60.43
CA PHE K 309 -121.49 27.04 -59.34
C PHE K 309 -122.95 26.71 -59.57
N VAL K 310 -123.59 26.10 -58.58
CA VAL K 310 -124.93 25.57 -58.79
C VAL K 310 -125.88 25.80 -57.56
N HIS K 311 -127.17 25.77 -57.87
CA HIS K 311 -128.40 26.30 -57.21
C HIS K 311 -128.35 27.73 -56.66
N ASP K 312 -129.54 28.32 -56.66
CA ASP K 312 -129.79 29.73 -56.51
C ASP K 312 -131.21 29.95 -55.97
N ASP K 313 -131.37 29.77 -54.66
CA ASP K 313 -132.65 30.03 -54.01
C ASP K 313 -132.45 30.73 -52.67
N GLU K 314 -133.46 30.67 -51.81
CA GLU K 314 -133.38 31.32 -50.51
C GLU K 314 -132.73 30.41 -49.47
N ASP K 315 -132.68 29.11 -49.77
CA ASP K 315 -132.13 28.15 -48.83
C ASP K 315 -130.65 27.85 -49.13
N ARG K 316 -130.30 27.71 -50.40
CA ARG K 316 -128.92 27.43 -50.79
C ARG K 316 -128.47 28.27 -51.98
N ARG K 317 -127.18 28.56 -52.03
CA ARG K 317 -126.62 29.35 -53.13
C ARG K 317 -125.16 29.00 -53.40
N GLY K 318 -124.92 28.28 -54.49
CA GLY K 318 -123.57 27.99 -54.92
C GLY K 318 -122.92 29.25 -55.45
N SER K 319 -122.04 29.84 -54.65
CA SER K 319 -121.41 31.10 -54.99
C SER K 319 -120.10 31.31 -54.23
N ALA K 320 -119.14 31.95 -54.88
CA ALA K 320 -117.88 32.27 -54.24
C ALA K 320 -117.65 33.78 -54.25
N VAL K 321 -117.42 34.34 -53.06
CA VAL K 321 -117.18 35.76 -52.91
C VAL K 321 -115.85 35.96 -52.20
N SER K 322 -115.06 36.93 -52.66
CA SER K 322 -113.73 37.20 -52.11
C SER K 322 -112.89 35.92 -52.05
N SER K 323 -113.06 35.06 -53.05
CA SER K 323 -112.45 33.74 -53.03
C SER K 323 -111.63 33.45 -54.28
N VAL K 324 -110.77 32.44 -54.16
CA VAL K 324 -109.99 31.93 -55.27
C VAL K 324 -110.37 30.47 -55.52
N VAL K 325 -110.85 30.18 -56.73
CA VAL K 325 -111.35 28.84 -57.05
C VAL K 325 -110.62 28.24 -58.25
N SER K 326 -110.15 27.00 -58.10
CA SER K 326 -109.39 26.35 -59.17
C SER K 326 -110.28 25.47 -60.05
N GLY K 327 -109.64 24.73 -60.95
CA GLY K 327 -110.36 23.87 -61.88
C GLY K 327 -110.91 22.61 -61.24
N ASP K 328 -111.86 21.98 -61.91
CA ASP K 328 -112.53 20.77 -61.44
C ASP K 328 -113.16 20.97 -60.05
N CYS K 329 -113.52 22.21 -59.73
CA CYS K 329 -114.23 22.52 -58.51
C CYS K 329 -115.72 22.68 -58.78
N ILE K 330 -116.55 21.99 -57.99
CA ILE K 330 -118.00 22.16 -58.11
C ILE K 330 -118.59 22.68 -56.81
N ILE K 331 -119.11 23.91 -56.87
CA ILE K 331 -119.70 24.56 -55.71
C ILE K 331 -121.21 24.51 -55.79
N SER K 332 -121.80 23.40 -55.36
CA SER K 332 -123.23 23.19 -55.49
C SER K 332 -123.97 23.49 -54.19
N GLY K 333 -124.65 24.63 -54.15
CA GLY K 333 -125.41 25.03 -52.99
C GLY K 333 -124.56 25.50 -51.82
N ALA K 334 -123.27 25.69 -52.07
CA ALA K 334 -122.33 26.06 -51.01
C ALA K 334 -121.95 27.53 -51.08
N ALA K 335 -121.76 28.13 -49.90
CA ALA K 335 -121.36 29.53 -49.82
C ALA K 335 -119.91 29.65 -49.39
N LEU K 336 -119.09 30.23 -50.26
CA LEU K 336 -117.67 30.45 -49.96
C LEU K 336 -117.38 31.93 -49.77
N ASN K 337 -116.54 32.24 -48.79
CA ASN K 337 -116.14 33.62 -48.53
C ASN K 337 -114.75 33.68 -47.94
N ARG K 338 -113.89 34.49 -48.56
CA ARG K 338 -112.49 34.62 -48.16
C ARG K 338 -111.83 33.25 -48.07
N SER K 339 -111.94 32.47 -49.13
CA SER K 339 -111.37 31.13 -49.15
C SER K 339 -110.57 30.87 -50.41
N LEU K 340 -109.63 29.93 -50.32
CA LEU K 340 -108.86 29.51 -51.48
C LEU K 340 -109.06 28.01 -51.67
N LEU K 341 -109.53 27.61 -52.85
CA LEU K 341 -109.77 26.21 -53.16
C LEU K 341 -108.84 25.71 -54.26
N PHE K 342 -108.01 24.73 -53.93
CA PHE K 342 -107.16 24.08 -54.91
C PHE K 342 -108.00 23.23 -55.88
N THR K 343 -107.33 22.51 -56.77
CA THR K 343 -108.00 21.74 -57.80
C THR K 343 -108.86 20.61 -57.24
N GLY K 344 -110.07 20.47 -57.77
CA GLY K 344 -110.87 19.28 -57.52
C GLY K 344 -111.67 19.25 -56.23
N VAL K 345 -112.09 20.41 -55.74
CA VAL K 345 -112.88 20.47 -54.52
C VAL K 345 -114.37 20.34 -54.82
N ARG K 346 -115.07 19.56 -54.01
CA ARG K 346 -116.52 19.45 -54.12
C ARG K 346 -117.19 19.96 -52.85
N ALA K 347 -117.87 21.09 -52.96
CA ALA K 347 -118.56 21.68 -51.82
C ALA K 347 -120.07 21.60 -52.02
N ASN K 348 -120.75 20.89 -51.13
CA ASN K 348 -122.16 20.56 -51.33
C ASN K 348 -123.13 21.49 -50.60
N SER K 349 -124.41 21.29 -50.87
CA SER K 349 -125.48 22.21 -50.47
C SER K 349 -125.50 22.57 -48.99
N TYR K 350 -125.83 23.83 -48.72
CA TYR K 350 -126.00 24.36 -47.37
C TYR K 350 -124.72 24.33 -46.53
N SER K 351 -123.59 24.01 -47.15
CA SER K 351 -122.31 24.06 -46.47
C SER K 351 -121.73 25.47 -46.57
N ARG K 352 -120.80 25.79 -45.68
CA ARG K 352 -120.21 27.14 -45.65
C ARG K 352 -118.73 27.11 -45.30
N LEU K 353 -117.93 27.75 -46.14
CA LEU K 353 -116.50 27.88 -45.86
C LEU K 353 -116.11 29.35 -45.71
N GLU K 354 -115.51 29.68 -44.56
CA GLU K 354 -114.99 31.02 -44.34
C GLU K 354 -113.53 30.94 -43.90
N ASN K 355 -112.70 31.82 -44.45
CA ASN K 355 -111.27 31.82 -44.13
C ASN K 355 -110.65 30.44 -44.31
N ALA K 356 -111.03 29.77 -45.39
CA ALA K 356 -110.65 28.38 -45.60
C ALA K 356 -109.58 28.19 -46.68
N VAL K 357 -108.50 27.53 -46.31
CA VAL K 357 -107.52 27.05 -47.28
C VAL K 357 -107.81 25.57 -47.55
N VAL K 358 -108.31 25.29 -48.75
CA VAL K 358 -108.82 23.96 -49.06
C VAL K 358 -107.96 23.26 -50.11
N LEU K 359 -107.10 22.35 -49.65
CA LEU K 359 -106.16 21.63 -50.50
C LEU K 359 -106.88 20.71 -51.51
N PRO K 360 -106.15 20.14 -52.49
CA PRO K 360 -106.86 19.44 -53.57
C PRO K 360 -107.72 18.24 -53.15
N SER K 361 -108.76 17.98 -53.94
CA SER K 361 -109.60 16.78 -53.81
C SER K 361 -110.33 16.68 -52.48
N VAL K 362 -110.59 17.81 -51.85
CA VAL K 362 -111.37 17.83 -50.62
C VAL K 362 -112.86 17.82 -50.94
N LYS K 363 -113.61 17.00 -50.21
CA LYS K 363 -115.06 16.99 -50.32
C LYS K 363 -115.69 17.54 -49.05
N ILE K 364 -116.55 18.54 -49.20
CA ILE K 364 -117.25 19.14 -48.06
C ILE K 364 -118.72 18.75 -48.11
N GLY K 365 -119.12 17.87 -47.18
CA GLY K 365 -120.49 17.39 -47.13
C GLY K 365 -121.48 18.49 -46.82
N ARG K 366 -122.74 18.24 -47.14
CA ARG K 366 -123.82 19.20 -46.89
C ARG K 366 -123.84 19.68 -45.44
N HIS K 367 -124.26 20.93 -45.25
CA HIS K 367 -124.47 21.52 -43.93
C HIS K 367 -123.20 21.66 -43.08
N ALA K 368 -122.04 21.46 -43.69
CA ALA K 368 -120.79 21.67 -42.97
C ALA K 368 -120.50 23.17 -42.85
N GLN K 369 -120.11 23.61 -41.67
CA GLN K 369 -119.74 25.01 -41.47
C GLN K 369 -118.30 25.13 -40.99
N LEU K 370 -117.39 25.40 -41.92
CA LEU K 370 -115.97 25.46 -41.60
C LEU K 370 -115.43 26.89 -41.69
N SER K 371 -114.83 27.35 -40.59
CA SER K 371 -114.24 28.68 -40.56
C SER K 371 -112.82 28.68 -40.00
N ASN K 372 -111.96 29.46 -40.63
CA ASN K 372 -110.54 29.57 -40.24
C ASN K 372 -109.85 28.23 -40.21
N VAL K 373 -109.86 27.53 -41.34
CA VAL K 373 -109.31 26.18 -41.39
C VAL K 373 -108.32 25.96 -42.52
N VAL K 374 -107.42 25.00 -42.31
CA VAL K 374 -106.62 24.44 -43.38
C VAL K 374 -107.02 22.98 -43.52
N ILE K 375 -107.53 22.62 -44.69
CA ILE K 375 -108.00 21.26 -44.91
C ILE K 375 -107.05 20.49 -45.83
N ASP K 376 -106.43 19.45 -45.28
CA ASP K 376 -105.42 18.66 -45.99
C ASP K 376 -105.95 18.00 -47.27
N HIS K 377 -105.03 17.52 -48.10
CA HIS K 377 -105.35 16.89 -49.37
C HIS K 377 -106.30 15.70 -49.19
N GLY K 378 -107.40 15.72 -49.93
CA GLY K 378 -108.28 14.56 -50.02
C GLY K 378 -109.24 14.35 -48.87
N VAL K 379 -109.13 15.18 -47.84
CA VAL K 379 -109.99 15.07 -46.66
C VAL K 379 -111.47 15.10 -47.03
N VAL K 380 -112.22 14.16 -46.49
CA VAL K 380 -113.68 14.17 -46.66
C VAL K 380 -114.33 14.67 -45.38
N ILE K 381 -114.93 15.85 -45.46
CA ILE K 381 -115.57 16.47 -44.31
C ILE K 381 -117.02 15.99 -44.17
N PRO K 382 -117.33 15.38 -43.01
CA PRO K 382 -118.66 14.84 -42.73
C PRO K 382 -119.74 15.91 -42.76
N GLU K 383 -120.94 15.54 -43.18
CA GLU K 383 -122.07 16.45 -43.20
C GLU K 383 -122.35 16.99 -41.80
N GLY K 384 -122.51 18.30 -41.70
CA GLY K 384 -122.90 18.93 -40.45
C GLY K 384 -121.76 19.29 -39.51
N LEU K 385 -120.53 18.96 -39.88
CA LEU K 385 -119.38 19.26 -39.03
C LEU K 385 -119.20 20.77 -38.87
N ILE K 386 -119.13 21.22 -37.63
CA ILE K 386 -118.99 22.64 -37.35
C ILE K 386 -117.62 22.96 -36.76
N VAL K 387 -116.78 23.61 -37.57
CA VAL K 387 -115.48 24.08 -37.12
C VAL K 387 -115.45 25.59 -37.22
N GLY K 388 -115.14 26.25 -36.11
CA GLY K 388 -115.05 27.71 -36.09
C GLY K 388 -115.97 28.35 -35.06
N GLU K 389 -116.60 27.54 -34.23
CA GLU K 389 -117.49 28.04 -33.19
C GLU K 389 -116.95 27.76 -31.80
N ASP K 390 -116.48 26.54 -31.59
CA ASP K 390 -116.13 26.07 -30.25
C ASP K 390 -114.64 25.76 -30.13
N PRO K 391 -113.85 26.75 -29.70
CA PRO K 391 -112.39 26.63 -29.58
C PRO K 391 -111.96 25.46 -28.71
N GLU K 392 -112.53 25.37 -27.51
CA GLU K 392 -112.23 24.28 -26.58
C GLU K 392 -112.50 22.92 -27.20
N LEU K 393 -113.60 22.82 -27.95
CA LEU K 393 -113.90 21.59 -28.67
C LEU K 393 -112.96 21.42 -29.85
N ASP K 394 -112.82 22.48 -30.65
CA ASP K 394 -111.95 22.46 -31.83
C ASP K 394 -110.53 22.02 -31.51
N ALA K 395 -110.02 22.52 -30.38
CA ALA K 395 -108.66 22.17 -29.94
C ALA K 395 -108.59 20.69 -29.57
N LYS K 396 -109.71 20.14 -29.11
CA LYS K 396 -109.78 18.72 -28.79
C LYS K 396 -110.12 17.94 -30.05
N ARG K 397 -110.74 18.62 -31.01
CA ARG K 397 -111.12 17.98 -32.27
C ARG K 397 -109.93 17.84 -33.22
N PHE K 398 -109.24 18.95 -33.49
CA PHE K 398 -108.17 18.97 -34.49
C PHE K 398 -106.91 19.65 -34.01
N ARG K 399 -105.99 19.87 -34.95
CA ARG K 399 -104.78 20.65 -34.68
C ARG K 399 -105.14 22.14 -34.72
N ARG K 400 -105.30 22.73 -33.55
CA ARG K 400 -105.71 24.13 -33.45
C ARG K 400 -104.54 25.01 -33.05
N THR K 401 -104.33 26.11 -33.79
CA THR K 401 -103.21 27.00 -33.52
C THR K 401 -103.56 28.02 -32.43
N GLU K 402 -102.59 28.88 -32.11
CA GLU K 402 -102.75 29.82 -31.01
C GLU K 402 -103.53 31.07 -31.43
N SER K 403 -103.82 31.19 -32.72
CA SER K 403 -104.53 32.35 -33.24
C SER K 403 -105.95 32.02 -33.70
N GLY K 404 -106.29 30.73 -33.80
CA GLY K 404 -107.65 30.35 -34.13
C GLY K 404 -107.82 29.42 -35.32
N ILE K 405 -106.71 28.99 -35.91
CA ILE K 405 -106.77 28.19 -37.13
C ILE K 405 -106.73 26.69 -36.85
N CYS K 406 -107.63 25.95 -37.47
CA CYS K 406 -107.66 24.49 -37.36
C CYS K 406 -107.08 23.81 -38.60
N LEU K 407 -106.06 22.97 -38.40
CA LEU K 407 -105.60 22.09 -39.46
C LEU K 407 -106.40 20.80 -39.41
N ILE K 408 -107.13 20.52 -40.48
CA ILE K 408 -107.97 19.33 -40.54
C ILE K 408 -107.38 18.25 -41.45
N THR K 409 -106.85 17.19 -40.84
CA THR K 409 -106.37 16.05 -41.59
C THR K 409 -107.34 14.89 -41.45
N GLN K 410 -107.22 13.89 -42.32
CA GLN K 410 -108.16 12.78 -42.34
C GLN K 410 -108.09 11.92 -41.08
N SER K 411 -106.92 11.91 -40.44
CA SER K 411 -106.73 11.11 -39.22
C SER K 411 -107.37 11.77 -38.01
N MET K 412 -108.16 12.82 -38.26
CA MET K 412 -108.92 13.50 -37.23
C MET K 412 -110.41 13.25 -37.40
N ILE K 413 -110.83 13.07 -38.64
CA ILE K 413 -112.24 12.92 -38.99
C ILE K 413 -112.81 11.55 -38.62
N ASP K 414 -112.09 10.49 -38.95
CA ASP K 414 -112.51 9.13 -38.60
C ASP K 414 -112.60 8.95 -37.09
N LYS K 415 -111.83 9.75 -36.35
CA LYS K 415 -111.85 9.70 -34.88
C LYS K 415 -113.11 10.35 -34.32
N LEU K 416 -114.02 10.74 -35.19
CA LEU K 416 -115.27 11.37 -34.77
C LEU K 416 -116.49 10.59 -35.24
N ASP K 417 -117.51 10.55 -34.39
CA ASP K 417 -118.79 9.93 -34.72
C ASP K 417 -119.86 10.26 -33.67
N LEU K 418 -120.84 11.07 -34.06
CA LEU K 418 -121.99 11.38 -33.21
C LEU K 418 -123.05 12.14 -34.00
N VAL L 4 1.07 57.49 -129.27
CA VAL L 4 0.05 57.80 -130.25
C VAL L 4 -1.07 56.77 -130.24
N GLN L 5 -0.68 55.50 -130.12
CA GLN L 5 -1.59 54.35 -130.03
C GLN L 5 -2.23 54.17 -128.70
N PRO L 6 -3.56 54.12 -128.69
CA PRO L 6 -4.35 53.93 -127.48
C PRO L 6 -3.97 52.64 -126.75
N LEU L 7 -3.79 52.76 -125.45
CA LEU L 7 -3.23 51.67 -124.66
C LEU L 7 -4.21 50.50 -124.53
N ALA L 8 -5.49 50.77 -124.75
CA ALA L 8 -6.52 49.74 -124.62
C ALA L 8 -6.31 48.60 -125.62
N ARG L 9 -5.66 48.90 -126.74
CA ARG L 9 -5.34 47.90 -127.75
C ARG L 9 -4.51 46.76 -127.19
N ASP L 10 -3.66 47.09 -126.22
CA ASP L 10 -2.74 46.12 -125.64
C ASP L 10 -3.16 45.71 -124.23
N ALA L 11 -4.45 45.91 -123.92
CA ALA L 11 -4.96 45.63 -122.60
C ALA L 11 -5.95 44.47 -122.61
N MET L 12 -6.03 43.77 -121.50
CA MET L 12 -7.05 42.74 -121.31
C MET L 12 -7.83 43.04 -120.03
N ALA L 13 -9.14 43.02 -120.12
CA ALA L 13 -9.99 43.20 -118.95
C ALA L 13 -10.22 41.85 -118.27
N TYR L 14 -9.95 41.78 -116.97
CA TYR L 14 -10.19 40.57 -116.21
C TYR L 14 -11.25 40.82 -115.15
N VAL L 15 -12.45 40.30 -115.39
CA VAL L 15 -13.59 40.61 -114.54
C VAL L 15 -13.83 39.56 -113.47
N LEU L 16 -13.78 39.98 -112.22
CA LEU L 16 -14.02 39.09 -111.08
C LEU L 16 -15.51 39.01 -110.78
N ALA L 17 -16.11 37.87 -111.11
CA ALA L 17 -17.56 37.72 -111.02
C ALA L 17 -17.97 36.53 -110.15
N GLY L 18 -17.10 36.14 -109.22
CA GLY L 18 -17.38 35.03 -108.33
C GLY L 18 -18.08 35.46 -107.05
N GLY L 19 -18.29 36.76 -106.90
CA GLY L 19 -18.93 37.32 -105.72
C GLY L 19 -20.30 36.70 -105.48
N ARG L 20 -20.60 36.45 -104.20
CA ARG L 20 -21.84 35.76 -103.83
C ARG L 20 -22.98 36.71 -103.47
N GLY L 21 -22.61 37.90 -103.00
CA GLY L 21 -23.59 38.89 -102.58
C GLY L 21 -24.48 38.37 -101.45
N SER L 22 -23.88 38.14 -100.29
CA SER L 22 -24.57 37.52 -99.16
C SER L 22 -25.73 38.34 -98.64
N ARG L 23 -25.53 39.65 -98.47
CA ARG L 23 -26.54 40.50 -97.87
C ARG L 23 -27.74 40.76 -98.78
N LEU L 24 -27.71 40.22 -100.00
CA LEU L 24 -28.86 40.27 -100.89
C LEU L 24 -29.78 39.09 -100.57
N LYS L 25 -29.29 38.21 -99.70
CA LYS L 25 -30.07 37.09 -99.18
C LYS L 25 -30.59 36.18 -100.27
N GLU L 26 -31.90 35.97 -100.30
CA GLU L 26 -32.52 35.03 -101.22
C GLU L 26 -32.38 35.46 -102.67
N LEU L 27 -32.11 36.75 -102.87
CA LEU L 27 -31.95 37.30 -104.22
C LEU L 27 -30.74 36.67 -104.91
N THR L 28 -29.77 36.22 -104.13
CA THR L 28 -28.58 35.57 -104.66
C THR L 28 -28.45 34.13 -104.19
N ASP L 29 -29.58 33.51 -103.85
CA ASP L 29 -29.56 32.14 -103.35
C ASP L 29 -29.20 31.11 -104.43
N ARG L 30 -29.53 31.42 -105.68
CA ARG L 30 -29.22 30.51 -106.78
C ARG L 30 -28.55 31.22 -107.95
N ARG L 31 -28.12 32.46 -107.72
CA ARG L 31 -27.41 33.23 -108.73
C ARG L 31 -26.34 34.08 -108.07
N ALA L 32 -25.22 34.28 -108.74
CA ALA L 32 -24.18 35.16 -108.24
C ALA L 32 -24.62 36.60 -108.36
N LYS L 33 -24.07 37.48 -107.53
CA LYS L 33 -24.42 38.89 -107.57
C LYS L 33 -24.26 39.56 -108.94
N PRO L 34 -23.20 39.23 -109.71
CA PRO L 34 -23.13 39.86 -111.03
C PRO L 34 -24.27 39.44 -111.97
N ALA L 35 -24.93 38.33 -111.67
CA ALA L 35 -26.01 37.84 -112.53
C ALA L 35 -27.36 38.45 -112.14
N VAL L 36 -27.37 39.26 -111.09
CA VAL L 36 -28.59 39.88 -110.62
C VAL L 36 -29.07 40.95 -111.61
N TYR L 37 -30.37 40.97 -111.87
CA TYR L 37 -30.99 41.88 -112.82
C TYR L 37 -30.96 43.33 -112.34
N PHE L 38 -30.78 44.26 -113.29
CA PHE L 38 -30.83 45.68 -112.96
C PHE L 38 -31.26 46.54 -114.15
N GLY L 39 -32.09 47.54 -113.87
CA GLY L 39 -32.40 48.56 -114.84
C GLY L 39 -33.59 48.26 -115.75
N GLY L 40 -34.05 47.02 -115.73
CA GLY L 40 -35.18 46.63 -116.55
C GLY L 40 -34.85 45.58 -117.59
N LYS L 41 -33.62 45.57 -118.08
CA LYS L 41 -33.24 44.65 -119.15
C LYS L 41 -31.85 44.03 -119.00
N ALA L 42 -31.02 44.62 -118.14
CA ALA L 42 -29.63 44.18 -118.02
C ALA L 42 -29.35 43.41 -116.73
N ARG L 43 -28.13 42.90 -116.61
CA ARG L 43 -27.63 42.35 -115.37
C ARG L 43 -26.46 43.21 -114.91
N ILE L 44 -26.11 43.10 -113.63
CA ILE L 44 -25.06 43.95 -113.05
C ILE L 44 -23.72 43.82 -113.79
N ILE L 45 -23.36 42.59 -114.13
CA ILE L 45 -22.10 42.28 -114.82
C ILE L 45 -21.95 43.06 -116.14
N ASP L 46 -23.07 43.44 -116.74
CA ASP L 46 -23.05 44.07 -118.06
C ASP L 46 -22.40 45.45 -118.08
N PHE L 47 -22.34 46.11 -116.93
CA PHE L 47 -21.77 47.45 -116.88
C PHE L 47 -20.24 47.41 -116.98
N ALA L 48 -19.60 46.57 -116.16
CA ALA L 48 -18.16 46.39 -116.26
C ALA L 48 -17.74 45.94 -117.66
N LEU L 49 -18.49 44.99 -118.22
CA LEU L 49 -18.17 44.46 -119.54
C LEU L 49 -18.39 45.52 -120.64
N SER L 50 -19.45 46.30 -120.51
CA SER L 50 -19.70 47.35 -121.50
C SER L 50 -18.69 48.48 -121.37
N ASN L 51 -18.24 48.75 -120.14
CA ASN L 51 -17.17 49.71 -119.93
C ASN L 51 -15.90 49.26 -120.64
N ALA L 52 -15.60 47.97 -120.55
CA ALA L 52 -14.43 47.40 -121.21
C ALA L 52 -14.56 47.53 -122.73
N LEU L 53 -15.72 47.18 -123.25
CA LEU L 53 -15.99 47.25 -124.68
C LEU L 53 -15.89 48.68 -125.20
N ASN L 54 -16.59 49.60 -124.54
CA ASN L 54 -16.62 51.00 -124.98
C ASN L 54 -15.27 51.69 -124.81
N SER L 55 -14.41 51.17 -123.93
CA SER L 55 -13.09 51.76 -123.72
C SER L 55 -12.07 51.28 -124.75
N GLY L 56 -12.49 50.33 -125.59
CA GLY L 56 -11.64 49.84 -126.67
C GLY L 56 -10.86 48.59 -126.32
N ILE L 57 -11.14 48.01 -125.16
CA ILE L 57 -10.46 46.81 -124.71
C ILE L 57 -11.03 45.59 -125.45
N ARG L 58 -10.14 44.87 -126.13
CA ARG L 58 -10.56 43.84 -127.08
C ARG L 58 -10.49 42.44 -126.47
N ARG L 59 -9.81 42.30 -125.34
CA ARG L 59 -9.77 41.01 -124.67
C ARG L 59 -10.36 41.09 -123.29
N ILE L 60 -11.37 40.26 -123.05
CA ILE L 60 -12.01 40.17 -121.76
C ILE L 60 -12.01 38.76 -121.21
N GLY L 61 -11.63 38.60 -119.95
CA GLY L 61 -11.79 37.32 -119.27
C GLY L 61 -12.71 37.49 -118.08
N VAL L 62 -13.61 36.53 -117.88
CA VAL L 62 -14.55 36.59 -116.75
C VAL L 62 -14.37 35.38 -115.85
N ALA L 63 -13.95 35.61 -114.61
CA ALA L 63 -13.77 34.55 -113.65
C ALA L 63 -15.04 34.37 -112.81
N THR L 64 -15.58 33.15 -112.80
CA THR L 64 -16.78 32.85 -112.03
C THR L 64 -16.49 31.75 -111.03
N GLN L 65 -17.29 31.68 -109.97
CA GLN L 65 -17.06 30.72 -108.90
C GLN L 65 -18.35 30.02 -108.48
N TYR L 66 -19.07 30.62 -107.54
CA TYR L 66 -20.24 29.97 -106.94
C TYR L 66 -21.54 30.41 -107.59
N LYS L 67 -22.46 29.45 -107.72
CA LYS L 67 -23.80 29.70 -108.26
C LYS L 67 -23.76 30.47 -109.57
N ALA L 68 -22.92 30.03 -110.49
CA ALA L 68 -22.62 30.80 -111.69
C ALA L 68 -23.25 30.23 -112.96
N HIS L 69 -24.24 29.35 -112.81
CA HIS L 69 -24.86 28.75 -113.99
C HIS L 69 -25.56 29.79 -114.85
N SER L 70 -26.39 30.62 -114.22
CA SER L 70 -27.18 31.61 -114.94
C SER L 70 -26.29 32.75 -115.43
N LEU L 71 -25.20 32.99 -114.70
CA LEU L 71 -24.23 34.00 -115.12
C LEU L 71 -23.48 33.54 -116.36
N ILE L 72 -23.02 32.29 -116.35
CA ILE L 72 -22.31 31.72 -117.49
C ILE L 72 -23.22 31.64 -118.72
N ARG L 73 -24.46 31.22 -118.51
CA ARG L 73 -25.43 31.14 -119.59
C ARG L 73 -25.73 32.51 -120.19
N HIS L 74 -25.79 33.53 -119.34
CA HIS L 74 -25.98 34.91 -119.77
C HIS L 74 -24.80 35.39 -120.63
N LEU L 75 -23.59 35.07 -120.18
CA LEU L 75 -22.38 35.46 -120.88
C LEU L 75 -22.23 34.73 -122.21
N GLN L 76 -22.63 33.47 -122.24
CA GLN L 76 -22.59 32.66 -123.46
C GLN L 76 -23.49 33.24 -124.55
N ARG L 77 -24.66 33.69 -124.15
CA ARG L 77 -25.67 34.12 -125.12
C ARG L 77 -25.68 35.63 -125.36
N GLY L 78 -25.27 36.39 -124.36
CA GLY L 78 -25.25 37.84 -124.48
C GLY L 78 -23.95 38.38 -125.05
N TRP L 79 -22.83 37.79 -124.63
CA TRP L 79 -21.52 38.29 -125.01
C TRP L 79 -20.79 37.32 -125.94
N ASP L 80 -21.40 37.10 -127.11
CA ASP L 80 -21.01 36.04 -128.02
C ASP L 80 -20.47 36.53 -129.36
N PHE L 81 -20.20 37.83 -129.45
CA PHE L 81 -19.88 38.44 -130.74
C PHE L 81 -18.40 38.74 -130.94
N PHE L 82 -17.55 38.22 -130.06
CA PHE L 82 -16.11 38.38 -130.20
C PHE L 82 -15.54 37.30 -131.11
N ARG L 83 -14.65 37.69 -132.03
CA ARG L 83 -14.00 36.73 -132.92
C ARG L 83 -12.49 36.81 -132.77
N PRO L 84 -11.86 35.68 -132.38
CA PRO L 84 -10.42 35.58 -132.17
C PRO L 84 -9.57 36.03 -133.36
N GLU L 85 -10.05 35.77 -134.58
CA GLU L 85 -9.26 36.12 -135.76
C GLU L 85 -9.28 37.63 -136.02
N ARG L 86 -10.12 38.37 -135.30
CA ARG L 86 -10.10 39.83 -135.34
C ARG L 86 -9.37 40.39 -134.11
N ASN L 87 -8.54 39.57 -133.49
CA ASN L 87 -7.81 39.91 -132.27
C ASN L 87 -8.70 40.27 -131.09
N GLU L 88 -9.90 39.71 -131.09
CA GLU L 88 -10.82 39.87 -129.97
C GLU L 88 -10.89 38.56 -129.22
N SER L 89 -11.29 38.61 -127.95
CA SER L 89 -11.48 37.39 -127.19
C SER L 89 -12.37 37.61 -125.98
N PHE L 90 -13.29 36.69 -125.76
CA PHE L 90 -14.12 36.71 -124.56
C PHE L 90 -14.05 35.33 -123.92
N ASP L 91 -13.25 35.21 -122.88
CA ASP L 91 -13.10 33.94 -122.18
C ASP L 91 -13.93 33.89 -120.91
N ILE L 92 -14.71 32.83 -120.79
CA ILE L 92 -15.44 32.57 -119.56
C ILE L 92 -14.65 31.55 -118.76
N LEU L 93 -14.09 32.00 -117.63
CA LEU L 93 -13.19 31.17 -116.85
C LEU L 93 -13.84 30.75 -115.55
N ALA L 94 -14.68 29.72 -115.62
CA ALA L 94 -15.36 29.20 -114.44
C ALA L 94 -14.36 28.55 -113.50
N ALA L 95 -14.76 28.34 -112.25
CA ALA L 95 -13.89 27.72 -111.26
C ALA L 95 -13.47 26.33 -111.69
N SER L 96 -12.22 25.98 -111.39
CA SER L 96 -11.57 24.77 -111.88
C SER L 96 -11.61 24.69 -113.41
N GLN L 97 -10.80 25.51 -114.09
CA GLN L 97 -9.94 26.50 -113.45
C GLN L 97 -9.88 27.77 -114.26
N THR L 102 -8.97 19.26 -107.98
CA THR L 102 -9.16 20.65 -107.58
C THR L 102 -10.63 21.00 -107.67
N GLN L 103 -11.04 22.07 -106.99
CA GLN L 103 -12.44 22.50 -107.00
C GLN L 103 -12.60 23.99 -107.27
N TRP L 104 -12.21 24.82 -106.31
CA TRP L 104 -12.52 26.25 -106.37
C TRP L 104 -11.29 27.15 -106.35
N TYR L 105 -11.48 28.41 -106.76
CA TYR L 105 -10.48 29.45 -106.56
C TYR L 105 -10.36 29.74 -105.08
N GLU L 106 -9.14 29.72 -104.56
CA GLU L 106 -8.93 29.98 -103.14
C GLU L 106 -9.05 31.46 -102.84
N GLY L 107 -9.06 32.27 -103.90
CA GLY L 107 -9.22 33.70 -103.73
C GLY L 107 -9.29 34.48 -105.03
N THR L 108 -9.43 35.79 -104.88
CA THR L 108 -9.53 36.71 -106.02
C THR L 108 -8.25 36.70 -106.85
N ALA L 109 -7.10 36.69 -106.16
CA ALA L 109 -5.80 36.62 -106.84
C ALA L 109 -5.58 35.24 -107.46
N ASP L 110 -6.07 34.21 -106.77
CA ASP L 110 -5.97 32.84 -107.26
C ASP L 110 -6.78 32.65 -108.54
N ALA L 111 -7.83 33.45 -108.69
CA ALA L 111 -8.67 33.41 -109.87
C ALA L 111 -7.89 33.78 -111.12
N VAL L 112 -6.87 34.61 -110.95
CA VAL L 112 -6.01 34.98 -112.08
C VAL L 112 -4.87 33.97 -112.22
N TYR L 113 -4.25 33.62 -111.09
CA TYR L 113 -3.12 32.70 -111.08
C TYR L 113 -3.43 31.38 -111.77
N GLN L 114 -4.64 30.86 -111.54
CA GLN L 114 -5.05 29.59 -112.13
C GLN L 114 -5.22 29.66 -113.65
N ASN L 115 -5.36 30.87 -114.18
CA ASN L 115 -5.63 31.04 -115.60
C ASN L 115 -4.53 31.82 -116.32
N ILE L 116 -3.30 31.70 -115.82
CA ILE L 116 -2.15 32.35 -116.45
C ILE L 116 -1.96 31.82 -117.88
N ASP L 117 -2.21 30.53 -118.07
CA ASP L 117 -2.02 29.92 -119.39
C ASP L 117 -3.14 30.27 -120.36
N ILE L 118 -4.10 31.07 -119.89
CA ILE L 118 -5.13 31.63 -120.76
C ILE L 118 -4.70 33.03 -121.17
N ILE L 119 -3.99 33.68 -120.27
CA ILE L 119 -3.58 35.08 -120.42
C ILE L 119 -2.31 35.22 -121.25
N GLU L 120 -1.30 34.43 -120.92
CA GLU L 120 0.01 34.53 -121.56
C GLU L 120 0.04 34.24 -123.07
N PRO L 121 -0.80 33.29 -123.56
CA PRO L 121 -0.89 33.16 -125.02
C PRO L 121 -1.32 34.47 -125.71
N TYR L 122 -2.11 35.29 -125.03
CA TYR L 122 -2.54 36.57 -125.60
C TYR L 122 -1.43 37.62 -125.52
N ALA L 123 -0.55 37.45 -124.52
CA ALA L 123 0.53 38.39 -124.24
C ALA L 123 0.09 39.85 -124.22
N PRO L 124 -0.91 40.19 -123.39
CA PRO L 124 -1.31 41.60 -123.34
C PRO L 124 -0.31 42.45 -122.56
N GLU L 125 -0.21 43.74 -122.87
CA GLU L 125 0.73 44.62 -122.18
C GLU L 125 0.20 45.03 -120.82
N TYR L 126 -1.11 45.17 -120.72
CA TYR L 126 -1.73 45.66 -119.50
C TYR L 126 -2.87 44.78 -119.04
N MET L 127 -3.05 44.69 -117.73
CA MET L 127 -4.12 43.91 -117.14
C MET L 127 -5.05 44.83 -116.36
N VAL L 128 -6.31 44.87 -116.76
CA VAL L 128 -7.31 45.70 -116.09
C VAL L 128 -8.23 44.82 -115.26
N ILE L 129 -7.95 44.75 -113.96
CA ILE L 129 -8.73 43.93 -113.04
C ILE L 129 -9.99 44.69 -112.60
N LEU L 130 -11.16 44.09 -112.82
CA LEU L 130 -12.43 44.78 -112.56
C LEU L 130 -13.33 43.96 -111.64
N ALA L 131 -14.01 44.64 -110.73
CA ALA L 131 -15.05 44.01 -109.93
C ALA L 131 -16.33 43.95 -110.75
N GLY L 132 -16.93 42.76 -110.84
CA GLY L 132 -18.07 42.55 -111.71
C GLY L 132 -19.43 42.78 -111.08
N ASP L 133 -19.46 43.32 -109.87
CA ASP L 133 -20.72 43.47 -109.13
C ASP L 133 -21.08 44.91 -108.80
N HIS L 134 -20.56 45.86 -109.58
CA HIS L 134 -20.89 47.26 -109.38
C HIS L 134 -21.52 47.88 -110.63
N ILE L 135 -22.39 48.85 -110.42
CA ILE L 135 -23.05 49.56 -111.52
C ILE L 135 -22.44 50.93 -111.71
N TYR L 136 -21.69 51.10 -112.79
CA TYR L 136 -21.02 52.36 -113.08
C TYR L 136 -20.62 52.44 -114.54
N LYS L 137 -20.22 53.64 -114.97
CA LYS L 137 -19.68 53.84 -116.31
C LYS L 137 -18.33 54.54 -116.20
N MET L 138 -17.33 54.00 -116.90
CA MET L 138 -15.96 54.46 -116.75
C MET L 138 -15.09 54.14 -117.97
N ASP L 139 -14.34 55.14 -118.43
CA ASP L 139 -13.42 54.97 -119.55
C ASP L 139 -12.04 54.56 -119.03
N TYR L 140 -11.69 53.31 -119.23
CA TYR L 140 -10.46 52.75 -118.66
C TYR L 140 -9.19 53.26 -119.34
N GLU L 141 -9.35 53.92 -120.48
CA GLU L 141 -8.22 54.47 -121.22
C GLU L 141 -7.49 55.52 -120.38
N TYR L 142 -8.25 56.32 -119.65
CA TYR L 142 -7.70 57.33 -118.76
C TYR L 142 -6.82 56.68 -117.69
N MET L 143 -7.29 55.56 -117.16
CA MET L 143 -6.58 54.86 -116.11
C MET L 143 -5.33 54.17 -116.62
N LEU L 144 -5.37 53.72 -117.87
CA LEU L 144 -4.22 53.09 -118.51
C LEU L 144 -3.09 54.10 -118.72
N GLN L 145 -3.45 55.28 -119.20
CA GLN L 145 -2.51 56.36 -119.43
C GLN L 145 -1.78 56.76 -118.16
N GLN L 146 -2.55 56.97 -117.09
CA GLN L 146 -1.98 57.35 -115.81
C GLN L 146 -1.00 56.30 -115.30
N HIS L 147 -1.33 55.03 -115.49
CA HIS L 147 -0.50 53.95 -114.99
C HIS L 147 0.87 53.91 -115.65
N VAL L 148 0.93 54.13 -116.95
CA VAL L 148 2.21 54.08 -117.66
C VAL L 148 2.94 55.42 -117.55
N ASP L 149 2.20 56.50 -117.34
CA ASP L 149 2.80 57.81 -117.13
C ASP L 149 3.50 57.86 -115.77
N SER L 150 2.80 57.40 -114.74
CA SER L 150 3.30 57.47 -113.38
C SER L 150 4.44 56.49 -113.13
N GLY L 151 4.39 55.35 -113.80
CA GLY L 151 5.39 54.31 -113.60
C GLY L 151 5.03 53.44 -112.41
N ALA L 152 3.77 53.50 -112.01
CA ALA L 152 3.29 52.77 -110.84
C ALA L 152 3.33 51.27 -111.07
N ASP L 153 3.49 50.51 -109.98
CA ASP L 153 3.39 49.06 -110.03
C ASP L 153 1.93 48.65 -110.13
N VAL L 154 1.08 49.44 -109.50
CA VAL L 154 -0.37 49.27 -109.61
C VAL L 154 -1.07 50.62 -109.49
N THR L 155 -2.06 50.84 -110.33
CA THR L 155 -2.91 52.02 -110.23
C THR L 155 -4.29 51.57 -109.77
N ILE L 156 -4.85 52.28 -108.80
CA ILE L 156 -6.11 51.86 -108.18
C ILE L 156 -7.20 52.91 -108.36
N GLY L 157 -8.35 52.48 -108.89
CA GLY L 157 -9.49 53.36 -109.09
C GLY L 157 -10.17 53.64 -107.77
N CYS L 158 -10.41 54.92 -107.48
CA CYS L 158 -10.92 55.33 -106.18
C CYS L 158 -12.10 56.28 -106.27
N LEU L 159 -13.04 56.10 -105.35
CA LEU L 159 -14.17 57.03 -105.21
C LEU L 159 -13.81 58.13 -104.21
N GLU L 160 -14.28 59.34 -104.49
CA GLU L 160 -14.12 60.44 -103.55
C GLU L 160 -15.40 60.57 -102.74
N VAL L 161 -15.39 60.03 -101.53
CA VAL L 161 -16.57 60.03 -100.67
C VAL L 161 -16.32 60.77 -99.36
N PRO L 162 -17.37 61.39 -98.80
CA PRO L 162 -17.29 62.01 -97.47
C PRO L 162 -16.76 61.04 -96.42
N ARG L 163 -16.02 61.54 -95.44
CA ARG L 163 -15.28 60.67 -94.53
C ARG L 163 -16.16 59.76 -93.65
N MET L 164 -17.40 60.17 -93.39
CA MET L 164 -18.33 59.32 -92.68
C MET L 164 -18.70 58.10 -93.52
N GLU L 165 -18.91 58.35 -94.80
CA GLU L 165 -19.31 57.30 -95.72
C GLU L 165 -18.15 56.34 -96.01
N ALA L 166 -16.94 56.86 -95.93
CA ALA L 166 -15.74 56.09 -96.22
C ALA L 166 -15.45 55.05 -95.13
N THR L 167 -16.20 55.10 -94.04
CA THR L 167 -15.98 54.20 -92.93
C THR L 167 -16.36 52.75 -93.27
N GLY L 168 -17.18 52.59 -94.31
CA GLY L 168 -17.61 51.27 -94.72
C GLY L 168 -16.83 50.73 -95.90
N PHE L 169 -15.81 51.47 -96.33
CA PHE L 169 -15.01 51.11 -97.49
C PHE L 169 -13.59 50.72 -97.11
N GLY L 170 -12.85 50.24 -98.11
CA GLY L 170 -11.41 50.12 -98.00
C GLY L 170 -10.85 51.44 -98.46
N VAL L 171 -10.06 52.09 -97.60
CA VAL L 171 -9.63 53.45 -97.88
C VAL L 171 -8.13 53.51 -98.18
N MET L 172 -7.79 54.27 -99.22
CA MET L 172 -6.39 54.48 -99.60
C MET L 172 -5.84 55.72 -98.93
N HIS L 173 -4.72 55.57 -98.22
CA HIS L 173 -4.08 56.71 -97.60
C HIS L 173 -3.16 57.36 -98.63
N VAL L 174 -3.49 58.59 -99.00
CA VAL L 174 -2.85 59.23 -100.14
C VAL L 174 -1.92 60.38 -99.73
N ASN L 175 -0.89 60.63 -100.53
CA ASN L 175 -0.02 61.78 -100.29
C ASN L 175 -0.31 62.90 -101.28
N GLU L 176 0.58 63.90 -101.34
CA GLU L 176 0.37 65.06 -102.18
C GLU L 176 0.27 64.70 -103.66
N LYS L 177 0.92 63.60 -104.05
CA LYS L 177 0.98 63.19 -105.46
C LYS L 177 0.06 62.02 -105.75
N ASP L 178 -0.95 61.83 -104.90
CA ASP L 178 -1.92 60.75 -105.03
C ASP L 178 -1.28 59.36 -104.99
N GLU L 179 -0.10 59.29 -104.38
CA GLU L 179 0.57 58.02 -104.17
C GLU L 179 0.05 57.38 -102.88
N ILE L 180 -0.19 56.08 -102.92
CA ILE L 180 -0.79 55.38 -101.79
C ILE L 180 0.27 54.91 -100.80
N ILE L 181 0.18 55.40 -99.56
CA ILE L 181 1.17 55.11 -98.54
C ILE L 181 0.70 54.04 -97.56
N ASP L 182 -0.61 53.79 -97.55
CA ASP L 182 -1.18 52.79 -96.65
C ASP L 182 -2.61 52.43 -97.06
N PHE L 183 -3.01 51.20 -96.74
CA PHE L 183 -4.38 50.76 -97.00
C PHE L 183 -5.06 50.30 -95.71
N ILE L 184 -6.20 50.91 -95.39
CA ILE L 184 -6.96 50.55 -94.22
C ILE L 184 -8.38 50.11 -94.58
N GLU L 185 -8.75 48.90 -94.18
CA GLU L 185 -10.10 48.40 -94.45
C GLU L 185 -11.06 48.81 -93.33
N LYS L 186 -12.12 49.52 -93.70
CA LYS L 186 -13.15 49.98 -92.77
C LYS L 186 -12.61 50.79 -91.60
N PRO L 187 -12.04 51.98 -91.89
CA PRO L 187 -11.48 52.81 -90.83
C PRO L 187 -12.53 53.58 -90.06
N ALA L 188 -12.41 53.62 -88.74
CA ALA L 188 -13.29 54.42 -87.90
C ALA L 188 -13.15 55.89 -88.26
N ASP L 189 -11.91 56.32 -88.46
CA ASP L 189 -11.61 57.67 -88.89
C ASP L 189 -10.75 57.61 -90.15
N PRO L 190 -11.41 57.66 -91.32
CA PRO L 190 -10.74 57.51 -92.62
C PRO L 190 -9.80 58.67 -92.94
N PRO L 191 -8.57 58.36 -93.40
CA PRO L 191 -7.62 59.40 -93.79
C PRO L 191 -8.19 60.28 -94.90
N GLY L 192 -8.13 61.59 -94.70
CA GLY L 192 -8.65 62.51 -95.69
C GLY L 192 -7.62 62.80 -96.76
N ILE L 193 -8.07 63.32 -97.89
CA ILE L 193 -7.18 63.71 -98.98
C ILE L 193 -6.42 64.97 -98.56
N PRO L 194 -5.08 64.95 -98.69
CA PRO L 194 -4.22 66.11 -98.44
C PRO L 194 -4.76 67.39 -99.10
N GLY L 195 -5.24 68.32 -98.28
CA GLY L 195 -5.78 69.55 -98.80
C GLY L 195 -7.26 69.43 -99.11
N ASN L 196 -7.78 68.22 -99.00
CA ASN L 196 -9.20 67.98 -99.24
C ASN L 196 -9.75 67.06 -98.16
N GLU L 197 -9.52 67.43 -96.90
CA GLU L 197 -10.12 66.71 -95.78
C GLU L 197 -11.63 66.79 -95.91
N GLY L 198 -12.34 65.87 -95.28
CA GLY L 198 -13.79 65.81 -95.44
C GLY L 198 -14.18 64.86 -96.54
N PHE L 199 -13.21 64.55 -97.41
CA PHE L 199 -13.37 63.52 -98.42
C PHE L 199 -12.23 62.51 -98.31
N ALA L 200 -12.58 61.23 -98.47
CA ALA L 200 -11.57 60.18 -98.46
C ALA L 200 -11.64 59.39 -99.76
N LEU L 201 -10.57 58.66 -100.08
CA LEU L 201 -10.54 57.83 -101.27
C LEU L 201 -10.92 56.40 -100.97
N ALA L 202 -12.03 55.95 -101.57
CA ALA L 202 -12.51 54.59 -101.38
C ALA L 202 -12.19 53.74 -102.61
N SER L 203 -11.56 52.59 -102.38
CA SER L 203 -11.17 51.69 -103.46
C SER L 203 -12.39 51.11 -104.17
N MET L 204 -12.33 51.09 -105.51
CA MET L 204 -13.43 50.57 -106.33
C MET L 204 -13.24 49.10 -106.68
N GLY L 205 -12.09 48.54 -106.33
CA GLY L 205 -11.79 47.17 -106.70
C GLY L 205 -11.37 47.09 -108.15
N ILE L 206 -10.81 48.19 -108.65
CA ILE L 206 -10.30 48.28 -110.02
C ILE L 206 -8.78 48.48 -109.98
N TYR L 207 -8.03 47.56 -110.59
CA TYR L 207 -6.57 47.60 -110.55
C TYR L 207 -5.94 47.50 -111.93
N VAL L 208 -5.01 48.39 -112.24
CA VAL L 208 -4.26 48.31 -113.48
C VAL L 208 -2.82 47.84 -113.23
N PHE L 209 -2.39 46.85 -114.00
CA PHE L 209 -1.03 46.32 -113.91
C PHE L 209 -0.38 46.25 -115.28
N HIS L 210 0.94 46.26 -115.31
CA HIS L 210 1.65 45.68 -116.43
C HIS L 210 1.50 44.17 -116.25
N THR L 211 1.20 43.46 -117.32
CA THR L 211 0.89 42.03 -117.22
C THR L 211 2.03 41.24 -116.58
N LYS L 212 3.27 41.51 -117.01
CA LYS L 212 4.43 40.78 -116.52
C LYS L 212 4.62 40.98 -115.02
N PHE L 213 4.36 42.19 -114.54
CA PHE L 213 4.45 42.48 -113.12
C PHE L 213 3.38 41.71 -112.33
N LEU L 214 2.18 41.63 -112.91
CA LEU L 214 1.06 40.97 -112.24
C LEU L 214 1.24 39.46 -112.21
N MET L 215 1.82 38.91 -113.28
CA MET L 215 2.06 37.47 -113.33
C MET L 215 3.05 37.06 -112.26
N GLU L 216 4.07 37.89 -112.04
CA GLU L 216 5.06 37.62 -111.01
C GLU L 216 4.46 37.75 -109.62
N ALA L 217 3.63 38.77 -109.42
CA ALA L 217 3.03 39.04 -108.13
C ALA L 217 2.08 37.94 -107.68
N LEU L 218 1.48 37.25 -108.64
CA LEU L 218 0.51 36.21 -108.33
C LEU L 218 1.17 34.85 -108.19
N ARG L 219 2.30 34.67 -108.87
CA ARG L 219 3.13 33.50 -108.65
C ARG L 219 3.77 33.59 -107.28
N ARG L 220 4.19 34.80 -106.93
CA ARG L 220 4.74 35.07 -105.60
C ARG L 220 3.69 34.82 -104.53
N ASP L 221 2.45 35.23 -104.82
CA ASP L 221 1.35 35.07 -103.89
C ASP L 221 0.94 33.61 -103.73
N ALA L 222 1.09 32.84 -104.80
CA ALA L 222 0.69 31.44 -104.79
C ALA L 222 1.64 30.59 -103.95
N ALA L 223 2.93 30.89 -104.05
CA ALA L 223 3.96 30.16 -103.31
C ALA L 223 3.98 30.56 -101.84
N ASP L 224 3.00 31.37 -101.44
CA ASP L 224 2.94 31.94 -100.10
C ASP L 224 1.92 31.18 -99.28
N PRO L 225 2.39 30.50 -98.23
CA PRO L 225 1.54 29.68 -97.35
C PRO L 225 0.57 30.51 -96.52
N THR L 226 0.90 31.76 -96.24
CA THR L 226 0.06 32.58 -95.36
C THR L 226 -1.07 33.28 -96.12
N SER L 227 -0.82 33.57 -97.40
CA SER L 227 -1.76 34.33 -98.24
C SER L 227 -3.21 33.82 -98.23
N SER L 228 -4.15 34.76 -98.24
CA SER L 228 -5.55 34.45 -98.42
C SER L 228 -5.92 34.56 -99.90
N ARG L 229 -4.89 34.75 -100.74
CA ARG L 229 -5.01 34.71 -102.19
C ARG L 229 -5.94 35.79 -102.76
N ASP L 230 -5.89 36.99 -102.20
CA ASP L 230 -6.76 38.07 -102.66
C ASP L 230 -5.98 39.33 -103.06
N PHE L 231 -6.51 40.08 -104.02
CA PHE L 231 -5.92 41.34 -104.41
C PHE L 231 -5.96 42.33 -103.24
N GLY L 232 -7.17 42.57 -102.73
CA GLY L 232 -7.38 43.55 -101.69
C GLY L 232 -6.69 43.26 -100.38
N LYS L 233 -6.54 41.98 -100.05
CA LYS L 233 -6.03 41.59 -98.75
C LYS L 233 -4.56 41.16 -98.79
N ASP L 234 -4.10 40.67 -99.92
CA ASP L 234 -2.76 40.11 -100.01
C ASP L 234 -1.90 40.79 -101.07
N ILE L 235 -2.44 40.98 -102.27
CA ILE L 235 -1.66 41.55 -103.36
C ILE L 235 -1.42 43.04 -103.18
N ILE L 236 -2.50 43.81 -103.10
CA ILE L 236 -2.40 45.27 -102.98
C ILE L 236 -1.69 45.72 -101.70
N PRO L 237 -1.99 45.11 -100.53
CA PRO L 237 -1.24 45.53 -99.35
C PRO L 237 0.28 45.32 -99.45
N TYR L 238 0.72 44.31 -100.19
CA TYR L 238 2.14 44.06 -100.34
C TYR L 238 2.79 45.13 -101.21
N ILE L 239 2.05 45.63 -102.20
CA ILE L 239 2.59 46.57 -103.15
C ILE L 239 2.62 47.99 -102.58
N VAL L 240 1.58 48.36 -101.83
CA VAL L 240 1.54 49.69 -101.22
C VAL L 240 2.67 49.87 -100.23
N GLU L 241 3.30 48.76 -99.85
CA GLU L 241 4.42 48.77 -98.92
C GLU L 241 5.76 48.73 -99.65
N HIS L 242 5.99 47.66 -100.39
CA HIS L 242 7.29 47.42 -101.01
C HIS L 242 7.42 48.08 -102.38
N GLY L 243 6.30 48.25 -103.07
CA GLY L 243 6.31 48.82 -104.41
C GLY L 243 5.70 50.20 -104.46
N LYS L 244 5.24 50.60 -105.65
CA LYS L 244 4.59 51.89 -105.81
C LYS L 244 3.13 51.72 -106.22
N ALA L 245 2.23 52.24 -105.39
CA ALA L 245 0.79 52.21 -105.69
C ALA L 245 0.26 53.64 -105.80
N VAL L 246 -0.43 53.93 -106.89
CA VAL L 246 -0.95 55.28 -107.10
C VAL L 246 -2.47 55.24 -107.21
N ALA L 247 -3.13 56.35 -106.90
CA ALA L 247 -4.58 56.43 -106.93
C ALA L 247 -5.09 57.12 -108.18
N HIS L 248 -6.20 56.60 -108.71
CA HIS L 248 -6.87 57.23 -109.85
C HIS L 248 -8.28 57.65 -109.45
N ARG L 249 -8.64 58.89 -109.72
CA ARG L 249 -9.95 59.42 -109.34
C ARG L 249 -11.04 58.98 -110.32
N PHE L 250 -12.13 58.47 -109.78
CA PHE L 250 -13.27 58.05 -110.59
C PHE L 250 -13.83 59.22 -111.40
N ALA L 251 -13.83 60.41 -110.80
CA ALA L 251 -14.34 61.60 -111.46
C ALA L 251 -13.53 61.97 -112.69
N ASP L 252 -12.28 61.52 -112.74
CA ASP L 252 -11.41 61.83 -113.87
C ASP L 252 -11.78 61.03 -115.12
N SER L 253 -12.42 59.89 -114.95
CA SER L 253 -12.67 59.00 -116.08
C SER L 253 -14.12 58.54 -116.20
N CYS L 254 -14.93 58.80 -115.17
CA CYS L 254 -16.35 58.47 -115.21
C CYS L 254 -17.00 59.09 -116.45
N VAL L 255 -17.83 58.30 -117.13
CA VAL L 255 -18.54 58.81 -118.30
C VAL L 255 -19.89 59.37 -117.88
N ARG L 256 -19.91 60.67 -117.60
CA ARG L 256 -21.11 61.33 -117.14
C ARG L 256 -22.00 61.75 -118.29
N SER L 257 -23.26 61.29 -118.27
CA SER L 257 -24.27 61.81 -119.17
C SER L 257 -24.55 63.26 -118.78
N ASP L 258 -25.02 64.06 -119.73
CA ASP L 258 -25.37 65.44 -119.46
C ASP L 258 -26.66 65.53 -118.65
N PHE L 259 -27.25 64.37 -118.38
CA PHE L 259 -28.45 64.29 -117.55
C PHE L 259 -28.13 63.55 -116.24
N GLU L 260 -26.84 63.49 -115.90
CA GLU L 260 -26.40 62.88 -114.65
C GLU L 260 -25.64 63.92 -113.80
N HIS L 261 -26.15 64.19 -112.60
CA HIS L 261 -25.68 65.31 -111.80
C HIS L 261 -24.33 65.08 -111.11
N GLU L 262 -23.88 63.83 -111.10
CA GLU L 262 -22.61 63.48 -110.46
C GLU L 262 -22.13 62.13 -110.97
N PRO L 263 -20.85 61.79 -110.72
CA PRO L 263 -20.39 60.44 -111.05
C PRO L 263 -21.24 59.36 -110.39
N TYR L 264 -21.81 58.48 -111.22
CA TYR L 264 -22.69 57.42 -110.74
C TYR L 264 -21.92 56.15 -110.43
N TRP L 265 -22.14 55.61 -109.23
CA TRP L 265 -21.54 54.35 -108.84
C TRP L 265 -22.38 53.74 -107.71
N ARG L 266 -22.87 52.52 -107.94
CA ARG L 266 -23.69 51.84 -106.94
C ARG L 266 -23.15 50.44 -106.68
N ASP L 267 -23.12 50.06 -105.41
CA ASP L 267 -22.65 48.75 -105.00
C ASP L 267 -23.80 47.75 -104.93
N VAL L 268 -25.01 48.27 -104.79
CA VAL L 268 -26.23 47.51 -104.49
C VAL L 268 -25.94 46.25 -103.65
N GLY L 269 -25.37 46.47 -102.48
CA GLY L 269 -24.92 45.39 -101.62
C GLY L 269 -25.98 44.86 -100.66
N THR L 270 -27.03 45.65 -100.45
CA THR L 270 -28.15 45.25 -99.60
C THR L 270 -29.45 45.29 -100.37
N ILE L 271 -30.51 44.71 -99.80
CA ILE L 271 -31.82 44.69 -100.45
C ILE L 271 -32.37 46.11 -100.61
N ASP L 272 -32.24 46.91 -99.56
CA ASP L 272 -32.70 48.29 -99.60
C ASP L 272 -31.97 49.06 -100.69
N ALA L 273 -30.65 48.87 -100.78
CA ALA L 273 -29.84 49.55 -101.78
C ALA L 273 -30.21 49.11 -103.19
N TYR L 274 -30.41 47.81 -103.37
CA TYR L 274 -30.82 47.26 -104.66
C TYR L 274 -32.17 47.82 -105.08
N TRP L 275 -33.11 47.83 -104.15
CA TRP L 275 -34.44 48.37 -104.39
C TRP L 275 -34.37 49.86 -104.75
N GLN L 276 -33.58 50.60 -103.98
CA GLN L 276 -33.44 52.04 -104.16
C GLN L 276 -32.87 52.40 -105.53
N ALA L 277 -31.78 51.73 -105.91
CA ALA L 277 -31.12 52.02 -107.17
C ALA L 277 -32.02 51.75 -108.37
N ASN L 278 -32.89 50.74 -108.26
CA ASN L 278 -33.82 50.41 -109.33
C ASN L 278 -35.01 51.36 -109.39
N ILE L 279 -35.59 51.65 -108.24
CA ILE L 279 -36.75 52.55 -108.15
C ILE L 279 -36.38 53.97 -108.61
N ASP L 280 -35.17 54.40 -108.29
CA ASP L 280 -34.71 55.73 -108.68
C ASP L 280 -34.71 55.95 -110.19
N LEU L 281 -34.77 54.86 -110.95
CA LEU L 281 -34.83 54.95 -112.41
C LEU L 281 -36.23 55.37 -112.87
N THR L 282 -37.18 55.43 -111.95
CA THR L 282 -38.52 55.90 -112.27
C THR L 282 -38.67 57.40 -112.05
N ASP L 283 -37.59 58.04 -111.60
CA ASP L 283 -37.58 59.49 -111.38
C ASP L 283 -37.79 60.27 -112.67
N VAL L 284 -38.26 61.50 -112.55
CA VAL L 284 -38.32 62.40 -113.70
C VAL L 284 -36.90 62.66 -114.18
N VAL L 285 -36.02 62.96 -113.22
CA VAL L 285 -34.59 63.12 -113.49
C VAL L 285 -33.78 62.13 -112.67
N PRO L 286 -33.58 60.92 -113.21
CA PRO L 286 -32.85 59.85 -112.52
C PRO L 286 -31.35 60.08 -112.49
N ASP L 287 -30.70 59.60 -111.44
CA ASP L 287 -29.25 59.74 -111.28
C ASP L 287 -28.52 59.00 -112.40
N LEU L 288 -29.05 57.85 -112.80
CA LEU L 288 -28.50 57.10 -113.92
C LEU L 288 -29.30 57.34 -115.18
N ASP L 289 -28.63 57.78 -116.23
CA ASP L 289 -29.29 58.01 -117.50
C ASP L 289 -29.16 56.78 -118.40
N ILE L 290 -30.19 55.94 -118.41
CA ILE L 290 -30.17 54.71 -119.19
C ILE L 290 -30.43 54.99 -120.67
N TYR L 291 -30.91 56.19 -120.97
CA TYR L 291 -31.22 56.56 -122.35
C TYR L 291 -30.02 57.17 -123.06
N ASP L 292 -28.87 57.13 -122.40
CA ASP L 292 -27.63 57.64 -122.97
C ASP L 292 -27.16 56.74 -124.13
N LYS L 293 -26.81 57.36 -125.24
CA LYS L 293 -26.40 56.62 -126.43
C LYS L 293 -24.88 56.69 -126.65
N SER L 294 -24.22 57.61 -125.95
CA SER L 294 -22.79 57.79 -126.11
C SER L 294 -21.99 56.64 -125.50
N TRP L 295 -22.49 56.10 -124.40
CA TRP L 295 -21.81 55.02 -123.70
C TRP L 295 -22.80 53.91 -123.38
N PRO L 296 -23.17 53.13 -124.41
CA PRO L 296 -24.25 52.15 -124.30
C PRO L 296 -23.88 50.91 -123.47
N ILE L 297 -24.87 50.34 -122.80
CA ILE L 297 -24.68 49.11 -122.04
C ILE L 297 -25.27 47.94 -122.83
N TRP L 298 -24.41 47.06 -123.29
CA TRP L 298 -24.84 45.86 -124.00
C TRP L 298 -25.28 44.80 -123.02
N THR L 299 -26.22 43.95 -123.44
CA THR L 299 -26.70 42.86 -122.61
C THR L 299 -27.34 41.79 -123.47
N TYR L 300 -27.87 40.75 -122.85
CA TYR L 300 -28.64 39.77 -123.61
C TYR L 300 -30.09 40.18 -123.66
N ALA L 301 -30.60 40.37 -124.87
CA ALA L 301 -31.99 40.72 -125.09
C ALA L 301 -32.56 39.91 -126.24
N GLU L 302 -33.82 39.53 -126.13
CA GLU L 302 -34.51 38.88 -127.23
C GLU L 302 -35.54 39.82 -127.83
N ILE L 303 -35.90 39.59 -129.08
CA ILE L 303 -37.02 40.29 -129.69
C ILE L 303 -38.27 39.95 -128.90
N THR L 304 -38.94 40.97 -128.38
CA THR L 304 -40.14 40.78 -127.59
C THR L 304 -41.27 41.61 -128.16
N PRO L 305 -42.52 41.22 -127.89
CA PRO L 305 -43.64 42.09 -128.21
C PRO L 305 -43.63 43.35 -127.35
N PRO L 306 -44.23 44.43 -127.83
CA PRO L 306 -44.34 45.70 -127.10
C PRO L 306 -45.18 45.57 -125.84
N ALA L 307 -45.07 46.54 -124.93
CA ALA L 307 -45.89 46.55 -123.73
C ALA L 307 -47.35 46.82 -124.07
N LYS L 308 -48.26 46.20 -123.33
CA LYS L 308 -49.68 46.35 -123.61
C LYS L 308 -50.46 46.70 -122.35
N PHE L 309 -51.35 47.68 -122.48
CA PHE L 309 -52.20 48.11 -121.38
C PHE L 309 -53.65 47.97 -121.81
N VAL L 310 -54.46 47.25 -121.04
CA VAL L 310 -55.87 47.08 -121.40
C VAL L 310 -56.81 47.24 -120.22
N HIS L 311 -58.09 47.37 -120.56
CA HIS L 311 -59.21 47.65 -119.65
C HIS L 311 -59.22 49.11 -119.19
N ASP L 312 -60.42 49.70 -119.24
CA ASP L 312 -60.62 51.08 -118.84
C ASP L 312 -62.09 51.29 -118.48
N ASP L 313 -62.51 50.74 -117.36
CA ASP L 313 -63.89 50.89 -116.88
C ASP L 313 -63.93 51.44 -115.45
N GLU L 314 -65.12 51.37 -114.84
CA GLU L 314 -65.34 51.98 -113.53
C GLU L 314 -64.60 51.26 -112.40
N ASP L 315 -64.12 50.05 -112.66
CA ASP L 315 -63.55 49.22 -111.60
C ASP L 315 -62.10 48.84 -111.86
N ARG L 316 -61.66 48.92 -113.11
CA ARG L 316 -60.29 48.53 -113.45
C ARG L 316 -59.74 49.31 -114.63
N ARG L 317 -58.47 49.70 -114.51
CA ARG L 317 -57.77 50.34 -115.61
C ARG L 317 -56.31 49.88 -115.66
N GLY L 318 -55.93 49.31 -116.78
CA GLY L 318 -54.54 48.96 -117.01
C GLY L 318 -53.75 50.20 -117.38
N SER L 319 -52.85 50.62 -116.50
CA SER L 319 -52.07 51.83 -116.73
C SER L 319 -50.84 51.89 -115.84
N ALA L 320 -49.80 52.55 -116.32
CA ALA L 320 -48.60 52.77 -115.52
C ALA L 320 -48.29 54.25 -115.42
N VAL L 321 -48.11 54.72 -114.19
CA VAL L 321 -47.70 56.09 -113.92
C VAL L 321 -46.39 56.10 -113.15
N SER L 322 -45.54 57.08 -113.46
CA SER L 322 -44.23 57.22 -112.82
C SER L 322 -43.49 55.89 -112.78
N SER L 323 -43.56 55.14 -113.87
CA SER L 323 -43.06 53.79 -113.90
C SER L 323 -42.23 53.49 -115.14
N VAL L 324 -41.44 52.44 -115.05
CA VAL L 324 -40.66 51.95 -116.19
C VAL L 324 -41.13 50.53 -116.52
N VAL L 325 -41.55 50.32 -117.76
CA VAL L 325 -42.12 49.04 -118.18
C VAL L 325 -41.42 48.48 -119.43
N SER L 326 -41.04 47.21 -119.37
CA SER L 326 -40.30 46.57 -120.46
C SER L 326 -41.21 45.82 -121.43
N GLY L 327 -40.60 45.18 -122.43
CA GLY L 327 -41.34 44.48 -123.45
C GLY L 327 -41.96 43.19 -122.94
N ASP L 328 -42.92 42.67 -123.70
CA ASP L 328 -43.64 41.44 -123.36
C ASP L 328 -44.37 41.57 -122.02
N CYS L 329 -44.65 42.81 -121.62
CA CYS L 329 -45.44 43.05 -120.42
C CYS L 329 -46.88 43.32 -120.80
N ILE L 330 -47.81 42.63 -120.14
CA ILE L 330 -49.22 42.90 -120.34
C ILE L 330 -49.82 43.40 -119.03
N ILE L 331 -50.25 44.65 -119.03
CA ILE L 331 -50.83 45.28 -117.85
C ILE L 331 -52.34 45.31 -118.00
N SER L 332 -52.98 44.25 -117.53
CA SER L 332 -54.39 44.01 -117.80
C SER L 332 -55.26 44.39 -116.60
N GLY L 333 -55.81 45.59 -116.63
CA GLY L 333 -56.67 46.07 -115.56
C GLY L 333 -55.93 46.29 -114.25
N ALA L 334 -54.62 46.40 -114.34
CA ALA L 334 -53.77 46.59 -113.17
C ALA L 334 -53.21 48.00 -113.09
N ALA L 335 -53.17 48.54 -111.87
CA ALA L 335 -52.66 49.89 -111.65
C ALA L 335 -51.23 49.87 -111.14
N LEU L 336 -50.32 50.44 -111.92
CA LEU L 336 -48.92 50.51 -111.54
C LEU L 336 -48.51 51.94 -111.22
N ASN L 337 -47.81 52.12 -110.10
CA ASN L 337 -47.27 53.42 -109.73
C ASN L 337 -45.88 53.28 -109.12
N ARG L 338 -44.95 54.14 -109.56
CA ARG L 338 -43.57 54.14 -109.12
C ARG L 338 -42.97 52.73 -109.09
N SER L 339 -43.11 52.03 -110.20
CA SER L 339 -42.65 50.64 -110.27
C SER L 339 -41.74 50.39 -111.48
N LEU L 340 -40.86 49.43 -111.34
CA LEU L 340 -39.96 49.04 -112.42
C LEU L 340 -40.22 47.59 -112.82
N LEU L 341 -40.75 47.38 -114.02
CA LEU L 341 -41.08 46.05 -114.48
C LEU L 341 -40.12 45.55 -115.54
N PHE L 342 -39.48 44.41 -115.28
CA PHE L 342 -38.60 43.79 -116.26
C PHE L 342 -39.44 43.04 -117.29
N THR L 343 -38.76 42.44 -118.27
CA THR L 343 -39.43 41.78 -119.39
C THR L 343 -40.38 40.65 -118.96
N GLY L 344 -41.55 40.61 -119.59
CA GLY L 344 -42.43 39.45 -119.49
C GLY L 344 -43.37 39.40 -118.31
N VAL L 345 -43.56 40.53 -117.64
CA VAL L 345 -44.45 40.57 -116.48
C VAL L 345 -45.92 40.56 -116.91
N ARG L 346 -46.73 39.78 -116.22
CA ARG L 346 -48.17 39.77 -116.44
C ARG L 346 -48.90 40.28 -115.21
N ALA L 347 -49.50 41.45 -115.31
CA ALA L 347 -50.29 42.02 -114.22
C ALA L 347 -51.77 41.93 -114.56
N ASN L 348 -52.57 41.39 -113.65
CA ASN L 348 -53.95 41.08 -113.96
C ASN L 348 -54.97 41.99 -113.26
N SER L 349 -56.22 41.89 -113.69
CA SER L 349 -57.29 42.80 -113.29
C SER L 349 -57.40 43.04 -111.78
N TYR L 350 -57.63 44.30 -111.42
CA TYR L 350 -57.88 44.72 -110.05
C TYR L 350 -56.65 44.62 -109.14
N SER L 351 -55.50 44.29 -109.72
CA SER L 351 -54.27 44.26 -108.94
C SER L 351 -53.61 45.62 -108.94
N ARG L 352 -52.77 45.87 -107.95
CA ARG L 352 -52.07 47.14 -107.83
C ARG L 352 -50.60 46.94 -107.46
N LEU L 353 -49.73 47.74 -108.06
CA LEU L 353 -48.32 47.76 -107.70
C LEU L 353 -47.88 49.18 -107.40
N GLU L 354 -47.20 49.35 -106.26
CA GLU L 354 -46.60 50.63 -105.91
C GLU L 354 -45.23 50.41 -105.29
N ASN L 355 -44.26 51.23 -105.69
CA ASN L 355 -42.88 51.10 -105.22
C ASN L 355 -42.33 49.70 -105.40
N ALA L 356 -42.58 49.11 -106.56
CA ALA L 356 -42.23 47.71 -106.80
C ALA L 356 -41.18 47.54 -107.88
N VAL L 357 -40.13 46.78 -107.54
CA VAL L 357 -39.17 46.32 -108.54
C VAL L 357 -39.52 44.88 -108.89
N VAL L 358 -39.98 44.68 -110.13
CA VAL L 358 -40.54 43.41 -110.53
C VAL L 358 -39.68 42.74 -111.60
N LEU L 359 -39.01 41.65 -111.20
CA LEU L 359 -38.05 40.96 -112.05
C LEU L 359 -38.75 40.21 -113.19
N PRO L 360 -38.00 39.67 -114.17
CA PRO L 360 -38.68 39.14 -115.36
C PRO L 360 -39.66 37.99 -115.12
N SER L 361 -40.69 37.93 -115.95
CA SER L 361 -41.63 36.81 -116.02
C SER L 361 -42.42 36.60 -114.73
N VAL L 362 -42.62 37.66 -113.96
CA VAL L 362 -43.45 37.62 -112.78
C VAL L 362 -44.92 37.73 -113.17
N LYS L 363 -45.80 36.99 -112.49
CA LYS L 363 -47.23 37.13 -112.70
C LYS L 363 -47.92 37.68 -111.44
N ILE L 364 -48.71 38.73 -111.63
CA ILE L 364 -49.49 39.31 -110.54
C ILE L 364 -50.95 38.89 -110.67
N GLY L 365 -51.44 38.12 -109.70
CA GLY L 365 -52.81 37.65 -109.74
C GLY L 365 -53.82 38.75 -109.51
N ARG L 366 -55.05 38.51 -109.93
CA ARG L 366 -56.15 39.45 -109.72
C ARG L 366 -56.30 39.85 -108.26
N HIS L 367 -56.60 41.13 -108.04
CA HIS L 367 -56.93 41.70 -106.72
C HIS L 367 -55.74 41.78 -105.77
N ALA L 368 -54.56 41.36 -106.20
CA ALA L 368 -53.37 41.47 -105.36
C ALA L 368 -52.90 42.92 -105.26
N GLN L 369 -52.42 43.33 -104.10
CA GLN L 369 -51.92 44.69 -103.91
C GLN L 369 -50.58 44.67 -103.20
N LEU L 370 -49.52 45.07 -103.89
CA LEU L 370 -48.17 45.01 -103.33
C LEU L 370 -47.50 46.38 -103.32
N SER L 371 -46.96 46.76 -102.15
CA SER L 371 -46.26 48.03 -101.99
C SER L 371 -44.88 47.82 -101.38
N ASN L 372 -43.89 48.56 -101.89
CA ASN L 372 -42.52 48.52 -101.40
C ASN L 372 -41.93 47.11 -101.42
N VAL L 373 -41.81 46.54 -102.62
CA VAL L 373 -41.35 45.17 -102.75
C VAL L 373 -40.33 44.97 -103.86
N VAL L 374 -39.50 43.96 -103.67
CA VAL L 374 -38.70 43.40 -104.75
C VAL L 374 -39.21 41.98 -105.01
N ILE L 375 -39.70 41.72 -106.21
CA ILE L 375 -40.23 40.41 -106.54
C ILE L 375 -39.24 39.65 -107.41
N ASP L 376 -38.90 38.44 -107.00
CA ASP L 376 -37.89 37.64 -107.69
C ASP L 376 -38.36 37.16 -109.07
N HIS L 377 -37.40 36.78 -109.90
CA HIS L 377 -37.63 36.27 -111.25
C HIS L 377 -38.59 35.09 -111.30
N GLY L 378 -39.64 35.21 -112.11
CA GLY L 378 -40.55 34.10 -112.36
C GLY L 378 -41.64 33.87 -111.33
N VAL L 379 -41.59 34.64 -110.23
CA VAL L 379 -42.54 34.47 -109.14
C VAL L 379 -44.00 34.67 -109.57
N VAL L 380 -44.87 33.76 -109.15
CA VAL L 380 -46.30 33.93 -109.36
C VAL L 380 -46.98 34.40 -108.08
N ILE L 381 -47.46 35.64 -108.10
CA ILE L 381 -48.15 36.22 -106.95
C ILE L 381 -49.60 35.78 -106.94
N PRO L 382 -50.01 35.06 -105.89
CA PRO L 382 -51.38 34.54 -105.82
C PRO L 382 -52.42 35.66 -105.84
N GLU L 383 -53.59 35.35 -106.35
CA GLU L 383 -54.67 36.32 -106.38
C GLU L 383 -55.02 36.81 -104.97
N GLY L 384 -55.13 38.12 -104.82
CA GLY L 384 -55.59 38.70 -103.57
C GLY L 384 -54.56 38.92 -102.49
N LEU L 385 -53.32 38.53 -102.75
CA LEU L 385 -52.24 38.73 -101.78
C LEU L 385 -52.00 40.22 -101.52
N ILE L 386 -51.78 40.57 -100.26
CA ILE L 386 -51.50 41.95 -99.89
C ILE L 386 -50.14 42.06 -99.21
N VAL L 387 -49.29 42.94 -99.72
CA VAL L 387 -48.00 43.22 -99.11
C VAL L 387 -47.81 44.73 -98.98
N GLY L 388 -47.31 45.16 -97.83
CA GLY L 388 -47.04 46.57 -97.59
C GLY L 388 -48.04 47.20 -96.64
N GLU L 389 -48.95 46.38 -96.12
CA GLU L 389 -50.04 46.86 -95.28
C GLU L 389 -49.85 46.46 -93.82
N ASP L 390 -49.41 45.21 -93.62
CA ASP L 390 -49.24 44.65 -92.29
C ASP L 390 -47.80 44.21 -92.08
N PRO L 391 -46.96 45.10 -91.54
CA PRO L 391 -45.52 44.88 -91.33
C PRO L 391 -45.21 43.58 -90.62
N GLU L 392 -45.95 43.28 -89.56
CA GLU L 392 -45.72 42.06 -88.78
C GLU L 392 -46.08 40.83 -89.62
N LEU L 393 -47.12 40.95 -90.44
CA LEU L 393 -47.53 39.87 -91.32
C LEU L 393 -46.52 39.67 -92.45
N ASP L 394 -46.08 40.78 -93.04
CA ASP L 394 -45.13 40.74 -94.14
C ASP L 394 -43.78 40.17 -93.72
N ALA L 395 -43.35 40.50 -92.50
CA ALA L 395 -42.09 40.00 -91.97
C ALA L 395 -42.14 38.50 -91.75
N LYS L 396 -43.30 37.99 -91.35
CA LYS L 396 -43.48 36.57 -91.13
C LYS L 396 -43.42 35.79 -92.43
N ARG L 397 -44.00 36.37 -93.48
CA ARG L 397 -44.11 35.68 -94.76
C ARG L 397 -42.85 35.80 -95.61
N PHE L 398 -42.23 36.98 -95.60
CA PHE L 398 -41.13 37.25 -96.51
C PHE L 398 -39.88 37.81 -95.83
N ARG L 399 -38.84 38.06 -96.63
CA ARG L 399 -37.66 38.78 -96.18
C ARG L 399 -37.97 40.27 -96.19
N ARG L 400 -38.08 40.86 -95.01
CA ARG L 400 -38.45 42.26 -94.89
C ARG L 400 -37.33 43.07 -94.27
N THR L 401 -36.91 44.12 -94.96
CA THR L 401 -35.88 45.00 -94.44
C THR L 401 -36.46 45.88 -93.33
N GLU L 402 -35.59 46.47 -92.52
CA GLU L 402 -36.04 47.35 -91.45
C GLU L 402 -36.53 48.68 -92.03
N SER L 403 -36.21 48.91 -93.30
CA SER L 403 -36.72 50.07 -94.02
C SER L 403 -38.13 49.78 -94.54
N GLY L 404 -38.49 48.51 -94.60
CA GLY L 404 -39.84 48.12 -94.97
C GLY L 404 -39.98 47.50 -96.34
N ILE L 405 -38.85 47.24 -97.00
CA ILE L 405 -38.87 46.60 -98.31
C ILE L 405 -38.94 45.09 -98.17
N CYS L 406 -39.93 44.47 -98.81
CA CYS L 406 -40.07 43.03 -98.77
C CYS L 406 -39.54 42.36 -100.05
N LEU L 407 -38.60 41.45 -99.88
CA LEU L 407 -38.14 40.60 -100.98
C LEU L 407 -39.01 39.36 -101.03
N ILE L 408 -39.64 39.12 -102.17
CA ILE L 408 -40.56 38.01 -102.35
C ILE L 408 -40.03 36.99 -103.35
N THR L 409 -39.88 35.74 -102.91
CA THR L 409 -39.47 34.67 -103.79
C THR L 409 -40.55 33.60 -103.87
N GLN L 410 -40.43 32.67 -104.81
CA GLN L 410 -41.43 31.64 -105.00
C GLN L 410 -41.47 30.69 -103.81
N SER L 411 -40.31 30.43 -103.22
CA SER L 411 -40.20 29.56 -102.06
C SER L 411 -41.00 30.12 -100.89
N MET L 412 -41.00 31.43 -100.74
CA MET L 412 -41.78 32.09 -99.68
C MET L 412 -43.27 32.00 -99.97
N ILE L 413 -43.63 32.10 -101.25
CA ILE L 413 -45.02 32.02 -101.66
C ILE L 413 -45.53 30.59 -101.47
N ASP L 414 -44.67 29.62 -101.71
CA ASP L 414 -45.03 28.21 -101.59
C ASP L 414 -45.41 27.82 -100.16
N LYS L 415 -44.79 28.49 -99.19
CA LYS L 415 -45.05 28.21 -97.78
C LYS L 415 -46.31 28.90 -97.30
N LEU L 416 -47.06 29.48 -98.23
CA LEU L 416 -48.21 30.31 -97.86
C LEU L 416 -49.55 29.62 -98.09
N ASP L 417 -50.33 29.58 -97.01
CA ASP L 417 -51.77 29.43 -97.09
C ASP L 417 -52.30 30.37 -96.02
N LEU L 418 -51.35 30.88 -95.24
CA LEU L 418 -51.57 31.96 -94.28
C LEU L 418 -50.22 32.51 -93.81
N VAL M 4 -13.88 -14.40 81.12
CA VAL M 4 -13.26 -13.29 80.40
C VAL M 4 -12.06 -12.75 81.18
N GLN M 5 -12.31 -12.36 82.43
CA GLN M 5 -11.25 -11.84 83.28
C GLN M 5 -10.20 -12.90 83.59
N PRO M 6 -8.93 -12.60 83.27
CA PRO M 6 -7.83 -13.49 83.64
C PRO M 6 -7.71 -13.62 85.15
N LEU M 7 -7.27 -14.78 85.62
CA LEU M 7 -7.22 -15.05 87.05
C LEU M 7 -6.05 -14.35 87.73
N ALA M 8 -5.07 -13.94 86.94
CA ALA M 8 -3.88 -13.29 87.45
C ALA M 8 -4.20 -11.95 88.12
N ARG M 9 -5.27 -11.31 87.65
CA ARG M 9 -5.72 -10.04 88.22
C ARG M 9 -6.06 -10.16 89.69
N ASP M 10 -6.48 -11.35 90.12
CA ASP M 10 -6.90 -11.56 91.51
C ASP M 10 -5.89 -12.42 92.27
N ALA M 11 -4.70 -12.58 91.72
CA ALA M 11 -3.69 -13.44 92.33
C ALA M 11 -2.57 -12.62 92.98
N MET M 12 -1.97 -13.20 94.02
CA MET M 12 -0.81 -12.61 94.65
C MET M 12 0.32 -13.63 94.73
N ALA M 13 1.46 -13.31 94.11
CA ALA M 13 2.63 -14.17 94.17
C ALA M 13 3.32 -13.98 95.53
N TYR M 14 3.66 -15.10 96.17
CA TYR M 14 4.35 -15.06 97.45
C TYR M 14 5.66 -15.83 97.36
N VAL M 15 6.76 -15.11 97.22
CA VAL M 15 8.05 -15.73 96.92
C VAL M 15 8.84 -16.06 98.18
N LEU M 16 9.15 -17.34 98.34
CA LEU M 16 9.98 -17.82 99.44
C LEU M 16 11.45 -17.68 99.06
N ALA M 17 12.14 -16.73 99.70
CA ALA M 17 13.52 -16.44 99.34
C ALA M 17 14.44 -16.50 100.55
N GLY M 18 14.19 -17.45 101.44
CA GLY M 18 15.05 -17.66 102.59
C GLY M 18 16.00 -18.82 102.38
N GLY M 19 16.07 -19.29 101.14
CA GLY M 19 16.90 -20.43 100.78
C GLY M 19 18.36 -20.26 101.14
N ARG M 20 18.89 -21.23 101.90
CA ARG M 20 20.26 -21.16 102.39
C ARG M 20 21.29 -21.32 101.28
N GLY M 21 21.06 -22.31 100.42
CA GLY M 21 22.02 -22.64 99.38
C GLY M 21 23.34 -23.04 100.01
N SER M 22 23.25 -23.86 101.05
CA SER M 22 24.40 -24.19 101.88
C SER M 22 25.45 -25.01 101.13
N ARG M 23 25.02 -25.82 100.16
CA ARG M 23 25.96 -26.64 99.40
C ARG M 23 26.71 -25.77 98.37
N LEU M 24 26.28 -24.53 98.22
CA LEU M 24 27.01 -23.57 97.39
C LEU M 24 28.20 -23.02 98.17
N LYS M 25 28.30 -23.42 99.44
CA LYS M 25 29.44 -23.09 100.29
C LYS M 25 29.68 -21.59 100.43
N GLU M 26 30.91 -21.16 100.14
CA GLU M 26 31.32 -19.78 100.33
C GLU M 26 30.59 -18.81 99.40
N LEU M 27 29.91 -19.34 98.39
CA LEU M 27 29.15 -18.51 97.47
C LEU M 27 27.98 -17.84 98.20
N THR M 28 27.47 -18.52 99.22
CA THR M 28 26.34 -18.02 100.00
C THR M 28 26.71 -17.77 101.46
N ASP M 29 27.96 -17.40 101.71
CA ASP M 29 28.40 -17.08 103.06
C ASP M 29 27.83 -15.76 103.54
N ARG M 30 27.71 -14.80 102.62
CA ARG M 30 27.19 -13.48 102.97
C ARG M 30 26.05 -13.06 102.04
N ARG M 31 25.31 -14.04 101.51
CA ARG M 31 24.15 -13.76 100.68
C ARG M 31 23.25 -14.99 100.59
N ALA M 32 21.95 -14.76 100.49
CA ALA M 32 21.00 -15.85 100.32
C ALA M 32 21.11 -16.40 98.90
N LYS M 33 20.68 -17.64 98.71
CA LYS M 33 20.75 -18.27 97.38
C LYS M 33 19.98 -17.47 96.30
N PRO M 34 18.76 -16.97 96.60
CA PRO M 34 18.09 -16.17 95.57
C PRO M 34 18.86 -14.92 95.14
N ALA M 35 19.79 -14.46 95.97
CA ALA M 35 20.57 -13.26 95.66
C ALA M 35 21.83 -13.61 94.86
N VAL M 36 22.07 -14.89 94.64
CA VAL M 36 23.22 -15.33 93.86
C VAL M 36 23.05 -14.95 92.39
N TYR M 37 24.10 -14.37 91.81
CA TYR M 37 24.09 -13.92 90.43
C TYR M 37 23.97 -15.08 89.45
N PHE M 38 23.24 -14.85 88.36
CA PHE M 38 23.14 -15.85 87.29
C PHE M 38 22.87 -15.23 85.93
N GLY M 39 23.53 -15.76 84.91
CA GLY M 39 23.22 -15.42 83.53
C GLY M 39 24.01 -14.28 82.94
N GLY M 40 24.72 -13.53 83.79
CA GLY M 40 25.51 -12.41 83.31
C GLY M 40 25.08 -11.06 83.87
N LYS M 41 23.79 -10.90 84.15
CA LYS M 41 23.30 -9.61 84.65
C LYS M 41 22.24 -9.74 85.74
N ALA M 42 21.67 -10.92 85.91
CA ALA M 42 20.56 -11.10 86.83
C ALA M 42 20.93 -11.91 88.07
N ARG M 43 20.01 -11.97 89.01
CA ARG M 43 20.12 -12.87 90.15
C ARG M 43 19.04 -13.93 90.04
N ILE M 44 19.19 -15.03 90.77
CA ILE M 44 18.26 -16.15 90.67
C ILE M 44 16.81 -15.77 90.93
N ILE M 45 16.56 -14.94 91.93
CA ILE M 45 15.19 -14.60 92.31
C ILE M 45 14.47 -13.77 91.22
N ASP M 46 15.23 -13.20 90.29
CA ASP M 46 14.65 -12.38 89.23
C ASP M 46 13.78 -13.20 88.29
N PHE M 47 14.00 -14.50 88.24
CA PHE M 47 13.25 -15.33 87.32
C PHE M 47 11.84 -15.59 87.83
N ALA M 48 11.70 -15.97 89.09
CA ALA M 48 10.39 -16.18 89.69
C ALA M 48 9.58 -14.88 89.69
N LEU M 49 10.24 -13.76 89.96
CA LEU M 49 9.59 -12.47 89.99
C LEU M 49 9.17 -12.02 88.60
N SER M 50 10.00 -12.26 87.60
CA SER M 50 9.66 -11.94 86.23
C SER M 50 8.52 -12.82 85.73
N ASN M 51 8.52 -14.07 86.17
CA ASN M 51 7.43 -14.99 85.86
C ASN M 51 6.10 -14.43 86.35
N ALA M 52 6.09 -13.99 87.61
CA ALA M 52 4.90 -13.39 88.21
C ALA M 52 4.48 -12.14 87.46
N LEU M 53 5.47 -11.33 87.08
CA LEU M 53 5.23 -10.10 86.34
C LEU M 53 4.63 -10.39 84.96
N ASN M 54 5.27 -11.28 84.22
CA ASN M 54 4.83 -11.60 82.87
C ASN M 54 3.52 -12.38 82.84
N SER M 55 3.20 -13.05 83.94
CA SER M 55 1.96 -13.81 84.05
C SER M 55 0.76 -12.90 84.30
N GLY M 56 1.03 -11.65 84.68
CA GLY M 56 -0.03 -10.69 84.94
C GLY M 56 -0.37 -10.52 86.41
N ILE M 57 0.49 -11.06 87.28
CA ILE M 57 0.33 -10.90 88.72
C ILE M 57 0.94 -9.57 89.14
N ARG M 58 0.13 -8.71 89.75
CA ARG M 58 0.56 -7.36 90.08
C ARG M 58 0.91 -7.20 91.56
N ARG M 59 0.50 -8.18 92.37
CA ARG M 59 0.86 -8.17 93.79
C ARG M 59 1.88 -9.25 94.13
N ILE M 60 3.05 -8.82 94.58
CA ILE M 60 4.13 -9.73 94.90
C ILE M 60 4.61 -9.50 96.32
N GLY M 61 4.75 -10.59 97.07
CA GLY M 61 5.34 -10.55 98.40
C GLY M 61 6.56 -11.44 98.46
N VAL M 62 7.67 -10.88 98.92
CA VAL M 62 8.90 -11.65 99.03
C VAL M 62 9.31 -11.85 100.48
N ALA M 63 9.32 -13.10 100.92
CA ALA M 63 9.68 -13.44 102.29
C ALA M 63 11.17 -13.77 102.40
N THR M 64 11.91 -12.92 103.09
CA THR M 64 13.35 -13.10 103.23
C THR M 64 13.70 -13.55 104.65
N GLN M 65 14.83 -14.24 104.79
CA GLN M 65 15.24 -14.75 106.08
C GLN M 65 16.70 -14.40 106.40
N TYR M 66 17.63 -15.28 106.00
CA TYR M 66 19.01 -15.17 106.44
C TYR M 66 19.95 -14.60 105.39
N LYS M 67 20.94 -13.84 105.87
CA LYS M 67 21.91 -13.13 105.03
C LYS M 67 21.24 -12.40 103.88
N ALA M 68 20.17 -11.69 104.18
CA ALA M 68 19.30 -11.13 103.15
C ALA M 68 19.52 -9.65 102.86
N HIS M 69 20.56 -9.06 103.41
CA HIS M 69 20.83 -7.65 103.17
C HIS M 69 21.07 -7.37 101.70
N SER M 70 21.87 -8.23 101.06
CA SER M 70 22.15 -8.08 99.64
C SER M 70 20.90 -8.34 98.81
N LEU M 71 20.10 -9.28 99.25
CA LEU M 71 18.85 -9.62 98.59
C LEU M 71 17.86 -8.45 98.66
N ILE M 72 17.62 -7.97 99.88
CA ILE M 72 16.68 -6.87 100.11
C ILE M 72 17.08 -5.62 99.32
N ARG M 73 18.38 -5.32 99.30
CA ARG M 73 18.87 -4.16 98.57
C ARG M 73 18.62 -4.31 97.06
N HIS M 74 18.78 -5.53 96.55
CA HIS M 74 18.50 -5.83 95.16
C HIS M 74 17.03 -5.56 94.81
N LEU M 75 16.14 -5.97 95.69
CA LEU M 75 14.71 -5.81 95.49
C LEU M 75 14.28 -4.35 95.61
N GLN M 76 14.91 -3.63 96.53
CA GLN M 76 14.64 -2.20 96.70
C GLN M 76 14.92 -1.42 95.43
N ARG M 77 16.04 -1.75 94.77
CA ARG M 77 16.52 -0.97 93.64
C ARG M 77 16.05 -1.49 92.29
N GLY M 78 15.88 -2.80 92.19
CA GLY M 78 15.48 -3.41 90.94
C GLY M 78 13.97 -3.48 90.73
N TRP M 79 13.25 -3.84 91.78
CA TRP M 79 11.81 -4.02 91.69
C TRP M 79 11.09 -2.88 92.38
N ASP M 80 11.25 -1.68 91.82
CA ASP M 80 10.82 -0.45 92.47
C ASP M 80 9.71 0.29 91.72
N PHE M 81 9.14 -0.34 90.70
CA PHE M 81 8.24 0.35 89.79
C PHE M 81 6.76 0.04 90.01
N PHE M 82 6.43 -0.63 91.11
CA PHE M 82 5.05 -0.92 91.44
C PHE M 82 4.41 0.22 92.23
N ARG M 83 3.27 0.72 91.75
CA ARG M 83 2.56 1.80 92.44
C ARG M 83 1.22 1.33 92.99
N PRO M 84 1.08 1.31 94.33
CA PRO M 84 -0.11 0.82 95.03
C PRO M 84 -1.43 1.40 94.53
N GLU M 85 -1.42 2.65 94.08
CA GLU M 85 -2.66 3.28 93.62
C GLU M 85 -3.05 2.78 92.23
N ARG M 86 -2.16 2.04 91.58
CA ARG M 86 -2.50 1.37 90.33
C ARG M 86 -2.88 -0.09 90.59
N ASN M 87 -3.29 -0.38 91.82
CA ASN M 87 -3.68 -1.73 92.24
C ASN M 87 -2.61 -2.78 92.01
N GLU M 88 -1.40 -2.47 92.46
CA GLU M 88 -0.28 -3.39 92.38
C GLU M 88 0.61 -3.13 93.58
N SER M 89 1.38 -4.13 93.98
CA SER M 89 2.24 -3.95 95.14
C SER M 89 3.43 -4.88 95.13
N PHE M 90 4.53 -4.41 95.72
CA PHE M 90 5.70 -5.23 95.91
C PHE M 90 6.12 -5.11 97.37
N ASP M 91 5.88 -6.17 98.14
CA ASP M 91 6.22 -6.16 99.56
C ASP M 91 7.42 -7.04 99.86
N ILE M 92 8.41 -6.46 100.54
CA ILE M 92 9.55 -7.21 101.04
C ILE M 92 9.30 -7.58 102.50
N LEU M 93 9.10 -8.86 102.75
CA LEU M 93 8.69 -9.32 104.08
C LEU M 93 9.85 -9.97 104.83
N ALA M 94 10.53 -9.17 105.65
CA ALA M 94 11.74 -9.61 106.35
C ALA M 94 11.43 -10.35 107.65
N ALA M 95 11.24 -9.58 108.73
CA ALA M 95 11.00 -10.13 110.06
C ALA M 95 12.11 -11.08 110.50
N THR M 102 7.45 -13.72 119.30
CA THR M 102 8.26 -14.65 118.54
C THR M 102 9.47 -13.96 117.91
N GLN M 103 10.03 -14.57 116.88
CA GLN M 103 11.24 -14.07 116.25
C GLN M 103 11.23 -14.25 114.73
N TRP M 104 12.22 -14.97 114.21
CA TRP M 104 12.34 -15.28 112.79
C TRP M 104 11.20 -16.16 112.29
N TYR M 105 11.24 -16.47 110.99
CA TYR M 105 10.31 -17.43 110.41
C TYR M 105 10.73 -18.83 110.81
N GLU M 106 9.80 -19.62 111.33
CA GLU M 106 10.10 -20.99 111.74
C GLU M 106 10.12 -21.92 110.53
N GLY M 107 9.42 -21.53 109.48
CA GLY M 107 9.35 -22.31 108.26
C GLY M 107 8.69 -21.53 107.13
N THR M 108 8.60 -22.15 105.97
CA THR M 108 8.05 -21.50 104.79
C THR M 108 6.57 -21.20 104.97
N ALA M 109 5.90 -22.02 105.76
CA ALA M 109 4.47 -21.86 106.01
C ALA M 109 4.23 -20.80 107.07
N ASP M 110 5.21 -20.61 107.95
CA ASP M 110 5.12 -19.58 108.98
C ASP M 110 5.42 -18.22 108.38
N ALA M 111 6.21 -18.20 107.31
CA ALA M 111 6.55 -16.97 106.62
C ALA M 111 5.32 -16.32 106.02
N VAL M 112 4.29 -17.12 105.78
CA VAL M 112 3.03 -16.61 105.26
C VAL M 112 2.06 -16.30 106.40
N TYR M 113 2.11 -17.10 107.46
CA TYR M 113 1.23 -16.90 108.61
C TYR M 113 1.55 -15.60 109.34
N GLN M 114 2.83 -15.26 109.40
CA GLN M 114 3.26 -14.05 110.10
C GLN M 114 2.99 -12.80 109.29
N ASN M 115 2.68 -12.97 108.01
CA ASN M 115 2.40 -11.84 107.13
C ASN M 115 0.98 -11.88 106.58
N ILE M 116 0.06 -12.43 107.36
CA ILE M 116 -1.35 -12.44 106.98
C ILE M 116 -1.92 -11.02 107.14
N ASP M 117 -1.32 -10.24 108.03
CA ASP M 117 -1.78 -8.88 108.30
C ASP M 117 -1.53 -7.95 107.12
N ILE M 118 -0.59 -8.32 106.24
CA ILE M 118 -0.27 -7.50 105.09
C ILE M 118 -0.93 -8.07 103.83
N ILE M 119 -1.34 -9.35 103.91
CA ILE M 119 -1.99 -10.02 102.78
C ILE M 119 -3.48 -9.72 102.75
N GLU M 120 -4.14 -9.86 103.90
CA GLU M 120 -5.59 -9.68 104.02
C GLU M 120 -6.15 -8.32 103.54
N PRO M 121 -5.42 -7.21 103.75
CA PRO M 121 -5.93 -5.96 103.17
C PRO M 121 -6.07 -6.01 101.66
N TYR M 122 -5.10 -6.63 100.98
CA TYR M 122 -5.14 -6.76 99.52
C TYR M 122 -6.31 -7.63 99.08
N ALA M 123 -6.67 -8.59 99.93
CA ALA M 123 -7.75 -9.54 99.66
C ALA M 123 -7.68 -10.20 98.29
N PRO M 124 -6.57 -10.90 97.99
CA PRO M 124 -6.53 -11.60 96.70
C PRO M 124 -7.37 -12.87 96.76
N GLU M 125 -7.90 -13.30 95.63
CA GLU M 125 -8.69 -14.53 95.60
C GLU M 125 -7.80 -15.75 95.51
N TYR M 126 -6.61 -15.57 94.96
CA TYR M 126 -5.69 -16.68 94.78
C TYR M 126 -4.28 -16.33 95.28
N MET M 127 -3.60 -17.35 95.82
CA MET M 127 -2.21 -17.22 96.22
C MET M 127 -1.35 -18.15 95.37
N VAL M 128 -0.23 -17.65 94.90
CA VAL M 128 0.72 -18.47 94.15
C VAL M 128 2.05 -18.50 94.90
N ILE M 129 2.27 -19.57 95.65
CA ILE M 129 3.48 -19.71 96.45
C ILE M 129 4.63 -20.16 95.55
N LEU M 130 5.75 -19.43 95.62
CA LEU M 130 6.87 -19.69 94.72
C LEU M 130 8.17 -19.92 95.46
N ALA M 131 9.01 -20.77 94.89
CA ALA M 131 10.39 -20.90 95.34
C ALA M 131 11.24 -19.91 94.56
N GLY M 132 11.95 -19.05 95.27
CA GLY M 132 12.73 -18.01 94.63
C GLY M 132 14.18 -18.36 94.40
N ASP M 133 14.49 -19.65 94.42
CA ASP M 133 15.87 -20.10 94.29
C ASP M 133 16.10 -21.02 93.11
N HIS M 134 15.16 -21.02 92.16
CA HIS M 134 15.30 -21.83 90.96
C HIS M 134 15.36 -20.94 89.73
N ILE M 135 15.73 -21.52 88.59
CA ILE M 135 15.81 -20.79 87.33
C ILE M 135 14.90 -21.41 86.28
N TYR M 136 13.77 -20.77 86.02
CA TYR M 136 12.78 -21.30 85.09
C TYR M 136 11.86 -20.21 84.56
N LYS M 137 11.23 -20.48 83.42
CA LYS M 137 10.20 -19.58 82.88
C LYS M 137 8.86 -20.31 82.84
N MET M 138 7.83 -19.66 83.36
CA MET M 138 6.53 -20.31 83.53
C MET M 138 5.39 -19.29 83.53
N ASP M 139 4.33 -19.60 82.81
CA ASP M 139 3.14 -18.75 82.78
C ASP M 139 2.15 -19.25 83.82
N TYR M 140 2.02 -18.52 84.92
CA TYR M 140 1.23 -18.97 86.06
C TYR M 140 -0.27 -18.94 85.81
N GLU M 141 -0.69 -18.35 84.69
CA GLU M 141 -2.10 -18.27 84.36
C GLU M 141 -2.67 -19.66 84.09
N TYR M 142 -1.88 -20.51 83.43
CA TYR M 142 -2.27 -21.89 83.15
C TYR M 142 -2.53 -22.64 84.43
N MET M 143 -1.60 -22.52 85.36
CA MET M 143 -1.72 -23.19 86.64
C MET M 143 -2.94 -22.67 87.43
N LEU M 144 -3.26 -21.38 87.28
CA LEU M 144 -4.34 -20.72 88.06
C LEU M 144 -5.75 -21.25 87.70
N GLN M 145 -6.07 -21.15 86.40
CA GLN M 145 -7.11 -21.85 85.65
C GLN M 145 -7.28 -23.35 85.90
N GLN M 146 -6.20 -24.11 85.91
CA GLN M 146 -6.29 -25.53 86.20
C GLN M 146 -6.77 -25.74 87.63
N HIS M 147 -6.37 -24.83 88.52
CA HIS M 147 -6.74 -24.88 89.93
C HIS M 147 -8.24 -24.72 90.14
N VAL M 148 -8.82 -23.67 89.57
CA VAL M 148 -10.23 -23.36 89.77
C VAL M 148 -11.14 -24.30 89.00
N ASP M 149 -10.64 -24.84 87.88
CA ASP M 149 -11.43 -25.75 87.07
C ASP M 149 -11.53 -27.12 87.72
N SER M 150 -10.44 -27.57 88.32
CA SER M 150 -10.39 -28.90 88.94
C SER M 150 -11.04 -28.91 90.32
N GLY M 151 -11.18 -27.73 90.92
CA GLY M 151 -11.74 -27.61 92.24
C GLY M 151 -10.80 -28.13 93.32
N ALA M 152 -9.50 -28.10 93.01
CA ALA M 152 -8.49 -28.59 93.92
C ALA M 152 -8.33 -27.68 95.13
N ASP M 153 -7.79 -28.23 96.21
CA ASP M 153 -7.45 -27.44 97.38
C ASP M 153 -6.07 -26.83 97.19
N VAL M 154 -5.22 -27.57 96.48
CA VAL M 154 -3.95 -27.04 96.01
C VAL M 154 -3.64 -27.60 94.64
N THR M 155 -2.89 -26.84 93.86
CA THR M 155 -2.31 -27.35 92.63
C THR M 155 -0.81 -27.19 92.77
N ILE M 156 -0.05 -28.21 92.41
CA ILE M 156 1.38 -28.17 92.62
C ILE M 156 2.15 -28.33 91.30
N GLY M 157 3.10 -27.44 91.07
CA GLY M 157 3.94 -27.52 89.90
C GLY M 157 4.89 -28.69 90.04
N CYS M 158 4.88 -29.56 89.03
CA CYS M 158 5.70 -30.77 89.07
C CYS M 158 6.50 -30.95 87.78
N LEU M 159 7.77 -31.29 87.93
CA LEU M 159 8.61 -31.64 86.79
C LEU M 159 8.41 -33.10 86.44
N GLU M 160 8.34 -33.41 85.14
CA GLU M 160 8.28 -34.81 84.72
C GLU M 160 9.67 -35.29 84.34
N VAL M 161 10.35 -35.93 85.29
CA VAL M 161 11.73 -36.35 85.09
C VAL M 161 11.87 -37.86 85.18
N PRO M 162 12.91 -38.42 84.54
CA PRO M 162 13.22 -39.84 84.70
C PRO M 162 13.36 -40.22 86.17
N ARG M 163 12.90 -41.41 86.53
CA ARG M 163 12.75 -41.79 87.93
C ARG M 163 14.05 -41.72 88.75
N MET M 164 15.18 -41.99 88.10
CA MET M 164 16.45 -41.97 88.80
C MET M 164 16.86 -40.54 89.15
N GLU M 165 16.35 -39.57 88.39
CA GLU M 165 16.66 -38.17 88.64
C GLU M 165 15.76 -37.59 89.73
N ALA M 166 14.64 -38.25 89.98
CA ALA M 166 13.66 -37.77 90.95
C ALA M 166 14.02 -38.18 92.37
N THR M 167 15.10 -38.94 92.51
CA THR M 167 15.50 -39.45 93.82
C THR M 167 15.96 -38.34 94.76
N GLY M 168 16.24 -37.17 94.20
CA GLY M 168 16.68 -36.04 94.99
C GLY M 168 15.60 -34.99 95.16
N PHE M 169 14.39 -35.33 94.73
CA PHE M 169 13.27 -34.41 94.80
C PHE M 169 12.22 -34.84 95.81
N GLY M 170 11.35 -33.91 96.18
CA GLY M 170 10.09 -34.26 96.78
C GLY M 170 9.22 -34.76 95.64
N VAL M 171 8.69 -35.96 95.79
CA VAL M 171 8.04 -36.67 94.68
C VAL M 171 6.56 -36.97 94.99
N MET M 172 5.69 -36.77 94.00
CA MET M 172 4.25 -36.97 94.20
C MET M 172 3.80 -38.28 93.63
N HIS M 173 2.88 -38.98 94.27
CA HIS M 173 2.28 -40.05 93.47
C HIS M 173 1.30 -39.25 92.64
N VAL M 174 0.88 -39.85 91.54
CA VAL M 174 -0.40 -39.46 90.99
C VAL M 174 -1.19 -40.69 90.58
N ASN M 175 -2.50 -40.51 90.53
CA ASN M 175 -3.38 -41.51 89.97
C ASN M 175 -3.49 -41.26 88.47
N GLU M 176 -4.49 -41.83 87.83
CA GLU M 176 -4.60 -41.73 86.37
C GLU M 176 -5.12 -40.37 85.92
N LYS M 177 -5.38 -39.47 86.86
CA LYS M 177 -5.88 -38.14 86.54
C LYS M 177 -5.09 -37.04 87.25
N ASP M 178 -3.79 -37.29 87.43
CA ASP M 178 -2.88 -36.34 88.06
C ASP M 178 -3.32 -35.85 89.45
N GLU M 179 -4.23 -36.59 90.08
CA GLU M 179 -4.59 -36.29 91.46
C GLU M 179 -3.55 -36.90 92.37
N ILE M 180 -3.05 -36.10 93.31
CA ILE M 180 -1.94 -36.53 94.14
C ILE M 180 -2.39 -37.48 95.24
N ILE M 181 -1.76 -38.66 95.25
CA ILE M 181 -2.13 -39.73 96.17
C ILE M 181 -1.17 -39.77 97.36
N ASP M 182 0.12 -39.55 97.09
CA ASP M 182 1.14 -39.61 98.13
C ASP M 182 2.31 -38.70 97.80
N PHE M 183 2.98 -38.19 98.82
CA PHE M 183 4.19 -37.39 98.63
C PHE M 183 5.35 -37.97 99.43
N ILE M 184 6.48 -38.20 98.75
CA ILE M 184 7.64 -38.80 99.40
C ILE M 184 8.83 -37.85 99.35
N GLU M 185 9.49 -37.68 100.50
CA GLU M 185 10.67 -36.82 100.59
C GLU M 185 11.95 -37.57 100.23
N LYS M 186 12.44 -37.32 99.02
CA LYS M 186 13.69 -37.90 98.50
C LYS M 186 13.70 -39.42 98.55
N PRO M 187 12.85 -40.07 97.75
CA PRO M 187 12.77 -41.54 97.72
C PRO M 187 13.87 -42.17 96.88
N ALA M 188 14.48 -43.23 97.41
CA ALA M 188 15.50 -43.97 96.68
C ALA M 188 14.88 -44.66 95.46
N ASP M 189 13.64 -45.09 95.61
CA ASP M 189 12.91 -45.74 94.51
C ASP M 189 11.58 -45.04 94.27
N PRO M 190 11.60 -43.93 93.50
CA PRO M 190 10.44 -43.07 93.26
C PRO M 190 9.31 -43.77 92.51
N PRO M 191 8.06 -43.51 92.93
CA PRO M 191 6.88 -44.01 92.20
C PRO M 191 6.81 -43.40 90.80
N GLY M 192 6.30 -44.16 89.83
CA GLY M 192 6.23 -43.68 88.46
C GLY M 192 4.82 -43.25 88.11
N ILE M 193 4.70 -42.46 87.05
CA ILE M 193 3.39 -41.99 86.61
C ILE M 193 2.75 -43.12 85.83
N PRO M 194 1.42 -43.25 85.94
CA PRO M 194 0.69 -44.29 85.21
C PRO M 194 0.55 -43.98 83.72
N GLY M 195 0.92 -44.93 82.87
CA GLY M 195 0.81 -44.75 81.43
C GLY M 195 2.14 -44.47 80.77
N ASN M 196 3.01 -43.77 81.50
CA ASN M 196 4.34 -43.43 81.02
C ASN M 196 5.37 -43.65 82.12
N GLU M 197 5.53 -44.91 82.50
CA GLU M 197 6.46 -45.27 83.57
C GLU M 197 7.90 -45.01 83.15
N GLY M 198 8.80 -44.96 84.11
CA GLY M 198 10.17 -44.57 83.84
C GLY M 198 10.32 -43.07 84.03
N PHE M 199 9.22 -42.42 84.34
CA PHE M 199 9.20 -40.99 84.66
C PHE M 199 8.37 -40.74 85.91
N ALA M 200 8.78 -39.75 86.70
CA ALA M 200 8.06 -39.40 87.91
C ALA M 200 7.75 -37.90 87.96
N LEU M 201 6.95 -37.49 88.94
CA LEU M 201 6.62 -36.08 89.11
C LEU M 201 7.37 -35.47 90.29
N ALA M 202 8.29 -34.57 89.98
CA ALA M 202 9.12 -33.94 91.00
C ALA M 202 8.61 -32.54 91.34
N SER M 203 8.46 -32.26 92.63
CA SER M 203 7.91 -31.00 93.10
C SER M 203 8.75 -29.79 92.68
N MET M 204 8.09 -28.74 92.24
CA MET M 204 8.78 -27.49 91.92
C MET M 204 8.75 -26.54 93.10
N GLY M 205 8.03 -26.92 94.15
CA GLY M 205 7.87 -26.05 95.30
C GLY M 205 6.91 -24.91 94.97
N ILE M 206 6.14 -25.09 93.92
CA ILE M 206 5.17 -24.11 93.48
C ILE M 206 3.76 -24.55 93.84
N TYR M 207 3.10 -23.74 94.68
CA TYR M 207 1.76 -24.07 95.14
C TYR M 207 0.77 -22.97 94.78
N VAL M 208 -0.45 -23.37 94.45
CA VAL M 208 -1.52 -22.42 94.21
C VAL M 208 -2.71 -22.76 95.08
N PHE M 209 -3.13 -21.80 95.89
CA PHE M 209 -4.27 -21.97 96.78
C PHE M 209 -5.38 -20.98 96.46
N HIS M 210 -6.57 -21.26 96.99
CA HIS M 210 -7.52 -20.19 97.22
C HIS M 210 -7.03 -19.51 98.49
N THR M 211 -7.02 -18.18 98.51
CA THR M 211 -6.39 -17.46 99.60
C THR M 211 -7.04 -17.78 100.95
N LYS M 212 -8.36 -17.92 100.97
CA LYS M 212 -9.05 -18.18 102.23
C LYS M 212 -8.83 -19.61 102.71
N PHE M 213 -8.58 -20.53 101.78
CA PHE M 213 -8.22 -21.89 102.14
C PHE M 213 -6.82 -21.92 102.75
N LEU M 214 -5.93 -21.08 102.23
CA LEU M 214 -4.55 -21.06 102.68
C LEU M 214 -4.42 -20.42 104.06
N MET M 215 -5.16 -19.34 104.30
CA MET M 215 -5.09 -18.62 105.56
C MET M 215 -5.51 -19.51 106.73
N GLU M 216 -6.53 -20.34 106.53
CA GLU M 216 -6.99 -21.24 107.56
C GLU M 216 -6.06 -22.44 107.68
N ALA M 217 -5.33 -22.73 106.60
CA ALA M 217 -4.33 -23.78 106.61
C ALA M 217 -3.14 -23.38 107.48
N LEU M 218 -2.77 -22.10 107.39
CA LEU M 218 -1.67 -21.54 108.16
C LEU M 218 -2.03 -21.43 109.64
N ARG M 219 -3.24 -20.95 109.90
CA ARG M 219 -3.71 -20.80 111.27
C ARG M 219 -3.85 -22.18 111.93
N ARG M 220 -4.27 -23.16 111.14
CA ARG M 220 -4.35 -24.54 111.62
C ARG M 220 -2.97 -25.10 111.92
N ASP M 221 -2.04 -24.88 110.99
CA ASP M 221 -0.68 -25.38 111.14
C ASP M 221 0.03 -24.78 112.34
N ALA M 222 -0.15 -23.47 112.52
CA ALA M 222 0.47 -22.76 113.63
C ALA M 222 -0.15 -23.22 114.96
N ALA M 223 -1.32 -23.82 114.88
CA ALA M 223 -2.01 -24.30 116.08
C ALA M 223 -1.63 -25.76 116.36
N ASP M 224 -0.78 -26.32 115.52
CA ASP M 224 -0.25 -27.66 115.74
C ASP M 224 1.14 -27.57 116.35
N PRO M 225 1.28 -28.02 117.60
CA PRO M 225 2.59 -27.97 118.26
C PRO M 225 3.61 -28.88 117.57
N THR M 226 3.13 -30.00 117.05
CA THR M 226 3.98 -31.01 116.42
C THR M 226 4.52 -30.56 115.05
N SER M 227 4.20 -29.33 114.66
CA SER M 227 4.49 -28.86 113.31
C SER M 227 5.88 -28.27 113.14
N SER M 228 6.49 -28.53 111.98
CA SER M 228 7.77 -27.94 111.63
C SER M 228 7.58 -26.64 110.87
N ARG M 229 6.33 -26.16 110.84
CA ARG M 229 5.96 -24.90 110.23
C ARG M 229 6.34 -24.83 108.74
N ASP M 230 6.42 -25.98 108.08
CA ASP M 230 6.93 -26.03 106.71
C ASP M 230 5.85 -26.39 105.70
N PHE M 231 5.94 -25.83 104.50
CA PHE M 231 4.94 -26.06 103.46
C PHE M 231 4.88 -27.51 102.98
N GLY M 232 5.95 -27.98 102.36
CA GLY M 232 5.99 -29.31 101.77
C GLY M 232 6.09 -30.44 102.78
N LYS M 233 6.62 -30.14 103.97
CA LYS M 233 6.73 -31.15 105.02
C LYS M 233 5.40 -31.33 105.77
N ASP M 234 4.71 -30.22 106.03
CA ASP M 234 3.53 -30.28 106.88
C ASP M 234 2.22 -29.95 106.15
N ILE M 235 2.12 -28.76 105.54
CA ILE M 235 0.87 -28.35 104.90
C ILE M 235 0.46 -29.26 103.74
N ILE M 236 1.33 -29.39 102.76
CA ILE M 236 1.00 -30.10 101.52
C ILE M 236 0.60 -31.57 101.74
N PRO M 237 1.43 -32.36 102.45
CA PRO M 237 1.02 -33.77 102.56
C PRO M 237 -0.19 -33.97 103.47
N TYR M 238 -0.54 -32.96 104.25
CA TYR M 238 -1.74 -33.02 105.08
C TYR M 238 -2.98 -33.02 104.20
N ILE M 239 -3.04 -32.08 103.25
CA ILE M 239 -4.20 -31.95 102.40
C ILE M 239 -4.15 -33.01 101.30
N VAL M 240 -3.01 -33.64 101.12
CA VAL M 240 -2.90 -34.78 100.22
C VAL M 240 -3.80 -35.91 100.71
N GLU M 241 -3.86 -36.08 102.03
CA GLU M 241 -4.69 -37.15 102.60
C GLU M 241 -6.16 -36.76 102.73
N HIS M 242 -6.46 -35.68 103.43
CA HIS M 242 -7.84 -35.28 103.58
C HIS M 242 -8.38 -34.60 102.33
N GLY M 243 -7.80 -33.45 102.00
CA GLY M 243 -8.31 -32.62 100.92
C GLY M 243 -8.05 -33.12 99.52
N LYS M 244 -7.99 -32.19 98.58
CA LYS M 244 -7.77 -32.49 97.16
C LYS M 244 -6.50 -31.82 96.64
N ALA M 245 -5.47 -32.62 96.42
CA ALA M 245 -4.23 -32.11 95.83
C ALA M 245 -4.10 -32.63 94.40
N VAL M 246 -3.82 -31.73 93.47
CA VAL M 246 -3.69 -32.08 92.06
C VAL M 246 -2.37 -31.57 91.50
N ALA M 247 -1.73 -32.36 90.63
CA ALA M 247 -0.45 -31.99 90.08
C ALA M 247 -0.60 -31.20 88.77
N HIS M 248 0.26 -30.19 88.61
CA HIS M 248 0.32 -29.44 87.36
C HIS M 248 1.64 -29.71 86.64
N ARG M 249 1.54 -30.12 85.38
CA ARG M 249 2.73 -30.41 84.58
C ARG M 249 3.43 -29.14 84.10
N PHE M 250 4.70 -29.00 84.48
CA PHE M 250 5.51 -27.84 84.09
C PHE M 250 5.51 -27.62 82.58
N ALA M 251 5.50 -28.72 81.82
CA ALA M 251 5.55 -28.65 80.36
C ALA M 251 4.30 -28.01 79.77
N ASP M 252 3.21 -28.00 80.53
CA ASP M 252 1.96 -27.40 80.07
C ASP M 252 2.02 -25.88 80.09
N SER M 253 2.79 -25.32 81.02
CA SER M 253 2.81 -23.88 81.22
C SER M 253 4.20 -23.27 81.07
N CYS M 254 5.20 -24.10 80.79
CA CYS M 254 6.56 -23.61 80.58
C CYS M 254 6.63 -22.72 79.35
N VAL M 255 7.16 -21.52 79.52
CA VAL M 255 7.32 -20.61 78.39
C VAL M 255 8.62 -20.93 77.67
N ARG M 256 8.53 -21.87 76.73
CA ARG M 256 9.68 -22.29 75.95
C ARG M 256 9.88 -21.38 74.73
N SER M 257 11.08 -20.86 74.58
CA SER M 257 11.44 -20.13 73.37
C SER M 257 11.47 -21.09 72.19
N ASP M 258 11.47 -20.54 70.97
CA ASP M 258 11.60 -21.38 69.78
C ASP M 258 13.06 -21.78 69.58
N PHE M 259 13.89 -21.48 70.57
CA PHE M 259 15.30 -21.85 70.55
C PHE M 259 15.65 -22.65 71.80
N GLU M 260 14.62 -23.16 72.47
CA GLU M 260 14.79 -24.03 73.63
C GLU M 260 14.18 -25.40 73.34
N HIS M 261 15.03 -26.43 73.28
CA HIS M 261 14.61 -27.74 72.78
C HIS M 261 13.87 -28.58 73.82
N GLU M 262 13.64 -28.01 75.00
CA GLU M 262 12.91 -28.68 76.08
C GLU M 262 12.63 -27.68 77.19
N PRO M 263 11.67 -27.99 78.08
CA PRO M 263 11.45 -27.13 79.24
C PRO M 263 12.72 -26.93 80.08
N TYR M 264 13.01 -25.69 80.43
CA TYR M 264 14.22 -25.36 81.16
C TYR M 264 13.95 -25.09 82.63
N TRP M 265 14.64 -25.81 83.50
CA TRP M 265 14.53 -25.62 84.94
C TRP M 265 15.84 -26.04 85.59
N ARG M 266 16.41 -25.17 86.40
CA ARG M 266 17.66 -25.47 87.10
C ARG M 266 17.55 -25.08 88.57
N ASP M 267 18.06 -25.93 89.45
CA ASP M 267 18.08 -25.65 90.88
C ASP M 267 19.42 -25.04 91.29
N VAL M 268 20.41 -25.19 90.42
CA VAL M 268 21.82 -24.82 90.65
C VAL M 268 22.24 -24.94 92.12
N GLY M 269 21.96 -26.10 92.71
CA GLY M 269 22.21 -26.32 94.12
C GLY M 269 23.67 -26.52 94.49
N THR M 270 24.44 -27.10 93.58
CA THR M 270 25.85 -27.35 93.82
C THR M 270 26.72 -26.32 93.12
N ILE M 271 28.00 -26.28 93.47
CA ILE M 271 28.95 -25.45 92.74
C ILE M 271 29.09 -26.01 91.34
N ASP M 272 29.07 -27.34 91.24
CA ASP M 272 29.10 -28.02 89.96
C ASP M 272 27.91 -27.63 89.08
N ALA M 273 26.72 -27.69 89.67
CA ALA M 273 25.50 -27.37 88.94
C ALA M 273 25.41 -25.88 88.61
N TYR M 274 25.91 -25.05 89.52
CA TYR M 274 25.92 -23.60 89.30
C TYR M 274 26.86 -23.24 88.16
N TRP M 275 28.06 -23.78 88.19
CA TRP M 275 29.05 -23.54 87.14
C TRP M 275 28.54 -24.03 85.80
N GLN M 276 27.94 -25.21 85.79
CA GLN M 276 27.47 -25.83 84.56
C GLN M 276 26.40 -25.00 83.88
N ALA M 277 25.44 -24.52 84.67
CA ALA M 277 24.30 -23.76 84.13
C ALA M 277 24.75 -22.47 83.47
N ASN M 278 25.69 -21.77 84.12
CA ASN M 278 26.21 -20.52 83.59
C ASN M 278 27.06 -20.71 82.34
N ILE M 279 27.92 -21.72 82.35
CA ILE M 279 28.83 -21.95 81.25
C ILE M 279 28.10 -22.53 80.04
N ASP M 280 26.95 -23.13 80.28
CA ASP M 280 26.11 -23.64 79.20
C ASP M 280 25.59 -22.50 78.33
N LEU M 281 25.54 -21.30 78.90
CA LEU M 281 25.08 -20.12 78.18
C LEU M 281 26.08 -19.69 77.11
N THR M 282 27.29 -20.26 77.16
CA THR M 282 28.32 -19.94 76.18
C THR M 282 28.24 -20.89 74.98
N ASP M 283 27.27 -21.79 75.00
CA ASP M 283 27.06 -22.71 73.89
C ASP M 283 26.56 -21.96 72.66
N VAL M 284 26.76 -22.55 71.49
CA VAL M 284 26.30 -21.95 70.24
C VAL M 284 24.78 -22.06 70.16
N VAL M 285 24.24 -23.12 70.75
CA VAL M 285 22.79 -23.32 70.85
C VAL M 285 22.41 -23.64 72.29
N PRO M 286 22.28 -22.60 73.13
CA PRO M 286 22.07 -22.76 74.58
C PRO M 286 20.70 -23.35 74.92
N ASP M 287 20.63 -24.13 76.00
CA ASP M 287 19.37 -24.69 76.45
C ASP M 287 18.42 -23.59 76.90
N LEU M 288 18.98 -22.54 77.50
CA LEU M 288 18.20 -21.37 77.91
C LEU M 288 18.37 -20.21 76.94
N ASP M 289 17.27 -19.71 76.40
CA ASP M 289 17.32 -18.59 75.48
C ASP M 289 17.15 -17.27 76.23
N ILE M 290 18.28 -16.64 76.55
CA ILE M 290 18.26 -15.38 77.29
C ILE M 290 17.95 -14.21 76.36
N TYR M 291 17.93 -14.48 75.07
CA TYR M 291 17.62 -13.47 74.07
C TYR M 291 16.15 -13.49 73.69
N ASP M 292 15.36 -14.20 74.48
CA ASP M 292 13.92 -14.31 74.26
C ASP M 292 13.20 -13.05 74.73
N LYS M 293 12.85 -12.20 73.79
CA LYS M 293 12.15 -10.95 74.10
C LYS M 293 10.65 -11.17 74.32
N SER M 294 10.20 -12.41 74.23
CA SER M 294 8.78 -12.71 74.40
C SER M 294 8.44 -12.96 75.87
N TRP M 295 9.42 -13.38 76.66
CA TRP M 295 9.23 -13.59 78.08
C TRP M 295 10.47 -13.11 78.81
N PRO M 296 10.62 -11.77 78.93
CA PRO M 296 11.88 -11.16 79.34
C PRO M 296 12.10 -11.23 80.85
N ILE M 297 13.36 -11.23 81.25
CA ILE M 297 13.70 -11.26 82.66
C ILE M 297 14.12 -9.87 83.10
N TRP M 298 13.40 -9.30 84.05
CA TRP M 298 13.74 -7.99 84.60
C TRP M 298 14.69 -8.15 85.77
N THR M 299 15.55 -7.17 85.98
CA THR M 299 16.51 -7.21 87.07
C THR M 299 17.02 -5.81 87.38
N TYR M 300 17.93 -5.70 88.35
CA TYR M 300 18.60 -4.43 88.57
C TYR M 300 19.75 -4.30 87.59
N ALA M 301 19.76 -3.21 86.83
CA ALA M 301 20.84 -2.94 85.89
C ALA M 301 21.12 -1.45 85.82
N GLU M 302 22.40 -1.10 85.77
CA GLU M 302 22.80 0.29 85.62
C GLU M 302 23.30 0.53 84.22
N ILE M 303 23.22 1.78 83.77
CA ILE M 303 23.83 2.15 82.50
C ILE M 303 25.33 1.97 82.62
N THR M 304 25.87 1.08 81.80
CA THR M 304 27.30 0.81 81.80
C THR M 304 27.89 1.11 80.43
N PRO M 305 29.20 1.37 80.38
CA PRO M 305 29.86 1.46 79.07
C PRO M 305 29.87 0.10 78.39
N PRO M 306 30.15 0.05 77.08
CA PRO M 306 30.17 -1.25 76.40
C PRO M 306 31.35 -2.12 76.84
N ALA M 307 31.45 -3.32 76.27
CA ALA M 307 32.60 -4.18 76.53
C ALA M 307 33.78 -3.76 75.64
N LYS M 308 34.97 -3.72 76.23
CA LYS M 308 36.14 -3.24 75.49
C LYS M 308 37.19 -4.33 75.31
N PHE M 309 37.68 -4.47 74.08
CA PHE M 309 38.75 -5.41 73.79
C PHE M 309 39.92 -4.65 73.19
N VAL M 310 41.08 -4.76 73.83
CA VAL M 310 42.22 -3.98 73.43
C VAL M 310 43.46 -4.87 73.35
N HIS M 311 44.44 -4.42 72.59
CA HIS M 311 45.77 -5.04 72.48
C HIS M 311 45.74 -6.29 71.62
N ASP M 312 46.71 -6.37 70.72
CA ASP M 312 46.65 -7.28 69.59
C ASP M 312 48.07 -7.64 69.13
N ASP M 313 48.79 -8.37 69.98
CA ASP M 313 50.18 -8.73 69.68
C ASP M 313 50.35 -10.24 69.57
N GLU M 314 51.57 -10.65 69.24
CA GLU M 314 51.93 -12.07 69.23
C GLU M 314 52.05 -12.54 70.67
N ASP M 315 52.29 -11.60 71.58
CA ASP M 315 52.43 -11.89 73.00
C ASP M 315 51.07 -11.89 73.69
N ARG M 316 50.24 -10.90 73.34
CA ARG M 316 48.93 -10.73 73.96
C ARG M 316 47.87 -10.32 72.96
N ARG M 317 46.65 -10.75 73.20
CA ARG M 317 45.52 -10.38 72.35
C ARG M 317 44.24 -10.37 73.17
N GLY M 318 43.68 -9.19 73.40
CA GLY M 318 42.46 -9.06 74.16
C GLY M 318 41.24 -9.41 73.34
N SER M 319 40.65 -10.57 73.59
CA SER M 319 39.49 -11.01 72.85
C SER M 319 38.77 -12.15 73.56
N ALA M 320 37.47 -12.28 73.28
CA ALA M 320 36.67 -13.34 73.85
C ALA M 320 36.23 -14.32 72.76
N VAL M 321 36.31 -15.61 73.06
CA VAL M 321 35.96 -16.64 72.11
C VAL M 321 35.08 -17.68 72.76
N SER M 322 33.95 -18.01 72.12
CA SER M 322 32.97 -18.94 72.66
C SER M 322 32.57 -18.51 74.07
N SER M 323 32.41 -17.20 74.24
CA SER M 323 32.17 -16.60 75.54
C SER M 323 31.00 -15.62 75.57
N VAL M 324 30.63 -15.20 76.77
CA VAL M 324 29.62 -14.17 76.98
C VAL M 324 30.21 -13.06 77.84
N VAL M 325 30.07 -11.81 77.40
CA VAL M 325 30.71 -10.68 78.08
C VAL M 325 29.73 -9.54 78.30
N SER M 326 29.65 -9.06 79.54
CA SER M 326 28.72 -8.00 79.90
C SER M 326 29.33 -6.61 79.78
N GLY M 327 28.56 -5.60 80.17
CA GLY M 327 29.01 -4.22 80.09
C GLY M 327 30.05 -3.90 81.14
N ASP M 328 30.74 -2.77 80.94
CA ASP M 328 31.78 -2.30 81.86
C ASP M 328 32.91 -3.33 81.99
N CYS M 329 33.05 -4.18 80.97
CA CYS M 329 34.13 -5.16 80.94
C CYS M 329 35.25 -4.70 80.02
N ILE M 330 36.47 -4.68 80.55
CA ILE M 330 37.63 -4.33 79.73
C ILE M 330 38.59 -5.51 79.65
N ILE M 331 38.62 -6.14 78.49
CA ILE M 331 39.48 -7.30 78.24
C ILE M 331 40.79 -6.81 77.64
N SER M 332 41.75 -6.54 78.50
CA SER M 332 43.01 -5.91 78.08
C SER M 332 44.12 -6.94 77.95
N GLY M 333 44.47 -7.29 76.71
CA GLY M 333 45.51 -8.27 76.45
C GLY M 333 45.20 -9.63 77.03
N ALA M 334 43.94 -9.85 77.40
CA ALA M 334 43.53 -11.07 78.05
C ALA M 334 42.82 -12.02 77.08
N ALA M 335 43.13 -13.30 77.20
CA ALA M 335 42.55 -14.32 76.34
C ALA M 335 41.41 -15.05 77.04
N LEU M 336 40.20 -14.93 76.51
CA LEU M 336 39.04 -15.57 77.10
C LEU M 336 38.49 -16.67 76.20
N ASN M 337 38.23 -17.83 76.79
CA ASN M 337 37.61 -18.94 76.08
C ASN M 337 36.59 -19.65 76.94
N ARG M 338 35.42 -19.91 76.38
CA ARG M 338 34.35 -20.65 77.06
C ARG M 338 34.09 -20.09 78.46
N SER M 339 33.99 -18.76 78.55
CA SER M 339 33.79 -18.10 79.84
C SER M 339 32.59 -17.17 79.83
N LEU M 340 32.02 -16.93 81.01
CA LEU M 340 30.92 -16.00 81.17
C LEU M 340 31.32 -14.89 82.14
N LEU M 341 31.41 -13.67 81.63
CA LEU M 341 31.79 -12.53 82.46
C LEU M 341 30.58 -11.65 82.78
N PHE M 342 30.40 -11.37 84.08
CA PHE M 342 29.36 -10.45 84.51
C PHE M 342 29.84 -9.01 84.32
N THR M 343 29.04 -8.05 84.78
CA THR M 343 29.33 -6.63 84.60
CA THR M 343 29.36 -6.64 84.57
C THR M 343 30.57 -6.19 85.39
N GLY M 344 31.38 -5.33 84.79
CA GLY M 344 32.48 -4.71 85.51
C GLY M 344 33.78 -5.47 85.63
N VAL M 345 33.88 -6.62 84.96
CA VAL M 345 35.09 -7.44 85.06
C VAL M 345 36.24 -6.85 84.26
N ARG M 346 37.40 -6.73 84.88
CA ARG M 346 38.60 -6.27 84.20
C ARG M 346 39.62 -7.40 84.14
N ALA M 347 40.09 -7.71 82.94
CA ALA M 347 41.09 -8.74 82.74
C ALA M 347 42.32 -8.16 82.05
N ASN M 348 43.47 -8.27 82.72
CA ASN M 348 44.67 -7.57 82.29
C ASN M 348 45.60 -8.43 81.44
N SER M 349 46.60 -7.77 80.87
CA SER M 349 47.46 -8.36 79.83
C SER M 349 48.07 -9.72 80.20
N TYR M 350 48.15 -10.57 79.19
CA TYR M 350 48.76 -11.90 79.28
C TYR M 350 48.03 -12.85 80.23
N SER M 351 46.87 -12.44 80.73
CA SER M 351 46.05 -13.33 81.55
C SER M 351 45.21 -14.22 80.65
N ARG M 352 44.76 -15.35 81.19
CA ARG M 352 43.96 -16.29 80.42
C ARG M 352 42.85 -16.90 81.26
N LEU M 353 41.61 -16.75 80.80
CA LEU M 353 40.45 -17.39 81.42
C LEU M 353 39.91 -18.49 80.52
N GLU M 354 39.62 -19.64 81.10
CA GLU M 354 38.99 -20.73 80.37
C GLU M 354 38.03 -21.47 81.28
N ASN M 355 36.84 -21.76 80.77
CA ASN M 355 35.77 -22.40 81.56
C ASN M 355 35.54 -21.65 82.87
N ALA M 356 35.45 -20.33 82.77
CA ALA M 356 35.35 -19.50 83.96
C ALA M 356 34.04 -18.73 84.03
N VAL M 357 33.35 -18.87 85.16
CA VAL M 357 32.21 -18.03 85.48
C VAL M 357 32.69 -16.88 86.35
N VAL M 358 32.72 -15.67 85.79
CA VAL M 358 33.34 -14.55 86.47
C VAL M 358 32.31 -13.50 86.92
N LEU M 359 32.07 -13.44 88.22
CA LEU M 359 31.03 -12.60 88.81
C LEU M 359 31.39 -11.12 88.74
N PRO M 360 30.44 -10.20 89.09
CA PRO M 360 30.69 -8.77 88.86
C PRO M 360 31.93 -8.16 89.53
N SER M 361 32.56 -7.23 88.81
CA SER M 361 33.65 -6.39 89.33
C SER M 361 34.90 -7.17 89.74
N VAL M 362 35.08 -8.36 89.19
CA VAL M 362 36.28 -9.14 89.42
C VAL M 362 37.46 -8.55 88.63
N LYS M 363 38.64 -8.55 89.24
CA LYS M 363 39.84 -8.10 88.55
C LYS M 363 40.83 -9.24 88.35
N ILE M 364 41.20 -9.47 87.10
CA ILE M 364 42.20 -10.47 86.77
C ILE M 364 43.54 -9.80 86.49
N GLY M 365 44.49 -9.97 87.41
CA GLY M 365 45.81 -9.37 87.25
C GLY M 365 46.60 -10.04 86.16
N ARG M 366 47.56 -9.31 85.60
CA ARG M 366 48.40 -9.79 84.52
C ARG M 366 48.96 -11.20 84.72
N HIS M 367 49.13 -11.93 83.63
CA HIS M 367 49.80 -13.23 83.60
C HIS M 367 49.07 -14.34 84.35
N ALA M 368 47.89 -14.05 84.89
CA ALA M 368 47.13 -15.07 85.59
C ALA M 368 46.59 -16.10 84.61
N GLN M 369 46.46 -17.35 85.07
CA GLN M 369 45.87 -18.40 84.26
C GLN M 369 44.86 -19.20 85.07
N LEU M 370 43.58 -18.98 84.79
CA LEU M 370 42.51 -19.59 85.56
C LEU M 370 41.67 -20.51 84.68
N SER M 371 41.52 -21.76 85.10
CA SER M 371 40.71 -22.73 84.36
C SER M 371 39.79 -23.52 85.28
N ASN M 372 38.56 -23.76 84.82
CA ASN M 372 37.54 -24.45 85.58
C ASN M 372 37.28 -23.79 86.93
N VAL M 373 36.81 -22.55 86.90
CA VAL M 373 36.62 -21.78 88.13
C VAL M 373 35.28 -21.06 88.21
N VAL M 374 34.91 -20.70 89.43
CA VAL M 374 33.82 -19.77 89.70
C VAL M 374 34.37 -18.69 90.61
N ILE M 375 34.62 -17.51 90.05
CA ILE M 375 35.21 -16.42 90.82
C ILE M 375 34.13 -15.57 91.47
N ASP M 376 34.19 -15.46 92.79
CA ASP M 376 33.20 -14.69 93.55
C ASP M 376 33.21 -13.22 93.16
N HIS M 377 32.13 -12.52 93.47
CA HIS M 377 31.98 -11.11 93.13
C HIS M 377 32.94 -10.22 93.92
N GLY M 378 33.70 -9.39 93.22
CA GLY M 378 34.59 -8.44 93.85
C GLY M 378 36.02 -8.91 94.01
N VAL M 379 36.25 -10.20 93.81
CA VAL M 379 37.56 -10.82 94.02
C VAL M 379 38.64 -10.22 93.12
N VAL M 380 39.79 -9.90 93.70
CA VAL M 380 40.94 -9.46 92.95
C VAL M 380 41.96 -10.59 92.85
N ILE M 381 42.09 -11.17 91.66
CA ILE M 381 43.04 -12.24 91.44
C ILE M 381 44.45 -11.65 91.29
N PRO M 382 45.40 -12.13 92.13
CA PRO M 382 46.78 -11.64 92.12
C PRO M 382 47.49 -11.92 90.79
N GLU M 383 48.36 -11.01 90.37
CA GLU M 383 49.11 -11.16 89.13
C GLU M 383 49.90 -12.47 89.09
N GLY M 384 49.66 -13.25 88.04
CA GLY M 384 50.43 -14.46 87.81
C GLY M 384 49.85 -15.74 88.40
N LEU M 385 48.73 -15.61 89.10
CA LEU M 385 48.12 -16.76 89.78
C LEU M 385 47.75 -17.87 88.78
N ILE M 386 47.99 -19.11 89.17
CA ILE M 386 47.66 -20.25 88.31
C ILE M 386 46.65 -21.18 88.96
N VAL M 387 45.51 -21.33 88.31
CA VAL M 387 44.50 -22.30 88.72
C VAL M 387 44.09 -23.13 87.51
N GLY M 388 44.17 -24.45 87.67
CA GLY M 388 43.79 -25.37 86.59
C GLY M 388 44.90 -26.31 86.18
N GLU M 389 46.06 -26.16 86.84
CA GLU M 389 47.22 -26.98 86.48
C GLU M 389 47.52 -28.04 87.54
N ASP M 390 47.15 -27.77 88.79
CA ASP M 390 47.50 -28.66 89.88
C ASP M 390 46.33 -28.92 90.83
N PRO M 391 45.62 -30.04 90.62
CA PRO M 391 44.44 -30.43 91.40
C PRO M 391 44.66 -30.39 92.92
N GLU M 392 45.70 -31.06 93.39
CA GLU M 392 45.95 -31.18 94.83
C GLU M 392 46.31 -29.84 95.46
N LEU M 393 46.94 -28.98 94.68
CA LEU M 393 47.26 -27.63 95.14
C LEU M 393 46.03 -26.74 95.09
N ASP M 394 45.27 -26.85 94.00
CA ASP M 394 44.04 -26.08 93.84
C ASP M 394 43.02 -26.45 94.91
N ALA M 395 43.03 -27.72 95.32
CA ALA M 395 42.15 -28.17 96.38
C ALA M 395 42.58 -27.59 97.71
N LYS M 396 43.88 -27.41 97.88
CA LYS M 396 44.45 -26.88 99.12
C LYS M 396 44.21 -25.38 99.24
N ARG M 397 44.33 -24.67 98.11
CA ARG M 397 44.18 -23.23 98.09
C ARG M 397 42.71 -22.79 98.10
N PHE M 398 41.91 -23.44 97.28
CA PHE M 398 40.52 -22.99 97.06
C PHE M 398 39.50 -24.09 97.31
N ARG M 399 38.24 -23.74 97.10
CA ARG M 399 37.15 -24.72 97.16
C ARG M 399 37.05 -25.46 95.84
N ARG M 400 37.50 -26.71 95.83
CA ARG M 400 37.53 -27.49 94.60
C ARG M 400 36.52 -28.62 94.63
N THR M 401 35.72 -28.73 93.56
CA THR M 401 34.71 -29.78 93.47
C THR M 401 35.32 -31.08 92.97
N GLU M 402 34.57 -32.17 93.11
CA GLU M 402 35.01 -33.49 92.69
C GLU M 402 35.20 -33.57 91.18
N SER M 403 34.57 -32.66 90.45
CA SER M 403 34.68 -32.62 89.00
C SER M 403 35.88 -31.78 88.56
N GLY M 404 36.41 -30.97 89.46
CA GLY M 404 37.58 -30.17 89.18
C GLY M 404 37.35 -28.67 89.09
N ILE M 405 36.19 -28.22 89.56
CA ILE M 405 35.85 -26.80 89.54
C ILE M 405 36.33 -26.11 90.81
N CYS M 406 36.96 -24.94 90.66
CA CYS M 406 37.42 -24.18 91.82
C CYS M 406 36.61 -22.91 92.09
N LEU M 407 35.98 -22.85 93.25
CA LEU M 407 35.34 -21.62 93.71
C LEU M 407 36.36 -20.74 94.40
N ILE M 408 36.53 -19.52 93.90
CA ILE M 408 37.55 -18.62 94.43
C ILE M 408 36.95 -17.38 95.09
N THR M 409 37.17 -17.25 96.40
CA THR M 409 36.73 -16.07 97.13
C THR M 409 37.92 -15.23 97.53
N GLN M 410 37.65 -13.99 97.96
CA GLN M 410 38.70 -13.08 98.38
C GLN M 410 39.37 -13.59 99.65
N SER M 411 38.63 -14.35 100.44
CA SER M 411 39.18 -14.99 101.63
C SER M 411 40.34 -15.89 101.26
N MET M 412 40.06 -16.88 100.41
CA MET M 412 41.07 -17.83 99.93
C MET M 412 42.26 -17.12 99.29
N ILE M 413 42.01 -16.00 98.64
CA ILE M 413 43.06 -15.18 98.05
C ILE M 413 43.85 -14.46 99.14
N ASP M 414 43.17 -14.08 100.22
CA ASP M 414 43.83 -13.38 101.31
C ASP M 414 44.70 -14.31 102.17
N LYS M 415 44.32 -15.58 102.25
CA LYS M 415 45.11 -16.54 103.01
C LYS M 415 46.03 -17.28 102.05
N LEU M 416 45.95 -16.91 100.78
CA LEU M 416 46.73 -17.57 99.72
C LEU M 416 48.22 -17.35 99.87
N ASP M 417 48.95 -18.44 100.09
CA ASP M 417 50.41 -18.42 100.06
C ASP M 417 50.94 -19.52 99.14
N LEU M 418 50.41 -20.72 99.31
CA LEU M 418 50.87 -21.86 98.50
C LEU M 418 49.78 -22.93 98.41
N VAL N 4 -36.44 22.88 12.62
CA VAL N 4 -36.54 24.04 11.74
C VAL N 4 -35.78 25.25 12.30
N GLN N 5 -34.87 24.99 13.24
CA GLN N 5 -33.88 25.98 13.65
C GLN N 5 -32.60 25.27 14.04
N PRO N 6 -31.45 25.78 13.60
CA PRO N 6 -30.15 25.20 13.98
C PRO N 6 -30.00 25.14 15.50
N LEU N 7 -29.51 24.01 16.00
CA LEU N 7 -29.43 23.81 17.44
C LEU N 7 -28.28 24.59 18.05
N ALA N 8 -27.30 24.95 17.23
CA ALA N 8 -26.12 25.66 17.71
C ALA N 8 -26.46 27.06 18.21
N ARG N 9 -27.61 27.58 17.81
CA ARG N 9 -28.10 28.86 18.33
C ARG N 9 -28.37 28.79 19.82
N ASP N 10 -28.85 27.64 20.28
CA ASP N 10 -29.15 27.44 21.70
C ASP N 10 -28.04 26.69 22.42
N ALA N 11 -26.87 26.62 21.81
CA ALA N 11 -25.77 25.86 22.38
C ALA N 11 -24.70 26.75 22.96
N MET N 12 -24.04 26.26 24.00
CA MET N 12 -22.88 26.93 24.57
C MET N 12 -21.72 25.94 24.68
N ALA N 13 -20.66 26.20 23.94
CA ALA N 13 -19.47 25.36 24.01
C ALA N 13 -18.68 25.66 25.27
N TYR N 14 -18.48 24.63 26.10
CA TYR N 14 -17.69 24.78 27.32
C TYR N 14 -16.37 24.03 27.16
N VAL N 15 -15.30 24.77 26.93
CA VAL N 15 -14.00 24.17 26.62
C VAL N 15 -13.16 23.99 27.89
N LEU N 16 -12.71 22.76 28.12
CA LEU N 16 -11.86 22.44 29.26
C LEU N 16 -10.39 22.58 28.90
N ALA N 17 -9.75 23.62 29.44
CA ALA N 17 -8.40 23.96 29.04
C ALA N 17 -7.42 23.90 30.21
N GLY N 18 -7.69 23.03 31.17
CA GLY N 18 -6.84 22.88 32.32
C GLY N 18 -5.77 21.81 32.13
N GLY N 19 -5.69 21.28 30.92
CA GLY N 19 -4.74 20.22 30.60
C GLY N 19 -3.30 20.59 30.92
N ARG N 20 -2.59 19.67 31.59
CA ARG N 20 -1.24 19.96 32.03
C ARG N 20 -0.20 19.60 30.98
N GLY N 21 -0.49 18.56 30.19
CA GLY N 21 0.46 18.07 29.21
C GLY N 21 1.73 17.59 29.89
N SER N 22 1.56 16.65 30.81
CA SER N 22 2.65 16.20 31.67
C SER N 22 3.77 15.52 30.90
N ARG N 23 3.42 14.69 29.93
CA ARG N 23 4.42 13.94 29.17
C ARG N 23 5.16 14.82 28.17
N LEU N 24 4.64 16.03 27.94
CA LEU N 24 5.32 16.98 27.06
C LEU N 24 6.50 17.62 27.76
N LYS N 25 6.64 17.32 29.05
CA LYS N 25 7.81 17.70 29.83
C LYS N 25 8.04 19.21 29.86
N GLU N 26 9.25 19.62 29.50
CA GLU N 26 9.65 21.03 29.58
C GLU N 26 8.86 21.92 28.63
N LEU N 27 8.18 21.31 27.67
CA LEU N 27 7.35 22.05 26.73
C LEU N 27 6.17 22.70 27.45
N THR N 28 5.77 22.11 28.57
CA THR N 28 4.65 22.61 29.36
C THR N 28 5.09 23.03 30.78
N ASP N 29 6.36 23.40 30.92
CA ASP N 29 6.88 23.85 32.21
C ASP N 29 6.22 25.16 32.64
N ARG N 30 6.03 26.07 31.68
CA ARG N 30 5.46 27.38 31.99
C ARG N 30 4.27 27.71 31.07
N ARG N 31 3.54 26.68 30.67
CA ARG N 31 2.32 26.88 29.88
C ARG N 31 1.45 25.63 29.91
N ALA N 32 0.14 25.81 29.77
CA ALA N 32 -0.78 24.69 29.70
C ALA N 32 -0.73 24.07 28.31
N LYS N 33 -1.14 22.81 28.20
CA LYS N 33 -1.13 22.12 26.92
C LYS N 33 -1.98 22.80 25.83
N PRO N 34 -3.17 23.33 26.19
CA PRO N 34 -3.90 24.08 25.17
C PRO N 34 -3.15 25.31 24.61
N ALA N 35 -2.15 25.79 25.33
CA ALA N 35 -1.39 26.97 24.91
C ALA N 35 -0.17 26.61 24.07
N VAL N 36 0.09 25.32 23.91
CA VAL N 36 1.24 24.88 23.14
C VAL N 36 1.04 25.20 21.66
N TYR N 37 2.07 25.77 21.05
CA TYR N 37 2.04 26.17 19.65
C TYR N 37 1.90 24.98 18.71
N PHE N 38 1.18 25.17 17.62
CA PHE N 38 1.06 24.11 16.61
C PHE N 38 0.79 24.64 15.21
N GLY N 39 1.39 23.98 14.22
CA GLY N 39 1.04 24.20 12.83
C GLY N 39 1.74 25.37 12.16
N GLY N 40 2.49 26.15 12.94
CA GLY N 40 3.22 27.27 12.39
C GLY N 40 2.74 28.62 12.90
N LYS N 41 1.44 28.75 13.17
CA LYS N 41 0.89 30.04 13.58
C LYS N 41 -0.13 29.97 14.71
N ALA N 42 -0.71 28.80 14.94
CA ALA N 42 -1.78 28.68 15.92
C ALA N 42 -1.33 28.03 17.22
N ARG N 43 -2.26 27.95 18.17
CA ARG N 43 -2.08 27.16 19.37
C ARG N 43 -3.11 26.05 19.34
N ILE N 44 -2.88 25.01 20.14
CA ILE N 44 -3.75 23.83 20.13
C ILE N 44 -5.22 24.17 20.44
N ILE N 45 -5.45 25.05 21.40
CA ILE N 45 -6.82 25.37 21.83
C ILE N 45 -7.64 26.07 20.73
N ASP N 46 -6.96 26.65 19.75
CA ASP N 46 -7.65 27.34 18.65
C ASP N 46 -8.48 26.41 17.80
N PHE N 47 -8.20 25.11 17.87
CA PHE N 47 -8.92 24.16 17.04
C PHE N 47 -10.33 23.89 17.58
N ALA N 48 -10.45 23.63 18.89
CA ALA N 48 -11.76 23.44 19.49
C ALA N 48 -12.59 24.73 19.39
N LEU N 49 -11.93 25.86 19.59
CA LEU N 49 -12.60 27.16 19.53
C LEU N 49 -13.10 27.49 18.13
N SER N 50 -12.28 27.20 17.12
CA SER N 50 -12.68 27.45 15.74
C SER N 50 -13.81 26.51 15.34
N ASN N 51 -13.76 25.27 15.85
CA ASN N 51 -14.82 24.31 15.62
C ASN N 51 -16.16 24.79 16.16
N ALA N 52 -16.14 25.38 17.35
CA ALA N 52 -17.34 25.94 17.95
C ALA N 52 -17.86 27.11 17.13
N LEU N 53 -16.94 28.00 16.75
CA LEU N 53 -17.27 29.18 15.95
C LEU N 53 -17.84 28.79 14.59
N ASN N 54 -17.16 27.90 13.88
CA ASN N 54 -17.59 27.48 12.56
C ASN N 54 -18.86 26.64 12.60
N SER N 55 -19.17 26.04 13.75
CA SER N 55 -20.37 25.23 13.90
C SER N 55 -21.60 26.07 14.25
N GLY N 56 -21.39 27.37 14.44
CA GLY N 56 -22.49 28.28 14.72
C GLY N 56 -22.71 28.56 16.19
N ILE N 57 -21.80 28.07 17.03
CA ILE N 57 -21.88 28.33 18.47
C ILE N 57 -21.26 29.68 18.80
N ARG N 58 -22.09 30.64 19.23
CA ARG N 58 -21.62 31.99 19.48
C ARG N 58 -21.39 32.26 20.96
N ARG N 59 -21.68 31.27 21.81
CA ARG N 59 -21.38 31.40 23.23
C ARG N 59 -20.33 30.38 23.65
N ILE N 60 -19.15 30.88 24.01
CA ILE N 60 -18.03 30.03 24.38
C ILE N 60 -17.51 30.36 25.77
N GLY N 61 -17.36 29.33 26.60
CA GLY N 61 -16.71 29.47 27.89
C GLY N 61 -15.48 28.57 27.94
N VAL N 62 -14.37 29.11 28.43
CA VAL N 62 -13.13 28.35 28.50
C VAL N 62 -12.62 28.26 29.94
N ALA N 63 -12.71 27.07 30.52
CA ALA N 63 -12.27 26.84 31.89
C ALA N 63 -10.77 26.56 31.93
N THR N 64 -10.03 27.41 32.64
CA THR N 64 -8.58 27.27 32.74
C THR N 64 -8.16 26.92 34.15
N GLN N 65 -6.94 26.41 34.31
CA GLN N 65 -6.43 26.02 35.62
C GLN N 65 -4.94 26.36 35.76
N TYR N 66 -4.08 25.35 35.70
CA TYR N 66 -2.67 25.52 36.01
C TYR N 66 -1.87 26.08 34.84
N LYS N 67 -0.94 26.99 35.14
CA LYS N 67 -0.09 27.64 34.14
C LYS N 67 -0.91 28.27 33.02
N ALA N 68 -1.82 29.18 33.39
CA ALA N 68 -2.80 29.64 32.43
C ALA N 68 -2.51 31.01 31.84
N HIS N 69 -1.33 31.57 32.12
CA HIS N 69 -0.98 32.91 31.66
C HIS N 69 -1.16 33.07 30.16
N SER N 70 -0.23 32.48 29.43
CA SER N 70 -0.18 32.62 27.98
C SER N 70 -1.46 32.14 27.34
N LEU N 71 -2.11 31.16 27.98
CA LEU N 71 -3.42 30.71 27.52
C LEU N 71 -4.43 31.83 27.63
N ILE N 72 -4.57 32.39 28.84
CA ILE N 72 -5.52 33.46 29.09
C ILE N 72 -5.21 34.71 28.26
N ARG N 73 -3.92 35.03 28.13
CA ARG N 73 -3.51 36.18 27.33
C ARG N 73 -3.78 35.97 25.84
N HIS N 74 -3.50 34.77 25.35
CA HIS N 74 -3.82 34.39 23.98
C HIS N 74 -5.31 34.51 23.69
N LEU N 75 -6.12 34.08 24.66
CA LEU N 75 -7.57 34.13 24.52
C LEU N 75 -8.10 35.55 24.48
N GLN N 76 -7.52 36.44 25.29
CA GLN N 76 -7.99 37.82 25.34
C GLN N 76 -7.45 38.65 24.19
N ARG N 77 -6.27 38.27 23.67
CA ARG N 77 -5.70 38.94 22.52
C ARG N 77 -6.32 38.46 21.21
N GLY N 78 -6.54 37.15 21.10
CA GLY N 78 -6.97 36.56 19.85
C GLY N 78 -8.46 36.37 19.68
N TRP N 79 -9.15 36.01 20.75
CA TRP N 79 -10.58 35.73 20.67
C TRP N 79 -11.38 36.87 21.32
N ASP N 80 -11.21 38.05 20.77
CA ASP N 80 -11.72 39.29 21.36
C ASP N 80 -12.86 39.93 20.58
N PHE N 81 -13.39 39.23 19.58
CA PHE N 81 -14.34 39.84 18.65
C PHE N 81 -15.80 39.50 18.93
N PHE N 82 -16.06 38.89 20.09
CA PHE N 82 -17.43 38.58 20.48
C PHE N 82 -18.07 39.77 21.18
N ARG N 83 -19.31 40.09 20.81
CA ARG N 83 -20.02 41.20 21.44
C ARG N 83 -21.36 40.73 22.01
N PRO N 84 -21.53 40.87 23.33
CA PRO N 84 -22.71 40.42 24.09
C PRO N 84 -24.04 40.97 23.58
N GLU N 85 -24.05 42.18 23.04
CA GLU N 85 -25.31 42.75 22.55
C GLU N 85 -25.69 42.13 21.21
N ARG N 86 -24.80 41.32 20.65
CA ARG N 86 -25.13 40.53 19.46
C ARG N 86 -25.38 39.07 19.85
N ASN N 87 -25.66 38.85 21.13
CA ASN N 87 -25.87 37.52 21.69
C ASN N 87 -24.70 36.57 21.45
N GLU N 88 -23.49 37.14 21.50
CA GLU N 88 -22.29 36.34 21.50
C GLU N 88 -21.61 36.52 22.85
N SER N 89 -20.84 35.54 23.28
CA SER N 89 -20.07 35.71 24.49
C SER N 89 -18.85 34.79 24.51
N PHE N 90 -17.74 35.34 24.97
CA PHE N 90 -16.52 34.57 25.15
C PHE N 90 -16.04 34.80 26.57
N ASP N 91 -16.22 33.78 27.42
CA ASP N 91 -15.87 33.91 28.82
C ASP N 91 -14.64 33.09 29.19
N ILE N 92 -13.62 33.75 29.71
CA ILE N 92 -12.45 33.08 30.26
C ILE N 92 -12.72 32.79 31.74
N LEU N 93 -12.78 31.51 32.07
CA LEU N 93 -13.24 31.09 33.40
C LEU N 93 -12.14 30.51 34.27
N ALA N 94 -11.26 31.38 34.74
CA ALA N 94 -10.30 30.99 35.76
C ALA N 94 -10.92 31.23 37.13
N ALA N 95 -11.83 32.21 37.17
CA ALA N 95 -12.54 32.57 38.39
C ALA N 95 -14.00 32.90 38.09
N THR N 102 -13.79 27.79 44.39
CA THR N 102 -12.57 28.14 45.13
C THR N 102 -11.38 27.24 44.72
N GLN N 103 -10.20 27.45 45.36
CA GLN N 103 -8.96 26.65 45.46
C GLN N 103 -8.30 26.82 44.06
N TRP N 104 -8.99 26.16 43.16
CA TRP N 104 -8.71 25.81 41.81
C TRP N 104 -9.85 24.78 41.53
N TYR N 105 -9.95 24.26 40.33
CA TYR N 105 -11.03 23.29 40.10
C TYR N 105 -10.65 21.93 40.66
N GLU N 106 -11.58 21.35 41.42
CA GLU N 106 -11.40 20.03 42.01
C GLU N 106 -11.24 18.98 40.93
N GLY N 107 -12.05 19.12 39.88
CA GLY N 107 -11.99 18.24 38.74
C GLY N 107 -12.59 18.92 37.52
N THR N 108 -12.77 18.15 36.46
CA THR N 108 -13.32 18.69 35.22
C THR N 108 -14.81 19.01 35.39
N ALA N 109 -15.52 18.16 36.13
CA ALA N 109 -16.92 18.44 36.44
C ALA N 109 -17.04 19.69 37.29
N ASP N 110 -16.15 19.83 38.27
CA ASP N 110 -16.17 20.99 39.16
C ASP N 110 -15.91 22.29 38.41
N ALA N 111 -15.26 22.19 37.25
CA ALA N 111 -14.98 23.35 36.41
C ALA N 111 -16.27 23.95 35.86
N VAL N 112 -17.32 23.13 35.77
CA VAL N 112 -18.61 23.60 35.31
C VAL N 112 -19.49 23.98 36.50
N TYR N 113 -19.32 23.28 37.61
CA TYR N 113 -20.12 23.53 38.81
C TYR N 113 -19.84 24.89 39.42
N GLN N 114 -18.57 25.27 39.45
CA GLN N 114 -18.16 26.54 40.05
C GLN N 114 -18.50 27.73 39.16
N ASN N 115 -18.99 27.45 37.95
CA ASN N 115 -19.34 28.50 37.00
C ASN N 115 -20.76 28.36 36.50
N ILE N 116 -21.65 27.86 37.35
CA ILE N 116 -23.06 27.76 37.02
C ILE N 116 -23.68 29.16 37.00
N ASP N 117 -23.11 30.06 37.80
CA ASP N 117 -23.63 31.42 37.91
C ASP N 117 -23.41 32.23 36.64
N ILE N 118 -22.62 31.71 35.71
CA ILE N 118 -22.37 32.40 34.45
C ILE N 118 -23.11 31.73 33.29
N ILE N 119 -23.46 30.46 33.47
CA ILE N 119 -24.11 29.68 32.42
C ILE N 119 -25.63 29.89 32.42
N GLU N 120 -26.24 29.82 33.59
CA GLU N 120 -27.69 29.95 33.72
C GLU N 120 -28.25 31.30 33.23
N PRO N 121 -27.52 32.42 33.44
CA PRO N 121 -28.00 33.67 32.83
C PRO N 121 -28.21 33.58 31.32
N TYR N 122 -27.25 32.99 30.61
CA TYR N 122 -27.37 32.82 29.17
C TYR N 122 -28.50 31.86 28.83
N ALA N 123 -28.77 30.94 29.76
CA ALA N 123 -29.77 29.89 29.60
C ALA N 123 -29.69 29.17 28.25
N PRO N 124 -28.52 28.59 27.91
CA PRO N 124 -28.50 27.81 26.67
C PRO N 124 -29.28 26.51 26.85
N GLU N 125 -29.93 26.04 25.81
CA GLU N 125 -30.67 24.78 25.91
C GLU N 125 -29.72 23.60 25.84
N TYR N 126 -28.55 23.81 25.25
CA TYR N 126 -27.56 22.75 25.07
C TYR N 126 -26.18 23.17 25.55
N MET N 127 -25.44 22.20 26.10
CA MET N 127 -24.06 22.41 26.48
C MET N 127 -23.17 21.45 25.69
N VAL N 128 -22.17 22.00 25.01
CA VAL N 128 -21.20 21.18 24.29
C VAL N 128 -19.87 21.24 25.04
N ILE N 129 -19.58 20.18 25.79
CA ILE N 129 -18.35 20.09 26.57
C ILE N 129 -17.20 19.59 25.71
N LEU N 130 -16.12 20.37 25.65
CA LEU N 130 -15.01 20.07 24.77
C LEU N 130 -13.69 19.97 25.51
N ALA N 131 -12.81 19.09 25.04
CA ALA N 131 -11.42 19.07 25.49
C ALA N 131 -10.63 20.04 24.64
N GLY N 132 -9.88 20.93 25.29
CA GLY N 132 -9.16 21.97 24.58
C GLY N 132 -7.70 21.66 24.29
N ASP N 133 -7.35 20.37 24.27
CA ASP N 133 -5.96 19.98 24.07
C ASP N 133 -5.78 18.98 22.93
N HIS N 134 -6.74 18.95 22.01
CA HIS N 134 -6.65 18.07 20.85
C HIS N 134 -6.73 18.86 19.55
N ILE N 135 -6.10 18.33 18.51
CA ILE N 135 -6.11 18.97 17.20
C ILE N 135 -7.03 18.21 16.25
N TYR N 136 -8.13 18.84 15.87
CA TYR N 136 -9.13 18.20 15.02
C TYR N 136 -10.11 19.22 14.49
N LYS N 137 -10.82 18.87 13.42
CA LYS N 137 -11.89 19.72 12.89
C LYS N 137 -13.20 18.96 12.92
N MET N 138 -14.23 19.61 13.49
CA MET N 138 -15.48 18.94 13.79
C MET N 138 -16.67 19.91 13.83
N ASP N 139 -17.69 19.61 13.04
CA ASP N 139 -18.97 20.33 13.02
C ASP N 139 -19.90 19.78 14.11
N TYR N 140 -20.18 20.60 15.12
CA TYR N 140 -20.91 20.15 16.29
C TYR N 140 -22.44 20.13 16.09
N GLU N 141 -22.90 20.60 14.93
CA GLU N 141 -24.34 20.60 14.64
C GLU N 141 -24.85 19.18 14.49
N TYR N 142 -24.02 18.30 13.96
CA TYR N 142 -24.37 16.89 13.80
C TYR N 142 -24.58 16.22 15.15
N MET N 143 -23.60 16.37 16.03
CA MET N 143 -23.65 15.78 17.35
C MET N 143 -24.82 16.31 18.16
N LEU N 144 -25.14 17.59 17.97
CA LEU N 144 -26.28 18.20 18.62
C LEU N 144 -27.59 17.60 18.11
N GLN N 145 -27.69 17.46 16.80
CA GLN N 145 -28.93 17.03 16.18
C GLN N 145 -29.20 15.56 16.48
N GLN N 146 -28.13 14.76 16.56
CA GLN N 146 -28.25 13.36 16.96
C GLN N 146 -28.69 13.25 18.42
N HIS N 147 -28.24 14.20 19.23
CA HIS N 147 -28.51 14.18 20.66
C HIS N 147 -29.98 14.39 20.98
N VAL N 148 -30.61 15.34 20.29
CA VAL N 148 -32.02 15.61 20.55
C VAL N 148 -32.92 14.54 19.93
N ASP N 149 -32.48 13.96 18.82
CA ASP N 149 -33.27 12.96 18.11
C ASP N 149 -33.29 11.62 18.85
N SER N 150 -32.17 11.27 19.46
CA SER N 150 -32.04 9.98 20.13
C SER N 150 -32.65 10.02 21.52
N GLY N 151 -32.76 11.23 22.09
CA GLY N 151 -33.29 11.39 23.42
C GLY N 151 -32.29 10.98 24.49
N ALA N 152 -31.01 11.05 24.15
CA ALA N 152 -29.95 10.66 25.09
C ALA N 152 -29.80 11.68 26.21
N ASP N 153 -29.30 11.21 27.35
CA ASP N 153 -28.96 12.09 28.46
C ASP N 153 -27.59 12.69 28.26
N VAL N 154 -26.75 11.97 27.52
CA VAL N 154 -25.44 12.47 27.12
C VAL N 154 -25.02 11.80 25.82
N THR N 155 -24.54 12.60 24.88
CA THR N 155 -23.94 12.09 23.66
C THR N 155 -22.43 12.30 23.76
N ILE N 156 -21.67 11.25 23.48
CA ILE N 156 -20.22 11.32 23.62
C ILE N 156 -19.54 11.13 22.27
N GLY N 157 -18.53 11.96 22.01
CA GLY N 157 -17.78 11.89 20.77
C GLY N 157 -16.72 10.79 20.81
N CYS N 158 -16.74 9.92 19.80
CA CYS N 158 -15.90 8.73 19.81
C CYS N 158 -15.13 8.50 18.52
N LEU N 159 -13.85 8.16 18.66
CA LEU N 159 -13.01 7.78 17.54
C LEU N 159 -13.14 6.27 17.30
N GLU N 160 -13.32 5.90 16.03
CA GLU N 160 -13.32 4.49 15.66
C GLU N 160 -11.92 4.06 15.27
N VAL N 161 -11.22 3.46 16.24
CA VAL N 161 -9.83 3.09 16.07
C VAL N 161 -9.64 1.58 16.15
N PRO N 162 -8.56 1.06 15.53
CA PRO N 162 -8.23 -0.37 15.69
C PRO N 162 -8.01 -0.69 17.16
N ARG N 163 -8.45 -1.87 17.61
CA ARG N 163 -8.44 -2.23 19.03
C ARG N 163 -7.06 -2.08 19.67
N MET N 164 -6.01 -2.36 18.89
CA MET N 164 -4.66 -2.26 19.42
C MET N 164 -4.31 -0.83 19.80
N GLU N 165 -4.91 0.13 19.11
CA GLU N 165 -4.72 1.55 19.43
C GLU N 165 -5.59 1.96 20.62
N ALA N 166 -6.79 1.39 20.69
CA ALA N 166 -7.77 1.76 21.70
C ALA N 166 -7.30 1.45 23.13
N THR N 167 -6.19 0.73 23.25
CA THR N 167 -5.68 0.30 24.55
C THR N 167 -5.13 1.45 25.39
N GLY N 168 -4.91 2.60 24.76
CA GLY N 168 -4.42 3.77 25.46
C GLY N 168 -5.52 4.79 25.69
N PHE N 169 -6.71 4.48 25.18
CA PHE N 169 -7.86 5.37 25.29
C PHE N 169 -8.89 4.90 26.30
N GLY N 170 -9.75 5.82 26.71
CA GLY N 170 -10.96 5.45 27.45
C GLY N 170 -11.92 4.89 26.43
N VAL N 171 -12.28 3.61 26.57
CA VAL N 171 -13.10 2.94 25.57
C VAL N 171 -14.53 2.79 26.05
N MET N 172 -15.45 3.04 25.13
CA MET N 172 -16.86 2.92 25.42
C MET N 172 -17.41 1.63 24.83
N HIS N 173 -17.97 0.78 25.68
CA HIS N 173 -18.60 -0.44 25.21
C HIS N 173 -19.99 -0.10 24.69
N VAL N 174 -20.26 -0.46 23.43
CA VAL N 174 -21.49 -0.07 22.77
C VAL N 174 -22.24 -1.29 22.22
N ASN N 175 -23.57 -1.19 22.14
CA ASN N 175 -24.39 -2.27 21.63
C ASN N 175 -24.74 -2.10 20.15
N GLU N 176 -25.82 -2.75 19.71
CA GLU N 176 -26.19 -2.76 18.30
C GLU N 176 -26.75 -1.42 17.83
N LYS N 177 -27.06 -0.55 18.79
CA LYS N 177 -27.73 0.72 18.52
C LYS N 177 -26.84 1.92 18.85
N ASP N 178 -25.55 1.65 19.03
CA ASP N 178 -24.60 2.66 19.46
C ASP N 178 -24.99 3.32 20.78
N GLU N 179 -25.48 2.53 21.73
CA GLU N 179 -25.70 3.02 23.08
C GLU N 179 -24.67 2.45 24.05
N ILE N 180 -24.02 3.32 24.82
CA ILE N 180 -22.95 2.90 25.71
C ILE N 180 -23.46 2.16 26.93
N ILE N 181 -23.03 0.91 27.09
CA ILE N 181 -23.46 0.10 28.22
C ILE N 181 -22.34 -0.10 29.23
N ASP N 182 -21.13 0.32 28.87
CA ASP N 182 -20.00 0.31 29.81
C ASP N 182 -18.85 1.20 29.35
N PHE N 183 -18.06 1.67 30.32
CA PHE N 183 -16.89 2.49 30.03
C PHE N 183 -15.65 1.93 30.73
N ILE N 184 -14.59 1.70 29.95
CA ILE N 184 -13.36 1.13 30.48
C ILE N 184 -12.15 2.01 30.16
N GLU N 185 -11.43 2.44 31.19
CA GLU N 185 -10.22 3.22 30.97
C GLU N 185 -9.05 2.34 30.57
N LYS N 186 -8.53 2.58 29.36
CA LYS N 186 -7.29 1.96 28.90
C LYS N 186 -7.25 0.44 29.08
N PRO N 187 -8.17 -0.29 28.43
CA PRO N 187 -8.20 -1.75 28.58
C PRO N 187 -7.08 -2.42 27.79
N ALA N 188 -6.55 -3.52 28.33
CA ALA N 188 -5.52 -4.28 27.64
C ALA N 188 -6.12 -4.94 26.40
N ASP N 189 -7.35 -5.40 26.53
CA ASP N 189 -8.11 -5.90 25.40
C ASP N 189 -9.45 -5.20 25.33
N PRO N 190 -9.51 -4.09 24.58
CA PRO N 190 -10.72 -3.25 24.48
C PRO N 190 -11.91 -3.96 23.85
N PRO N 191 -13.10 -3.73 24.42
CA PRO N 191 -14.36 -4.23 23.87
C PRO N 191 -14.62 -3.65 22.49
N GLY N 192 -14.81 -4.52 21.50
CA GLY N 192 -15.02 -4.08 20.14
C GLY N 192 -16.45 -3.75 19.80
N ILE N 193 -16.66 -3.14 18.64
CA ILE N 193 -17.99 -2.80 18.15
C ILE N 193 -18.71 -4.05 17.67
N PRO N 194 -19.94 -4.28 18.17
CA PRO N 194 -20.71 -5.45 17.77
C PRO N 194 -21.02 -5.44 16.28
N GLY N 195 -20.62 -6.51 15.59
CA GLY N 195 -20.79 -6.60 14.15
C GLY N 195 -19.61 -5.99 13.42
N ASN N 196 -18.70 -5.40 14.18
CA ASN N 196 -17.51 -4.78 13.61
C ASN N 196 -16.34 -4.80 14.60
N GLU N 197 -15.98 -6.00 15.07
CA GLU N 197 -14.83 -6.15 15.96
C GLU N 197 -13.56 -5.77 15.21
N GLY N 198 -12.47 -5.59 15.97
CA GLY N 198 -11.24 -5.09 15.37
C GLY N 198 -11.19 -3.59 15.47
N PHE N 199 -12.37 -2.97 15.63
CA PHE N 199 -12.47 -1.54 15.86
C PHE N 199 -13.18 -1.27 17.18
N ALA N 200 -12.69 -0.27 17.91
CA ALA N 200 -13.31 0.14 19.15
C ALA N 200 -13.62 1.63 19.14
N LEU N 201 -14.58 2.04 19.97
CA LEU N 201 -14.94 3.45 20.07
C LEU N 201 -14.20 4.10 21.24
N ALA N 202 -13.27 4.99 20.91
CA ALA N 202 -12.46 5.68 21.91
C ALA N 202 -13.00 7.08 22.17
N SER N 203 -13.18 7.42 23.44
CA SER N 203 -13.78 8.71 23.81
C SER N 203 -12.87 9.88 23.45
N MET N 204 -13.47 10.94 22.90
CA MET N 204 -12.75 12.14 22.54
C MET N 204 -12.71 13.14 23.68
N GLY N 205 -13.54 12.92 24.69
CA GLY N 205 -13.67 13.88 25.78
C GLY N 205 -14.63 14.97 25.37
N ILE N 206 -15.50 14.65 24.41
CA ILE N 206 -16.52 15.58 23.92
C ILE N 206 -17.91 15.12 24.34
N TYR N 207 -18.58 15.95 25.14
CA TYR N 207 -19.87 15.58 25.68
C TYR N 207 -20.94 16.59 25.33
N VAL N 208 -22.09 16.10 24.88
CA VAL N 208 -23.23 16.97 24.61
C VAL N 208 -24.39 16.65 25.55
N PHE N 209 -24.75 17.62 26.39
CA PHE N 209 -25.96 17.48 27.17
C PHE N 209 -27.04 18.47 26.85
N HIS N 210 -27.95 18.56 27.81
CA HIS N 210 -29.10 19.44 27.81
C HIS N 210 -28.89 20.20 29.10
N THR N 211 -28.75 21.52 29.04
CA THR N 211 -28.27 22.27 30.21
C THR N 211 -29.04 21.94 31.49
N LYS N 212 -30.35 21.81 31.37
CA LYS N 212 -31.20 21.41 32.49
C LYS N 212 -30.70 20.10 33.12
N PHE N 213 -30.48 19.09 32.28
CA PHE N 213 -29.96 17.80 32.75
C PHE N 213 -28.56 17.96 33.32
N LEU N 214 -27.69 18.65 32.59
CA LEU N 214 -26.29 18.78 32.99
C LEU N 214 -26.16 19.50 34.31
N MET N 215 -26.91 20.58 34.51
CA MET N 215 -26.79 21.40 35.72
C MET N 215 -27.08 20.59 36.98
N GLU N 216 -28.09 19.73 36.93
CA GLU N 216 -28.49 18.96 38.10
C GLU N 216 -27.63 17.72 38.27
N ALA N 217 -27.19 17.12 37.17
CA ALA N 217 -26.22 16.02 37.22
C ALA N 217 -24.91 16.53 37.79
N LEU N 218 -24.63 17.79 37.47
CA LEU N 218 -23.45 18.49 37.95
C LEU N 218 -23.55 18.79 39.44
N ARG N 219 -24.72 19.23 39.86
CA ARG N 219 -24.96 19.58 41.26
C ARG N 219 -25.09 18.32 42.11
N ARG N 220 -25.58 17.25 41.50
CA ARG N 220 -25.63 15.95 42.17
C ARG N 220 -24.24 15.43 42.46
N ASP N 221 -23.33 15.65 41.51
CA ASP N 221 -21.96 15.17 41.62
C ASP N 221 -21.17 15.95 42.68
N ALA N 222 -21.51 17.22 42.85
CA ALA N 222 -20.83 18.06 43.83
C ALA N 222 -21.29 17.72 45.25
N ALA N 223 -22.32 16.89 45.35
CA ALA N 223 -22.92 16.56 46.63
C ALA N 223 -22.35 15.29 47.25
N ASP N 224 -22.05 14.29 46.42
CA ASP N 224 -21.56 13.01 46.94
C ASP N 224 -20.04 13.01 47.03
N PRO N 225 -19.51 12.65 48.22
CA PRO N 225 -18.08 12.72 48.54
C PRO N 225 -17.28 11.53 48.03
N THR N 226 -17.89 10.68 47.22
CA THR N 226 -17.20 9.53 46.66
C THR N 226 -16.72 9.89 45.24
N SER N 227 -17.38 10.88 44.64
CA SER N 227 -17.05 11.33 43.30
C SER N 227 -15.68 11.98 43.20
N SER N 228 -15.00 11.73 42.09
CA SER N 228 -13.70 12.34 41.82
C SER N 228 -13.86 13.70 41.12
N ARG N 229 -15.11 14.12 40.97
CA ARG N 229 -15.45 15.42 40.37
C ARG N 229 -14.97 15.52 38.93
N ASP N 230 -14.95 14.40 38.23
CA ASP N 230 -14.46 14.36 36.85
C ASP N 230 -15.58 13.88 35.92
N PHE N 231 -15.62 14.41 34.70
CA PHE N 231 -16.68 14.05 33.75
C PHE N 231 -16.61 12.59 33.32
N GLY N 232 -15.42 12.13 32.92
CA GLY N 232 -15.27 10.76 32.44
C GLY N 232 -15.20 9.73 33.54
N LYS N 233 -14.72 10.13 34.72
CA LYS N 233 -14.58 9.22 35.85
C LYS N 233 -15.89 9.05 36.61
N ASP N 234 -16.69 10.10 36.67
CA ASP N 234 -17.86 10.12 37.54
C ASP N 234 -19.17 10.36 36.81
N ILE N 235 -19.25 11.49 36.09
CA ILE N 235 -20.50 11.91 35.46
C ILE N 235 -21.01 10.89 34.44
N ILE N 236 -20.19 10.59 33.45
CA ILE N 236 -20.61 9.74 32.33
C ILE N 236 -20.89 8.28 32.72
N PRO N 237 -19.97 7.62 33.48
CA PRO N 237 -20.29 6.23 33.84
C PRO N 237 -21.54 6.11 34.71
N TYR N 238 -21.85 7.15 35.47
CA TYR N 238 -23.10 7.22 36.22
C TYR N 238 -24.28 7.18 35.27
N ILE N 239 -24.19 7.96 34.20
CA ILE N 239 -25.26 8.02 33.19
C ILE N 239 -25.34 6.73 32.41
N VAL N 240 -24.19 6.09 32.20
CA VAL N 240 -24.12 4.85 31.44
C VAL N 240 -25.03 3.77 32.05
N GLU N 241 -25.10 3.73 33.37
CA GLU N 241 -25.95 2.75 34.03
C GLU N 241 -27.31 3.30 34.43
N HIS N 242 -27.31 4.45 35.10
CA HIS N 242 -28.55 5.04 35.60
C HIS N 242 -29.41 5.66 34.50
N GLY N 243 -28.76 6.17 33.46
CA GLY N 243 -29.48 6.90 32.43
C GLY N 243 -29.33 6.33 31.03
N LYS N 244 -29.02 7.22 30.08
CA LYS N 244 -28.99 6.86 28.67
C LYS N 244 -27.82 7.55 27.97
N ALA N 245 -26.74 6.80 27.75
CA ALA N 245 -25.56 7.34 27.08
C ALA N 245 -25.44 6.81 25.66
N VAL N 246 -25.23 7.70 24.70
CA VAL N 246 -25.12 7.32 23.29
C VAL N 246 -23.84 7.86 22.64
N ALA N 247 -23.22 7.05 21.80
CA ALA N 247 -21.97 7.42 21.13
C ALA N 247 -22.22 8.14 19.82
N HIS N 248 -21.41 9.16 19.54
CA HIS N 248 -21.42 9.82 18.25
C HIS N 248 -20.10 9.55 17.57
N ARG N 249 -20.16 8.99 16.38
CA ARG N 249 -18.95 8.66 15.64
C ARG N 249 -18.28 9.92 15.08
N PHE N 250 -16.99 10.08 15.35
CA PHE N 250 -16.23 11.23 14.88
C PHE N 250 -16.33 11.39 13.37
N ALA N 251 -16.34 10.27 12.66
CA ALA N 251 -16.37 10.29 11.20
C ALA N 251 -17.66 10.91 10.65
N ASP N 252 -18.73 10.81 11.42
CA ASP N 252 -20.03 11.30 10.98
C ASP N 252 -20.13 12.81 11.01
N SER N 253 -19.14 13.47 11.62
CA SER N 253 -19.22 14.89 11.76
C SER N 253 -17.87 15.59 11.50
N CYS N 254 -16.80 14.79 11.36
CA CYS N 254 -15.48 15.32 11.06
C CYS N 254 -15.47 16.14 9.78
N VAL N 255 -14.94 17.36 9.86
CA VAL N 255 -14.86 18.23 8.70
C VAL N 255 -13.62 17.89 7.89
N ARG N 256 -13.84 17.19 6.78
CA ARG N 256 -12.74 16.61 6.01
C ARG N 256 -12.48 17.39 4.73
N SER N 257 -11.28 17.92 4.61
CA SER N 257 -10.84 18.54 3.36
C SER N 257 -10.74 17.47 2.27
N ASP N 258 -10.76 17.90 1.02
CA ASP N 258 -10.59 16.97 -0.09
C ASP N 258 -9.12 16.67 -0.35
N PHE N 259 -8.29 17.06 0.60
CA PHE N 259 -6.87 16.73 0.59
C PHE N 259 -6.51 16.10 1.92
N GLU N 260 -7.55 15.68 2.64
CA GLU N 260 -7.38 14.90 3.85
C GLU N 260 -7.88 13.48 3.62
N HIS N 261 -6.95 12.53 3.70
CA HIS N 261 -7.17 11.17 3.22
C HIS N 261 -7.85 10.28 4.27
N GLU N 262 -8.16 10.89 5.42
CA GLU N 262 -8.87 10.22 6.50
C GLU N 262 -9.24 11.29 7.51
N PRO N 263 -10.22 10.99 8.39
CA PRO N 263 -10.53 11.97 9.45
C PRO N 263 -9.32 12.25 10.34
N TYR N 264 -9.04 13.52 10.59
CA TYR N 264 -7.84 13.92 11.32
C TYR N 264 -8.12 14.25 12.78
N TRP N 265 -7.44 13.56 13.68
CA TRP N 265 -7.50 13.84 15.11
C TRP N 265 -6.15 13.52 15.75
N ARG N 266 -5.59 14.47 16.50
CA ARG N 266 -4.33 14.25 17.19
C ARG N 266 -4.38 14.69 18.65
N ASP N 267 -3.68 13.94 19.49
CA ASP N 267 -3.67 14.20 20.92
C ASP N 267 -2.37 14.91 21.34
N VAL N 268 -1.33 14.74 20.51
CA VAL N 268 0.02 15.25 20.77
C VAL N 268 0.41 15.32 22.25
N GLY N 269 0.32 14.18 22.93
CA GLY N 269 0.59 14.10 24.35
C GLY N 269 2.05 13.85 24.71
N THR N 270 2.81 13.29 23.78
CA THR N 270 4.22 13.03 24.01
C THR N 270 5.07 13.89 23.08
N ILE N 271 6.32 14.10 23.45
CA ILE N 271 7.25 14.90 22.66
C ILE N 271 7.42 14.27 21.27
N ASP N 272 7.32 12.94 21.20
CA ASP N 272 7.39 12.26 19.92
C ASP N 272 6.16 12.53 19.07
N ALA N 273 5.00 12.52 19.72
CA ALA N 273 3.74 12.76 19.04
C ALA N 273 3.61 14.21 18.59
N TYR N 274 4.14 15.12 19.40
CA TYR N 274 4.13 16.54 19.07
C TYR N 274 5.02 16.82 17.86
N TRP N 275 6.26 16.35 17.93
CA TRP N 275 7.21 16.52 16.83
C TRP N 275 6.66 15.94 15.53
N GLN N 276 6.14 14.72 15.61
CA GLN N 276 5.62 14.03 14.43
C GLN N 276 4.48 14.82 13.78
N ALA N 277 3.55 15.28 14.59
CA ALA N 277 2.37 15.99 14.10
C ALA N 277 2.72 17.28 13.36
N ASN N 278 3.72 18.00 13.85
CA ASN N 278 4.17 19.23 13.20
C ASN N 278 5.01 18.96 11.95
N ILE N 279 5.97 18.05 12.07
CA ILE N 279 6.84 17.68 10.95
C ILE N 279 6.03 17.10 9.77
N ASP N 280 4.96 16.39 10.09
CA ASP N 280 4.08 15.82 9.06
C ASP N 280 3.46 16.88 8.16
N LEU N 281 3.49 18.13 8.60
CA LEU N 281 2.92 19.22 7.81
C LEU N 281 3.81 19.64 6.66
N THR N 282 5.04 19.13 6.64
CA THR N 282 5.98 19.47 5.58
C THR N 282 5.92 18.47 4.43
N ASP N 283 5.08 17.45 4.57
CA ASP N 283 4.92 16.44 3.52
C ASP N 283 4.36 17.04 2.24
N VAL N 284 4.48 16.30 1.15
CA VAL N 284 3.89 16.72 -0.12
C VAL N 284 2.37 16.73 0.00
N VAL N 285 1.82 15.69 0.60
CA VAL N 285 0.40 15.64 0.91
C VAL N 285 0.21 15.37 2.39
N PRO N 286 0.09 16.45 3.19
CA PRO N 286 -0.07 16.31 4.64
C PRO N 286 -1.40 15.67 5.01
N ASP N 287 -1.47 15.04 6.18
CA ASP N 287 -2.71 14.47 6.68
C ASP N 287 -3.68 15.59 7.07
N LEU N 288 -3.12 16.72 7.50
CA LEU N 288 -3.90 17.89 7.87
C LEU N 288 -3.76 18.99 6.83
N ASP N 289 -4.87 19.35 6.20
CA ASP N 289 -4.87 20.41 5.19
C ASP N 289 -5.02 21.79 5.84
N ILE N 290 -3.89 22.44 6.09
CA ILE N 290 -3.89 23.75 6.74
C ILE N 290 -4.16 24.87 5.74
N TYR N 291 -4.50 24.50 4.50
CA TYR N 291 -4.80 25.45 3.45
C TYR N 291 -6.27 25.42 3.05
N ASP N 292 -7.07 24.70 3.82
CA ASP N 292 -8.50 24.59 3.56
C ASP N 292 -9.25 25.78 4.17
N LYS N 293 -9.93 26.54 3.33
CA LYS N 293 -10.62 27.75 3.75
C LYS N 293 -12.05 27.48 4.18
N SER N 294 -12.55 26.27 3.91
CA SER N 294 -13.94 25.94 4.19
C SER N 294 -14.21 25.76 5.68
N TRP N 295 -13.15 25.52 6.44
CA TRP N 295 -13.27 25.38 7.89
C TRP N 295 -12.02 25.95 8.54
N PRO N 296 -11.89 27.28 8.52
CA PRO N 296 -10.64 27.95 8.89
C PRO N 296 -10.39 27.95 10.39
N ILE N 297 -9.11 27.96 10.76
CA ILE N 297 -8.71 28.03 12.15
C ILE N 297 -8.28 29.44 12.52
N TRP N 298 -9.07 30.11 13.32
CA TRP N 298 -8.74 31.45 13.80
C TRP N 298 -7.74 31.36 14.95
N THR N 299 -6.89 32.37 15.08
CA THR N 299 -5.92 32.42 16.15
C THR N 299 -5.48 33.86 16.37
N TYR N 300 -4.54 34.08 17.28
CA TYR N 300 -3.94 35.40 17.40
C TYR N 300 -2.79 35.55 16.43
N ALA N 301 -2.88 36.52 15.54
CA ALA N 301 -1.83 36.79 14.57
C ALA N 301 -1.57 38.28 14.44
N GLU N 302 -0.29 38.64 14.29
CA GLU N 302 0.08 40.01 14.07
C GLU N 302 0.54 40.21 12.63
N ILE N 303 0.40 41.43 12.13
CA ILE N 303 0.97 41.78 10.85
C ILE N 303 2.48 41.65 10.95
N THR N 304 3.04 40.77 10.14
CA THR N 304 4.47 40.54 10.14
C THR N 304 5.05 40.80 8.75
N PRO N 305 6.36 41.06 8.67
CA PRO N 305 7.01 41.09 7.36
C PRO N 305 7.01 39.70 6.73
N PRO N 306 7.24 39.60 5.42
CA PRO N 306 7.29 38.28 4.79
C PRO N 306 8.49 37.48 5.24
N ALA N 307 8.62 36.24 4.78
CA ALA N 307 9.82 35.46 5.04
C ALA N 307 10.92 35.91 4.10
N LYS N 308 12.15 35.98 4.60
CA LYS N 308 13.28 36.46 3.80
C LYS N 308 14.39 35.42 3.71
N PHE N 309 14.88 35.22 2.48
CA PHE N 309 15.95 34.27 2.22
C PHE N 309 17.11 35.02 1.59
N VAL N 310 18.30 34.88 2.14
CA VAL N 310 19.43 35.68 1.69
C VAL N 310 20.72 34.86 1.73
N HIS N 311 21.67 35.25 0.87
CA HIS N 311 22.98 34.61 0.65
C HIS N 311 22.86 33.44 -0.32
N ASP N 312 23.74 33.45 -1.32
CA ASP N 312 23.78 32.39 -2.32
C ASP N 312 25.20 32.25 -2.87
N ASP N 313 25.99 31.37 -2.25
CA ASP N 313 27.35 31.14 -2.71
C ASP N 313 27.85 29.74 -2.35
N GLU N 314 29.11 29.48 -2.70
CA GLU N 314 29.72 28.18 -2.54
C GLU N 314 29.80 27.71 -1.08
N ASP N 315 29.63 28.65 -0.15
CA ASP N 315 29.79 28.34 1.28
C ASP N 315 28.46 28.38 2.04
N ARG N 316 27.61 29.34 1.69
CA ARG N 316 26.32 29.48 2.36
C ARG N 316 25.20 29.82 1.39
N ARG N 317 24.04 29.19 1.59
CA ARG N 317 22.85 29.50 0.84
C ARG N 317 21.63 29.43 1.73
N GLY N 318 21.04 30.59 2.01
CA GLY N 318 19.82 30.66 2.79
C GLY N 318 18.65 30.15 1.97
N SER N 319 18.15 28.98 2.30
CA SER N 319 17.07 28.37 1.54
C SER N 319 16.32 27.34 2.36
N ALA N 320 15.03 27.19 2.06
CA ALA N 320 14.20 26.20 2.73
C ALA N 320 13.70 25.16 1.72
N VAL N 321 13.91 23.90 2.04
CA VAL N 321 13.50 22.80 1.19
C VAL N 321 12.63 21.82 1.98
N SER N 322 11.51 21.42 1.39
CA SER N 322 10.57 20.50 2.03
C SER N 322 10.18 21.03 3.40
N SER N 323 9.99 22.34 3.49
CA SER N 323 9.79 23.01 4.76
C SER N 323 8.60 23.96 4.75
N VAL N 324 8.19 24.36 5.96
CA VAL N 324 7.13 25.34 6.14
C VAL N 324 7.67 26.52 6.94
N VAL N 325 7.51 27.73 6.41
CA VAL N 325 8.12 28.92 7.02
C VAL N 325 7.12 30.08 7.19
N SER N 326 6.97 30.56 8.41
CA SER N 326 6.02 31.62 8.72
C SER N 326 6.61 33.02 8.51
N GLY N 327 5.85 34.03 8.94
CA GLY N 327 6.25 35.41 8.77
C GLY N 327 7.32 35.86 9.75
N ASP N 328 7.96 36.98 9.42
CA ASP N 328 9.03 37.57 10.24
C ASP N 328 10.19 36.59 10.41
N CYS N 329 10.33 35.67 9.46
CA CYS N 329 11.46 34.75 9.46
C CYS N 329 12.53 35.23 8.49
N ILE N 330 13.76 35.33 8.99
CA ILE N 330 14.89 35.65 8.12
C ILE N 330 15.84 34.46 8.04
N ILE N 331 15.91 33.87 6.85
CA ILE N 331 16.78 32.73 6.60
C ILE N 331 18.07 33.21 5.95
N SER N 332 19.02 33.60 6.80
CA SER N 332 20.25 34.22 6.34
C SER N 332 21.40 33.23 6.23
N GLY N 333 21.58 32.66 5.04
CA GLY N 333 22.69 31.76 4.79
C GLY N 333 22.60 30.42 5.50
N ALA N 334 21.44 30.08 6.04
CA ALA N 334 21.25 28.78 6.66
C ALA N 334 20.41 27.86 5.78
N ALA N 335 20.70 26.56 5.85
CA ALA N 335 20.00 25.57 5.05
C ALA N 335 18.94 24.86 5.88
N LEU N 336 17.68 24.99 5.48
CA LEU N 336 16.59 24.30 6.14
C LEU N 336 16.08 23.15 5.29
N ASN N 337 15.92 21.98 5.90
CA ASN N 337 15.33 20.84 5.23
C ASN N 337 14.38 20.10 6.15
N ARG N 338 13.19 19.80 5.64
CA ARG N 338 12.14 19.13 6.41
C ARG N 338 11.97 19.73 7.80
N SER N 339 11.77 21.05 7.85
CA SER N 339 11.60 21.74 9.11
C SER N 339 10.38 22.65 9.10
N LEU N 340 9.81 22.86 10.28
CA LEU N 340 8.66 23.76 10.44
C LEU N 340 9.06 24.95 11.30
N LEU N 341 9.01 26.14 10.73
CA LEU N 341 9.39 27.35 11.45
C LEU N 341 8.17 28.23 11.77
N PHE N 342 7.97 28.50 13.06
CA PHE N 342 6.93 29.42 13.49
C PHE N 342 7.40 30.86 13.22
N THR N 343 6.57 31.83 13.60
CA THR N 343 6.87 33.23 13.29
CA THR N 343 6.86 33.24 13.30
C THR N 343 8.07 33.78 14.05
N GLY N 344 8.83 34.65 13.40
CA GLY N 344 9.91 35.37 14.04
C GLY N 344 11.27 34.68 14.17
N VAL N 345 11.42 33.51 13.56
CA VAL N 345 12.67 32.76 13.68
C VAL N 345 13.79 33.37 12.85
N ARG N 346 14.98 33.49 13.45
CA ARG N 346 16.15 33.97 12.72
C ARG N 346 17.25 32.90 12.67
N ALA N 347 17.47 32.35 11.49
CA ALA N 347 18.55 31.39 11.27
C ALA N 347 19.71 32.08 10.59
N ASN N 348 20.90 32.01 11.18
CA ASN N 348 22.04 32.76 10.68
C ASN N 348 23.01 31.90 9.87
N SER N 349 23.97 32.56 9.22
CA SER N 349 24.82 31.93 8.21
C SER N 349 25.51 30.64 8.65
N TYR N 350 25.65 29.72 7.70
CA TYR N 350 26.36 28.46 7.89
C TYR N 350 25.70 27.52 8.90
N SER N 351 24.51 27.87 9.38
CA SER N 351 23.77 26.95 10.24
C SER N 351 22.89 26.04 9.39
N ARG N 352 22.48 24.92 9.98
CA ARG N 352 21.67 23.92 9.27
C ARG N 352 20.58 23.37 10.16
N LEU N 353 19.35 23.35 9.65
CA LEU N 353 18.23 22.72 10.36
C LEU N 353 17.69 21.54 9.57
N GLU N 354 17.43 20.44 10.26
CA GLU N 354 16.89 19.25 9.63
C GLU N 354 15.94 18.54 10.58
N ASN N 355 14.76 18.16 10.08
CA ASN N 355 13.72 17.52 10.88
C ASN N 355 13.43 18.29 12.16
N ALA N 356 13.33 19.60 12.03
CA ALA N 356 13.26 20.50 13.18
C ALA N 356 11.93 21.22 13.31
N VAL N 357 11.34 21.15 14.50
CA VAL N 357 10.18 21.97 14.85
C VAL N 357 10.66 23.18 15.65
N VAL N 358 10.58 24.37 15.04
CA VAL N 358 11.14 25.57 15.64
C VAL N 358 10.05 26.57 16.04
N LEU N 359 9.83 26.69 17.34
CA LEU N 359 8.76 27.54 17.89
C LEU N 359 9.10 29.03 17.71
N PRO N 360 8.14 29.94 17.99
CA PRO N 360 8.38 31.35 17.64
C PRO N 360 9.61 32.03 18.25
N SER N 361 10.17 32.98 17.50
CA SER N 361 11.20 33.90 17.97
C SER N 361 12.55 33.25 18.31
N VAL N 362 12.75 32.02 17.85
CA VAL N 362 14.02 31.32 18.08
C VAL N 362 15.14 31.92 17.24
N LYS N 363 16.33 31.99 17.81
CA LYS N 363 17.53 32.40 17.07
C LYS N 363 18.51 31.24 16.94
N ILE N 364 18.98 30.99 15.72
CA ILE N 364 19.99 29.98 15.48
C ILE N 364 21.30 30.65 15.09
N GLY N 365 22.29 30.55 15.97
CA GLY N 365 23.59 31.15 15.73
C GLY N 365 24.31 30.48 14.58
N ARG N 366 25.28 31.20 14.02
CA ARG N 366 26.10 30.69 12.92
C ARG N 366 26.70 29.32 13.22
N HIS N 367 26.88 28.52 12.18
CA HIS N 367 27.60 27.25 12.25
C HIS N 367 26.91 26.19 13.09
N ALA N 368 25.70 26.47 13.57
CA ALA N 368 24.96 25.51 14.37
C ALA N 368 24.30 24.44 13.48
N GLN N 369 24.41 23.18 13.87
CA GLN N 369 23.77 22.11 13.13
C GLN N 369 22.81 21.32 14.02
N LEU N 370 21.52 21.43 13.73
CA LEU N 370 20.50 20.80 14.55
C LEU N 370 19.66 19.83 13.74
N SER N 371 19.55 18.60 14.24
CA SER N 371 18.78 17.56 13.57
C SER N 371 17.82 16.84 14.52
N ASN N 372 16.58 16.69 14.07
CA ASN N 372 15.53 16.02 14.86
C ASN N 372 15.34 16.68 16.23
N VAL N 373 14.81 17.89 16.21
CA VAL N 373 14.67 18.67 17.43
C VAL N 373 13.33 19.39 17.53
N VAL N 374 12.93 19.66 18.76
CA VAL N 374 11.86 20.60 19.05
C VAL N 374 12.48 21.75 19.85
N ILE N 375 12.52 22.93 19.24
CA ILE N 375 13.12 24.09 19.89
C ILE N 375 12.04 24.98 20.49
N ASP N 376 12.13 25.21 21.80
CA ASP N 376 11.11 25.95 22.54
C ASP N 376 11.06 27.43 22.13
N HIS N 377 9.96 28.09 22.51
CA HIS N 377 9.76 29.50 22.21
C HIS N 377 10.90 30.39 22.72
N GLY N 378 11.41 31.25 21.85
CA GLY N 378 12.35 32.29 22.23
C GLY N 378 13.80 31.87 22.44
N VAL N 379 14.08 30.57 22.31
CA VAL N 379 15.42 30.02 22.54
C VAL N 379 16.48 30.66 21.65
N VAL N 380 17.64 30.95 22.24
CA VAL N 380 18.79 31.42 21.48
C VAL N 380 19.83 30.31 21.39
N ILE N 381 19.86 29.63 20.25
CA ILE N 381 20.85 28.58 20.00
C ILE N 381 22.23 29.18 19.83
N PRO N 382 23.19 28.77 20.68
CA PRO N 382 24.56 29.29 20.58
C PRO N 382 25.19 28.92 19.24
N GLU N 383 26.09 29.76 18.75
CA GLU N 383 26.80 29.47 17.51
C GLU N 383 27.60 28.17 17.65
N GLY N 384 27.61 27.37 16.60
CA GLY N 384 28.44 26.18 16.56
C GLY N 384 27.85 24.95 17.23
N LEU N 385 26.70 25.11 17.88
CA LEU N 385 26.08 24.01 18.59
C LEU N 385 25.67 22.89 17.64
N ILE N 386 25.98 21.65 18.02
CA ILE N 386 25.64 20.48 17.21
C ILE N 386 24.69 19.55 17.98
N VAL N 387 23.56 19.24 17.36
CA VAL N 387 22.60 18.32 17.95
C VAL N 387 22.20 17.26 16.92
N GLY N 388 22.12 16.01 17.36
CA GLY N 388 21.73 14.92 16.49
C GLY N 388 22.90 14.12 15.96
N GLU N 389 24.08 14.38 16.50
CA GLU N 389 25.29 13.67 16.11
C GLU N 389 25.72 12.66 17.17
N ASP N 390 25.54 13.05 18.42
CA ASP N 390 25.99 12.24 19.55
C ASP N 390 24.85 12.05 20.55
N PRO N 391 24.09 10.95 20.40
CA PRO N 391 22.96 10.61 21.27
C PRO N 391 23.28 10.70 22.75
N GLU N 392 24.48 10.27 23.15
CA GLU N 392 24.89 10.35 24.55
C GLU N 392 25.07 11.79 25.02
N LEU N 393 25.76 12.59 24.21
CA LEU N 393 26.01 13.98 24.57
C LEU N 393 24.72 14.80 24.54
N ASP N 394 23.84 14.48 23.60
CA ASP N 394 22.58 15.19 23.47
C ASP N 394 21.62 14.83 24.59
N ALA N 395 21.61 13.56 25.00
CA ALA N 395 20.70 13.10 26.04
C ALA N 395 21.10 13.68 27.40
N LYS N 396 22.39 13.96 27.56
CA LYS N 396 22.88 14.55 28.80
C LYS N 396 22.52 16.03 28.85
N ARG N 397 22.73 16.72 27.74
CA ARG N 397 22.42 18.15 27.65
C ARG N 397 20.92 18.42 27.65
N PHE N 398 20.21 17.77 26.73
CA PHE N 398 18.80 18.09 26.49
C PHE N 398 17.86 16.94 26.80
N ARG N 399 16.57 17.23 26.76
CA ARG N 399 15.54 16.22 26.87
C ARG N 399 15.48 15.43 25.57
N ARG N 400 16.03 14.23 25.57
CA ARG N 400 16.05 13.41 24.38
C ARG N 400 15.03 12.29 24.48
N THR N 401 14.20 12.14 23.45
CA THR N 401 13.19 11.09 23.47
C THR N 401 13.78 9.74 23.14
N GLU N 402 12.97 8.71 23.34
CA GLU N 402 13.36 7.33 23.09
C GLU N 402 13.64 7.07 21.60
N SER N 403 13.05 7.89 20.75
CA SER N 403 13.22 7.73 19.30
C SER N 403 14.29 8.68 18.75
N GLY N 404 14.84 9.52 19.61
CA GLY N 404 15.95 10.37 19.23
C GLY N 404 15.61 11.84 19.01
N ILE N 405 14.41 12.24 19.38
CA ILE N 405 14.00 13.64 19.24
C ILE N 405 14.45 14.44 20.45
N CYS N 406 15.16 15.54 20.21
CA CYS N 406 15.62 16.40 21.29
C CYS N 406 14.71 17.60 21.51
N LEU N 407 14.29 17.79 22.74
CA LEU N 407 13.56 18.99 23.13
C LEU N 407 14.54 20.00 23.73
N ILE N 408 14.72 21.13 23.05
CA ILE N 408 15.69 22.12 23.49
C ILE N 408 15.01 23.34 24.11
N THR N 409 15.32 23.61 25.37
CA THR N 409 14.84 24.81 26.03
C THR N 409 16.02 25.70 26.40
N GLN N 410 15.74 26.94 26.78
CA GLN N 410 16.80 27.89 27.11
C GLN N 410 17.49 27.49 28.42
N SER N 411 16.73 26.89 29.32
CA SER N 411 17.26 26.42 30.60
C SER N 411 18.39 25.41 30.38
N MET N 412 18.19 24.51 29.42
CA MET N 412 19.20 23.54 29.05
C MET N 412 20.40 24.22 28.39
N ILE N 413 20.12 25.20 27.53
CA ILE N 413 21.15 25.95 26.82
C ILE N 413 22.00 26.77 27.79
N ASP N 414 21.36 27.33 28.81
CA ASP N 414 22.07 28.12 29.81
C ASP N 414 22.94 27.24 30.71
N LYS N 415 22.63 25.95 30.74
CA LYS N 415 23.38 25.00 31.56
C LYS N 415 24.51 24.35 30.77
N LEU N 416 24.75 24.84 29.56
CA LEU N 416 25.69 24.19 28.65
C LEU N 416 27.15 24.39 29.03
N ASP N 417 27.77 23.30 29.49
CA ASP N 417 29.22 23.21 29.62
C ASP N 417 29.63 21.80 29.21
N LEU N 418 30.76 21.32 29.72
CA LEU N 418 31.24 19.96 29.45
C LEU N 418 30.14 18.91 29.59
N VAL O 4 60.05 -53.96 86.91
CA VAL O 4 60.11 -55.19 87.69
C VAL O 4 59.30 -56.32 87.05
N GLN O 5 58.14 -55.98 86.49
CA GLN O 5 57.27 -56.97 85.87
C GLN O 5 57.74 -57.31 84.48
N PRO O 6 57.55 -58.58 84.07
CA PRO O 6 57.83 -58.97 82.68
C PRO O 6 56.90 -58.22 81.73
N LEU O 7 57.44 -57.69 80.65
CA LEU O 7 56.63 -57.00 79.65
C LEU O 7 55.72 -57.98 78.91
N ALA O 8 56.19 -59.21 78.76
CA ALA O 8 55.45 -60.24 78.04
C ALA O 8 54.12 -60.56 78.72
N ARG O 9 54.01 -60.25 80.01
CA ARG O 9 52.76 -60.37 80.74
C ARG O 9 51.68 -59.52 80.10
N ASP O 10 52.08 -58.37 79.56
CA ASP O 10 51.15 -57.40 79.01
C ASP O 10 51.19 -57.35 77.48
N ALA O 11 51.57 -58.46 76.87
CA ALA O 11 51.70 -58.51 75.43
C ALA O 11 50.86 -59.62 74.82
N MET O 12 50.39 -59.39 73.60
CA MET O 12 49.68 -60.39 72.83
C MET O 12 50.43 -60.68 71.55
N ALA O 13 50.74 -61.95 71.30
CA ALA O 13 51.39 -62.36 70.07
C ALA O 13 50.36 -62.57 68.97
N TYR O 14 50.54 -61.88 67.85
CA TYR O 14 49.61 -62.00 66.74
C TYR O 14 50.32 -62.62 65.53
N VAL O 15 50.02 -63.88 65.26
CA VAL O 15 50.74 -64.62 64.25
C VAL O 15 50.03 -64.57 62.89
N LEU O 16 50.75 -64.09 61.88
CA LEU O 16 50.22 -64.05 60.52
C LEU O 16 50.50 -65.38 59.82
N ALA O 17 49.46 -66.19 59.69
CA ALA O 17 49.63 -67.55 59.18
C ALA O 17 48.87 -67.77 57.87
N GLY O 18 48.91 -66.76 57.01
CA GLY O 18 48.21 -66.85 55.73
C GLY O 18 49.16 -67.00 54.55
N GLY O 19 50.41 -67.33 54.81
CA GLY O 19 51.37 -67.51 53.73
C GLY O 19 51.08 -68.74 52.91
N ARG O 20 51.02 -68.58 51.59
CA ARG O 20 50.82 -69.71 50.67
C ARG O 20 52.08 -70.54 50.52
N GLY O 21 53.22 -69.88 50.42
CA GLY O 21 54.44 -70.54 50.04
C GLY O 21 54.29 -71.04 48.61
N SER O 22 54.08 -70.09 47.69
CA SER O 22 53.84 -70.40 46.29
C SER O 22 54.95 -71.21 45.68
N ARG O 23 56.18 -70.91 46.09
CA ARG O 23 57.36 -71.53 45.50
C ARG O 23 57.58 -72.94 46.01
N LEU O 24 56.78 -73.38 46.97
CA LEU O 24 56.83 -74.76 47.45
C LEU O 24 55.98 -75.67 46.56
N LYS O 25 55.30 -75.04 45.61
CA LYS O 25 54.49 -75.74 44.59
C LYS O 25 53.47 -76.69 45.19
N GLU O 26 53.51 -77.95 44.74
CA GLU O 26 52.52 -78.94 45.13
C GLU O 26 52.49 -79.21 46.63
N LEU O 27 53.60 -78.93 47.30
CA LEU O 27 53.71 -79.14 48.74
C LEU O 27 52.69 -78.29 49.49
N THR O 28 52.27 -77.18 48.90
CA THR O 28 51.27 -76.30 49.49
C THR O 28 50.04 -76.14 48.60
N ASP O 29 49.68 -77.20 47.88
CA ASP O 29 48.49 -77.17 47.03
C ASP O 29 47.21 -77.27 47.85
N ARG O 30 47.27 -77.96 48.99
CA ARG O 30 46.10 -78.17 49.83
C ARG O 30 46.34 -77.77 51.27
N ARG O 31 47.46 -77.11 51.53
CA ARG O 31 47.76 -76.61 52.88
C ARG O 31 48.52 -75.29 52.79
N ALA O 32 48.40 -74.47 53.82
CA ALA O 32 49.16 -73.23 53.89
C ALA O 32 50.59 -73.54 54.31
N LYS O 33 51.51 -72.63 54.00
CA LYS O 33 52.92 -72.83 54.37
C LYS O 33 53.14 -73.05 55.87
N PRO O 34 52.45 -72.30 56.75
CA PRO O 34 52.69 -72.58 58.17
C PRO O 34 52.25 -73.97 58.63
N ALA O 35 51.45 -74.66 57.82
CA ALA O 35 51.00 -76.00 58.17
C ALA O 35 51.94 -77.08 57.62
N VAL O 36 52.97 -76.65 56.90
CA VAL O 36 53.92 -77.59 56.31
C VAL O 36 54.78 -78.24 57.38
N TYR O 37 54.93 -79.55 57.29
CA TYR O 37 55.68 -80.33 58.27
C TYR O 37 57.16 -79.98 58.27
N PHE O 38 57.77 -79.99 59.45
CA PHE O 38 59.19 -79.76 59.56
C PHE O 38 59.81 -80.52 60.72
N GLY O 39 60.99 -81.09 60.50
CA GLY O 39 61.80 -81.61 61.57
C GLY O 39 61.53 -83.03 62.01
N GLY O 40 60.43 -83.60 61.54
CA GLY O 40 60.10 -84.97 61.90
C GLY O 40 58.79 -85.12 62.63
N LYS O 41 58.40 -84.10 63.39
CA LYS O 41 57.17 -84.18 64.18
C LYS O 41 56.34 -82.90 64.16
N ALA O 42 56.99 -81.76 63.99
CA ALA O 42 56.29 -80.48 64.10
C ALA O 42 55.90 -79.89 62.75
N ARG O 43 55.15 -78.79 62.81
CA ARG O 43 54.88 -77.97 61.64
C ARG O 43 55.58 -76.63 61.81
N ILE O 44 55.72 -75.89 60.73
CA ILE O 44 56.44 -74.61 60.76
C ILE O 44 55.84 -73.63 61.75
N ILE O 45 54.51 -73.54 61.76
CA ILE O 45 53.78 -72.61 62.63
C ILE O 45 54.13 -72.80 64.11
N ASP O 46 54.56 -74.00 64.47
CA ASP O 46 54.82 -74.33 65.87
C ASP O 46 56.00 -73.57 66.46
N PHE O 47 56.90 -73.08 65.61
CA PHE O 47 58.09 -72.38 66.08
C PHE O 47 57.75 -70.99 66.60
N ALA O 48 57.03 -70.19 65.81
CA ALA O 48 56.58 -68.88 66.27
C ALA O 48 55.69 -69.01 67.50
N LEU O 49 54.84 -70.03 67.50
CA LEU O 49 53.94 -70.27 68.61
CA LEU O 49 53.93 -70.27 68.62
C LEU O 49 54.69 -70.66 69.89
N SER O 50 55.73 -71.46 69.74
CA SER O 50 56.53 -71.89 70.88
CA SER O 50 56.52 -71.88 70.88
C SER O 50 57.40 -70.75 71.40
N ASN O 51 57.87 -69.89 70.49
CA ASN O 51 58.64 -68.72 70.89
C ASN O 51 57.77 -67.81 71.75
N ALA O 52 56.53 -67.62 71.34
CA ALA O 52 55.57 -66.81 72.09
C ALA O 52 55.34 -67.41 73.46
N LEU O 53 55.09 -68.72 73.49
CA LEU O 53 54.86 -69.43 74.74
C LEU O 53 56.07 -69.31 75.68
N ASN O 54 57.25 -69.67 75.18
CA ASN O 54 58.45 -69.67 76.00
C ASN O 54 58.90 -68.28 76.44
N SER O 55 58.48 -67.24 75.69
CA SER O 55 58.81 -65.87 76.04
C SER O 55 57.90 -65.32 77.13
N GLY O 56 56.82 -66.05 77.41
CA GLY O 56 55.90 -65.66 78.46
C GLY O 56 54.62 -65.01 77.96
N ILE O 57 54.48 -64.94 76.64
CA ILE O 57 53.27 -64.36 76.05
C ILE O 57 52.13 -65.36 76.15
N ARG O 58 51.11 -64.98 76.91
CA ARG O 58 50.02 -65.90 77.25
C ARG O 58 48.79 -65.73 76.37
N ARG O 59 48.76 -64.64 75.60
CA ARG O 59 47.67 -64.44 74.65
C ARG O 59 48.20 -64.51 73.22
N ILE O 60 47.65 -65.44 72.45
CA ILE O 60 48.07 -65.63 71.07
C ILE O 60 46.88 -65.65 70.12
N GLY O 61 46.98 -64.88 69.04
CA GLY O 61 46.01 -64.92 67.98
C GLY O 61 46.67 -65.39 66.70
N VAL O 62 45.96 -66.22 65.94
CA VAL O 62 46.51 -66.73 64.68
C VAL O 62 45.57 -66.43 63.52
N ALA O 63 46.03 -65.55 62.63
CA ALA O 63 45.24 -65.17 61.45
C ALA O 63 45.45 -66.16 60.31
N THR O 64 44.37 -66.79 59.87
CA THR O 64 44.44 -67.76 58.78
C THR O 64 43.79 -67.21 57.52
N GLN O 65 43.98 -67.90 56.40
CA GLN O 65 43.47 -67.44 55.11
C GLN O 65 43.43 -68.55 54.06
N TYR O 66 44.54 -68.78 53.37
CA TYR O 66 44.60 -69.75 52.27
C TYR O 66 44.67 -71.19 52.76
N LYS O 67 43.79 -72.03 52.21
CA LYS O 67 43.72 -73.47 52.49
C LYS O 67 44.01 -73.80 53.94
N ALA O 68 43.24 -73.20 54.84
CA ALA O 68 43.57 -73.20 56.26
C ALA O 68 43.06 -74.40 57.04
N HIS O 69 42.34 -75.30 56.37
CA HIS O 69 41.66 -76.40 57.05
C HIS O 69 42.56 -77.25 57.95
N SER O 70 43.66 -77.73 57.40
CA SER O 70 44.55 -78.61 58.17
C SER O 70 45.37 -77.81 59.17
N LEU O 71 45.59 -76.54 58.87
CA LEU O 71 46.26 -75.64 59.79
C LEU O 71 45.39 -75.42 61.02
N ILE O 72 44.14 -75.04 60.78
CA ILE O 72 43.18 -74.79 61.85
C ILE O 72 42.98 -76.02 62.73
N ARG O 73 42.89 -77.18 62.10
CA ARG O 73 42.73 -78.44 62.83
C ARG O 73 43.95 -78.72 63.71
N HIS O 74 45.13 -78.42 63.18
CA HIS O 74 46.38 -78.59 63.93
C HIS O 74 46.43 -77.71 65.17
N LEU O 75 46.02 -76.45 65.01
CA LEU O 75 45.97 -75.51 66.11
C LEU O 75 44.95 -75.98 67.15
N GLN O 76 43.78 -76.35 66.64
CA GLN O 76 42.70 -76.93 67.42
C GLN O 76 43.14 -78.06 68.34
N ARG O 77 43.98 -78.93 67.81
CA ARG O 77 44.33 -80.17 68.49
C ARG O 77 45.59 -80.06 69.34
N GLY O 78 46.58 -79.34 68.84
CA GLY O 78 47.85 -79.24 69.54
C GLY O 78 47.94 -78.11 70.54
N TRP O 79 47.37 -76.96 70.17
CA TRP O 79 47.46 -75.77 70.99
C TRP O 79 46.13 -75.48 71.70
N ASP O 80 45.75 -76.42 72.57
CA ASP O 80 44.43 -76.45 73.16
C ASP O 80 44.44 -76.29 74.68
N PHE O 81 45.58 -75.91 75.24
CA PHE O 81 45.77 -75.95 76.68
C PHE O 81 45.67 -74.57 77.34
N PHE O 82 45.25 -73.56 76.58
CA PHE O 82 45.07 -72.22 77.10
C PHE O 82 43.70 -72.08 77.77
N ARG O 83 43.66 -71.54 78.99
CA ARG O 83 42.39 -71.34 79.68
C ARG O 83 42.19 -69.88 80.05
N PRO O 84 41.17 -69.24 79.46
CA PRO O 84 40.82 -67.83 79.64
C PRO O 84 40.74 -67.38 81.10
N GLU O 85 40.29 -68.24 82.00
CA GLU O 85 40.18 -67.84 83.40
C GLU O 85 41.55 -67.72 84.06
N ARG O 86 42.59 -68.23 83.41
CA ARG O 86 43.95 -68.07 83.90
C ARG O 86 44.66 -66.89 83.22
N ASN O 87 43.87 -65.99 82.64
CA ASN O 87 44.38 -64.82 81.92
C ASN O 87 45.25 -65.17 80.73
N GLU O 88 44.79 -66.12 79.93
CA GLU O 88 45.51 -66.51 78.73
C GLU O 88 44.51 -66.90 77.66
N SER O 89 44.90 -66.80 76.41
CA SER O 89 43.97 -67.07 75.33
C SER O 89 44.70 -67.52 74.07
N PHE O 90 44.04 -68.38 73.30
CA PHE O 90 44.54 -68.79 72.01
C PHE O 90 43.40 -68.69 71.00
N ASP O 91 43.45 -67.66 70.16
CA ASP O 91 42.39 -67.41 69.20
C ASP O 91 42.80 -67.81 67.79
N ILE O 92 41.95 -68.57 67.12
CA ILE O 92 42.13 -68.86 65.71
C ILE O 92 41.23 -67.94 64.91
N LEU O 93 41.84 -67.06 64.12
CA LEU O 93 41.11 -65.99 63.46
C LEU O 93 40.98 -66.18 61.96
N ALA O 94 39.86 -66.75 61.55
CA ALA O 94 39.50 -66.89 60.14
C ALA O 94 38.52 -65.76 59.78
N ALA O 95 38.44 -65.38 58.50
CA ALA O 95 39.23 -65.96 57.42
C ALA O 95 39.92 -64.87 56.60
N THR O 102 34.70 -57.97 54.58
CA THR O 102 34.31 -59.32 54.95
C THR O 102 35.18 -60.35 54.23
N GLN O 103 35.15 -61.59 54.70
CA GLN O 103 35.84 -62.70 54.06
C GLN O 103 37.35 -62.55 54.05
N TRP O 104 37.91 -62.45 52.84
CA TRP O 104 39.36 -62.37 52.66
C TRP O 104 39.98 -61.14 53.29
N TYR O 105 41.06 -61.33 54.03
CA TYR O 105 41.89 -60.24 54.49
C TYR O 105 42.56 -59.59 53.29
N GLU O 106 42.50 -58.27 53.18
CA GLU O 106 43.07 -57.57 52.05
C GLU O 106 44.59 -57.51 52.16
N GLY O 107 45.10 -57.82 53.35
CA GLY O 107 46.53 -57.85 53.59
C GLY O 107 46.82 -58.20 55.03
N THR O 108 48.10 -58.26 55.38
CA THR O 108 48.52 -58.59 56.73
C THR O 108 48.08 -57.53 57.75
N ALA O 109 47.99 -56.28 57.32
CA ALA O 109 47.53 -55.22 58.20
C ALA O 109 46.02 -55.35 58.42
N ASP O 110 45.31 -55.75 57.37
CA ASP O 110 43.87 -55.98 57.45
C ASP O 110 43.58 -57.23 58.28
N ALA O 111 44.57 -58.11 58.38
CA ALA O 111 44.43 -59.32 59.16
C ALA O 111 44.27 -59.00 60.64
N VAL O 112 44.85 -57.87 61.06
CA VAL O 112 44.73 -57.44 62.45
C VAL O 112 43.57 -56.47 62.60
N TYR O 113 43.33 -55.67 61.56
CA TYR O 113 42.24 -54.69 61.58
C TYR O 113 40.87 -55.35 61.68
N GLN O 114 40.69 -56.46 60.99
CA GLN O 114 39.42 -57.17 61.01
C GLN O 114 39.13 -57.82 62.36
N ASN O 115 40.16 -57.93 63.20
CA ASN O 115 40.01 -58.60 64.49
C ASN O 115 40.32 -57.70 65.68
N ILE O 116 40.09 -56.40 65.50
CA ILE O 116 40.27 -55.44 66.59
C ILE O 116 39.24 -55.69 67.69
N ASP O 117 38.08 -56.22 67.29
CA ASP O 117 36.95 -56.40 68.20
C ASP O 117 37.22 -57.41 69.31
N ILE O 118 38.22 -58.26 69.11
CA ILE O 118 38.53 -59.30 70.09
C ILE O 118 39.89 -59.05 70.74
N ILE O 119 40.74 -58.30 70.04
CA ILE O 119 41.97 -57.79 70.63
C ILE O 119 41.66 -56.84 71.79
N GLU O 120 40.78 -55.87 71.52
CA GLU O 120 40.47 -54.80 72.47
C GLU O 120 40.01 -55.27 73.87
N PRO O 121 39.08 -56.23 73.96
CA PRO O 121 38.67 -56.66 75.30
C PRO O 121 39.83 -57.19 76.14
N TYR O 122 40.79 -57.85 75.50
CA TYR O 122 41.99 -58.32 76.20
C TYR O 122 42.81 -57.15 76.71
N ALA O 123 42.74 -56.04 75.98
CA ALA O 123 43.46 -54.81 76.29
C ALA O 123 44.95 -55.01 76.61
N PRO O 124 45.71 -55.66 75.70
CA PRO O 124 47.14 -55.83 76.00
C PRO O 124 47.90 -54.51 75.81
N GLU O 125 49.01 -54.34 76.53
CA GLU O 125 49.80 -53.13 76.40
C GLU O 125 50.67 -53.14 75.16
N TYR O 126 51.08 -54.33 74.73
CA TYR O 126 51.97 -54.48 73.60
C TYR O 126 51.46 -55.51 72.61
N MET O 127 51.78 -55.30 71.33
CA MET O 127 51.45 -56.28 70.29
C MET O 127 52.73 -56.76 69.62
N VAL O 128 52.89 -58.08 69.56
CA VAL O 128 54.02 -58.66 68.85
C VAL O 128 53.50 -59.35 67.59
N ILE O 129 53.74 -58.72 66.44
CA ILE O 129 53.29 -59.27 65.17
C ILE O 129 54.34 -60.23 64.64
N LEU O 130 53.91 -61.45 64.29
CA LEU O 130 54.83 -62.51 63.92
C LEU O 130 54.52 -63.10 62.57
N ALA O 131 55.58 -63.47 61.84
CA ALA O 131 55.44 -64.26 60.64
C ALA O 131 55.37 -65.72 61.05
N GLY O 132 54.36 -66.43 60.57
CA GLY O 132 54.14 -67.80 60.99
C GLY O 132 54.78 -68.86 60.11
N ASP O 133 55.60 -68.44 59.15
CA ASP O 133 56.16 -69.38 58.18
C ASP O 133 57.68 -69.45 58.19
N HIS O 134 58.29 -69.13 59.34
CA HIS O 134 59.74 -69.21 59.48
C HIS O 134 60.13 -70.18 60.58
N ILE O 135 61.31 -70.79 60.44
CA ILE O 135 61.88 -71.64 61.48
C ILE O 135 62.97 -70.87 62.24
N TYR O 136 62.71 -70.59 63.52
CA TYR O 136 63.66 -69.84 64.34
C TYR O 136 63.25 -69.86 65.81
N LYS O 137 64.22 -69.63 66.70
CA LYS O 137 63.96 -69.56 68.12
C LYS O 137 64.37 -68.20 68.67
N MET O 138 63.46 -67.53 69.38
CA MET O 138 63.67 -66.15 69.77
C MET O 138 62.89 -65.79 71.05
N ASP O 139 63.58 -65.10 71.96
CA ASP O 139 62.99 -64.62 73.21
C ASP O 139 62.48 -63.18 73.01
N TYR O 140 61.17 -63.03 72.87
CA TYR O 140 60.57 -61.74 72.53
C TYR O 140 60.62 -60.72 73.65
N GLU O 141 60.99 -61.16 74.86
CA GLU O 141 61.10 -60.26 76.00
C GLU O 141 62.16 -59.19 75.74
N TYR O 142 63.26 -59.61 75.11
CA TYR O 142 64.35 -58.69 74.75
C TYR O 142 63.85 -57.60 73.83
N MET O 143 63.06 -58.00 72.84
CA MET O 143 62.55 -57.07 71.85
C MET O 143 61.51 -56.13 72.46
N LEU O 144 60.74 -56.66 73.42
CA LEU O 144 59.76 -55.85 74.13
C LEU O 144 60.44 -54.78 74.99
N GLN O 145 61.47 -55.17 75.72
CA GLN O 145 62.32 -54.25 76.49
C GLN O 145 62.83 -53.09 75.63
N GLN O 146 63.57 -53.43 74.58
CA GLN O 146 64.20 -52.44 73.72
C GLN O 146 63.15 -51.49 73.18
N HIS O 147 61.99 -52.01 72.83
CA HIS O 147 60.90 -51.19 72.31
C HIS O 147 60.44 -50.15 73.33
N VAL O 148 60.32 -50.57 74.58
CA VAL O 148 59.89 -49.67 75.65
C VAL O 148 60.98 -48.67 75.99
N ASP O 149 62.21 -49.16 76.11
CA ASP O 149 63.34 -48.30 76.45
C ASP O 149 63.63 -47.27 75.37
N SER O 150 63.68 -47.71 74.12
CA SER O 150 64.00 -46.82 73.01
C SER O 150 62.89 -45.82 72.73
N GLY O 151 61.69 -46.13 73.19
CA GLY O 151 60.55 -45.26 72.98
C GLY O 151 60.13 -45.19 71.52
N ALA O 152 60.46 -46.24 70.77
CA ALA O 152 60.15 -46.27 69.34
C ALA O 152 58.66 -46.47 69.08
N ASP O 153 58.22 -46.11 67.88
CA ASP O 153 56.86 -46.38 67.45
C ASP O 153 56.71 -47.84 67.07
N VAL O 154 57.70 -48.36 66.36
CA VAL O 154 57.75 -49.78 66.02
C VAL O 154 59.19 -50.29 66.14
N THR O 155 59.33 -51.48 66.71
CA THR O 155 60.60 -52.17 66.74
C THR O 155 60.55 -53.32 65.75
N ILE O 156 61.58 -53.46 64.94
CA ILE O 156 61.57 -54.43 63.85
C ILE O 156 62.68 -55.46 64.00
N GLY O 157 62.29 -56.73 64.06
CA GLY O 157 63.26 -57.81 64.14
C GLY O 157 64.03 -57.91 62.85
N CYS O 158 65.35 -57.96 62.95
CA CYS O 158 66.21 -57.93 61.77
C CYS O 158 67.35 -58.92 61.82
N LEU O 159 67.56 -59.62 60.70
CA LEU O 159 68.71 -60.50 60.55
C LEU O 159 69.94 -59.70 60.12
N GLU O 160 71.10 -60.06 60.68
CA GLU O 160 72.36 -59.51 60.20
C GLU O 160 72.93 -60.43 59.13
N VAL O 161 72.74 -60.06 57.87
CA VAL O 161 73.17 -60.90 56.76
C VAL O 161 74.27 -60.22 55.94
N PRO O 162 75.17 -61.02 55.34
CA PRO O 162 76.17 -60.48 54.43
C PRO O 162 75.52 -59.74 53.27
N ARG O 163 76.12 -58.64 52.83
CA ARG O 163 75.55 -57.76 51.82
C ARG O 163 74.93 -58.49 50.64
N MET O 164 75.73 -59.36 50.02
CA MET O 164 75.32 -60.04 48.80
C MET O 164 74.08 -60.92 49.02
N GLU O 165 73.95 -61.47 50.23
CA GLU O 165 72.78 -62.26 50.57
C GLU O 165 71.54 -61.38 50.77
N ALA O 166 71.77 -60.15 51.23
CA ALA O 166 70.67 -59.25 51.58
C ALA O 166 69.88 -58.77 50.36
N THR O 167 70.38 -59.06 49.16
CA THR O 167 69.75 -58.59 47.94
C THR O 167 68.38 -59.24 47.69
N GLY O 168 68.09 -60.29 48.45
CA GLY O 168 66.83 -61.00 48.30
C GLY O 168 65.87 -60.76 49.44
N PHE O 169 66.18 -59.79 50.30
CA PHE O 169 65.37 -59.50 51.47
C PHE O 169 64.73 -58.12 51.43
N GLY O 170 63.97 -57.79 52.47
CA GLY O 170 63.57 -56.43 52.74
C GLY O 170 64.57 -55.87 53.73
N VAL O 171 65.39 -54.90 53.29
CA VAL O 171 66.48 -54.37 54.12
C VAL O 171 66.13 -53.04 54.77
N MET O 172 66.44 -52.91 56.05
CA MET O 172 66.31 -51.65 56.76
C MET O 172 67.63 -50.90 56.73
N HIS O 173 67.62 -49.68 56.20
CA HIS O 173 68.80 -48.82 56.28
C HIS O 173 68.86 -48.24 57.68
N VAL O 174 70.02 -48.39 58.31
CA VAL O 174 70.15 -48.12 59.73
C VAL O 174 71.20 -47.03 59.99
N ASN O 175 71.00 -46.26 61.06
CA ASN O 175 72.02 -45.30 61.47
C ASN O 175 72.87 -45.87 62.59
N GLU O 176 73.79 -45.07 63.10
CA GLU O 176 74.74 -45.52 64.11
C GLU O 176 74.06 -45.86 65.44
N LYS O 177 72.75 -45.62 65.55
CA LYS O 177 71.99 -45.99 66.74
C LYS O 177 70.87 -46.97 66.40
N ASP O 178 71.01 -47.67 65.28
CA ASP O 178 70.03 -48.67 64.83
C ASP O 178 68.64 -48.10 64.60
N GLU O 179 68.55 -46.79 64.46
CA GLU O 179 67.31 -46.14 64.08
C GLU O 179 67.13 -46.25 62.57
N ILE O 180 65.96 -46.68 62.13
CA ILE O 180 65.76 -46.99 60.72
C ILE O 180 65.45 -45.75 59.91
N ILE O 181 66.32 -45.44 58.95
CA ILE O 181 66.19 -44.23 58.15
C ILE O 181 65.72 -44.51 56.74
N ASP O 182 65.60 -45.79 56.39
CA ASP O 182 65.07 -46.19 55.08
C ASP O 182 64.74 -47.68 55.02
N PHE O 183 63.82 -48.05 54.13
CA PHE O 183 63.49 -49.44 53.89
C PHE O 183 63.44 -49.71 52.38
N ILE O 184 64.23 -50.67 51.93
CA ILE O 184 64.29 -51.00 50.51
C ILE O 184 63.98 -52.46 50.25
N GLU O 185 63.11 -52.72 49.28
CA GLU O 185 62.75 -54.07 48.92
C GLU O 185 63.69 -54.65 47.88
N LYS O 186 64.49 -55.63 48.30
CA LYS O 186 65.47 -56.28 47.43
C LYS O 186 66.37 -55.29 46.69
N PRO O 187 67.29 -54.64 47.42
CA PRO O 187 68.20 -53.66 46.82
C PRO O 187 69.33 -54.35 46.09
N ALA O 188 69.73 -53.80 44.95
CA ALA O 188 70.84 -54.34 44.19
C ALA O 188 72.12 -54.26 45.00
N ASP O 189 72.31 -53.12 45.66
CA ASP O 189 73.42 -52.93 46.59
C ASP O 189 72.89 -52.49 47.93
N PRO O 190 72.66 -53.46 48.84
CA PRO O 190 72.08 -53.22 50.17
C PRO O 190 72.88 -52.24 51.00
N PRO O 191 72.20 -51.26 51.60
CA PRO O 191 72.88 -50.35 52.53
C PRO O 191 73.41 -51.13 53.72
N GLY O 192 74.69 -50.94 54.04
CA GLY O 192 75.32 -51.69 55.13
C GLY O 192 75.14 -51.03 56.48
N ILE O 193 75.55 -51.74 57.52
CA ILE O 193 75.48 -51.22 58.89
C ILE O 193 76.67 -50.32 59.15
N PRO O 194 76.40 -49.11 59.70
CA PRO O 194 77.46 -48.17 60.08
C PRO O 194 78.56 -48.81 60.92
N GLY O 195 79.77 -48.86 60.38
CA GLY O 195 80.90 -49.44 61.08
C GLY O 195 80.99 -50.94 60.89
N ASN O 196 80.04 -51.48 60.14
CA ASN O 196 79.98 -52.91 59.85
C ASN O 196 79.43 -53.11 58.45
N GLU O 197 80.07 -52.45 57.49
CA GLU O 197 79.55 -52.33 56.13
C GLU O 197 79.40 -53.66 55.39
N GLY O 198 80.00 -54.71 55.94
CA GLY O 198 79.96 -56.01 55.31
C GLY O 198 78.65 -56.75 55.53
N PHE O 199 77.77 -56.14 56.32
CA PHE O 199 76.50 -56.76 56.63
C PHE O 199 75.34 -55.76 56.52
N ALA O 200 74.17 -56.27 56.17
CA ALA O 200 72.96 -55.48 56.12
C ALA O 200 71.91 -56.05 57.07
N LEU O 201 70.90 -55.26 57.39
CA LEU O 201 69.82 -55.71 58.28
C LEU O 201 68.58 -56.06 57.47
N ALA O 202 68.21 -57.34 57.49
CA ALA O 202 67.06 -57.84 56.75
C ALA O 202 65.86 -58.06 57.67
N SER O 203 64.71 -57.52 57.26
CA SER O 203 63.48 -57.65 58.05
C SER O 203 63.03 -59.10 58.17
N MET O 204 62.76 -59.53 59.40
CA MET O 204 62.24 -60.87 59.66
C MET O 204 60.72 -60.89 59.56
N GLY O 205 60.10 -59.72 59.51
CA GLY O 205 58.66 -59.64 59.48
C GLY O 205 58.07 -59.67 60.89
N ILE O 206 58.93 -59.42 61.87
CA ILE O 206 58.50 -59.32 63.26
C ILE O 206 58.43 -57.85 63.67
N TYR O 207 57.26 -57.44 64.17
CA TYR O 207 57.05 -56.05 64.56
C TYR O 207 56.46 -55.96 65.96
N VAL O 208 57.00 -55.06 66.78
CA VAL O 208 56.47 -54.82 68.10
C VAL O 208 55.91 -53.39 68.19
N PHE O 209 54.66 -53.26 68.64
CA PHE O 209 54.04 -51.97 68.83
C PHE O 209 53.50 -51.82 70.25
N HIS O 210 53.20 -50.58 70.63
CA HIS O 210 52.24 -50.35 71.69
C HIS O 210 50.88 -50.60 71.05
N THR O 211 49.97 -51.23 71.78
CA THR O 211 48.71 -51.66 71.18
C THR O 211 47.86 -50.49 70.67
N LYS O 212 47.75 -49.43 71.46
CA LYS O 212 46.94 -48.29 71.07
C LYS O 212 47.51 -47.62 69.82
N PHE O 213 48.83 -47.50 69.77
CA PHE O 213 49.49 -47.00 68.57
C PHE O 213 49.13 -47.86 67.36
N LEU O 214 49.21 -49.17 67.53
CA LEU O 214 48.95 -50.10 66.44
C LEU O 214 47.51 -50.01 65.95
N MET O 215 46.57 -49.89 66.90
CA MET O 215 45.16 -49.79 66.54
C MET O 215 44.89 -48.56 65.70
N GLU O 216 45.48 -47.44 66.09
CA GLU O 216 45.37 -46.20 65.33
C GLU O 216 46.04 -46.35 63.97
N ALA O 217 47.18 -47.03 63.95
CA ALA O 217 47.93 -47.24 62.72
C ALA O 217 47.16 -48.08 61.72
N LEU O 218 46.37 -49.03 62.24
CA LEU O 218 45.58 -49.91 61.39
C LEU O 218 44.36 -49.21 60.81
N ARG O 219 43.72 -48.40 61.64
CA ARG O 219 42.52 -47.69 61.22
C ARG O 219 42.88 -46.64 60.19
N ARG O 220 44.05 -46.02 60.35
CA ARG O 220 44.55 -45.08 59.36
C ARG O 220 44.81 -45.78 58.03
N ASP O 221 45.35 -46.99 58.09
CA ASP O 221 45.61 -47.77 56.88
C ASP O 221 44.31 -48.27 56.26
N ALA O 222 43.34 -48.59 57.10
CA ALA O 222 42.03 -49.00 56.62
C ALA O 222 41.27 -47.79 56.10
N ALA O 223 41.65 -46.61 56.57
CA ALA O 223 41.06 -45.36 56.11
C ALA O 223 41.85 -44.78 54.93
N ASP O 224 42.42 -45.66 54.13
CA ASP O 224 43.15 -45.25 52.94
C ASP O 224 42.88 -46.22 51.78
N PRO O 225 42.03 -45.81 50.84
CA PRO O 225 41.61 -46.62 49.69
C PRO O 225 42.76 -46.99 48.77
N THR O 226 43.90 -46.34 48.91
CA THR O 226 45.04 -46.56 48.04
C THR O 226 46.09 -47.48 48.68
N SER O 227 45.76 -48.03 49.85
CA SER O 227 46.67 -48.92 50.55
C SER O 227 46.46 -50.36 50.12
N SER O 228 47.57 -51.10 50.00
CA SER O 228 47.51 -52.52 49.69
C SER O 228 47.39 -53.34 50.99
N ARG O 229 47.22 -52.62 52.10
CA ARG O 229 46.90 -53.22 53.40
C ARG O 229 47.96 -54.19 53.91
N ASP O 230 49.22 -53.95 53.55
CA ASP O 230 50.30 -54.84 53.98
C ASP O 230 51.17 -54.16 55.04
N PHE O 231 51.65 -54.93 56.00
CA PHE O 231 52.55 -54.40 57.03
C PHE O 231 53.87 -53.91 56.42
N GLY O 232 54.54 -54.81 55.71
CA GLY O 232 55.87 -54.53 55.20
C GLY O 232 55.95 -53.47 54.11
N LYS O 233 54.90 -53.38 53.30
CA LYS O 233 54.88 -52.45 52.17
C LYS O 233 54.19 -51.14 52.49
N ASP O 234 53.32 -51.14 53.49
CA ASP O 234 52.52 -49.95 53.78
C ASP O 234 52.70 -49.40 55.19
N ILE O 235 52.36 -50.19 56.20
CA ILE O 235 52.42 -49.73 57.59
C ILE O 235 53.82 -49.31 58.01
N ILE O 236 54.78 -50.20 57.83
CA ILE O 236 56.15 -49.95 58.24
C ILE O 236 56.86 -48.83 57.47
N PRO O 237 56.77 -48.83 56.11
CA PRO O 237 57.42 -47.72 55.41
C PRO O 237 56.90 -46.34 55.81
N TYR O 238 55.59 -46.24 56.07
CA TYR O 238 54.98 -45.01 56.55
C TYR O 238 55.64 -44.55 57.85
N ILE O 239 55.77 -45.46 58.81
CA ILE O 239 56.36 -45.15 60.10
C ILE O 239 57.85 -44.84 59.96
N VAL O 240 58.53 -45.59 59.10
CA VAL O 240 59.96 -45.40 58.85
C VAL O 240 60.24 -43.97 58.41
N GLU O 241 59.36 -43.43 57.59
CA GLU O 241 59.48 -42.06 57.11
C GLU O 241 58.96 -41.02 58.11
N HIS O 242 57.77 -41.27 58.65
CA HIS O 242 57.06 -40.25 59.42
C HIS O 242 57.11 -40.46 60.93
N GLY O 243 57.70 -41.57 61.37
CA GLY O 243 57.73 -41.87 62.79
C GLY O 243 59.08 -42.39 63.28
N LYS O 244 59.04 -43.15 64.37
CA LYS O 244 60.25 -43.63 65.02
C LYS O 244 60.37 -45.15 64.95
N ALA O 245 61.02 -45.64 63.90
CA ALA O 245 61.23 -47.08 63.74
C ALA O 245 62.68 -47.45 64.06
N VAL O 246 62.86 -48.37 64.99
CA VAL O 246 64.20 -48.85 65.32
C VAL O 246 64.33 -50.34 65.00
N ALA O 247 65.56 -50.78 64.79
CA ALA O 247 65.82 -52.17 64.47
C ALA O 247 66.27 -52.93 65.71
N HIS O 248 65.77 -54.16 65.85
CA HIS O 248 66.24 -55.08 66.88
C HIS O 248 67.04 -56.19 66.22
N ARG O 249 68.26 -56.41 66.69
CA ARG O 249 69.11 -57.46 66.14
C ARG O 249 68.67 -58.83 66.63
N PHE O 250 68.40 -59.73 65.68
CA PHE O 250 68.04 -61.11 65.99
C PHE O 250 69.12 -61.75 66.86
N ALA O 251 70.37 -61.39 66.61
CA ALA O 251 71.50 -61.95 67.34
C ALA O 251 71.42 -61.72 68.85
N ASP O 252 70.75 -60.65 69.26
CA ASP O 252 70.67 -60.32 70.68
C ASP O 252 69.57 -61.07 71.41
N SER O 253 68.55 -61.51 70.68
CA SER O 253 67.43 -62.17 71.33
C SER O 253 67.25 -63.62 70.88
N CYS O 254 68.00 -64.03 69.88
CA CYS O 254 67.98 -65.41 69.42
C CYS O 254 68.32 -66.37 70.56
N VAL O 255 67.54 -67.43 70.69
CA VAL O 255 67.82 -68.45 71.69
C VAL O 255 68.68 -69.54 71.05
N ARG O 256 69.96 -69.54 71.41
CA ARG O 256 70.92 -70.45 70.81
C ARG O 256 71.39 -71.53 71.76
N SER O 257 71.22 -72.78 71.35
CA SER O 257 71.79 -73.92 72.06
C SER O 257 73.31 -73.86 71.97
N ASP O 258 74.00 -74.53 72.90
CA ASP O 258 75.45 -74.61 72.86
C ASP O 258 75.90 -75.47 71.68
N PHE O 259 74.97 -76.27 71.16
CA PHE O 259 75.23 -77.14 70.03
C PHE O 259 74.91 -76.45 68.71
N GLU O 260 74.63 -75.15 68.78
CA GLU O 260 74.37 -74.35 67.59
C GLU O 260 75.45 -73.29 67.42
N HIS O 261 76.18 -73.34 66.31
CA HIS O 261 77.35 -72.48 66.11
C HIS O 261 76.98 -71.04 65.74
N GLU O 262 75.73 -70.82 65.37
CA GLU O 262 75.28 -69.50 64.96
C GLU O 262 73.78 -69.38 65.15
N PRO O 263 73.25 -68.14 65.18
CA PRO O 263 71.80 -67.95 65.21
C PRO O 263 71.12 -68.65 64.03
N TYR O 264 70.12 -69.46 64.31
CA TYR O 264 69.44 -70.24 63.29
C TYR O 264 68.14 -69.57 62.83
N TRP O 265 68.06 -69.28 61.54
CA TRP O 265 66.83 -68.77 60.95
C TRP O 265 66.69 -69.31 59.53
N ARG O 266 65.56 -69.92 59.24
CA ARG O 266 65.29 -70.46 57.90
C ARG O 266 63.95 -69.99 57.38
N ASP O 267 63.92 -69.71 56.08
CA ASP O 267 62.74 -69.23 55.39
C ASP O 267 62.00 -70.39 54.74
N VAL O 268 62.73 -71.47 54.47
CA VAL O 268 62.29 -72.63 53.69
C VAL O 268 61.31 -72.26 52.57
N GLY O 269 61.70 -71.28 51.77
CA GLY O 269 60.81 -70.71 50.76
C GLY O 269 60.78 -71.46 49.44
N THR O 270 61.75 -72.34 49.22
CA THR O 270 61.79 -73.14 48.01
C THR O 270 61.87 -74.62 48.35
N ILE O 271 61.68 -75.48 47.34
CA ILE O 271 61.71 -76.92 47.57
C ILE O 271 63.12 -77.38 47.95
N ASP O 272 64.14 -76.79 47.33
CA ASP O 272 65.52 -77.06 47.71
C ASP O 272 65.79 -76.63 49.13
N ALA O 273 65.36 -75.41 49.48
CA ALA O 273 65.56 -74.87 50.81
C ALA O 273 64.84 -75.73 51.86
N TYR O 274 63.63 -76.16 51.53
CA TYR O 274 62.85 -77.02 52.43
C TYR O 274 63.55 -78.36 52.64
N TRP O 275 63.97 -78.98 51.55
CA TRP O 275 64.71 -80.23 51.60
C TRP O 275 66.00 -80.09 52.40
N GLN O 276 66.72 -79.00 52.13
CA GLN O 276 68.02 -78.76 52.76
C GLN O 276 67.90 -78.64 54.28
N ALA O 277 66.96 -77.81 54.73
CA ALA O 277 66.79 -77.56 56.15
C ALA O 277 66.41 -78.83 56.92
N ASN O 278 65.63 -79.69 56.29
CA ASN O 278 65.23 -80.96 56.91
C ASN O 278 66.35 -81.99 56.88
N ILE O 279 67.04 -82.10 55.75
CA ILE O 279 68.09 -83.08 55.59
C ILE O 279 69.34 -82.70 56.40
N ASP O 280 69.44 -81.42 56.77
CA ASP O 280 70.57 -80.98 57.60
C ASP O 280 70.41 -81.43 59.04
N LEU O 281 69.21 -81.85 59.42
CA LEU O 281 68.97 -82.39 60.75
C LEU O 281 69.59 -83.78 60.89
N THR O 282 69.99 -84.35 59.75
CA THR O 282 70.62 -85.67 59.73
C THR O 282 72.12 -85.60 60.06
N ASP O 283 72.66 -84.38 60.06
CA ASP O 283 74.09 -84.16 60.30
C ASP O 283 74.52 -84.60 61.69
N VAL O 284 75.81 -84.86 61.85
CA VAL O 284 76.40 -85.15 63.15
C VAL O 284 76.16 -83.98 64.08
N VAL O 285 76.51 -82.80 63.59
CA VAL O 285 76.33 -81.54 64.32
C VAL O 285 75.40 -80.63 63.53
N PRO O 286 74.08 -80.81 63.70
CA PRO O 286 73.10 -80.02 62.95
C PRO O 286 73.12 -78.54 63.35
N ASP O 287 72.78 -77.66 62.42
CA ASP O 287 72.70 -76.23 62.70
C ASP O 287 71.58 -75.95 63.69
N LEU O 288 70.53 -76.76 63.65
CA LEU O 288 69.42 -76.63 64.58
C LEU O 288 69.44 -77.76 65.60
N ASP O 289 69.49 -77.40 66.88
CA ASP O 289 69.50 -78.39 67.94
C ASP O 289 68.08 -78.69 68.41
N ILE O 290 67.51 -79.78 67.89
CA ILE O 290 66.14 -80.16 68.22
C ILE O 290 66.08 -80.98 69.50
N TYR O 291 67.21 -81.08 70.19
CA TYR O 291 67.29 -81.85 71.42
C TYR O 291 67.47 -80.94 72.64
N ASP O 292 67.44 -79.64 72.40
CA ASP O 292 67.59 -78.66 73.47
C ASP O 292 66.27 -78.48 74.22
N LYS O 293 66.30 -78.76 75.51
CA LYS O 293 65.09 -78.71 76.33
C LYS O 293 64.90 -77.34 76.97
N SER O 294 65.87 -76.44 76.77
CA SER O 294 65.80 -75.12 77.37
C SER O 294 64.82 -74.21 76.64
N TRP O 295 64.58 -74.49 75.36
CA TRP O 295 63.61 -73.72 74.57
C TRP O 295 62.79 -74.66 73.71
N PRO O 296 61.91 -75.46 74.34
CA PRO O 296 61.23 -76.57 73.67
C PRO O 296 60.18 -76.14 72.65
N ILE O 297 60.05 -76.91 71.59
CA ILE O 297 59.04 -76.67 70.57
C ILE O 297 57.84 -77.59 70.80
N TRP O 298 56.71 -77.00 71.15
CA TRP O 298 55.48 -77.75 71.35
C TRP O 298 54.74 -77.95 70.02
N THR O 299 54.07 -79.07 69.88
CA THR O 299 53.31 -79.36 68.68
C THR O 299 52.18 -80.35 68.99
N TYR O 300 51.41 -80.72 67.97
CA TYR O 300 50.45 -81.79 68.15
C TYR O 300 51.14 -83.14 68.00
N ALA O 301 51.03 -83.96 69.03
CA ALA O 301 51.63 -85.28 69.00
C ALA O 301 50.69 -86.31 69.61
N GLU O 302 50.69 -87.50 69.02
CA GLU O 302 49.94 -88.61 69.56
C GLU O 302 50.90 -89.66 70.10
N ILE O 303 50.43 -90.46 71.04
CA ILE O 303 51.18 -91.62 71.50
C ILE O 303 51.26 -92.61 70.35
N THR O 304 52.47 -92.98 69.98
CA THR O 304 52.69 -93.89 68.86
C THR O 304 53.62 -95.01 69.30
N PRO O 305 53.61 -96.14 68.57
CA PRO O 305 54.60 -97.17 68.89
C PRO O 305 56.02 -96.70 68.53
N PRO O 306 57.05 -97.37 69.04
CA PRO O 306 58.42 -96.97 68.72
C PRO O 306 58.76 -97.26 67.26
N ALA O 307 59.97 -96.91 66.84
CA ALA O 307 60.44 -97.27 65.51
C ALA O 307 60.91 -98.72 65.51
N LYS O 308 60.56 -99.45 64.45
CA LYS O 308 60.89 -100.86 64.36
C LYS O 308 61.73 -101.14 63.13
N PHE O 309 62.75 -101.96 63.29
CA PHE O 309 63.63 -102.34 62.19
C PHE O 309 63.65 -103.86 62.11
N VAL O 310 63.28 -104.41 60.95
CA VAL O 310 63.23 -105.86 60.83
C VAL O 310 63.91 -106.38 59.57
N HIS O 311 64.27 -107.66 59.64
CA HIS O 311 64.96 -108.44 58.60
C HIS O 311 66.45 -108.16 58.57
N ASP O 312 67.21 -109.25 58.52
CA ASP O 312 68.66 -109.20 58.51
C ASP O 312 69.17 -110.38 57.68
N ASP O 313 68.73 -110.44 56.43
CA ASP O 313 69.06 -111.55 55.53
C ASP O 313 70.28 -111.27 54.68
N GLU O 314 70.54 -112.18 53.73
CA GLU O 314 71.61 -112.02 52.76
C GLU O 314 71.20 -110.99 51.70
N ASP O 315 69.90 -110.77 51.59
CA ASP O 315 69.36 -109.93 50.53
C ASP O 315 68.59 -108.71 51.05
N ARG O 316 68.17 -108.75 52.32
CA ARG O 316 67.44 -107.62 52.89
C ARG O 316 67.76 -107.37 54.36
N ARG O 317 68.04 -106.11 54.67
CA ARG O 317 68.30 -105.69 56.04
C ARG O 317 67.67 -104.33 56.30
N GLY O 318 66.66 -104.31 57.17
CA GLY O 318 66.00 -103.08 57.55
C GLY O 318 66.86 -102.31 58.53
N SER O 319 67.35 -101.15 58.10
CA SER O 319 68.26 -100.36 58.92
C SER O 319 68.31 -98.89 58.49
N ALA O 320 68.62 -98.02 59.43
CA ALA O 320 68.75 -96.59 59.13
C ALA O 320 70.14 -96.08 59.51
N VAL O 321 70.79 -95.40 58.57
CA VAL O 321 72.12 -94.85 58.79
C VAL O 321 72.11 -93.36 58.45
N SER O 322 72.72 -92.55 59.32
CA SER O 322 72.75 -91.10 59.17
C SER O 322 71.35 -90.55 58.98
N SER O 323 70.41 -91.08 59.75
CA SER O 323 69.00 -90.79 59.54
C SER O 323 68.26 -90.47 60.84
N VAL O 324 67.10 -89.83 60.69
CA VAL O 324 66.22 -89.52 61.82
C VAL O 324 64.87 -90.17 61.56
N VAL O 325 64.41 -90.97 62.52
CA VAL O 325 63.20 -91.77 62.35
C VAL O 325 62.21 -91.55 63.49
N SER O 326 60.96 -91.20 63.15
CA SER O 326 59.93 -90.96 64.15
C SER O 326 59.22 -92.25 64.58
N GLY O 327 58.25 -92.11 65.47
CA GLY O 327 57.51 -93.24 65.98
C GLY O 327 56.57 -93.81 64.93
N ASP O 328 56.06 -95.01 65.20
CA ASP O 328 55.13 -95.70 64.29
C ASP O 328 55.75 -95.92 62.91
N CYS O 329 57.08 -95.94 62.85
CA CYS O 329 57.78 -96.23 61.60
C CYS O 329 58.27 -97.66 61.61
N ILE O 330 57.91 -98.42 60.59
CA ILE O 330 58.40 -99.79 60.46
C ILE O 330 59.26 -99.90 59.22
N ILE O 331 60.56 -100.13 59.45
CA ILE O 331 61.52 -100.25 58.37
C ILE O 331 61.79 -101.72 58.11
N SER O 332 61.02 -102.30 57.20
CA SER O 332 61.05 -103.74 56.98
C SER O 332 61.87 -104.09 55.76
N GLY O 333 63.09 -104.57 55.97
CA GLY O 333 63.98 -104.96 54.89
C GLY O 333 64.41 -103.81 54.02
N ALA O 334 64.24 -102.59 54.52
CA ALA O 334 64.56 -101.39 53.77
C ALA O 334 65.82 -100.70 54.29
N ALA O 335 66.64 -100.23 53.37
CA ALA O 335 67.89 -99.55 53.72
C ALA O 335 67.72 -98.03 53.62
N LEU O 336 67.84 -97.35 54.75
CA LEU O 336 67.76 -95.89 54.78
C LEU O 336 69.13 -95.27 54.96
N ASN O 337 69.41 -94.24 54.17
CA ASN O 337 70.64 -93.47 54.34
C ASN O 337 70.38 -91.99 54.16
N ARG O 338 70.85 -91.20 55.12
CA ARG O 338 70.72 -89.75 55.10
C ARG O 338 69.29 -89.31 54.81
N SER O 339 68.34 -89.87 55.55
CA SER O 339 66.92 -89.59 55.32
C SER O 339 66.23 -89.17 56.61
N LEU O 340 65.19 -88.36 56.49
CA LEU O 340 64.40 -87.97 57.65
C LEU O 340 62.96 -88.45 57.48
N LEU O 341 62.52 -89.28 58.41
CA LEU O 341 61.18 -89.86 58.35
C LEU O 341 60.27 -89.31 59.45
N PHE O 342 59.12 -88.79 59.06
CA PHE O 342 58.09 -88.40 60.01
C PHE O 342 57.35 -89.65 60.48
N THR O 343 56.39 -89.49 61.39
CA THR O 343 55.72 -90.66 61.96
C THR O 343 54.86 -91.42 60.97
N GLY O 344 54.72 -92.72 61.19
CA GLY O 344 53.81 -93.56 60.44
C GLY O 344 54.31 -94.11 59.13
N VAL O 345 55.59 -93.86 58.82
CA VAL O 345 56.15 -94.28 57.54
C VAL O 345 56.46 -95.78 57.53
N ARG O 346 55.99 -96.47 56.50
CA ARG O 346 56.29 -97.89 56.34
C ARG O 346 57.12 -98.13 55.08
N ALA O 347 58.37 -98.56 55.27
CA ALA O 347 59.23 -98.90 54.16
C ALA O 347 59.40 -100.41 54.08
N ASN O 348 59.14 -100.98 52.90
CA ASN O 348 59.10 -102.43 52.77
C ASN O 348 60.36 -103.04 52.14
N SER O 349 60.40 -104.36 52.13
CA SER O 349 61.60 -105.12 51.78
C SER O 349 62.23 -104.76 50.45
N TYR O 350 63.56 -104.75 50.43
CA TYR O 350 64.37 -104.51 49.23
C TYR O 350 64.26 -103.08 48.69
N SER O 351 63.55 -102.22 49.41
CA SER O 351 63.47 -100.81 49.02
C SER O 351 64.67 -100.04 49.61
N ARG O 352 64.97 -98.88 49.03
CA ARG O 352 66.09 -98.08 49.49
C ARG O 352 65.74 -96.59 49.48
N LEU O 353 66.06 -95.90 50.58
CA LEU O 353 65.90 -94.46 50.65
C LEU O 353 67.25 -93.76 50.89
N GLU O 354 67.51 -92.74 50.09
CA GLU O 354 68.72 -91.93 50.25
C GLU O 354 68.41 -90.46 50.01
N ASN O 355 68.92 -89.60 50.89
CA ASN O 355 68.68 -88.16 50.79
C ASN O 355 67.21 -87.83 50.68
N ALA O 356 66.40 -88.49 51.50
CA ALA O 356 64.95 -88.39 51.39
C ALA O 356 64.31 -87.73 52.61
N VAL O 357 63.45 -86.76 52.35
CA VAL O 357 62.58 -86.20 53.37
C VAL O 357 61.19 -86.83 53.21
N VAL O 358 60.82 -87.67 54.18
CA VAL O 358 59.62 -88.50 54.05
C VAL O 358 58.53 -88.08 55.03
N LEU O 359 57.53 -87.38 54.51
CA LEU O 359 56.44 -86.80 55.31
C LEU O 359 55.53 -87.90 55.89
N PRO O 360 54.65 -87.56 56.84
CA PRO O 360 53.88 -88.58 57.57
C PRO O 360 53.09 -89.60 56.73
N SER O 361 53.04 -90.83 57.23
CA SER O 361 52.18 -91.89 56.71
C SER O 361 52.51 -92.34 55.29
N VAL O 362 53.74 -92.13 54.86
CA VAL O 362 54.19 -92.56 53.54
C VAL O 362 54.48 -94.06 53.51
N LYS O 363 54.04 -94.73 52.44
CA LYS O 363 54.38 -96.13 52.25
C LYS O 363 55.36 -96.29 51.09
N ILE O 364 56.42 -97.06 51.31
CA ILE O 364 57.38 -97.35 50.26
C ILE O 364 57.25 -98.81 49.85
N GLY O 365 56.82 -99.05 48.61
CA GLY O 365 56.64 -100.41 48.13
C GLY O 365 57.94 -101.17 48.01
N ARG O 366 57.86 -102.49 48.01
CA ARG O 366 59.02 -103.35 47.82
C ARG O 366 59.81 -102.97 46.57
N HIS O 367 61.14 -103.05 46.68
CA HIS O 367 62.07 -102.83 45.58
C HIS O 367 62.16 -101.39 45.09
N ALA O 368 61.43 -100.47 45.72
CA ALA O 368 61.48 -99.07 45.33
C ALA O 368 62.79 -98.41 45.77
N GLN O 369 63.43 -97.69 44.86
CA GLN O 369 64.68 -97.00 45.19
C GLN O 369 64.62 -95.52 44.87
N LEU O 370 64.62 -94.68 45.91
CA LEU O 370 64.46 -93.25 45.74
C LEU O 370 65.66 -92.48 46.31
N SER O 371 66.14 -91.50 45.55
CA SER O 371 67.22 -90.64 46.00
C SER O 371 66.92 -89.17 45.76
N ASN O 372 67.33 -88.32 46.70
CA ASN O 372 67.15 -86.86 46.59
C ASN O 372 65.70 -86.44 46.43
N VAL O 373 64.84 -86.80 47.37
CA VAL O 373 63.42 -86.55 47.21
C VAL O 373 62.74 -85.93 48.44
N VAL O 374 61.62 -85.28 48.18
CA VAL O 374 60.67 -84.91 49.22
C VAL O 374 59.35 -85.63 48.91
N ILE O 375 58.96 -86.55 49.77
CA ILE O 375 57.72 -87.30 49.56
C ILE O 375 56.60 -86.72 50.42
N ASP O 376 55.51 -86.32 49.78
CA ASP O 376 54.39 -85.66 50.43
C ASP O 376 53.67 -86.59 51.42
N HIS O 377 52.83 -86.00 52.28
CA HIS O 377 52.03 -86.74 53.25
C HIS O 377 51.20 -87.85 52.60
N GLY O 378 51.26 -89.04 53.19
CA GLY O 378 50.38 -90.13 52.83
C GLY O 378 50.59 -90.76 51.46
N VAL O 379 51.65 -90.36 50.77
CA VAL O 379 51.94 -90.90 49.45
C VAL O 379 52.27 -92.40 49.51
N VAL O 380 51.67 -93.17 48.60
CA VAL O 380 52.00 -94.58 48.46
C VAL O 380 52.91 -94.80 47.26
N ILE O 381 54.17 -95.09 47.53
CA ILE O 381 55.16 -95.31 46.48
C ILE O 381 55.01 -96.71 45.92
N PRO O 382 54.70 -96.81 44.63
CA PRO O 382 54.51 -98.13 44.00
C PRO O 382 55.79 -98.94 44.04
N GLU O 383 55.61 -100.26 44.08
CA GLU O 383 56.72 -101.19 44.09
C GLU O 383 57.63 -101.02 42.87
N GLY O 384 58.93 -101.06 43.10
CA GLY O 384 59.90 -101.00 42.01
C GLY O 384 60.16 -99.63 41.39
N LEU O 385 59.51 -98.59 41.92
CA LEU O 385 59.70 -97.24 41.42
C LEU O 385 61.14 -96.78 41.63
N ILE O 386 61.71 -96.16 40.61
CA ILE O 386 63.07 -95.63 40.67
C ILE O 386 63.09 -94.11 40.53
N VAL O 387 63.58 -93.42 41.56
CA VAL O 387 63.73 -91.98 41.49
C VAL O 387 65.17 -91.58 41.84
N GLY O 388 65.74 -90.69 41.05
CA GLY O 388 67.10 -90.22 41.30
C GLY O 388 68.13 -90.91 40.42
N GLU O 389 67.66 -91.56 39.36
CA GLU O 389 68.54 -92.29 38.45
C GLU O 389 68.50 -91.68 37.04
N ASP O 390 67.32 -91.21 36.63
CA ASP O 390 67.15 -90.64 35.30
C ASP O 390 66.57 -89.24 35.41
N PRO O 391 67.44 -88.22 35.35
CA PRO O 391 67.06 -86.81 35.52
C PRO O 391 65.92 -86.37 34.59
N GLU O 392 65.98 -86.79 33.33
CA GLU O 392 65.00 -86.36 32.34
C GLU O 392 63.66 -87.06 32.57
N LEU O 393 63.73 -88.32 33.02
CA LEU O 393 62.54 -89.09 33.34
C LEU O 393 61.90 -88.58 34.63
N ASP O 394 62.75 -88.31 35.63
CA ASP O 394 62.29 -87.80 36.91
C ASP O 394 61.66 -86.42 36.77
N ALA O 395 62.20 -85.61 35.86
CA ALA O 395 61.69 -84.27 35.62
C ALA O 395 60.34 -84.33 34.92
N LYS O 396 60.14 -85.36 34.10
CA LYS O 396 58.88 -85.55 33.40
C LYS O 396 57.81 -86.03 34.37
N ARG O 397 58.18 -87.00 35.20
CA ARG O 397 57.25 -87.60 36.15
C ARG O 397 56.85 -86.70 37.30
N PHE O 398 57.84 -85.99 37.88
CA PHE O 398 57.62 -85.24 39.10
C PHE O 398 58.10 -83.79 39.01
N ARG O 399 57.80 -83.02 40.06
CA ARG O 399 58.37 -81.68 40.22
C ARG O 399 59.83 -81.81 40.64
N ARG O 400 60.73 -81.40 39.76
CA ARG O 400 62.16 -81.56 40.03
C ARG O 400 62.88 -80.22 39.95
N THR O 401 63.68 -79.92 40.98
CA THR O 401 64.41 -78.67 41.05
C THR O 401 65.65 -78.71 40.17
N GLU O 402 66.27 -77.56 39.96
CA GLU O 402 67.48 -77.47 39.16
C GLU O 402 68.61 -78.28 39.77
N SER O 403 68.65 -78.34 41.10
CA SER O 403 69.70 -79.07 41.80
C SER O 403 69.40 -80.57 41.84
N GLY O 404 68.18 -80.94 41.49
CA GLY O 404 67.84 -82.34 41.32
C GLY O 404 67.03 -83.00 42.43
N ILE O 405 66.28 -82.21 43.17
CA ILE O 405 65.39 -82.75 44.19
C ILE O 405 63.99 -82.96 43.63
N CYS O 406 63.45 -84.16 43.81
CA CYS O 406 62.11 -84.45 43.33
C CYS O 406 61.07 -84.35 44.44
N LEU O 407 60.06 -83.51 44.23
CA LEU O 407 58.89 -83.47 45.08
C LEU O 407 57.85 -84.44 44.54
N ILE O 408 57.54 -85.47 45.31
CA ILE O 408 56.62 -86.51 44.87
C ILE O 408 55.31 -86.46 45.62
N THR O 409 54.23 -86.18 44.90
CA THR O 409 52.89 -86.18 45.49
C THR O 409 52.09 -87.36 44.96
N GLN O 410 50.95 -87.64 45.60
CA GLN O 410 50.11 -88.75 45.19
C GLN O 410 49.53 -88.52 43.81
N SER O 411 49.18 -87.26 43.54
CA SER O 411 48.66 -86.86 42.24
C SER O 411 49.63 -87.24 41.12
N MET O 412 50.92 -87.02 41.37
CA MET O 412 51.95 -87.36 40.38
C MET O 412 52.06 -88.85 40.17
N ILE O 413 52.01 -89.61 41.27
CA ILE O 413 52.13 -91.06 41.21
C ILE O 413 51.00 -91.68 40.38
N ASP O 414 49.78 -91.17 40.56
CA ASP O 414 48.60 -91.66 39.86
C ASP O 414 48.74 -91.56 38.34
N LYS O 415 49.57 -90.63 37.88
CA LYS O 415 49.73 -90.35 36.46
C LYS O 415 50.76 -91.26 35.79
N LEU O 416 51.19 -92.29 36.50
CA LEU O 416 52.27 -93.17 36.02
C LEU O 416 51.76 -94.43 35.32
N ASP O 417 52.42 -94.79 34.22
CA ASP O 417 52.10 -95.99 33.46
C ASP O 417 52.73 -97.21 34.14
N LEU O 418 52.06 -97.68 35.19
CA LEU O 418 52.55 -98.79 36.02
C LEU O 418 54.03 -98.65 36.38
N VAL P 4 4.58 73.00 25.04
CA VAL P 4 5.17 71.73 25.47
C VAL P 4 4.31 70.55 25.01
N GLN P 5 3.02 70.79 24.81
CA GLN P 5 2.14 69.77 24.22
C GLN P 5 2.54 69.50 22.77
N PRO P 6 2.41 68.24 22.33
CA PRO P 6 2.70 67.86 20.94
C PRO P 6 1.79 68.59 19.96
N LEU P 7 2.37 69.14 18.90
CA LEU P 7 1.60 69.86 17.90
C LEU P 7 0.71 68.92 17.10
N ALA P 8 1.14 67.67 16.98
CA ALA P 8 0.40 66.68 16.21
C ALA P 8 -0.97 66.37 16.81
N ARG P 9 -1.13 66.66 18.09
CA ARG P 9 -2.43 66.54 18.76
C ARG P 9 -3.49 67.38 18.06
N ASP P 10 -3.06 68.52 17.54
CA ASP P 10 -3.98 69.48 16.95
C ASP P 10 -3.80 69.57 15.45
N ALA P 11 -3.31 68.49 14.85
CA ALA P 11 -3.07 68.44 13.42
C ALA P 11 -4.00 67.45 12.74
N MET P 12 -4.29 67.69 11.47
CA MET P 12 -5.05 66.76 10.65
C MET P 12 -4.27 66.43 9.40
N ALA P 13 -4.02 65.15 9.16
CA ALA P 13 -3.36 64.72 7.94
C ALA P 13 -4.39 64.61 6.83
N TYR P 14 -4.11 65.24 5.69
CA TYR P 14 -5.00 65.18 4.54
C TYR P 14 -4.26 64.56 3.37
N VAL P 15 -4.57 63.31 3.06
CA VAL P 15 -3.81 62.56 2.07
C VAL P 15 -4.45 62.64 0.68
N LEU P 16 -3.67 63.10 -0.30
CA LEU P 16 -4.12 63.17 -1.69
C LEU P 16 -3.88 61.82 -2.38
N ALA P 17 -4.95 61.13 -2.70
CA ALA P 17 -4.84 59.77 -3.22
C ALA P 17 -5.58 59.57 -4.54
N GLY P 18 -5.64 60.63 -5.34
CA GLY P 18 -6.33 60.57 -6.62
C GLY P 18 -5.40 60.33 -7.79
N GLY P 19 -4.13 60.04 -7.50
CA GLY P 19 -3.13 59.80 -8.53
C GLY P 19 -3.51 58.67 -9.47
N ARG P 20 -3.27 58.89 -10.76
CA ARG P 20 -3.69 57.94 -11.78
C ARG P 20 -2.62 56.90 -12.09
N GLY P 21 -1.36 57.24 -11.83
CA GLY P 21 -0.23 56.38 -12.15
C GLY P 21 -0.21 56.06 -13.63
N SER P 22 -0.19 57.11 -14.45
CA SER P 22 -0.29 56.97 -15.90
C SER P 22 0.87 56.17 -16.49
N ARG P 23 2.09 56.44 -16.00
CA ARG P 23 3.28 55.77 -16.52
C ARG P 23 3.40 54.33 -16.05
N LEU P 24 2.53 53.90 -15.14
CA LEU P 24 2.52 52.53 -14.67
C LEU P 24 1.70 51.64 -15.60
N LYS P 25 1.06 52.28 -16.58
CA LYS P 25 0.35 51.57 -17.64
C LYS P 25 -0.76 50.66 -17.13
N GLU P 26 -0.66 49.38 -17.46
CA GLU P 26 -1.71 48.43 -17.14
C GLU P 26 -1.79 48.11 -15.66
N LEU P 27 -0.74 48.46 -14.92
CA LEU P 27 -0.71 48.22 -13.49
C LEU P 27 -1.76 49.06 -12.77
N THR P 28 -2.14 50.18 -13.38
CA THR P 28 -3.15 51.06 -12.81
C THR P 28 -4.36 51.21 -13.71
N ASP P 29 -4.64 50.21 -14.54
CA ASP P 29 -5.80 50.26 -15.43
C ASP P 29 -7.10 50.19 -14.64
N ARG P 30 -7.10 49.47 -13.54
CA ARG P 30 -8.31 49.32 -12.74
C ARG P 30 -8.04 49.56 -11.26
N ARG P 31 -7.03 50.37 -10.98
CA ARG P 31 -6.73 50.78 -9.62
C ARG P 31 -5.94 52.07 -9.62
N ALA P 32 -6.10 52.86 -8.58
CA ALA P 32 -5.31 54.07 -8.45
C ALA P 32 -3.92 53.68 -8.02
N LYS P 33 -2.97 54.54 -8.33
CA LYS P 33 -1.60 54.38 -7.88
C LYS P 33 -1.38 54.19 -6.36
N PRO P 34 -2.10 54.95 -5.50
CA PRO P 34 -1.94 54.65 -4.07
C PRO P 34 -2.37 53.24 -3.67
N ALA P 35 -3.17 52.59 -4.51
CA ALA P 35 -3.66 51.25 -4.21
C ALA P 35 -2.73 50.17 -4.75
N VAL P 36 -1.66 50.59 -5.43
CA VAL P 36 -0.70 49.65 -5.99
C VAL P 36 0.09 48.97 -4.87
N TYR P 37 0.23 47.66 -4.97
CA TYR P 37 0.93 46.87 -3.95
C TYR P 37 2.42 47.18 -3.89
N PHE P 38 2.99 47.12 -2.68
CA PHE P 38 4.43 47.32 -2.50
C PHE P 38 4.98 46.54 -1.31
N GLY P 39 6.11 45.88 -1.51
CA GLY P 39 6.87 45.31 -0.40
C GLY P 39 6.56 43.88 -0.03
N GLY P 40 5.53 43.31 -0.64
CA GLY P 40 5.14 41.94 -0.35
C GLY P 40 3.87 41.84 0.46
N LYS P 41 3.41 42.98 0.99
CA LYS P 41 2.25 42.98 1.86
C LYS P 41 1.38 44.23 1.68
N ALA P 42 1.99 45.40 1.87
CA ALA P 42 1.23 46.64 1.94
C ALA P 42 0.90 47.22 0.57
N ARG P 43 0.28 48.39 0.59
CA ARG P 43 0.07 49.19 -0.61
C ARG P 43 0.76 50.53 -0.39
N ILE P 44 0.97 51.27 -1.47
CA ILE P 44 1.73 52.53 -1.41
C ILE P 44 1.10 53.53 -0.43
N ILE P 45 -0.23 53.59 -0.42
CA ILE P 45 -0.97 54.52 0.43
C ILE P 45 -0.66 54.32 1.92
N ASP P 46 -0.22 53.11 2.29
CA ASP P 46 -0.04 52.75 3.69
C ASP P 46 1.14 53.45 4.35
N PHE P 47 2.07 53.95 3.53
CA PHE P 47 3.25 54.61 4.08
C PHE P 47 2.94 56.02 4.61
N ALA P 48 2.26 56.82 3.78
CA ALA P 48 1.82 58.13 4.21
C ALA P 48 0.89 58.03 5.42
N LEU P 49 -0.01 57.04 5.39
CA LEU P 49 -0.96 56.84 6.47
C LEU P 49 -0.25 56.43 7.76
N SER P 50 0.73 55.55 7.65
CA SER P 50 1.46 55.07 8.83
C SER P 50 2.39 56.15 9.38
N ASN P 51 2.85 57.04 8.51
CA ASN P 51 3.63 58.20 8.95
C ASN P 51 2.78 59.12 9.80
N ALA P 52 1.55 59.36 9.35
CA ALA P 52 0.61 60.19 10.10
C ALA P 52 0.32 59.59 11.47
N LEU P 53 -0.02 58.31 11.47
CA LEU P 53 -0.30 57.58 12.70
C LEU P 53 0.88 57.61 13.67
N ASN P 54 2.06 57.24 13.19
CA ASN P 54 3.24 57.19 14.06
C ASN P 54 3.70 58.56 14.52
N SER P 55 3.36 59.60 13.77
CA SER P 55 3.74 60.96 14.15
C SER P 55 2.79 61.52 15.20
N GLY P 56 1.75 60.75 15.52
CA GLY P 56 0.81 61.15 16.55
C GLY P 56 -0.39 61.90 16.02
N ILE P 57 -0.53 61.95 14.70
CA ILE P 57 -1.66 62.61 14.08
C ILE P 57 -2.87 61.68 14.10
N ARG P 58 -3.93 62.10 14.80
CA ARG P 58 -5.07 61.23 15.05
C ARG P 58 -6.22 61.41 14.05
N ARG P 59 -6.18 62.50 13.29
CA ARG P 59 -7.23 62.74 12.29
C ARG P 59 -6.66 62.67 10.89
N ILE P 60 -7.25 61.81 10.07
CA ILE P 60 -6.80 61.59 8.70
C ILE P 60 -7.94 61.67 7.71
N GLY P 61 -7.76 62.44 6.65
CA GLY P 61 -8.68 62.47 5.54
C GLY P 61 -8.00 61.93 4.30
N VAL P 62 -8.73 61.17 3.50
CA VAL P 62 -8.17 60.64 2.27
C VAL P 62 -9.06 60.97 1.07
N ALA P 63 -8.60 61.87 0.22
CA ALA P 63 -9.35 62.24 -0.98
C ALA P 63 -9.01 61.30 -2.12
N THR P 64 -10.05 60.64 -2.65
CA THR P 64 -9.86 59.70 -3.75
C THR P 64 -10.57 60.19 -5.00
N GLN P 65 -10.22 59.61 -6.14
CA GLN P 65 -10.74 60.03 -7.43
C GLN P 65 -10.81 58.90 -8.45
N TYR P 66 -9.73 58.81 -9.24
CA TYR P 66 -9.58 57.83 -10.30
C TYR P 66 -9.66 56.41 -9.76
N LYS P 67 -10.52 55.61 -10.40
CA LYS P 67 -10.77 54.20 -10.07
C LYS P 67 -10.36 53.80 -8.65
N ALA P 68 -11.13 54.26 -7.68
CA ALA P 68 -10.73 54.19 -6.28
C ALA P 68 -11.40 53.06 -5.49
N HIS P 69 -12.19 52.23 -6.18
CA HIS P 69 -12.93 51.17 -5.51
C HIS P 69 -12.06 50.29 -4.63
N SER P 70 -10.97 49.81 -5.21
CA SER P 70 -10.07 48.91 -4.50
C SER P 70 -9.30 49.68 -3.42
N LEU P 71 -9.07 50.95 -3.68
CA LEU P 71 -8.40 51.81 -2.71
C LEU P 71 -9.33 52.07 -1.53
N ILE P 72 -10.58 52.40 -1.82
CA ILE P 72 -11.58 52.65 -0.77
C ILE P 72 -11.83 51.37 0.03
N ARG P 73 -11.92 50.24 -0.66
CA ARG P 73 -12.09 48.94 -0.04
C ARG P 73 -10.90 48.62 0.88
N HIS P 74 -9.71 49.01 0.46
CA HIS P 74 -8.50 48.82 1.25
C HIS P 74 -8.53 49.64 2.53
N LEU P 75 -8.91 50.92 2.40
CA LEU P 75 -9.01 51.82 3.53
C LEU P 75 -10.08 51.37 4.51
N GLN P 76 -11.23 50.97 3.98
CA GLN P 76 -12.36 50.49 4.79
C GLN P 76 -11.98 49.30 5.67
N ARG P 77 -11.19 48.38 5.13
CA ARG P 77 -10.86 47.14 5.84
C ARG P 77 -9.59 47.22 6.67
N GLY P 78 -8.62 48.00 6.22
CA GLY P 78 -7.34 48.09 6.91
C GLY P 78 -7.25 49.20 7.93
N TRP P 79 -7.82 50.35 7.60
CA TRP P 79 -7.71 51.53 8.46
C TRP P 79 -9.03 51.81 9.16
N ASP P 80 -9.46 50.84 9.96
CA ASP P 80 -10.82 50.79 10.49
C ASP P 80 -10.88 50.94 12.01
N PHE P 81 -9.76 51.31 12.63
CA PHE P 81 -9.65 51.28 14.08
C PHE P 81 -9.73 52.64 14.75
N PHE P 82 -10.08 53.67 13.98
CA PHE P 82 -10.22 55.02 14.55
C PHE P 82 -11.62 55.21 15.14
N ARG P 83 -11.69 55.65 16.39
CA ARG P 83 -12.97 55.92 17.03
C ARG P 83 -13.13 57.40 17.38
N PRO P 84 -14.13 58.07 16.79
CA PRO P 84 -14.43 59.49 16.98
C PRO P 84 -14.55 59.92 18.44
N GLU P 85 -15.02 59.04 19.31
CA GLU P 85 -15.21 59.41 20.70
C GLU P 85 -13.89 59.44 21.47
N ARG P 86 -12.82 58.99 20.83
CA ARG P 86 -11.48 59.10 21.40
C ARG P 86 -10.68 60.23 20.72
N ASN P 87 -11.41 61.19 20.16
CA ASN P 87 -10.82 62.32 19.44
C ASN P 87 -9.91 61.90 18.29
N GLU P 88 -10.40 60.99 17.47
CA GLU P 88 -9.65 60.55 16.30
C GLU P 88 -10.62 60.14 15.21
N SER P 89 -10.23 60.37 13.96
CA SER P 89 -11.13 60.07 12.86
C SER P 89 -10.37 59.63 11.62
N PHE P 90 -11.07 58.92 10.74
CA PHE P 90 -10.53 58.52 9.45
C PHE P 90 -11.62 58.70 8.40
N ASP P 91 -11.51 59.77 7.62
CA ASP P 91 -12.52 60.08 6.62
C ASP P 91 -12.06 59.72 5.22
N ILE P 92 -12.88 58.93 4.53
CA ILE P 92 -12.65 58.62 3.14
C ILE P 92 -13.49 59.55 2.28
N LEU P 93 -12.83 60.47 1.60
CA LEU P 93 -13.52 61.53 0.86
C LEU P 93 -13.44 61.32 -0.65
N ALA P 94 -14.34 60.48 -1.17
CA ALA P 94 -14.38 60.18 -2.59
C ALA P 94 -15.22 61.21 -3.35
N THR P 102 -22.19 63.97 -9.79
CA THR P 102 -21.92 65.35 -10.16
C THR P 102 -20.46 65.74 -9.91
N GLN P 103 -19.70 65.83 -10.99
CA GLN P 103 -18.39 66.50 -11.00
C GLN P 103 -17.31 65.90 -10.07
N TRP P 104 -16.25 65.38 -10.67
CA TRP P 104 -15.05 64.99 -9.93
C TRP P 104 -14.40 66.21 -9.30
N TYR P 105 -13.34 66.03 -8.52
CA TYR P 105 -12.57 67.18 -8.07
C TYR P 105 -11.88 67.76 -9.30
N GLU P 106 -11.72 69.08 -9.32
CA GLU P 106 -11.06 69.74 -10.44
C GLU P 106 -9.54 69.71 -10.26
N GLY P 107 -9.11 69.44 -9.03
CA GLY P 107 -7.70 69.36 -8.73
C GLY P 107 -7.47 68.96 -7.28
N THR P 108 -6.26 69.21 -6.77
CA THR P 108 -5.92 68.87 -5.40
C THR P 108 -6.39 69.93 -4.41
N ALA P 109 -6.47 71.17 -4.86
CA ALA P 109 -6.97 72.26 -4.03
C ALA P 109 -8.48 72.16 -3.92
N ASP P 110 -9.13 71.67 -4.96
CA ASP P 110 -10.56 71.44 -4.95
C ASP P 110 -10.88 70.23 -4.09
N ALA P 111 -9.91 69.33 -3.93
CA ALA P 111 -10.07 68.15 -3.10
C ALA P 111 -10.29 68.54 -1.65
N VAL P 112 -9.58 69.57 -1.20
CA VAL P 112 -9.75 70.06 0.16
C VAL P 112 -10.91 71.05 0.23
N TYR P 113 -11.09 71.83 -0.83
CA TYR P 113 -12.16 72.83 -0.86
C TYR P 113 -13.55 72.21 -0.78
N GLN P 114 -13.76 71.14 -1.54
CA GLN P 114 -15.07 70.46 -1.55
C GLN P 114 -15.37 69.78 -0.22
N ASN P 115 -14.36 69.67 0.64
CA ASN P 115 -14.53 68.99 1.92
C ASN P 115 -14.21 69.85 3.14
N ILE P 116 -14.43 71.15 3.01
CA ILE P 116 -14.25 72.05 4.15
C ILE P 116 -15.34 71.76 5.18
N ASP P 117 -16.46 71.22 4.71
CA ASP P 117 -17.57 70.84 5.58
C ASP P 117 -17.21 69.72 6.54
N ILE P 118 -16.10 69.05 6.25
CA ILE P 118 -15.60 67.96 7.08
C ILE P 118 -14.54 68.46 8.07
N ILE P 119 -13.61 69.26 7.56
CA ILE P 119 -12.47 69.74 8.33
C ILE P 119 -12.84 70.72 9.44
N GLU P 120 -13.52 71.79 9.08
CA GLU P 120 -13.80 72.89 10.01
C GLU P 120 -14.50 72.47 11.31
N PRO P 121 -15.52 71.59 11.24
CA PRO P 121 -16.08 71.16 12.53
C PRO P 121 -15.06 70.44 13.43
N TYR P 122 -14.10 69.73 12.85
CA TYR P 122 -13.03 69.12 13.63
C TYR P 122 -12.18 70.20 14.28
N ALA P 123 -12.14 71.37 13.65
CA ALA P 123 -11.33 72.51 14.08
C ALA P 123 -9.88 72.14 14.38
N PRO P 124 -9.17 71.52 13.42
CA PRO P 124 -7.76 71.25 13.71
C PRO P 124 -6.94 72.52 13.62
N GLU P 125 -5.89 72.63 14.44
CA GLU P 125 -5.05 73.81 14.44
C GLU P 125 -4.20 73.86 13.17
N TYR P 126 -3.70 72.69 12.77
CA TYR P 126 -2.79 72.60 11.64
C TYR P 126 -3.27 71.58 10.60
N MET P 127 -2.94 71.85 9.33
CA MET P 127 -3.23 70.90 8.26
C MET P 127 -1.93 70.37 7.67
N VAL P 128 -1.80 69.04 7.60
CA VAL P 128 -0.67 68.41 6.95
C VAL P 128 -1.11 67.75 5.65
N ILE P 129 -0.84 68.40 4.53
CA ILE P 129 -1.25 67.90 3.23
C ILE P 129 -0.21 66.91 2.70
N LEU P 130 -0.65 65.71 2.35
CA LEU P 130 0.26 64.63 1.98
C LEU P 130 -0.06 64.01 0.63
N ALA P 131 0.99 63.73 -0.14
CA ALA P 131 0.85 62.91 -1.34
C ALA P 131 0.79 61.46 -0.92
N GLY P 132 -0.20 60.72 -1.43
CA GLY P 132 -0.40 59.35 -1.01
C GLY P 132 0.23 58.31 -1.93
N ASP P 133 1.09 58.76 -2.83
CA ASP P 133 1.62 57.86 -3.85
C ASP P 133 3.14 57.73 -3.78
N HIS P 134 3.72 57.99 -2.61
CA HIS P 134 5.16 57.90 -2.43
C HIS P 134 5.53 56.94 -1.30
N ILE P 135 6.65 56.24 -1.47
CA ILE P 135 7.18 55.36 -0.44
C ILE P 135 8.26 56.06 0.37
N TYR P 136 7.95 56.39 1.63
CA TYR P 136 8.89 57.08 2.49
C TYR P 136 8.44 56.99 3.95
N LYS P 137 9.35 57.27 4.86
CA LYS P 137 9.05 57.32 6.29
C LYS P 137 9.46 58.68 6.85
N MET P 138 8.53 59.33 7.56
CA MET P 138 8.76 60.71 7.97
C MET P 138 7.99 61.07 9.25
N ASP P 139 8.68 61.76 10.16
CA ASP P 139 8.09 62.25 11.40
C ASP P 139 7.58 63.68 11.21
N TYR P 140 6.27 63.85 11.05
CA TYR P 140 5.68 65.14 10.72
C TYR P 140 5.69 66.13 11.87
N GLU P 141 6.06 65.70 13.06
CA GLU P 141 6.12 66.58 14.22
C GLU P 141 7.26 67.60 14.06
N TYR P 142 8.33 67.16 13.41
CA TYR P 142 9.44 68.05 13.06
C TYR P 142 8.96 69.20 12.18
N MET P 143 8.27 68.85 11.11
CA MET P 143 7.77 69.83 10.15
C MET P 143 6.73 70.75 10.79
N LEU P 144 5.96 70.22 11.72
CA LEU P 144 4.97 71.02 12.45
C LEU P 144 5.67 72.06 13.33
N GLN P 145 6.70 71.62 14.04
CA GLN P 145 7.46 72.52 14.90
C GLN P 145 8.14 73.64 14.11
N GLN P 146 8.73 73.30 12.97
CA GLN P 146 9.39 74.29 12.14
C GLN P 146 8.40 75.32 11.62
N HIS P 147 7.20 74.85 11.28
CA HIS P 147 6.18 75.72 10.71
C HIS P 147 5.71 76.81 11.67
N VAL P 148 5.50 76.44 12.93
CA VAL P 148 5.00 77.38 13.92
C VAL P 148 6.13 78.23 14.49
N ASP P 149 7.36 77.78 14.31
CA ASP P 149 8.52 78.50 14.82
C ASP P 149 9.05 79.48 13.79
N SER P 150 8.78 79.22 12.51
CA SER P 150 9.26 80.06 11.43
C SER P 150 8.28 81.19 11.12
N GLY P 151 7.03 81.00 11.49
CA GLY P 151 5.99 81.99 11.24
C GLY P 151 5.55 81.98 9.79
N ALA P 152 5.85 80.89 9.09
CA ALA P 152 5.59 80.81 7.66
C ALA P 152 4.12 80.64 7.33
N ASP P 153 3.76 80.92 6.08
CA ASP P 153 2.39 80.71 5.64
C ASP P 153 2.22 79.24 5.25
N VAL P 154 3.20 78.70 4.51
CA VAL P 154 3.27 77.27 4.27
C VAL P 154 4.69 76.77 4.48
N THR P 155 4.81 75.58 5.06
CA THR P 155 6.08 74.88 5.13
C THR P 155 6.00 73.70 4.16
N ILE P 156 7.03 73.54 3.34
CA ILE P 156 7.01 72.58 2.26
C ILE P 156 8.17 71.60 2.40
N GLY P 157 7.87 70.31 2.32
CA GLY P 157 8.88 69.28 2.49
C GLY P 157 9.68 69.07 1.21
N CYS P 158 11.00 69.07 1.33
CA CYS P 158 11.86 68.98 0.15
C CYS P 158 12.97 67.94 0.26
N LEU P 159 13.20 67.22 -0.83
CA LEU P 159 14.34 66.33 -0.97
C LEU P 159 15.59 67.11 -1.36
N GLU P 160 16.74 66.66 -0.90
CA GLU P 160 18.01 67.24 -1.35
C GLU P 160 18.55 66.40 -2.49
N VAL P 161 18.40 66.91 -3.71
CA VAL P 161 18.67 66.16 -4.92
C VAL P 161 19.75 66.82 -5.77
N PRO P 162 20.71 66.02 -6.28
CA PRO P 162 21.68 66.53 -7.26
C PRO P 162 20.94 67.20 -8.42
N ARG P 163 21.40 68.37 -8.84
CA ARG P 163 20.62 69.20 -9.76
C ARG P 163 20.35 68.54 -11.11
N MET P 164 21.21 67.60 -11.51
CA MET P 164 20.98 66.85 -12.74
C MET P 164 19.72 65.98 -12.62
N GLU P 165 19.44 65.52 -11.41
CA GLU P 165 18.24 64.70 -11.17
C GLU P 165 17.04 65.57 -10.80
N ALA P 166 17.31 66.76 -10.27
CA ALA P 166 16.25 67.68 -9.87
C ALA P 166 15.55 68.30 -11.07
N THR P 167 16.06 68.00 -12.27
CA THR P 167 15.51 68.57 -13.49
C THR P 167 14.14 67.96 -13.82
N GLY P 168 13.80 66.85 -13.17
CA GLY P 168 12.54 66.18 -13.41
C GLY P 168 11.54 66.34 -12.29
N PHE P 169 11.88 67.16 -11.30
CA PHE P 169 11.04 67.36 -10.13
C PHE P 169 10.36 68.71 -10.13
N GLY P 170 9.79 69.07 -8.98
CA GLY P 170 9.30 70.42 -8.74
C GLY P 170 10.27 71.08 -7.79
N VAL P 171 11.13 71.95 -8.32
CA VAL P 171 12.21 72.52 -7.52
C VAL P 171 11.86 73.87 -6.90
N MET P 172 12.16 74.01 -5.61
CA MET P 172 12.00 75.27 -4.90
C MET P 172 13.30 76.05 -4.89
N HIS P 173 13.28 77.25 -5.47
CA HIS P 173 14.43 78.14 -5.38
C HIS P 173 14.44 78.76 -3.99
N VAL P 174 15.57 78.67 -3.32
CA VAL P 174 15.64 78.96 -1.90
C VAL P 174 16.76 79.96 -1.57
N ASN P 175 16.62 80.67 -0.46
CA ASN P 175 17.67 81.59 -0.01
C ASN P 175 18.45 81.00 1.14
N GLU P 176 19.24 81.83 1.83
CA GLU P 176 20.11 81.33 2.89
C GLU P 176 19.34 80.97 4.16
N LYS P 177 18.15 81.50 4.31
CA LYS P 177 17.32 81.21 5.49
C LYS P 177 16.32 80.11 5.17
N ASP P 178 16.59 79.37 4.10
CA ASP P 178 15.70 78.33 3.60
C ASP P 178 14.29 78.84 3.33
N GLU P 179 14.16 80.13 3.05
CA GLU P 179 12.90 80.70 2.60
C GLU P 179 12.77 80.52 1.09
N ILE P 180 11.57 80.16 0.63
CA ILE P 180 11.36 79.88 -0.77
C ILE P 180 11.04 81.16 -1.54
N ILE P 181 11.96 81.56 -2.42
CA ILE P 181 11.80 82.81 -3.15
C ILE P 181 11.25 82.58 -4.56
N ASP P 182 11.24 81.32 -5.00
CA ASP P 182 10.73 80.97 -6.32
C ASP P 182 10.43 79.47 -6.44
N PHE P 183 9.54 79.12 -7.36
CA PHE P 183 9.24 77.72 -7.64
C PHE P 183 9.25 77.48 -9.15
N ILE P 184 9.96 76.45 -9.57
CA ILE P 184 10.05 76.11 -10.99
C ILE P 184 9.65 74.66 -11.26
N GLU P 185 8.72 74.48 -12.19
CA GLU P 185 8.27 73.15 -12.59
C GLU P 185 9.21 72.55 -13.62
N LYS P 186 10.00 71.56 -13.21
CA LYS P 186 10.92 70.85 -14.08
C LYS P 186 11.86 71.77 -14.85
N PRO P 187 12.83 72.38 -14.13
CA PRO P 187 13.76 73.33 -14.76
C PRO P 187 14.82 72.63 -15.57
N ALA P 188 15.22 73.24 -16.68
CA ALA P 188 16.30 72.72 -17.51
C ALA P 188 17.59 72.79 -16.72
N ASP P 189 17.77 73.89 -16.01
CA ASP P 189 18.89 74.06 -15.09
C ASP P 189 18.36 74.46 -13.72
N PRO P 190 18.24 73.48 -12.81
CA PRO P 190 17.67 73.71 -11.48
C PRO P 190 18.51 74.64 -10.61
N PRO P 191 17.85 75.57 -9.92
CA PRO P 191 18.52 76.48 -8.99
C PRO P 191 19.05 75.74 -7.77
N GLY P 192 20.35 75.87 -7.51
CA GLY P 192 20.98 75.16 -6.42
C GLY P 192 20.81 75.85 -5.08
N ILE P 193 21.09 75.12 -4.01
CA ILE P 193 21.06 75.67 -2.67
C ILE P 193 22.24 76.62 -2.48
N PRO P 194 21.97 77.81 -1.92
CA PRO P 194 23.06 78.75 -1.66
C PRO P 194 24.16 78.14 -0.79
N GLY P 195 25.38 78.10 -1.33
CA GLY P 195 26.50 77.50 -0.63
C GLY P 195 26.54 76.00 -0.82
N ASN P 196 25.56 75.48 -1.54
CA ASN P 196 25.47 74.05 -1.82
C ASN P 196 24.93 73.84 -3.23
N GLU P 197 25.50 74.56 -4.20
CA GLU P 197 25.13 74.41 -5.59
C GLU P 197 25.48 72.99 -6.01
N GLY P 198 24.76 72.44 -6.97
CA GLY P 198 24.95 71.05 -7.34
C GLY P 198 23.97 70.16 -6.61
N PHE P 199 23.33 70.72 -5.60
CA PHE P 199 22.17 70.10 -4.96
C PHE P 199 21.00 71.08 -5.01
N ALA P 200 19.84 70.57 -5.38
CA ALA P 200 18.64 71.40 -5.44
C ALA P 200 17.57 70.84 -4.51
N LEU P 201 16.58 71.66 -4.18
CA LEU P 201 15.48 71.21 -3.32
C LEU P 201 14.28 70.80 -4.15
N ALA P 202 13.99 69.51 -4.17
CA ALA P 202 12.86 68.96 -4.92
C ALA P 202 11.65 68.80 -4.01
N SER P 203 10.50 69.29 -4.47
CA SER P 203 9.27 69.22 -3.68
C SER P 203 8.78 67.79 -3.51
N MET P 204 8.34 67.47 -2.30
CA MET P 204 7.81 66.14 -1.98
C MET P 204 6.29 66.11 -2.10
N GLY P 205 5.68 67.29 -2.26
CA GLY P 205 4.24 67.38 -2.30
C GLY P 205 3.65 67.33 -0.91
N ILE P 206 4.49 67.64 0.09
CA ILE P 206 4.07 67.69 1.49
C ILE P 206 3.97 69.15 1.93
N TYR P 207 2.79 69.56 2.37
CA TYR P 207 2.55 70.96 2.74
C TYR P 207 1.91 71.08 4.12
N VAL P 208 2.47 71.95 4.96
CA VAL P 208 1.90 72.21 6.27
C VAL P 208 1.36 73.65 6.34
N PHE P 209 0.13 73.79 6.82
CA PHE P 209 -0.51 75.09 6.96
C PHE P 209 -1.06 75.29 8.36
N HIS P 210 -1.39 76.55 8.68
CA HIS P 210 -2.39 76.81 9.70
C HIS P 210 -3.73 76.60 9.02
N THR P 211 -4.64 75.91 9.68
CA THR P 211 -5.91 75.56 9.05
C THR P 211 -6.69 76.79 8.65
N LYS P 212 -6.64 77.83 9.49
CA LYS P 212 -7.32 79.09 9.20
C LYS P 212 -6.83 79.68 7.89
N PHE P 213 -5.52 79.65 7.69
CA PHE P 213 -4.92 80.17 6.47
C PHE P 213 -5.28 79.35 5.24
N LEU P 214 -5.28 78.03 5.40
CA LEU P 214 -5.52 77.12 4.29
C LEU P 214 -6.94 77.21 3.74
N MET P 215 -7.91 77.38 4.61
CA MET P 215 -9.31 77.46 4.17
C MET P 215 -9.55 78.74 3.37
N GLU P 216 -8.86 79.80 3.74
CA GLU P 216 -8.96 81.08 3.03
C GLU P 216 -8.32 80.98 1.65
N ALA P 217 -7.14 80.36 1.59
CA ALA P 217 -6.38 80.27 0.35
C ALA P 217 -7.07 79.39 -0.69
N LEU P 218 -8.03 78.59 -0.24
CA LEU P 218 -8.70 77.63 -1.13
C LEU P 218 -10.07 78.12 -1.56
N ARG P 219 -10.68 78.96 -0.72
CA ARG P 219 -11.92 79.63 -1.10
C ARG P 219 -11.61 80.74 -2.09
N ARG P 220 -10.38 81.27 -2.01
CA ARG P 220 -9.89 82.25 -2.96
C ARG P 220 -9.54 81.56 -4.28
N ASP P 221 -9.03 80.34 -4.18
CA ASP P 221 -8.65 79.55 -5.33
C ASP P 221 -9.88 79.07 -6.10
N ALA P 222 -10.94 78.76 -5.37
CA ALA P 222 -12.17 78.30 -5.97
C ALA P 222 -12.85 79.42 -6.75
N ALA P 223 -12.72 80.64 -6.25
CA ALA P 223 -13.36 81.81 -6.85
C ALA P 223 -12.53 82.39 -8.00
N ASP P 224 -11.48 81.68 -8.37
CA ASP P 224 -10.58 82.14 -9.43
C ASP P 224 -10.55 81.11 -10.56
N PRO P 225 -11.18 81.45 -11.69
CA PRO P 225 -11.29 80.55 -12.84
C PRO P 225 -10.05 80.45 -13.73
N THR P 226 -8.94 81.09 -13.34
CA THR P 226 -7.69 80.88 -14.09
C THR P 226 -6.90 79.76 -13.42
N SER P 227 -7.25 79.47 -12.17
CA SER P 227 -6.59 78.43 -11.40
C SER P 227 -6.93 77.05 -11.94
N SER P 228 -5.93 76.16 -11.92
CA SER P 228 -6.14 74.77 -12.28
C SER P 228 -6.57 73.98 -11.05
N ARG P 229 -6.78 74.70 -9.96
CA ARG P 229 -7.25 74.14 -8.69
C ARG P 229 -6.29 73.11 -8.10
N ASP P 230 -4.99 73.37 -8.24
CA ASP P 230 -3.98 72.45 -7.72
C ASP P 230 -3.07 73.11 -6.70
N PHE P 231 -2.65 72.35 -5.69
CA PHE P 231 -1.68 72.83 -4.72
C PHE P 231 -0.37 73.19 -5.39
N GLY P 232 0.11 72.32 -6.26
CA GLY P 232 1.39 72.50 -6.91
C GLY P 232 1.40 73.56 -8.00
N LYS P 233 0.33 73.63 -8.78
CA LYS P 233 0.29 74.52 -9.93
C LYS P 233 -0.39 75.85 -9.63
N ASP P 234 -1.00 75.97 -8.45
CA ASP P 234 -1.72 77.19 -8.12
C ASP P 234 -1.46 77.65 -6.69
N ILE P 235 -2.03 76.95 -5.71
CA ILE P 235 -1.95 77.36 -4.30
C ILE P 235 -0.54 77.75 -3.86
N ILE P 236 0.41 76.83 -4.00
CA ILE P 236 1.78 77.06 -3.55
C ILE P 236 2.50 78.16 -4.36
N PRO P 237 2.40 78.14 -5.70
CA PRO P 237 3.05 79.27 -6.39
C PRO P 237 2.38 80.62 -6.13
N TYR P 238 1.13 80.62 -5.66
CA TYR P 238 0.48 81.87 -5.27
C TYR P 238 1.07 82.44 -3.99
N ILE P 239 1.65 81.58 -3.15
CA ILE P 239 2.10 82.00 -1.83
C ILE P 239 3.61 82.24 -1.80
N VAL P 240 4.36 81.54 -2.63
CA VAL P 240 5.81 81.77 -2.69
C VAL P 240 6.08 83.22 -3.07
N GLU P 241 5.19 83.79 -3.88
CA GLU P 241 5.34 85.17 -4.32
C GLU P 241 4.60 86.16 -3.41
N HIS P 242 3.33 85.90 -3.15
CA HIS P 242 2.50 86.84 -2.39
C HIS P 242 2.55 86.61 -0.88
N GLY P 243 3.23 85.55 -0.44
CA GLY P 243 3.28 85.23 0.98
C GLY P 243 4.63 84.75 1.47
N LYS P 244 4.61 83.82 2.41
CA LYS P 244 5.82 83.36 3.08
C LYS P 244 5.96 81.84 3.06
N ALA P 245 6.68 81.33 2.07
CA ALA P 245 6.91 79.89 1.96
C ALA P 245 8.32 79.52 2.42
N VAL P 246 8.40 78.52 3.30
CA VAL P 246 9.67 78.04 3.81
C VAL P 246 9.83 76.55 3.47
N ALA P 247 11.07 76.13 3.26
CA ALA P 247 11.35 74.74 2.86
C ALA P 247 11.81 73.90 4.03
N HIS P 248 11.25 72.70 4.14
CA HIS P 248 11.68 71.73 5.15
C HIS P 248 12.43 70.60 4.48
N ARG P 249 13.61 70.28 5.00
CA ARG P 249 14.46 69.24 4.42
C ARG P 249 14.11 67.85 4.96
N PHE P 250 13.91 66.91 4.04
CA PHE P 250 13.52 65.55 4.38
C PHE P 250 14.49 64.89 5.34
N ALA P 251 15.77 65.21 5.21
CA ALA P 251 16.81 64.63 6.05
C ALA P 251 16.60 64.95 7.52
N ASP P 252 15.98 66.08 7.81
CA ASP P 252 15.77 66.52 9.19
C ASP P 252 14.68 65.73 9.91
N SER P 253 13.76 65.14 9.15
CA SER P 253 12.61 64.47 9.75
C SER P 253 12.45 63.03 9.29
N CYS P 254 13.25 62.62 8.31
CA CYS P 254 13.21 61.24 7.82
C CYS P 254 13.48 60.26 8.93
N VAL P 255 12.64 59.23 9.02
CA VAL P 255 12.83 58.18 10.01
C VAL P 255 13.75 57.12 9.43
N ARG P 256 14.95 57.03 10.00
CA ARG P 256 15.95 56.10 9.53
C ARG P 256 16.32 55.10 10.60
N SER P 257 16.18 53.83 10.28
CA SER P 257 16.58 52.77 11.19
C SER P 257 18.10 52.58 11.09
N ASP P 258 18.62 51.62 11.85
CA ASP P 258 20.06 51.40 11.88
C ASP P 258 20.60 50.73 10.62
N PHE P 259 19.70 50.24 9.76
CA PHE P 259 20.11 49.47 8.60
C PHE P 259 19.75 50.20 7.30
N GLU P 260 19.65 51.52 7.36
CA GLU P 260 19.35 52.35 6.20
C GLU P 260 20.36 53.46 6.07
N HIS P 261 20.85 53.62 4.86
CA HIS P 261 22.20 54.09 4.63
C HIS P 261 22.08 55.53 4.18
N GLU P 262 20.86 55.87 3.76
CA GLU P 262 20.44 57.23 3.35
C GLU P 262 18.92 57.42 3.58
N PRO P 263 18.42 58.68 3.55
CA PRO P 263 16.97 58.92 3.55
C PRO P 263 16.26 58.27 2.37
N TYR P 264 15.26 57.45 2.66
CA TYR P 264 14.57 56.68 1.63
C TYR P 264 13.32 57.40 1.14
N TRP P 265 13.23 57.59 -0.17
CA TRP P 265 12.04 58.17 -0.79
C TRP P 265 11.94 57.67 -2.23
N ARG P 266 10.82 57.04 -2.56
CA ARG P 266 10.60 56.53 -3.90
C ARG P 266 9.28 57.00 -4.48
N ASP P 267 9.32 57.41 -5.74
CA ASP P 267 8.13 57.82 -6.46
C ASP P 267 7.51 56.63 -7.20
N VAL P 268 8.33 55.58 -7.40
CA VAL P 268 8.02 54.40 -8.24
C VAL P 268 7.18 54.74 -9.47
N GLY P 269 7.55 55.82 -10.15
CA GLY P 269 6.75 56.42 -11.21
C GLY P 269 6.59 55.62 -12.49
N THR P 270 7.53 54.72 -12.73
CA THR P 270 7.54 53.93 -13.94
C THR P 270 7.54 52.45 -13.60
N ILE P 271 7.32 51.60 -14.60
CA ILE P 271 7.34 50.16 -14.41
C ILE P 271 8.74 49.70 -14.00
N ASP P 272 9.75 50.35 -14.54
CA ASP P 272 11.14 50.09 -14.14
C ASP P 272 11.38 50.45 -12.68
N ALA P 273 11.00 51.66 -12.30
CA ALA P 273 11.21 52.16 -10.95
C ALA P 273 10.45 51.32 -9.92
N TYR P 274 9.23 50.91 -10.29
CA TYR P 274 8.41 50.08 -9.43
C TYR P 274 9.05 48.72 -9.20
N TRP P 275 9.45 48.08 -10.29
CA TRP P 275 10.11 46.78 -10.23
C TRP P 275 11.39 46.84 -9.40
N GLN P 276 12.19 47.87 -9.64
CA GLN P 276 13.47 48.03 -8.96
C GLN P 276 13.29 48.20 -7.46
N ALA P 277 12.34 49.05 -7.07
CA ALA P 277 12.09 49.33 -5.66
C ALA P 277 11.68 48.07 -4.89
N ASN P 278 10.94 47.19 -5.55
CA ASN P 278 10.50 45.95 -4.92
C ASN P 278 11.60 44.88 -4.88
N ILE P 279 12.32 44.73 -5.99
CA ILE P 279 13.39 43.73 -6.07
C ILE P 279 14.54 44.07 -5.13
N ASP P 280 14.79 45.36 -4.93
CA ASP P 280 15.84 45.81 -4.02
C ASP P 280 15.64 45.31 -2.59
N LEU P 281 14.40 44.97 -2.24
CA LEU P 281 14.08 44.47 -0.90
C LEU P 281 14.59 43.04 -0.69
N THR P 282 15.09 42.42 -1.76
CA THR P 282 15.64 41.08 -1.67
C THR P 282 17.13 41.10 -1.36
N ASP P 283 17.71 42.30 -1.30
CA ASP P 283 19.14 42.45 -1.04
C ASP P 283 19.51 41.99 0.37
N VAL P 284 20.79 41.70 0.58
CA VAL P 284 21.29 41.36 1.90
C VAL P 284 21.03 42.51 2.86
N VAL P 285 21.44 43.71 2.44
CA VAL P 285 21.15 44.92 3.19
C VAL P 285 20.37 45.88 2.29
N PRO P 286 19.04 45.85 2.42
CA PRO P 286 18.17 46.70 1.61
C PRO P 286 18.23 48.17 2.04
N ASP P 287 17.97 49.07 1.10
CA ASP P 287 17.89 50.50 1.39
C ASP P 287 16.70 50.78 2.31
N LEU P 288 15.60 50.03 2.10
CA LEU P 288 14.43 50.17 2.94
C LEU P 288 14.32 49.00 3.91
N ASP P 289 14.28 49.30 5.20
CA ASP P 289 14.14 48.27 6.21
C ASP P 289 12.68 48.03 6.57
N ILE P 290 12.15 46.88 6.15
CA ILE P 290 10.76 46.53 6.44
C ILE P 290 10.66 45.66 7.69
N TYR P 291 11.75 45.57 8.44
CA TYR P 291 11.77 44.84 9.70
C TYR P 291 11.99 45.80 10.87
N ASP P 292 11.76 47.08 10.62
CA ASP P 292 11.98 48.12 11.61
C ASP P 292 10.74 48.34 12.47
N LYS P 293 10.79 47.86 13.70
CA LYS P 293 9.64 47.91 14.61
C LYS P 293 9.44 49.30 15.22
N SER P 294 10.45 50.16 15.10
CA SER P 294 10.38 51.48 15.73
C SER P 294 9.40 52.40 15.00
N TRP P 295 9.21 52.16 13.71
CA TRP P 295 8.32 52.97 12.90
C TRP P 295 7.56 52.06 11.94
N PRO P 296 6.60 51.28 12.47
CA PRO P 296 5.97 50.20 11.71
C PRO P 296 5.01 50.70 10.64
N ILE P 297 4.87 49.93 9.56
CA ILE P 297 3.91 50.24 8.52
C ILE P 297 2.68 49.36 8.69
N TRP P 298 1.54 49.98 8.99
CA TRP P 298 0.29 49.26 9.13
C TRP P 298 -0.35 49.08 7.75
N THR P 299 -1.08 47.99 7.58
CA THR P 299 -1.77 47.74 6.33
C THR P 299 -2.95 46.81 6.57
N TYR P 300 -3.69 46.49 5.52
CA TYR P 300 -4.74 45.49 5.67
C TYR P 300 -4.17 44.10 5.51
N ALA P 301 -4.22 43.31 6.59
CA ALA P 301 -3.72 41.95 6.56
C ALA P 301 -4.79 40.97 7.01
N GLU P 302 -4.76 39.77 6.43
CA GLU P 302 -5.57 38.66 6.90
C GLU P 302 -4.66 37.58 7.48
N ILE P 303 -5.20 36.81 8.41
CA ILE P 303 -4.48 35.64 8.89
C ILE P 303 -4.37 34.64 7.76
N THR P 304 -3.15 34.21 7.46
CA THR P 304 -2.92 33.27 6.38
C THR P 304 -2.05 32.12 6.87
N PRO P 305 -2.11 30.97 6.18
CA PRO P 305 -1.16 29.89 6.45
C PRO P 305 0.26 30.33 6.07
N PRO P 306 1.28 29.61 6.55
CA PRO P 306 2.67 29.98 6.26
C PRO P 306 3.06 29.77 4.80
N ALA P 307 4.31 30.09 4.47
CA ALA P 307 4.84 29.78 3.15
C ALA P 307 5.33 28.33 3.16
N LYS P 308 5.19 27.65 2.04
CA LYS P 308 5.45 26.23 2.00
C LYS P 308 6.28 25.83 0.78
N PHE P 309 7.30 25.02 1.02
CA PHE P 309 8.21 24.59 -0.03
C PHE P 309 8.21 23.07 -0.09
N VAL P 310 7.91 22.51 -1.25
CA VAL P 310 7.79 21.06 -1.41
CA VAL P 310 7.87 21.06 -1.39
C VAL P 310 8.56 20.59 -2.66
N HIS P 311 8.93 19.30 -2.67
CA HIS P 311 9.62 18.60 -3.75
C HIS P 311 11.12 18.86 -3.73
N ASP P 312 11.88 17.78 -3.87
CA ASP P 312 13.33 17.82 -3.72
C ASP P 312 13.97 16.61 -4.41
N ASP P 313 13.66 16.42 -5.69
CA ASP P 313 14.24 15.32 -6.45
C ASP P 313 15.22 15.83 -7.51
N GLU P 314 15.56 14.96 -8.46
CA GLU P 314 16.54 15.32 -9.48
C GLU P 314 15.97 16.30 -10.50
N ASP P 315 14.65 16.34 -10.60
CA ASP P 315 13.99 17.11 -11.65
C ASP P 315 13.37 18.40 -11.14
N ARG P 316 12.99 18.43 -9.86
CA ARG P 316 12.31 19.59 -9.30
C ARG P 316 12.63 19.82 -7.83
N ARG P 317 12.87 21.08 -7.48
CA ARG P 317 13.07 21.46 -6.09
C ARG P 317 12.36 22.76 -5.79
N GLY P 318 11.39 22.70 -4.90
CA GLY P 318 10.68 23.89 -4.46
C GLY P 318 11.50 24.64 -3.44
N SER P 319 12.07 25.77 -3.86
CA SER P 319 12.97 26.54 -3.00
C SER P 319 13.09 28.00 -3.43
N ALA P 320 13.35 28.87 -2.47
CA ALA P 320 13.54 30.29 -2.74
C ALA P 320 14.90 30.77 -2.26
N VAL P 321 15.66 31.38 -3.15
CA VAL P 321 16.98 31.90 -2.84
C VAL P 321 17.03 33.40 -3.14
N SER P 322 17.66 34.17 -2.25
CA SER P 322 17.77 35.62 -2.40
C SER P 322 16.41 36.23 -2.69
N SER P 323 15.39 35.79 -1.96
CA SER P 323 14.01 36.15 -2.25
C SER P 323 13.22 36.53 -1.00
N VAL P 324 12.05 37.11 -1.22
CA VAL P 324 11.13 37.44 -0.15
C VAL P 324 9.76 36.80 -0.45
N VAL P 325 9.27 35.97 0.47
CA VAL P 325 8.06 35.21 0.25
C VAL P 325 7.02 35.44 1.35
N SER P 326 5.81 35.82 0.96
CA SER P 326 4.75 36.13 1.91
C SER P 326 3.95 34.88 2.28
N GLY P 327 2.90 35.07 3.08
CA GLY P 327 2.08 33.97 3.54
C GLY P 327 1.21 33.38 2.45
N ASP P 328 0.63 32.21 2.73
CA ASP P 328 -0.27 31.51 1.83
C ASP P 328 0.38 31.24 0.47
N CYS P 329 1.70 31.16 0.45
CA CYS P 329 2.44 30.83 -0.77
C CYS P 329 2.84 29.38 -0.74
N ILE P 330 2.60 28.67 -1.83
CA ILE P 330 3.04 27.28 -1.93
C ILE P 330 3.98 27.14 -3.12
N ILE P 331 5.26 26.95 -2.82
CA ILE P 331 6.28 26.80 -3.85
C ILE P 331 6.53 25.32 -4.05
N SER P 332 5.81 24.75 -5.02
CA SER P 332 5.83 23.31 -5.24
C SER P 332 6.71 22.96 -6.43
N GLY P 333 7.90 22.45 -6.15
CA GLY P 333 8.84 22.06 -7.20
C GLY P 333 9.24 23.21 -8.08
N ALA P 334 9.14 24.42 -7.56
CA ALA P 334 9.47 25.63 -8.30
C ALA P 334 10.74 26.29 -7.75
N ALA P 335 11.56 26.82 -8.66
CA ALA P 335 12.81 27.45 -8.28
C ALA P 335 12.71 28.97 -8.33
N LEU P 336 12.77 29.61 -7.17
CA LEU P 336 12.73 31.07 -7.10
C LEU P 336 14.12 31.64 -6.83
N ASN P 337 14.42 32.75 -7.49
CA ASN P 337 15.68 33.47 -7.28
C ASN P 337 15.51 34.96 -7.51
N ARG P 338 15.96 35.76 -6.54
CA ARG P 338 15.83 37.21 -6.60
C ARG P 338 14.41 37.67 -6.92
N SER P 339 13.44 37.07 -6.25
CA SER P 339 12.04 37.37 -6.52
C SER P 339 11.31 37.79 -5.25
N LEU P 340 10.29 38.62 -5.40
CA LEU P 340 9.44 39.02 -4.29
C LEU P 340 8.02 38.55 -4.51
N LEU P 341 7.51 37.75 -3.59
CA LEU P 341 6.18 37.18 -3.73
C LEU P 341 5.22 37.72 -2.70
N PHE P 342 4.10 38.26 -3.16
CA PHE P 342 3.02 38.69 -2.28
C PHE P 342 2.21 37.48 -1.82
N THR P 343 1.18 37.72 -1.01
CA THR P 343 0.37 36.65 -0.44
C THR P 343 -0.38 35.83 -1.48
N GLY P 344 -0.42 34.51 -1.28
CA GLY P 344 -1.32 33.65 -2.03
C GLY P 344 -0.80 33.14 -3.36
N VAL P 345 0.51 33.26 -3.58
CA VAL P 345 1.11 32.83 -4.84
C VAL P 345 1.30 31.31 -4.89
N ARG P 346 0.91 30.71 -6.01
CA ARG P 346 1.17 29.29 -6.24
C ARG P 346 2.14 29.13 -7.41
N ALA P 347 3.31 28.55 -7.14
CA ALA P 347 4.27 28.24 -8.18
C ALA P 347 4.43 26.73 -8.26
N ASN P 348 4.16 26.15 -9.43
CA ASN P 348 4.07 24.70 -9.54
C ASN P 348 5.30 24.06 -10.16
N SER P 349 5.28 22.74 -10.25
CA SER P 349 6.47 21.93 -10.56
C SER P 349 7.19 22.32 -11.84
N TYR P 350 8.52 22.31 -11.76
CA TYR P 350 9.44 22.54 -12.88
C TYR P 350 9.44 23.98 -13.38
N SER P 351 8.74 24.87 -12.67
CA SER P 351 8.71 26.27 -13.07
C SER P 351 9.89 27.04 -12.46
N ARG P 352 10.21 28.19 -13.05
CA ARG P 352 11.32 29.02 -12.59
C ARG P 352 10.97 30.50 -12.59
N LEU P 353 11.27 31.17 -11.49
CA LEU P 353 11.11 32.61 -11.40
C LEU P 353 12.43 33.28 -11.02
N GLU P 354 12.90 34.18 -11.88
CA GLU P 354 14.09 34.97 -11.59
C GLU P 354 13.79 36.46 -11.78
N ASN P 355 14.26 37.29 -10.85
CA ASN P 355 14.04 38.73 -10.91
C ASN P 355 12.57 39.10 -11.12
N ALA P 356 11.70 38.50 -10.32
CA ALA P 356 10.27 38.65 -10.52
C ALA P 356 9.57 39.30 -9.34
N VAL P 357 8.72 40.29 -9.63
CA VAL P 357 7.82 40.84 -8.63
C VAL P 357 6.44 40.26 -8.85
N VAL P 358 6.00 39.41 -7.93
CA VAL P 358 4.78 38.64 -8.10
C VAL P 358 3.68 39.10 -7.14
N LEU P 359 2.68 39.78 -7.70
CA LEU P 359 1.57 40.34 -6.92
C LEU P 359 0.65 39.22 -6.39
N PRO P 360 -0.29 39.54 -5.48
CA PRO P 360 -0.98 38.45 -4.79
C PRO P 360 -1.82 37.51 -5.67
N SER P 361 -1.93 36.26 -5.22
CA SER P 361 -2.85 35.27 -5.79
C SER P 361 -2.50 34.84 -7.21
N VAL P 362 -1.24 35.03 -7.60
CA VAL P 362 -0.78 34.62 -8.92
C VAL P 362 -0.47 33.12 -8.92
N LYS P 363 -0.84 32.43 -10.00
CA LYS P 363 -0.50 31.03 -10.16
C LYS P 363 0.50 30.83 -11.29
N ILE P 364 1.59 30.13 -10.99
CA ILE P 364 2.61 29.82 -11.99
CA ILE P 364 2.61 29.82 -11.99
C ILE P 364 2.51 28.36 -12.42
N GLY P 365 1.98 28.12 -13.62
CA GLY P 365 1.80 26.78 -14.12
C GLY P 365 3.11 26.02 -14.33
N ARG P 366 3.02 24.69 -14.32
CA ARG P 366 4.19 23.83 -14.52
C ARG P 366 5.05 24.24 -15.71
N HIS P 367 6.36 24.06 -15.56
CA HIS P 367 7.34 24.25 -16.63
C HIS P 367 7.50 25.69 -17.10
N ALA P 368 6.78 26.63 -16.49
CA ALA P 368 6.88 28.03 -16.88
C ALA P 368 8.19 28.64 -16.39
N GLN P 369 8.81 29.47 -17.22
CA GLN P 369 10.06 30.13 -16.82
C GLN P 369 10.01 31.63 -17.12
N LEU P 370 9.97 32.43 -16.05
CA LEU P 370 9.80 33.87 -16.17
C LEU P 370 10.97 34.62 -15.56
N SER P 371 11.55 35.54 -16.32
CA SER P 371 12.66 36.36 -15.82
C SER P 371 12.40 37.84 -16.09
N ASN P 372 12.71 38.68 -15.09
CA ASN P 372 12.56 40.13 -15.18
C ASN P 372 11.12 40.57 -15.43
N VAL P 373 10.21 40.17 -14.55
CA VAL P 373 8.80 40.47 -14.76
C VAL P 373 8.12 41.12 -13.56
N VAL P 374 7.03 41.80 -13.84
CA VAL P 374 6.06 42.20 -12.82
C VAL P 374 4.74 41.55 -13.19
N ILE P 375 4.27 40.64 -12.33
CA ILE P 375 3.06 39.90 -12.62
C ILE P 375 1.88 40.49 -11.83
N ASP P 376 0.89 40.99 -12.55
CA ASP P 376 -0.26 41.65 -11.93
C ASP P 376 -1.02 40.70 -11.00
N HIS P 377 -1.84 41.28 -10.13
CA HIS P 377 -2.63 40.52 -9.16
C HIS P 377 -3.49 39.45 -9.81
N GLY P 378 -3.40 38.23 -9.27
CA GLY P 378 -4.30 37.15 -9.64
C GLY P 378 -4.11 36.55 -11.02
N VAL P 379 -3.07 36.96 -11.73
CA VAL P 379 -2.79 36.41 -13.06
C VAL P 379 -2.50 34.92 -12.99
N VAL P 380 -3.07 34.16 -13.92
CA VAL P 380 -2.79 32.74 -14.04
C VAL P 380 -1.83 32.49 -15.20
N ILE P 381 -0.59 32.17 -14.88
CA ILE P 381 0.42 31.91 -15.90
C ILE P 381 0.24 30.51 -16.49
N PRO P 382 0.07 30.44 -17.81
CA PRO P 382 -0.12 29.13 -18.48
C PRO P 382 1.12 28.26 -18.32
N GLU P 383 0.93 26.94 -18.27
CA GLU P 383 2.04 26.01 -18.19
C GLU P 383 3.00 26.22 -19.36
N GLY P 384 4.30 26.20 -19.07
CA GLY P 384 5.30 26.24 -20.11
C GLY P 384 5.63 27.61 -20.68
N LEU P 385 4.94 28.66 -20.23
CA LEU P 385 5.19 30.00 -20.71
C LEU P 385 6.62 30.44 -20.40
N ILE P 386 7.30 30.98 -21.40
CA ILE P 386 8.66 31.49 -21.21
C ILE P 386 8.69 32.99 -21.44
N VAL P 387 9.21 33.72 -20.45
CA VAL P 387 9.39 35.16 -20.56
C VAL P 387 10.80 35.55 -20.14
N GLY P 388 11.41 36.47 -20.88
CA GLY P 388 12.74 36.95 -20.55
C GLY P 388 13.82 36.36 -21.44
N GLU P 389 13.41 35.59 -22.44
CA GLU P 389 14.34 34.93 -23.34
C GLU P 389 14.36 35.60 -24.72
N ASP P 390 13.17 35.85 -25.25
CA ASP P 390 13.00 36.43 -26.57
C ASP P 390 12.43 37.85 -26.44
N PRO P 391 13.30 38.87 -26.49
CA PRO P 391 12.91 40.27 -26.32
C PRO P 391 11.82 40.74 -27.29
N GLU P 392 11.90 40.30 -28.55
CA GLU P 392 10.93 40.72 -29.55
C GLU P 392 9.59 40.03 -29.36
N LEU P 393 9.63 38.77 -28.92
CA LEU P 393 8.40 38.03 -28.66
C LEU P 393 7.71 38.54 -27.40
N ASP P 394 8.51 38.91 -26.41
CA ASP P 394 7.97 39.42 -25.16
C ASP P 394 7.36 40.81 -25.35
N ALA P 395 7.95 41.60 -26.25
CA ALA P 395 7.43 42.92 -26.55
C ALA P 395 6.08 42.83 -27.26
N LYS P 396 5.91 41.81 -28.09
CA LYS P 396 4.67 41.61 -28.82
C LYS P 396 3.55 41.08 -27.92
N ARG P 397 3.94 40.32 -26.91
CA ARG P 397 2.97 39.70 -26.00
C ARG P 397 2.60 40.60 -24.83
N PHE P 398 3.59 41.23 -24.22
CA PHE P 398 3.36 41.99 -22.98
C PHE P 398 3.86 43.43 -23.06
N ARG P 399 3.64 44.15 -21.96
CA ARG P 399 4.21 45.48 -21.77
C ARG P 399 5.67 45.33 -21.34
N ARG P 400 6.59 45.59 -22.27
CA ARG P 400 8.00 45.40 -22.00
C ARG P 400 8.76 46.72 -22.05
N THR P 401 9.35 47.10 -20.93
CA THR P 401 10.14 48.31 -20.85
C THR P 401 11.44 48.18 -21.65
N GLU P 402 12.10 49.31 -21.90
CA GLU P 402 13.30 49.32 -22.70
C GLU P 402 14.48 48.66 -21.99
N SER P 403 14.40 48.56 -20.67
CA SER P 403 15.44 47.91 -19.89
C SER P 403 15.17 46.42 -19.78
N GLY P 404 14.04 45.98 -20.31
CA GLY P 404 13.74 44.56 -20.41
C GLY P 404 12.78 44.01 -19.37
N ILE P 405 12.09 44.89 -18.66
CA ILE P 405 11.11 44.47 -17.66
C ILE P 405 9.75 44.25 -18.32
N CYS P 406 9.16 43.07 -18.10
CA CYS P 406 7.84 42.77 -18.66
C CYS P 406 6.75 42.82 -17.61
N LEU P 407 5.77 43.71 -17.82
CA LEU P 407 4.56 43.72 -17.02
C LEU P 407 3.58 42.72 -17.62
N ILE P 408 3.08 41.81 -16.80
CA ILE P 408 2.19 40.76 -17.26
C ILE P 408 0.82 40.85 -16.59
N THR P 409 -0.22 41.11 -17.37
CA THR P 409 -1.58 41.15 -16.86
C THR P 409 -2.39 40.04 -17.48
N GLN P 410 -3.59 39.78 -16.95
CA GLN P 410 -4.42 38.69 -17.42
C GLN P 410 -4.96 38.96 -18.83
N SER P 411 -5.14 40.24 -19.15
CA SER P 411 -5.59 40.64 -20.48
C SER P 411 -4.58 40.24 -21.54
N MET P 412 -3.30 40.35 -21.21
CA MET P 412 -2.23 39.95 -22.12
C MET P 412 -2.16 38.43 -22.25
N ILE P 413 -2.30 37.75 -21.12
CA ILE P 413 -2.29 36.29 -21.08
C ILE P 413 -3.39 35.70 -21.95
N ASP P 414 -4.58 36.27 -21.85
CA ASP P 414 -5.73 35.79 -22.62
C ASP P 414 -5.53 35.98 -24.13
N LYS P 415 -4.72 36.97 -24.50
CA LYS P 415 -4.38 37.16 -25.91
C LYS P 415 -3.26 36.24 -26.37
N LEU P 416 -3.45 34.94 -26.20
CA LEU P 416 -2.41 33.95 -26.49
C LEU P 416 -3.00 32.58 -26.83
N ASP P 417 -2.23 31.78 -27.56
CA ASP P 417 -2.56 30.38 -27.78
C ASP P 417 -1.33 29.56 -27.39
N LEU P 418 -1.13 28.44 -28.08
CA LEU P 418 0.07 27.64 -27.94
C LEU P 418 0.25 27.12 -26.52
N ALA Q 3 17.47 26.00 -53.15
CA ALA Q 3 16.87 24.92 -53.94
C ALA Q 3 17.20 23.56 -53.34
N VAL Q 4 16.20 22.94 -52.73
CA VAL Q 4 16.34 21.58 -52.22
C VAL Q 4 15.59 20.61 -53.11
N GLN Q 5 14.33 20.94 -53.38
CA GLN Q 5 13.50 20.15 -54.29
C GLN Q 5 14.07 20.21 -55.71
N PRO Q 6 14.27 19.04 -56.33
CA PRO Q 6 14.73 19.00 -57.72
C PRO Q 6 13.73 19.69 -58.65
N LEU Q 7 14.22 20.30 -59.72
CA LEU Q 7 13.38 21.07 -60.62
C LEU Q 7 12.53 20.18 -61.52
N ALA Q 8 12.85 18.89 -61.57
CA ALA Q 8 12.10 17.94 -62.38
C ALA Q 8 10.69 17.74 -61.85
N ARG Q 9 10.51 17.99 -60.55
CA ARG Q 9 9.20 17.89 -59.92
C ARG Q 9 8.22 18.92 -60.49
N ASP Q 10 8.75 20.05 -60.91
CA ASP Q 10 7.92 21.15 -61.40
C ASP Q 10 7.97 21.28 -62.91
N ALA Q 11 8.47 20.24 -63.58
CA ALA Q 11 8.65 20.29 -65.03
C ALA Q 11 7.67 19.40 -65.77
N MET Q 12 7.40 19.75 -67.02
CA MET Q 12 6.59 18.93 -67.91
C MET Q 12 7.34 18.70 -69.22
N ALA Q 13 7.59 17.43 -69.55
CA ALA Q 13 8.26 17.10 -70.80
C ALA Q 13 7.25 17.11 -71.94
N TYR Q 14 7.57 17.85 -73.00
CA TYR Q 14 6.69 17.92 -74.15
C TYR Q 14 7.39 17.40 -75.40
N VAL Q 15 7.01 16.19 -75.82
CA VAL Q 15 7.70 15.50 -76.90
C VAL Q 15 7.06 15.75 -78.26
N LEU Q 16 7.87 16.25 -79.19
CA LEU Q 16 7.41 16.48 -80.56
C LEU Q 16 7.65 15.23 -81.39
N ALA Q 17 6.56 14.52 -81.70
CA ALA Q 17 6.67 13.24 -82.39
C ALA Q 17 5.92 13.26 -83.72
N GLY Q 18 5.89 14.42 -84.36
CA GLY Q 18 5.27 14.54 -85.68
C GLY Q 18 6.28 14.20 -86.77
N GLY Q 19 7.46 13.75 -86.34
CA GLY Q 19 8.57 13.45 -87.23
C GLY Q 19 8.22 12.60 -88.43
N ARG Q 20 8.63 13.07 -89.60
CA ARG Q 20 8.32 12.41 -90.87
C ARG Q 20 9.30 11.30 -91.21
N GLY Q 21 10.58 11.64 -91.24
CA GLY Q 21 11.61 10.71 -91.65
C GLY Q 21 11.44 10.35 -93.12
N SER Q 22 11.45 11.36 -93.97
CA SER Q 22 11.21 11.16 -95.39
C SER Q 22 12.30 10.32 -96.04
N ARG Q 23 13.55 10.58 -95.70
CA ARG Q 23 14.68 9.86 -96.28
C ARG Q 23 14.72 8.40 -95.81
N LEU Q 24 13.87 8.04 -94.85
CA LEU Q 24 13.72 6.65 -94.46
C LEU Q 24 12.85 5.90 -95.45
N LYS Q 25 12.22 6.66 -96.35
CA LYS Q 25 11.44 6.09 -97.45
C LYS Q 25 10.32 5.18 -96.93
N GLU Q 26 10.26 3.96 -97.45
CA GLU Q 26 9.16 3.04 -97.15
C GLU Q 26 9.14 2.61 -95.68
N LEU Q 27 10.25 2.85 -94.98
CA LEU Q 27 10.34 2.53 -93.56
C LEU Q 27 9.30 3.31 -92.77
N THR Q 28 8.99 4.51 -93.26
CA THR Q 28 7.99 5.37 -92.64
C THR Q 28 6.81 5.63 -93.58
N ASP Q 29 6.49 4.66 -94.44
CA ASP Q 29 5.35 4.79 -95.33
C ASP Q 29 4.04 4.85 -94.56
N ARG Q 30 3.92 4.00 -93.54
CA ARG Q 30 2.70 3.93 -92.75
C ARG Q 30 2.97 4.01 -91.26
N ARG Q 31 3.97 4.80 -90.87
CA ARG Q 31 4.27 5.07 -89.47
C ARG Q 31 5.19 6.26 -89.34
N ALA Q 32 5.06 6.98 -88.22
CA ALA Q 32 5.92 8.12 -87.96
C ALA Q 32 7.32 7.65 -87.60
N LYS Q 33 8.31 8.51 -87.79
CA LYS Q 33 9.69 8.17 -87.45
C LYS Q 33 9.87 7.78 -85.97
N PRO Q 34 9.21 8.50 -85.03
CA PRO Q 34 9.36 8.08 -83.63
C PRO Q 34 8.92 6.64 -83.35
N ALA Q 35 8.02 6.10 -84.18
CA ALA Q 35 7.51 4.76 -83.98
C ALA Q 35 8.35 3.70 -84.69
N VAL Q 36 9.43 4.14 -85.34
CA VAL Q 36 10.35 3.22 -85.98
C VAL Q 36 11.14 2.44 -84.95
N TYR Q 37 11.21 1.12 -85.14
CA TYR Q 37 11.89 0.23 -84.21
C TYR Q 37 13.39 0.49 -84.16
N PHE Q 38 13.97 0.41 -82.97
CA PHE Q 38 15.41 0.53 -82.82
C PHE Q 38 15.95 -0.30 -81.66
N GLY Q 39 17.09 -0.95 -81.89
CA GLY Q 39 17.83 -1.59 -80.82
C GLY Q 39 17.50 -3.06 -80.59
N GLY Q 40 16.42 -3.52 -81.21
CA GLY Q 40 16.03 -4.91 -81.05
C GLY Q 40 14.72 -5.09 -80.30
N LYS Q 41 14.35 -4.12 -79.48
CA LYS Q 41 13.15 -4.25 -78.67
C LYS Q 41 12.33 -2.97 -78.51
N ALA Q 42 12.97 -1.82 -78.67
CA ALA Q 42 12.28 -0.55 -78.43
C ALA Q 42 12.01 0.21 -79.73
N ARG Q 43 11.33 1.34 -79.59
CA ARG Q 43 11.13 2.27 -80.70
C ARG Q 43 11.90 3.56 -80.40
N ILE Q 44 12.07 4.40 -81.40
CA ILE Q 44 12.86 5.63 -81.26
C ILE Q 44 12.36 6.54 -80.15
N ILE Q 45 11.04 6.76 -80.09
CA ILE Q 45 10.48 7.71 -79.12
C ILE Q 45 10.68 7.27 -77.67
N ASP Q 46 10.96 5.99 -77.47
CA ASP Q 46 11.13 5.45 -76.13
C ASP Q 46 12.34 6.03 -75.40
N PHE Q 47 13.29 6.56 -76.16
CA PHE Q 47 14.49 7.13 -75.53
C PHE Q 47 14.20 8.48 -74.90
N ALA Q 48 13.54 9.38 -75.64
CA ALA Q 48 13.18 10.69 -75.11
C ALA Q 48 12.22 10.54 -73.93
N LEU Q 49 11.31 9.58 -74.01
CA LEU Q 49 10.36 9.32 -72.95
C LEU Q 49 11.04 8.75 -71.71
N SER Q 50 11.97 7.81 -71.92
CA SER Q 50 12.72 7.23 -70.81
C SER Q 50 13.64 8.27 -70.16
N ASN Q 51 14.18 9.17 -70.98
CA ASN Q 51 14.99 10.27 -70.46
C ASN Q 51 14.19 11.12 -69.48
N ALA Q 52 12.96 11.47 -69.87
CA ALA Q 52 12.10 12.28 -69.02
C ALA Q 52 11.75 11.54 -67.74
N LEU Q 53 11.45 10.26 -67.86
CA LEU Q 53 11.11 9.42 -66.72
C LEU Q 53 12.27 9.31 -65.73
N ASN Q 54 13.44 8.93 -66.25
CA ASN Q 54 14.61 8.74 -65.41
C ASN Q 54 15.13 10.05 -64.82
N SER Q 55 14.81 11.17 -65.46
CA SER Q 55 15.19 12.48 -64.95
C SER Q 55 14.29 12.91 -63.80
N GLY Q 56 13.16 12.23 -63.65
CA GLY Q 56 12.24 12.51 -62.57
C GLY Q 56 11.07 13.40 -62.98
N ILE Q 57 10.88 13.56 -64.28
CA ILE Q 57 9.77 14.36 -64.79
C ILE Q 57 8.47 13.57 -64.72
N ARG Q 58 7.46 14.14 -64.08
CA ARG Q 58 6.21 13.43 -63.81
C ARG Q 58 5.21 13.53 -64.95
N ARG Q 59 5.15 14.69 -65.59
CA ARG Q 59 4.14 14.94 -66.59
C ARG Q 59 4.74 14.96 -67.99
N ILE Q 60 4.22 14.10 -68.85
CA ILE Q 60 4.68 14.02 -70.23
C ILE Q 60 3.53 14.25 -71.20
N GLY Q 61 3.77 15.06 -72.21
CA GLY Q 61 2.83 15.24 -73.30
C GLY Q 61 3.48 14.87 -74.61
N VAL Q 62 2.80 14.09 -75.43
CA VAL Q 62 3.33 13.68 -76.73
C VAL Q 62 2.44 14.18 -77.86
N ALA Q 63 3.01 15.05 -78.70
CA ALA Q 63 2.29 15.59 -79.85
C ALA Q 63 2.53 14.74 -81.09
N THR Q 64 1.46 14.15 -81.61
CA THR Q 64 1.56 13.29 -82.79
C THR Q 64 0.82 13.92 -83.96
N GLN Q 65 1.28 13.65 -85.19
CA GLN Q 65 0.62 14.19 -86.36
C GLN Q 65 0.29 13.10 -87.38
N TYR Q 66 1.10 13.00 -88.44
CA TYR Q 66 0.78 12.09 -89.54
C TYR Q 66 1.31 10.68 -89.31
N LYS Q 67 0.63 9.71 -89.89
CA LYS Q 67 0.99 8.28 -89.79
C LYS Q 67 1.21 7.87 -88.34
N ALA Q 68 0.31 8.28 -87.46
CA ALA Q 68 0.55 8.17 -86.02
C ALA Q 68 -0.21 7.03 -85.35
N HIS Q 69 -0.93 6.21 -86.12
CA HIS Q 69 -1.72 5.15 -85.52
C HIS Q 69 -0.86 4.15 -84.76
N SER Q 70 0.25 3.74 -85.38
CA SER Q 70 1.16 2.79 -84.76
C SER Q 70 1.85 3.42 -83.55
N LEU Q 71 2.13 4.71 -83.66
CA LEU Q 71 2.78 5.44 -82.57
C LEU Q 71 1.86 5.55 -81.37
N ILE Q 72 0.61 5.93 -81.61
CA ILE Q 72 -0.36 6.12 -80.54
C ILE Q 72 -0.64 4.83 -79.78
N ARG Q 73 -0.83 3.73 -80.51
CA ARG Q 73 -1.06 2.43 -79.89
C ARG Q 73 0.12 2.02 -79.02
N HIS Q 74 1.33 2.28 -79.52
CA HIS Q 74 2.55 2.00 -78.77
C HIS Q 74 2.55 2.73 -77.43
N LEU Q 75 2.16 4.00 -77.45
CA LEU Q 75 2.12 4.81 -76.24
C LEU Q 75 1.01 4.33 -75.31
N GLN Q 76 -0.11 3.92 -75.90
CA GLN Q 76 -1.25 3.43 -75.13
C GLN Q 76 -0.93 2.17 -74.33
N ARG Q 77 -0.14 1.28 -74.94
CA ARG Q 77 0.09 -0.04 -74.36
C ARG Q 77 1.41 -0.11 -73.59
N GLY Q 78 2.38 0.70 -73.98
CA GLY Q 78 3.68 0.71 -73.33
C GLY Q 78 3.78 1.69 -72.17
N TRP Q 79 3.30 2.91 -72.40
CA TRP Q 79 3.41 3.97 -71.40
C TRP Q 79 2.09 4.20 -70.69
N ASP Q 80 1.65 3.18 -69.96
CA ASP Q 80 0.31 3.14 -69.37
C ASP Q 80 0.31 3.20 -67.85
N PHE Q 81 1.49 3.35 -67.25
CA PHE Q 81 1.64 3.17 -65.81
C PHE Q 81 1.57 4.47 -65.00
N PHE Q 82 1.23 5.57 -65.66
CA PHE Q 82 1.08 6.86 -64.98
C PHE Q 82 -0.31 6.99 -64.36
N ARG Q 83 -0.37 7.46 -63.11
CA ARG Q 83 -1.65 7.67 -62.45
C ARG Q 83 -1.80 9.12 -61.97
N PRO Q 84 -2.79 9.84 -62.54
CA PRO Q 84 -3.02 11.26 -62.25
C PRO Q 84 -3.14 11.60 -60.77
N GLU Q 85 -3.69 10.71 -59.95
CA GLU Q 85 -3.87 11.01 -58.53
C GLU Q 85 -2.55 10.88 -57.76
N ARG Q 86 -1.50 10.43 -58.44
CA ARG Q 86 -0.16 10.42 -57.85
C ARG Q 86 0.66 11.59 -58.38
N ASN Q 87 -0.04 12.62 -58.87
CA ASN Q 87 0.57 13.84 -59.40
C ASN Q 87 1.53 13.59 -60.56
N GLU Q 88 1.04 12.87 -61.55
CA GLU Q 88 1.82 12.54 -62.74
C GLU Q 88 0.85 12.30 -63.88
N SER Q 89 1.31 12.44 -65.12
CA SER Q 89 0.42 12.25 -66.25
C SER Q 89 1.16 11.91 -67.53
N PHE Q 90 0.46 11.21 -68.42
CA PHE Q 90 0.97 10.94 -69.75
C PHE Q 90 -0.14 11.27 -70.75
N ASP Q 91 0.02 12.38 -71.47
CA ASP Q 91 -0.99 12.81 -72.42
C ASP Q 91 -0.55 12.57 -73.86
N ILE Q 92 -1.39 11.86 -74.62
CA ILE Q 92 -1.19 11.67 -76.04
C ILE Q 92 -1.99 12.72 -76.81
N LEU Q 93 -1.30 13.68 -77.41
CA LEU Q 93 -1.96 14.81 -78.03
C LEU Q 93 -1.95 14.73 -79.55
N ALA Q 94 -3.04 14.22 -80.11
CA ALA Q 94 -3.19 14.06 -81.54
C ALA Q 94 -4.28 14.96 -82.09
N ALA Q 95 -3.96 15.71 -83.15
CA ALA Q 95 -4.91 16.59 -83.82
C ALA Q 95 -5.56 17.57 -82.85
N THR Q 102 -8.89 23.46 -86.68
CA THR Q 102 -7.87 22.83 -87.51
C THR Q 102 -7.61 21.39 -87.07
N GLN Q 103 -7.23 20.54 -88.03
CA GLN Q 103 -7.06 19.12 -87.77
C GLN Q 103 -5.59 18.75 -87.63
N TRP Q 104 -4.71 19.49 -88.33
CA TRP Q 104 -3.28 19.26 -88.24
C TRP Q 104 -2.57 20.44 -87.60
N TYR Q 105 -1.55 20.15 -86.82
CA TYR Q 105 -0.70 21.20 -86.27
C TYR Q 105 0.05 21.85 -87.41
N GLU Q 106 -0.03 23.18 -87.50
CA GLU Q 106 0.64 23.90 -88.58
C GLU Q 106 2.12 24.05 -88.30
N GLY Q 107 2.57 23.47 -87.18
CA GLY Q 107 3.96 23.54 -86.80
C GLY Q 107 4.22 23.08 -85.38
N THR Q 108 5.49 23.02 -85.01
CA THR Q 108 5.88 22.50 -83.70
C THR Q 108 5.49 23.44 -82.58
N ALA Q 109 5.48 24.74 -82.86
CA ALA Q 109 5.04 25.73 -81.88
C ALA Q 109 3.52 25.69 -81.76
N ASP Q 110 2.86 25.36 -82.87
CA ASP Q 110 1.40 25.26 -82.89
C ASP Q 110 0.93 24.02 -82.15
N ALA Q 111 1.75 22.97 -82.19
CA ALA Q 111 1.44 21.71 -81.52
C ALA Q 111 1.31 21.93 -80.01
N VAL Q 112 2.04 22.91 -79.49
CA VAL Q 112 1.98 23.25 -78.09
C VAL Q 112 0.89 24.30 -77.84
N TYR Q 113 0.72 25.21 -78.80
CA TYR Q 113 -0.28 26.27 -78.70
C TYR Q 113 -1.70 25.71 -78.66
N GLN Q 114 -1.95 24.69 -79.48
CA GLN Q 114 -3.27 24.07 -79.53
C GLN Q 114 -3.56 23.27 -78.26
N ASN Q 115 -2.51 22.97 -77.50
CA ASN Q 115 -2.65 22.15 -76.31
C ASN Q 115 -2.31 22.88 -75.02
N ILE Q 116 -2.53 24.19 -75.01
CA ILE Q 116 -2.30 25.00 -73.82
C ILE Q 116 -3.38 24.68 -72.78
N ASP Q 117 -4.55 24.25 -73.25
CA ASP Q 117 -5.66 23.95 -72.35
C ASP Q 117 -5.42 22.65 -71.58
N ILE Q 118 -4.48 21.84 -72.07
CA ILE Q 118 -4.08 20.62 -71.36
C ILE Q 118 -2.95 20.94 -70.38
N ILE Q 119 -2.01 21.78 -70.82
CA ILE Q 119 -0.84 22.14 -70.03
C ILE Q 119 -1.17 22.92 -68.76
N GLU Q 120 -1.83 24.05 -68.93
CA GLU Q 120 -2.05 25.00 -67.84
C GLU Q 120 -2.78 24.49 -66.59
N PRO Q 121 -3.75 23.56 -66.74
CA PRO Q 121 -4.32 22.96 -65.52
C PRO Q 121 -3.27 22.29 -64.64
N TYR Q 122 -2.24 21.72 -65.25
CA TYR Q 122 -1.13 21.13 -64.51
C TYR Q 122 -0.29 22.22 -63.88
N ALA Q 123 -0.31 23.40 -64.50
CA ALA Q 123 0.49 24.54 -64.09
C ALA Q 123 1.96 24.19 -63.79
N PRO Q 124 2.65 23.55 -64.73
CA PRO Q 124 4.06 23.24 -64.45
C PRO Q 124 4.89 24.51 -64.48
N GLU Q 125 5.97 24.57 -63.71
CA GLU Q 125 6.82 25.75 -63.69
C GLU Q 125 7.70 25.81 -64.93
N TYR Q 126 8.08 24.64 -65.44
CA TYR Q 126 9.01 24.56 -66.55
C TYR Q 126 8.52 23.64 -67.65
N MET Q 127 8.93 23.93 -68.87
CA MET Q 127 8.61 23.09 -70.02
C MET Q 127 9.89 22.58 -70.66
N VAL Q 128 9.99 21.26 -70.82
CA VAL Q 128 11.10 20.66 -71.54
C VAL Q 128 10.61 20.15 -72.89
N ILE Q 129 10.84 20.95 -73.93
CA ILE Q 129 10.42 20.59 -75.28
C ILE Q 129 11.43 19.61 -75.88
N LEU Q 130 10.95 18.44 -76.29
CA LEU Q 130 11.83 17.39 -76.76
C LEU Q 130 11.53 16.95 -78.18
N ALA Q 131 12.58 16.54 -78.89
CA ALA Q 131 12.42 15.89 -80.18
C ALA Q 131 12.33 14.38 -79.96
N GLY Q 132 11.29 13.75 -80.50
CA GLY Q 132 11.06 12.35 -80.26
C GLY Q 132 11.58 11.43 -81.35
N ASP Q 133 12.48 11.93 -82.19
CA ASP Q 133 12.98 11.14 -83.32
C ASP Q 133 14.49 10.91 -83.25
N HIS Q 134 15.07 11.06 -82.07
CA HIS Q 134 16.51 10.86 -81.89
C HIS Q 134 16.80 9.77 -80.87
N ILE Q 135 18.00 9.20 -80.96
CA ILE Q 135 18.45 8.18 -80.00
C ILE Q 135 19.54 8.73 -79.10
N TYR Q 136 19.21 8.96 -77.83
CA TYR Q 136 20.15 9.57 -76.90
C TYR Q 136 19.72 9.41 -75.45
N LYS Q 137 20.70 9.42 -74.55
CA LYS Q 137 20.41 9.37 -73.13
C LYS Q 137 20.88 10.66 -72.47
N MET Q 138 19.98 11.32 -71.75
CA MET Q 138 20.25 12.64 -71.20
C MET Q 138 19.47 12.89 -69.90
N ASP Q 139 20.17 13.39 -68.89
CA ASP Q 139 19.53 13.77 -67.63
C ASP Q 139 19.11 15.23 -67.69
N TYR Q 140 17.82 15.47 -67.82
CA TYR Q 140 17.29 16.82 -68.02
C TYR Q 140 17.36 17.68 -66.77
N GLU Q 141 17.74 17.08 -65.64
CA GLU Q 141 17.83 17.83 -64.40
C GLU Q 141 18.94 18.87 -64.49
N TYR Q 142 20.05 18.51 -65.11
CA TYR Q 142 21.17 19.43 -65.32
C TYR Q 142 20.75 20.66 -66.13
N MET Q 143 20.06 20.40 -67.23
CA MET Q 143 19.65 21.47 -68.14
C MET Q 143 18.65 22.41 -67.46
N LEU Q 144 17.81 21.84 -66.59
CA LEU Q 144 16.84 22.62 -65.82
C LEU Q 144 17.54 23.55 -64.83
N GLN Q 145 18.56 23.01 -64.17
CA GLN Q 145 19.35 23.79 -63.22
C GLN Q 145 20.06 24.95 -63.91
N GLN Q 146 20.70 24.66 -65.03
CA GLN Q 146 21.40 25.69 -65.79
C GLN Q 146 20.45 26.78 -66.25
N HIS Q 147 19.23 26.37 -66.60
CA HIS Q 147 18.22 27.31 -67.08
C HIS Q 147 17.88 28.37 -66.03
N VAL Q 148 17.68 27.94 -64.80
CA VAL Q 148 17.29 28.85 -63.72
C VAL Q 148 18.50 29.54 -63.09
N ASP Q 149 19.68 28.95 -63.27
CA ASP Q 149 20.90 29.52 -62.71
C ASP Q 149 21.52 30.56 -63.65
N SER Q 150 21.04 30.61 -64.88
CA SER Q 150 21.59 31.53 -65.87
C SER Q 150 20.62 32.64 -66.24
N GLY Q 151 19.38 32.53 -65.75
CA GLY Q 151 18.36 33.54 -66.01
C GLY Q 151 17.93 33.60 -67.46
N ALA Q 152 18.16 32.50 -68.18
CA ALA Q 152 17.88 32.45 -69.61
C ALA Q 152 16.39 32.48 -69.92
N ASP Q 153 16.04 33.00 -71.08
CA ASP Q 153 14.67 32.93 -71.58
C ASP Q 153 14.43 31.54 -72.15
N VAL Q 154 15.48 30.96 -72.72
CA VAL Q 154 15.44 29.60 -73.23
C VAL Q 154 16.82 28.97 -73.18
N THR Q 155 16.90 27.75 -72.65
CA THR Q 155 18.14 26.99 -72.71
C THR Q 155 18.02 25.96 -73.81
N ILE Q 156 19.03 25.89 -74.65
CA ILE Q 156 18.99 24.99 -75.80
C ILE Q 156 20.10 23.95 -75.73
N GLY Q 157 19.73 22.68 -75.87
CA GLY Q 157 20.69 21.60 -75.86
C GLY Q 157 21.42 21.52 -77.19
N CYS Q 158 22.75 21.50 -77.13
CA CYS Q 158 23.56 21.51 -78.34
C CYS Q 158 24.62 20.43 -78.34
N LEU Q 159 24.93 19.91 -79.52
CA LEU Q 159 25.98 18.92 -79.69
C LEU Q 159 27.30 19.58 -80.02
N GLU Q 160 28.38 19.08 -79.43
CA GLU Q 160 29.73 19.56 -79.75
C GLU Q 160 30.31 18.71 -80.87
N VAL Q 161 30.21 19.21 -82.10
CA VAL Q 161 30.66 18.45 -83.26
C VAL Q 161 31.69 19.21 -84.08
N PRO Q 162 32.54 18.48 -84.83
CA PRO Q 162 33.40 19.10 -85.83
C PRO Q 162 32.58 19.96 -86.79
N ARG Q 163 33.14 21.08 -87.24
CA ARG Q 163 32.38 22.05 -88.03
C ARG Q 163 31.76 21.45 -89.29
N MET Q 164 32.52 20.60 -89.97
CA MET Q 164 32.04 20.02 -91.22
C MET Q 164 30.83 19.10 -91.00
N GLU Q 165 30.67 18.61 -89.78
CA GLU Q 165 29.55 17.72 -89.46
C GLU Q 165 28.30 18.55 -89.14
N ALA Q 166 28.51 19.79 -88.74
CA ALA Q 166 27.41 20.67 -88.33
C ALA Q 166 26.68 21.28 -89.53
N THR Q 167 27.19 21.01 -90.73
CA THR Q 167 26.63 21.61 -91.94
C THR Q 167 25.23 21.09 -92.24
N GLY Q 168 24.83 20.03 -91.56
CA GLY Q 168 23.50 19.47 -91.72
C GLY Q 168 22.61 19.77 -90.53
N PHE Q 169 23.14 20.58 -89.62
CA PHE Q 169 22.43 20.92 -88.39
C PHE Q 169 21.96 22.37 -88.36
N GLY Q 170 20.99 22.65 -87.50
CA GLY Q 170 20.72 24.02 -87.10
C GLY Q 170 21.82 24.39 -86.13
N VAL Q 171 22.63 25.38 -86.49
CA VAL Q 171 23.83 25.69 -85.72
C VAL Q 171 23.70 26.99 -84.94
N MET Q 172 24.16 26.96 -83.69
CA MET Q 172 24.14 28.13 -82.83
C MET Q 172 25.50 28.82 -82.77
N HIS Q 173 25.53 30.12 -83.05
CA HIS Q 173 26.72 30.92 -82.79
C HIS Q 173 26.69 31.36 -81.34
N VAL Q 174 27.87 31.53 -80.74
CA VAL Q 174 27.91 31.77 -79.30
C VAL Q 174 29.19 32.50 -78.88
N ASN Q 175 29.14 33.13 -77.70
CA ASN Q 175 30.32 33.78 -77.14
C ASN Q 175 31.01 32.88 -76.12
N GLU Q 176 31.91 33.44 -75.34
CA GLU Q 176 32.68 32.64 -74.39
C GLU Q 176 31.98 32.55 -73.03
N LYS Q 177 30.67 32.78 -73.04
CA LYS Q 177 29.84 32.57 -71.85
C LYS Q 177 28.72 31.59 -72.17
N ASP Q 178 28.82 30.98 -73.34
CA ASP Q 178 27.79 30.10 -73.88
C ASP Q 178 26.43 30.80 -73.98
N GLU Q 179 26.46 32.10 -74.23
CA GLU Q 179 25.24 32.88 -74.48
C GLU Q 179 25.01 32.99 -75.98
N ILE Q 180 23.94 32.38 -76.47
CA ILE Q 180 23.69 32.26 -77.91
C ILE Q 180 23.60 33.61 -78.62
N ILE Q 181 24.45 33.79 -79.63
CA ILE Q 181 24.54 35.05 -80.35
C ILE Q 181 23.77 35.03 -81.67
N ASP Q 182 23.87 33.93 -82.41
CA ASP Q 182 23.20 33.84 -83.70
C ASP Q 182 22.81 32.40 -84.04
N PHE Q 183 21.69 32.25 -84.75
CA PHE Q 183 21.26 30.94 -85.23
C PHE Q 183 21.15 30.93 -86.75
N ILE Q 184 21.67 29.87 -87.37
CA ILE Q 184 21.56 29.66 -88.81
C ILE Q 184 21.33 28.18 -89.11
N GLU Q 185 20.40 27.90 -90.02
CA GLU Q 185 20.05 26.51 -90.30
C GLU Q 185 20.82 25.93 -91.49
N LYS Q 186 21.54 24.85 -91.21
CA LYS Q 186 22.41 24.18 -92.17
C LYS Q 186 23.39 25.11 -92.88
N PRO Q 187 24.39 25.60 -92.15
CA PRO Q 187 25.44 26.44 -92.74
C PRO Q 187 26.47 25.61 -93.49
N ALA Q 188 26.78 26.01 -94.72
CA ALA Q 188 27.82 25.34 -95.49
C ALA Q 188 29.15 25.48 -94.77
N ASP Q 189 29.35 26.64 -94.14
CA ASP Q 189 30.56 26.89 -93.37
C ASP Q 189 30.21 27.39 -91.96
N PRO Q 190 29.99 26.45 -91.04
CA PRO Q 190 29.51 26.74 -89.67
C PRO Q 190 30.46 27.61 -88.85
N PRO Q 191 29.89 28.43 -87.96
CA PRO Q 191 30.69 29.21 -87.01
C PRO Q 191 31.23 28.31 -85.90
N GLY Q 192 32.45 28.56 -85.44
CA GLY Q 192 33.04 27.78 -84.37
C GLY Q 192 32.85 28.47 -83.02
N ILE Q 193 33.03 27.73 -81.94
CA ILE Q 193 32.87 28.31 -80.61
C ILE Q 193 34.22 28.85 -80.15
N PRO Q 194 34.20 29.94 -79.37
CA PRO Q 194 35.43 30.60 -78.91
C PRO Q 194 36.33 29.69 -78.07
N GLY Q 195 37.63 29.70 -78.35
CA GLY Q 195 38.59 28.94 -77.59
C GLY Q 195 38.74 27.51 -78.06
N ASN Q 196 37.88 27.11 -78.99
CA ASN Q 196 37.91 25.77 -79.55
C ASN Q 196 37.29 25.75 -80.94
N GLU Q 197 37.79 26.60 -81.83
CA GLU Q 197 37.31 26.64 -83.21
C GLU Q 197 37.61 25.30 -83.89
N GLY Q 198 36.82 24.99 -84.92
CA GLY Q 198 36.90 23.68 -85.54
C GLY Q 198 35.83 22.77 -84.98
N PHE Q 199 35.25 23.20 -83.86
CA PHE Q 199 34.10 22.53 -83.26
C PHE Q 199 32.95 23.51 -83.12
N ALA Q 200 31.75 23.08 -83.50
CA ALA Q 200 30.58 23.97 -83.45
C ALA Q 200 29.46 23.37 -82.60
N LEU Q 201 28.46 24.19 -82.30
CA LEU Q 201 27.30 23.75 -81.54
C LEU Q 201 26.10 23.46 -82.44
N ALA Q 202 25.68 22.20 -82.46
CA ALA Q 202 24.56 21.77 -83.28
C ALA Q 202 23.32 21.57 -82.42
N SER Q 203 22.20 22.16 -82.84
CA SER Q 203 20.96 22.08 -82.07
C SER Q 203 20.44 20.66 -81.94
N MET Q 204 20.08 20.27 -80.73
CA MET Q 204 19.50 18.95 -80.48
C MET Q 204 17.98 18.98 -80.64
N GLY Q 205 17.43 20.19 -80.82
CA GLY Q 205 15.99 20.35 -80.89
C GLY Q 205 15.38 20.22 -79.51
N ILE Q 206 16.19 20.43 -78.49
CA ILE Q 206 15.76 20.34 -77.10
C ILE Q 206 15.77 21.71 -76.44
N TYR Q 207 14.62 22.13 -75.93
CA TYR Q 207 14.48 23.46 -75.35
C TYR Q 207 13.93 23.40 -73.93
N VAL Q 208 14.35 24.36 -73.12
CA VAL Q 208 13.82 24.49 -71.76
C VAL Q 208 13.32 25.92 -71.57
N PHE Q 209 12.08 26.05 -71.14
CA PHE Q 209 11.47 27.35 -70.88
C PHE Q 209 10.94 27.44 -69.46
N HIS Q 210 10.66 28.67 -69.02
CA HIS Q 210 9.68 28.86 -67.96
C HIS Q 210 8.34 28.79 -68.65
N THR Q 211 7.39 28.06 -68.06
CA THR Q 211 6.12 27.80 -68.73
C THR Q 211 5.39 29.08 -69.12
N LYS Q 212 5.38 30.07 -68.23
CA LYS Q 212 4.69 31.32 -68.50
C LYS Q 212 5.33 32.06 -69.67
N PHE Q 213 6.65 31.96 -69.80
CA PHE Q 213 7.37 32.58 -70.90
C PHE Q 213 7.04 31.88 -72.21
N LEU Q 214 6.94 30.55 -72.16
CA LEU Q 214 6.66 29.76 -73.35
C LEU Q 214 5.22 29.93 -73.81
N MET Q 215 4.28 29.88 -72.87
CA MET Q 215 2.87 30.07 -73.18
C MET Q 215 2.65 31.41 -73.85
N GLU Q 216 3.38 32.42 -73.39
CA GLU Q 216 3.32 33.74 -73.97
C GLU Q 216 3.95 33.74 -75.36
N ALA Q 217 5.09 33.08 -75.47
CA ALA Q 217 5.83 32.97 -76.73
C ALA Q 217 4.95 32.43 -77.86
N LEU Q 218 4.04 31.52 -77.53
CA LEU Q 218 3.24 30.82 -78.54
C LEU Q 218 2.03 31.61 -79.03
N ARG Q 219 1.31 32.23 -78.10
CA ARG Q 219 0.14 33.03 -78.45
C ARG Q 219 0.55 34.17 -79.38
N ARG Q 220 1.75 34.69 -79.18
CA ARG Q 220 2.32 35.70 -80.08
C ARG Q 220 2.57 35.12 -81.46
N ASP Q 221 3.17 33.94 -81.50
CA ASP Q 221 3.51 33.29 -82.76
C ASP Q 221 2.26 32.85 -83.51
N ALA Q 222 1.21 32.53 -82.76
CA ALA Q 222 -0.07 32.17 -83.36
C ALA Q 222 -0.72 33.40 -83.95
N ALA Q 223 -0.32 34.57 -83.46
CA ALA Q 223 -0.88 35.84 -83.92
C ALA Q 223 0.02 36.49 -84.96
N ASP Q 224 1.02 35.75 -85.42
CA ASP Q 224 1.94 36.25 -86.44
C ASP Q 224 1.68 35.53 -87.75
N PRO Q 225 1.34 36.30 -88.81
CA PRO Q 225 1.10 35.72 -90.14
C PRO Q 225 2.39 35.36 -90.85
N THR Q 226 3.49 36.02 -90.51
CA THR Q 226 4.78 35.68 -91.10
C THR Q 226 5.32 34.37 -90.53
N SER Q 227 4.69 33.92 -89.45
CA SER Q 227 5.09 32.70 -88.76
C SER Q 227 4.82 31.45 -89.59
N SER Q 228 5.71 30.48 -89.52
CA SER Q 228 5.44 29.14 -90.05
C SER Q 228 5.09 28.22 -88.90
N ARG Q 229 4.87 28.82 -87.74
CA ARG Q 229 4.49 28.10 -86.52
C ARG Q 229 5.54 27.08 -86.08
N ASP Q 230 6.81 27.39 -86.35
CA ASP Q 230 7.90 26.45 -86.11
C ASP Q 230 8.73 26.83 -84.88
N PHE Q 231 9.16 25.82 -84.12
CA PHE Q 231 10.05 26.05 -82.99
C PHE Q 231 11.44 26.49 -83.44
N GLY Q 232 11.96 25.79 -84.46
CA GLY Q 232 13.32 26.03 -84.92
C GLY Q 232 13.48 27.30 -85.73
N LYS Q 233 12.48 27.66 -86.52
CA LYS Q 233 12.61 28.76 -87.44
C LYS Q 233 11.96 30.06 -86.93
N ASP Q 234 11.04 29.94 -85.97
CA ASP Q 234 10.35 31.14 -85.46
C ASP Q 234 10.67 31.48 -84.01
N ILE Q 235 10.21 30.63 -83.09
CA ILE Q 235 10.30 30.91 -81.65
C ILE Q 235 11.73 31.19 -81.19
N ILE Q 236 12.63 30.26 -81.47
CA ILE Q 236 14.00 30.33 -80.92
C ILE Q 236 14.84 31.46 -81.51
N PRO Q 237 14.89 31.61 -82.85
CA PRO Q 237 15.75 32.69 -83.36
C PRO Q 237 15.22 34.07 -83.00
N TYR Q 238 13.93 34.16 -82.69
CA TYR Q 238 13.35 35.37 -82.15
C TYR Q 238 14.00 35.73 -80.82
N ILE Q 239 14.08 34.74 -79.93
CA ILE Q 239 14.66 34.93 -78.61
C ILE Q 239 16.16 35.21 -78.72
N VAL Q 240 16.79 34.65 -79.75
CA VAL Q 240 18.20 34.91 -79.99
C VAL Q 240 18.40 36.38 -80.33
N GLU Q 241 17.45 36.94 -81.09
CA GLU Q 241 17.54 38.33 -81.51
C GLU Q 241 17.19 39.31 -80.39
N HIS Q 242 16.07 39.07 -79.71
CA HIS Q 242 15.56 40.02 -78.73
C HIS Q 242 15.65 39.53 -77.29
N GLY Q 243 15.28 38.27 -77.07
CA GLY Q 243 15.29 37.72 -75.72
C GLY Q 243 16.68 37.30 -75.26
N LYS Q 244 16.74 36.24 -74.45
CA LYS Q 244 18.01 35.73 -73.98
C LYS Q 244 18.09 34.21 -74.19
N ALA Q 245 18.94 33.79 -75.14
CA ALA Q 245 19.13 32.37 -75.41
C ALA Q 245 20.50 31.91 -74.94
N VAL Q 246 20.53 30.75 -74.29
CA VAL Q 246 21.76 30.21 -73.75
C VAL Q 246 21.91 28.75 -74.16
N ALA Q 247 23.13 28.32 -74.47
CA ALA Q 247 23.38 26.97 -74.96
C ALA Q 247 23.77 26.01 -73.84
N HIS Q 248 23.17 24.82 -73.87
CA HIS Q 248 23.56 23.74 -72.96
C HIS Q 248 24.28 22.65 -73.75
N ARG Q 249 25.47 22.30 -73.29
CA ARG Q 249 26.29 21.30 -73.98
C ARG Q 249 25.92 19.90 -73.55
N PHE Q 250 25.56 19.07 -74.53
CA PHE Q 250 25.08 17.72 -74.32
C PHE Q 250 26.00 16.86 -73.46
N ALA Q 251 27.31 17.10 -73.57
CA ALA Q 251 28.30 16.30 -72.84
C ALA Q 251 28.20 16.50 -71.33
N ASP Q 252 27.58 17.59 -70.91
CA ASP Q 252 27.49 17.91 -69.49
C ASP Q 252 26.34 17.16 -68.80
N SER Q 253 25.35 16.73 -69.57
CA SER Q 253 24.19 16.06 -68.99
C SER Q 253 23.92 14.70 -69.61
N CYS Q 254 24.76 14.30 -70.56
CA CYS Q 254 24.64 12.98 -71.18
C CYS Q 254 24.92 11.88 -70.17
N VAL Q 255 24.04 10.90 -70.12
CA VAL Q 255 24.21 9.76 -69.22
C VAL Q 255 25.02 8.68 -69.91
N ARG Q 256 26.33 8.67 -69.67
CA ARG Q 256 27.22 7.71 -70.29
C ARG Q 256 27.43 6.50 -69.39
N SER Q 257 27.36 5.32 -70.00
CA SER Q 257 27.68 4.08 -69.30
C SER Q 257 29.19 3.98 -69.06
N ASP Q 258 29.60 3.01 -68.26
CA ASP Q 258 31.02 2.77 -68.04
C ASP Q 258 31.64 2.13 -69.28
N PHE Q 259 30.79 1.77 -70.24
CA PHE Q 259 31.25 1.09 -71.45
C PHE Q 259 30.90 1.89 -72.71
N GLU Q 260 30.82 3.21 -72.57
CA GLU Q 260 30.65 4.09 -73.73
C GLU Q 260 31.84 5.04 -73.78
N HIS Q 261 32.42 5.22 -74.97
CA HIS Q 261 33.65 5.99 -75.09
C HIS Q 261 33.40 7.47 -75.39
N GLU Q 262 32.15 7.83 -75.62
CA GLU Q 262 31.78 9.21 -75.90
C GLU Q 262 30.28 9.40 -75.70
N PRO Q 263 29.82 10.67 -75.60
CA PRO Q 263 28.39 10.94 -75.60
C PRO Q 263 27.70 10.39 -76.85
N TYR Q 264 26.62 9.64 -76.65
CA TYR Q 264 25.94 8.97 -77.75
C TYR Q 264 24.69 9.74 -78.18
N TRP Q 265 24.60 10.01 -79.47
CA TRP Q 265 23.43 10.66 -80.05
C TRP Q 265 23.33 10.29 -81.52
N ARG Q 266 22.18 9.77 -81.92
CA ARG Q 266 21.96 9.38 -83.32
C ARG Q 266 20.66 9.97 -83.85
N ASP Q 267 20.68 10.37 -85.12
CA ASP Q 267 19.51 10.94 -85.76
C ASP Q 267 18.80 9.90 -86.62
N VAL Q 268 19.53 8.84 -86.94
CA VAL Q 268 19.14 7.81 -87.92
C VAL Q 268 18.27 8.38 -89.05
N GLY Q 269 18.78 9.43 -89.68
CA GLY Q 269 18.04 10.16 -90.69
C GLY Q 269 17.87 9.40 -91.99
N THR Q 270 18.92 8.71 -92.41
CA THR Q 270 18.90 7.97 -93.67
C THR Q 270 18.77 6.48 -93.42
N ILE Q 271 18.55 5.72 -94.49
CA ILE Q 271 18.49 4.26 -94.39
C ILE Q 271 19.86 3.73 -93.98
N ASP Q 272 20.90 4.34 -94.52
CA ASP Q 272 22.27 3.98 -94.20
C ASP Q 272 22.58 4.25 -92.73
N ALA Q 273 22.12 5.40 -92.23
CA ALA Q 273 22.32 5.77 -90.84
C ALA Q 273 21.54 4.85 -89.91
N TYR Q 274 20.30 4.56 -90.28
CA TYR Q 274 19.46 3.65 -89.51
C TYR Q 274 20.08 2.27 -89.43
N TRP Q 275 20.51 1.75 -90.57
CA TRP Q 275 21.14 0.45 -90.64
C TRP Q 275 22.42 0.40 -89.82
N GLN Q 276 23.21 1.47 -89.91
CA GLN Q 276 24.49 1.51 -89.22
C GLN Q 276 24.32 1.49 -87.71
N ALA Q 277 23.42 2.31 -87.20
CA ALA Q 277 23.21 2.44 -85.75
C ALA Q 277 22.81 1.11 -85.12
N ASN Q 278 21.91 0.39 -85.78
CA ASN Q 278 21.44 -0.90 -85.29
C ASN Q 278 22.52 -1.98 -85.34
N ILE Q 279 23.24 -2.04 -86.45
CA ILE Q 279 24.21 -3.10 -86.67
C ILE Q 279 25.47 -2.87 -85.82
N ASP Q 280 25.68 -1.63 -85.40
CA ASP Q 280 26.80 -1.30 -84.52
C ASP Q 280 26.62 -1.92 -83.15
N LEU Q 281 25.37 -2.21 -82.78
CA LEU Q 281 25.06 -2.84 -81.51
C LEU Q 281 25.60 -4.27 -81.46
N THR Q 282 26.00 -4.78 -82.63
CA THR Q 282 26.52 -6.14 -82.72
C THR Q 282 28.03 -6.19 -82.44
N ASP Q 283 28.66 -5.01 -82.37
CA ASP Q 283 30.10 -4.90 -82.04
C ASP Q 283 30.45 -5.44 -80.66
N VAL Q 284 31.69 -5.90 -80.50
CA VAL Q 284 32.12 -6.40 -79.19
C VAL Q 284 32.09 -5.28 -78.16
N VAL Q 285 32.51 -4.08 -78.57
CA VAL Q 285 32.43 -2.90 -77.72
C VAL Q 285 31.55 -1.84 -78.39
N PRO Q 286 30.22 -1.96 -78.24
CA PRO Q 286 29.27 -1.06 -78.90
C PRO Q 286 29.30 0.35 -78.32
N ASP Q 287 29.09 1.35 -79.17
CA ASP Q 287 29.06 2.74 -78.72
C ASP Q 287 27.88 2.99 -77.79
N LEU Q 288 26.78 2.29 -78.02
CA LEU Q 288 25.61 2.37 -77.13
C LEU Q 288 25.53 1.15 -76.22
N ASP Q 289 25.50 1.38 -74.93
CA ASP Q 289 25.40 0.29 -73.96
C ASP Q 289 23.95 0.05 -73.57
N ILE Q 290 23.30 -0.87 -74.28
CA ILE Q 290 21.90 -1.18 -74.02
C ILE Q 290 21.74 -2.11 -72.82
N TYR Q 291 22.86 -2.43 -72.18
CA TYR Q 291 22.85 -3.32 -71.02
C TYR Q 291 23.03 -2.56 -69.72
N ASP Q 292 22.99 -1.23 -69.81
CA ASP Q 292 23.14 -0.38 -68.63
C ASP Q 292 21.83 -0.29 -67.84
N LYS Q 293 21.88 -0.71 -66.58
CA LYS Q 293 20.68 -0.71 -65.74
C LYS Q 293 20.50 0.60 -64.97
N SER Q 294 21.50 1.48 -65.04
CA SER Q 294 21.45 2.74 -64.30
C SER Q 294 20.54 3.76 -64.96
N TRP Q 295 20.47 3.73 -66.29
CA TRP Q 295 19.59 4.61 -67.04
C TRP Q 295 18.81 3.81 -68.06
N PRO Q 296 17.86 2.99 -67.58
CA PRO Q 296 17.18 2.00 -68.43
C PRO Q 296 16.17 2.62 -69.39
N ILE Q 297 16.00 1.98 -70.54
CA ILE Q 297 15.01 2.42 -71.51
C ILE Q 297 13.76 1.56 -71.40
N TRP Q 298 12.63 2.19 -71.08
CA TRP Q 298 11.36 1.48 -71.02
C TRP Q 298 10.70 1.47 -72.38
N THR Q 299 9.95 0.41 -72.67
CA THR Q 299 9.24 0.28 -73.94
C THR Q 299 8.08 -0.69 -73.79
N TYR Q 300 7.33 -0.89 -74.86
CA TYR Q 300 6.31 -1.94 -74.84
C TYR Q 300 6.97 -3.28 -75.09
N ALA Q 301 6.72 -4.23 -74.20
CA ALA Q 301 7.28 -5.56 -74.31
C ALA Q 301 6.30 -6.59 -73.79
N GLU Q 302 6.20 -7.72 -74.49
CA GLU Q 302 5.33 -8.81 -74.06
C GLU Q 302 6.19 -9.96 -73.57
N ILE Q 303 5.62 -10.80 -72.71
CA ILE Q 303 6.31 -12.01 -72.32
C ILE Q 303 6.45 -12.90 -73.55
N THR Q 304 7.68 -13.11 -73.98
CA THR Q 304 7.96 -13.95 -75.13
C THR Q 304 8.78 -15.16 -74.72
N PRO Q 305 8.65 -16.26 -75.46
CA PRO Q 305 9.57 -17.38 -75.25
C PRO Q 305 11.00 -16.98 -75.58
N PRO Q 306 11.99 -17.71 -75.08
CA PRO Q 306 13.39 -17.40 -75.38
C PRO Q 306 13.77 -17.70 -76.82
N ALA Q 307 14.95 -17.27 -77.24
CA ALA Q 307 15.44 -17.55 -78.60
C ALA Q 307 15.84 -19.01 -78.73
N LYS Q 308 15.56 -19.61 -79.88
CA LYS Q 308 15.82 -21.02 -80.09
C LYS Q 308 16.75 -21.26 -81.28
N PHE Q 309 17.74 -22.12 -81.08
CA PHE Q 309 18.68 -22.48 -82.14
C PHE Q 309 18.60 -23.98 -82.39
N VAL Q 310 18.35 -24.35 -83.65
CA VAL Q 310 18.05 -25.73 -84.00
C VAL Q 310 18.80 -26.14 -85.27
N HIS Q 311 19.16 -27.42 -85.34
CA HIS Q 311 19.86 -28.06 -86.48
C HIS Q 311 21.35 -27.75 -86.50
N ASP Q 312 22.14 -28.80 -86.70
CA ASP Q 312 23.59 -28.66 -86.74
C ASP Q 312 24.20 -29.69 -87.69
N ASP Q 313 23.76 -29.67 -88.94
CA ASP Q 313 24.29 -30.58 -89.96
C ASP Q 313 25.52 -29.99 -90.62
N GLU Q 314 26.14 -30.77 -91.50
CA GLU Q 314 27.22 -30.27 -92.35
C GLU Q 314 26.60 -29.39 -93.42
N ASP Q 315 25.29 -29.56 -93.61
CA ASP Q 315 24.54 -28.76 -94.57
C ASP Q 315 24.03 -27.48 -93.92
N ARG Q 316 23.50 -27.60 -92.72
CA ARG Q 316 22.85 -26.47 -92.04
C ARG Q 316 23.23 -26.40 -90.56
N ARG Q 317 23.37 -25.17 -90.07
CA ARG Q 317 23.62 -24.95 -88.65
C ARG Q 317 22.85 -23.73 -88.16
N GLY Q 318 21.81 -23.98 -87.35
CA GLY Q 318 21.05 -22.90 -86.77
C GLY Q 318 21.84 -22.24 -85.67
N SER Q 319 22.43 -21.08 -85.98
CA SER Q 319 23.32 -20.40 -85.05
C SER Q 319 23.51 -18.94 -85.40
N ALA Q 320 23.74 -18.12 -84.37
CA ALA Q 320 24.00 -16.70 -84.57
C ALA Q 320 25.41 -16.34 -84.08
N VAL Q 321 26.15 -15.64 -84.93
CA VAL Q 321 27.52 -15.25 -84.62
C VAL Q 321 27.69 -13.75 -84.83
N SER Q 322 28.30 -13.09 -83.85
CA SER Q 322 28.49 -11.63 -83.87
C SER Q 322 27.15 -10.92 -84.07
N SER Q 323 26.12 -11.45 -83.41
CA SER Q 323 24.76 -10.97 -83.62
C SER Q 323 24.01 -10.72 -82.31
N VAL Q 324 22.85 -10.10 -82.44
CA VAL Q 324 21.95 -9.86 -81.32
C VAL Q 324 20.56 -10.41 -81.65
N VAL Q 325 20.05 -11.29 -80.80
CA VAL Q 325 18.80 -11.99 -81.08
C VAL Q 325 17.78 -11.80 -79.97
N SER Q 326 16.57 -11.34 -80.34
CA SER Q 326 15.53 -11.07 -79.36
C SER Q 326 14.66 -12.28 -79.06
N GLY Q 327 13.62 -12.08 -78.26
CA GLY Q 327 12.74 -13.16 -77.85
C GLY Q 327 11.84 -13.64 -78.97
N ASP Q 328 11.27 -14.83 -78.80
CA ASP Q 328 10.35 -15.42 -79.76
C ASP Q 328 11.00 -15.60 -81.14
N CYS Q 329 12.33 -15.69 -81.16
CA CYS Q 329 13.07 -15.93 -82.40
C CYS Q 329 13.48 -17.39 -82.52
N ILE Q 330 13.14 -18.01 -83.63
CA ILE Q 330 13.56 -19.39 -83.87
C ILE Q 330 14.48 -19.47 -85.09
N ILE Q 331 15.75 -19.79 -84.82
CA ILE Q 331 16.77 -19.89 -85.85
C ILE Q 331 16.97 -21.36 -86.20
N SER Q 332 16.20 -21.83 -87.20
CA SER Q 332 16.18 -23.24 -87.55
C SER Q 332 17.01 -23.50 -88.80
N GLY Q 333 18.20 -24.07 -88.63
CA GLY Q 333 19.07 -24.38 -89.74
C GLY Q 333 19.59 -23.14 -90.46
N ALA Q 334 19.39 -21.99 -89.84
CA ALA Q 334 19.78 -20.71 -90.43
C ALA Q 334 21.05 -20.17 -89.81
N ALA Q 335 21.93 -19.63 -90.64
CA ALA Q 335 23.18 -19.07 -90.16
C ALA Q 335 23.15 -17.55 -90.18
N LEU Q 336 23.32 -16.95 -89.00
CA LEU Q 336 23.33 -15.50 -88.88
C LEU Q 336 24.73 -14.99 -88.57
N ASN Q 337 25.11 -13.89 -89.21
CA ASN Q 337 26.38 -13.24 -88.93
C ASN Q 337 26.23 -11.73 -89.01
N ARG Q 338 26.66 -11.04 -87.95
CA ARG Q 338 26.57 -9.59 -87.87
C ARG Q 338 25.16 -9.09 -88.18
N SER Q 339 24.18 -9.65 -87.48
CA SER Q 339 22.79 -9.28 -87.68
C SER Q 339 22.09 -8.92 -86.38
N LEU Q 340 21.08 -8.06 -86.47
CA LEU Q 340 20.27 -7.72 -85.32
C LEU Q 340 18.82 -8.15 -85.59
N LEU Q 341 18.34 -9.08 -84.78
CA LEU Q 341 16.97 -9.57 -84.91
C LEU Q 341 16.06 -9.03 -83.82
N PHE Q 342 14.92 -8.48 -84.23
CA PHE Q 342 13.89 -8.06 -83.29
C PHE Q 342 13.05 -9.27 -82.91
N THR Q 343 12.03 -9.07 -82.09
CA THR Q 343 11.25 -10.20 -81.59
C THR Q 343 10.45 -10.92 -82.69
N GLY Q 344 10.30 -12.23 -82.53
CA GLY Q 344 9.40 -13.00 -83.37
C GLY Q 344 9.91 -13.44 -84.73
N VAL Q 345 11.19 -13.18 -85.02
CA VAL Q 345 11.76 -13.54 -86.32
C VAL Q 345 11.91 -15.05 -86.46
N ARG Q 346 11.50 -15.58 -87.62
CA ARG Q 346 11.66 -17.01 -87.90
CA ARG Q 346 11.63 -17.01 -87.92
C ARG Q 346 12.49 -17.23 -89.15
N ALA Q 347 13.72 -17.71 -88.96
CA ALA Q 347 14.61 -18.00 -90.08
C ALA Q 347 14.73 -19.51 -90.24
N ASN Q 348 14.48 -19.99 -91.45
CA ASN Q 348 14.39 -21.43 -91.70
C ASN Q 348 15.63 -22.02 -92.36
N SER Q 349 15.62 -23.34 -92.51
CA SER Q 349 16.80 -24.11 -92.90
C SER Q 349 17.52 -23.61 -94.14
N TYR Q 350 18.84 -23.67 -94.09
CA TYR Q 350 19.72 -23.33 -95.21
C TYR Q 350 19.62 -21.87 -95.63
N SER Q 351 19.00 -21.03 -94.82
CA SER Q 351 18.94 -19.60 -95.10
C SER Q 351 20.15 -18.90 -94.50
N ARG Q 352 20.48 -17.73 -95.04
CA ARG Q 352 21.65 -16.99 -94.61
C ARG Q 352 21.37 -15.49 -94.44
N LEU Q 353 21.60 -14.98 -93.24
CA LEU Q 353 21.56 -13.55 -92.99
C LEU Q 353 22.96 -13.04 -92.66
N GLU Q 354 23.33 -11.92 -93.26
CA GLU Q 354 24.58 -11.26 -92.94
C GLU Q 354 24.43 -9.76 -93.09
N ASN Q 355 24.93 -9.01 -92.11
CA ASN Q 355 24.73 -7.56 -92.05
C ASN Q 355 23.27 -7.17 -92.20
N ALA Q 356 22.40 -7.85 -91.46
CA ALA Q 356 20.96 -7.66 -91.60
C ALA Q 356 20.32 -7.09 -90.33
N VAL Q 357 19.54 -6.04 -90.51
CA VAL Q 357 18.65 -5.54 -89.47
C VAL Q 357 17.26 -6.10 -89.74
N VAL Q 358 16.80 -7.00 -88.89
CA VAL Q 358 15.57 -7.75 -89.14
C VAL Q 358 14.47 -7.38 -88.16
N LEU Q 359 13.52 -6.58 -88.64
CA LEU Q 359 12.44 -6.04 -87.81
C LEU Q 359 11.49 -7.14 -87.31
N PRO Q 360 10.58 -6.83 -86.37
CA PRO Q 360 9.78 -7.89 -85.74
C PRO Q 360 8.96 -8.78 -86.68
N SER Q 361 8.85 -10.06 -86.30
CA SER Q 361 7.95 -11.02 -86.93
C SER Q 361 8.23 -11.31 -88.40
N VAL Q 362 9.47 -11.10 -88.83
CA VAL Q 362 9.87 -11.40 -90.20
C VAL Q 362 10.07 -12.89 -90.40
N LYS Q 363 9.61 -13.40 -91.54
CA LYS Q 363 9.81 -14.80 -91.89
C LYS Q 363 10.81 -14.92 -93.03
N ILE Q 364 11.90 -15.63 -92.79
CA ILE Q 364 12.90 -15.89 -93.81
C ILE Q 364 12.74 -17.34 -94.30
N GLY Q 365 12.38 -17.49 -95.57
CA GLY Q 365 12.16 -18.81 -96.13
C GLY Q 365 13.46 -19.58 -96.31
N ARG Q 366 13.34 -20.90 -96.43
CA ARG Q 366 14.49 -21.76 -96.69
C ARG Q 366 15.34 -21.29 -97.86
N HIS Q 367 16.65 -21.51 -97.75
CA HIS Q 367 17.61 -21.24 -98.82
C HIS Q 367 17.74 -19.78 -99.23
N ALA Q 368 17.04 -18.89 -98.53
CA ALA Q 368 17.17 -17.46 -98.79
C ALA Q 368 18.53 -16.99 -98.30
N GLN Q 369 19.14 -16.08 -99.04
CA GLN Q 369 20.43 -15.53 -98.62
C GLN Q 369 20.42 -14.02 -98.78
N LEU Q 370 20.39 -13.31 -97.64
CA LEU Q 370 20.27 -11.86 -97.63
C LEU Q 370 21.49 -11.21 -96.98
N SER Q 371 22.06 -10.23 -97.67
CA SER Q 371 23.22 -9.52 -97.14
C SER Q 371 23.06 -8.01 -97.27
N ASN Q 372 23.46 -7.29 -96.23
CA ASN Q 372 23.39 -5.83 -96.20
C ASN Q 372 21.98 -5.29 -96.42
N VAL Q 373 21.05 -5.69 -95.55
CA VAL Q 373 19.65 -5.32 -95.72
C VAL Q 373 19.02 -4.72 -94.48
N VAL Q 374 17.88 -4.08 -94.69
CA VAL Q 374 16.98 -3.69 -93.62
C VAL Q 374 15.60 -4.24 -93.99
N ILE Q 375 15.19 -5.29 -93.30
CA ILE Q 375 13.91 -5.92 -93.58
C ILE Q 375 12.79 -5.33 -92.75
N ASP Q 376 11.71 -4.91 -93.40
CA ASP Q 376 10.60 -4.27 -92.73
C ASP Q 376 9.84 -5.25 -91.83
N HIS Q 377 9.05 -4.71 -90.90
CA HIS Q 377 8.30 -5.51 -89.95
C HIS Q 377 7.20 -6.32 -90.64
N GLY Q 378 7.18 -7.63 -90.37
CA GLY Q 378 6.13 -8.50 -90.88
C GLY Q 378 6.39 -9.15 -92.22
N VAL Q 379 7.50 -8.76 -92.86
CA VAL Q 379 7.85 -9.24 -94.19
C VAL Q 379 8.09 -10.75 -94.22
N VAL Q 380 7.54 -11.42 -95.23
CA VAL Q 380 7.81 -12.84 -95.45
C VAL Q 380 8.72 -13.00 -96.66
N ILE Q 381 9.98 -13.32 -96.39
CA ILE Q 381 10.97 -13.54 -97.45
C ILE Q 381 10.73 -14.88 -98.14
N PRO Q 382 10.60 -14.84 -99.48
CA PRO Q 382 10.35 -16.06 -100.27
C PRO Q 382 11.52 -17.04 -100.18
N GLU Q 383 11.20 -18.34 -100.19
CA GLU Q 383 12.23 -19.38 -100.15
C GLU Q 383 13.25 -19.21 -101.26
N GLY Q 384 14.51 -19.09 -100.87
CA GLY Q 384 15.60 -19.05 -101.84
C GLY Q 384 15.94 -17.68 -102.39
N LEU Q 385 15.29 -16.65 -101.87
CA LEU Q 385 15.53 -15.29 -102.35
C LEU Q 385 16.97 -14.86 -102.09
N ILE Q 386 17.62 -14.32 -103.11
CA ILE Q 386 19.00 -13.88 -103.00
C ILE Q 386 19.11 -12.37 -103.06
N VAL Q 387 19.70 -11.78 -102.03
CA VAL Q 387 19.92 -10.33 -101.98
C VAL Q 387 21.36 -10.03 -101.59
N GLY Q 388 22.03 -9.22 -102.39
CA GLY Q 388 23.35 -8.72 -102.03
C GLY Q 388 24.52 -9.21 -102.85
N GLU Q 389 24.27 -10.04 -103.85
CA GLU Q 389 25.36 -10.54 -104.67
C GLU Q 389 25.34 -9.93 -106.07
N ASP Q 390 24.21 -9.38 -106.49
CA ASP Q 390 24.20 -8.61 -107.75
C ASP Q 390 23.54 -7.24 -107.58
N PRO Q 391 24.37 -6.20 -107.45
CA PRO Q 391 24.06 -4.81 -107.11
C PRO Q 391 22.99 -4.12 -107.95
N GLU Q 392 22.92 -4.35 -109.26
CA GLU Q 392 21.98 -3.60 -110.10
C GLU Q 392 20.72 -4.42 -110.40
N LEU Q 393 20.56 -5.53 -109.69
CA LEU Q 393 19.32 -6.30 -109.72
C LEU Q 393 18.50 -6.01 -108.45
N ASP Q 394 19.19 -5.82 -107.33
CA ASP Q 394 18.55 -5.54 -106.06
C ASP Q 394 17.86 -4.17 -106.03
N ALA Q 395 18.48 -3.18 -106.67
CA ALA Q 395 17.95 -1.81 -106.72
C ALA Q 395 16.70 -1.75 -107.59
N LYS Q 396 16.62 -2.66 -108.55
CA LYS Q 396 15.44 -2.79 -109.37
C LYS Q 396 14.32 -3.44 -108.57
N ARG Q 397 14.67 -4.37 -107.71
CA ARG Q 397 13.69 -5.06 -106.86
C ARG Q 397 13.37 -4.28 -105.60
N PHE Q 398 14.40 -3.76 -104.93
CA PHE Q 398 14.21 -3.15 -103.62
C PHE Q 398 14.77 -1.73 -103.55
N ARG Q 399 14.72 -1.14 -102.36
CA ARG Q 399 15.29 0.19 -102.15
C ARG Q 399 16.76 0.08 -101.77
N ARG Q 400 17.64 0.39 -102.72
CA ARG Q 400 19.07 0.25 -102.48
C ARG Q 400 19.74 1.60 -102.32
N THR Q 401 20.44 1.78 -101.21
CA THR Q 401 21.19 3.02 -100.98
C THR Q 401 22.47 3.01 -101.80
N GLU Q 402 23.17 4.13 -101.84
CA GLU Q 402 24.39 4.25 -102.62
C GLU Q 402 25.51 3.37 -102.05
N SER Q 403 25.36 2.95 -100.80
CA SER Q 403 26.38 2.16 -100.13
C SER Q 403 26.10 0.66 -100.20
N GLY Q 404 24.95 0.29 -100.76
CA GLY Q 404 24.64 -1.12 -100.97
C GLY Q 404 23.69 -1.73 -99.97
N ILE Q 405 22.93 -0.89 -99.26
CA ILE Q 405 21.95 -1.37 -98.31
C ILE Q 405 20.56 -1.45 -98.95
N CYS Q 406 19.92 -2.61 -98.81
CA CYS Q 406 18.59 -2.82 -99.39
C CYS Q 406 17.50 -2.82 -98.32
N LEU Q 407 16.59 -1.85 -98.40
CA LEU Q 407 15.41 -1.85 -97.55
C LEU Q 407 14.33 -2.71 -98.20
N ILE Q 408 13.93 -3.79 -97.51
CA ILE Q 408 12.97 -4.73 -98.08
C ILE Q 408 11.60 -4.66 -97.39
N THR Q 409 10.58 -4.32 -98.18
CA THR Q 409 9.21 -4.32 -97.68
C THR Q 409 8.42 -5.41 -98.36
N GLN Q 410 7.23 -5.70 -97.85
CA GLN Q 410 6.37 -6.73 -98.41
C GLN Q 410 5.86 -6.33 -99.80
N SER Q 411 5.68 -5.03 -100.01
CA SER Q 411 5.24 -4.52 -101.31
C SER Q 411 6.25 -4.86 -102.39
N MET Q 412 7.52 -4.63 -102.11
CA MET Q 412 8.60 -4.97 -103.04
C MET Q 412 8.62 -6.48 -103.31
N ILE Q 413 8.39 -7.26 -102.27
CA ILE Q 413 8.30 -8.71 -102.38
C ILE Q 413 7.10 -9.12 -103.23
N ASP Q 414 5.97 -8.47 -102.98
CA ASP Q 414 4.74 -8.75 -103.69
C ASP Q 414 4.88 -8.51 -105.19
N LYS Q 415 5.70 -7.53 -105.56
CA LYS Q 415 5.88 -7.18 -106.97
C LYS Q 415 6.85 -8.13 -107.68
N LEU Q 416 7.19 -9.24 -107.02
CA LEU Q 416 7.98 -10.28 -107.66
C LEU Q 416 7.10 -11.53 -107.85
N ASP Q 417 7.73 -12.62 -108.24
CA ASP Q 417 7.05 -13.91 -108.27
C ASP Q 417 7.76 -14.86 -107.31
N LEU Q 418 7.83 -14.44 -106.05
CA LEU Q 418 8.45 -15.20 -104.97
C LEU Q 418 9.78 -15.84 -105.37
N ALA R 3 39.28 -12.29 16.86
CA ALA R 3 39.91 -13.29 16.00
C ALA R 3 39.91 -14.66 16.67
N VAL R 4 38.71 -15.14 17.02
CA VAL R 4 38.53 -16.45 17.68
C VAL R 4 37.64 -17.45 16.87
N GLN R 5 36.32 -17.21 16.77
CA GLN R 5 35.51 -17.57 15.58
C GLN R 5 36.20 -17.68 14.22
N PRO R 6 36.24 -18.91 13.70
CA PRO R 6 36.48 -19.21 12.29
C PRO R 6 35.40 -18.61 11.39
N LEU R 7 35.83 -18.04 10.26
CA LEU R 7 34.92 -17.35 9.36
C LEU R 7 34.02 -18.31 8.60
N ALA R 8 34.46 -19.56 8.49
CA ALA R 8 33.71 -20.59 7.78
C ALA R 8 32.37 -20.91 8.44
N ARG R 9 32.25 -20.59 9.73
CA ARG R 9 31.00 -20.77 10.46
C ARG R 9 29.88 -19.92 9.85
N ASP R 10 30.20 -18.69 9.47
CA ASP R 10 29.21 -17.78 8.90
C ASP R 10 29.46 -17.60 7.41
N ALA R 11 29.87 -18.67 6.74
CA ALA R 11 30.10 -18.63 5.31
C ALA R 11 29.21 -19.64 4.60
N MET R 12 28.85 -19.33 3.36
CA MET R 12 28.08 -20.25 2.54
C MET R 12 28.78 -20.50 1.21
N ALA R 13 29.18 -21.74 0.98
CA ALA R 13 29.79 -22.12 -0.29
C ALA R 13 28.72 -22.22 -1.36
N TYR R 14 28.92 -21.51 -2.46
CA TYR R 14 27.97 -21.53 -3.57
C TYR R 14 28.66 -22.10 -4.81
N VAL R 15 28.33 -23.33 -5.16
CA VAL R 15 29.01 -24.03 -6.22
C VAL R 15 28.25 -23.93 -7.55
N LEU R 16 28.96 -23.46 -8.58
CA LEU R 16 28.39 -23.32 -9.91
C LEU R 16 28.64 -24.59 -10.73
N ALA R 17 27.57 -25.35 -10.98
CA ALA R 17 27.69 -26.65 -11.61
C ALA R 17 26.94 -26.73 -12.92
N GLY R 18 26.98 -25.66 -13.70
CA GLY R 18 26.33 -25.62 -15.00
C GLY R 18 27.30 -25.85 -16.15
N GLY R 19 28.53 -26.20 -15.83
CA GLY R 19 29.57 -26.42 -16.83
C GLY R 19 29.19 -27.44 -17.89
N ARG R 20 29.40 -27.07 -19.15
CA ARG R 20 29.00 -27.93 -20.27
C ARG R 20 30.00 -29.05 -20.49
N GLY R 21 31.29 -28.73 -20.43
CA GLY R 21 32.32 -29.66 -20.82
C GLY R 21 32.18 -29.94 -22.31
N SER R 22 32.14 -28.85 -23.09
CA SER R 22 31.89 -28.95 -24.52
C SER R 22 32.98 -29.72 -25.25
N ARG R 23 34.24 -29.41 -24.93
CA ARG R 23 35.36 -30.06 -25.61
C ARG R 23 35.54 -31.51 -25.14
N LEU R 24 34.79 -31.89 -24.11
CA LEU R 24 34.78 -33.28 -23.65
C LEU R 24 33.88 -34.11 -24.55
N LYS R 25 33.19 -33.44 -25.46
CA LYS R 25 32.40 -34.08 -26.50
C LYS R 25 31.37 -35.06 -25.95
N GLU R 26 31.36 -36.28 -26.48
CA GLU R 26 30.35 -37.27 -26.14
C GLU R 26 30.34 -37.65 -24.65
N LEU R 27 31.43 -37.32 -23.96
CA LEU R 27 31.54 -37.63 -22.54
C LEU R 27 30.52 -36.83 -21.73
N THR R 28 30.13 -35.67 -22.26
CA THR R 28 29.14 -34.83 -21.60
C THR R 28 27.87 -34.70 -22.44
N ASP R 29 27.64 -35.66 -23.33
CA ASP R 29 26.44 -35.66 -24.16
C ASP R 29 25.17 -35.66 -23.31
N ARG R 30 25.19 -36.44 -22.23
CA ARG R 30 24.02 -36.55 -21.35
C ARG R 30 24.40 -36.34 -19.89
N ARG R 31 25.49 -35.59 -19.67
CA ARG R 31 25.93 -35.28 -18.32
C ARG R 31 26.54 -33.88 -18.28
N ALA R 32 26.40 -33.22 -17.14
CA ALA R 32 27.14 -31.98 -16.91
C ALA R 32 28.58 -32.34 -16.56
N LYS R 33 29.51 -31.45 -16.84
CA LYS R 33 30.91 -31.70 -16.54
C LYS R 33 31.18 -32.01 -15.06
N PRO R 34 30.53 -31.29 -14.12
CA PRO R 34 30.72 -31.66 -12.71
C PRO R 34 30.32 -33.10 -12.37
N ALA R 35 29.54 -33.75 -13.23
CA ALA R 35 29.07 -35.10 -12.96
C ALA R 35 29.95 -36.17 -13.60
N VAL R 36 30.97 -35.72 -14.34
CA VAL R 36 31.88 -36.66 -14.99
C VAL R 36 32.73 -37.38 -13.94
N TYR R 37 32.83 -38.69 -14.08
CA TYR R 37 33.56 -39.53 -13.13
C TYR R 37 35.05 -39.22 -13.12
N PHE R 38 35.66 -39.30 -11.95
CA PHE R 38 37.10 -39.10 -11.83
C PHE R 38 37.73 -39.88 -10.68
N GLY R 39 38.89 -40.47 -10.94
CA GLY R 39 39.69 -41.06 -9.89
C GLY R 39 39.36 -42.49 -9.55
N GLY R 40 38.33 -43.03 -10.20
CA GLY R 40 37.95 -44.41 -9.96
C GLY R 40 36.68 -44.56 -9.15
N LYS R 41 36.37 -43.58 -8.30
CA LYS R 41 35.23 -43.70 -7.39
C LYS R 41 34.35 -42.46 -7.30
N ALA R 42 34.93 -41.29 -7.54
CA ALA R 42 34.20 -40.04 -7.34
C ALA R 42 33.78 -39.37 -8.64
N ARG R 43 33.10 -38.23 -8.49
CA ARG R 43 32.80 -37.36 -9.62
C ARG R 43 33.54 -36.03 -9.39
N ILE R 44 33.63 -35.22 -10.45
CA ILE R 44 34.41 -33.98 -10.38
C ILE R 44 33.88 -33.00 -9.33
N ILE R 45 32.56 -32.87 -9.23
CA ILE R 45 31.96 -31.91 -8.31
C ILE R 45 32.25 -32.25 -6.83
N ASP R 46 32.57 -33.50 -6.54
CA ASP R 46 32.83 -33.93 -5.17
C ASP R 46 34.08 -33.27 -4.57
N PHE R 47 34.95 -32.74 -5.41
CA PHE R 47 36.17 -32.12 -4.91
C PHE R 47 35.89 -30.75 -4.32
N ALA R 48 35.13 -29.91 -5.01
CA ALA R 48 34.75 -28.61 -4.48
C ALA R 48 33.91 -28.79 -3.22
N LEU R 49 32.97 -29.72 -3.28
CA LEU R 49 32.07 -29.99 -2.15
C LEU R 49 32.84 -30.45 -0.91
N SER R 50 33.79 -31.36 -1.11
CA SER R 50 34.61 -31.85 0.00
C SER R 50 35.50 -30.74 0.55
N ASN R 51 36.00 -29.89 -0.33
CA ASN R 51 36.78 -28.72 0.08
C ASN R 51 35.96 -27.82 1.01
N ALA R 52 34.72 -27.56 0.63
CA ALA R 52 33.83 -26.74 1.45
C ALA R 52 33.58 -27.40 2.80
N LEU R 53 33.25 -28.68 2.77
CA LEU R 53 32.99 -29.46 3.97
C LEU R 53 34.21 -29.49 4.90
N ASN R 54 35.36 -29.82 4.34
CA ASN R 54 36.59 -29.94 5.13
C ASN R 54 37.09 -28.59 5.65
N SER R 55 36.70 -27.50 4.99
CA SER R 55 37.09 -26.16 5.42
C SER R 55 36.19 -25.63 6.53
N GLY R 56 35.15 -26.40 6.85
CA GLY R 56 34.26 -26.04 7.94
C GLY R 56 33.01 -25.30 7.50
N ILE R 57 32.77 -25.26 6.19
CA ILE R 57 31.56 -24.62 5.66
C ILE R 57 30.37 -25.56 5.75
N ARG R 58 29.35 -25.16 6.50
CA ARG R 58 28.21 -26.03 6.78
C ARG R 58 27.02 -25.74 5.88
N ARG R 59 27.08 -24.65 5.13
CA ARG R 59 26.00 -24.31 4.21
C ARG R 59 26.49 -24.32 2.77
N ILE R 60 25.97 -25.26 1.99
CA ILE R 60 26.37 -25.39 0.59
C ILE R 60 25.16 -25.27 -0.32
N GLY R 61 25.30 -24.46 -1.36
CA GLY R 61 24.31 -24.39 -2.42
C GLY R 61 24.97 -24.79 -3.73
N VAL R 62 24.26 -25.57 -4.54
CA VAL R 62 24.78 -26.00 -5.82
C VAL R 62 23.84 -25.61 -6.94
N ALA R 63 24.27 -24.70 -7.80
CA ALA R 63 23.46 -24.23 -8.92
C ALA R 63 23.69 -25.11 -10.14
N THR R 64 22.63 -25.80 -10.59
CA THR R 64 22.72 -26.68 -11.75
C THR R 64 22.03 -26.08 -12.96
N GLN R 65 22.47 -26.47 -14.14
CA GLN R 65 21.90 -25.94 -15.38
C GLN R 65 21.54 -27.04 -16.37
N TYR R 66 22.42 -27.29 -17.34
CA TYR R 66 22.11 -28.18 -18.45
C TYR R 66 22.54 -29.62 -18.20
N LYS R 67 21.79 -30.57 -18.75
CA LYS R 67 22.06 -32.00 -18.61
C LYS R 67 22.31 -32.36 -17.15
N ALA R 68 21.43 -31.86 -16.27
CA ALA R 68 21.69 -31.89 -14.83
C ALA R 68 21.04 -33.06 -14.10
N HIS R 69 20.48 -34.02 -14.83
CA HIS R 69 19.75 -35.11 -14.18
C HIS R 69 20.64 -35.96 -13.26
N SER R 70 21.74 -36.45 -13.79
CA SER R 70 22.58 -37.37 -13.02
C SER R 70 23.40 -36.61 -11.98
N LEU R 71 23.63 -35.33 -12.22
CA LEU R 71 24.31 -34.49 -11.26
C LEU R 71 23.43 -34.28 -10.04
N ILE R 72 22.16 -33.98 -10.26
CA ILE R 72 21.21 -33.78 -9.18
C ILE R 72 20.99 -35.06 -8.38
N ARG R 73 20.83 -36.17 -9.10
CA ARG R 73 20.65 -37.49 -8.48
C ARG R 73 21.85 -37.88 -7.61
N HIS R 74 23.05 -37.62 -8.14
CA HIS R 74 24.29 -37.87 -7.41
C HIS R 74 24.34 -37.05 -6.12
N LEU R 75 23.93 -35.78 -6.21
CA LEU R 75 23.91 -34.90 -5.05
C LEU R 75 22.85 -35.35 -4.04
N GLN R 76 21.74 -35.87 -4.55
CA GLN R 76 20.64 -36.32 -3.70
C GLN R 76 21.01 -37.53 -2.86
N ARG R 77 21.81 -38.42 -3.43
CA ARG R 77 22.09 -39.70 -2.79
C ARG R 77 23.45 -39.73 -2.11
N GLY R 78 24.34 -38.84 -2.52
CA GLY R 78 25.69 -38.80 -1.96
C GLY R 78 25.86 -37.75 -0.87
N TRP R 79 25.28 -36.58 -1.08
CA TRP R 79 25.43 -35.47 -0.15
C TRP R 79 24.12 -35.22 0.59
N ASP R 80 23.69 -36.24 1.34
CA ASP R 80 22.38 -36.29 1.96
C ASP R 80 22.43 -36.23 3.48
N PHE R 81 23.60 -35.97 4.04
CA PHE R 81 23.81 -36.09 5.48
C PHE R 81 23.74 -34.76 6.23
N PHE R 82 23.34 -33.70 5.53
CA PHE R 82 23.19 -32.40 6.16
C PHE R 82 21.83 -32.29 6.85
N ARG R 83 21.80 -31.67 8.03
CA ARG R 83 20.54 -31.49 8.74
C ARG R 83 20.37 -30.04 9.17
N PRO R 84 19.32 -29.38 8.65
CA PRO R 84 18.99 -27.98 8.93
C PRO R 84 19.00 -27.60 10.42
N GLU R 85 18.49 -28.48 11.28
CA GLU R 85 18.39 -28.15 12.69
C GLU R 85 19.76 -28.18 13.38
N ARG R 86 20.79 -28.63 12.68
CA ARG R 86 22.16 -28.52 13.17
C ARG R 86 22.88 -27.35 12.49
N ASN R 87 22.09 -26.44 11.94
CA ASN R 87 22.59 -25.26 11.22
C ASN R 87 23.48 -25.61 10.04
N GLU R 88 23.10 -26.68 9.34
CA GLU R 88 23.71 -27.03 8.08
C GLU R 88 22.65 -26.99 7.00
N SER R 89 23.07 -26.94 5.74
CA SER R 89 22.13 -27.02 4.64
C SER R 89 22.85 -27.41 3.36
N PHE R 90 22.18 -28.21 2.56
CA PHE R 90 22.66 -28.56 1.24
C PHE R 90 21.53 -28.37 0.25
N ASP R 91 21.58 -27.26 -0.49
CA ASP R 91 20.52 -26.93 -1.43
C ASP R 91 20.93 -27.18 -2.87
N ILE R 92 20.13 -28.00 -3.56
CA ILE R 92 20.28 -28.19 -4.99
C ILE R 92 19.40 -27.16 -5.70
N LEU R 93 20.05 -26.22 -6.38
CA LEU R 93 19.33 -25.08 -6.95
C LEU R 93 19.25 -25.17 -8.47
N ALA R 94 18.31 -25.97 -8.96
CA ALA R 94 18.13 -26.15 -10.39
C ALA R 94 17.53 -24.89 -11.03
N THR R 102 11.69 -17.50 -15.21
CA THR R 102 12.07 -18.91 -15.11
C THR R 102 13.24 -19.21 -16.04
N GLN R 103 12.93 -19.56 -17.30
CA GLN R 103 13.94 -19.70 -18.35
C GLN R 103 14.99 -20.76 -18.02
N TRP R 104 16.23 -20.38 -18.28
CA TRP R 104 17.42 -21.06 -17.79
C TRP R 104 18.00 -20.12 -16.73
N TYR R 105 19.29 -20.25 -16.48
CA TYR R 105 20.04 -19.16 -15.87
C TYR R 105 20.64 -18.37 -17.02
N GLU R 106 20.65 -17.05 -16.89
CA GLU R 106 21.18 -16.21 -17.96
C GLU R 106 22.69 -16.21 -17.94
N GLY R 107 23.26 -16.33 -16.75
CA GLY R 107 24.70 -16.37 -16.59
C GLY R 107 25.07 -16.91 -15.22
N THR R 108 26.35 -16.83 -14.89
CA THR R 108 26.85 -17.34 -13.62
C THR R 108 26.42 -16.42 -12.47
N ALA R 109 26.45 -15.11 -12.70
CA ALA R 109 26.00 -14.16 -11.70
C ALA R 109 24.49 -14.27 -11.49
N ASP R 110 23.79 -14.66 -12.55
CA ASP R 110 22.34 -14.82 -12.51
C ASP R 110 21.96 -16.00 -11.61
N ALA R 111 22.80 -17.02 -11.60
CA ALA R 111 22.57 -18.23 -10.81
C ALA R 111 22.48 -17.91 -9.31
N VAL R 112 23.14 -16.83 -8.90
CA VAL R 112 23.13 -16.42 -7.51
C VAL R 112 21.99 -15.44 -7.25
N TYR R 113 21.64 -14.64 -8.25
CA TYR R 113 20.60 -13.63 -8.13
C TYR R 113 19.19 -14.23 -8.10
N GLN R 114 18.96 -15.25 -8.91
CA GLN R 114 17.65 -15.92 -8.92
C GLN R 114 17.40 -16.69 -7.62
N ASN R 115 18.46 -16.91 -6.84
CA ASN R 115 18.35 -17.67 -5.60
C ASN R 115 18.70 -16.84 -4.38
N ILE R 116 18.38 -15.55 -4.43
CA ILE R 116 18.59 -14.67 -3.28
C ILE R 116 17.62 -15.06 -2.16
N ASP R 117 16.44 -15.51 -2.55
CA ASP R 117 15.40 -15.86 -1.60
C ASP R 117 15.75 -17.13 -0.81
N ILE R 118 16.82 -17.80 -1.22
CA ILE R 118 17.29 -18.99 -0.51
C ILE R 118 18.51 -18.63 0.34
N ILE R 119 19.30 -17.69 -0.15
CA ILE R 119 20.47 -17.19 0.57
C ILE R 119 20.07 -16.30 1.75
N GLU R 120 19.09 -15.42 1.51
CA GLU R 120 18.64 -14.46 2.53
C GLU R 120 18.28 -15.09 3.89
N PRO R 121 17.43 -16.14 3.92
CA PRO R 121 17.05 -16.68 5.23
C PRO R 121 18.21 -17.20 6.07
N TYR R 122 19.24 -17.72 5.42
CA TYR R 122 20.44 -18.18 6.13
C TYR R 122 21.25 -17.00 6.63
N ALA R 123 21.17 -15.90 5.88
CA ALA R 123 21.93 -14.68 6.16
C ALA R 123 23.40 -14.93 6.49
N PRO R 124 24.14 -15.60 5.58
CA PRO R 124 25.55 -15.80 5.88
C PRO R 124 26.32 -14.50 5.75
N GLU R 125 27.40 -14.34 6.50
CA GLU R 125 28.19 -13.13 6.42
C GLU R 125 29.09 -13.17 5.19
N TYR R 126 29.49 -14.37 4.79
CA TYR R 126 30.42 -14.55 3.68
C TYR R 126 29.87 -15.49 2.61
N MET R 127 30.23 -15.24 1.36
CA MET R 127 29.86 -16.09 0.25
C MET R 127 31.08 -16.59 -0.50
N VAL R 128 31.28 -17.90 -0.52
CA VAL R 128 32.38 -18.49 -1.26
C VAL R 128 31.86 -19.08 -2.57
N ILE R 129 32.10 -18.36 -3.66
CA ILE R 129 31.66 -18.79 -4.98
C ILE R 129 32.68 -19.74 -5.61
N LEU R 130 32.22 -20.93 -5.99
CA LEU R 130 33.13 -21.96 -6.48
C LEU R 130 32.71 -22.50 -7.86
N ALA R 131 33.70 -22.91 -8.64
CA ALA R 131 33.44 -23.64 -9.87
C ALA R 131 33.43 -25.14 -9.55
N GLY R 132 32.41 -25.84 -10.02
CA GLY R 132 32.26 -27.25 -9.69
C GLY R 132 32.79 -28.21 -10.73
N ASP R 133 33.71 -27.74 -11.58
CA ASP R 133 34.20 -28.56 -12.67
C ASP R 133 35.73 -28.68 -12.66
N HIS R 134 36.34 -28.40 -11.53
CA HIS R 134 37.80 -28.51 -11.40
C HIS R 134 38.18 -29.49 -10.31
N ILE R 135 39.32 -30.15 -10.47
CA ILE R 135 39.83 -31.08 -9.49
C ILE R 135 40.98 -30.48 -8.70
N TYR R 136 40.77 -30.27 -7.41
CA TYR R 136 41.74 -29.61 -6.55
C TYR R 136 41.35 -29.73 -5.09
N LYS R 137 42.32 -29.56 -4.19
CA LYS R 137 42.05 -29.54 -2.76
C LYS R 137 42.52 -28.21 -2.17
N MET R 138 41.62 -27.55 -1.45
CA MET R 138 41.86 -26.18 -1.00
C MET R 138 41.11 -25.86 0.29
N ASP R 139 41.83 -25.28 1.25
CA ASP R 139 41.24 -24.81 2.50
C ASP R 139 40.76 -23.36 2.35
N TYR R 140 39.45 -23.17 2.46
CA TYR R 140 38.86 -21.87 2.18
C TYR R 140 38.91 -20.90 3.37
N GLU R 141 39.35 -21.38 4.53
CA GLU R 141 39.46 -20.52 5.70
C GLU R 141 40.55 -19.47 5.50
N TYR R 142 41.59 -19.83 4.76
CA TYR R 142 42.66 -18.90 4.42
C TYR R 142 42.12 -17.75 3.58
N MET R 143 41.45 -18.10 2.49
CA MET R 143 40.91 -17.12 1.56
C MET R 143 39.86 -16.23 2.22
N LEU R 144 39.16 -16.78 3.21
CA LEU R 144 38.19 -16.01 3.98
C LEU R 144 38.89 -15.00 4.90
N GLN R 145 39.95 -15.46 5.58
CA GLN R 145 40.68 -14.63 6.51
C GLN R 145 41.39 -13.48 5.81
N GLN R 146 41.99 -13.76 4.65
CA GLN R 146 42.66 -12.75 3.85
C GLN R 146 41.67 -11.71 3.35
N HIS R 147 40.45 -12.15 3.02
CA HIS R 147 39.42 -11.26 2.51
C HIS R 147 39.03 -10.22 3.55
N VAL R 148 38.73 -10.69 4.76
CA VAL R 148 38.38 -9.80 5.86
C VAL R 148 39.55 -8.90 6.23
N ASP R 149 40.75 -9.48 6.29
CA ASP R 149 41.98 -8.74 6.60
C ASP R 149 42.24 -7.59 5.64
N SER R 150 42.28 -7.91 4.35
CA SER R 150 42.63 -6.93 3.32
C SER R 150 41.58 -5.85 3.17
N GLY R 151 40.33 -6.18 3.46
CA GLY R 151 39.24 -5.24 3.29
C GLY R 151 38.77 -5.16 1.85
N ALA R 152 39.10 -6.19 1.08
CA ALA R 152 38.72 -6.24 -0.34
C ALA R 152 37.22 -6.37 -0.51
N ASP R 153 36.72 -5.95 -1.67
CA ASP R 153 35.33 -6.16 -2.04
C ASP R 153 35.15 -7.57 -2.56
N VAL R 154 36.22 -8.12 -3.13
CA VAL R 154 36.24 -9.50 -3.59
C VAL R 154 37.67 -10.03 -3.58
N THR R 155 37.82 -11.24 -3.04
CA THR R 155 39.08 -11.95 -3.08
C THR R 155 38.96 -13.06 -4.12
N ILE R 156 39.92 -13.14 -5.03
CA ILE R 156 39.83 -14.06 -6.16
C ILE R 156 40.88 -15.15 -6.06
N GLY R 157 40.47 -16.39 -6.36
CA GLY R 157 41.38 -17.52 -6.34
C GLY R 157 42.23 -17.55 -7.60
N CYS R 158 43.53 -17.60 -7.43
CA CYS R 158 44.43 -17.53 -8.57
C CYS R 158 45.56 -18.56 -8.53
N LEU R 159 45.83 -19.16 -9.68
CA LEU R 159 46.96 -20.04 -9.85
C LEU R 159 48.17 -19.25 -10.30
N GLU R 160 49.33 -19.58 -9.74
CA GLU R 160 50.59 -18.99 -10.19
C GLU R 160 51.23 -19.92 -11.22
N VAL R 161 51.03 -19.60 -12.50
CA VAL R 161 51.51 -20.44 -13.59
C VAL R 161 52.47 -19.66 -14.49
N PRO R 162 53.39 -20.38 -15.16
CA PRO R 162 54.27 -19.73 -16.14
C PRO R 162 53.46 -19.05 -17.23
N ARG R 163 53.90 -17.87 -17.67
CA ARG R 163 53.17 -17.07 -18.65
C ARG R 163 52.66 -17.86 -19.85
N MET R 164 53.52 -18.69 -20.43
CA MET R 164 53.16 -19.44 -21.61
C MET R 164 51.96 -20.36 -21.37
N GLU R 165 51.76 -20.76 -20.11
CA GLU R 165 50.60 -21.57 -19.74
C GLU R 165 49.35 -20.74 -19.49
N ALA R 166 49.54 -19.45 -19.20
CA ALA R 166 48.43 -18.58 -18.85
C ALA R 166 47.66 -18.10 -20.07
N THR R 167 48.13 -18.45 -21.26
CA THR R 167 47.53 -17.98 -22.50
C THR R 167 46.12 -18.53 -22.74
N GLY R 168 45.77 -19.60 -22.02
CA GLY R 168 44.46 -20.19 -22.13
C GLY R 168 43.55 -19.80 -20.98
N PHE R 169 44.11 -19.04 -20.04
CA PHE R 169 43.39 -18.66 -18.83
C PHE R 169 42.98 -17.20 -18.83
N GLY R 170 41.93 -16.89 -18.05
CA GLY R 170 41.64 -15.51 -17.73
C GLY R 170 42.71 -15.08 -16.74
N VAL R 171 43.41 -14.00 -17.05
CA VAL R 171 44.57 -13.61 -16.26
C VAL R 171 44.30 -12.34 -15.46
N MET R 172 44.68 -12.39 -14.18
CA MET R 172 44.56 -11.24 -13.30
C MET R 172 45.88 -10.46 -13.25
N HIS R 173 45.86 -9.24 -13.76
CA HIS R 173 47.02 -8.37 -13.66
C HIS R 173 46.98 -7.67 -12.30
N VAL R 174 48.09 -7.76 -11.57
CA VAL R 174 48.16 -7.37 -10.17
C VAL R 174 49.40 -6.51 -9.90
N ASN R 175 49.32 -5.60 -8.93
CA ASN R 175 50.49 -4.79 -8.57
C ASN R 175 51.44 -5.53 -7.63
N GLU R 176 52.10 -4.80 -6.74
CA GLU R 176 53.04 -5.42 -5.82
C GLU R 176 52.34 -5.79 -4.50
N LYS R 177 51.10 -5.36 -4.37
CA LYS R 177 50.32 -5.61 -3.16
C LYS R 177 49.21 -6.64 -3.42
N ASP R 178 49.41 -7.45 -4.46
CA ASP R 178 48.42 -8.43 -4.90
C ASP R 178 47.02 -7.84 -5.07
N GLU R 179 46.98 -6.57 -5.46
CA GLU R 179 45.73 -5.87 -5.73
C GLU R 179 45.52 -5.79 -7.24
N ILE R 180 44.40 -6.33 -7.70
CA ILE R 180 44.16 -6.47 -9.14
C ILE R 180 43.82 -5.14 -9.80
N ILE R 181 44.45 -4.87 -10.94
CA ILE R 181 44.23 -3.61 -11.63
C ILE R 181 43.72 -3.80 -13.06
N ASP R 182 43.68 -5.06 -13.51
CA ASP R 182 43.04 -5.39 -14.79
C ASP R 182 42.79 -6.90 -14.93
N PHE R 183 41.92 -7.26 -15.86
CA PHE R 183 41.59 -8.66 -16.12
C PHE R 183 41.50 -8.92 -17.62
N ILE R 184 42.20 -9.96 -18.09
CA ILE R 184 42.29 -10.24 -19.52
C ILE R 184 42.01 -11.71 -19.82
N GLU R 185 41.00 -11.96 -20.65
CA GLU R 185 40.70 -13.31 -21.11
C GLU R 185 41.72 -13.76 -22.15
N LYS R 186 42.36 -14.90 -21.89
CA LYS R 186 43.29 -15.54 -22.81
C LYS R 186 44.24 -14.58 -23.54
N PRO R 187 45.07 -13.85 -22.79
CA PRO R 187 46.00 -12.92 -23.46
C PRO R 187 47.03 -13.67 -24.28
N ALA R 188 47.38 -13.14 -25.45
CA ALA R 188 48.44 -13.72 -26.25
C ALA R 188 49.75 -13.60 -25.49
N ASP R 189 49.94 -12.45 -24.84
CA ASP R 189 51.08 -12.24 -23.98
C ASP R 189 50.61 -11.93 -22.55
N PRO R 190 50.48 -12.96 -21.72
CA PRO R 190 49.99 -12.83 -20.35
C PRO R 190 50.82 -11.85 -19.52
N PRO R 191 50.14 -10.89 -18.88
CA PRO R 191 50.73 -9.90 -17.99
C PRO R 191 51.36 -10.56 -16.76
N GLY R 192 52.67 -10.41 -16.61
CA GLY R 192 53.39 -11.07 -15.53
C GLY R 192 53.25 -10.40 -14.17
N ILE R 193 53.72 -11.09 -13.14
CA ILE R 193 53.68 -10.59 -11.77
C ILE R 193 54.87 -9.69 -11.49
N PRO R 194 54.62 -8.48 -10.95
CA PRO R 194 55.67 -7.52 -10.61
C PRO R 194 56.72 -8.10 -9.68
N GLY R 195 57.98 -8.11 -10.14
CA GLY R 195 59.07 -8.65 -9.36
C GLY R 195 59.28 -10.12 -9.63
N ASN R 196 58.25 -10.76 -10.19
CA ASN R 196 58.29 -12.17 -10.54
C ASN R 196 57.67 -12.42 -11.90
N GLU R 197 58.25 -11.79 -12.92
CA GLU R 197 57.78 -11.98 -14.29
C GLU R 197 58.06 -13.41 -14.72
N GLY R 198 57.44 -13.85 -15.80
CA GLY R 198 57.55 -15.24 -16.21
C GLY R 198 56.39 -16.05 -15.68
N PHE R 199 55.80 -15.55 -14.59
CA PHE R 199 54.62 -16.16 -14.01
C PHE R 199 53.43 -15.21 -14.08
N ALA R 200 52.24 -15.77 -14.28
CA ALA R 200 51.01 -14.97 -14.33
C ALA R 200 49.94 -15.56 -13.42
N LEU R 201 49.14 -14.69 -12.81
CA LEU R 201 48.06 -15.14 -11.94
C LEU R 201 46.82 -15.49 -12.76
N ALA R 202 46.51 -16.77 -12.83
CA ALA R 202 45.37 -17.25 -13.60
C ALA R 202 44.17 -17.51 -12.69
N SER R 203 43.03 -16.92 -13.03
CA SER R 203 41.82 -17.09 -12.23
C SER R 203 41.30 -18.52 -12.28
N MET R 204 41.09 -19.12 -11.11
CA MET R 204 40.53 -20.46 -11.05
C MET R 204 39.02 -20.40 -10.81
N GLY R 205 38.47 -19.19 -10.86
CA GLY R 205 37.03 -19.00 -10.78
C GLY R 205 36.48 -19.14 -9.37
N ILE R 206 37.30 -18.81 -8.38
CA ILE R 206 36.89 -18.85 -6.98
C ILE R 206 36.80 -17.43 -6.42
N TYR R 207 35.63 -17.06 -5.94
CA TYR R 207 35.40 -15.69 -5.47
C TYR R 207 34.85 -15.65 -4.05
N VAL R 208 35.41 -14.78 -3.22
CA VAL R 208 34.93 -14.60 -1.86
C VAL R 208 34.35 -13.19 -1.68
N PHE R 209 33.09 -13.12 -1.27
CA PHE R 209 32.40 -11.84 -1.07
C PHE R 209 31.89 -11.68 0.34
N HIS R 210 31.57 -10.44 0.71
CA HIS R 210 30.61 -10.20 1.78
C HIS R 210 29.24 -10.37 1.16
N THR R 211 28.36 -11.11 1.82
CA THR R 211 27.03 -11.37 1.28
C THR R 211 26.29 -10.07 1.02
N LYS R 212 26.44 -9.13 1.95
CA LYS R 212 25.87 -7.79 1.80
C LYS R 212 26.30 -7.15 0.48
N PHE R 213 27.61 -7.09 0.27
CA PHE R 213 28.15 -6.57 -0.99
C PHE R 213 27.66 -7.38 -2.18
N LEU R 214 27.76 -8.70 -2.08
CA LEU R 214 27.43 -9.59 -3.18
C LEU R 214 26.00 -9.36 -3.66
N MET R 215 25.04 -9.49 -2.74
CA MET R 215 23.61 -9.34 -3.08
C MET R 215 23.33 -8.03 -3.81
N GLU R 216 24.04 -6.97 -3.42
CA GLU R 216 23.90 -5.68 -4.08
C GLU R 216 24.46 -5.72 -5.50
N ALA R 217 25.61 -6.36 -5.65
CA ALA R 217 26.32 -6.42 -6.94
C ALA R 217 25.53 -7.21 -7.98
N LEU R 218 24.80 -8.22 -7.53
CA LEU R 218 24.03 -9.07 -8.43
C LEU R 218 22.72 -8.42 -8.85
N ARG R 219 22.10 -7.69 -7.92
CA ARG R 219 20.92 -6.92 -8.24
C ARG R 219 21.29 -5.79 -9.19
N ARG R 220 22.43 -5.16 -8.90
CA ARG R 220 22.99 -4.13 -9.77
C ARG R 220 23.31 -4.68 -11.14
N ASP R 221 23.74 -5.93 -11.18
CA ASP R 221 24.07 -6.61 -12.43
C ASP R 221 22.80 -7.05 -13.15
N ALA R 222 21.77 -7.40 -12.38
CA ALA R 222 20.50 -7.83 -12.94
C ALA R 222 19.80 -6.65 -13.63
N ALA R 223 20.13 -5.44 -13.20
CA ALA R 223 19.54 -4.24 -13.76
C ALA R 223 20.51 -3.55 -14.72
N ASP R 224 21.29 -4.35 -15.43
CA ASP R 224 22.24 -3.83 -16.40
C ASP R 224 22.01 -4.45 -17.77
N PRO R 225 21.55 -3.65 -18.73
CA PRO R 225 21.24 -4.13 -20.08
C PRO R 225 22.48 -4.56 -20.85
N THR R 226 23.65 -4.14 -20.37
CA THR R 226 24.90 -4.39 -21.06
C THR R 226 25.66 -5.58 -20.48
N SER R 227 25.17 -6.09 -19.35
CA SER R 227 25.85 -7.17 -18.63
C SER R 227 25.49 -8.54 -19.21
N SER R 228 26.49 -9.41 -19.29
CA SER R 228 26.28 -10.77 -19.77
C SER R 228 26.00 -11.72 -18.61
N ARG R 229 25.74 -11.14 -17.43
CA ARG R 229 25.33 -11.86 -16.24
C ARG R 229 26.37 -12.89 -15.78
N ASP R 230 27.63 -12.65 -16.13
CA ASP R 230 28.70 -13.57 -15.77
C ASP R 230 29.56 -12.98 -14.67
N PHE R 231 30.01 -13.82 -13.74
CA PHE R 231 30.87 -13.36 -12.67
C PHE R 231 32.21 -12.87 -13.20
N GLY R 232 32.82 -13.64 -14.10
CA GLY R 232 34.13 -13.31 -14.61
C GLY R 232 34.15 -12.21 -15.65
N LYS R 233 33.07 -12.12 -16.42
CA LYS R 233 32.99 -11.15 -17.51
C LYS R 233 32.42 -9.81 -17.05
N ASP R 234 31.55 -9.82 -16.05
CA ASP R 234 30.85 -8.61 -15.66
C ASP R 234 31.10 -8.17 -14.22
N ILE R 235 30.77 -9.03 -13.26
CA ILE R 235 30.89 -8.69 -11.84
C ILE R 235 32.31 -8.33 -11.46
N ILE R 236 33.25 -9.23 -11.77
CA ILE R 236 34.63 -9.08 -11.33
C ILE R 236 35.37 -7.88 -11.95
N PRO R 237 35.30 -7.68 -13.28
CA PRO R 237 36.05 -6.53 -13.81
C PRO R 237 35.44 -5.18 -13.45
N TYR R 238 34.16 -5.15 -13.06
CA TYR R 238 33.56 -3.94 -12.54
C TYR R 238 34.28 -3.56 -11.25
N ILE R 239 34.42 -4.54 -10.36
CA ILE R 239 35.04 -4.33 -9.07
C ILE R 239 36.52 -4.01 -9.22
N VAL R 240 37.13 -4.55 -10.27
CA VAL R 240 38.54 -4.28 -10.56
C VAL R 240 38.81 -2.79 -10.69
N GLU R 241 37.88 -2.08 -11.32
CA GLU R 241 38.04 -0.66 -11.61
C GLU R 241 37.36 0.23 -10.58
N HIS R 242 36.14 -0.11 -10.20
CA HIS R 242 35.33 0.74 -9.34
C HIS R 242 35.56 0.46 -7.86
N GLY R 243 35.95 -0.77 -7.53
CA GLY R 243 36.11 -1.17 -6.16
C GLY R 243 37.48 -1.75 -5.87
N LYS R 244 37.52 -2.70 -4.94
CA LYS R 244 38.77 -3.31 -4.53
C LYS R 244 38.74 -4.83 -4.72
N ALA R 245 39.55 -5.32 -5.66
CA ALA R 245 39.67 -6.75 -5.90
C ALA R 245 41.10 -7.21 -5.63
N VAL R 246 41.23 -8.25 -4.81
CA VAL R 246 42.54 -8.73 -4.40
C VAL R 246 42.72 -10.20 -4.78
N ALA R 247 43.89 -10.54 -5.31
CA ALA R 247 44.17 -11.91 -5.72
C ALA R 247 44.59 -12.78 -4.53
N HIS R 248 44.08 -14.00 -4.50
CA HIS R 248 44.51 -15.00 -3.52
C HIS R 248 45.27 -16.13 -4.21
N ARG R 249 46.50 -16.38 -3.77
CA ARG R 249 47.33 -17.40 -4.36
C ARG R 249 46.92 -18.80 -3.90
N PHE R 250 46.64 -19.67 -4.85
CA PHE R 250 46.24 -21.05 -4.57
C PHE R 250 47.26 -21.76 -3.69
N ALA R 251 48.54 -21.47 -3.92
CA ALA R 251 49.62 -22.13 -3.19
C ALA R 251 49.56 -21.90 -1.68
N ASP R 252 48.90 -20.82 -1.27
CA ASP R 252 48.83 -20.48 0.15
C ASP R 252 47.73 -21.23 0.89
N SER R 253 46.74 -21.73 0.16
CA SER R 253 45.60 -22.39 0.79
C SER R 253 45.39 -23.81 0.27
N CYS R 254 46.13 -24.18 -0.77
CA CYS R 254 46.04 -25.52 -1.33
C CYS R 254 46.41 -26.57 -0.29
N VAL R 255 45.61 -27.64 -0.21
CA VAL R 255 45.88 -28.71 0.74
C VAL R 255 46.75 -29.78 0.09
N ARG R 256 48.00 -29.85 0.53
CA ARG R 256 48.94 -30.82 -0.03
C ARG R 256 49.25 -31.93 0.95
N SER R 257 49.22 -33.16 0.46
CA SER R 257 49.78 -34.27 1.22
C SER R 257 51.29 -34.12 1.21
N ASP R 258 51.99 -35.11 1.73
CA ASP R 258 53.45 -35.08 1.63
C ASP R 258 53.90 -36.04 0.53
N PHE R 259 52.94 -36.42 -0.32
CA PHE R 259 53.23 -37.27 -1.47
C PHE R 259 52.75 -36.61 -2.77
N GLU R 260 52.39 -35.35 -2.69
CA GLU R 260 52.11 -34.54 -3.87
C GLU R 260 53.19 -33.47 -3.99
N HIS R 261 53.96 -33.52 -5.08
CA HIS R 261 55.17 -32.70 -5.19
C HIS R 261 54.91 -31.23 -5.49
N GLU R 262 53.66 -30.87 -5.69
CA GLU R 262 53.29 -29.50 -6.02
C GLU R 262 51.78 -29.31 -5.87
N PRO R 263 51.32 -28.04 -5.79
CA PRO R 263 49.88 -27.78 -5.75
C PRO R 263 49.13 -28.42 -6.91
N TYR R 264 48.20 -29.31 -6.61
CA TYR R 264 47.45 -30.02 -7.63
C TYR R 264 46.17 -29.31 -8.01
N TRP R 265 46.04 -29.01 -9.29
CA TRP R 265 44.82 -28.41 -9.83
C TRP R 265 44.65 -28.86 -11.29
N ARG R 266 43.50 -29.42 -11.61
CA ARG R 266 43.24 -29.88 -12.97
C ARG R 266 41.88 -29.41 -13.49
N ASP R 267 41.83 -29.12 -14.78
CA ASP R 267 40.64 -28.61 -15.42
C ASP R 267 39.91 -29.71 -16.19
N VAL R 268 40.67 -30.72 -16.61
CA VAL R 268 40.20 -31.81 -17.47
C VAL R 268 39.15 -31.37 -18.50
N GLY R 269 39.46 -30.32 -19.24
CA GLY R 269 38.54 -29.73 -20.19
C GLY R 269 38.51 -30.45 -21.53
N THR R 270 39.59 -31.14 -21.86
CA THR R 270 39.67 -31.88 -23.12
C THR R 270 39.75 -33.37 -22.85
N ILE R 271 39.41 -34.17 -23.86
CA ILE R 271 39.46 -35.63 -23.74
C ILE R 271 40.87 -36.08 -23.41
N ASP R 272 41.86 -35.40 -23.96
CA ASP R 272 43.26 -35.72 -23.70
C ASP R 272 43.66 -35.38 -22.27
N ALA R 273 43.18 -34.26 -21.76
CA ALA R 273 43.51 -33.83 -20.40
C ALA R 273 42.75 -34.66 -19.37
N TYR R 274 41.56 -35.11 -19.74
CA TYR R 274 40.78 -36.00 -18.88
C TYR R 274 41.47 -37.36 -18.76
N TRP R 275 41.83 -37.94 -19.90
CA TRP R 275 42.51 -39.23 -19.94
C TRP R 275 43.82 -39.17 -19.16
N GLN R 276 44.59 -38.12 -19.38
CA GLN R 276 45.89 -37.98 -18.74
C GLN R 276 45.77 -37.89 -17.22
N ALA R 277 44.85 -37.06 -16.74
CA ALA R 277 44.67 -36.84 -15.31
C ALA R 277 44.30 -38.13 -14.59
N ASN R 278 43.48 -38.95 -15.23
CA ASN R 278 43.08 -40.24 -14.66
C ASN R 278 44.20 -41.28 -14.73
N ILE R 279 44.84 -41.39 -15.89
CA ILE R 279 45.88 -42.40 -16.10
C ILE R 279 47.12 -42.08 -15.27
N ASP R 280 47.26 -40.83 -14.86
CA ASP R 280 48.39 -40.43 -14.02
C ASP R 280 48.28 -40.99 -12.61
N LEU R 281 47.07 -41.41 -12.24
CA LEU R 281 46.84 -42.00 -10.93
C LEU R 281 47.42 -43.42 -10.85
N THR R 282 47.85 -43.95 -11.99
CA THR R 282 48.45 -45.29 -12.04
C THR R 282 49.95 -45.25 -11.74
N ASP R 283 50.52 -44.05 -11.72
CA ASP R 283 51.96 -43.89 -11.48
C ASP R 283 52.35 -44.42 -10.10
N VAL R 284 53.64 -44.70 -9.94
CA VAL R 284 54.16 -45.13 -8.65
C VAL R 284 54.08 -43.98 -7.65
N VAL R 285 54.42 -42.79 -8.12
CA VAL R 285 54.27 -41.56 -7.34
C VAL R 285 53.40 -40.57 -8.11
N PRO R 286 52.08 -40.70 -7.98
CA PRO R 286 51.15 -39.82 -8.70
C PRO R 286 51.12 -38.40 -8.16
N ASP R 287 50.77 -37.45 -9.01
CA ASP R 287 50.67 -36.05 -8.63
C ASP R 287 49.55 -35.82 -7.62
N LEU R 288 48.50 -36.64 -7.72
CA LEU R 288 47.37 -36.55 -6.80
C LEU R 288 47.37 -37.73 -5.84
N ASP R 289 47.47 -37.45 -4.55
CA ASP R 289 47.45 -38.48 -3.53
C ASP R 289 46.03 -38.77 -3.07
N ILE R 290 45.44 -39.83 -3.62
CA ILE R 290 44.07 -40.20 -3.29
C ILE R 290 44.00 -41.05 -2.02
N TYR R 291 45.13 -41.16 -1.33
CA TYR R 291 45.21 -41.95 -0.10
C TYR R 291 45.44 -41.08 1.13
N ASP R 292 45.30 -39.77 0.96
CA ASP R 292 45.44 -38.83 2.07
C ASP R 292 44.14 -38.75 2.85
N LYS R 293 44.19 -39.15 4.11
CA LYS R 293 43.01 -39.12 4.99
C LYS R 293 42.83 -37.78 5.67
N SER R 294 43.80 -36.89 5.54
CA SER R 294 43.74 -35.60 6.23
C SER R 294 42.85 -34.59 5.50
N TRP R 295 42.58 -34.86 4.23
CA TRP R 295 41.65 -34.04 3.46
C TRP R 295 40.85 -34.93 2.51
N PRO R 296 39.93 -35.72 3.09
CA PRO R 296 39.25 -36.79 2.35
C PRO R 296 38.21 -36.28 1.37
N ILE R 297 38.02 -37.00 0.27
CA ILE R 297 37.02 -36.65 -0.72
C ILE R 297 35.80 -37.55 -0.56
N TRP R 298 34.69 -36.96 -0.13
CA TRP R 298 33.44 -37.69 0.02
C TRP R 298 32.73 -37.78 -1.32
N THR R 299 31.97 -38.86 -1.51
CA THR R 299 31.22 -39.07 -2.74
C THR R 299 30.11 -40.08 -2.50
N TYR R 300 29.32 -40.37 -3.53
CA TYR R 300 28.34 -41.44 -3.40
C TYR R 300 29.00 -42.79 -3.65
N ALA R 301 28.88 -43.68 -2.67
CA ALA R 301 29.44 -45.01 -2.79
C ALA R 301 28.52 -46.05 -2.18
N GLU R 302 28.45 -47.21 -2.81
CA GLU R 302 27.68 -48.32 -2.28
C GLU R 302 28.61 -49.41 -1.79
N ILE R 303 28.11 -50.26 -0.90
CA ILE R 303 28.85 -51.44 -0.51
C ILE R 303 28.96 -52.36 -1.71
N THR R 304 30.18 -52.72 -2.07
CA THR R 304 30.41 -53.59 -3.22
C THR R 304 31.27 -54.78 -2.82
N PRO R 305 31.21 -55.86 -3.60
CA PRO R 305 32.18 -56.94 -3.42
C PRO R 305 33.59 -56.44 -3.75
N PRO R 306 34.62 -57.16 -3.27
CA PRO R 306 35.99 -56.77 -3.61
C PRO R 306 36.30 -56.96 -5.09
N ALA R 307 37.50 -56.60 -5.52
CA ALA R 307 37.93 -56.89 -6.87
C ALA R 307 38.34 -58.35 -6.95
N LYS R 308 38.06 -58.98 -8.09
CA LYS R 308 38.35 -60.39 -8.24
C LYS R 308 39.27 -60.62 -9.42
N PHE R 309 40.32 -61.41 -9.20
CA PHE R 309 41.20 -61.79 -10.30
C PHE R 309 41.15 -63.29 -10.46
N VAL R 310 40.89 -63.74 -11.68
CA VAL R 310 40.76 -65.18 -11.91
C VAL R 310 41.34 -65.66 -13.29
N HIS R 311 41.63 -66.96 -13.29
CA HIS R 311 42.47 -67.86 -14.12
C HIS R 311 43.91 -67.36 -14.29
N ASP R 312 44.77 -68.31 -14.62
CA ASP R 312 46.20 -68.19 -14.56
C ASP R 312 46.84 -69.33 -15.35
N ASP R 313 46.76 -69.24 -16.68
CA ASP R 313 47.40 -70.23 -17.53
C ASP R 313 48.21 -69.57 -18.63
N GLU R 314 48.78 -70.37 -19.53
CA GLU R 314 49.65 -69.85 -20.58
C GLU R 314 48.86 -69.22 -21.73
N ASP R 315 47.53 -69.23 -21.61
CA ASP R 315 46.67 -68.63 -22.61
C ASP R 315 45.97 -67.39 -22.06
N ARG R 316 45.57 -67.46 -20.79
CA ARG R 316 44.88 -66.33 -20.15
C ARG R 316 45.29 -66.20 -18.68
N ARG R 317 45.53 -64.96 -18.25
CA ARG R 317 45.82 -64.68 -16.86
C ARG R 317 45.15 -63.40 -16.42
N GLY R 318 44.12 -63.52 -15.59
CA GLY R 318 43.42 -62.37 -15.06
C GLY R 318 44.28 -61.65 -14.04
N SER R 319 44.80 -60.49 -14.40
CA SER R 319 45.70 -59.75 -13.52
C SER R 319 45.82 -58.30 -13.93
N ALA R 320 46.08 -57.43 -12.95
CA ALA R 320 46.27 -56.01 -13.21
C ALA R 320 47.70 -55.61 -12.84
N VAL R 321 48.33 -54.85 -13.72
CA VAL R 321 49.69 -54.38 -13.48
C VAL R 321 49.77 -52.88 -13.75
N SER R 322 50.38 -52.15 -12.83
CA SER R 322 50.49 -50.69 -12.92
C SER R 322 49.11 -50.08 -13.11
N SER R 323 48.15 -50.59 -12.35
CA SER R 323 46.75 -50.21 -12.51
C SER R 323 46.06 -49.93 -11.18
N VAL R 324 44.91 -49.29 -11.26
CA VAL R 324 44.04 -49.07 -10.11
C VAL R 324 42.67 -49.68 -10.38
N VAL R 325 42.19 -50.52 -9.47
CA VAL R 325 40.95 -51.26 -9.69
C VAL R 325 39.97 -51.09 -8.53
N SER R 326 38.74 -50.69 -8.83
CA SER R 326 37.74 -50.44 -7.80
C SER R 326 36.93 -51.68 -7.45
N GLY R 327 35.89 -51.48 -6.64
CA GLY R 327 35.06 -52.58 -6.18
C GLY R 327 34.15 -53.15 -7.25
N ASP R 328 33.62 -54.35 -6.98
CA ASP R 328 32.70 -55.02 -7.89
C ASP R 328 33.31 -55.23 -9.28
N CYS R 329 34.63 -55.29 -9.35
CA CYS R 329 35.32 -55.57 -10.60
C CYS R 329 35.77 -57.02 -10.66
N ILE R 330 35.44 -57.70 -11.74
CA ILE R 330 35.92 -59.05 -11.95
C ILE R 330 36.77 -59.12 -13.21
N ILE R 331 38.05 -59.41 -13.00
CA ILE R 331 39.02 -59.50 -14.08
C ILE R 331 39.27 -60.97 -14.40
N SER R 332 38.49 -61.49 -15.34
CA SER R 332 38.47 -62.92 -15.57
C SER R 332 39.28 -63.34 -16.79
N GLY R 333 40.54 -63.69 -16.58
CA GLY R 333 41.42 -64.07 -17.67
C GLY R 333 41.77 -62.90 -18.57
N ALA R 334 41.64 -61.70 -18.03
CA ALA R 334 41.93 -60.48 -18.78
C ALA R 334 43.22 -59.82 -18.27
N ALA R 335 43.99 -59.25 -19.19
CA ALA R 335 45.26 -58.62 -18.84
C ALA R 335 45.17 -57.10 -18.88
N LEU R 336 45.28 -56.47 -17.71
CA LEU R 336 45.25 -55.02 -17.62
C LEU R 336 46.65 -54.46 -17.38
N ASN R 337 47.00 -53.40 -18.09
CA ASN R 337 48.25 -52.70 -17.86
C ASN R 337 48.05 -51.21 -18.00
N ARG R 338 48.54 -50.45 -17.02
CA ARG R 338 48.38 -49.00 -16.97
C ARG R 338 46.93 -48.59 -17.24
N SER R 339 46.02 -49.08 -16.41
CA SER R 339 44.61 -48.82 -16.63
C SER R 339 43.87 -48.46 -15.35
N LEU R 340 42.86 -47.61 -15.47
CA LEU R 340 42.03 -47.20 -14.35
C LEU R 340 40.63 -47.75 -14.49
N LEU R 341 40.25 -48.67 -13.61
CA LEU R 341 38.91 -49.26 -13.64
C LEU R 341 38.01 -48.70 -12.53
N PHE R 342 36.93 -48.05 -12.92
CA PHE R 342 35.90 -47.62 -11.97
C PHE R 342 35.12 -48.85 -11.50
N THR R 343 34.14 -48.66 -10.61
CA THR R 343 33.43 -49.79 -10.02
CA THR R 343 33.42 -49.77 -10.01
C THR R 343 32.56 -50.53 -11.04
N GLY R 344 32.44 -51.85 -10.82
CA GLY R 344 31.54 -52.67 -11.61
C GLY R 344 32.00 -53.11 -13.00
N VAL R 345 33.28 -52.95 -13.29
CA VAL R 345 33.79 -53.33 -14.61
C VAL R 345 33.97 -54.84 -14.70
N ARG R 346 33.58 -55.41 -15.86
CA ARG R 346 33.80 -56.82 -16.10
C ARG R 346 34.63 -57.04 -17.37
N ALA R 347 35.88 -57.44 -17.18
CA ALA R 347 36.76 -57.77 -18.29
C ALA R 347 36.90 -59.28 -18.39
N ASN R 348 36.57 -59.84 -19.55
CA ASN R 348 36.50 -61.28 -19.71
C ASN R 348 37.73 -61.88 -20.39
N SER R 349 37.74 -63.20 -20.49
CA SER R 349 38.93 -63.96 -20.88
C SER R 349 39.53 -63.53 -22.21
N TYR R 350 40.86 -63.54 -22.25
CA TYR R 350 41.65 -63.26 -23.45
C TYR R 350 41.54 -61.82 -23.91
N SER R 351 40.85 -60.99 -23.15
CA SER R 351 40.80 -59.56 -23.44
C SER R 351 42.00 -58.86 -22.81
N ARG R 352 42.37 -57.71 -23.37
CA ARG R 352 43.56 -57.00 -22.94
C ARG R 352 43.35 -55.49 -22.96
N LEU R 353 43.56 -54.85 -21.81
CA LEU R 353 43.47 -53.40 -21.69
C LEU R 353 44.82 -52.77 -21.46
N GLU R 354 45.05 -51.62 -22.07
CA GLU R 354 46.29 -50.88 -21.90
C GLU R 354 46.06 -49.39 -22.07
N ASN R 355 46.60 -48.59 -21.17
CA ASN R 355 46.41 -47.14 -21.16
C ASN R 355 44.93 -46.77 -21.24
N ALA R 356 44.11 -47.51 -20.49
CA ALA R 356 42.66 -47.38 -20.59
C ALA R 356 42.01 -46.79 -19.34
N VAL R 357 41.22 -45.75 -19.53
CA VAL R 357 40.36 -45.22 -18.47
C VAL R 357 38.96 -45.79 -18.68
N VAL R 358 38.53 -46.66 -17.76
CA VAL R 358 37.28 -47.36 -17.93
C VAL R 358 36.26 -46.99 -16.86
N LEU R 359 35.21 -46.29 -17.30
CA LEU R 359 34.17 -45.76 -16.42
C LEU R 359 33.28 -46.89 -15.87
N PRO R 360 32.39 -46.60 -14.89
CA PRO R 360 31.67 -47.68 -14.21
C PRO R 360 30.85 -48.63 -15.09
N SER R 361 30.76 -49.87 -14.64
CA SER R 361 29.88 -50.89 -15.21
C SER R 361 30.14 -51.24 -16.68
N VAL R 362 31.37 -51.06 -17.13
CA VAL R 362 31.75 -51.41 -18.49
C VAL R 362 32.01 -52.90 -18.61
N LYS R 363 31.60 -53.50 -19.72
CA LYS R 363 31.89 -54.90 -19.98
C LYS R 363 32.84 -55.05 -21.17
N ILE R 364 33.93 -55.77 -20.97
CA ILE R 364 34.87 -56.07 -22.04
C ILE R 364 34.70 -57.51 -22.49
N GLY R 365 34.24 -57.70 -23.72
CA GLY R 365 34.03 -59.04 -24.25
C GLY R 365 35.35 -59.74 -24.48
N ARG R 366 35.30 -61.06 -24.60
CA ARG R 366 36.48 -61.87 -24.85
C ARG R 366 37.27 -61.40 -26.06
N HIS R 367 38.59 -61.58 -26.00
CA HIS R 367 39.50 -61.34 -27.12
C HIS R 367 39.60 -59.88 -27.55
N ALA R 368 38.91 -59.00 -26.85
CA ALA R 368 38.99 -57.58 -27.16
C ALA R 368 40.32 -56.99 -26.69
N GLN R 369 40.98 -56.23 -27.54
CA GLN R 369 42.24 -55.60 -27.18
C GLN R 369 42.14 -54.08 -27.39
N LEU R 370 42.16 -53.34 -26.29
CA LEU R 370 41.96 -51.90 -26.34
C LEU R 370 43.16 -51.15 -25.78
N SER R 371 43.65 -50.17 -26.54
CA SER R 371 44.82 -49.40 -26.12
C SER R 371 44.58 -47.90 -26.25
N ASN R 372 44.93 -47.17 -25.18
CA ASN R 372 44.76 -45.72 -25.12
C ASN R 372 43.34 -45.27 -25.39
N VAL R 373 42.45 -45.57 -24.44
CA VAL R 373 41.04 -45.27 -24.62
C VAL R 373 40.37 -44.71 -23.37
N VAL R 374 39.25 -44.02 -23.58
CA VAL R 374 38.33 -43.66 -22.53
C VAL R 374 36.99 -44.32 -22.84
N ILE R 375 36.62 -45.31 -22.03
CA ILE R 375 35.37 -46.02 -22.25
C ILE R 375 34.27 -45.46 -21.36
N ASP R 376 33.19 -44.99 -21.98
CA ASP R 376 32.10 -44.33 -21.29
C ASP R 376 31.34 -45.28 -20.34
N HIS R 377 30.58 -44.70 -19.42
CA HIS R 377 29.76 -45.44 -18.47
C HIS R 377 28.84 -46.45 -19.15
N GLY R 378 28.94 -47.71 -18.73
CA GLY R 378 27.98 -48.73 -19.11
C GLY R 378 28.19 -49.41 -20.45
N VAL R 379 29.23 -48.98 -21.18
CA VAL R 379 29.51 -49.52 -22.52
C VAL R 379 29.75 -51.03 -22.49
N VAL R 380 29.23 -51.73 -23.49
CA VAL R 380 29.50 -53.14 -23.66
C VAL R 380 30.40 -53.35 -24.88
N ILE R 381 31.69 -53.56 -24.64
CA ILE R 381 32.65 -53.79 -25.71
C ILE R 381 32.45 -55.17 -26.31
N PRO R 382 32.16 -55.24 -27.62
CA PRO R 382 31.94 -56.52 -28.29
C PRO R 382 33.18 -57.41 -28.27
N GLU R 383 32.96 -58.72 -28.32
CA GLU R 383 34.07 -59.67 -28.34
C GLU R 383 34.96 -59.47 -29.55
N GLY R 384 36.27 -59.45 -29.33
CA GLY R 384 37.22 -59.40 -30.42
C GLY R 384 37.50 -58.01 -30.97
N LEU R 385 36.90 -56.99 -30.37
CA LEU R 385 37.10 -55.62 -30.85
C LEU R 385 38.51 -55.14 -30.59
N ILE R 386 39.15 -54.60 -31.63
CA ILE R 386 40.52 -54.08 -31.52
C ILE R 386 40.53 -52.57 -31.65
N VAL R 387 41.13 -51.89 -30.67
CA VAL R 387 41.28 -50.44 -30.72
C VAL R 387 42.73 -50.07 -30.43
N GLY R 388 43.26 -49.11 -31.18
CA GLY R 388 44.61 -48.63 -30.98
C GLY R 388 45.60 -49.19 -31.98
N GLU R 389 45.11 -49.98 -32.92
CA GLU R 389 45.95 -50.59 -33.94
C GLU R 389 45.90 -49.82 -35.25
N ASP R 390 44.70 -49.38 -35.61
CA ASP R 390 44.47 -48.75 -36.91
C ASP R 390 43.87 -47.34 -36.73
N PRO R 391 44.73 -46.32 -36.63
CA PRO R 391 44.38 -44.92 -36.35
C PRO R 391 43.12 -44.40 -37.05
N GLU R 392 43.08 -44.46 -38.37
CA GLU R 392 41.94 -43.90 -39.10
C GLU R 392 40.72 -44.82 -39.03
N LEU R 393 40.94 -46.12 -38.87
CA LEU R 393 39.83 -47.03 -38.60
C LEU R 393 39.26 -46.69 -37.23
N ASP R 394 40.14 -46.41 -36.28
CA ASP R 394 39.74 -45.97 -34.96
C ASP R 394 39.07 -44.61 -35.03
N ALA R 395 39.60 -43.73 -35.87
CA ALA R 395 39.09 -42.37 -36.00
C ALA R 395 37.71 -42.34 -36.65
N LYS R 396 37.49 -43.24 -37.60
CA LYS R 396 36.19 -43.30 -38.28
C LYS R 396 35.14 -43.94 -37.39
N ARG R 397 35.58 -44.84 -36.51
CA ARG R 397 34.67 -45.54 -35.61
C ARG R 397 34.34 -44.74 -34.37
N PHE R 398 35.36 -44.13 -33.77
CA PHE R 398 35.21 -43.48 -32.46
C PHE R 398 35.74 -42.06 -32.44
N ARG R 399 35.58 -41.41 -31.30
CA ARG R 399 36.13 -40.08 -31.07
C ARG R 399 37.61 -40.21 -30.75
N ARG R 400 38.46 -39.99 -31.74
CA ARG R 400 39.90 -40.12 -31.55
C ARG R 400 40.58 -38.76 -31.54
N THR R 401 41.41 -38.52 -30.55
CA THR R 401 42.15 -37.27 -30.44
C THR R 401 43.37 -37.29 -31.35
N GLU R 402 43.98 -36.12 -31.56
CA GLU R 402 45.17 -36.00 -32.40
C GLU R 402 46.40 -36.59 -31.71
N SER R 403 46.24 -36.99 -30.46
CA SER R 403 47.32 -37.65 -29.73
C SER R 403 47.13 -39.17 -29.75
N GLY R 404 45.94 -39.62 -30.10
CA GLY R 404 45.68 -41.04 -30.27
C GLY R 404 44.73 -41.65 -29.26
N ILE R 405 44.12 -40.82 -28.43
CA ILE R 405 43.17 -41.31 -27.42
C ILE R 405 41.77 -41.42 -28.02
N CYS R 406 41.18 -42.60 -27.89
CA CYS R 406 39.83 -42.85 -28.40
C CYS R 406 38.79 -42.84 -27.29
N LEU R 407 37.77 -41.99 -27.46
CA LEU R 407 36.62 -41.98 -26.56
C LEU R 407 35.56 -42.92 -27.10
N ILE R 408 35.24 -43.96 -26.33
CA ILE R 408 34.32 -45.00 -26.77
C ILE R 408 32.99 -44.89 -26.04
N THR R 409 31.91 -44.70 -26.80
CA THR R 409 30.57 -44.67 -26.23
C THR R 409 29.73 -45.79 -26.84
N GLN R 410 28.58 -46.07 -26.24
CA GLN R 410 27.73 -47.15 -26.71
C GLN R 410 27.12 -46.81 -28.08
N SER R 411 26.81 -45.53 -28.27
CA SER R 411 26.28 -45.04 -29.54
C SER R 411 27.22 -45.36 -30.70
N MET R 412 28.51 -45.20 -30.47
CA MET R 412 29.52 -45.53 -31.47
C MET R 412 29.59 -47.04 -31.70
N ILE R 413 29.56 -47.79 -30.60
CA ILE R 413 29.61 -49.25 -30.64
C ILE R 413 28.41 -49.83 -31.38
N ASP R 414 27.25 -49.19 -31.21
CA ASP R 414 26.02 -49.65 -31.87
C ASP R 414 26.07 -49.44 -33.38
N LYS R 415 26.96 -48.57 -33.83
CA LYS R 415 27.09 -48.27 -35.26
C LYS R 415 28.05 -49.23 -35.95
N LEU R 416 28.49 -50.26 -35.25
CA LEU R 416 29.45 -51.21 -35.80
C LEU R 416 28.74 -52.36 -36.50
N ASP R 417 29.47 -53.06 -37.36
CA ASP R 417 28.88 -54.09 -38.22
C ASP R 417 29.41 -55.49 -37.93
N LEU R 418 28.83 -56.15 -36.92
CA LEU R 418 29.12 -57.55 -36.62
C LEU R 418 30.60 -57.83 -36.40
N VAL S 4 -27.73 18.01 7.77
CA VAL S 4 -28.40 18.45 8.99
C VAL S 4 -28.09 19.92 9.29
N GLN S 5 -27.09 20.45 8.58
CA GLN S 5 -26.66 21.82 8.78
C GLN S 5 -27.64 22.83 8.19
N PRO S 6 -27.80 23.98 8.86
CA PRO S 6 -28.71 25.04 8.40
C PRO S 6 -28.30 25.62 7.05
N LEU S 7 -29.27 26.18 6.33
CA LEU S 7 -29.05 26.64 4.97
C LEU S 7 -28.40 28.02 4.95
N ALA S 8 -28.47 28.72 6.08
CA ALA S 8 -27.92 30.07 6.19
C ALA S 8 -26.40 30.09 6.00
N ARG S 9 -25.76 28.95 6.25
CA ARG S 9 -24.32 28.81 6.04
C ARG S 9 -23.96 28.96 4.57
N ASP S 10 -24.88 28.58 3.69
CA ASP S 10 -24.64 28.60 2.24
C ASP S 10 -25.39 29.73 1.55
N ALA S 11 -25.78 30.74 2.30
CA ALA S 11 -26.57 31.84 1.75
C ALA S 11 -25.79 33.16 1.75
N MET S 12 -26.14 34.01 0.78
CA MET S 12 -25.62 35.37 0.74
C MET S 12 -26.79 36.35 0.74
N ALA S 13 -26.87 37.17 1.78
CA ALA S 13 -27.89 38.21 1.83
C ALA S 13 -27.50 39.36 0.92
N TYR S 14 -28.40 39.73 0.01
CA TYR S 14 -28.14 40.84 -0.89
C TYR S 14 -29.17 41.95 -0.67
N VAL S 15 -28.73 43.05 -0.09
CA VAL S 15 -29.63 44.12 0.32
C VAL S 15 -29.66 45.26 -0.68
N LEU S 16 -30.86 45.59 -1.14
CA LEU S 16 -31.06 46.68 -2.09
C LEU S 16 -31.29 47.99 -1.35
N ALA S 17 -30.26 48.82 -1.29
CA ALA S 17 -30.33 50.06 -0.52
C ALA S 17 -30.29 51.29 -1.41
N GLY S 18 -31.02 51.22 -2.52
CA GLY S 18 -31.09 52.33 -3.45
C GLY S 18 -32.32 53.20 -3.25
N GLY S 19 -33.22 52.75 -2.38
CA GLY S 19 -34.48 53.46 -2.14
C GLY S 19 -34.35 54.94 -1.88
N ARG S 20 -34.92 55.75 -2.78
CA ARG S 20 -34.82 57.20 -2.69
C ARG S 20 -35.65 57.78 -1.55
N GLY S 21 -36.81 57.18 -1.29
CA GLY S 21 -37.73 57.70 -0.30
C GLY S 21 -38.26 59.06 -0.73
N SER S 22 -38.95 59.08 -1.87
CA SER S 22 -39.37 60.33 -2.49
C SER S 22 -40.44 61.06 -1.68
N ARG S 23 -41.40 60.33 -1.14
CA ARG S 23 -42.49 60.93 -0.39
C ARG S 23 -42.05 61.37 1.01
N LEU S 24 -40.81 61.08 1.35
CA LEU S 24 -40.22 61.57 2.59
C LEU S 24 -39.69 62.98 2.37
N LYS S 25 -39.73 63.41 1.12
CA LYS S 25 -39.35 64.77 0.72
C LYS S 25 -37.95 65.15 1.22
N GLU S 26 -37.90 66.23 1.98
CA GLU S 26 -36.63 66.86 2.35
C GLU S 26 -35.88 66.08 3.41
N LEU S 27 -36.52 65.04 3.95
CA LEU S 27 -35.87 64.17 4.92
C LEU S 27 -34.84 63.30 4.20
N THR S 28 -35.01 63.13 2.90
CA THR S 28 -34.12 62.31 2.09
C THR S 28 -33.49 63.09 0.95
N ASP S 29 -33.44 64.41 1.07
CA ASP S 29 -32.84 65.25 0.03
C ASP S 29 -31.36 64.97 -0.13
N ARG S 30 -30.68 64.68 0.98
CA ARG S 30 -29.24 64.47 0.96
C ARG S 30 -28.84 63.12 1.54
N ARG S 31 -29.80 62.20 1.63
CA ARG S 31 -29.52 60.85 2.11
C ARG S 31 -30.54 59.87 1.52
N ALA S 32 -30.12 58.62 1.36
CA ALA S 32 -31.02 57.57 0.88
C ALA S 32 -31.95 57.15 2.02
N LYS S 33 -33.10 56.60 1.66
CA LYS S 33 -34.07 56.14 2.66
C LYS S 33 -33.52 55.12 3.68
N PRO S 34 -32.72 54.12 3.22
CA PRO S 34 -32.15 53.22 4.22
C PRO S 34 -31.29 53.91 5.28
N ALA S 35 -30.79 55.10 4.98
CA ALA S 35 -29.91 55.83 5.89
C ALA S 35 -30.70 56.72 6.86
N VAL S 36 -32.02 56.72 6.72
CA VAL S 36 -32.86 57.55 7.59
C VAL S 36 -32.92 56.96 9.00
N TYR S 37 -32.77 57.82 9.99
CA TYR S 37 -32.76 57.41 11.40
C TYR S 37 -34.10 56.86 11.87
N PHE S 38 -34.05 55.87 12.77
CA PHE S 38 -35.26 55.29 13.34
C PHE S 38 -35.03 54.66 14.71
N GLY S 39 -35.93 54.94 15.64
CA GLY S 39 -35.94 54.27 16.93
C GLY S 39 -35.19 54.97 18.04
N GLY S 40 -34.50 56.05 17.71
CA GLY S 40 -33.71 56.77 18.68
C GLY S 40 -32.24 56.41 18.60
N LYS S 41 -31.93 55.31 17.92
CA LYS S 41 -30.56 54.81 17.86
C LYS S 41 -30.08 54.49 16.45
N ALA S 42 -30.78 53.58 15.78
CA ALA S 42 -30.30 53.01 14.53
C ALA S 42 -30.83 53.73 13.30
N ARG S 43 -30.46 53.20 12.13
CA ARG S 43 -31.01 53.64 10.87
C ARG S 43 -31.90 52.53 10.34
N ILE S 44 -32.66 52.81 9.29
CA ILE S 44 -33.59 51.84 8.74
C ILE S 44 -32.89 50.58 8.21
N ILE S 45 -31.75 50.76 7.55
CA ILE S 45 -31.04 49.64 6.93
C ILE S 45 -30.50 48.63 7.95
N ASP S 46 -30.38 49.05 9.21
CA ASP S 46 -29.84 48.17 10.24
C ASP S 46 -30.75 47.00 10.56
N PHE S 47 -32.02 47.12 10.20
CA PHE S 47 -32.97 46.05 10.49
C PHE S 47 -32.79 44.87 9.54
N ALA S 48 -32.69 45.15 8.24
CA ALA S 48 -32.46 44.09 7.26
C ALA S 48 -31.14 43.38 7.50
N LEU S 49 -30.12 44.16 7.86
CA LEU S 49 -28.78 43.63 8.09
C LEU S 49 -28.73 42.79 9.37
N SER S 50 -29.40 43.26 10.42
CA SER S 50 -29.42 42.53 11.68
C SER S 50 -30.24 41.25 11.55
N ASN S 51 -31.22 41.27 10.66
CA ASN S 51 -32.00 40.07 10.37
C ASN S 51 -31.12 39.00 9.74
N ALA S 52 -30.31 39.41 8.77
CA ALA S 52 -29.40 38.51 8.10
C ALA S 52 -28.36 37.94 9.07
N LEU S 53 -27.86 38.81 9.94
CA LEU S 53 -26.87 38.44 10.94
C LEU S 53 -27.43 37.41 11.92
N ASN S 54 -28.57 37.72 12.51
CA ASN S 54 -29.18 36.84 13.50
C ASN S 54 -29.70 35.53 12.91
N SER S 55 -29.93 35.52 11.59
CA SER S 55 -30.39 34.33 10.89
C SER S 55 -29.23 33.38 10.55
N GLY S 56 -28.01 33.84 10.77
CA GLY S 56 -26.84 33.02 10.54
C GLY S 56 -26.20 33.25 9.18
N ILE S 57 -26.74 34.20 8.43
CA ILE S 57 -26.15 34.55 7.14
C ILE S 57 -24.84 35.28 7.39
N ARG S 58 -23.75 34.77 6.84
CA ARG S 58 -22.42 35.29 7.12
C ARG S 58 -21.85 36.13 5.97
N ARG S 59 -22.52 36.09 4.82
CA ARG S 59 -22.10 36.91 3.68
C ARG S 59 -23.20 37.92 3.33
N ILE S 60 -22.83 39.20 3.35
CA ILE S 60 -23.80 40.26 3.09
C ILE S 60 -23.27 41.23 2.04
N GLY S 61 -24.12 41.55 1.06
CA GLY S 61 -23.81 42.57 0.08
C GLY S 61 -24.85 43.68 0.13
N VAL S 62 -24.39 44.92 0.05
CA VAL S 62 -25.30 46.07 0.08
C VAL S 62 -25.13 46.92 -1.17
N ALA S 63 -26.15 46.93 -2.02
CA ALA S 63 -26.14 47.74 -3.24
C ALA S 63 -26.70 49.13 -2.97
N THR S 64 -25.92 50.15 -3.28
CA THR S 64 -26.33 51.54 -3.05
C THR S 64 -26.33 52.34 -4.34
N GLN S 65 -26.99 53.50 -4.33
CA GLN S 65 -27.16 54.29 -5.53
C GLN S 65 -27.30 55.79 -5.23
N TYR S 66 -28.54 56.27 -5.14
CA TYR S 66 -28.82 57.69 -4.88
C TYR S 66 -28.34 58.12 -3.50
N LYS S 67 -27.58 59.22 -3.45
CA LYS S 67 -27.10 59.84 -2.21
C LYS S 67 -26.69 58.85 -1.12
N ALA S 68 -25.69 58.02 -1.44
CA ALA S 68 -25.36 56.83 -0.62
C ALA S 68 -24.26 57.10 0.39
N HIS S 69 -23.55 58.17 0.10
CA HIS S 69 -22.54 58.83 0.89
C HIS S 69 -22.72 58.91 2.42
N SER S 70 -23.90 59.25 2.98
CA SER S 70 -24.05 59.07 4.43
C SER S 70 -24.35 57.61 4.79
N LEU S 71 -24.94 56.88 3.85
CA LEU S 71 -25.27 55.47 4.05
C LEU S 71 -24.01 54.61 4.05
N ILE S 72 -23.15 54.85 3.07
CA ILE S 72 -21.91 54.11 2.92
C ILE S 72 -21.00 54.31 4.13
N ARG S 73 -20.93 55.55 4.61
CA ARG S 73 -20.13 55.87 5.79
C ARG S 73 -20.65 55.15 7.03
N HIS S 74 -21.98 55.03 7.14
CA HIS S 74 -22.62 54.32 8.22
C HIS S 74 -22.25 52.83 8.22
N LEU S 75 -22.27 52.23 7.04
CA LEU S 75 -21.92 50.83 6.88
C LEU S 75 -20.45 50.57 7.19
N GLN S 76 -19.59 51.46 6.70
CA GLN S 76 -18.16 51.37 6.93
C GLN S 76 -17.82 51.38 8.41
N ARG S 77 -18.49 52.24 9.16
CA ARG S 77 -18.14 52.47 10.55
C ARG S 77 -18.95 51.63 11.52
N GLY S 78 -20.14 51.19 11.08
CA GLY S 78 -21.02 50.42 11.93
C GLY S 78 -20.95 48.91 11.69
N TRP S 79 -20.88 48.52 10.43
CA TRP S 79 -20.85 47.11 10.07
C TRP S 79 -19.46 46.71 9.60
N ASP S 80 -18.52 46.77 10.53
CA ASP S 80 -17.09 46.68 10.23
C ASP S 80 -16.41 45.46 10.84
N PHE S 81 -17.20 44.51 11.35
CA PHE S 81 -16.64 43.42 12.14
C PHE S 81 -16.57 42.07 11.42
N PHE S 82 -16.86 42.06 10.12
CA PHE S 82 -16.79 40.83 9.34
C PHE S 82 -15.36 40.57 8.87
N ARG S 83 -14.84 39.37 9.15
CA ARG S 83 -13.50 39.00 8.71
C ARG S 83 -13.54 37.88 7.67
N PRO S 84 -13.04 38.17 6.46
CA PRO S 84 -13.01 37.23 5.34
C PRO S 84 -12.39 35.87 5.66
N GLU S 85 -11.38 35.84 6.53
CA GLU S 85 -10.72 34.57 6.85
C GLU S 85 -11.55 33.71 7.79
N ARG S 86 -12.65 34.26 8.30
CA ARG S 86 -13.60 33.48 9.10
C ARG S 86 -14.85 33.15 8.28
N ASN S 87 -14.70 33.14 6.95
CA ASN S 87 -15.80 32.90 6.02
C ASN S 87 -16.94 33.90 6.15
N GLU S 88 -16.60 35.10 6.59
CA GLU S 88 -17.55 36.19 6.68
C GLU S 88 -17.23 37.19 5.58
N SER S 89 -18.19 38.02 5.21
CA SER S 89 -17.95 39.07 4.23
C SER S 89 -19.06 40.10 4.25
N PHE S 90 -18.67 41.37 4.21
CA PHE S 90 -19.61 42.46 4.12
C PHE S 90 -19.17 43.39 3.00
N ASP S 91 -19.81 43.29 1.85
CA ASP S 91 -19.44 44.09 0.70
C ASP S 91 -20.39 45.26 0.52
N ILE S 92 -19.81 46.45 0.32
CA ILE S 92 -20.58 47.64 -0.01
C ILE S 92 -20.49 47.87 -1.52
N LEU S 93 -21.55 47.50 -2.24
CA LEU S 93 -21.54 47.59 -3.69
C LEU S 93 -22.20 48.88 -4.17
N ALA S 94 -21.41 49.94 -4.26
CA ALA S 94 -21.91 51.23 -4.76
C ALA S 94 -21.81 51.28 -6.27
N ALA S 95 -22.77 51.95 -6.89
CA ALA S 95 -22.81 52.06 -8.35
C ALA S 95 -21.72 53.01 -8.87
N SER S 96 -21.55 54.12 -8.17
CA SER S 96 -20.58 55.13 -8.59
C SER S 96 -19.31 55.08 -7.75
N GLN S 97 -18.71 53.91 -7.67
CA GLN S 97 -17.44 53.72 -6.98
C GLN S 97 -16.63 52.72 -7.80
N ARG S 98 -17.35 51.92 -8.57
CA ARG S 98 -16.75 50.84 -9.34
C ARG S 98 -17.24 50.86 -10.78
N VAL S 99 -18.48 50.42 -10.96
CA VAL S 99 -19.10 50.32 -12.27
C VAL S 99 -19.20 51.71 -12.91
N SER S 100 -19.00 51.79 -14.22
CA SER S 100 -18.63 50.65 -15.03
C SER S 100 -18.74 51.02 -16.50
N GLU S 101 -19.77 50.51 -17.17
CA GLU S 101 -20.12 50.98 -18.50
C GLU S 101 -21.30 51.95 -18.38
N THR S 102 -21.51 52.42 -17.15
CA THR S 102 -22.58 53.33 -16.76
C THR S 102 -22.42 53.55 -15.27
N GLN S 103 -22.38 54.81 -14.81
CA GLN S 103 -22.15 55.06 -13.39
C GLN S 103 -23.46 54.98 -12.59
N TRP S 104 -24.49 54.43 -13.21
CA TRP S 104 -25.77 54.19 -12.55
C TRP S 104 -26.20 52.73 -12.72
N TYR S 105 -26.82 52.18 -11.69
CA TYR S 105 -27.50 50.89 -11.84
C TYR S 105 -28.77 51.12 -12.65
N GLU S 106 -28.95 50.36 -13.72
CA GLU S 106 -30.14 50.49 -14.55
C GLU S 106 -31.41 50.16 -13.77
N GLY S 107 -31.29 49.27 -12.80
CA GLY S 107 -32.41 48.87 -11.99
C GLY S 107 -32.02 47.92 -10.87
N THR S 108 -33.02 47.31 -10.25
CA THR S 108 -32.81 46.44 -9.11
C THR S 108 -32.14 45.14 -9.52
N ALA S 109 -32.53 44.59 -10.66
CA ALA S 109 -31.87 43.40 -11.20
C ALA S 109 -30.49 43.77 -11.70
N ASP S 110 -30.33 45.01 -12.16
CA ASP S 110 -29.06 45.49 -12.66
C ASP S 110 -28.03 45.63 -11.54
N ALA S 111 -28.53 45.81 -10.31
CA ALA S 111 -27.66 45.93 -9.15
C ALA S 111 -26.93 44.63 -8.88
N VAL S 112 -27.60 43.51 -9.09
CA VAL S 112 -27.00 42.19 -8.86
C VAL S 112 -26.13 41.77 -10.04
N TYR S 113 -26.54 42.12 -11.25
CA TYR S 113 -25.83 41.71 -12.46
C TYR S 113 -24.45 42.38 -12.58
N GLN S 114 -24.36 43.65 -12.16
CA GLN S 114 -23.08 44.36 -12.22
C GLN S 114 -22.08 43.81 -11.20
N ASN S 115 -22.56 43.03 -10.25
CA ASN S 115 -21.71 42.52 -9.18
C ASN S 115 -21.61 41.00 -9.14
N ILE S 116 -21.77 40.35 -10.29
CA ILE S 116 -21.61 38.91 -10.38
C ILE S 116 -20.16 38.54 -10.10
N ASP S 117 -19.24 39.42 -10.47
CA ASP S 117 -17.82 39.16 -10.29
C ASP S 117 -17.42 39.21 -8.81
N ILE S 118 -18.35 39.64 -7.96
CA ILE S 118 -18.15 39.62 -6.52
C ILE S 118 -18.84 38.42 -5.89
N ILE S 119 -20.04 38.13 -6.37
CA ILE S 119 -20.89 37.09 -5.77
C ILE S 119 -20.36 35.69 -5.99
N GLU S 120 -20.17 35.30 -7.25
CA GLU S 120 -19.82 33.93 -7.60
C GLU S 120 -18.48 33.41 -7.02
N PRO S 121 -17.47 34.28 -6.89
CA PRO S 121 -16.27 33.82 -6.17
C PRO S 121 -16.52 33.37 -4.73
N TYR S 122 -17.65 33.75 -4.15
CA TYR S 122 -18.04 33.26 -2.83
C TYR S 122 -18.75 31.92 -2.98
N ALA S 123 -19.33 31.70 -4.16
CA ALA S 123 -20.11 30.50 -4.48
C ALA S 123 -21.14 30.12 -3.42
N PRO S 124 -22.06 31.04 -3.07
CA PRO S 124 -23.09 30.63 -2.12
C PRO S 124 -24.14 29.77 -2.82
N GLU S 125 -24.74 28.83 -2.10
CA GLU S 125 -25.77 27.99 -2.70
C GLU S 125 -27.05 28.78 -2.92
N TYR S 126 -27.31 29.74 -2.03
CA TYR S 126 -28.53 30.52 -2.08
C TYR S 126 -28.29 32.02 -2.10
N MET S 127 -29.29 32.76 -2.56
CA MET S 127 -29.27 34.22 -2.52
C MET S 127 -30.53 34.71 -1.83
N VAL S 128 -30.37 35.61 -0.86
CA VAL S 128 -31.50 36.23 -0.19
C VAL S 128 -31.56 37.71 -0.54
N ILE S 129 -32.39 38.05 -1.51
CA ILE S 129 -32.54 39.42 -1.96
C ILE S 129 -33.44 40.21 -1.01
N LEU S 130 -32.90 41.24 -0.38
CA LEU S 130 -33.64 42.01 0.62
C LEU S 130 -33.79 43.47 0.22
N ALA S 131 -34.89 44.08 0.67
CA ALA S 131 -35.05 45.51 0.55
C ALA S 131 -34.63 46.18 1.85
N GLY S 132 -33.74 47.16 1.77
CA GLY S 132 -33.16 47.76 2.96
C GLY S 132 -33.82 49.03 3.44
N ASP S 133 -35.05 49.26 3.02
CA ASP S 133 -35.78 50.46 3.44
C ASP S 133 -37.01 50.08 4.25
N HIS S 134 -36.93 48.95 4.95
CA HIS S 134 -38.06 48.43 5.71
C HIS S 134 -37.71 48.14 7.17
N ILE S 135 -38.65 48.42 8.06
CA ILE S 135 -38.48 48.12 9.48
C ILE S 135 -39.21 46.85 9.87
N TYR S 136 -38.47 45.77 10.08
CA TYR S 136 -39.07 44.49 10.40
C TYR S 136 -38.03 43.50 10.93
N LYS S 137 -38.50 42.46 11.61
CA LYS S 137 -37.62 41.40 12.09
C LYS S 137 -38.10 40.07 11.55
N MET S 138 -37.17 39.27 11.03
CA MET S 138 -37.51 38.08 10.28
C MET S 138 -36.38 37.07 10.24
N ASP S 139 -36.71 35.79 10.42
CA ASP S 139 -35.72 34.71 10.39
C ASP S 139 -35.69 34.07 9.01
N TYR S 140 -34.64 34.37 8.24
CA TYR S 140 -34.56 33.94 6.84
C TYR S 140 -34.29 32.45 6.66
N GLU S 141 -34.09 31.72 7.77
CA GLU S 141 -33.85 30.29 7.68
C GLU S 141 -35.12 29.57 7.22
N TYR S 142 -36.26 30.17 7.50
CA TYR S 142 -37.55 29.60 7.12
C TYR S 142 -37.79 29.71 5.62
N MET S 143 -37.56 30.89 5.06
CA MET S 143 -37.72 31.08 3.63
C MET S 143 -36.78 30.17 2.85
N LEU S 144 -35.56 30.02 3.37
CA LEU S 144 -34.56 29.17 2.74
C LEU S 144 -34.99 27.70 2.71
N GLN S 145 -35.38 27.19 3.87
CA GLN S 145 -35.82 25.80 3.97
C GLN S 145 -37.07 25.54 3.15
N GLN S 146 -38.01 26.49 3.15
CA GLN S 146 -39.21 26.38 2.34
C GLN S 146 -38.84 26.39 0.86
N HIS S 147 -37.87 27.22 0.50
CA HIS S 147 -37.47 27.38 -0.89
C HIS S 147 -36.91 26.08 -1.47
N VAL S 148 -36.13 25.37 -0.68
CA VAL S 148 -35.56 24.10 -1.12
C VAL S 148 -36.60 23.00 -1.11
N ASP S 149 -37.48 23.03 -0.11
CA ASP S 149 -38.50 22.01 0.05
C ASP S 149 -39.58 22.05 -1.05
N SER S 150 -39.78 23.24 -1.63
CA SER S 150 -40.85 23.42 -2.60
C SER S 150 -40.36 23.29 -4.04
N GLY S 151 -39.05 23.35 -4.23
CA GLY S 151 -38.46 23.26 -5.56
C GLY S 151 -38.69 24.50 -6.38
N ALA S 152 -39.13 25.57 -5.74
CA ALA S 152 -39.45 26.83 -6.41
C ALA S 152 -38.23 27.43 -7.08
N ASP S 153 -38.48 28.24 -8.11
CA ASP S 153 -37.41 28.99 -8.76
C ASP S 153 -37.19 30.29 -8.00
N VAL S 154 -38.23 30.74 -7.31
CA VAL S 154 -38.12 31.88 -6.41
C VAL S 154 -39.18 31.79 -5.32
N THR S 155 -38.75 31.97 -4.07
CA THR S 155 -39.67 32.03 -2.95
C THR S 155 -39.79 33.47 -2.46
N ILE S 156 -40.98 34.03 -2.52
CA ILE S 156 -41.12 35.46 -2.28
C ILE S 156 -41.85 35.67 -0.95
N GLY S 157 -41.35 36.60 -0.14
CA GLY S 157 -41.91 36.85 1.17
C GLY S 157 -43.06 37.83 1.13
N CYS S 158 -44.22 37.44 1.65
CA CYS S 158 -45.40 38.28 1.49
C CYS S 158 -46.10 38.61 2.80
N LEU S 159 -46.73 39.78 2.85
CA LEU S 159 -47.54 40.17 3.99
C LEU S 159 -49.00 39.79 3.77
N GLU S 160 -49.65 39.31 4.83
CA GLU S 160 -51.08 39.02 4.77
C GLU S 160 -51.86 40.22 5.30
N VAL S 161 -52.18 41.16 4.40
CA VAL S 161 -52.88 42.37 4.77
C VAL S 161 -54.31 42.36 4.22
N PRO S 162 -55.23 43.05 4.91
CA PRO S 162 -56.60 43.21 4.41
C PRO S 162 -56.60 43.80 3.00
N ARG S 163 -57.53 43.36 2.16
CA ARG S 163 -57.48 43.69 0.73
C ARG S 163 -57.54 45.19 0.45
N MET S 164 -58.07 45.96 1.39
CA MET S 164 -58.08 47.42 1.22
C MET S 164 -56.72 48.01 1.56
N GLU S 165 -55.95 47.31 2.39
CA GLU S 165 -54.59 47.74 2.71
C GLU S 165 -53.62 47.37 1.59
N ALA S 166 -53.96 46.33 0.84
CA ALA S 166 -53.10 45.82 -0.21
C ALA S 166 -53.14 46.67 -1.47
N THR S 167 -53.97 47.71 -1.45
CA THR S 167 -54.21 48.53 -2.63
C THR S 167 -52.98 49.35 -3.04
N GLY S 168 -52.05 49.52 -2.11
CA GLY S 168 -50.85 50.29 -2.38
C GLY S 168 -49.61 49.41 -2.44
N PHE S 169 -49.83 48.11 -2.54
CA PHE S 169 -48.73 47.14 -2.56
C PHE S 169 -48.65 46.40 -3.89
N GLY S 170 -47.51 45.78 -4.14
CA GLY S 170 -47.40 44.78 -5.19
C GLY S 170 -48.03 43.52 -4.63
N VAL S 171 -49.16 43.11 -5.21
CA VAL S 171 -49.94 42.01 -4.66
C VAL S 171 -49.72 40.71 -5.42
N MET S 172 -49.44 39.64 -4.68
CA MET S 172 -49.24 38.32 -5.26
C MET S 172 -50.53 37.51 -5.21
N HIS S 173 -51.00 37.08 -6.38
CA HIS S 173 -52.17 36.23 -6.47
C HIS S 173 -51.74 34.76 -6.50
N VAL S 174 -52.24 33.98 -5.55
CA VAL S 174 -51.85 32.59 -5.42
C VAL S 174 -53.03 31.65 -5.45
N ASN S 175 -52.79 30.39 -5.82
CA ASN S 175 -53.80 29.36 -5.69
C ASN S 175 -53.83 28.84 -4.25
N GLU S 176 -54.32 27.62 -4.06
CA GLU S 176 -54.41 27.06 -2.72
C GLU S 176 -53.07 26.46 -2.27
N LYS S 177 -52.08 26.53 -3.15
CA LYS S 177 -50.79 25.88 -2.93
C LYS S 177 -49.82 26.97 -2.48
N ASP S 178 -50.29 28.21 -2.50
CA ASP S 178 -49.48 29.43 -2.36
C ASP S 178 -48.48 29.54 -3.51
N GLU S 179 -48.77 28.84 -4.60
CA GLU S 179 -48.07 29.01 -5.85
C GLU S 179 -48.58 30.27 -6.54
N ILE S 180 -47.67 31.16 -6.91
CA ILE S 180 -48.05 32.47 -7.46
C ILE S 180 -48.45 32.37 -8.93
N ILE S 181 -49.70 32.74 -9.22
CA ILE S 181 -50.24 32.63 -10.56
C ILE S 181 -50.25 33.97 -11.30
N ASP S 182 -50.17 35.07 -10.55
CA ASP S 182 -50.06 36.39 -11.16
C ASP S 182 -49.57 37.42 -10.14
N PHE S 183 -48.93 38.47 -10.66
CA PHE S 183 -48.48 39.59 -9.84
C PHE S 183 -49.07 40.89 -10.34
N ILE S 184 -49.71 41.64 -9.45
CA ILE S 184 -50.39 42.87 -9.85
C ILE S 184 -49.84 44.10 -9.12
N GLU S 185 -49.44 45.11 -9.89
CA GLU S 185 -48.91 46.35 -9.33
C GLU S 185 -50.02 47.29 -8.86
N LYS S 186 -50.16 47.42 -7.54
CA LYS S 186 -51.14 48.31 -6.92
C LYS S 186 -52.55 48.17 -7.52
N PRO S 187 -53.19 47.01 -7.33
CA PRO S 187 -54.55 46.79 -7.84
C PRO S 187 -55.60 47.57 -7.07
N ALA S 188 -56.53 48.19 -7.78
CA ALA S 188 -57.62 48.93 -7.14
C ALA S 188 -58.50 47.97 -6.35
N ASP S 189 -58.64 46.74 -6.85
CA ASP S 189 -59.35 45.69 -6.14
C ASP S 189 -58.51 44.41 -6.17
N PRO S 190 -57.61 44.27 -5.20
CA PRO S 190 -56.65 43.16 -5.12
C PRO S 190 -57.30 41.78 -4.99
N PRO S 191 -56.77 40.78 -5.71
CA PRO S 191 -57.25 39.41 -5.62
C PRO S 191 -56.96 38.79 -4.26
N GLY S 192 -58.00 38.30 -3.60
CA GLY S 192 -57.83 37.67 -2.29
C GLY S 192 -57.17 36.31 -2.40
N ILE S 193 -57.00 35.66 -1.25
CA ILE S 193 -56.32 34.37 -1.19
C ILE S 193 -57.33 33.25 -0.92
N PRO S 194 -57.29 32.19 -1.76
CA PRO S 194 -58.10 30.98 -1.59
C PRO S 194 -58.04 30.43 -0.17
N GLY S 195 -59.19 30.00 0.34
CA GLY S 195 -59.28 29.61 1.74
C GLY S 195 -59.94 30.73 2.53
N ASN S 196 -59.12 31.52 3.20
CA ASN S 196 -59.63 32.71 3.88
C ASN S 196 -59.36 33.97 3.07
N GLU S 197 -60.42 34.58 2.57
CA GLU S 197 -60.29 35.82 1.80
C GLU S 197 -60.61 37.03 2.66
N GLY S 198 -60.45 38.21 2.08
CA GLY S 198 -60.53 39.43 2.84
C GLY S 198 -59.13 39.94 3.13
N PHE S 199 -58.15 39.11 2.79
CA PHE S 199 -56.75 39.49 2.86
C PHE S 199 -56.06 39.21 1.53
N ALA S 200 -55.01 39.96 1.24
CA ALA S 200 -54.21 39.73 0.04
C ALA S 200 -52.74 39.60 0.40
N LEU S 201 -51.97 38.93 -0.45
CA LEU S 201 -50.53 38.77 -0.22
C LEU S 201 -49.76 39.95 -0.81
N ALA S 202 -49.32 40.85 0.06
CA ALA S 202 -48.55 42.02 -0.34
C ALA S 202 -47.06 41.71 -0.35
N SER S 203 -46.41 41.97 -1.48
CA SER S 203 -44.98 41.62 -1.65
C SER S 203 -44.08 42.49 -0.79
N MET S 204 -43.07 41.87 -0.18
CA MET S 204 -42.14 42.57 0.70
C MET S 204 -40.85 42.95 -0.01
N GLY S 205 -40.72 42.53 -1.26
CA GLY S 205 -39.49 42.79 -2.00
C GLY S 205 -38.37 41.88 -1.54
N ILE S 206 -38.76 40.80 -0.86
CA ILE S 206 -37.82 39.80 -0.37
C ILE S 206 -37.89 38.53 -1.21
N TYR S 207 -36.81 38.23 -1.92
CA TYR S 207 -36.78 37.07 -2.80
C TYR S 207 -35.63 36.12 -2.45
N VAL S 208 -35.92 34.84 -2.33
CA VAL S 208 -34.90 33.80 -2.10
C VAL S 208 -34.62 33.02 -3.38
N PHE S 209 -33.35 32.94 -3.76
CA PHE S 209 -32.94 32.29 -5.00
C PHE S 209 -31.95 31.14 -4.82
N HIS S 210 -31.95 30.25 -5.80
CA HIS S 210 -30.84 29.32 -5.99
C HIS S 210 -29.80 30.02 -6.88
N THR S 211 -28.64 30.33 -6.30
CA THR S 211 -27.68 31.22 -6.93
C THR S 211 -27.41 30.95 -8.41
N LYS S 212 -27.41 29.67 -8.79
CA LYS S 212 -27.25 29.31 -10.19
C LYS S 212 -28.38 29.87 -11.05
N PHE S 213 -29.61 29.63 -10.60
CA PHE S 213 -30.81 30.11 -11.30
C PHE S 213 -30.85 31.63 -11.38
N LEU S 214 -30.55 32.30 -10.28
CA LEU S 214 -30.57 33.76 -10.23
C LEU S 214 -29.57 34.34 -11.22
N MET S 215 -28.41 33.71 -11.34
CA MET S 215 -27.39 34.17 -12.29
C MET S 215 -27.86 33.94 -13.73
N GLU S 216 -28.74 32.95 -13.92
CA GLU S 216 -29.31 32.68 -15.23
C GLU S 216 -30.37 33.70 -15.59
N ALA S 217 -31.40 33.79 -14.74
CA ALA S 217 -32.56 34.63 -15.00
C ALA S 217 -32.25 36.12 -15.03
N LEU S 218 -31.00 36.47 -14.74
CA LEU S 218 -30.59 37.85 -14.62
C LEU S 218 -29.59 38.27 -15.69
N ARG S 219 -28.87 37.31 -16.24
CA ARG S 219 -28.08 37.56 -17.44
C ARG S 219 -29.05 37.64 -18.62
N ARG S 220 -30.12 36.85 -18.54
CA ARG S 220 -31.20 36.90 -19.51
C ARG S 220 -31.85 38.28 -19.49
N ASP S 221 -31.99 38.81 -18.28
CA ASP S 221 -32.57 40.13 -18.05
C ASP S 221 -31.69 41.21 -18.66
N ALA S 222 -30.38 41.03 -18.54
CA ALA S 222 -29.42 42.00 -19.08
C ALA S 222 -29.41 41.97 -20.60
N ALA S 223 -29.75 40.81 -21.17
CA ALA S 223 -29.75 40.64 -22.62
C ALA S 223 -31.09 41.03 -23.22
N ASP S 224 -32.09 41.22 -22.37
CA ASP S 224 -33.42 41.65 -22.80
C ASP S 224 -33.40 43.16 -23.08
N PRO S 225 -33.67 43.55 -24.33
CA PRO S 225 -33.70 44.97 -24.70
C PRO S 225 -34.93 45.66 -24.11
N THR S 226 -36.01 44.91 -23.94
CA THR S 226 -37.27 45.47 -23.46
C THR S 226 -37.30 45.56 -21.93
N SER S 227 -36.14 45.40 -21.32
CA SER S 227 -36.02 45.30 -19.87
C SER S 227 -35.86 46.64 -19.16
N SER S 228 -36.60 46.80 -18.07
CA SER S 228 -36.42 47.96 -17.18
C SER S 228 -35.46 47.59 -16.06
N ARG S 229 -35.02 46.33 -16.06
CA ARG S 229 -33.96 45.84 -15.19
C ARG S 229 -34.30 45.83 -13.71
N ASP S 230 -35.58 45.65 -13.37
CA ASP S 230 -35.99 45.59 -11.97
C ASP S 230 -36.42 44.18 -11.58
N PHE S 231 -36.24 43.83 -10.31
CA PHE S 231 -36.66 42.52 -9.84
C PHE S 231 -38.18 42.38 -9.83
N GLY S 232 -38.87 43.44 -9.44
CA GLY S 232 -40.32 43.39 -9.27
C GLY S 232 -41.13 43.59 -10.54
N LYS S 233 -40.60 44.39 -11.45
CA LYS S 233 -41.30 44.70 -12.69
C LYS S 233 -40.94 43.72 -13.82
N ASP S 234 -39.88 42.96 -13.62
CA ASP S 234 -39.31 42.16 -14.71
C ASP S 234 -38.99 40.71 -14.33
N ILE S 235 -37.97 40.53 -13.50
CA ILE S 235 -37.49 39.20 -13.13
C ILE S 235 -38.60 38.32 -12.58
N ILE S 236 -39.24 38.80 -11.51
CA ILE S 236 -40.29 38.06 -10.81
C ILE S 236 -41.54 37.79 -11.67
N PRO S 237 -42.08 38.81 -12.37
CA PRO S 237 -43.25 38.50 -13.20
C PRO S 237 -42.94 37.47 -14.29
N TYR S 238 -41.73 37.51 -14.84
CA TYR S 238 -41.29 36.55 -15.83
C TYR S 238 -41.44 35.12 -15.31
N ILE S 239 -40.96 34.92 -14.08
CA ILE S 239 -40.92 33.59 -13.46
C ILE S 239 -42.30 33.10 -13.03
N VAL S 240 -43.19 34.04 -12.67
CA VAL S 240 -44.54 33.71 -12.19
C VAL S 240 -45.26 32.73 -13.13
N GLU S 241 -45.11 32.92 -14.43
CA GLU S 241 -45.74 32.04 -15.40
C GLU S 241 -44.77 31.02 -15.99
N HIS S 242 -43.66 31.50 -16.54
CA HIS S 242 -42.71 30.64 -17.23
C HIS S 242 -42.06 29.63 -16.30
N GLY S 243 -41.87 30.02 -15.04
CA GLY S 243 -41.27 29.14 -14.05
C GLY S 243 -42.18 28.92 -12.86
N LYS S 244 -41.59 28.66 -11.71
CA LYS S 244 -42.37 28.50 -10.49
C LYS S 244 -42.05 29.58 -9.46
N ALA S 245 -43.09 30.14 -8.86
CA ALA S 245 -42.95 31.10 -7.78
C ALA S 245 -43.86 30.72 -6.64
N VAL S 246 -43.29 30.61 -5.45
CA VAL S 246 -44.07 30.28 -4.25
C VAL S 246 -43.97 31.42 -3.25
N ALA S 247 -45.07 31.70 -2.55
CA ALA S 247 -45.08 32.78 -1.57
C ALA S 247 -44.78 32.26 -0.17
N HIS S 248 -43.97 33.01 0.56
CA HIS S 248 -43.73 32.73 1.97
C HIS S 248 -44.45 33.78 2.82
N ARG S 249 -45.20 33.32 3.81
CA ARG S 249 -45.96 34.21 4.67
C ARG S 249 -45.05 34.83 5.74
N PHE S 250 -45.14 36.13 5.90
CA PHE S 250 -44.32 36.86 6.87
C PHE S 250 -44.58 36.38 8.30
N ALA S 251 -45.82 35.97 8.57
CA ALA S 251 -46.21 35.52 9.91
C ALA S 251 -45.50 34.23 10.32
N ASP S 252 -45.00 33.48 9.35
CA ASP S 252 -44.39 32.18 9.60
C ASP S 252 -42.94 32.27 10.08
N SER S 253 -42.30 33.39 9.78
CA SER S 253 -40.89 33.55 10.12
C SER S 253 -40.59 34.87 10.82
N CYS S 254 -41.64 35.62 11.14
CA CYS S 254 -41.49 36.87 11.86
C CYS S 254 -41.00 36.60 13.28
N VAL S 255 -39.97 37.34 13.70
CA VAL S 255 -39.43 37.19 15.04
C VAL S 255 -40.10 38.16 15.99
N ARG S 256 -41.06 37.66 16.75
CA ARG S 256 -41.84 38.50 17.65
C ARG S 256 -41.40 38.37 19.10
N SER S 257 -41.44 39.48 19.82
CA SER S 257 -41.24 39.47 21.26
C SER S 257 -42.52 38.99 21.93
N ASP S 258 -42.46 38.72 23.23
CA ASP S 258 -43.65 38.37 23.99
C ASP S 258 -44.48 39.63 24.23
N PHE S 259 -43.85 40.77 24.00
CA PHE S 259 -44.48 42.06 24.24
C PHE S 259 -44.90 42.72 22.93
N GLU S 260 -44.87 41.93 21.85
CA GLU S 260 -45.35 42.38 20.55
C GLU S 260 -46.62 41.63 20.18
N HIS S 261 -47.75 42.36 20.15
CA HIS S 261 -49.05 41.72 20.00
C HIS S 261 -49.32 41.23 18.57
N GLU S 262 -48.45 41.60 17.63
CA GLU S 262 -48.63 41.19 16.23
C GLU S 262 -47.33 41.39 15.44
N PRO S 263 -47.18 40.67 14.31
CA PRO S 263 -46.02 40.83 13.43
C PRO S 263 -45.78 42.29 13.04
N TYR S 264 -44.58 42.79 13.29
CA TYR S 264 -44.27 44.19 13.06
C TYR S 264 -43.55 44.40 11.73
N TRP S 265 -44.14 45.25 10.90
CA TRP S 265 -43.56 45.61 9.62
C TRP S 265 -44.01 47.02 9.23
N ARG S 266 -43.05 47.90 8.98
CA ARG S 266 -43.36 49.29 8.65
C ARG S 266 -42.57 49.75 7.43
N ASP S 267 -43.25 50.41 6.50
CA ASP S 267 -42.60 50.90 5.29
C ASP S 267 -42.09 52.33 5.50
N VAL S 268 -42.60 52.98 6.55
CA VAL S 268 -42.43 54.41 6.80
C VAL S 268 -42.34 55.20 5.49
N GLY S 269 -43.33 54.97 4.63
CA GLY S 269 -43.33 55.51 3.28
C GLY S 269 -43.48 57.02 3.21
N THR S 270 -44.27 57.59 4.11
CA THR S 270 -44.54 59.02 4.10
C THR S 270 -44.01 59.70 5.36
N ILE S 271 -44.09 61.02 5.38
CA ILE S 271 -43.69 61.80 6.53
C ILE S 271 -44.60 61.49 7.72
N ASP S 272 -45.87 61.28 7.42
CA ASP S 272 -46.85 60.92 8.44
C ASP S 272 -46.55 59.54 9.03
N ALA S 273 -46.29 58.57 8.16
CA ALA S 273 -46.01 57.21 8.58
C ALA S 273 -44.70 57.12 9.35
N TYR S 274 -43.71 57.91 8.93
CA TYR S 274 -42.43 57.95 9.61
C TYR S 274 -42.57 58.51 11.03
N TRP S 275 -43.28 59.63 11.14
CA TRP S 275 -43.53 60.25 12.44
C TRP S 275 -44.30 59.31 13.36
N GLN S 276 -45.31 58.63 12.81
CA GLN S 276 -46.16 57.76 13.60
C GLN S 276 -45.38 56.57 14.15
N ALA S 277 -44.57 55.96 13.29
CA ALA S 277 -43.79 54.78 13.67
C ALA S 277 -42.84 55.08 14.82
N ASN S 278 -42.24 56.26 14.81
CA ASN S 278 -41.33 56.68 15.87
C ASN S 278 -42.03 57.01 17.18
N ILE S 279 -43.08 57.83 17.09
CA ILE S 279 -43.82 58.26 18.28
C ILE S 279 -44.52 57.08 18.96
N ASP S 280 -44.90 56.08 18.16
CA ASP S 280 -45.50 54.86 18.67
C ASP S 280 -44.59 54.16 19.68
N LEU S 281 -43.28 54.41 19.58
CA LEU S 281 -42.32 53.81 20.49
C LEU S 281 -42.41 54.38 21.89
N THR S 282 -43.10 55.50 22.04
CA THR S 282 -43.26 56.15 23.33
C THR S 282 -44.47 55.59 24.09
N ASP S 283 -45.14 54.60 23.49
CA ASP S 283 -46.29 53.96 24.14
C ASP S 283 -45.90 53.18 25.37
N VAL S 284 -46.88 52.90 26.22
CA VAL S 284 -46.68 52.01 27.36
C VAL S 284 -46.32 50.62 26.86
N VAL S 285 -47.12 50.13 25.91
CA VAL S 285 -46.89 48.85 25.28
C VAL S 285 -46.75 49.04 23.76
N PRO S 286 -45.53 49.35 23.30
CA PRO S 286 -45.28 49.60 21.88
C PRO S 286 -45.44 48.36 21.03
N ASP S 287 -45.85 48.54 19.77
CA ASP S 287 -45.96 47.44 18.83
C ASP S 287 -44.60 46.82 18.55
N LEU S 288 -43.57 47.67 18.54
CA LEU S 288 -42.19 47.22 18.37
C LEU S 288 -41.45 47.24 19.70
N ASP S 289 -40.98 46.09 20.14
CA ASP S 289 -40.20 45.99 21.37
C ASP S 289 -38.71 46.16 21.10
N ILE S 290 -38.20 47.36 21.38
CA ILE S 290 -36.79 47.65 21.15
C ILE S 290 -35.94 47.29 22.36
N TYR S 291 -36.55 46.62 23.34
CA TYR S 291 -35.85 46.26 24.56
C TYR S 291 -35.62 44.76 24.67
N ASP S 292 -36.03 44.02 23.63
CA ASP S 292 -35.79 42.58 23.57
C ASP S 292 -34.32 42.30 23.28
N LYS S 293 -33.84 41.13 23.72
CA LYS S 293 -32.45 40.77 23.50
C LYS S 293 -32.27 39.47 22.72
N SER S 294 -33.36 38.86 22.26
CA SER S 294 -33.26 37.60 21.56
C SER S 294 -33.08 37.79 20.05
N TRP S 295 -33.40 38.99 19.57
CA TRP S 295 -33.18 39.34 18.18
C TRP S 295 -32.70 40.78 18.08
N PRO S 296 -31.47 41.03 18.51
CA PRO S 296 -30.96 42.40 18.68
C PRO S 296 -30.70 43.13 17.37
N ILE S 297 -30.88 44.44 17.39
CA ILE S 297 -30.59 45.28 16.23
C ILE S 297 -29.24 45.97 16.41
N TRP S 298 -28.26 45.56 15.63
CA TRP S 298 -26.94 46.17 15.67
C TRP S 298 -26.94 47.44 14.84
N THR S 299 -26.14 48.42 15.23
CA THR S 299 -26.02 49.65 14.49
C THR S 299 -24.68 50.31 14.79
N TYR S 300 -24.41 51.47 14.18
CA TYR S 300 -23.26 52.25 14.57
C TYR S 300 -23.59 53.07 15.82
N ALA S 301 -22.82 52.88 16.87
CA ALA S 301 -23.01 53.62 18.10
C ALA S 301 -21.67 54.05 18.66
N GLU S 302 -21.64 55.22 19.28
CA GLU S 302 -20.44 55.71 19.95
C GLU S 302 -20.68 55.70 21.45
N ILE S 303 -19.59 55.71 22.21
CA ILE S 303 -19.69 55.91 23.64
C ILE S 303 -20.13 57.34 23.92
N THR S 304 -21.26 57.48 24.58
CA THR S 304 -21.84 58.79 24.86
C THR S 304 -22.05 58.99 26.35
N PRO S 305 -22.16 60.25 26.80
CA PRO S 305 -22.59 60.49 28.18
C PRO S 305 -24.04 60.10 28.37
N PRO S 306 -24.50 59.95 29.62
CA PRO S 306 -25.91 59.64 29.84
C PRO S 306 -26.80 60.84 29.57
N ALA S 307 -28.11 60.64 29.49
CA ALA S 307 -29.05 61.75 29.39
C ALA S 307 -29.05 62.55 30.68
N LYS S 308 -29.21 63.86 30.57
CA LYS S 308 -29.17 64.75 31.73
C LYS S 308 -30.40 65.64 31.79
N PHE S 309 -30.98 65.76 32.98
CA PHE S 309 -32.14 66.61 33.21
C PHE S 309 -31.81 67.60 34.33
N VAL S 310 -31.92 68.89 34.05
CA VAL S 310 -31.64 69.91 35.06
C VAL S 310 -32.72 70.97 35.14
N HIS S 311 -32.63 71.80 36.19
CA HIS S 311 -33.59 72.85 36.53
C HIS S 311 -34.91 72.26 37.02
N ASP S 312 -35.37 72.78 38.16
CA ASP S 312 -36.61 72.32 38.78
C ASP S 312 -37.21 73.45 39.62
N ASP S 313 -37.70 74.48 38.95
CA ASP S 313 -38.26 75.62 39.68
C ASP S 313 -39.64 76.02 39.15
N GLU S 314 -40.10 77.16 39.63
CA GLU S 314 -41.35 77.77 39.20
C GLU S 314 -41.43 77.95 37.70
N ASP S 315 -40.33 78.37 37.08
CA ASP S 315 -40.36 78.84 35.70
C ASP S 315 -39.90 77.78 34.70
N ARG S 316 -39.11 76.81 35.16
CA ARG S 316 -38.56 75.81 34.26
C ARG S 316 -38.24 74.48 34.94
N ARG S 317 -38.53 73.40 34.24
CA ARG S 317 -38.19 72.06 34.72
C ARG S 317 -37.77 71.17 33.55
N GLY S 318 -36.51 70.76 33.55
CA GLY S 318 -36.03 69.82 32.56
C GLY S 318 -36.53 68.43 32.88
N SER S 319 -37.51 67.96 32.13
CA SER S 319 -38.14 66.69 32.43
C SER S 319 -38.82 66.08 31.22
N ALA S 320 -38.71 64.76 31.10
CA ALA S 320 -39.35 64.03 30.01
C ALA S 320 -40.49 63.17 30.54
N VAL S 321 -41.62 63.21 29.84
CA VAL S 321 -42.79 62.43 30.22
C VAL S 321 -43.34 61.70 29.01
N SER S 322 -43.61 60.40 29.17
CA SER S 322 -44.08 59.55 28.08
C SER S 322 -43.18 59.72 26.87
N SER S 323 -41.88 59.64 27.10
CA SER S 323 -40.90 59.95 26.07
C SER S 323 -39.73 58.96 26.03
N VAL S 324 -38.99 59.00 24.94
CA VAL S 324 -37.80 58.18 24.77
C VAL S 324 -36.60 59.06 24.47
N VAL S 325 -35.59 59.00 25.34
CA VAL S 325 -34.44 59.90 25.27
C VAL S 325 -33.11 59.15 25.15
N SER S 326 -32.29 59.53 24.18
CA SER S 326 -31.01 58.87 23.96
C SER S 326 -29.88 59.50 24.76
N GLY S 327 -28.67 58.98 24.55
CA GLY S 327 -27.50 59.50 25.22
C GLY S 327 -27.08 60.86 24.69
N ASP S 328 -26.20 61.52 25.43
CA ASP S 328 -25.67 62.83 25.04
C ASP S 328 -26.77 63.88 24.90
N CYS S 329 -27.92 63.61 25.49
CA CYS S 329 -29.00 64.58 25.52
C CYS S 329 -28.98 65.39 26.81
N ILE S 330 -29.10 66.70 26.68
CA ILE S 330 -29.20 67.56 27.85
C ILE S 330 -30.52 68.32 27.82
N ILE S 331 -31.42 67.92 28.72
CA ILE S 331 -32.74 68.53 28.82
C ILE S 331 -32.71 69.59 29.92
N SER S 332 -32.34 70.80 29.54
CA SER S 332 -32.08 71.87 30.51
C SER S 332 -33.24 72.84 30.61
N GLY S 333 -34.11 72.64 31.60
CA GLY S 333 -35.26 73.51 31.80
C GLY S 333 -36.29 73.37 30.70
N ALA S 334 -36.20 72.28 29.94
CA ALA S 334 -37.11 72.01 28.85
C ALA S 334 -38.16 70.98 29.25
N ALA S 335 -39.39 71.17 28.77
CA ALA S 335 -40.49 70.25 29.08
C ALA S 335 -40.78 69.35 27.90
N LEU S 336 -40.47 68.06 28.02
CA LEU S 336 -40.72 67.10 26.97
C LEU S 336 -41.93 66.22 27.29
N ASN S 337 -42.79 66.04 26.30
CA ASN S 337 -43.93 65.13 26.42
C ASN S 337 -44.19 64.43 25.09
N ARG S 338 -44.38 63.12 25.15
CA ARG S 338 -44.68 62.32 23.96
C ARG S 338 -43.64 62.55 22.86
N SER S 339 -42.37 62.53 23.23
CA SER S 339 -41.30 62.83 22.28
C SER S 339 -40.25 61.73 22.20
N LEU S 340 -39.65 61.60 21.02
CA LEU S 340 -38.56 60.67 20.81
C LEU S 340 -37.31 61.47 20.48
N LEU S 341 -36.27 61.35 21.31
CA LEU S 341 -35.03 62.09 21.08
C LEU S 341 -33.86 61.17 20.74
N PHE S 342 -33.23 61.42 19.60
CA PHE S 342 -32.03 60.71 19.21
C PHE S 342 -30.81 61.26 19.97
N THR S 343 -29.63 60.72 19.70
CA THR S 343 -28.42 61.08 20.43
CA THR S 343 -28.45 61.10 20.47
C THR S 343 -28.02 62.54 20.23
N GLY S 344 -27.56 63.19 21.29
CA GLY S 344 -26.98 64.53 21.19
C GLY S 344 -27.91 65.72 21.12
N VAL S 345 -29.14 65.57 21.58
CA VAL S 345 -30.08 66.69 21.57
C VAL S 345 -29.86 67.64 22.74
N ARG S 346 -29.83 68.94 22.44
CA ARG S 346 -29.76 69.97 23.47
C ARG S 346 -31.05 70.78 23.49
N ALA S 347 -31.86 70.59 24.53
CA ALA S 347 -33.08 71.36 24.69
C ALA S 347 -32.93 72.33 25.87
N ASN S 348 -33.07 73.62 25.59
CA ASN S 348 -32.75 74.65 26.58
C ASN S 348 -33.97 75.23 27.29
N SER S 349 -33.72 76.07 28.29
CA SER S 349 -34.72 76.53 29.23
C SER S 349 -35.98 77.09 28.59
N TYR S 350 -37.12 76.76 29.21
CA TYR S 350 -38.44 77.26 28.85
C TYR S 350 -38.91 76.79 27.47
N SER S 351 -38.18 75.85 26.87
CA SER S 351 -38.63 75.27 25.61
C SER S 351 -39.58 74.11 25.88
N ARG S 352 -40.38 73.77 24.88
CA ARG S 352 -41.38 72.72 25.03
C ARG S 352 -41.51 71.87 23.77
N LEU S 353 -41.35 70.57 23.92
CA LEU S 353 -41.55 69.63 22.83
C LEU S 353 -42.74 68.73 23.12
N GLU S 354 -43.61 68.54 22.13
CA GLU S 354 -44.73 67.63 22.28
C GLU S 354 -45.00 66.93 20.95
N ASN S 355 -45.23 65.62 20.99
CA ASN S 355 -45.36 64.80 19.79
C ASN S 355 -44.24 65.07 18.80
N ALA S 356 -43.01 65.11 19.31
CA ALA S 356 -41.85 65.48 18.50
C ALA S 356 -40.91 64.31 18.25
N VAL S 357 -40.55 64.12 16.98
CA VAL S 357 -39.49 63.20 16.61
C VAL S 357 -38.24 64.03 16.35
N VAL S 358 -37.26 63.93 17.24
CA VAL S 358 -36.10 64.81 17.19
C VAL S 358 -34.82 64.05 16.86
N LEU S 359 -34.38 64.17 15.61
CA LEU S 359 -33.22 63.45 15.09
C LEU S 359 -31.92 63.92 15.75
N PRO S 360 -30.78 63.22 15.53
CA PRO S 360 -29.58 63.54 16.32
C PRO S 360 -29.05 64.97 16.22
N SER S 361 -28.41 65.40 17.29
CA SER S 361 -27.67 66.66 17.34
C SER S 361 -28.51 67.91 17.10
N VAL S 362 -29.80 67.83 17.41
CA VAL S 362 -30.69 68.98 17.28
C VAL S 362 -30.57 69.89 18.51
N LYS S 363 -30.60 71.21 18.28
CA LYS S 363 -30.61 72.18 19.36
C LYS S 363 -31.92 72.94 19.43
N ILE S 364 -32.57 72.89 20.58
CA ILE S 364 -33.79 73.66 20.80
C ILE S 364 -33.48 74.88 21.67
N GLY S 365 -33.49 76.06 21.05
CA GLY S 365 -33.16 77.29 21.76
C GLY S 365 -34.25 77.68 22.74
N ARG S 366 -33.92 78.59 23.66
CA ARG S 366 -34.83 78.98 24.73
C ARG S 366 -36.25 79.40 24.27
N HIS S 367 -37.20 79.28 25.19
CA HIS S 367 -38.64 79.44 24.96
C HIS S 367 -39.17 79.04 23.58
N ALA S 368 -38.58 78.03 22.93
CA ALA S 368 -39.16 77.52 21.69
C ALA S 368 -40.29 76.58 22.09
N GLN S 369 -41.31 76.49 21.26
CA GLN S 369 -42.41 75.57 21.54
C GLN S 369 -42.84 74.86 20.27
N LEU S 370 -42.44 73.60 20.16
CA LEU S 370 -42.70 72.81 18.96
C LEU S 370 -43.65 71.65 19.27
N SER S 371 -44.68 71.49 18.45
CA SER S 371 -45.64 70.41 18.61
C SER S 371 -45.91 69.71 17.29
N ASN S 372 -45.99 68.37 17.35
CA ASN S 372 -46.25 67.55 16.17
C ASN S 372 -45.23 67.79 15.06
N VAL S 373 -43.96 67.50 15.35
CA VAL S 373 -42.89 67.81 14.41
C VAL S 373 -41.91 66.65 14.21
N VAL S 374 -41.29 66.65 13.04
CA VAL S 374 -40.10 65.84 12.79
C VAL S 374 -38.96 66.81 12.54
N ILE S 375 -37.99 66.83 13.44
CA ILE S 375 -36.87 67.74 13.31
C ILE S 375 -35.66 67.01 12.73
N ASP S 376 -35.22 67.45 11.56
CA ASP S 376 -34.13 66.81 10.84
C ASP S 376 -32.82 66.87 11.63
N HIS S 377 -31.87 66.02 11.25
CA HIS S 377 -30.58 65.93 11.92
C HIS S 377 -29.84 67.27 11.99
N GLY S 378 -29.39 67.63 13.19
CA GLY S 378 -28.51 68.77 13.37
C GLY S 378 -29.16 70.13 13.29
N VAL S 379 -30.48 70.17 13.15
CA VAL S 379 -31.22 71.42 13.03
C VAL S 379 -31.10 72.27 14.29
N VAL S 380 -30.86 73.56 14.12
CA VAL S 380 -30.83 74.50 15.24
C VAL S 380 -32.11 75.33 15.27
N ILE S 381 -33.00 74.99 16.20
CA ILE S 381 -34.26 75.73 16.35
C ILE S 381 -34.01 77.07 17.01
N PRO S 382 -34.35 78.17 16.31
CA PRO S 382 -34.15 79.53 16.83
C PRO S 382 -34.99 79.79 18.08
N GLU S 383 -34.45 80.56 19.01
CA GLU S 383 -35.15 80.85 20.26
C GLU S 383 -36.55 81.40 20.03
N GLY S 384 -37.52 80.89 20.79
CA GLY S 384 -38.87 81.41 20.75
C GLY S 384 -39.72 80.92 19.60
N LEU S 385 -39.16 80.07 18.74
CA LEU S 385 -39.90 79.55 17.59
C LEU S 385 -41.13 78.77 18.04
N ILE S 386 -42.28 79.09 17.45
CA ILE S 386 -43.52 78.41 17.78
C ILE S 386 -44.05 77.61 16.59
N VAL S 387 -44.19 76.30 16.77
CA VAL S 387 -44.70 75.43 15.73
C VAL S 387 -45.86 74.59 16.27
N GLY S 388 -46.91 74.48 15.48
CA GLY S 388 -48.05 73.64 15.82
C GLY S 388 -49.27 74.39 16.31
N GLU S 389 -49.22 75.71 16.26
CA GLU S 389 -50.33 76.53 16.74
C GLU S 389 -51.11 77.19 15.61
N ASP S 390 -50.43 77.46 14.50
CA ASP S 390 -51.07 78.08 13.34
C ASP S 390 -50.66 77.38 12.05
N PRO S 391 -51.54 76.51 11.53
CA PRO S 391 -51.30 75.67 10.36
C PRO S 391 -50.80 76.44 9.14
N GLU S 392 -51.51 77.51 8.77
CA GLU S 392 -51.17 78.28 7.58
C GLU S 392 -49.75 78.84 7.64
N LEU S 393 -49.39 79.39 8.79
CA LEU S 393 -48.03 79.88 9.02
C LEU S 393 -47.05 78.71 9.01
N ASP S 394 -47.42 77.65 9.70
CA ASP S 394 -46.60 76.44 9.76
C ASP S 394 -46.43 75.82 8.36
N ALA S 395 -47.50 75.82 7.58
CA ALA S 395 -47.45 75.25 6.24
C ALA S 395 -46.63 76.14 5.31
N LYS S 396 -46.60 77.43 5.59
CA LYS S 396 -45.85 78.38 4.77
C LYS S 396 -44.36 78.32 5.10
N ARG S 397 -44.06 78.06 6.36
CA ARG S 397 -42.67 78.01 6.82
C ARG S 397 -42.00 76.66 6.59
N PHE S 398 -42.76 75.59 6.79
CA PHE S 398 -42.19 74.24 6.77
C PHE S 398 -42.97 73.28 5.90
N ARG S 399 -42.44 72.06 5.78
CA ARG S 399 -43.15 70.97 5.12
C ARG S 399 -44.19 70.41 6.07
N ARG S 400 -45.47 70.66 5.76
CA ARG S 400 -46.54 70.26 6.65
C ARG S 400 -47.49 69.26 5.99
N THR S 401 -47.67 68.11 6.62
CA THR S 401 -48.59 67.10 6.11
C THR S 401 -50.03 67.56 6.35
N GLU S 402 -50.97 66.92 5.65
CA GLU S 402 -52.38 67.28 5.79
C GLU S 402 -52.98 66.71 7.07
N SER S 403 -52.13 66.20 7.96
CA SER S 403 -52.57 65.68 9.24
C SER S 403 -52.02 66.51 10.40
N GLY S 404 -51.14 67.46 10.09
CA GLY S 404 -50.65 68.39 11.09
C GLY S 404 -49.20 68.25 11.48
N ILE S 405 -48.48 67.34 10.82
CA ILE S 405 -47.08 67.13 11.13
C ILE S 405 -46.18 68.03 10.29
N CYS S 406 -45.31 68.78 10.97
CA CYS S 406 -44.33 69.63 10.29
C CYS S 406 -42.96 69.00 10.28
N LEU S 407 -42.39 68.84 9.08
CA LEU S 407 -41.00 68.42 8.94
C LEU S 407 -40.12 69.66 8.89
N ILE S 408 -39.22 69.79 9.85
CA ILE S 408 -38.39 70.98 9.93
C ILE S 408 -36.95 70.70 9.56
N THR S 409 -36.46 71.38 8.53
CA THR S 409 -35.06 71.29 8.13
C THR S 409 -34.37 72.62 8.37
N GLN S 410 -33.04 72.61 8.27
CA GLN S 410 -32.26 73.81 8.52
C GLN S 410 -32.43 74.82 7.38
N SER S 411 -32.64 74.32 6.17
CA SER S 411 -32.84 75.17 5.01
C SER S 411 -34.12 75.98 5.15
N MET S 412 -35.11 75.39 5.80
CA MET S 412 -36.36 76.08 6.09
C MET S 412 -36.14 77.13 7.17
N ILE S 413 -35.37 76.76 8.19
CA ILE S 413 -35.03 77.66 9.29
C ILE S 413 -34.23 78.87 8.79
N ASP S 414 -33.30 78.61 7.88
CA ASP S 414 -32.42 79.66 7.35
C ASP S 414 -33.16 80.71 6.52
N LYS S 415 -34.41 80.41 6.16
CA LYS S 415 -35.18 81.32 5.33
C LYS S 415 -36.17 82.15 6.14
N LEU S 416 -36.40 81.74 7.39
CA LEU S 416 -37.16 82.58 8.31
C LEU S 416 -36.31 83.74 8.78
N ASP S 417 -36.95 84.83 9.20
CA ASP S 417 -36.24 85.97 9.75
C ASP S 417 -37.18 86.87 10.55
N LEU S 418 -36.78 88.12 10.70
CA LEU S 418 -37.47 89.11 11.55
C LEU S 418 -37.99 88.50 12.86
N VAL T 4 10.43 69.23 20.87
CA VAL T 4 10.69 68.43 19.68
C VAL T 4 9.70 67.27 19.66
N GLN T 5 10.22 66.06 19.81
CA GLN T 5 9.39 64.87 19.95
C GLN T 5 8.77 64.82 21.33
N PRO T 6 7.50 64.47 21.41
CA PRO T 6 6.81 64.30 22.69
C PRO T 6 7.44 63.20 23.50
N LEU T 7 7.53 63.39 24.81
CA LEU T 7 8.18 62.42 25.68
C LEU T 7 7.29 61.21 25.94
N ALA T 8 5.99 61.38 25.72
CA ALA T 8 5.03 60.30 25.96
C ALA T 8 5.21 59.15 24.97
N ARG T 9 5.91 59.41 23.86
CA ARG T 9 6.21 58.34 22.91
C ARG T 9 7.07 57.26 23.54
N ASP T 10 7.96 57.66 24.43
CA ASP T 10 8.86 56.72 25.08
C ASP T 10 8.54 56.53 26.55
N ALA T 11 7.25 56.59 26.88
CA ALA T 11 6.82 56.40 28.25
C ALA T 11 5.88 55.21 28.36
N MET T 12 5.92 54.53 29.50
CA MET T 12 4.95 53.48 29.80
C MET T 12 4.19 53.85 31.07
N ALA T 13 2.86 53.81 30.98
CA ALA T 13 2.03 54.09 32.14
C ALA T 13 1.80 52.80 32.91
N TYR T 14 2.20 52.77 34.17
CA TYR T 14 2.02 51.60 35.01
C TYR T 14 0.99 51.90 36.09
N VAL T 15 -0.21 51.35 35.93
CA VAL T 15 -1.31 51.69 36.81
C VAL T 15 -1.43 50.72 37.99
N LEU T 16 -1.40 51.26 39.20
CA LEU T 16 -1.60 50.48 40.40
C LEU T 16 -3.10 50.32 40.67
N ALA T 17 -3.61 49.10 40.47
CA ALA T 17 -5.04 48.85 40.58
C ALA T 17 -5.35 47.74 41.58
N GLY T 18 -4.54 47.64 42.62
CA GLY T 18 -4.77 46.65 43.66
C GLY T 18 -5.53 47.24 44.84
N GLY T 19 -5.92 48.50 44.72
CA GLY T 19 -6.64 49.21 45.75
C GLY T 19 -7.83 48.46 46.29
N ARG T 20 -7.77 48.13 47.58
CA ARG T 20 -8.81 47.34 48.22
C ARG T 20 -10.07 48.16 48.51
N GLY T 21 -9.86 49.41 48.92
CA GLY T 21 -10.97 50.30 49.24
C GLY T 21 -11.83 49.73 50.37
N SER T 22 -11.24 49.60 51.54
CA SER T 22 -11.91 48.98 52.68
C SER T 22 -13.03 49.85 53.23
N ARG T 23 -12.82 51.15 53.28
CA ARG T 23 -13.81 52.08 53.81
C ARG T 23 -15.08 52.09 52.97
N LEU T 24 -14.97 51.67 51.71
CA LEU T 24 -16.14 51.55 50.83
C LEU T 24 -17.04 50.39 51.26
N LYS T 25 -16.53 49.56 52.17
CA LYS T 25 -17.28 48.45 52.76
C LYS T 25 -17.84 47.47 51.73
N GLU T 26 -19.15 47.22 51.79
CA GLU T 26 -19.78 46.19 50.98
C GLU T 26 -19.73 46.49 49.48
N LEU T 27 -19.38 47.72 49.12
CA LEU T 27 -19.31 48.11 47.72
C LEU T 27 -18.07 47.50 47.06
N THR T 28 -17.08 47.15 47.87
CA THR T 28 -15.87 46.48 47.38
C THR T 28 -15.74 45.08 47.95
N ASP T 29 -16.86 44.46 48.29
CA ASP T 29 -16.87 43.11 48.84
C ASP T 29 -16.41 42.09 47.80
N ARG T 30 -16.83 42.28 46.56
CA ARG T 30 -16.50 41.35 45.49
C ARG T 30 -15.85 42.06 44.31
N ARG T 31 -15.36 43.28 44.54
CA ARG T 31 -14.67 44.03 43.49
C ARG T 31 -13.59 44.92 44.07
N ALA T 32 -12.53 45.14 43.30
CA ALA T 32 -11.49 46.10 43.67
C ALA T 32 -12.03 47.50 43.47
N LYS T 33 -11.51 48.45 44.24
CA LYS T 33 -11.94 49.84 44.14
C LYS T 33 -11.85 50.42 42.70
N PRO T 34 -10.75 50.13 41.97
CA PRO T 34 -10.74 50.64 40.59
C PRO T 34 -11.86 50.09 39.71
N ALA T 35 -12.49 48.99 40.10
CA ALA T 35 -13.57 48.42 39.32
C ALA T 35 -14.93 49.00 39.69
N VAL T 36 -14.94 49.87 40.70
CA VAL T 36 -16.17 50.49 41.16
C VAL T 36 -16.73 51.45 40.10
N TYR T 37 -18.04 51.39 39.90
CA TYR T 37 -18.72 52.22 38.92
C TYR T 37 -18.71 53.70 39.31
N PHE T 38 -18.63 54.57 38.31
CA PHE T 38 -18.73 56.01 38.55
C PHE T 38 -19.25 56.77 37.34
N GLY T 39 -20.12 57.74 37.59
CA GLY T 39 -20.53 58.69 36.58
C GLY T 39 -21.68 58.30 35.70
N GLY T 40 -22.10 57.04 35.76
CA GLY T 40 -23.21 56.57 34.95
C GLY T 40 -22.85 55.48 33.97
N LYS T 41 -21.63 55.53 33.41
CA LYS T 41 -21.24 54.56 32.40
C LYS T 41 -19.83 53.98 32.61
N ALA T 42 -19.00 54.66 33.39
CA ALA T 42 -17.60 54.26 33.53
C ALA T 42 -17.28 53.59 34.87
N ARG T 43 -16.05 53.11 34.98
CA ARG T 43 -15.50 52.65 36.25
C ARG T 43 -14.37 53.60 36.63
N ILE T 44 -13.96 53.59 37.89
CA ILE T 44 -12.93 54.51 38.38
C ILE T 44 -11.60 54.34 37.64
N ILE T 45 -11.27 53.10 37.28
CA ILE T 45 -10.02 52.81 36.60
C ILE T 45 -9.91 53.50 35.24
N ASP T 46 -11.04 53.81 34.63
CA ASP T 46 -11.08 54.35 33.28
C ASP T 46 -10.47 55.75 33.18
N PHE T 47 -10.36 56.44 34.31
CA PHE T 47 -9.87 57.81 34.29
C PHE T 47 -8.36 57.88 34.14
N ALA T 48 -7.62 57.11 34.94
CA ALA T 48 -6.18 57.05 34.81
C ALA T 48 -5.78 56.49 33.45
N LEU T 49 -6.54 55.51 32.98
CA LEU T 49 -6.28 54.87 31.70
C LEU T 49 -6.53 55.84 30.54
N SER T 50 -7.62 56.60 30.63
CA SER T 50 -7.93 57.58 29.60
C SER T 50 -6.96 58.75 29.65
N ASN T 51 -6.48 59.08 30.85
CA ASN T 51 -5.43 60.10 31.00
C ASN T 51 -4.16 59.68 30.26
N ALA T 52 -3.76 58.44 30.45
CA ALA T 52 -2.58 57.89 29.77
C ALA T 52 -2.78 57.91 28.26
N LEU T 53 -3.93 57.41 27.82
CA LEU T 53 -4.30 57.39 26.41
C LEU T 53 -4.26 58.78 25.79
N ASN T 54 -4.97 59.73 26.39
CA ASN T 54 -5.05 61.09 25.88
C ASN T 54 -3.71 61.82 25.96
N SER T 55 -2.82 61.36 26.83
CA SER T 55 -1.51 61.99 26.97
C SER T 55 -0.51 61.43 25.96
N GLY T 56 -0.95 60.46 25.16
CA GLY T 56 -0.11 59.91 24.12
C GLY T 56 0.77 58.76 24.56
N ILE T 57 0.55 58.26 25.77
CA ILE T 57 1.28 57.11 26.24
C ILE T 57 0.76 55.87 25.52
N ARG T 58 1.64 55.19 24.80
CA ARG T 58 1.25 54.07 23.95
C ARG T 58 1.26 52.74 24.70
N ARG T 59 2.08 52.65 25.74
CA ARG T 59 2.18 51.40 26.49
C ARG T 59 1.63 51.54 27.91
N ILE T 60 0.67 50.68 28.25
CA ILE T 60 0.04 50.70 29.55
C ILE T 60 0.09 49.31 30.20
N GLY T 61 0.44 49.27 31.47
CA GLY T 61 0.37 48.05 32.26
C GLY T 61 -0.55 48.27 33.44
N VAL T 62 -1.42 47.30 33.71
CA VAL T 62 -2.34 47.43 34.83
C VAL T 62 -2.13 46.33 35.86
N ALA T 63 -1.57 46.71 37.00
CA ALA T 63 -1.31 45.77 38.08
C ALA T 63 -2.57 45.51 38.89
N THR T 64 -3.06 44.28 38.86
CA THR T 64 -4.22 43.89 39.64
C THR T 64 -3.78 42.99 40.79
N GLN T 65 -4.52 43.01 41.90
CA GLN T 65 -4.14 42.26 43.08
C GLN T 65 -5.33 41.46 43.63
N TYR T 66 -6.08 42.03 44.57
CA TYR T 66 -7.20 41.31 45.18
C TYR T 66 -8.55 41.65 44.53
N LYS T 67 -9.45 40.66 44.56
CA LYS T 67 -10.82 40.79 44.04
C LYS T 67 -10.84 41.36 42.62
N ALA T 68 -9.90 40.93 41.80
CA ALA T 68 -9.65 41.56 40.52
C ALA T 68 -10.41 40.96 39.34
N HIS T 69 -11.31 40.02 39.61
CA HIS T 69 -12.01 39.32 38.52
C HIS T 69 -12.83 40.25 37.63
N SER T 70 -13.67 41.08 38.23
CA SER T 70 -14.52 41.98 37.46
C SER T 70 -13.69 43.08 36.82
N LEU T 71 -12.61 43.46 37.50
CA LEU T 71 -11.69 44.46 36.98
C LEU T 71 -10.98 43.97 35.74
N ILE T 72 -10.51 42.72 35.79
CA ILE T 72 -9.81 42.12 34.66
C ILE T 72 -10.73 42.00 33.45
N ARG T 73 -11.95 41.53 33.69
CA ARG T 73 -12.93 41.35 32.62
C ARG T 73 -13.29 42.69 31.97
N HIS T 74 -13.37 43.74 32.77
CA HIS T 74 -13.61 45.09 32.26
C HIS T 74 -12.48 45.55 31.35
N LEU T 75 -11.25 45.30 31.78
CA LEU T 75 -10.07 45.70 31.03
C LEU T 75 -9.92 44.87 29.75
N GLN T 76 -10.32 43.60 29.82
CA GLN T 76 -10.22 42.72 28.67
C GLN T 76 -11.20 43.09 27.56
N ARG T 77 -12.42 43.45 27.97
CA ARG T 77 -13.47 43.76 27.00
C ARG T 77 -13.54 45.25 26.69
N GLY T 78 -13.07 46.08 27.60
CA GLY T 78 -13.12 47.52 27.41
C GLY T 78 -11.87 48.10 26.76
N TRP T 79 -10.71 47.66 27.21
CA TRP T 79 -9.45 48.21 26.73
C TRP T 79 -8.71 47.19 25.86
N ASP T 80 -9.30 46.89 24.71
CA ASP T 80 -8.90 45.77 23.88
C ASP T 80 -8.41 46.18 22.50
N PHE T 81 -8.17 47.47 22.31
CA PHE T 81 -7.91 48.01 20.98
C PHE T 81 -6.44 48.33 20.72
N PHE T 82 -5.57 47.92 21.62
CA PHE T 82 -4.13 48.12 21.44
C PHE T 82 -3.54 47.00 20.58
N ARG T 83 -2.73 47.36 19.59
CA ARG T 83 -2.08 46.37 18.73
C ARG T 83 -0.56 46.51 18.79
N PRO T 84 0.11 45.45 19.27
CA PRO T 84 1.57 45.40 19.45
C PRO T 84 2.38 45.81 18.21
N GLU T 85 1.86 45.53 17.02
CA GLU T 85 2.59 45.85 15.81
C GLU T 85 2.41 47.32 15.42
N ARG T 86 1.64 48.07 16.22
CA ARG T 86 1.54 49.52 16.04
C ARG T 86 2.29 50.24 17.14
N ASN T 87 3.24 49.54 17.76
CA ASN T 87 4.07 50.09 18.85
C ASN T 87 3.25 50.57 20.03
N GLU T 88 2.31 49.74 20.45
CA GLU T 88 1.48 50.02 21.62
C GLU T 88 1.21 48.70 22.31
N SER T 89 0.82 48.77 23.58
CA SER T 89 0.57 47.55 24.34
C SER T 89 -0.29 47.83 25.56
N PHE T 90 -1.17 46.89 25.87
CA PHE T 90 -1.97 46.94 27.08
C PHE T 90 -1.82 45.61 27.81
N ASP T 91 -1.05 45.63 28.90
CA ASP T 91 -0.78 44.41 29.64
C ASP T 91 -1.53 44.39 30.96
N ILE T 92 -2.27 43.32 31.20
CA ILE T 92 -2.96 43.10 32.47
C ILE T 92 -2.11 42.20 33.36
N LEU T 93 -1.62 42.77 34.46
CA LEU T 93 -0.63 42.10 35.29
C LEU T 93 -1.22 41.57 36.60
N ALA T 94 -1.85 40.41 36.54
CA ALA T 94 -2.50 39.82 37.71
C ALA T 94 -1.49 39.29 38.72
N ALA T 95 -1.80 39.49 39.99
CA ALA T 95 -0.89 39.17 41.09
C ALA T 95 -0.63 37.68 41.23
N SER T 96 -1.64 36.88 40.90
CA SER T 96 -1.56 35.42 41.03
C SER T 96 -0.45 34.90 40.14
N GLN T 97 -0.88 34.43 38.97
CA GLN T 97 -0.09 34.32 37.76
C GLN T 97 1.30 34.96 37.73
N ARG T 98 2.33 34.12 37.49
CA ARG T 98 3.65 34.44 36.87
C ARG T 98 4.74 33.51 37.41
N VAL T 99 5.74 33.26 36.58
CA VAL T 99 6.81 32.30 36.89
C VAL T 99 7.82 32.85 37.90
N SER T 100 7.32 33.21 39.08
CA SER T 100 8.14 33.69 40.18
C SER T 100 7.30 33.73 41.45
N GLU T 101 6.33 32.82 41.52
CA GLU T 101 5.37 32.84 42.60
C GLU T 101 5.28 31.56 43.42
N THR T 102 4.06 31.20 43.82
CA THR T 102 2.85 31.94 43.45
C THR T 102 2.60 33.16 44.33
N GLN T 103 2.01 32.91 45.50
CA GLN T 103 1.54 33.96 46.43
C GLN T 103 1.01 35.22 45.74
N TRP T 104 1.26 36.38 46.34
CA TRP T 104 0.69 37.63 45.84
C TRP T 104 1.71 38.78 45.94
N TYR T 105 1.37 39.93 45.36
CA TYR T 105 2.22 41.12 45.45
C TYR T 105 2.40 41.53 46.91
N GLU T 106 3.63 41.88 47.28
CA GLU T 106 3.92 42.28 48.65
C GLU T 106 3.68 43.77 48.84
N GLY T 107 3.41 44.47 47.73
CA GLY T 107 3.18 45.90 47.77
C GLY T 107 3.24 46.51 46.38
N THR T 108 3.05 47.83 46.30
CA THR T 108 3.05 48.52 45.01
C THR T 108 4.41 48.51 44.35
N ALA T 109 5.46 48.48 45.16
CA ALA T 109 6.83 48.43 44.65
C ALA T 109 7.13 47.04 44.12
N ASP T 110 6.62 46.02 44.81
CA ASP T 110 6.75 44.65 44.36
C ASP T 110 5.90 44.41 43.12
N ALA T 111 4.83 45.20 43.00
CA ALA T 111 3.92 45.12 41.86
C ALA T 111 4.63 45.44 40.55
N VAL T 112 5.64 46.30 40.63
CA VAL T 112 6.43 46.64 39.44
C VAL T 112 7.65 45.71 39.34
N TYR T 113 8.23 45.38 40.49
CA TYR T 113 9.43 44.54 40.55
C TYR T 113 9.18 43.15 39.97
N GLN T 114 8.02 42.57 40.27
CA GLN T 114 7.70 41.23 39.80
C GLN T 114 7.46 41.18 38.30
N ASN T 115 7.28 42.35 37.69
CA ASN T 115 6.98 42.44 36.27
C ASN T 115 8.03 43.20 35.46
N ILE T 116 9.27 43.18 35.93
CA ILE T 116 10.35 43.84 35.19
C ILE T 116 10.59 43.13 33.86
N ASP T 117 10.33 41.83 33.82
CA ASP T 117 10.56 41.03 32.61
C ASP T 117 9.49 41.25 31.55
N ILE T 118 8.49 42.07 31.88
CA ILE T 118 7.47 42.46 30.91
C ILE T 118 7.74 43.91 30.50
N ILE T 119 8.25 44.70 31.45
CA ILE T 119 8.64 46.08 31.20
C ILE T 119 9.90 46.15 30.32
N GLU T 120 10.87 45.28 30.60
CA GLU T 120 12.17 45.31 29.96
C GLU T 120 12.15 45.11 28.42
N PRO T 121 11.35 44.17 27.91
CA PRO T 121 11.31 44.04 26.44
C PRO T 121 10.89 45.32 25.71
N TYR T 122 9.98 46.09 26.29
CA TYR T 122 9.52 47.33 25.67
C TYR T 122 10.61 48.40 25.73
N ALA T 123 11.42 48.34 26.78
CA ALA T 123 12.46 49.33 27.04
C ALA T 123 11.97 50.78 26.91
N PRO T 124 10.97 51.17 27.73
CA PRO T 124 10.54 52.57 27.66
C PRO T 124 11.58 53.46 28.31
N GLU T 125 11.67 54.72 27.88
CA GLU T 125 12.62 55.64 28.46
C GLU T 125 12.11 56.11 29.83
N TYR T 126 10.80 56.33 29.91
CA TYR T 126 10.19 56.85 31.12
C TYR T 126 9.15 55.89 31.68
N MET T 127 8.92 55.99 32.98
CA MET T 127 7.84 55.24 33.63
C MET T 127 6.92 56.21 34.36
N VAL T 128 5.63 56.13 34.07
CA VAL T 128 4.63 56.97 34.72
C VAL T 128 3.76 56.11 35.62
N ILE T 129 4.05 56.11 36.92
CA ILE T 129 3.35 55.26 37.87
C ILE T 129 2.08 55.95 38.35
N LEU T 130 0.95 55.27 38.22
CA LEU T 130 -0.35 55.88 38.48
C LEU T 130 -1.17 55.09 39.50
N ALA T 131 -1.98 55.80 40.26
CA ALA T 131 -2.98 55.18 41.11
C ALA T 131 -4.26 55.02 40.31
N GLY T 132 -4.83 53.82 40.33
CA GLY T 132 -6.00 53.54 39.51
C GLY T 132 -7.33 53.68 40.23
N ASP T 133 -7.33 54.33 41.39
CA ASP T 133 -8.55 54.44 42.19
C ASP T 133 -8.95 55.89 42.46
N HIS T 134 -8.49 56.80 41.63
CA HIS T 134 -8.84 58.21 41.76
C HIS T 134 -9.53 58.72 40.50
N ILE T 135 -10.38 59.73 40.66
CA ILE T 135 -11.07 60.33 39.53
C ILE T 135 -10.51 61.74 39.27
N TYR T 136 -9.81 61.89 38.15
CA TYR T 136 -9.17 63.14 37.80
C TYR T 136 -8.75 63.13 36.34
N LYS T 137 -8.46 64.30 35.80
CA LYS T 137 -8.00 64.43 34.42
C LYS T 137 -6.68 65.18 34.38
N MET T 138 -5.66 64.55 33.79
CA MET T 138 -4.31 65.09 33.84
C MET T 138 -3.51 64.77 32.58
N ASP T 139 -2.84 65.79 32.04
CA ASP T 139 -1.96 65.61 30.88
C ASP T 139 -0.54 65.29 31.35
N TYR T 140 -0.18 64.00 31.30
CA TYR T 140 1.10 63.54 31.86
C TYR T 140 2.32 64.02 31.09
N GLU T 141 2.11 64.65 29.94
CA GLU T 141 3.21 65.18 29.14
C GLU T 141 3.95 66.26 29.92
N TYR T 142 3.19 67.07 30.66
CA TYR T 142 3.77 68.13 31.47
C TYR T 142 4.68 67.60 32.56
N MET T 143 4.26 66.51 33.21
CA MET T 143 5.09 65.86 34.23
C MET T 143 6.36 65.29 33.62
N LEU T 144 6.25 64.75 32.42
CA LEU T 144 7.40 64.18 31.72
C LEU T 144 8.39 65.27 31.33
N GLN T 145 7.88 66.41 30.87
CA GLN T 145 8.71 67.56 30.52
C GLN T 145 9.43 68.11 31.74
N GLN T 146 8.68 68.33 32.82
CA GLN T 146 9.25 68.85 34.05
C GLN T 146 10.28 67.91 34.65
N HIS T 147 10.05 66.61 34.52
CA HIS T 147 10.94 65.61 35.10
C HIS T 147 12.32 65.63 34.47
N VAL T 148 12.36 65.60 33.14
CA VAL T 148 13.63 65.54 32.43
C VAL T 148 14.35 66.89 32.43
N ASP T 149 13.59 67.97 32.60
CA ASP T 149 14.15 69.31 32.64
C ASP T 149 14.82 69.60 33.99
N SER T 150 14.21 69.07 35.05
CA SER T 150 14.74 69.29 36.40
C SER T 150 15.89 68.34 36.70
N GLY T 151 15.93 67.23 35.98
CA GLY T 151 16.97 66.23 36.19
C GLY T 151 16.77 65.44 37.48
N ALA T 152 15.54 65.47 38.00
CA ALA T 152 15.24 64.82 39.26
C ALA T 152 15.24 63.30 39.14
N ASP T 153 15.32 62.61 40.27
CA ASP T 153 15.28 61.15 40.30
C ASP T 153 13.84 60.66 40.27
N VAL T 154 12.97 61.40 40.94
CA VAL T 154 11.53 61.10 40.89
C VAL T 154 10.73 62.41 40.92
N THR T 155 9.77 62.52 40.01
CA THR T 155 8.86 63.65 40.00
C THR T 155 7.50 63.18 40.49
N ILE T 156 6.94 63.89 41.46
CA ILE T 156 5.71 63.44 42.10
C ILE T 156 4.58 64.46 41.94
N GLY T 157 3.43 63.98 41.48
CA GLY T 157 2.26 64.83 41.36
C GLY T 157 1.67 65.13 42.72
N CYS T 158 1.40 66.41 42.98
CA CYS T 158 0.89 66.84 44.28
C CYS T 158 -0.31 67.79 44.16
N LEU T 159 -1.29 67.59 45.03
CA LEU T 159 -2.43 68.50 45.13
C LEU T 159 -2.09 69.65 46.05
N GLU T 160 -2.53 70.86 45.69
CA GLU T 160 -2.37 72.02 46.57
C GLU T 160 -3.64 72.20 47.38
N VAL T 161 -3.62 71.74 48.62
CA VAL T 161 -4.79 71.82 49.49
C VAL T 161 -4.50 72.64 50.74
N PRO T 162 -5.53 73.22 51.35
CA PRO T 162 -5.39 73.88 52.65
C PRO T 162 -4.76 72.94 53.69
N ARG T 163 -3.98 73.50 54.60
CA ARG T 163 -3.18 72.71 55.53
C ARG T 163 -4.00 71.76 56.40
N MET T 164 -5.20 72.20 56.78
CA MET T 164 -6.05 71.37 57.63
C MET T 164 -6.62 70.17 56.87
N GLU T 165 -6.95 70.38 55.60
CA GLU T 165 -7.48 69.32 54.75
C GLU T 165 -6.35 68.53 54.10
N ALA T 166 -5.28 68.32 54.85
CA ALA T 166 -4.11 67.62 54.36
C ALA T 166 -3.59 66.64 55.40
N THR T 167 -4.30 66.55 56.52
CA THR T 167 -3.91 65.68 57.62
C THR T 167 -4.18 64.22 57.32
N GLY T 168 -4.95 63.96 56.26
CA GLY T 168 -5.27 62.61 55.86
C GLY T 168 -4.44 62.13 54.68
N PHE T 169 -3.61 63.02 54.15
CA PHE T 169 -2.81 62.74 52.97
C PHE T 169 -1.36 62.44 53.31
N GLY T 170 -0.66 61.84 52.35
CA GLY T 170 0.79 61.77 52.40
C GLY T 170 1.30 63.12 51.95
N VAL T 171 1.98 63.84 52.83
CA VAL T 171 2.33 65.23 52.56
C VAL T 171 3.81 65.39 52.22
N MET T 172 4.08 66.17 51.18
CA MET T 172 5.44 66.45 50.74
C MET T 172 5.93 67.79 51.25
N HIS T 173 7.00 67.76 52.05
CA HIS T 173 7.63 68.97 52.53
C HIS T 173 8.64 69.46 51.50
N VAL T 174 8.42 70.66 50.96
CA VAL T 174 9.26 71.16 49.88
C VAL T 174 9.97 72.46 50.26
N ASN T 175 11.02 72.80 49.52
CA ASN T 175 11.68 74.08 49.70
C ASN T 175 11.15 75.11 48.70
N GLU T 176 11.89 76.20 48.52
CA GLU T 176 11.46 77.28 47.65
C GLU T 176 11.37 76.82 46.19
N LYS T 177 12.21 75.87 45.80
CA LYS T 177 12.22 75.38 44.43
C LYS T 177 11.41 74.10 44.23
N ASP T 178 10.44 73.88 45.10
CA ASP T 178 9.55 72.72 45.03
C ASP T 178 10.31 71.38 45.00
N GLU T 179 11.49 71.36 45.61
CA GLU T 179 12.20 70.11 45.81
C GLU T 179 11.75 69.50 47.13
N ILE T 180 11.34 68.23 47.10
CA ILE T 180 10.81 67.57 48.27
C ILE T 180 11.91 67.25 49.29
N ILE T 181 11.81 67.87 50.47
CA ILE T 181 12.82 67.70 51.50
C ILE T 181 12.39 66.71 52.59
N ASP T 182 11.09 66.38 52.60
CA ASP T 182 10.56 65.44 53.59
C ASP T 182 9.15 64.96 53.21
N PHE T 183 8.88 63.69 53.49
CA PHE T 183 7.56 63.13 53.28
C PHE T 183 7.01 62.60 54.61
N ILE T 184 5.79 63.01 54.95
CA ILE T 184 5.15 62.54 56.18
C ILE T 184 3.80 61.93 55.87
N GLU T 185 3.55 60.72 56.38
CA GLU T 185 2.27 60.06 56.19
C GLU T 185 1.24 60.57 57.19
N LYS T 186 0.23 61.24 56.66
CA LYS T 186 -0.87 61.82 57.46
C LYS T 186 -0.40 62.64 58.65
N PRO T 187 0.33 63.73 58.39
CA PRO T 187 0.80 64.56 59.50
C PRO T 187 -0.35 65.24 60.22
N ALA T 188 -0.34 65.23 61.55
CA ALA T 188 -1.35 65.91 62.34
C ALA T 188 -1.30 67.40 62.06
N ASP T 189 -0.09 67.90 61.84
CA ASP T 189 0.11 69.29 61.44
C ASP T 189 1.00 69.33 60.21
N PRO T 190 0.38 69.31 59.02
CA PRO T 190 1.11 69.26 57.75
C PRO T 190 2.00 70.48 57.53
N PRO T 191 3.24 70.26 57.09
CA PRO T 191 4.13 71.37 56.72
C PRO T 191 3.59 72.11 55.50
N GLY T 192 3.53 73.43 55.60
CA GLY T 192 2.99 74.25 54.53
C GLY T 192 4.03 74.59 53.47
N ILE T 193 3.58 75.24 52.41
CA ILE T 193 4.47 75.67 51.34
C ILE T 193 5.26 76.90 51.75
N PRO T 194 6.57 76.91 51.49
CA PRO T 194 7.40 78.09 51.75
C PRO T 194 6.87 79.34 51.05
N GLY T 195 6.47 80.34 51.83
CA GLY T 195 5.92 81.56 51.30
C GLY T 195 4.43 81.46 51.08
N ASN T 196 3.87 80.30 51.43
CA ASN T 196 2.44 80.06 51.28
C ASN T 196 1.96 79.06 52.33
N GLU T 197 2.25 79.32 53.59
CA GLU T 197 1.83 78.45 54.67
C GLU T 197 0.31 78.36 54.69
N GLY T 198 -0.23 77.31 55.29
CA GLY T 198 -1.67 77.14 55.29
C GLY T 198 -2.15 76.49 53.99
N PHE T 199 -1.18 76.15 53.15
CA PHE T 199 -1.43 75.31 51.98
C PHE T 199 -0.33 74.26 51.92
N ALA T 200 -0.73 73.00 51.81
CA ALA T 200 0.23 71.90 51.79
C ALA T 200 0.19 71.15 50.46
N LEU T 201 1.25 70.41 50.17
CA LEU T 201 1.29 69.58 48.97
C LEU T 201 1.00 68.13 49.32
N ALA T 202 -0.18 67.66 48.89
CA ALA T 202 -0.61 66.30 49.13
C ALA T 202 -0.31 65.41 47.92
N SER T 203 0.37 64.29 48.16
CA SER T 203 0.74 63.38 47.08
C SER T 203 -0.47 62.75 46.41
N MET T 204 -0.43 62.64 45.08
CA MET T 204 -1.50 62.04 44.31
C MET T 204 -1.27 60.55 44.05
N GLY T 205 -0.09 60.07 44.38
CA GLY T 205 0.27 58.69 44.09
C GLY T 205 0.70 58.56 42.64
N ILE T 206 1.13 59.69 42.07
CA ILE T 206 1.61 59.74 40.70
C ILE T 206 3.11 59.99 40.68
N TYR T 207 3.87 59.05 40.11
CA TYR T 207 5.33 59.15 40.12
C TYR T 207 5.91 58.96 38.72
N VAL T 208 6.93 59.76 38.40
CA VAL T 208 7.64 59.63 37.14
C VAL T 208 9.14 59.46 37.36
N PHE T 209 9.70 58.44 36.73
CA PHE T 209 11.14 58.16 36.82
C PHE T 209 11.69 58.05 35.41
N HIS T 210 12.99 57.77 35.29
CA HIS T 210 13.49 57.09 34.10
C HIS T 210 13.34 55.62 34.42
N THR T 211 13.17 54.80 33.39
CA THR T 211 12.96 53.37 33.60
C THR T 211 14.17 52.72 34.24
N LYS T 212 15.36 53.15 33.83
CA LYS T 212 16.61 52.57 34.31
C LYS T 212 16.78 52.78 35.82
N PHE T 213 16.57 54.01 36.28
CA PHE T 213 16.66 54.32 37.70
C PHE T 213 15.60 53.57 38.51
N LEU T 214 14.39 53.51 37.97
CA LEU T 214 13.28 52.87 38.66
C LEU T 214 13.52 51.38 38.86
N MET T 215 14.03 50.72 37.82
CA MET T 215 14.31 49.29 37.91
C MET T 215 15.33 48.99 38.99
N GLU T 216 16.39 49.79 39.05
CA GLU T 216 17.44 49.58 40.04
C GLU T 216 16.97 50.00 41.44
N ALA T 217 16.06 50.97 41.49
CA ALA T 217 15.50 51.43 42.76
C ALA T 217 14.60 50.37 43.37
N LEU T 218 13.98 49.56 42.51
CA LEU T 218 13.02 48.56 42.96
C LEU T 218 13.68 47.22 43.20
N ARG T 219 14.79 46.97 42.52
CA ARG T 219 15.61 45.80 42.78
C ARG T 219 16.18 45.88 44.19
N ARG T 220 16.71 47.05 44.53
CA ARG T 220 17.26 47.31 45.84
C ARG T 220 16.21 47.11 46.93
N ASP T 221 15.01 47.61 46.69
CA ASP T 221 13.92 47.54 47.65
C ASP T 221 13.49 46.11 47.94
N ALA T 222 13.60 45.25 46.93
CA ALA T 222 13.26 43.84 47.08
C ALA T 222 14.25 43.14 48.01
N ALA T 223 15.46 43.71 48.13
CA ALA T 223 16.49 43.15 48.97
C ALA T 223 16.61 43.92 50.29
N ASP T 224 15.48 44.39 50.81
CA ASP T 224 15.47 45.13 52.06
C ASP T 224 14.27 44.72 52.92
N PRO T 225 14.51 43.80 53.88
CA PRO T 225 13.47 43.31 54.79
C PRO T 225 12.86 44.40 55.67
N THR T 226 13.50 45.57 55.72
CA THR T 226 12.96 46.70 56.48
C THR T 226 11.95 47.47 55.65
N SER T 227 11.78 47.07 54.39
CA SER T 227 10.87 47.75 53.47
C SER T 227 9.53 47.03 53.37
N SER T 228 8.45 47.81 53.40
CA SER T 228 7.11 47.27 53.24
C SER T 228 6.76 47.15 51.76
N ARG T 229 7.75 47.43 50.91
CA ARG T 229 7.65 47.26 49.46
C ARG T 229 6.55 48.13 48.83
N ASP T 230 6.46 49.39 49.26
CA ASP T 230 5.49 50.32 48.70
C ASP T 230 6.18 51.58 48.17
N PHE T 231 5.66 52.12 47.06
CA PHE T 231 6.20 53.34 46.48
C PHE T 231 6.16 54.51 47.46
N GLY T 232 4.99 54.74 48.05
CA GLY T 232 4.77 55.90 48.90
C GLY T 232 5.58 55.95 50.18
N LYS T 233 5.73 54.81 50.85
CA LYS T 233 6.36 54.79 52.16
C LYS T 233 7.68 54.04 52.21
N ASP T 234 8.23 53.72 51.04
CA ASP T 234 9.54 53.06 50.98
C ASP T 234 10.44 53.64 49.88
N ILE T 235 10.00 53.50 48.63
CA ILE T 235 10.80 53.97 47.50
C ILE T 235 10.96 55.48 47.53
N ILE T 236 9.85 56.20 47.63
CA ILE T 236 9.89 57.66 47.63
C ILE T 236 10.64 58.23 48.83
N PRO T 237 10.36 57.75 50.06
CA PRO T 237 11.15 58.29 51.18
C PRO T 237 12.64 57.99 51.09
N TYR T 238 13.01 56.95 50.36
CA TYR T 238 14.43 56.64 50.17
C TYR T 238 15.07 57.70 49.30
N ILE T 239 14.36 58.10 48.25
CA ILE T 239 14.89 59.00 47.24
C ILE T 239 14.84 60.47 47.69
N VAL T 240 13.82 60.84 48.48
CA VAL T 240 13.73 62.22 48.95
C VAL T 240 14.97 62.62 49.75
N GLU T 241 15.60 61.64 50.41
CA GLU T 241 16.71 61.92 51.30
C GLU T 241 18.06 61.79 50.60
N HIS T 242 18.30 60.63 49.96
CA HIS T 242 19.62 60.37 49.38
C HIS T 242 19.68 60.75 47.89
N GLY T 243 18.53 60.94 47.26
CA GLY T 243 18.49 61.34 45.87
C GLY T 243 17.84 62.71 45.69
N LYS T 244 17.18 62.91 44.55
CA LYS T 244 16.53 64.18 44.26
C LYS T 244 15.06 63.99 43.89
N ALA T 245 14.18 64.46 44.76
CA ALA T 245 12.75 64.38 44.51
C ALA T 245 12.16 65.77 44.28
N VAL T 246 11.34 65.90 43.24
CA VAL T 246 10.73 67.18 42.92
C VAL T 246 9.21 67.04 42.89
N ALA T 247 8.51 68.14 43.19
CA ALA T 247 7.06 68.14 43.23
C ALA T 247 6.45 68.78 41.98
N HIS T 248 5.43 68.14 41.44
CA HIS T 248 4.69 68.70 40.32
C HIS T 248 3.29 69.09 40.75
N ARG T 249 2.94 70.37 40.57
CA ARG T 249 1.63 70.87 40.96
C ARG T 249 0.55 70.38 40.01
N PHE T 250 -0.48 69.76 40.57
CA PHE T 250 -1.61 69.25 39.79
C PHE T 250 -2.28 70.34 38.93
N ALA T 251 -2.27 71.58 39.42
CA ALA T 251 -2.90 72.68 38.71
C ALA T 251 -2.18 73.01 37.41
N ASP T 252 -0.94 72.57 37.28
CA ASP T 252 -0.17 72.80 36.06
C ASP T 252 -0.52 71.79 34.96
N SER T 253 -1.07 70.65 35.36
CA SER T 253 -1.31 69.54 34.44
C SER T 253 -2.77 69.13 34.32
N CYS T 254 -3.60 69.60 35.24
CA CYS T 254 -5.02 69.26 35.23
C CYS T 254 -5.69 69.75 33.95
N VAL T 255 -6.37 68.84 33.25
CA VAL T 255 -7.12 69.19 32.06
C VAL T 255 -8.48 69.71 32.48
N ARG T 256 -8.72 70.99 32.20
CA ARG T 256 -9.88 71.68 32.76
C ARG T 256 -10.83 72.18 31.70
N SER T 257 -12.07 71.71 31.77
CA SER T 257 -13.14 72.22 30.90
C SER T 257 -13.45 73.66 31.29
N ASP T 258 -14.05 74.43 30.38
CA ASP T 258 -14.42 75.79 30.70
C ASP T 258 -15.72 75.80 31.49
N PHE T 259 -16.38 74.65 31.54
CA PHE T 259 -17.53 74.44 32.41
C PHE T 259 -17.07 73.87 33.75
N GLU T 260 -15.75 73.87 33.97
CA GLU T 260 -15.17 73.41 35.23
C GLU T 260 -14.50 74.59 35.95
N HIS T 261 -14.83 74.76 37.23
CA HIS T 261 -14.43 75.96 37.96
C HIS T 261 -13.13 75.78 38.76
N GLU T 262 -12.70 74.54 38.92
CA GLU T 262 -11.51 74.23 39.71
C GLU T 262 -10.91 72.92 39.22
N PRO T 263 -9.59 72.74 39.39
CA PRO T 263 -9.00 71.42 39.17
C PRO T 263 -9.71 70.33 39.97
N TYR T 264 -10.15 69.29 39.27
CA TYR T 264 -10.97 68.23 39.86
C TYR T 264 -10.13 67.00 40.20
N TRP T 265 -10.24 66.57 41.46
CA TRP T 265 -9.59 65.34 41.90
C TRP T 265 -10.38 64.74 43.05
N ARG T 266 -10.81 63.50 42.90
CA ARG T 266 -11.59 62.84 43.95
C ARG T 266 -11.01 61.47 44.30
N ASP T 267 -10.93 61.22 45.61
CA ASP T 267 -10.39 59.98 46.13
C ASP T 267 -11.50 58.94 46.31
N VAL T 268 -12.73 59.43 46.43
CA VAL T 268 -13.93 58.65 46.78
C VAL T 268 -13.64 57.43 47.68
N GLY T 269 -12.90 57.67 48.76
CA GLY T 269 -12.49 56.60 49.65
C GLY T 269 -13.58 56.12 50.57
N THR T 270 -14.58 56.97 50.84
CA THR T 270 -15.67 56.61 51.73
C THR T 270 -17.01 56.55 50.99
N ILE T 271 -18.00 55.91 51.61
CA ILE T 271 -19.33 55.80 51.03
C ILE T 271 -19.97 57.18 50.86
N ASP T 272 -19.68 58.08 51.79
CA ASP T 272 -20.20 59.44 51.71
C ASP T 272 -19.59 60.20 50.54
N ALA T 273 -18.28 60.09 50.38
CA ALA T 273 -17.58 60.79 49.31
C ALA T 273 -17.93 60.21 47.96
N TYR T 274 -18.14 58.89 47.91
CA TYR T 274 -18.53 58.23 46.67
C TYR T 274 -19.91 58.68 46.23
N TRP T 275 -20.86 58.65 47.18
CA TRP T 275 -22.21 59.12 46.93
C TRP T 275 -22.21 60.59 46.49
N GLN T 276 -21.45 61.40 47.20
CA GLN T 276 -21.41 62.84 46.94
C GLN T 276 -20.81 63.16 45.58
N ALA T 277 -19.74 62.45 45.22
CA ALA T 277 -19.10 62.66 43.92
C ALA T 277 -20.05 62.36 42.76
N ASN T 278 -20.79 61.26 42.88
CA ASN T 278 -21.76 60.90 41.85
C ASN T 278 -22.96 61.83 41.81
N ILE T 279 -23.44 62.24 42.98
CA ILE T 279 -24.64 63.04 43.07
C ILE T 279 -24.38 64.49 42.65
N ASP T 280 -23.12 64.90 42.68
CA ASP T 280 -22.74 66.24 42.23
C ASP T 280 -22.85 66.38 40.72
N LEU T 281 -22.86 65.24 40.03
CA LEU T 281 -22.99 65.24 38.57
C LEU T 281 -24.41 65.59 38.14
N THR T 282 -25.33 65.67 39.10
CA THR T 282 -26.70 66.04 38.80
C THR T 282 -26.91 67.55 38.98
N ASP T 283 -25.85 68.26 39.35
CA ASP T 283 -25.91 69.71 39.47
C ASP T 283 -26.14 70.39 38.13
N VAL T 284 -26.67 71.61 38.18
CA VAL T 284 -26.83 72.42 36.98
C VAL T 284 -25.46 72.69 36.38
N VAL T 285 -24.52 73.12 37.23
CA VAL T 285 -23.14 73.30 36.84
C VAL T 285 -22.23 72.40 37.68
N PRO T 286 -21.94 71.19 37.18
CA PRO T 286 -21.14 70.20 37.90
C PRO T 286 -19.66 70.55 38.00
N ASP T 287 -19.01 70.14 39.08
CA ASP T 287 -17.58 70.30 39.26
C ASP T 287 -16.82 69.52 38.18
N LEU T 288 -17.35 68.35 37.83
CA LEU T 288 -16.78 67.54 36.77
C LEU T 288 -17.65 67.61 35.53
N ASP T 289 -17.05 68.06 34.42
CA ASP T 289 -17.76 68.13 33.15
C ASP T 289 -17.59 66.83 32.37
N ILE T 290 -18.66 66.02 32.35
CA ILE T 290 -18.63 64.72 31.68
C ILE T 290 -19.02 64.83 30.22
N TYR T 291 -19.38 66.04 29.79
CA TYR T 291 -19.81 66.26 28.41
C TYR T 291 -18.72 66.83 27.54
N ASP T 292 -17.55 67.04 28.13
CA ASP T 292 -16.42 67.61 27.41
C ASP T 292 -15.84 66.57 26.47
N LYS T 293 -15.42 67.02 25.28
CA LYS T 293 -14.94 66.11 24.24
C LYS T 293 -13.44 66.24 24.00
N SER T 294 -12.82 67.27 24.56
CA SER T 294 -11.40 67.53 24.33
C SER T 294 -10.51 66.56 25.10
N TRP T 295 -11.06 65.94 26.14
CA TRP T 295 -10.31 64.98 26.95
C TRP T 295 -11.24 63.85 27.38
N PRO T 296 -11.67 63.02 26.41
CA PRO T 296 -12.74 62.06 26.66
C PRO T 296 -12.30 60.86 27.51
N ILE T 297 -13.26 60.28 28.22
CA ILE T 297 -13.02 59.10 29.05
C ILE T 297 -13.55 57.84 28.36
N TRP T 298 -12.64 56.97 27.94
CA TRP T 298 -13.03 55.73 27.30
C TRP T 298 -13.39 54.68 28.35
N THR T 299 -14.33 53.82 28.03
CA THR T 299 -14.75 52.76 28.94
C THR T 299 -15.34 51.60 28.15
N TYR T 300 -15.80 50.57 28.85
CA TYR T 300 -16.54 49.51 28.19
C TYR T 300 -18.01 49.87 28.10
N ALA T 301 -18.54 49.85 26.88
CA ALA T 301 -19.93 50.18 26.67
C ALA T 301 -20.54 49.30 25.59
N GLU T 302 -21.77 48.85 25.84
CA GLU T 302 -22.51 48.10 24.84
C GLU T 302 -23.58 49.00 24.22
N ILE T 303 -24.00 48.63 23.01
CA ILE T 303 -25.13 49.30 22.40
C ILE T 303 -26.37 49.00 23.22
N THR T 304 -27.04 50.04 23.68
CA THR T 304 -28.24 49.89 24.50
C THR T 304 -29.38 50.67 23.89
N PRO T 305 -30.62 50.26 24.19
CA PRO T 305 -31.78 51.09 23.85
C PRO T 305 -31.78 52.37 24.67
N PRO T 306 -32.53 53.40 24.23
CA PRO T 306 -32.55 54.66 24.96
C PRO T 306 -33.25 54.56 26.31
N ALA T 307 -33.20 55.63 27.10
CA ALA T 307 -33.99 55.70 28.32
C ALA T 307 -35.45 55.93 27.96
N LYS T 308 -36.35 55.31 28.72
CA LYS T 308 -37.78 55.39 28.44
C LYS T 308 -38.54 55.85 29.68
N PHE T 309 -39.41 56.83 29.48
CA PHE T 309 -40.26 57.33 30.56
C PHE T 309 -41.71 57.12 30.17
N VAL T 310 -42.52 56.62 31.09
CA VAL T 310 -43.89 56.27 30.75
C VAL T 310 -44.83 56.42 31.94
N HIS T 311 -46.13 56.50 31.65
CA HIS T 311 -47.22 56.73 32.62
C HIS T 311 -47.25 58.19 33.08
N ASP T 312 -48.43 58.79 32.99
CA ASP T 312 -48.61 60.20 33.32
C ASP T 312 -50.06 60.49 33.70
N ASP T 313 -50.46 60.07 34.90
CA ASP T 313 -51.83 60.27 35.35
C ASP T 313 -51.92 60.81 36.78
N GLU T 314 -53.10 60.63 37.36
CA GLU T 314 -53.45 61.19 38.67
C GLU T 314 -52.54 60.74 39.80
N ASP T 315 -52.01 59.52 39.71
CA ASP T 315 -51.31 58.91 40.84
C ASP T 315 -49.86 58.53 40.54
N ARG T 316 -49.51 58.44 39.25
CA ARG T 316 -48.16 58.05 38.88
C ARG T 316 -47.66 58.75 37.62
N ARG T 317 -46.42 59.21 37.65
CA ARG T 317 -45.79 59.80 36.49
C ARG T 317 -44.32 59.40 36.42
N GLY T 318 -43.94 58.75 35.32
CA GLY T 318 -42.56 58.39 35.09
C GLY T 318 -41.78 59.56 34.54
N SER T 319 -40.86 60.08 35.35
CA SER T 319 -40.07 61.24 34.97
C SER T 319 -38.82 61.37 35.83
N ALA T 320 -37.79 61.99 35.28
CA ALA T 320 -36.59 62.28 36.04
C ALA T 320 -36.33 63.79 36.04
N VAL T 321 -36.15 64.34 37.24
CA VAL T 321 -35.90 65.77 37.38
C VAL T 321 -34.61 65.95 38.17
N SER T 322 -33.79 66.91 37.77
CA SER T 322 -32.46 67.13 38.36
C SER T 322 -31.68 65.83 38.47
N SER T 323 -31.76 65.01 37.42
CA SER T 323 -31.18 63.67 37.44
C SER T 323 -30.41 63.34 36.16
N VAL T 324 -29.59 62.30 36.26
CA VAL T 324 -28.88 61.76 35.10
C VAL T 324 -29.32 60.31 34.89
N VAL T 325 -29.75 59.99 33.67
CA VAL T 325 -30.28 58.66 33.36
C VAL T 325 -29.54 58.03 32.17
N SER T 326 -29.16 56.76 32.29
CA SER T 326 -28.41 56.07 31.25
C SER T 326 -29.30 55.25 30.30
N GLY T 327 -28.65 54.56 29.37
CA GLY T 327 -29.34 53.74 28.39
C GLY T 327 -29.95 52.49 29.02
N ASP T 328 -30.91 51.90 28.31
CA ASP T 328 -31.61 50.69 28.77
C ASP T 328 -32.27 50.89 30.13
N CYS T 329 -32.63 52.12 30.45
CA CYS T 329 -33.41 52.40 31.65
C CYS T 329 -34.88 52.57 31.29
N ILE T 330 -35.76 51.95 32.06
CA ILE T 330 -37.18 52.14 31.88
C ILE T 330 -37.78 52.71 33.17
N ILE T 331 -38.19 53.97 33.10
CA ILE T 331 -38.75 54.67 34.26
C ILE T 331 -40.27 54.67 34.15
N SER T 332 -40.89 53.62 34.67
CA SER T 332 -42.31 53.40 34.53
C SER T 332 -43.07 53.83 35.77
N GLY T 333 -43.79 54.94 35.69
CA GLY T 333 -44.60 55.43 36.81
C GLY T 333 -43.78 55.82 38.02
N ALA T 334 -42.47 55.94 37.85
CA ALA T 334 -41.58 56.25 38.96
C ALA T 334 -41.09 57.68 38.91
N ALA T 335 -40.97 58.30 40.09
CA ALA T 335 -40.53 59.67 40.20
C ALA T 335 -39.08 59.74 40.67
N LEU T 336 -38.22 60.31 39.83
CA LEU T 336 -36.81 60.44 40.15
C LEU T 336 -36.44 61.90 40.39
N ASN T 337 -35.76 62.17 41.51
CA ASN T 337 -35.24 63.50 41.79
C ASN T 337 -33.84 63.44 42.37
N ARG T 338 -32.94 64.25 41.81
CA ARG T 338 -31.54 64.29 42.21
C ARG T 338 -30.93 62.88 42.30
N SER T 339 -31.12 62.10 41.25
CA SER T 339 -30.62 60.73 41.23
C SER T 339 -29.74 60.47 40.01
N LEU T 340 -28.77 59.58 40.18
CA LEU T 340 -27.91 59.15 39.08
C LEU T 340 -28.16 57.67 38.80
N LEU T 341 -28.64 57.37 37.61
CA LEU T 341 -28.95 55.98 37.25
C LEU T 341 -28.00 55.45 36.19
N PHE T 342 -27.36 54.33 36.51
CA PHE T 342 -26.51 53.64 35.54
C PHE T 342 -27.38 52.82 34.60
N THR T 343 -26.79 52.24 33.57
CA THR T 343 -27.54 51.52 32.56
C THR T 343 -28.35 50.35 33.12
N GLY T 344 -29.47 50.06 32.48
CA GLY T 344 -30.23 48.85 32.78
C GLY T 344 -31.14 48.87 33.99
N VAL T 345 -31.36 50.05 34.56
CA VAL T 345 -32.22 50.18 35.74
C VAL T 345 -33.70 50.10 35.34
N ARG T 346 -34.47 49.36 36.11
CA ARG T 346 -35.91 49.25 35.92
C ARG T 346 -36.67 49.81 37.12
N ALA T 347 -37.21 51.02 36.98
CA ALA T 347 -37.99 51.63 38.05
C ALA T 347 -39.48 51.48 37.73
N ASN T 348 -40.25 50.96 38.69
CA ASN T 348 -41.64 50.64 38.44
C ASN T 348 -42.61 51.57 39.17
N SER T 349 -43.89 51.45 38.82
CA SER T 349 -44.92 52.43 39.18
C SER T 349 -45.00 52.75 40.66
N TYR T 350 -45.25 54.03 40.95
CA TYR T 350 -45.48 54.57 42.29
C TYR T 350 -44.25 54.56 43.18
N SER T 351 -43.12 54.16 42.64
CA SER T 351 -41.88 54.23 43.41
C SER T 351 -41.27 55.63 43.28
N ARG T 352 -40.43 56.00 44.25
CA ARG T 352 -39.80 57.31 44.24
C ARG T 352 -38.33 57.20 44.61
N LEU T 353 -37.46 57.76 43.78
CA LEU T 353 -36.04 57.83 44.09
C LEU T 353 -35.63 59.28 44.33
N GLU T 354 -34.92 59.50 45.43
CA GLU T 354 -34.38 60.84 45.71
C GLU T 354 -33.00 60.72 46.33
N ASN T 355 -32.08 61.58 45.89
CA ASN T 355 -30.69 61.54 46.32
C ASN T 355 -30.09 60.14 46.21
N ALA T 356 -30.37 59.46 45.11
CA ALA T 356 -29.99 58.06 44.96
C ALA T 356 -28.93 57.84 43.88
N VAL T 357 -27.86 57.14 44.24
CA VAL T 357 -26.90 56.63 43.28
C VAL T 357 -27.28 55.18 42.97
N VAL T 358 -27.68 54.92 41.74
CA VAL T 358 -28.24 53.61 41.38
C VAL T 358 -27.38 52.88 40.34
N LEU T 359 -26.62 51.90 40.81
CA LEU T 359 -25.66 51.16 39.98
C LEU T 359 -26.38 50.30 38.93
N PRO T 360 -25.64 49.73 37.95
CA PRO T 360 -26.34 49.10 36.82
C PRO T 360 -27.29 47.96 37.16
N SER T 361 -28.32 47.81 36.34
CA SER T 361 -29.23 46.65 36.36
C SER T 361 -30.04 46.51 37.64
N VAL T 362 -30.15 47.58 38.40
CA VAL T 362 -30.95 47.57 39.62
C VAL T 362 -32.45 47.60 39.27
N LYS T 363 -33.25 46.84 40.01
CA LYS T 363 -34.69 46.87 39.82
C LYS T 363 -35.39 47.46 41.05
N ILE T 364 -36.20 48.48 40.83
CA ILE T 364 -36.94 49.13 41.91
C ILE T 364 -38.41 48.75 41.83
N GLY T 365 -38.86 47.94 42.78
CA GLY T 365 -40.24 47.47 42.79
C GLY T 365 -41.23 48.56 43.14
N ARG T 366 -42.48 48.37 42.72
CA ARG T 366 -43.56 49.32 42.98
C ARG T 366 -43.59 49.83 44.41
N HIS T 367 -43.97 51.09 44.56
CA HIS T 367 -44.22 51.71 45.88
C HIS T 367 -42.98 51.88 46.76
N ALA T 368 -41.81 51.44 46.30
CA ALA T 368 -40.60 51.62 47.07
C ALA T 368 -40.18 53.09 47.05
N GLN T 369 -39.86 53.64 48.23
CA GLN T 369 -39.47 55.03 48.31
C GLN T 369 -38.12 55.15 49.01
N LEU T 370 -37.08 55.42 48.22
CA LEU T 370 -35.70 55.37 48.69
C LEU T 370 -35.01 56.72 48.60
N SER T 371 -34.52 57.22 49.74
CA SER T 371 -33.85 58.51 49.79
C SER T 371 -32.46 58.43 50.40
N ASN T 372 -31.52 59.17 49.81
CA ASN T 372 -30.12 59.20 50.24
C ASN T 372 -29.49 57.82 50.31
N VAL T 373 -29.36 57.17 49.15
CA VAL T 373 -28.87 55.80 49.10
C VAL T 373 -27.87 55.55 47.98
N VAL T 374 -27.09 54.49 48.15
CA VAL T 374 -26.29 53.93 47.08
C VAL T 374 -26.71 52.48 46.90
N ILE T 375 -27.30 52.16 45.75
CA ILE T 375 -27.78 50.82 45.49
C ILE T 375 -26.78 50.05 44.63
N ASP T 376 -26.30 48.93 45.15
CA ASP T 376 -25.25 48.14 44.50
C ASP T 376 -25.74 47.52 43.20
N HIS T 377 -24.80 47.13 42.34
CA HIS T 377 -25.09 46.53 41.05
C HIS T 377 -26.07 45.36 41.13
N GLY T 378 -27.11 45.42 40.31
CA GLY T 378 -28.04 44.31 40.14
C GLY T 378 -29.03 44.08 41.27
N VAL T 379 -28.93 44.86 42.34
CA VAL T 379 -29.80 44.71 43.50
C VAL T 379 -31.28 44.84 43.12
N VAL T 380 -32.10 43.92 43.62
CA VAL T 380 -33.55 43.98 43.41
C VAL T 380 -34.24 44.54 44.65
N ILE T 381 -34.70 45.78 44.57
CA ILE T 381 -35.39 46.43 45.67
C ILE T 381 -36.85 45.98 45.72
N PRO T 382 -37.22 45.31 46.83
CA PRO T 382 -38.58 44.78 46.97
C PRO T 382 -39.63 45.87 47.06
N GLU T 383 -40.83 45.58 46.55
CA GLU T 383 -41.94 46.53 46.57
C GLU T 383 -42.27 47.01 47.97
N GLY T 384 -42.45 48.32 48.11
CA GLY T 384 -42.86 48.91 49.37
C GLY T 384 -41.74 49.32 50.30
N LEU T 385 -40.52 48.93 49.97
CA LEU T 385 -39.37 49.23 50.82
C LEU T 385 -39.16 50.73 50.98
N ILE T 386 -39.02 51.17 52.23
CA ILE T 386 -38.79 52.57 52.54
C ILE T 386 -37.41 52.74 53.17
N VAL T 387 -36.61 53.65 52.61
CA VAL T 387 -35.30 53.95 53.18
C VAL T 387 -35.09 55.46 53.27
N GLY T 388 -34.69 55.93 54.45
CA GLY T 388 -34.37 57.34 54.64
C GLY T 388 -35.33 58.09 55.53
N GLU T 389 -36.37 57.41 56.01
CA GLU T 389 -37.39 58.07 56.81
C GLU T 389 -37.48 57.48 58.22
N ASP T 390 -36.41 56.81 58.64
CA ASP T 390 -36.29 56.25 59.98
C ASP T 390 -34.84 55.86 60.26
N PRO T 391 -34.01 56.84 60.67
CA PRO T 391 -32.56 56.74 60.88
C PRO T 391 -32.09 55.62 61.81
N GLU T 392 -33.00 55.00 62.55
CA GLU T 392 -32.62 53.88 63.42
C GLU T 392 -32.92 52.52 62.78
N LEU T 393 -33.89 52.46 61.86
CA LEU T 393 -34.28 51.20 61.22
C LEU T 393 -33.42 50.86 60.00
N ASP T 394 -33.13 51.86 59.17
CA ASP T 394 -32.24 51.69 58.03
C ASP T 394 -30.88 51.17 58.48
N ALA T 395 -30.40 51.70 59.62
CA ALA T 395 -29.09 51.35 60.15
C ALA T 395 -29.01 49.87 60.52
N LYS T 396 -30.08 49.35 61.09
CA LYS T 396 -30.15 47.93 61.44
C LYS T 396 -30.22 47.08 60.18
N ARG T 397 -30.81 47.63 59.12
CA ARG T 397 -30.97 46.92 57.87
C ARG T 397 -29.72 47.00 56.99
N PHE T 398 -29.26 48.21 56.72
CA PHE T 398 -28.18 48.41 55.76
C PHE T 398 -26.97 49.10 56.36
N ARG T 399 -25.95 49.28 55.52
CA ARG T 399 -24.80 50.08 55.87
C ARG T 399 -25.20 51.54 55.84
N ARG T 400 -25.31 52.16 57.02
CA ARG T 400 -25.76 53.54 57.09
C ARG T 400 -24.66 54.46 57.59
N THR T 401 -24.30 55.45 56.78
CA THR T 401 -23.24 56.36 57.13
C THR T 401 -23.68 57.35 58.21
N GLU T 402 -22.71 58.03 58.80
CA GLU T 402 -22.96 59.06 59.79
C GLU T 402 -23.85 60.17 59.23
N SER T 403 -23.69 60.44 57.93
CA SER T 403 -24.47 61.48 57.27
C SER T 403 -25.86 60.98 56.87
N GLY T 404 -26.09 59.68 57.06
CA GLY T 404 -27.40 59.11 56.81
C GLY T 404 -27.59 58.56 55.41
N ILE T 405 -26.50 58.15 54.78
CA ILE T 405 -26.56 57.52 53.47
C ILE T 405 -26.50 56.00 53.62
N CYS T 406 -27.44 55.31 52.98
CA CYS T 406 -27.51 53.86 53.09
C CYS T 406 -26.99 53.15 51.85
N LEU T 407 -25.91 52.41 52.01
CA LEU T 407 -25.44 51.50 50.97
C LEU T 407 -26.28 50.22 51.00
N ILE T 408 -26.92 49.91 49.88
CA ILE T 408 -27.84 48.78 49.82
C ILE T 408 -27.36 47.69 48.89
N THR T 409 -27.06 46.52 49.45
CA THR T 409 -26.62 45.38 48.66
CA THR T 409 -26.62 45.38 48.66
C THR T 409 -27.71 44.30 48.65
N GLN T 410 -27.57 43.32 47.75
CA GLN T 410 -28.55 42.25 47.65
C GLN T 410 -28.52 41.35 48.87
N SER T 411 -27.36 41.21 49.48
CA SER T 411 -27.23 40.42 50.70
C SER T 411 -28.13 40.98 51.79
N MET T 412 -28.05 42.30 52.00
CA MET T 412 -28.87 42.99 52.99
C MET T 412 -30.36 42.80 52.73
N ILE T 413 -30.75 42.91 51.47
CA ILE T 413 -32.13 42.69 51.06
C ILE T 413 -32.58 41.26 51.36
N ASP T 414 -31.66 40.32 51.16
CA ASP T 414 -31.93 38.91 51.41
C ASP T 414 -32.19 38.60 52.87
N LYS T 415 -31.41 39.23 53.76
CA LYS T 415 -31.59 39.04 55.19
C LYS T 415 -32.89 39.68 55.65
N LEU T 416 -33.44 40.53 54.80
CA LEU T 416 -34.67 41.27 55.12
C LEU T 416 -35.94 40.47 54.85
N ASP T 417 -36.96 40.82 55.63
CA ASP T 417 -38.35 40.48 55.37
C ASP T 417 -39.15 41.33 56.35
N LEU T 418 -38.45 42.38 56.81
CA LEU T 418 -38.82 43.40 57.80
C LEU T 418 -37.77 43.43 58.91
S SO4 U . 25.09 -17.81 61.83
O1 SO4 U . 26.52 -17.86 62.08
O2 SO4 U . 24.43 -17.13 62.94
O3 SO4 U . 24.83 -17.08 60.60
O4 SO4 U . 24.54 -19.16 61.71
S SO4 V . 16.40 7.18 65.41
O1 SO4 V . 17.24 6.05 65.04
O2 SO4 V . 15.93 7.01 66.78
O3 SO4 V . 15.26 7.25 64.51
O4 SO4 V . 17.17 8.41 65.31
C PYR W . 26.04 -4.95 77.95
O PYR W . 25.97 -6.20 78.11
OXT PYR W . 25.15 -4.20 78.42
CA PYR W . 27.21 -4.38 77.19
O3 PYR W . 27.30 -3.17 77.04
CB PYR W . 28.26 -5.29 76.60
S SO4 X . -10.72 -39.97 29.17
O1 SO4 X . -10.47 -40.45 30.52
O2 SO4 X . -9.94 -40.75 28.22
O3 SO4 X . -12.13 -40.10 28.84
O4 SO4 X . -10.33 -38.57 29.07
S SO4 Y . 15.60 -44.48 30.76
O1 SO4 Y . 16.81 -43.90 31.33
O2 SO4 Y . 15.51 -45.89 31.11
O3 SO4 Y . 15.65 -44.35 29.31
O4 SO4 Y . 14.44 -43.76 31.27
S SO4 Z . -34.07 -0.42 -43.91
O1 SO4 Z . -33.95 -1.01 -42.58
O2 SO4 Z . -33.14 -1.09 -44.81
O3 SO4 Z . -35.42 -0.57 -44.41
O4 SO4 Z . -33.75 1.01 -43.83
S SO4 AA . -8.18 -5.96 -41.37
O1 SO4 AA . -6.97 -5.34 -40.85
O2 SO4 AA . -8.26 -7.34 -40.87
O3 SO4 AA . -8.14 -5.99 -42.83
O4 SO4 AA . -9.34 -5.21 -40.93
S SO4 BA . 57.52 -50.19 -1.16
O1 SO4 BA . 56.44 -49.43 -0.54
O2 SO4 BA . 58.30 -50.87 -0.14
O3 SO4 BA . 56.97 -51.18 -2.08
O4 SO4 BA . 58.37 -49.29 -1.92
S SO4 CA . 38.21 -56.02 15.92
O1 SO4 CA . 37.48 -57.28 16.05
O2 SO4 CA . 38.79 -55.66 17.21
O3 SO4 CA . 37.29 -54.97 15.50
O4 SO4 CA . 39.27 -56.17 14.94
C PYR DA . 36.85 -51.36 -3.19
O PYR DA . 35.80 -51.29 -2.51
OXT PYR DA . 37.47 -50.33 -3.53
CA PYR DA . 37.39 -52.71 -3.60
O3 PYR DA . 36.88 -53.71 -3.15
CB PYR DA . 38.55 -52.80 -4.57
S SO4 EA . -6.88 37.34 102.48
O1 SO4 EA . -7.86 36.34 102.86
O2 SO4 EA . -6.50 38.10 103.67
O3 SO4 EA . -7.45 38.23 101.49
O4 SO4 EA . -5.71 36.67 101.91
S SO4 FA . -3.12 23.54 80.09
O1 SO4 FA . -4.03 24.20 81.02
O2 SO4 FA . -2.07 22.86 80.84
O3 SO4 FA . -3.86 22.57 79.29
O4 SO4 FA . -2.53 24.54 79.20
S SO4 GA . -27.40 15.47 96.78
O1 SO4 GA . -28.24 15.61 97.96
O2 SO4 GA . -26.07 15.98 97.08
O3 SO4 GA . -27.98 16.26 95.69
O4 SO4 GA . -27.33 14.07 96.38
C PYR HA . -5.07 17.18 98.98
O PYR HA . -4.31 17.84 99.73
OXT PYR HA . -4.59 16.26 98.25
CA PYR HA . -6.55 17.47 98.96
O3 PYR HA . -7.22 17.12 98.01
CB PYR HA . -7.18 18.21 100.11
S SO4 IA . 34.92 -11.78 -71.98
O1 SO4 IA . 33.71 -11.05 -71.58
O2 SO4 IA . 35.44 -12.51 -70.82
O3 SO4 IA . 34.59 -12.73 -73.04
O4 SO4 IA . 35.92 -10.85 -72.45
S SO4 JA . 14.86 -17.67 -55.95
O1 SO4 JA . 13.97 -18.81 -55.82
O2 SO4 JA . 15.46 -17.36 -54.65
O3 SO4 JA . 14.11 -16.51 -56.42
O4 SO4 JA . 15.93 -17.98 -56.90
C PYR KA . 14.56 -12.04 -74.77
O PYR KA . 13.58 -11.81 -74.02
OXT PYR KA . 15.23 -11.08 -75.24
CA PYR KA . 14.93 -13.45 -75.14
O3 PYR KA . 14.25 -14.37 -74.74
CB PYR KA . 16.16 -13.72 -75.97
S SO4 LA . -18.76 28.13 -48.29
O1 SO4 LA . -19.71 27.08 -47.99
O2 SO4 LA . -18.52 28.91 -47.08
O3 SO4 LA . -19.30 28.98 -49.34
O4 SO4 LA . -17.50 27.53 -48.76
S SO4 MA . -15.56 14.77 -71.11
O1 SO4 MA . -16.49 15.44 -70.21
O2 SO4 MA . -14.56 14.07 -70.32
O3 SO4 MA . -16.29 13.81 -71.94
O4 SO4 MA . -14.92 15.75 -71.97
C PYR NA . -16.77 8.04 -52.22
O PYR NA . -16.07 8.40 -51.23
OXT PYR NA . -16.24 7.47 -53.21
CA PYR NA . -18.25 8.32 -52.23
O3 PYR NA . -18.92 7.94 -53.17
CB PYR NA . -18.90 9.08 -51.09
S SO4 OA . 1.77 77.47 -63.31
O1 SO4 OA . 0.67 78.33 -62.88
O2 SO4 OA . 2.41 76.88 -62.14
O3 SO4 OA . 1.25 76.40 -64.14
O4 SO4 OA . 2.73 78.25 -64.07
S SO4 PA . -17.50 71.95 -46.11
O1 SO4 PA . -18.15 70.74 -45.60
O2 SO4 PA . -16.91 72.70 -45.01
O3 SO4 PA . -18.49 72.79 -46.77
O4 SO4 PA . -16.46 71.58 -47.06
C PYR QA . -19.00 74.94 -65.31
O PYR QA . -19.26 73.71 -65.22
OXT PYR QA . -19.66 75.77 -64.65
CA PYR QA . -17.90 75.40 -66.25
O3 PYR QA . -17.86 76.55 -66.60
CB PYR QA . -16.84 74.42 -66.72
S SO4 RA . 3.31 -11.10 23.00
O1 SO4 RA . 2.46 -12.22 23.39
O2 SO4 RA . 3.61 -10.31 24.19
O3 SO4 RA . 2.62 -10.27 22.02
O4 SO4 RA . 4.55 -11.60 22.42
S SO4 SA . 6.23 -25.37 0.49
O1 SO4 SA . 5.48 -24.74 1.56
O2 SO4 SA . 7.36 -26.10 1.05
O3 SO4 SA . 5.38 -26.28 -0.26
O4 SO4 SA . 6.74 -24.34 -0.42
C PYR TA . 6.02 -31.35 19.79
O PYR TA . 6.74 -30.91 20.72
OXT PYR TA . 6.52 -32.04 18.86
CA PYR TA . 4.54 -31.05 19.79
O3 PYR TA . 3.82 -31.51 18.92
CB PYR TA . 3.95 -30.16 20.86
S SO4 UA . 27.86 -65.89 70.82
O1 SO4 UA . 27.07 -65.18 71.82
O2 SO4 UA . 28.98 -66.56 71.48
O3 SO4 UA . 27.02 -66.88 70.15
O4 SO4 UA . 28.36 -64.94 69.84
S SO4 VA . 24.71 -50.44 93.07
O1 SO4 VA . 23.97 -51.65 93.42
O2 SO4 VA . 26.06 -50.51 93.58
O3 SO4 VA . 24.71 -50.31 91.61
O4 SO4 VA . 24.04 -49.28 93.66
S SO4 WA . -99.43 14.47 -51.59
O1 SO4 WA . -98.28 15.22 -51.10
O2 SO4 WA . -99.37 13.11 -51.06
O3 SO4 WA . -99.40 14.40 -53.05
O4 SO4 WA . -100.66 15.11 -51.14
S SO4 XA . -125.82 18.79 -53.19
O1 SO4 XA . -125.36 18.13 -51.98
O2 SO4 XA . -127.26 19.02 -53.13
O3 SO4 XA . -125.53 17.93 -54.34
O4 SO4 XA . -125.13 20.06 -53.35
S SO4 YA . -57.52 39.50 -116.37
O1 SO4 YA . -57.48 38.91 -115.04
O2 SO4 YA . -56.67 38.74 -117.28
O3 SO4 YA . -58.89 39.48 -116.87
O4 SO4 YA . -57.07 40.88 -116.30
S SO4 ZA . -31.60 33.75 -113.07
O1 SO4 ZA . -30.39 34.41 -112.63
O2 SO4 ZA . -31.70 32.43 -112.44
O3 SO4 ZA . -31.56 33.59 -114.52
O4 SO4 ZA . -32.76 34.56 -112.70
S SO4 AB . 46.89 -3.80 81.61
O1 SO4 AB . 45.80 -3.15 82.32
O2 SO4 AB . 47.77 -4.47 82.56
O3 SO4 AB . 46.34 -4.81 80.70
O4 SO4 AB . 47.63 -2.80 80.86
S SO4 BB . 26.05 -8.74 97.01
O1 SO4 BB . 26.51 -8.59 98.38
O2 SO4 BB . 25.33 -10.00 96.87
O3 SO4 BB . 27.19 -8.73 96.10
O4 SO4 BB . 25.15 -7.63 96.68
S SO4 CB . 24.16 36.43 9.81
O1 SO4 CB . 23.00 37.13 10.34
O2 SO4 CB . 24.88 35.79 10.90
O3 SO4 CB . 23.72 35.42 8.87
O4 SO4 CB . 25.04 37.37 9.14
S SO4 DB . 3.98 31.36 25.83
O1 SO4 DB . 4.39 31.79 27.16
O2 SO4 DB . 3.16 30.16 25.95
O3 SO4 DB . 3.20 32.42 25.19
O4 SO4 DB . 5.16 31.07 25.03
S SO4 EB . 57.33 -106.52 53.86
O1 SO4 EB . 58.65 -106.10 54.26
O2 SO4 EB . 57.25 -107.97 53.90
O3 SO4 EB . 57.07 -106.05 52.50
O4 SO4 EB . 56.33 -105.96 54.75
S SO4 FB . 47.69 -81.93 56.39
O1 SO4 FB . 47.43 -82.08 57.82
O2 SO4 FB . 48.64 -82.95 55.96
O3 SO4 FB . 46.45 -82.08 55.65
O4 SO4 FB . 48.25 -80.60 56.12
S SO4 GB . 2.30 20.83 -8.78
O1 SO4 GB . 3.59 21.42 -8.49
O2 SO4 GB . 2.34 19.40 -8.52
O3 SO4 GB . 1.98 21.07 -10.19
O4 SO4 GB . 1.27 21.44 -7.96
S SO4 HB . -7.11 45.48 -6.19
O1 SO4 HB . -7.58 45.34 -4.81
O2 SO4 HB . -6.21 44.37 -6.50
O3 SO4 HB . -8.25 45.44 -7.09
O4 SO4 HB . -6.41 46.75 -6.33
C PYR IB . 3.37 34.61 6.57
O PYR IB . 3.17 33.38 6.69
OXT PYR IB . 2.60 35.44 7.12
CA PYR IB . 4.54 35.09 5.75
O3 PYR IB . 4.59 36.26 5.40
CB PYR IB . 5.63 34.13 5.34
S SO4 JB . 3.70 -0.91 -86.46
O1 SO4 JB . 3.13 -1.14 -85.13
O2 SO4 JB . 4.48 -2.07 -86.87
O3 SO4 JB . 2.63 -0.68 -87.42
O4 SO4 JB . 4.58 0.27 -86.42
S SO4 KB . 12.33 -25.40 -91.11
O1 SO4 KB . 11.41 -24.99 -90.04
O2 SO4 KB . 12.36 -26.85 -91.16
O3 SO4 KB . 11.87 -24.86 -92.38
O4 SO4 KB . 13.65 -24.87 -90.82
S SO4 LB . 34.69 -65.15 -18.94
O1 SO4 LB . 36.04 -64.79 -18.53
O2 SO4 LB . 34.49 -66.58 -18.75
O3 SO4 LB . 34.51 -64.81 -20.34
O4 SO4 LB . 33.72 -64.42 -18.14
S SO4 MB . 25.58 -40.82 -14.91
O1 SO4 MB . 24.92 -41.54 -13.81
O2 SO4 MB . 26.58 -41.67 -15.53
O3 SO4 MB . 24.59 -40.45 -15.92
O4 SO4 MB . 26.22 -39.62 -14.38
S SO4 NB . -26.98 62.06 7.74
O1 SO4 NB . -27.89 62.66 8.71
O2 SO4 NB . -25.96 61.29 8.43
O3 SO4 NB . -27.73 61.19 6.84
O4 SO4 NB . -26.35 63.13 6.96
S SO4 OB . -30.28 77.11 29.66
O1 SO4 OB . -31.19 76.04 30.01
O2 SO4 OB . -30.12 78.00 30.80
O3 SO4 OB . -30.81 77.85 28.53
O4 SO4 OB . -28.98 76.55 29.30
S SO4 PB . -46.21 52.20 7.32
O1 SO4 PB . -47.33 52.25 8.25
O2 SO4 PB . -45.04 52.82 7.92
O3 SO4 PB . -46.56 52.93 6.10
O4 SO4 PB . -45.92 50.80 6.99
S SO4 QB . -45.27 48.69 36.38
O1 SO4 QB . -45.08 48.27 37.77
O2 SO4 QB . -44.41 47.89 35.51
O3 SO4 QB . -46.66 48.50 36.00
O4 SO4 QB . -44.91 50.10 36.25
S SO4 RB . -19.14 43.81 39.02
O1 SO4 RB . -18.03 44.51 39.67
O2 SO4 RB . -19.22 42.46 39.56
O3 SO4 RB . -18.90 43.76 37.59
O4 SO4 RB . -20.39 44.52 39.28
C PYR SB . -28.00 56.69 27.22
O PYR SB . -27.42 57.30 28.14
OXT PYR SB . -27.35 55.88 26.50
CA PYR SB . -29.47 56.92 26.98
O3 PYR SB . -29.98 56.49 25.95
CB PYR SB . -30.30 57.66 27.98
#